data_6K61
#
_entry.id   6K61
#
loop_
_entity.id
_entity.type
_entity.pdbx_description
1 polymer 'Photosystem I P700 chlorophyll a apoprotein A1'
2 polymer 'Photosystem I 4.8 kDa protein'
3 polymer 'Photosystem I P700 chlorophyll a apoprotein A2 1'
4 polymer 'Photosystem I iron-sulfur center'
5 polymer 'Photosystem I reaction center subunit II'
6 polymer 'Photosystem I reaction center subunit IV'
7 polymer 'Photosystem I reaction center subunit III'
8 polymer 'Photosystem I reaction center subunit IX'
9 polymer 'Photosystem I reaction center subunit PsaK 1'
10 polymer 'Photosystem I reaction center subunit VIII'
11 polymer 'Photosystem I reaction center subunit XI'
12 polymer 'Photosystem I reaction center subunit XII'
13 non-polymer 'CHLOROPHYLL A ISOMER'
14 non-polymer 'CHLOROPHYLL A'
15 non-polymer PHYLLOQUINONE
16 non-polymer 'IRON/SULFUR CLUSTER'
17 non-polymer BETA-CAROTENE
18 non-polymer 1,2-DIPALMITOYL-PHOSPHATIDYL-GLYCEROLE
19 non-polymer 1,2-DI-O-ACYL-3-O-[6-DEOXY-6-SULFO-ALPHA-D-GLUCOPYRANOSYL]-SN-GLYCEROL
20 non-polymer 1,2-DISTEAROYL-MONOGALACTOSYL-DIGLYCERIDE
#
loop_
_entity_poly.entity_id
_entity_poly.type
_entity_poly.pdbx_seq_one_letter_code
_entity_poly.pdbx_strand_id
1 'polypeptide(L)'
;MTISPPEREEKKARVIVDKDPVPTSFEKWAQPGHFDRTLARGPKTTTWIWNLHALAHDFDTHTSDLEDISRKIFAAHFGH
LAVVTIWLSGMIFHGAKFSNYEAWLSDPLNVRPSAQVVWPIVGQDILNGDVGGGFHGIQITSGLFQVWRGWGITNSFQLY
CTAIGGLVLAGLFLFAGWFHYHKRAPKLEWFQNVESMLNHHLQVLLGCGSLGWAGHLIHVSAPINKLMDAGVAVKDIPLP
HEFILNKSLLIDLFPGFAAGLTPFFTLNWGQYADFLTFKGGLNPVTGGLWMTDIAHHHLAIAVVFIIAGHQYRTNWGIGH
SIKEILENHKGPFTGEGHKGLYENLTTSWHAQLATNLAFLGSLTIIIAHHMYAMPPYPYLATDYATQLCIFTHHIWIGGF
LIVGGAAHAAIFMVRDYDPVVNQNNVLDRVIRHRDAIISHLNWVCIFLGFHSFGLYIHNDTMRALGRPQDMFSDTAIQLQ
PVFAQWVQNLHTLAPGGTAPNALEPVSYAFGGGVLAVGGKVAMMPIALGTADFLIHHIHAFTIHVTVLILLKGVLFARSS
RLIPDKANLGFRFPCDGPGRGGTCQVSGWDHVFLGLFWMYNSLSIVIFHFSWKMQSDVWGTVDAAGNVSHITGGNFAQSA
ITINGWLRDFLWAQASQVINSYGSALSAYGLMFLGAHFVWAFSLMFLFSGRGYWQELIESIVWAHNKLKVAPAIQPRALS
ITQGRAVGVAHYLLGGIATTWAFFHAHILSVG
;
A,a
2 'polypeptide(L)' MAKAKISPVANTGAKPPYTFRTGWALLLLAVNFLVAAYYFHIIQ X,x
3 'polypeptide(L)'
;MATKFPKFSQDLAQDPTTRRIWYAMAMGNDFESHDGMTEENLYQKIFATHFGHLAIIFLWASSLLFHVAWQGNFEQWIKD
PLHVRPIAHAIWDPHFGKPAIEAFTQAGANGPVNIAYSGVYHWWYTIGMRTNTELYTGSVFLLLFASLFLFAGWLHLQPK
FRPSLAWFKSAESRLNHHLAGLFGVSSLAWAGHLIHVAIPESRGQHVGWDNFLSTAPHPAGLQPFFTGNWGVYAQNPDTA
GHIFSTSQGAGTAILTFLGGFHPQTESLWLTDMAHHHLAIAVLFIVAGHMYRTNFGIGHSIKEMMNAKTFFGKPVEGPFN
MPHQGIYDTYNNSLHFQLGWHLACLGVVTSWVAQHMYSLPSYAFIAKDYTTQAALYTHHQYIAIFLMVGAFAHGAIFLVR
DYDPEQNKGNVLERVLQHKEAIISHLSWVSLFLGFHTLGLYVHNDVVVAFGTPEKQILIEPVFAQFIQAAHGKVLYGLDT
LLSNPDSVAYTAYPNYANVWLPGWLDAINSGTNSLFLTIGPGDFLVHHAIALGLHTTTLILVKGALDARGSKLMPDKKDF
GYAFPCDGPGRGGTCDISAWDSFYLSLFWALNTVGWVTFYWHWKHLGIWQGNVAQFNENSTYLMGWFRDYLWANSAQLIN
GYNPYGVNNLSVWAWMFLFGHLVWATGFMFLISWRGYWQELIETLVWAHERTPIANLVRWKDKPVALSIVQARVVGLAHF
TVGYVLTYAAFLIASTAGKFG
;
B,b
4 'polypeptide(L)'
;MSHTVKIYDTCIGCTQCVRACPTDVLEMVPWDGCKAAQVASSPRTEDCVGCKRCETACPTDFLSIRVYLGAETTRSMGLA
Y
;
C,c
5 'polypeptide(L)'
;MAETLSGKTPLFAGSTGGLLTKAVEEEKYAITWTSPKAQVFELPTGGAATMHEGENLLYIARKEYGIALGGQLRKFKITN
YKIYRILPSGETTFIHPADGVFPEKVNAGREKVRFNARSIGENPNPSQVKFSGKATYDA
;
D,d
6 'polypeptide(L)' MVQRGSKVRILRPESYWFQDVGTVASVDQSGIKYPVIVRFDKVNYAGINTNNFAVDELIEVEAPKAKAKK E,e
7 'polypeptide(L)'
;MRRLFALILVICLSFSFAPPAKALGADLTPCAENPAFQALAKNARNTTADPQSGQKRFERYSQALCGPEGYPHLIVDGRL
DRAGDFLIPSILFLYIAGWIGWVGRAYLQAIKKDSDTEQKEIQLDLGIALPIIATGFAWPAAAVKELLSGELTAKDSEIT
VSPR
;
F,f
8 'polypeptide(L)' MADKADQSSYLIKFISTAPVAATIWLTITAGILIEFNRFFPDLLFHPLP J,j
9 'polypeptide(L)'
;MLTSTLLAAATTPLEWSPTVGIIMVIANVIAITFGRQTIKYPSAEPALPSAKFFGGFGAPALLATTAFGHILGVGLVLGL
HNLGRI
;
K,k
10 'polypeptide(L)' MATAFLPSILADASFLSSIFVPVIGWVVPIATFSFLFLYIEREDVA I,i
11 'polypeptide(L)'
;MAQAVDASKNLPSDPRNREVVFPAGRDPQWGNLETPVNASPLVKWFINNLPAYRPGLTPFRRGLEVGMAHGYFLFGPFAK
LGPLRDAANANLAGLLGAIGLVVLFTLALSLYANSNPPTALASVTVPNPPDAFQSKEGWNNFASAFLIGGIGGAVVAYFL
TSNLALIQGLVG
;
L,l
12 'polypeptide(L)' MSSISDTQVYIALVVALIPGLLAWRLATELYK M,m
#
loop_
_chem_comp.id
_chem_comp.type
_chem_comp.name
_chem_comp.formula
BCR non-polymer BETA-CAROTENE 'C40 H56'
CL0 non-polymer 'CHLOROPHYLL A ISOMER' 'C55 H72 Mg N4 O5 2'
CLA non-polymer 'CHLOROPHYLL A' 'C55 H72 Mg N4 O5'
LHG non-polymer 1,2-DIPALMITOYL-PHOSPHATIDYL-GLYCEROLE 'C38 H75 O10 P'
LMG non-polymer 1,2-DISTEAROYL-MONOGALACTOSYL-DIGLYCERIDE 'C45 H86 O10'
PQN non-polymer PHYLLOQUINONE 'C31 H46 O2'
SF4 non-polymer 'IRON/SULFUR CLUSTER' 'Fe4 S4'
SQD non-polymer 1,2-DI-O-ACYL-3-O-[6-DEOXY-6-SULFO-ALPHA-D-GLUCOPYRANOSYL]-SN-GLYCEROL 'C41 H78 O12 S'
#
# COMPACT_ATOMS: atom_id res chain seq x y z
N LYS A 11 -17.16 48.73 -22.37
CA LYS A 11 -18.42 49.33 -21.95
C LYS A 11 -18.31 49.84 -20.52
N LYS A 12 -18.94 50.98 -20.26
CA LYS A 12 -18.87 51.63 -18.96
C LYS A 12 -20.19 51.51 -18.22
N ALA A 13 -20.10 51.55 -16.89
CA ALA A 13 -21.29 51.53 -16.05
C ALA A 13 -21.92 52.92 -16.01
N ARG A 14 -23.15 53.03 -16.50
CA ARG A 14 -23.83 54.31 -16.51
C ARG A 14 -25.33 54.07 -16.34
N VAL A 15 -26.05 55.17 -16.21
CA VAL A 15 -27.49 55.13 -15.95
C VAL A 15 -28.21 55.48 -17.24
N ILE A 16 -28.86 54.49 -17.85
CA ILE A 16 -29.82 54.74 -18.93
C ILE A 16 -31.17 54.24 -18.48
N VAL A 17 -32.19 55.06 -18.64
CA VAL A 17 -33.51 54.88 -18.05
C VAL A 17 -34.57 55.15 -19.11
N ASP A 18 -35.50 54.20 -19.27
CA ASP A 18 -36.73 54.50 -19.99
C ASP A 18 -37.66 55.34 -19.12
N LYS A 19 -38.14 56.45 -19.70
CA LYS A 19 -39.13 57.29 -19.03
C LYS A 19 -40.53 56.81 -19.41
N ASP A 20 -41.37 56.63 -18.38
CA ASP A 20 -42.76 56.20 -18.44
C ASP A 20 -42.99 54.93 -19.26
N PRO A 21 -42.53 53.75 -18.81
CA PRO A 21 -42.79 52.54 -19.60
C PRO A 21 -44.21 52.06 -19.49
N VAL A 22 -44.75 52.06 -18.28
CA VAL A 22 -46.04 51.46 -17.96
C VAL A 22 -46.90 52.52 -17.30
N PRO A 23 -48.10 52.79 -17.82
CA PRO A 23 -48.96 53.81 -17.20
C PRO A 23 -49.62 53.31 -15.93
N THR A 24 -49.74 54.21 -14.95
CA THR A 24 -50.37 53.89 -13.67
C THR A 24 -51.88 53.99 -13.84
N SER A 25 -52.56 52.84 -13.76
CA SER A 25 -54.01 52.81 -13.91
C SER A 25 -54.54 51.60 -13.17
N PHE A 26 -55.79 51.70 -12.71
CA PHE A 26 -56.47 50.60 -12.02
C PHE A 26 -57.19 49.68 -12.98
N GLU A 27 -56.94 49.80 -14.28
CA GLU A 27 -57.67 49.01 -15.28
C GLU A 27 -57.38 47.53 -15.15
N LYS A 28 -56.12 47.18 -14.96
CA LYS A 28 -55.75 45.78 -14.88
C LYS A 28 -56.02 45.17 -13.51
N TRP A 29 -56.39 45.98 -12.52
CA TRP A 29 -56.79 45.38 -11.25
C TRP A 29 -58.16 44.76 -11.34
N ALA A 30 -58.96 45.19 -12.32
CA ALA A 30 -60.25 44.61 -12.63
C ALA A 30 -60.14 43.42 -13.56
N GLN A 31 -58.92 43.02 -13.93
CA GLN A 31 -58.70 41.93 -14.88
C GLN A 31 -57.78 40.91 -14.21
N PRO A 32 -58.33 39.95 -13.49
CA PRO A 32 -57.48 38.97 -12.79
C PRO A 32 -56.78 38.03 -13.76
N GLY A 33 -55.48 37.88 -13.58
CA GLY A 33 -54.71 37.08 -14.50
C GLY A 33 -54.47 37.76 -15.82
N HIS A 34 -54.34 39.09 -15.82
CA HIS A 34 -54.02 39.83 -17.03
C HIS A 34 -52.61 39.53 -17.54
N PHE A 35 -51.73 39.04 -16.66
CA PHE A 35 -50.32 38.89 -16.94
C PHE A 35 -50.01 37.69 -17.83
N ASP A 36 -50.76 36.61 -17.71
CA ASP A 36 -50.58 35.47 -18.58
C ASP A 36 -51.56 35.57 -19.73
N ARG A 37 -51.15 35.12 -20.91
CA ARG A 37 -52.05 35.15 -22.06
C ARG A 37 -53.06 34.03 -22.01
N THR A 38 -52.78 32.95 -21.30
CA THR A 38 -53.74 31.87 -21.16
C THR A 38 -54.70 32.08 -20.00
N LEU A 39 -54.29 32.82 -18.98
CA LEU A 39 -55.18 33.16 -17.89
C LEU A 39 -56.07 34.35 -18.21
N ALA A 40 -55.66 35.17 -19.19
CA ALA A 40 -56.43 36.36 -19.52
C ALA A 40 -57.76 36.04 -20.20
N ARG A 41 -57.92 34.81 -20.71
CA ARG A 41 -59.19 34.39 -21.30
C ARG A 41 -60.28 34.19 -20.26
N GLY A 42 -59.93 34.09 -18.99
CA GLY A 42 -60.90 33.91 -17.93
C GLY A 42 -61.06 32.44 -17.58
N PRO A 43 -61.69 32.16 -16.44
CA PRO A 43 -61.81 30.77 -16.00
C PRO A 43 -62.87 29.99 -16.76
N LYS A 44 -62.61 28.70 -16.87
CA LYS A 44 -63.62 27.70 -17.20
C LYS A 44 -63.79 26.68 -16.08
N THR A 45 -62.71 26.35 -15.39
CA THR A 45 -62.68 25.46 -14.26
C THR A 45 -62.08 26.18 -13.07
N THR A 46 -62.08 25.52 -11.91
CA THR A 46 -61.46 26.12 -10.74
C THR A 46 -59.94 25.98 -10.73
N THR A 47 -59.37 25.23 -11.68
CA THR A 47 -57.94 25.14 -11.83
C THR A 47 -57.34 26.50 -12.17
N TRP A 48 -58.09 27.30 -12.94
CA TRP A 48 -57.71 28.67 -13.30
C TRP A 48 -57.38 29.52 -12.08
N ILE A 49 -58.15 29.34 -11.01
CA ILE A 49 -58.00 30.15 -9.81
C ILE A 49 -56.69 29.83 -9.10
N TRP A 50 -56.31 28.55 -9.07
CA TRP A 50 -55.04 28.20 -8.47
C TRP A 50 -53.89 28.57 -9.38
N ASN A 51 -54.09 28.51 -10.70
CA ASN A 51 -53.03 28.89 -11.64
C ASN A 51 -52.75 30.38 -11.60
N LEU A 52 -53.74 31.19 -11.25
CA LEU A 52 -53.51 32.63 -11.07
C LEU A 52 -52.51 32.91 -9.95
N HIS A 53 -52.45 32.07 -8.93
CA HIS A 53 -51.53 32.28 -7.83
C HIS A 53 -50.22 31.58 -8.01
N ALA A 54 -50.22 30.42 -8.67
CA ALA A 54 -48.96 29.73 -8.93
C ALA A 54 -48.11 30.50 -9.93
N LEU A 55 -48.72 31.27 -10.82
CA LEU A 55 -48.02 31.95 -11.89
C LEU A 55 -47.92 33.45 -11.67
N ALA A 56 -48.22 33.94 -10.47
CA ALA A 56 -48.27 35.39 -10.27
C ALA A 56 -46.89 36.01 -10.25
N HIS A 57 -45.89 35.31 -9.70
CA HIS A 57 -44.54 35.84 -9.62
C HIS A 57 -43.58 35.14 -10.55
N ASP A 58 -44.10 34.33 -11.45
CA ASP A 58 -43.28 33.61 -12.41
C ASP A 58 -43.15 34.50 -13.63
N PHE A 59 -42.21 35.44 -13.55
CA PHE A 59 -42.09 36.51 -14.54
C PHE A 59 -41.52 36.03 -15.86
N ASP A 60 -40.95 34.82 -15.92
CA ASP A 60 -40.58 34.23 -17.20
C ASP A 60 -41.81 33.86 -18.01
N THR A 61 -42.90 33.52 -17.35
CA THR A 61 -44.15 33.21 -18.02
C THR A 61 -44.96 34.46 -18.35
N HIS A 62 -44.72 35.55 -17.62
CA HIS A 62 -45.28 36.85 -17.96
C HIS A 62 -44.79 37.32 -19.31
N THR A 63 -43.49 37.57 -19.43
CA THR A 63 -42.85 38.07 -20.63
C THR A 63 -41.64 37.21 -20.96
N SER A 64 -41.18 37.32 -22.21
CA SER A 64 -39.96 36.66 -22.63
C SER A 64 -38.76 37.60 -22.66
N ASP A 65 -38.97 38.89 -22.40
CA ASP A 65 -37.91 39.88 -22.49
C ASP A 65 -37.24 40.06 -21.13
N LEU A 66 -35.90 39.94 -21.11
CA LEU A 66 -35.16 39.96 -19.85
C LEU A 66 -35.16 41.33 -19.21
N GLU A 67 -35.32 42.39 -20.00
CA GLU A 67 -35.32 43.74 -19.46
C GLU A 67 -36.59 44.02 -18.65
N ASP A 68 -37.75 43.60 -19.16
CA ASP A 68 -38.98 43.81 -18.41
C ASP A 68 -39.06 42.89 -17.21
N ILE A 69 -38.52 41.68 -17.33
CA ILE A 69 -38.36 40.78 -16.19
C ILE A 69 -37.53 41.43 -15.09
N SER A 70 -36.42 42.06 -15.49
CA SER A 70 -35.53 42.68 -14.51
C SER A 70 -36.15 43.91 -13.88
N ARG A 71 -36.94 44.68 -14.64
CA ARG A 71 -37.63 45.82 -14.08
C ARG A 71 -38.71 45.41 -13.09
N LYS A 72 -39.45 44.32 -13.42
CA LYS A 72 -40.43 43.77 -12.50
C LYS A 72 -39.79 43.29 -11.20
N ILE A 73 -38.64 42.61 -11.31
CA ILE A 73 -37.93 42.11 -10.13
C ILE A 73 -37.45 43.26 -9.26
N PHE A 74 -36.91 44.31 -9.88
CA PHE A 74 -36.38 45.43 -9.12
C PHE A 74 -37.49 46.24 -8.46
N ALA A 75 -38.67 46.32 -9.06
CA ALA A 75 -39.78 47.00 -8.40
C ALA A 75 -40.38 46.16 -7.26
N ALA A 76 -40.50 44.84 -7.48
CA ALA A 76 -41.04 43.95 -6.47
C ALA A 76 -40.14 43.87 -5.24
N HIS A 77 -38.83 44.06 -5.42
CA HIS A 77 -37.95 44.14 -4.26
C HIS A 77 -38.27 45.34 -3.38
N PHE A 78 -38.59 46.49 -3.97
CA PHE A 78 -38.96 47.64 -3.16
C PHE A 78 -40.27 47.41 -2.44
N GLY A 79 -41.21 46.71 -3.08
CA GLY A 79 -42.44 46.35 -2.38
C GLY A 79 -42.20 45.44 -1.19
N HIS A 80 -41.30 44.48 -1.36
CA HIS A 80 -40.93 43.59 -0.28
C HIS A 80 -40.20 44.31 0.84
N LEU A 81 -39.31 45.25 0.49
CA LEU A 81 -38.63 46.05 1.51
C LEU A 81 -39.60 46.92 2.26
N ALA A 82 -40.63 47.41 1.57
CA ALA A 82 -41.70 48.16 2.22
C ALA A 82 -42.41 47.31 3.27
N VAL A 83 -42.76 46.07 2.93
CA VAL A 83 -43.51 45.27 3.91
C VAL A 83 -42.61 44.82 5.07
N VAL A 84 -41.31 44.61 4.81
CA VAL A 84 -40.40 44.26 5.90
C VAL A 84 -40.16 45.45 6.82
N THR A 85 -40.10 46.66 6.27
CA THR A 85 -39.92 47.82 7.13
C THR A 85 -41.19 48.15 7.91
N ILE A 86 -42.37 47.86 7.33
CA ILE A 86 -43.62 47.96 8.10
C ILE A 86 -43.62 46.97 9.26
N TRP A 87 -43.14 45.74 9.02
CA TRP A 87 -43.01 44.76 10.09
C TRP A 87 -42.08 45.22 11.20
N LEU A 88 -40.92 45.76 10.82
CA LEU A 88 -39.93 46.16 11.82
C LEU A 88 -40.38 47.40 12.60
N SER A 89 -40.99 48.35 11.91
CA SER A 89 -41.53 49.52 12.61
C SER A 89 -42.75 49.15 13.43
N GLY A 90 -43.47 48.09 13.07
CA GLY A 90 -44.53 47.60 13.91
C GLY A 90 -44.03 46.98 15.19
N MET A 91 -42.93 46.21 15.11
CA MET A 91 -42.35 45.64 16.32
C MET A 91 -41.80 46.72 17.23
N ILE A 92 -41.19 47.76 16.65
CA ILE A 92 -40.69 48.87 17.46
C ILE A 92 -41.83 49.71 18.02
N PHE A 93 -42.96 49.82 17.30
CA PHE A 93 -44.12 50.53 17.83
C PHE A 93 -44.75 49.79 18.99
N HIS A 94 -44.84 48.47 18.90
CA HIS A 94 -45.33 47.68 20.04
C HIS A 94 -44.41 47.76 21.23
N GLY A 95 -43.09 47.83 20.99
CA GLY A 95 -42.18 48.12 22.09
C GLY A 95 -42.35 49.52 22.65
N ALA A 96 -42.79 50.46 21.83
CA ALA A 96 -43.03 51.81 22.32
C ALA A 96 -44.30 51.87 23.18
N LYS A 97 -45.37 51.21 22.76
CA LYS A 97 -46.69 51.50 23.30
C LYS A 97 -47.24 50.40 24.19
N PHE A 98 -47.18 49.14 23.78
CA PHE A 98 -47.88 48.06 24.47
C PHE A 98 -46.91 47.17 25.22
N SER A 99 -45.92 47.76 25.86
CA SER A 99 -44.76 47.03 26.31
C SER A 99 -44.38 47.40 27.74
N ASN A 100 -43.67 46.47 28.39
CA ASN A 100 -43.04 46.73 29.68
C ASN A 100 -41.54 46.96 29.53
N TYR A 101 -41.13 47.67 28.48
CA TYR A 101 -39.71 47.84 28.19
C TYR A 101 -39.02 48.73 29.22
N GLU A 102 -39.69 49.80 29.66
CA GLU A 102 -39.10 50.67 30.66
C GLU A 102 -39.04 50.00 32.02
N ALA A 103 -40.00 49.13 32.33
CA ALA A 103 -39.92 48.34 33.55
C ALA A 103 -38.87 47.25 33.45
N TRP A 104 -38.59 46.79 32.24
CA TRP A 104 -37.57 45.76 32.03
C TRP A 104 -36.17 46.33 32.12
N LEU A 105 -35.97 47.58 31.71
CA LEU A 105 -34.66 48.22 31.80
C LEU A 105 -34.18 48.34 33.24
N SER A 106 -35.10 48.61 34.15
CA SER A 106 -34.73 48.76 35.55
C SER A 106 -34.42 47.44 36.22
N ASP A 107 -35.03 46.35 35.77
CA ASP A 107 -34.83 45.03 36.37
C ASP A 107 -34.80 43.99 35.26
N PRO A 108 -33.64 43.82 34.61
CA PRO A 108 -33.57 42.92 33.45
C PRO A 108 -33.59 41.45 33.80
N LEU A 109 -33.40 41.09 35.06
CA LEU A 109 -33.33 39.70 35.47
C LEU A 109 -34.63 39.16 36.05
N ASN A 110 -35.62 40.01 36.28
CA ASN A 110 -36.85 39.56 36.92
C ASN A 110 -38.13 40.04 36.25
N VAL A 111 -38.05 40.89 35.23
CA VAL A 111 -39.21 41.26 34.43
C VAL A 111 -39.16 40.45 33.15
N ARG A 112 -40.27 39.81 32.81
CA ARG A 112 -40.21 39.07 31.57
C ARG A 112 -40.65 39.97 30.42
N PRO A 113 -39.94 39.92 29.29
CA PRO A 113 -40.21 40.87 28.20
C PRO A 113 -41.56 40.61 27.56
N SER A 114 -42.35 41.67 27.41
CA SER A 114 -43.69 41.52 26.88
C SER A 114 -44.07 42.72 26.03
N ALA A 115 -44.54 42.43 24.83
CA ALA A 115 -45.40 43.28 24.05
C ALA A 115 -46.71 42.52 23.90
N GLN A 116 -47.59 43.01 23.02
CA GLN A 116 -48.84 42.33 22.65
C GLN A 116 -49.76 42.09 23.86
N VAL A 117 -50.36 43.19 24.32
CA VAL A 117 -51.54 43.07 25.17
C VAL A 117 -52.68 42.47 24.34
N VAL A 118 -53.47 41.61 24.96
CA VAL A 118 -54.61 40.98 24.31
C VAL A 118 -55.88 41.68 24.77
N TRP A 119 -56.77 42.00 23.83
CA TRP A 119 -58.05 42.62 24.15
C TRP A 119 -58.94 41.68 24.98
N PRO A 120 -59.65 42.19 25.99
CA PRO A 120 -60.53 41.31 26.76
C PRO A 120 -61.86 41.03 26.06
N ILE A 121 -61.94 39.87 25.43
CA ILE A 121 -63.15 39.33 24.84
C ILE A 121 -63.06 37.86 25.23
N VAL A 122 -63.73 36.94 24.54
CA VAL A 122 -64.40 35.71 24.96
C VAL A 122 -63.75 34.83 26.05
N GLY A 123 -62.62 35.25 26.59
CA GLY A 123 -62.00 34.61 27.73
C GLY A 123 -60.52 34.71 27.56
N GLN A 124 -60.14 35.34 26.45
CA GLN A 124 -58.77 35.36 25.98
C GLN A 124 -57.86 36.27 26.77
N ASP A 125 -58.36 37.03 27.75
CA ASP A 125 -57.46 37.83 28.57
C ASP A 125 -56.73 37.01 29.63
N ILE A 126 -56.89 35.69 29.64
CA ILE A 126 -56.03 34.84 30.45
C ILE A 126 -54.62 34.80 29.87
N LEU A 127 -54.46 35.16 28.60
CA LEU A 127 -53.15 35.20 27.95
C LEU A 127 -52.32 36.39 28.40
N ASN A 128 -52.93 37.35 29.09
CA ASN A 128 -52.21 38.46 29.71
C ASN A 128 -51.67 37.96 31.04
N GLY A 129 -50.50 37.35 31.00
CA GLY A 129 -49.91 36.80 32.20
C GLY A 129 -49.21 37.84 33.04
N ASP A 130 -48.85 37.44 34.25
CA ASP A 130 -48.07 38.31 35.13
C ASP A 130 -46.62 38.22 34.68
N VAL A 131 -46.24 39.12 33.79
CA VAL A 131 -44.92 39.08 33.17
C VAL A 131 -43.98 40.04 33.90
N GLY A 132 -44.44 40.58 35.01
CA GLY A 132 -43.61 41.43 35.84
C GLY A 132 -43.63 42.88 35.41
N GLY A 133 -43.07 43.72 36.28
CA GLY A 133 -43.01 45.15 36.01
C GLY A 133 -44.34 45.85 36.10
N GLY A 134 -45.32 45.27 36.79
CA GLY A 134 -46.66 45.84 36.84
C GLY A 134 -47.35 45.82 35.50
N PHE A 135 -47.24 44.72 34.77
CA PHE A 135 -47.72 44.67 33.39
C PHE A 135 -48.30 43.29 33.13
N HIS A 136 -49.33 43.26 32.27
CA HIS A 136 -49.91 42.01 31.82
C HIS A 136 -49.90 41.95 30.30
N GLY A 137 -49.42 40.83 29.78
CA GLY A 137 -49.41 40.63 28.35
C GLY A 137 -48.79 39.30 28.00
N ILE A 138 -48.54 39.11 26.71
CA ILE A 138 -47.86 37.91 26.24
C ILE A 138 -46.36 38.12 26.34
N GLN A 139 -45.67 37.16 26.95
CA GLN A 139 -44.23 37.21 26.99
C GLN A 139 -43.66 36.96 25.61
N ILE A 140 -42.71 37.78 25.21
CA ILE A 140 -42.11 37.67 23.89
C ILE A 140 -40.76 37.00 24.00
N THR A 141 -40.40 36.27 22.95
CA THR A 141 -39.17 35.50 22.88
C THR A 141 -38.30 35.92 21.71
N SER A 142 -38.69 36.98 21.00
CA SER A 142 -37.97 37.43 19.82
C SER A 142 -36.74 38.26 20.16
N GLY A 143 -36.56 38.64 21.41
CA GLY A 143 -35.37 39.33 21.82
C GLY A 143 -35.27 40.77 21.38
N LEU A 144 -36.40 41.45 21.21
CA LEU A 144 -36.36 42.85 20.80
C LEU A 144 -35.91 43.75 21.92
N PHE A 145 -36.26 43.38 23.16
CA PHE A 145 -35.83 44.07 24.36
C PHE A 145 -34.31 44.13 24.44
N GLN A 146 -33.65 43.00 24.18
CA GLN A 146 -32.20 42.96 24.19
C GLN A 146 -31.58 43.77 23.06
N VAL A 147 -32.22 43.80 21.89
CA VAL A 147 -31.69 44.57 20.78
C VAL A 147 -31.80 46.07 21.05
N TRP A 148 -32.92 46.51 21.62
CA TRP A 148 -33.08 47.92 21.96
C TRP A 148 -32.22 48.30 23.14
N ARG A 149 -31.96 47.34 24.03
CA ARG A 149 -31.02 47.54 25.12
C ARG A 149 -29.60 47.74 24.61
N GLY A 150 -29.16 46.89 23.68
CA GLY A 150 -27.85 47.04 23.09
C GLY A 150 -27.73 48.20 22.16
N TRP A 151 -28.85 48.71 21.64
CA TRP A 151 -28.85 49.98 20.93
C TRP A 151 -28.72 51.15 21.88
N GLY A 152 -28.96 50.96 23.17
CA GLY A 152 -28.90 52.04 24.12
C GLY A 152 -30.17 52.82 24.28
N ILE A 153 -31.30 52.27 23.88
CA ILE A 153 -32.58 52.95 24.01
C ILE A 153 -33.03 52.87 25.47
N THR A 154 -33.35 54.02 26.05
CA THR A 154 -33.66 54.12 27.47
C THR A 154 -35.11 54.46 27.77
N ASN A 155 -35.90 54.89 26.79
CA ASN A 155 -37.27 55.26 27.07
C ASN A 155 -38.15 54.91 25.88
N SER A 156 -39.45 55.16 26.02
CA SER A 156 -40.42 54.80 25.00
C SER A 156 -40.44 55.79 23.85
N PHE A 157 -40.05 57.04 24.10
CA PHE A 157 -40.15 58.09 23.09
C PHE A 157 -39.16 57.87 21.95
N GLN A 158 -37.98 57.34 22.27
CA GLN A 158 -37.01 56.96 21.25
C GLN A 158 -37.52 55.82 20.39
N LEU A 159 -38.27 54.90 20.98
CA LEU A 159 -38.91 53.84 20.21
C LEU A 159 -40.02 54.39 19.32
N TYR A 160 -40.78 55.38 19.81
CA TYR A 160 -41.78 56.02 18.96
C TYR A 160 -41.15 56.73 17.78
N CYS A 161 -40.04 57.43 18.01
CA CYS A 161 -39.32 58.08 16.92
C CYS A 161 -38.79 57.08 15.91
N THR A 162 -38.29 55.94 16.40
CA THR A 162 -37.76 54.91 15.50
C THR A 162 -38.88 54.27 14.68
N ALA A 163 -40.05 54.05 15.28
CA ALA A 163 -41.16 53.45 14.55
C ALA A 163 -41.75 54.41 13.53
N ILE A 164 -41.82 55.70 13.85
CA ILE A 164 -42.31 56.69 12.88
C ILE A 164 -41.32 56.81 11.72
N GLY A 165 -40.02 56.81 12.01
CA GLY A 165 -39.03 56.81 10.95
C GLY A 165 -39.06 55.55 10.10
N GLY A 166 -39.39 54.42 10.71
CA GLY A 166 -39.55 53.20 9.94
C GLY A 166 -40.77 53.23 9.04
N LEU A 167 -41.86 53.86 9.49
CA LEU A 167 -43.04 54.02 8.63
C LEU A 167 -42.74 54.94 7.46
N VAL A 168 -41.99 56.02 7.70
CA VAL A 168 -41.57 56.92 6.63
C VAL A 168 -40.68 56.19 5.62
N LEU A 169 -39.73 55.40 6.13
CA LEU A 169 -38.81 54.65 5.27
C LEU A 169 -39.54 53.55 4.48
N ALA A 170 -40.57 52.94 5.07
CA ALA A 170 -41.37 51.96 4.36
C ALA A 170 -42.19 52.59 3.25
N GLY A 171 -42.82 53.74 3.52
CA GLY A 171 -43.53 54.46 2.48
C GLY A 171 -42.60 54.95 1.38
N LEU A 172 -41.36 55.26 1.75
CA LEU A 172 -40.37 55.71 0.78
C LEU A 172 -39.93 54.56 -0.13
N PHE A 173 -39.78 53.34 0.43
CA PHE A 173 -39.53 52.17 -0.40
C PHE A 173 -40.70 51.86 -1.33
N LEU A 174 -41.93 52.00 -0.83
CA LEU A 174 -43.10 51.71 -1.64
C LEU A 174 -43.23 52.71 -2.79
N PHE A 175 -42.90 53.97 -2.53
CA PHE A 175 -42.86 54.97 -3.60
C PHE A 175 -41.75 54.69 -4.60
N ALA A 176 -40.60 54.22 -4.12
CA ALA A 176 -39.50 53.86 -5.02
C ALA A 176 -39.86 52.71 -5.93
N GLY A 177 -40.68 51.78 -5.43
CA GLY A 177 -41.12 50.69 -6.28
C GLY A 177 -42.14 51.11 -7.30
N TRP A 178 -43.04 52.04 -6.93
CA TRP A 178 -43.89 52.63 -7.95
C TRP A 178 -43.06 53.36 -9.00
N PHE A 179 -42.05 54.09 -8.54
CA PHE A 179 -41.29 55.01 -9.36
C PHE A 179 -40.45 54.27 -10.39
N HIS A 180 -39.74 53.23 -9.97
CA HIS A 180 -38.88 52.52 -10.90
C HIS A 180 -39.60 51.49 -11.74
N TYR A 181 -40.91 51.43 -11.69
CA TYR A 181 -41.62 50.65 -12.67
C TYR A 181 -42.50 51.49 -13.56
N HIS A 182 -42.97 52.64 -13.09
CA HIS A 182 -43.85 53.46 -13.90
C HIS A 182 -43.25 54.76 -14.39
N LYS A 183 -42.35 55.38 -13.64
CA LYS A 183 -41.77 56.65 -14.06
C LYS A 183 -40.38 56.49 -14.66
N ARG A 184 -39.44 55.92 -13.91
CA ARG A 184 -38.04 55.86 -14.34
C ARG A 184 -37.51 54.44 -14.16
N ALA A 185 -37.59 53.63 -15.22
CA ALA A 185 -37.23 52.23 -15.11
C ALA A 185 -35.94 51.94 -15.85
N PRO A 186 -34.99 51.26 -15.21
CA PRO A 186 -33.67 51.07 -15.82
C PRO A 186 -33.68 50.06 -16.96
N LYS A 187 -32.70 50.21 -17.84
CA LYS A 187 -32.51 49.35 -19.00
C LYS A 187 -31.93 48.00 -18.58
N LEU A 188 -31.67 47.15 -19.58
CA LEU A 188 -31.09 45.84 -19.29
C LEU A 188 -29.64 45.97 -18.83
N GLU A 189 -28.86 46.83 -19.49
CA GLU A 189 -27.44 46.91 -19.16
C GLU A 189 -27.16 47.64 -17.86
N TRP A 190 -28.16 48.31 -17.28
CA TRP A 190 -27.98 48.84 -15.93
C TRP A 190 -27.88 47.71 -14.92
N PHE A 191 -28.65 46.64 -15.13
CA PHE A 191 -28.63 45.51 -14.19
C PHE A 191 -27.37 44.68 -14.35
N GLN A 192 -26.86 44.55 -15.56
CA GLN A 192 -25.73 43.68 -15.83
C GLN A 192 -24.37 44.31 -15.48
N ASN A 193 -24.36 45.37 -14.69
CA ASN A 193 -23.12 45.95 -14.16
C ASN A 193 -22.83 45.34 -12.78
N VAL A 194 -22.49 44.05 -12.81
CA VAL A 194 -22.33 43.28 -11.58
C VAL A 194 -21.08 43.71 -10.81
N GLU A 195 -20.07 44.22 -11.52
CA GLU A 195 -18.90 44.76 -10.85
C GLU A 195 -19.22 46.03 -10.08
N SER A 196 -19.99 46.93 -10.71
CA SER A 196 -20.45 48.15 -10.05
C SER A 196 -21.32 47.84 -8.84
N MET A 197 -22.22 46.87 -8.97
CA MET A 197 -23.12 46.52 -7.88
C MET A 197 -22.38 45.87 -6.73
N LEU A 198 -21.39 45.01 -7.02
CA LEU A 198 -20.58 44.44 -5.97
C LEU A 198 -19.73 45.47 -5.27
N ASN A 199 -19.14 46.42 -6.01
CA ASN A 199 -18.38 47.50 -5.37
C ASN A 199 -19.26 48.33 -4.45
N HIS A 200 -20.48 48.66 -4.90
CA HIS A 200 -21.34 49.50 -4.09
C HIS A 200 -21.90 48.76 -2.89
N HIS A 201 -22.22 47.48 -3.03
CA HIS A 201 -22.73 46.74 -1.89
C HIS A 201 -21.65 46.54 -0.84
N LEU A 202 -20.46 46.09 -1.25
CA LEU A 202 -19.35 45.88 -0.33
C LEU A 202 -18.88 47.17 0.34
N GLN A 203 -18.90 48.28 -0.38
CA GLN A 203 -18.51 49.53 0.27
C GLN A 203 -19.66 50.15 1.04
N VAL A 204 -20.70 50.59 0.35
CA VAL A 204 -21.73 51.39 0.99
C VAL A 204 -22.67 50.52 1.82
N LEU A 205 -23.18 49.43 1.25
CA LEU A 205 -24.26 48.71 1.92
C LEU A 205 -23.71 47.87 3.07
N LEU A 206 -22.46 47.45 3.00
CA LEU A 206 -21.84 46.71 4.09
C LEU A 206 -20.81 47.51 4.85
N GLY A 207 -19.81 48.09 4.18
CA GLY A 207 -18.74 48.76 4.89
C GLY A 207 -19.08 50.10 5.47
N CYS A 208 -19.69 50.99 4.68
CA CYS A 208 -20.16 52.26 5.23
C CYS A 208 -21.26 52.05 6.26
N GLY A 209 -22.10 51.04 6.06
CA GLY A 209 -23.09 50.69 7.07
C GLY A 209 -22.47 50.22 8.36
N SER A 210 -21.44 49.37 8.28
CA SER A 210 -20.79 48.90 9.47
C SER A 210 -19.92 49.98 10.12
N LEU A 211 -19.46 50.95 9.33
CA LEU A 211 -18.70 52.05 9.90
C LEU A 211 -19.60 53.03 10.62
N GLY A 212 -20.74 53.36 10.03
CA GLY A 212 -21.71 54.20 10.73
C GLY A 212 -22.25 53.51 11.96
N TRP A 213 -22.41 52.19 11.91
CA TRP A 213 -22.83 51.49 13.10
C TRP A 213 -21.74 51.46 14.16
N ALA A 214 -20.47 51.38 13.77
CA ALA A 214 -19.38 51.54 14.73
C ALA A 214 -19.38 52.91 15.34
N GLY A 215 -19.74 53.94 14.57
CA GLY A 215 -19.87 55.28 15.13
C GLY A 215 -20.96 55.38 16.18
N HIS A 216 -22.13 54.79 15.89
CA HIS A 216 -23.20 54.70 16.88
C HIS A 216 -22.77 53.93 18.12
N LEU A 217 -22.11 52.79 17.93
CA LEU A 217 -21.70 51.96 19.06
C LEU A 217 -20.70 52.68 19.95
N ILE A 218 -19.79 53.44 19.33
CA ILE A 218 -18.80 54.17 20.11
C ILE A 218 -19.42 55.34 20.86
N HIS A 219 -20.37 56.04 20.24
CA HIS A 219 -20.87 57.24 20.90
C HIS A 219 -22.15 57.07 21.70
N VAL A 220 -23.02 56.12 21.36
CA VAL A 220 -24.34 56.01 21.98
C VAL A 220 -24.47 54.71 22.77
N SER A 221 -24.20 53.58 22.12
CA SER A 221 -24.48 52.28 22.74
C SER A 221 -23.52 51.98 23.88
N ALA A 222 -22.22 52.09 23.65
CA ALA A 222 -21.25 51.77 24.70
C ALA A 222 -21.24 52.70 25.92
N PRO A 223 -21.39 54.03 25.81
CA PRO A 223 -21.49 54.81 27.06
C PRO A 223 -22.74 54.54 27.86
N ILE A 224 -23.88 54.39 27.19
CA ILE A 224 -25.14 54.15 27.88
C ILE A 224 -25.16 52.77 28.51
N ASN A 225 -24.66 51.77 27.78
CA ASN A 225 -24.60 50.43 28.36
C ASN A 225 -23.53 50.33 29.43
N LYS A 226 -22.47 51.15 29.37
CA LYS A 226 -21.49 51.14 30.45
C LYS A 226 -22.05 51.76 31.71
N LEU A 227 -22.84 52.83 31.56
CA LEU A 227 -23.53 53.40 32.71
C LEU A 227 -24.60 52.47 33.25
N MET A 228 -25.23 51.67 32.39
CA MET A 228 -26.17 50.66 32.88
C MET A 228 -25.46 49.56 33.65
N ASP A 229 -24.27 49.15 33.18
CA ASP A 229 -23.55 48.09 33.86
C ASP A 229 -22.95 48.57 35.17
N ALA A 230 -22.65 49.87 35.27
CA ALA A 230 -22.33 50.46 36.56
C ALA A 230 -23.55 50.50 37.48
N GLY A 231 -24.76 50.51 36.92
CA GLY A 231 -25.97 50.46 37.70
C GLY A 231 -26.41 51.80 38.22
N VAL A 232 -26.54 52.79 37.35
CA VAL A 232 -26.84 54.14 37.82
C VAL A 232 -28.34 54.25 38.07
N ALA A 233 -29.11 54.25 36.98
CA ALA A 233 -30.57 54.38 36.94
C ALA A 233 -30.97 54.34 35.48
N VAL A 234 -32.26 54.26 35.17
CA VAL A 234 -32.67 54.44 33.79
C VAL A 234 -32.91 55.92 33.48
N LYS A 235 -33.24 56.73 34.51
CA LYS A 235 -33.55 58.13 34.32
C LYS A 235 -32.36 59.05 34.56
N ASP A 236 -31.33 58.58 35.27
CA ASP A 236 -30.16 59.40 35.53
C ASP A 236 -29.11 59.30 34.44
N ILE A 237 -29.18 58.28 33.59
CA ILE A 237 -28.31 58.18 32.43
C ILE A 237 -28.76 59.23 31.42
N PRO A 238 -27.87 60.11 30.98
CA PRO A 238 -28.28 61.22 30.12
C PRO A 238 -28.62 60.75 28.71
N LEU A 239 -29.26 61.65 27.97
CA LEU A 239 -29.59 61.40 26.59
C LEU A 239 -28.32 61.40 25.74
N PRO A 240 -28.26 60.57 24.70
CA PRO A 240 -26.97 60.32 24.04
C PRO A 240 -26.44 61.47 23.19
N HIS A 241 -27.23 62.51 22.94
CA HIS A 241 -26.64 63.70 22.35
C HIS A 241 -25.85 64.52 23.36
N GLU A 242 -26.00 64.25 24.65
CA GLU A 242 -25.18 64.89 25.67
C GLU A 242 -23.86 64.17 25.88
N PHE A 243 -23.57 63.15 25.08
CA PHE A 243 -22.24 62.57 24.97
C PHE A 243 -21.46 63.17 23.83
N ILE A 244 -22.13 63.84 22.91
CA ILE A 244 -21.47 64.56 21.83
C ILE A 244 -21.25 66.02 22.21
N LEU A 245 -22.26 66.66 22.80
CA LEU A 245 -22.16 68.06 23.18
C LEU A 245 -21.24 68.25 24.38
N ASN A 246 -21.43 67.44 25.42
CA ASN A 246 -20.61 67.51 26.62
C ASN A 246 -19.64 66.34 26.56
N LYS A 247 -18.41 66.62 26.12
CA LYS A 247 -17.41 65.58 25.89
C LYS A 247 -16.89 64.99 27.21
N SER A 248 -17.01 65.74 28.31
CA SER A 248 -16.51 65.28 29.61
C SER A 248 -17.23 64.03 30.12
N LEU A 249 -18.47 63.81 29.67
CA LEU A 249 -19.20 62.61 30.04
C LEU A 249 -18.62 61.37 29.36
N LEU A 250 -18.04 61.52 28.16
CA LEU A 250 -17.29 60.43 27.56
C LEU A 250 -15.98 60.20 28.30
N ILE A 251 -15.26 61.27 28.60
CA ILE A 251 -13.91 61.16 29.14
C ILE A 251 -13.94 60.65 30.58
N ASP A 252 -15.06 60.88 31.30
CA ASP A 252 -15.25 60.23 32.59
C ASP A 252 -15.38 58.72 32.44
N LEU A 253 -16.03 58.26 31.36
CA LEU A 253 -16.20 56.85 31.10
C LEU A 253 -15.02 56.27 30.31
N PHE A 254 -14.73 56.86 29.15
CA PHE A 254 -13.73 56.37 28.22
C PHE A 254 -12.63 57.41 28.08
N PRO A 255 -11.50 57.27 28.79
CA PRO A 255 -10.48 58.31 28.76
C PRO A 255 -9.71 58.43 27.45
N GLY A 256 -9.91 57.52 26.49
CA GLY A 256 -9.26 57.64 25.20
C GLY A 256 -9.79 58.76 24.32
N PHE A 257 -10.92 59.37 24.69
CA PHE A 257 -11.47 60.50 23.94
C PHE A 257 -10.76 61.81 24.25
N ALA A 258 -9.92 61.85 25.28
CA ALA A 258 -9.23 63.09 25.61
C ALA A 258 -8.20 63.46 24.56
N ALA A 259 -7.65 62.48 23.86
CA ALA A 259 -6.68 62.74 22.80
C ALA A 259 -7.34 63.24 21.52
N GLY A 260 -8.64 63.05 21.36
CA GLY A 260 -9.32 63.53 20.18
C GLY A 260 -9.06 62.66 18.97
N LEU A 261 -9.23 63.26 17.79
CA LEU A 261 -9.05 62.56 16.54
C LEU A 261 -7.62 62.59 16.02
N THR A 262 -6.71 63.28 16.69
CA THR A 262 -5.32 63.30 16.25
C THR A 262 -4.55 61.99 16.36
N PRO A 263 -4.77 61.08 17.34
CA PRO A 263 -4.10 59.78 17.24
C PRO A 263 -4.67 58.85 16.18
N PHE A 264 -5.80 59.17 15.56
CA PHE A 264 -6.28 58.36 14.45
C PHE A 264 -5.46 58.61 13.20
N PHE A 265 -5.20 59.87 12.88
CA PHE A 265 -4.52 60.20 11.64
C PHE A 265 -3.01 60.07 11.76
N THR A 266 -2.46 60.19 12.96
CA THR A 266 -1.05 59.97 13.19
C THR A 266 -0.73 58.55 13.58
N LEU A 267 -1.69 57.63 13.43
CA LEU A 267 -1.54 56.19 13.62
C LEU A 267 -1.13 55.81 15.05
N ASN A 268 -1.45 56.66 16.01
CA ASN A 268 -1.24 56.33 17.43
C ASN A 268 -2.49 55.66 17.99
N TRP A 269 -2.84 54.53 17.39
CA TRP A 269 -4.13 53.89 17.64
C TRP A 269 -4.22 53.22 19.00
N GLY A 270 -3.11 53.05 19.71
CA GLY A 270 -3.15 52.51 21.05
C GLY A 270 -3.75 53.45 22.08
N GLN A 271 -3.93 54.73 21.72
CA GLN A 271 -4.65 55.65 22.58
C GLN A 271 -6.12 55.28 22.69
N TYR A 272 -6.67 54.66 21.66
CA TYR A 272 -8.08 54.33 21.59
C TYR A 272 -8.40 52.98 22.21
N ALA A 273 -7.50 52.42 23.01
CA ALA A 273 -7.65 51.10 23.59
C ALA A 273 -8.63 51.06 24.75
N ASP A 274 -9.18 52.20 25.17
CA ASP A 274 -10.22 52.18 26.20
C ASP A 274 -11.53 51.66 25.64
N PHE A 275 -11.86 52.04 24.41
CA PHE A 275 -13.16 51.74 23.82
C PHE A 275 -13.06 50.89 22.56
N LEU A 276 -11.90 50.32 22.25
CA LEU A 276 -11.71 49.46 21.09
C LEU A 276 -10.95 48.20 21.51
N THR A 277 -11.47 47.53 22.53
CA THR A 277 -10.76 46.45 23.21
C THR A 277 -10.76 45.16 22.37
N PHE A 278 -10.08 44.14 22.90
CA PHE A 278 -10.08 42.79 22.35
C PHE A 278 -10.27 41.82 23.53
N LYS A 279 -11.31 42.04 24.32
CA LYS A 279 -11.43 41.34 25.61
C LYS A 279 -11.78 39.86 25.44
N GLY A 280 -12.45 39.49 24.35
CA GLY A 280 -12.67 38.09 24.10
C GLY A 280 -13.95 37.49 24.63
N GLY A 281 -14.13 37.43 25.94
CA GLY A 281 -15.22 36.67 26.54
C GLY A 281 -16.54 37.40 26.61
N LEU A 282 -17.18 37.35 27.77
CA LEU A 282 -18.47 37.98 27.99
C LEU A 282 -18.38 39.00 29.12
N ASN A 283 -19.25 39.99 29.07
CA ASN A 283 -19.44 40.94 30.16
C ASN A 283 -20.04 40.22 31.35
N PRO A 284 -19.43 40.27 32.55
CA PRO A 284 -19.97 39.52 33.69
C PRO A 284 -21.24 40.09 34.27
N VAL A 285 -21.61 41.32 33.94
CA VAL A 285 -22.84 41.91 34.46
C VAL A 285 -24.03 41.45 33.63
N THR A 286 -23.92 41.53 32.30
CA THR A 286 -25.01 41.23 31.41
C THR A 286 -24.95 39.83 30.81
N GLY A 287 -23.78 39.21 30.76
CA GLY A 287 -23.63 37.98 30.01
C GLY A 287 -23.52 38.18 28.52
N GLY A 288 -23.42 39.42 28.06
CA GLY A 288 -23.31 39.71 26.65
C GLY A 288 -21.87 39.98 26.26
N LEU A 289 -21.67 40.19 24.96
CA LEU A 289 -20.36 40.58 24.47
C LEU A 289 -20.04 42.00 24.92
N TRP A 290 -18.75 42.28 25.03
CA TRP A 290 -18.30 43.63 25.36
C TRP A 290 -18.62 44.58 24.23
N MET A 291 -19.20 45.74 24.57
CA MET A 291 -19.60 46.67 23.53
C MET A 291 -18.40 47.34 22.87
N THR A 292 -17.27 47.38 23.57
CA THR A 292 -16.05 47.86 22.95
C THR A 292 -15.48 46.83 21.98
N ASP A 293 -15.63 45.54 22.27
CA ASP A 293 -15.32 44.49 21.29
C ASP A 293 -16.20 44.60 20.06
N ILE A 294 -17.49 44.92 20.26
CA ILE A 294 -18.44 45.00 19.16
C ILE A 294 -18.17 46.23 18.30
N ALA A 295 -17.81 47.34 18.93
CA ALA A 295 -17.45 48.54 18.20
C ALA A 295 -16.17 48.35 17.41
N HIS A 296 -15.18 47.72 18.03
CA HIS A 296 -13.91 47.42 17.37
C HIS A 296 -14.09 46.43 16.23
N HIS A 297 -14.96 45.43 16.42
CA HIS A 297 -15.38 44.53 15.37
C HIS A 297 -15.91 45.27 14.16
N HIS A 298 -16.84 46.20 14.38
CA HIS A 298 -17.45 46.89 13.26
C HIS A 298 -16.51 47.85 12.58
N LEU A 299 -15.56 48.41 13.33
CA LEU A 299 -14.54 49.25 12.72
C LEU A 299 -13.61 48.45 11.80
N ALA A 300 -13.12 47.31 12.29
CA ALA A 300 -12.27 46.42 11.50
C ALA A 300 -13.00 45.90 10.27
N ILE A 301 -14.22 45.40 10.47
CA ILE A 301 -15.06 44.87 9.40
C ILE A 301 -15.39 45.93 8.38
N ALA A 302 -15.58 47.17 8.83
CA ALA A 302 -15.88 48.26 7.92
C ALA A 302 -14.69 48.57 7.03
N VAL A 303 -13.49 48.66 7.62
CA VAL A 303 -12.28 48.92 6.82
C VAL A 303 -12.04 47.80 5.82
N VAL A 304 -12.23 46.55 6.24
CA VAL A 304 -12.04 45.41 5.34
C VAL A 304 -13.06 45.42 4.21
N PHE A 305 -14.31 45.78 4.50
CA PHE A 305 -15.33 45.84 3.44
C PHE A 305 -15.08 46.98 2.47
N ILE A 306 -14.68 48.16 2.98
CA ILE A 306 -14.38 49.30 2.10
C ILE A 306 -13.22 48.95 1.18
N ILE A 307 -12.18 48.30 1.72
CA ILE A 307 -11.07 47.87 0.89
C ILE A 307 -11.51 46.80 -0.12
N ALA A 308 -12.33 45.85 0.32
CA ALA A 308 -12.79 44.77 -0.56
C ALA A 308 -13.66 45.26 -1.71
N GLY A 309 -14.40 46.34 -1.50
CA GLY A 309 -15.22 46.89 -2.57
C GLY A 309 -14.51 47.71 -3.61
N HIS A 310 -13.18 47.62 -3.69
CA HIS A 310 -12.41 48.28 -4.74
C HIS A 310 -11.79 47.28 -5.70
N GLN A 311 -12.18 46.02 -5.61
CA GLN A 311 -11.56 44.98 -6.41
C GLN A 311 -12.01 45.06 -7.87
N TYR A 312 -13.23 45.48 -8.12
CA TYR A 312 -13.90 45.22 -9.38
C TYR A 312 -13.83 46.43 -10.29
N ARG A 313 -13.61 46.18 -11.57
CA ARG A 313 -13.40 47.25 -12.53
C ARG A 313 -14.73 47.93 -12.87
N THR A 314 -14.68 49.25 -12.89
CA THR A 314 -15.78 50.13 -13.25
C THR A 314 -15.19 51.15 -14.21
N ASN A 315 -15.76 52.35 -14.26
CA ASN A 315 -15.46 53.32 -15.29
C ASN A 315 -14.02 53.83 -15.40
N TRP A 316 -13.10 53.37 -14.55
CA TRP A 316 -11.78 54.00 -14.49
C TRP A 316 -10.63 53.01 -14.65
N GLY A 317 -10.83 51.93 -15.40
CA GLY A 317 -9.73 51.08 -15.80
C GLY A 317 -9.15 50.14 -14.77
N ILE A 318 -8.84 50.65 -13.58
CA ILE A 318 -8.31 49.82 -12.50
C ILE A 318 -9.35 48.83 -12.03
N GLY A 319 -8.89 47.68 -11.56
CA GLY A 319 -9.79 46.70 -11.00
C GLY A 319 -9.82 45.39 -11.77
N HIS A 320 -10.89 44.62 -11.59
CA HIS A 320 -11.02 43.29 -12.16
C HIS A 320 -12.26 43.17 -13.03
N SER A 321 -12.12 42.41 -14.10
CA SER A 321 -13.25 41.79 -14.75
C SER A 321 -13.47 40.44 -14.09
N ILE A 322 -14.70 40.19 -13.63
CA ILE A 322 -15.04 38.90 -13.02
C ILE A 322 -15.01 37.81 -14.06
N LYS A 323 -15.33 38.14 -15.31
CA LYS A 323 -15.19 37.22 -16.42
C LYS A 323 -13.73 36.80 -16.61
N GLU A 324 -12.80 37.76 -16.53
CA GLU A 324 -11.39 37.43 -16.71
C GLU A 324 -10.83 36.66 -15.52
N ILE A 325 -11.40 36.82 -14.32
CA ILE A 325 -11.00 35.99 -13.19
C ILE A 325 -11.49 34.56 -13.38
N LEU A 326 -12.77 34.40 -13.71
CA LEU A 326 -13.36 33.08 -13.88
C LEU A 326 -12.75 32.31 -15.03
N GLU A 327 -12.33 32.98 -16.10
CA GLU A 327 -11.74 32.24 -17.21
C GLU A 327 -10.33 31.74 -16.94
N ASN A 328 -9.62 32.31 -15.96
CA ASN A 328 -8.26 31.87 -15.69
C ASN A 328 -8.18 30.71 -14.71
N HIS A 329 -9.28 30.36 -14.09
CA HIS A 329 -9.27 29.30 -13.08
C HIS A 329 -9.75 27.99 -13.68
N LYS A 330 -8.98 27.54 -14.64
CA LYS A 330 -9.07 26.18 -15.14
C LYS A 330 -7.86 25.39 -14.65
N GLY A 331 -7.97 24.08 -14.78
CA GLY A 331 -6.94 23.16 -14.35
C GLY A 331 -7.04 21.87 -15.10
N PRO A 332 -6.17 20.92 -14.79
CA PRO A 332 -6.07 19.70 -15.61
C PRO A 332 -7.22 18.76 -15.41
N PHE A 333 -7.91 18.82 -14.29
CA PHE A 333 -9.02 17.95 -14.03
C PHE A 333 -10.33 18.49 -14.58
N THR A 334 -10.47 19.82 -14.68
CA THR A 334 -11.76 20.45 -14.87
C THR A 334 -11.91 21.18 -16.20
N GLY A 335 -11.13 20.82 -17.21
CA GLY A 335 -11.38 21.30 -18.57
C GLY A 335 -11.20 22.78 -18.81
N GLU A 336 -12.29 23.46 -19.14
CA GLU A 336 -12.25 24.91 -19.32
C GLU A 336 -12.47 25.68 -18.03
N GLY A 337 -12.78 24.99 -16.93
CA GLY A 337 -12.92 25.67 -15.67
C GLY A 337 -14.20 26.47 -15.55
N HIS A 338 -14.08 27.77 -15.31
CA HIS A 338 -15.24 28.59 -15.06
C HIS A 338 -15.55 29.52 -16.22
N LYS A 339 -15.09 29.17 -17.42
CA LYS A 339 -15.53 29.85 -18.62
C LYS A 339 -16.99 29.53 -18.88
N GLY A 340 -17.82 30.56 -18.95
CA GLY A 340 -19.23 30.38 -19.15
C GLY A 340 -20.07 30.58 -17.92
N LEU A 341 -19.48 30.54 -16.74
CA LEU A 341 -20.26 30.75 -15.53
C LEU A 341 -20.63 32.20 -15.33
N TYR A 342 -19.89 33.13 -15.95
CA TYR A 342 -20.24 34.53 -15.88
C TYR A 342 -21.50 34.83 -16.69
N GLU A 343 -21.63 34.18 -17.84
CA GLU A 343 -22.83 34.36 -18.65
C GLU A 343 -24.04 33.70 -18.02
N ASN A 344 -23.83 32.64 -17.24
CA ASN A 344 -24.93 32.02 -16.51
C ASN A 344 -25.49 32.99 -15.48
N LEU A 345 -24.62 33.65 -14.73
CA LEU A 345 -25.01 34.49 -13.61
C LEU A 345 -25.38 35.91 -14.00
N THR A 346 -25.14 36.30 -15.25
CA THR A 346 -25.49 37.63 -15.72
C THR A 346 -26.67 37.61 -16.68
N THR A 347 -27.10 36.43 -17.11
CA THR A 347 -28.26 36.32 -17.99
C THR A 347 -29.42 35.56 -17.36
N SER A 348 -29.24 34.99 -16.17
CA SER A 348 -30.29 34.19 -15.54
C SER A 348 -30.49 34.67 -14.12
N TRP A 349 -31.66 35.23 -13.84
CA TRP A 349 -31.98 35.63 -12.47
C TRP A 349 -32.13 34.43 -11.55
N HIS A 350 -32.57 33.29 -12.07
CA HIS A 350 -32.71 32.09 -11.26
C HIS A 350 -31.37 31.55 -10.79
N ALA A 351 -30.33 31.72 -11.60
CA ALA A 351 -28.99 31.30 -11.18
C ALA A 351 -28.50 32.16 -10.03
N GLN A 352 -28.70 33.47 -10.12
CA GLN A 352 -28.38 34.36 -9.02
C GLN A 352 -29.20 34.03 -7.79
N LEU A 353 -30.48 33.72 -7.96
CA LEU A 353 -31.33 33.45 -6.80
C LEU A 353 -30.95 32.13 -6.15
N ALA A 354 -30.49 31.18 -6.95
CA ALA A 354 -29.95 29.93 -6.43
C ALA A 354 -28.74 30.16 -5.56
N THR A 355 -27.79 30.96 -6.05
CA THR A 355 -26.57 31.19 -5.29
C THR A 355 -26.84 31.99 -4.03
N ASN A 356 -27.61 33.07 -4.15
CA ASN A 356 -27.82 33.94 -3.00
C ASN A 356 -28.72 33.27 -1.98
N LEU A 357 -29.62 32.41 -2.41
CA LEU A 357 -30.55 31.74 -1.53
C LEU A 357 -29.84 30.63 -0.75
N ALA A 358 -29.00 29.85 -1.45
CA ALA A 358 -28.20 28.82 -0.81
C ALA A 358 -27.22 29.41 0.20
N PHE A 359 -26.51 30.47 -0.20
CA PHE A 359 -25.50 31.00 0.69
C PHE A 359 -26.07 31.88 1.77
N LEU A 360 -27.23 32.49 1.55
CA LEU A 360 -27.88 33.24 2.61
C LEU A 360 -28.49 32.30 3.65
N GLY A 361 -29.00 31.14 3.21
CA GLY A 361 -29.45 30.13 4.16
C GLY A 361 -28.33 29.53 4.98
N SER A 362 -27.20 29.22 4.31
CA SER A 362 -26.02 28.73 5.02
C SER A 362 -25.52 29.76 6.03
N LEU A 363 -25.56 31.03 5.66
CA LEU A 363 -25.16 32.11 6.56
C LEU A 363 -26.08 32.24 7.77
N THR A 364 -27.39 32.11 7.59
CA THR A 364 -28.32 32.15 8.72
C THR A 364 -28.14 30.98 9.69
N ILE A 365 -27.81 29.81 9.16
CA ILE A 365 -27.45 28.71 10.06
C ILE A 365 -26.16 29.02 10.84
N ILE A 366 -25.20 29.68 10.19
CA ILE A 366 -23.97 30.12 10.89
C ILE A 366 -24.30 31.16 11.96
N ILE A 367 -25.21 32.08 11.65
CA ILE A 367 -25.63 33.12 12.60
C ILE A 367 -26.30 32.50 13.82
N ALA A 368 -27.11 31.46 13.59
CA ALA A 368 -27.76 30.76 14.70
C ALA A 368 -26.73 30.05 15.58
N HIS A 369 -25.75 29.37 14.99
CA HIS A 369 -24.70 28.76 15.81
C HIS A 369 -23.84 29.80 16.53
N HIS A 370 -23.65 30.98 15.94
CA HIS A 370 -22.79 31.95 16.59
C HIS A 370 -23.47 32.70 17.72
N MET A 371 -24.75 32.97 17.58
CA MET A 371 -25.38 33.82 18.57
C MET A 371 -25.76 33.07 19.84
N TYR A 372 -25.78 31.74 19.85
CA TYR A 372 -26.04 31.12 21.15
C TYR A 372 -24.76 31.10 21.96
N ALA A 373 -23.64 30.84 21.32
CA ALA A 373 -22.38 30.58 22.00
C ALA A 373 -21.63 31.86 22.34
N MET A 374 -21.86 32.92 21.58
CA MET A 374 -21.25 34.23 21.83
C MET A 374 -22.37 35.26 21.89
N PRO A 375 -23.12 35.31 23.00
CA PRO A 375 -24.36 36.11 23.02
C PRO A 375 -24.06 37.60 22.95
N PRO A 376 -24.56 38.27 21.93
CA PRO A 376 -24.15 39.66 21.68
C PRO A 376 -24.85 40.67 22.55
N TYR A 377 -26.01 40.43 22.84
CA TYR A 377 -26.88 41.44 23.40
C TYR A 377 -26.87 41.38 24.93
N PRO A 378 -27.05 42.51 25.59
CA PRO A 378 -27.08 42.52 27.06
C PRO A 378 -28.29 41.76 27.59
N TYR A 379 -28.04 40.88 28.56
CA TYR A 379 -29.05 40.07 29.25
C TYR A 379 -29.81 39.18 28.29
N LEU A 380 -29.11 38.68 27.27
CA LEU A 380 -29.63 37.73 26.31
C LEU A 380 -29.38 36.30 26.74
N ALA A 381 -28.18 36.03 27.28
CA ALA A 381 -27.77 34.66 27.57
C ALA A 381 -28.51 34.09 28.77
N THR A 382 -28.94 34.94 29.69
CA THR A 382 -29.67 34.44 30.84
C THR A 382 -31.15 34.23 30.52
N ASP A 383 -31.63 34.75 29.39
CA ASP A 383 -33.00 34.60 28.94
C ASP A 383 -33.07 33.36 28.06
N TYR A 384 -33.30 32.21 28.70
CA TYR A 384 -33.19 30.92 28.01
C TYR A 384 -34.28 30.74 26.96
N ALA A 385 -35.41 31.42 27.12
CA ALA A 385 -36.47 31.36 26.12
C ALA A 385 -36.04 32.03 24.82
N THR A 386 -35.42 33.20 24.93
CA THR A 386 -34.92 33.87 23.73
C THR A 386 -33.78 33.10 23.09
N GLN A 387 -32.89 32.51 23.92
CA GLN A 387 -31.78 31.74 23.41
C GLN A 387 -32.23 30.50 22.65
N LEU A 388 -33.25 29.81 23.15
CA LEU A 388 -33.80 28.69 22.41
C LEU A 388 -34.49 29.16 21.12
N CYS A 389 -35.30 30.20 21.22
CA CYS A 389 -36.18 30.54 20.10
C CYS A 389 -35.44 31.17 18.93
N ILE A 390 -34.45 32.04 19.18
CA ILE A 390 -33.79 32.67 18.03
C ILE A 390 -32.87 31.69 17.31
N PHE A 391 -32.28 30.74 18.05
CA PHE A 391 -31.52 29.65 17.45
C PHE A 391 -32.39 28.83 16.51
N THR A 392 -33.52 28.34 17.02
CA THR A 392 -34.34 27.48 16.18
C THR A 392 -34.97 28.24 15.02
N HIS A 393 -35.34 29.51 15.25
CA HIS A 393 -35.89 30.35 14.21
C HIS A 393 -34.93 30.54 13.05
N HIS A 394 -33.69 30.88 13.34
CA HIS A 394 -32.76 31.10 12.25
C HIS A 394 -32.28 29.81 11.62
N ILE A 395 -32.31 28.68 12.33
CA ILE A 395 -32.03 27.44 11.65
C ILE A 395 -33.14 27.05 10.68
N TRP A 396 -34.41 27.33 11.03
CA TRP A 396 -35.48 27.04 10.07
C TRP A 396 -35.43 27.97 8.86
N ILE A 397 -35.11 29.25 9.07
CA ILE A 397 -34.94 30.16 7.94
C ILE A 397 -33.80 29.69 7.04
N GLY A 398 -32.72 29.18 7.65
CA GLY A 398 -31.62 28.64 6.87
C GLY A 398 -31.99 27.45 6.01
N GLY A 399 -32.71 26.49 6.60
CA GLY A 399 -33.07 25.30 5.86
C GLY A 399 -34.01 25.58 4.71
N PHE A 400 -35.01 26.45 4.93
CA PHE A 400 -35.91 26.84 3.85
C PHE A 400 -35.18 27.56 2.73
N LEU A 401 -34.27 28.47 3.05
CA LEU A 401 -33.56 29.19 1.98
C LEU A 401 -32.63 28.27 1.21
N ILE A 402 -32.05 27.26 1.87
CA ILE A 402 -31.18 26.32 1.17
C ILE A 402 -31.97 25.45 0.19
N VAL A 403 -33.14 24.96 0.61
CA VAL A 403 -34.02 24.23 -0.32
C VAL A 403 -34.48 25.12 -1.46
N GLY A 404 -34.62 26.42 -1.19
CA GLY A 404 -34.93 27.36 -2.26
C GLY A 404 -33.82 27.53 -3.26
N GLY A 405 -32.57 27.52 -2.77
CA GLY A 405 -31.43 27.60 -3.67
C GLY A 405 -31.34 26.38 -4.55
N ALA A 406 -31.69 25.22 -4.02
CA ALA A 406 -31.74 24.01 -4.85
C ALA A 406 -32.85 24.08 -5.89
N ALA A 407 -34.02 24.60 -5.50
CA ALA A 407 -35.13 24.79 -6.44
C ALA A 407 -34.74 25.70 -7.59
N HIS A 408 -34.06 26.80 -7.30
CA HIS A 408 -33.73 27.72 -8.37
C HIS A 408 -32.52 27.30 -9.18
N ALA A 409 -31.64 26.48 -8.60
CA ALA A 409 -30.63 25.82 -9.40
C ALA A 409 -31.27 24.91 -10.44
N ALA A 410 -32.29 24.14 -10.02
CA ALA A 410 -32.97 23.28 -10.97
C ALA A 410 -33.78 24.06 -12.00
N ILE A 411 -34.32 25.22 -11.62
CA ILE A 411 -35.07 26.04 -12.58
C ILE A 411 -34.14 26.67 -13.60
N PHE A 412 -32.95 27.12 -13.17
CA PHE A 412 -31.88 27.48 -14.10
C PHE A 412 -31.57 26.34 -15.06
N MET A 413 -31.43 25.12 -14.54
CA MET A 413 -31.02 24.00 -15.38
C MET A 413 -32.08 23.63 -16.40
N VAL A 414 -33.35 23.78 -16.07
CA VAL A 414 -34.40 23.50 -17.04
C VAL A 414 -34.53 24.65 -18.05
N ARG A 415 -34.70 25.87 -17.57
CA ARG A 415 -35.03 26.99 -18.45
C ARG A 415 -33.81 27.66 -19.07
N ASP A 416 -32.89 28.13 -18.25
CA ASP A 416 -31.86 29.06 -18.69
C ASP A 416 -30.54 28.40 -19.06
N TYR A 417 -30.42 27.09 -18.90
CA TYR A 417 -29.18 26.41 -19.21
C TYR A 417 -28.94 26.39 -20.71
N ASP A 418 -27.75 26.82 -21.12
CA ASP A 418 -27.37 26.87 -22.52
C ASP A 418 -26.17 25.98 -22.72
N PRO A 419 -26.27 24.94 -23.55
CA PRO A 419 -25.11 24.06 -23.78
C PRO A 419 -23.97 24.72 -24.54
N VAL A 420 -24.24 25.83 -25.23
CA VAL A 420 -23.22 26.53 -26.00
C VAL A 420 -22.34 27.36 -25.07
N VAL A 421 -22.93 27.98 -24.06
CA VAL A 421 -22.15 28.72 -23.07
C VAL A 421 -21.38 27.76 -22.17
N ASN A 422 -22.02 26.68 -21.76
CA ASN A 422 -21.49 25.74 -20.78
C ASN A 422 -20.99 24.52 -21.52
N GLN A 423 -19.80 24.63 -22.07
CA GLN A 423 -19.26 23.63 -22.98
C GLN A 423 -17.87 23.26 -22.49
N ASN A 424 -17.74 22.07 -21.91
CA ASN A 424 -16.53 21.54 -21.27
C ASN A 424 -16.06 22.42 -20.11
N ASN A 425 -16.96 23.14 -19.44
CA ASN A 425 -16.61 23.84 -18.22
C ASN A 425 -16.99 22.98 -17.02
N VAL A 426 -16.91 23.53 -15.81
CA VAL A 426 -17.18 22.75 -14.61
C VAL A 426 -18.65 22.34 -14.50
N LEU A 427 -19.57 23.15 -15.03
CA LEU A 427 -20.98 22.75 -15.04
C LEU A 427 -21.24 21.63 -16.04
N ASP A 428 -20.67 21.76 -17.24
CA ASP A 428 -20.81 20.71 -18.24
C ASP A 428 -20.10 19.43 -17.82
N ARG A 429 -19.00 19.55 -17.09
CA ARG A 429 -18.34 18.34 -16.64
C ARG A 429 -19.07 17.70 -15.47
N VAL A 430 -19.75 18.47 -14.60
CA VAL A 430 -20.52 17.78 -13.55
C VAL A 430 -21.77 17.14 -14.12
N ILE A 431 -22.33 17.70 -15.19
CA ILE A 431 -23.44 17.01 -15.85
C ILE A 431 -22.99 15.68 -16.41
N ARG A 432 -21.83 15.64 -17.06
CA ARG A 432 -21.39 14.44 -17.74
C ARG A 432 -20.81 13.38 -16.81
N HIS A 433 -20.80 13.56 -15.50
CA HIS A 433 -20.50 12.42 -14.65
C HIS A 433 -21.46 12.37 -13.48
N ARG A 434 -22.72 12.73 -13.73
CA ARG A 434 -23.72 12.86 -12.66
C ARG A 434 -24.06 11.51 -12.02
N ASP A 435 -23.93 10.41 -12.77
CA ASP A 435 -24.17 9.08 -12.22
C ASP A 435 -23.13 8.71 -11.17
N ALA A 436 -21.87 9.09 -11.37
CA ALA A 436 -20.82 8.80 -10.39
C ALA A 436 -21.04 9.61 -9.11
N ILE A 437 -21.39 10.89 -9.25
CA ILE A 437 -21.68 11.74 -8.09
C ILE A 437 -22.85 11.20 -7.30
N ILE A 438 -23.94 10.88 -7.98
CA ILE A 438 -25.16 10.48 -7.29
C ILE A 438 -25.05 9.08 -6.71
N SER A 439 -24.36 8.15 -7.37
CA SER A 439 -24.22 6.82 -6.77
C SER A 439 -23.27 6.81 -5.59
N HIS A 440 -22.22 7.63 -5.61
CA HIS A 440 -21.37 7.73 -4.41
C HIS A 440 -22.08 8.44 -3.28
N LEU A 441 -22.94 9.40 -3.58
CA LEU A 441 -23.70 10.05 -2.51
C LEU A 441 -24.74 9.10 -1.93
N ASN A 442 -25.36 8.28 -2.78
CA ASN A 442 -26.22 7.18 -2.34
C ASN A 442 -25.48 6.27 -1.36
N TRP A 443 -24.26 5.85 -1.72
CA TRP A 443 -23.44 5.01 -0.84
C TRP A 443 -23.17 5.70 0.49
N VAL A 444 -22.76 6.97 0.44
CA VAL A 444 -22.46 7.75 1.63
C VAL A 444 -23.66 7.83 2.55
N CYS A 445 -24.84 8.09 1.99
CA CYS A 445 -26.06 8.22 2.78
C CYS A 445 -26.43 6.90 3.44
N ILE A 446 -26.25 5.77 2.73
CA ILE A 446 -26.55 4.49 3.35
C ILE A 446 -25.55 4.18 4.47
N PHE A 447 -24.26 4.47 4.24
CA PHE A 447 -23.22 4.28 5.25
C PHE A 447 -23.49 5.10 6.51
N LEU A 448 -23.83 6.38 6.33
CA LEU A 448 -24.11 7.27 7.44
C LEU A 448 -25.39 6.87 8.17
N GLY A 449 -26.39 6.36 7.44
CA GLY A 449 -27.59 5.88 8.09
C GLY A 449 -27.34 4.67 8.97
N PHE A 450 -26.68 3.64 8.43
CA PHE A 450 -26.31 2.45 9.22
C PHE A 450 -25.48 2.81 10.45
N HIS A 451 -24.44 3.59 10.28
CA HIS A 451 -23.52 3.85 11.38
C HIS A 451 -23.85 5.11 12.17
N SER A 452 -25.02 5.68 11.98
CA SER A 452 -25.55 6.63 12.93
C SER A 452 -26.79 6.07 13.60
N PHE A 453 -27.83 5.75 12.83
CA PHE A 453 -29.08 5.30 13.42
C PHE A 453 -29.02 3.86 13.88
N GLY A 454 -28.33 2.96 13.16
CA GLY A 454 -28.18 1.60 13.63
C GLY A 454 -27.44 1.48 14.94
N LEU A 455 -26.61 2.47 15.29
CA LEU A 455 -25.99 2.46 16.61
C LEU A 455 -27.01 2.78 17.70
N TYR A 456 -27.97 3.66 17.40
CA TYR A 456 -29.09 3.88 18.30
C TYR A 456 -29.97 2.64 18.43
N ILE A 457 -30.15 1.91 17.33
CA ILE A 457 -30.97 0.71 17.40
C ILE A 457 -30.26 -0.38 18.19
N HIS A 458 -28.95 -0.51 17.99
CA HIS A 458 -28.11 -1.34 18.85
C HIS A 458 -28.26 -0.97 20.32
N ASN A 459 -28.21 0.34 20.63
CA ASN A 459 -28.33 0.78 22.02
C ASN A 459 -29.70 0.47 22.61
N ASP A 460 -30.77 0.72 21.86
CA ASP A 460 -32.12 0.33 22.26
C ASP A 460 -32.21 -1.14 22.58
N THR A 461 -31.66 -1.97 21.71
CA THR A 461 -31.84 -3.40 21.85
C THR A 461 -30.99 -3.94 22.98
N MET A 462 -29.75 -3.46 23.11
CA MET A 462 -28.90 -3.85 24.22
C MET A 462 -29.42 -3.37 25.55
N ARG A 463 -30.04 -2.20 25.59
CA ARG A 463 -30.58 -1.72 26.86
C ARG A 463 -31.85 -2.46 27.22
N ALA A 464 -32.69 -2.77 26.23
CA ALA A 464 -33.90 -3.55 26.47
C ALA A 464 -33.61 -4.99 26.83
N LEU A 465 -32.57 -5.60 26.24
CA LEU A 465 -32.17 -6.97 26.55
C LEU A 465 -31.38 -7.07 27.84
N GLY A 466 -31.33 -6.02 28.64
CA GLY A 466 -30.61 -6.04 29.89
C GLY A 466 -29.11 -6.12 29.76
N ARG A 467 -28.53 -5.53 28.72
CA ARG A 467 -27.11 -5.65 28.43
C ARG A 467 -26.45 -4.29 28.23
N PRO A 468 -26.46 -3.40 29.24
CA PRO A 468 -25.92 -2.05 29.02
C PRO A 468 -24.40 -1.99 28.94
N GLN A 469 -23.71 -3.09 29.23
CA GLN A 469 -22.28 -3.16 29.03
C GLN A 469 -21.90 -3.34 27.57
N ASP A 470 -22.88 -3.54 26.69
CA ASP A 470 -22.67 -3.71 25.27
C ASP A 470 -23.15 -2.51 24.47
N MET A 471 -23.48 -1.41 25.12
CA MET A 471 -23.98 -0.26 24.41
C MET A 471 -22.81 0.56 23.85
N PHE A 472 -23.12 1.46 22.94
CA PHE A 472 -22.20 2.51 22.56
C PHE A 472 -22.53 3.69 23.46
N SER A 473 -21.77 3.84 24.54
CA SER A 473 -22.00 4.92 25.50
C SER A 473 -20.67 5.29 26.14
N ASP A 474 -20.72 6.15 27.15
CA ASP A 474 -19.52 6.57 27.86
C ASP A 474 -19.09 5.57 28.93
N THR A 475 -19.97 4.66 29.35
CA THR A 475 -19.66 3.68 30.38
C THR A 475 -19.54 2.27 29.80
N ALA A 476 -19.36 2.18 28.50
CA ALA A 476 -19.39 0.93 27.74
C ALA A 476 -18.44 1.15 26.58
N ILE A 477 -18.68 0.50 25.44
CA ILE A 477 -17.97 0.79 24.20
C ILE A 477 -18.08 2.29 23.89
N GLN A 478 -16.96 2.98 23.83
CA GLN A 478 -16.97 4.43 23.74
C GLN A 478 -16.70 4.89 22.32
N LEU A 479 -17.32 6.00 21.95
CA LEU A 479 -17.05 6.69 20.69
C LEU A 479 -16.75 8.13 21.05
N GLN A 480 -15.49 8.43 21.35
CA GLN A 480 -15.26 9.81 21.77
C GLN A 480 -15.01 10.70 20.56
N PRO A 481 -15.48 11.94 20.59
CA PRO A 481 -15.22 12.85 19.47
C PRO A 481 -13.86 13.52 19.57
N VAL A 482 -12.81 12.77 19.24
CA VAL A 482 -11.43 13.16 19.56
C VAL A 482 -11.02 14.43 18.82
N PHE A 483 -11.52 14.60 17.61
CA PHE A 483 -11.16 15.75 16.78
C PHE A 483 -11.83 17.02 17.27
N ALA A 484 -13.11 16.94 17.65
CA ALA A 484 -13.80 18.11 18.15
C ALA A 484 -13.29 18.51 19.54
N GLN A 485 -12.93 17.51 20.36
CA GLN A 485 -12.31 17.79 21.64
C GLN A 485 -10.94 18.44 21.49
N TRP A 486 -10.18 18.03 20.46
CA TRP A 486 -8.90 18.66 20.16
C TRP A 486 -9.05 20.11 19.71
N VAL A 487 -10.03 20.37 18.85
CA VAL A 487 -10.29 21.74 18.39
C VAL A 487 -10.74 22.64 19.54
N GLN A 488 -11.56 22.12 20.45
CA GLN A 488 -11.96 22.91 21.61
C GLN A 488 -10.81 23.14 22.58
N ASN A 489 -9.87 22.20 22.66
CA ASN A 489 -8.66 22.45 23.44
C ASN A 489 -7.84 23.58 22.83
N LEU A 490 -7.73 23.61 21.49
CA LEU A 490 -6.99 24.68 20.82
C LEU A 490 -7.65 26.03 21.01
N HIS A 491 -8.97 26.05 21.14
CA HIS A 491 -9.67 27.30 21.38
C HIS A 491 -9.57 27.76 22.82
N THR A 492 -9.52 26.83 23.77
CA THR A 492 -9.36 27.21 25.17
C THR A 492 -7.98 27.82 25.41
N LEU A 493 -6.96 27.30 24.74
CA LEU A 493 -5.59 27.71 24.94
C LEU A 493 -5.14 28.83 24.02
N ALA A 494 -6.05 29.43 23.29
CA ALA A 494 -5.70 30.52 22.38
C ALA A 494 -5.35 31.86 23.03
N PRO A 495 -6.03 32.35 24.10
CA PRO A 495 -5.58 33.62 24.69
C PRO A 495 -4.21 33.50 25.34
N GLY A 496 -3.31 34.42 24.96
CA GLY A 496 -1.94 34.38 25.37
C GLY A 496 -1.05 33.50 24.53
N GLY A 497 -1.60 32.52 23.83
CA GLY A 497 -0.84 31.61 23.02
C GLY A 497 -0.91 31.98 21.56
N THR A 498 -1.79 31.32 20.81
CA THR A 498 -1.94 31.69 19.41
C THR A 498 -2.62 33.04 19.25
N ALA A 499 -3.53 33.42 20.14
CA ALA A 499 -4.04 34.79 20.10
C ALA A 499 -3.55 35.54 21.33
N PRO A 500 -2.41 36.23 21.25
CA PRO A 500 -1.83 36.81 22.47
C PRO A 500 -2.57 38.02 22.97
N ASN A 501 -3.19 38.80 22.10
CA ASN A 501 -3.90 40.01 22.51
C ASN A 501 -5.36 39.75 22.85
N ALA A 502 -5.74 38.51 23.10
CA ALA A 502 -7.05 38.20 23.65
C ALA A 502 -6.90 37.77 25.10
N LEU A 503 -7.85 38.17 25.93
CA LEU A 503 -7.75 37.88 27.36
C LEU A 503 -8.50 36.61 27.73
N GLU A 504 -9.74 36.51 27.29
CA GLU A 504 -10.60 35.38 27.49
C GLU A 504 -10.86 34.71 26.14
N PRO A 505 -11.28 33.44 26.12
CA PRO A 505 -11.59 32.80 24.85
C PRO A 505 -12.80 33.43 24.17
N VAL A 506 -12.93 33.08 22.89
CA VAL A 506 -13.97 33.65 22.03
C VAL A 506 -15.35 33.31 22.56
N SER A 507 -15.57 32.05 22.90
CA SER A 507 -16.77 31.62 23.59
C SER A 507 -16.38 30.80 24.80
N TYR A 508 -17.28 30.74 25.77
CA TYR A 508 -17.09 29.79 26.85
C TYR A 508 -17.56 28.40 26.50
N ALA A 509 -18.13 28.21 25.31
CA ALA A 509 -18.54 26.89 24.87
C ALA A 509 -17.36 25.96 24.66
N PHE A 510 -16.18 26.52 24.33
CA PHE A 510 -15.00 25.69 24.17
C PHE A 510 -14.35 25.42 25.52
N GLY A 511 -14.25 26.44 26.35
CA GLY A 511 -13.62 26.34 27.65
C GLY A 511 -13.53 27.72 28.27
N GLY A 512 -12.94 27.77 29.45
CA GLY A 512 -12.71 29.01 30.15
C GLY A 512 -13.52 29.20 31.42
N GLY A 513 -14.50 28.36 31.69
CA GLY A 513 -15.19 28.37 32.96
C GLY A 513 -16.59 28.92 32.85
N VAL A 514 -17.35 28.70 33.93
CA VAL A 514 -18.74 29.12 34.00
C VAL A 514 -18.79 30.63 34.22
N LEU A 515 -19.56 31.31 33.38
CA LEU A 515 -19.90 32.71 33.63
C LEU A 515 -21.37 32.76 34.04
N ALA A 516 -21.60 33.14 35.30
CA ALA A 516 -22.95 33.23 35.86
C ALA A 516 -23.41 34.67 35.86
N VAL A 517 -24.67 34.88 35.49
CA VAL A 517 -25.32 36.19 35.54
C VAL A 517 -26.66 36.00 36.21
N GLY A 518 -26.84 36.64 37.37
CA GLY A 518 -28.08 36.55 38.09
C GLY A 518 -28.43 35.16 38.60
N GLY A 519 -27.42 34.38 38.98
CA GLY A 519 -27.64 33.04 39.46
C GLY A 519 -27.77 31.98 38.40
N LYS A 520 -27.99 32.35 37.14
CA LYS A 520 -28.14 31.40 36.06
C LYS A 520 -26.88 31.37 35.20
N VAL A 521 -26.67 30.25 34.51
CA VAL A 521 -25.50 30.10 33.64
C VAL A 521 -25.73 30.91 32.37
N ALA A 522 -24.80 31.82 32.08
CA ALA A 522 -24.82 32.47 30.78
C ALA A 522 -24.23 31.55 29.72
N MET A 523 -23.02 31.06 29.95
CA MET A 523 -22.39 30.08 29.08
C MET A 523 -21.31 29.36 29.86
N MET A 524 -21.17 28.07 29.60
CA MET A 524 -20.20 27.23 30.26
C MET A 524 -19.67 26.27 29.21
N PRO A 525 -18.56 25.54 29.45
CA PRO A 525 -18.07 24.59 28.45
C PRO A 525 -19.04 23.46 28.15
N ILE A 526 -19.20 23.20 26.86
CA ILE A 526 -20.07 22.15 26.36
C ILE A 526 -19.20 20.95 26.10
N ALA A 527 -19.19 19.99 27.02
CA ALA A 527 -18.38 18.80 26.86
C ALA A 527 -18.98 17.87 25.83
N LEU A 528 -18.12 17.23 25.04
CA LEU A 528 -18.55 16.36 23.96
C LEU A 528 -18.20 14.92 24.29
N GLY A 529 -19.14 14.01 24.09
CA GLY A 529 -18.92 12.61 24.39
C GLY A 529 -19.57 11.72 23.36
N THR A 530 -19.90 10.48 23.75
CA THR A 530 -20.43 9.51 22.80
C THR A 530 -21.79 9.94 22.25
N ALA A 531 -22.66 10.48 23.10
CA ALA A 531 -23.96 10.98 22.64
C ALA A 531 -23.81 12.13 21.66
N ASP A 532 -22.78 12.95 21.85
CA ASP A 532 -22.52 14.06 20.94
C ASP A 532 -21.93 13.58 19.62
N PHE A 533 -21.09 12.54 19.69
CA PHE A 533 -20.58 11.86 18.50
C PHE A 533 -21.74 11.32 17.65
N LEU A 534 -22.66 10.60 18.31
CA LEU A 534 -23.79 9.99 17.64
C LEU A 534 -24.69 11.03 17.00
N ILE A 535 -24.97 12.11 17.72
CA ILE A 535 -25.93 13.07 17.16
C ILE A 535 -25.30 13.89 16.03
N HIS A 536 -23.98 14.15 16.09
CA HIS A 536 -23.36 14.84 14.95
C HIS A 536 -23.32 13.96 13.72
N HIS A 537 -23.25 12.65 13.88
CA HIS A 537 -23.37 11.81 12.69
C HIS A 537 -24.80 11.64 12.21
N ILE A 538 -25.79 11.74 13.11
CA ILE A 538 -27.19 11.90 12.67
C ILE A 538 -27.31 13.13 11.78
N HIS A 539 -26.69 14.23 12.18
CA HIS A 539 -26.74 15.47 11.43
C HIS A 539 -26.08 15.33 10.08
N ALA A 540 -24.90 14.71 10.04
CA ALA A 540 -24.20 14.43 8.80
C ALA A 540 -25.05 13.58 7.85
N PHE A 541 -25.69 12.55 8.39
CA PHE A 541 -26.59 11.70 7.62
C PHE A 541 -27.77 12.47 7.03
N THR A 542 -28.46 13.23 7.85
CA THR A 542 -29.69 13.85 7.37
C THR A 542 -29.42 14.98 6.39
N ILE A 543 -28.30 15.71 6.57
CA ILE A 543 -27.90 16.70 5.57
C ILE A 543 -27.50 16.03 4.27
N HIS A 544 -26.70 14.95 4.32
CA HIS A 544 -26.28 14.26 3.10
C HIS A 544 -27.46 13.68 2.34
N VAL A 545 -28.50 13.21 3.03
CA VAL A 545 -29.66 12.70 2.33
C VAL A 545 -30.43 13.82 1.64
N THR A 546 -30.63 14.94 2.37
CA THR A 546 -31.22 16.14 1.77
C THR A 546 -30.43 16.62 0.55
N VAL A 547 -29.10 16.60 0.64
CA VAL A 547 -28.24 16.98 -0.48
C VAL A 547 -28.38 15.99 -1.63
N LEU A 548 -28.54 14.70 -1.30
CA LEU A 548 -28.77 13.69 -2.34
C LEU A 548 -30.03 13.98 -3.14
N ILE A 549 -31.13 14.27 -2.45
CA ILE A 549 -32.40 14.54 -3.10
C ILE A 549 -32.32 15.80 -3.96
N LEU A 550 -31.76 16.87 -3.40
CA LEU A 550 -31.74 18.15 -4.11
C LEU A 550 -30.73 18.16 -5.26
N LEU A 551 -29.54 17.60 -5.04
CA LEU A 551 -28.53 17.51 -6.08
C LEU A 551 -28.97 16.58 -7.18
N LYS A 552 -29.66 15.49 -6.84
CA LYS A 552 -30.22 14.59 -7.84
C LYS A 552 -31.26 15.31 -8.68
N GLY A 553 -32.09 16.14 -8.06
CA GLY A 553 -33.05 16.92 -8.82
C GLY A 553 -32.44 18.01 -9.68
N VAL A 554 -31.27 18.51 -9.30
CA VAL A 554 -30.65 19.52 -10.12
C VAL A 554 -29.85 18.89 -11.26
N LEU A 555 -29.14 17.79 -11.00
CA LEU A 555 -28.34 17.17 -12.05
C LEU A 555 -29.21 16.41 -13.05
N PHE A 556 -30.36 15.90 -12.63
CA PHE A 556 -31.24 15.16 -13.51
C PHE A 556 -32.48 15.95 -13.91
N ALA A 557 -32.41 17.28 -13.82
CA ALA A 557 -33.57 18.11 -14.16
C ALA A 557 -33.86 18.10 -15.65
N ARG A 558 -32.85 17.90 -16.49
CA ARG A 558 -33.04 17.95 -17.93
C ARG A 558 -33.27 16.59 -18.56
N SER A 559 -32.77 15.53 -17.95
CA SER A 559 -32.73 14.20 -18.55
C SER A 559 -32.29 13.21 -17.50
N SER A 560 -32.74 11.97 -17.67
CA SER A 560 -32.15 10.83 -16.99
C SER A 560 -32.03 9.71 -18.00
N ARG A 561 -31.65 8.53 -17.53
CA ARG A 561 -31.70 7.34 -18.38
C ARG A 561 -33.13 6.98 -18.72
N LEU A 562 -34.07 7.32 -17.84
CA LEU A 562 -35.45 6.91 -17.98
C LEU A 562 -36.21 7.82 -18.94
N ILE A 563 -36.19 9.12 -18.70
CA ILE A 563 -36.88 10.09 -19.54
C ILE A 563 -35.84 11.02 -20.15
N PRO A 564 -35.55 10.91 -21.45
CA PRO A 564 -34.50 11.73 -22.06
C PRO A 564 -34.89 13.18 -22.23
N ASP A 565 -36.10 13.43 -22.68
CA ASP A 565 -36.56 14.79 -22.94
C ASP A 565 -37.32 15.35 -21.75
N LYS A 566 -36.65 15.37 -20.60
CA LYS A 566 -37.31 15.83 -19.39
C LYS A 566 -37.41 17.36 -19.35
N ALA A 567 -36.44 18.06 -19.95
CA ALA A 567 -36.49 19.51 -19.99
C ALA A 567 -37.53 20.03 -20.98
N ASN A 568 -38.03 19.20 -21.89
CA ASN A 568 -39.19 19.62 -22.67
C ASN A 568 -40.46 19.61 -21.83
N LEU A 569 -40.50 18.77 -20.80
CA LEU A 569 -41.69 18.66 -19.98
C LEU A 569 -41.76 19.77 -18.95
N GLY A 570 -40.67 20.46 -18.68
CA GLY A 570 -40.65 21.61 -17.81
C GLY A 570 -39.89 21.33 -16.52
N PHE A 571 -39.93 22.34 -15.65
CA PHE A 571 -39.44 22.17 -14.30
C PHE A 571 -40.47 21.45 -13.43
N ARG A 572 -41.72 21.80 -13.59
CA ARG A 572 -42.77 21.46 -12.64
C ARG A 572 -43.84 20.70 -13.39
N PHE A 573 -43.82 19.38 -13.27
CA PHE A 573 -44.77 18.53 -13.94
C PHE A 573 -44.92 17.27 -13.11
N PRO A 574 -46.09 16.62 -13.14
CA PRO A 574 -46.33 15.55 -12.17
C PRO A 574 -45.57 14.27 -12.45
N CYS A 575 -45.42 13.90 -13.71
CA CYS A 575 -45.02 12.56 -14.12
C CYS A 575 -44.83 12.52 -15.62
N ASP A 576 -44.62 11.34 -16.18
CA ASP A 576 -44.76 11.10 -17.59
C ASP A 576 -45.50 9.78 -17.79
N GLY A 577 -46.56 9.58 -17.04
CA GLY A 577 -47.42 8.45 -17.22
C GLY A 577 -46.99 7.21 -16.47
N PRO A 578 -47.87 6.22 -16.41
CA PRO A 578 -47.58 4.98 -15.71
C PRO A 578 -46.63 4.05 -16.44
N GLY A 579 -46.20 4.41 -17.63
CA GLY A 579 -45.28 3.59 -18.37
C GLY A 579 -43.87 3.73 -17.88
N ARG A 580 -42.98 2.97 -18.51
CA ARG A 580 -41.59 2.77 -18.10
C ARG A 580 -41.53 2.26 -16.66
N GLY A 581 -42.49 1.41 -16.29
CA GLY A 581 -42.70 1.02 -14.91
C GLY A 581 -43.55 1.97 -14.10
N GLY A 582 -43.66 3.23 -14.50
CA GLY A 582 -44.26 4.27 -13.70
C GLY A 582 -43.26 5.37 -13.45
N THR A 583 -43.55 6.59 -13.87
CA THR A 583 -42.57 7.67 -13.83
C THR A 583 -43.05 8.84 -12.99
N CYS A 584 -43.60 8.55 -11.82
CA CYS A 584 -44.16 9.58 -10.96
C CYS A 584 -43.03 10.35 -10.28
N GLN A 585 -43.17 11.67 -10.18
CA GLN A 585 -42.26 12.55 -9.41
C GLN A 585 -40.83 12.52 -9.95
N VAL A 586 -40.68 12.63 -11.27
CA VAL A 586 -39.34 12.72 -11.85
C VAL A 586 -38.85 14.16 -12.00
N SER A 587 -39.75 15.14 -11.91
CA SER A 587 -39.40 16.54 -12.15
C SER A 587 -38.47 17.07 -11.08
N GLY A 588 -37.83 18.20 -11.37
CA GLY A 588 -37.00 18.87 -10.38
C GLY A 588 -37.82 19.44 -9.24
N TRP A 589 -39.04 19.86 -9.53
CA TRP A 589 -39.98 20.34 -8.52
C TRP A 589 -40.27 19.26 -7.51
N ASP A 590 -40.46 18.03 -7.98
CA ASP A 590 -40.76 16.91 -7.10
C ASP A 590 -39.57 16.53 -6.24
N HIS A 591 -38.36 16.79 -6.72
CA HIS A 591 -37.20 16.65 -5.85
C HIS A 591 -37.15 17.73 -4.79
N VAL A 592 -37.58 18.95 -5.11
CA VAL A 592 -37.70 19.97 -4.06
C VAL A 592 -38.75 19.57 -3.04
N PHE A 593 -39.85 18.99 -3.52
CA PHE A 593 -40.91 18.44 -2.69
C PHE A 593 -40.37 17.39 -1.73
N LEU A 594 -39.69 16.37 -2.26
CA LEU A 594 -39.16 15.31 -1.41
C LEU A 594 -38.05 15.80 -0.49
N GLY A 595 -37.30 16.83 -0.90
CA GLY A 595 -36.23 17.34 -0.08
C GLY A 595 -36.66 18.26 1.04
N LEU A 596 -37.84 18.86 0.91
CA LEU A 596 -38.42 19.64 2.01
C LEU A 596 -38.68 18.80 3.25
N PHE A 597 -39.09 17.54 3.07
CA PHE A 597 -39.29 16.65 4.19
C PHE A 597 -37.98 16.28 4.86
N TRP A 598 -36.94 15.98 4.08
CA TRP A 598 -35.66 15.65 4.69
C TRP A 598 -35.00 16.86 5.31
N MET A 599 -35.21 18.06 4.76
CA MET A 599 -34.81 19.29 5.43
C MET A 599 -35.52 19.44 6.76
N TYR A 600 -36.82 19.17 6.79
CA TYR A 600 -37.59 19.14 8.03
C TYR A 600 -37.04 18.13 9.03
N ASN A 601 -36.74 16.92 8.57
CA ASN A 601 -36.22 15.84 9.41
C ASN A 601 -34.90 16.24 10.05
N SER A 602 -33.98 16.74 9.22
CA SER A 602 -32.66 17.17 9.64
C SER A 602 -32.73 18.30 10.65
N LEU A 603 -33.50 19.35 10.35
CA LEU A 603 -33.48 20.50 11.22
C LEU A 603 -34.29 20.28 12.50
N SER A 604 -35.27 19.37 12.49
CA SER A 604 -35.94 18.99 13.73
C SER A 604 -34.98 18.26 14.65
N ILE A 605 -34.12 17.42 14.09
CA ILE A 605 -33.15 16.73 14.95
C ILE A 605 -32.06 17.71 15.43
N VAL A 606 -31.71 18.70 14.61
CA VAL A 606 -30.74 19.74 15.00
C VAL A 606 -31.27 20.55 16.17
N ILE A 607 -32.53 21.00 16.10
CA ILE A 607 -33.05 21.85 17.17
C ILE A 607 -33.37 21.02 18.41
N PHE A 608 -33.64 19.72 18.25
CA PHE A 608 -33.84 18.88 19.42
C PHE A 608 -32.54 18.60 20.15
N HIS A 609 -31.47 18.28 19.40
CA HIS A 609 -30.11 18.20 19.92
C HIS A 609 -29.76 19.45 20.70
N PHE A 610 -30.02 20.62 20.12
CA PHE A 610 -29.69 21.88 20.76
C PHE A 610 -30.44 22.03 22.08
N SER A 611 -31.76 21.86 22.05
CA SER A 611 -32.59 22.05 23.23
C SER A 611 -32.18 21.14 24.38
N TRP A 612 -31.91 19.88 24.08
CA TRP A 612 -31.65 18.98 25.18
C TRP A 612 -30.20 19.02 25.64
N LYS A 613 -29.26 19.30 24.73
CA LYS A 613 -27.88 19.51 25.13
C LYS A 613 -27.72 20.76 25.99
N MET A 614 -28.43 21.84 25.66
CA MET A 614 -28.31 23.05 26.46
C MET A 614 -29.00 22.90 27.81
N GLN A 615 -30.20 22.31 27.85
CA GLN A 615 -30.88 22.16 29.13
C GLN A 615 -30.24 21.10 30.02
N SER A 616 -29.46 20.20 29.43
CA SER A 616 -28.84 19.16 30.21
C SER A 616 -27.43 19.49 30.64
N ASP A 617 -26.71 20.29 29.86
CA ASP A 617 -25.28 20.43 30.06
C ASP A 617 -24.78 21.86 30.07
N VAL A 618 -25.62 22.85 29.82
CA VAL A 618 -25.18 24.24 29.86
C VAL A 618 -26.05 25.04 30.81
N TRP A 619 -27.33 25.15 30.50
CA TRP A 619 -28.23 26.06 31.20
C TRP A 619 -28.55 25.52 32.59
N GLY A 620 -28.79 26.43 33.52
CA GLY A 620 -29.14 26.04 34.87
C GLY A 620 -28.73 27.10 35.86
N THR A 621 -28.97 26.79 37.13
CA THR A 621 -28.75 27.73 38.21
C THR A 621 -27.41 27.44 38.88
N VAL A 622 -26.70 28.50 39.25
CA VAL A 622 -25.39 28.41 39.87
C VAL A 622 -25.55 28.62 41.36
N ASP A 623 -25.01 27.71 42.16
CA ASP A 623 -25.02 27.86 43.60
C ASP A 623 -24.06 28.98 44.01
N ALA A 624 -24.23 29.47 45.24
CA ALA A 624 -23.35 30.49 45.78
C ALA A 624 -21.92 29.99 45.95
N ALA A 625 -21.75 28.67 46.13
CA ALA A 625 -20.42 28.09 46.12
C ALA A 625 -19.82 28.10 44.73
N GLY A 626 -20.62 27.78 43.71
CA GLY A 626 -20.14 27.72 42.35
C GLY A 626 -20.50 26.42 41.65
N ASN A 627 -21.47 25.69 42.20
CA ASN A 627 -21.92 24.44 41.61
C ASN A 627 -23.03 24.73 40.62
N VAL A 628 -22.95 24.08 39.45
CA VAL A 628 -23.93 24.27 38.39
C VAL A 628 -24.94 23.13 38.47
N SER A 629 -26.22 23.49 38.59
CA SER A 629 -27.32 22.54 38.69
C SER A 629 -28.19 22.71 37.45
N HIS A 630 -28.11 21.77 36.52
CA HIS A 630 -28.74 21.97 35.23
C HIS A 630 -30.23 21.67 35.28
N ILE A 631 -30.92 22.09 34.21
CA ILE A 631 -32.38 22.04 34.16
C ILE A 631 -32.89 20.61 34.10
N THR A 632 -32.39 19.81 33.16
CA THR A 632 -32.77 18.41 33.13
C THR A 632 -31.76 17.52 33.84
N GLY A 633 -30.76 18.11 34.49
CA GLY A 633 -29.95 17.37 35.44
C GLY A 633 -28.91 16.45 34.84
N GLY A 634 -28.37 16.80 33.68
CA GLY A 634 -27.27 16.02 33.11
C GLY A 634 -27.65 14.66 32.59
N ASN A 635 -28.87 14.49 32.08
CA ASN A 635 -29.30 13.19 31.58
C ASN A 635 -29.05 13.00 30.10
N PHE A 636 -28.40 13.95 29.43
CA PHE A 636 -28.11 13.80 28.01
C PHE A 636 -27.10 12.68 27.76
N ALA A 637 -26.16 12.49 28.69
CA ALA A 637 -25.07 11.56 28.47
C ALA A 637 -25.53 10.11 28.39
N GLN A 638 -26.58 9.74 29.12
CA GLN A 638 -27.03 8.38 29.15
C GLN A 638 -28.40 8.15 28.53
N SER A 639 -29.16 9.20 28.25
CA SER A 639 -30.47 9.02 27.63
C SER A 639 -30.53 9.50 26.19
N ALA A 640 -29.56 10.28 25.73
CA ALA A 640 -29.65 10.69 24.34
C ALA A 640 -29.06 9.66 23.39
N ILE A 641 -28.66 8.50 23.90
CA ILE A 641 -28.06 7.45 23.09
C ILE A 641 -29.03 6.36 22.66
N THR A 642 -30.27 6.39 23.13
CA THR A 642 -31.28 5.48 22.61
C THR A 642 -32.44 6.28 22.04
N ILE A 643 -33.28 5.60 21.26
CA ILE A 643 -34.52 6.21 20.79
C ILE A 643 -35.53 6.26 21.92
N ASN A 644 -35.53 5.25 22.81
CA ASN A 644 -36.40 5.27 23.98
C ASN A 644 -36.08 6.44 24.91
N GLY A 645 -34.80 6.80 25.01
CA GLY A 645 -34.43 7.94 25.81
C GLY A 645 -34.93 9.25 25.23
N TRP A 646 -34.74 9.48 23.93
CA TRP A 646 -35.31 10.65 23.27
C TRP A 646 -36.82 10.66 23.29
N LEU A 647 -37.46 9.51 23.28
CA LEU A 647 -38.91 9.49 23.39
C LEU A 647 -39.33 9.94 24.77
N ARG A 648 -38.97 9.17 25.79
CA ARG A 648 -39.33 9.41 27.17
C ARG A 648 -38.79 10.73 27.71
N ASP A 649 -37.48 10.78 27.86
CA ASP A 649 -36.83 11.82 28.64
C ASP A 649 -36.80 13.16 27.94
N PHE A 650 -36.98 13.18 26.63
CA PHE A 650 -37.11 14.45 25.92
C PHE A 650 -38.55 14.75 25.53
N LEU A 651 -39.20 13.92 24.73
CA LEU A 651 -40.50 14.33 24.20
C LEU A 651 -41.59 14.15 25.24
N TRP A 652 -41.53 13.06 26.01
CA TRP A 652 -42.60 12.83 26.97
C TRP A 652 -42.43 13.75 28.17
N ALA A 653 -41.20 13.93 28.62
CA ALA A 653 -40.95 14.65 29.86
C ALA A 653 -41.05 16.14 29.66
N GLN A 654 -40.64 16.66 28.52
CA GLN A 654 -40.65 18.10 28.39
C GLN A 654 -41.94 18.65 27.83
N ALA A 655 -42.81 17.80 27.29
CA ALA A 655 -44.13 18.22 26.88
C ALA A 655 -45.13 18.20 28.02
N SER A 656 -44.67 18.04 29.26
CA SER A 656 -45.53 18.17 30.43
C SER A 656 -46.08 19.57 30.60
N GLN A 657 -45.40 20.59 30.08
CA GLN A 657 -45.84 21.96 30.28
C GLN A 657 -46.78 22.47 29.19
N VAL A 658 -46.82 21.83 28.02
CA VAL A 658 -47.74 22.29 27.00
C VAL A 658 -49.11 21.62 27.14
N ILE A 659 -49.17 20.44 27.75
CA ILE A 659 -50.44 19.74 27.92
C ILE A 659 -51.07 19.98 29.28
N ASN A 660 -50.34 20.54 30.23
CA ASN A 660 -50.88 20.96 31.51
C ASN A 660 -51.15 22.45 31.54
N SER A 661 -51.24 23.08 30.38
CA SER A 661 -51.20 24.52 30.27
C SER A 661 -52.58 25.16 30.20
N TYR A 662 -53.66 24.39 30.23
CA TYR A 662 -54.98 24.99 30.16
C TYR A 662 -55.35 25.69 31.45
N GLY A 663 -56.16 26.72 31.32
CA GLY A 663 -56.52 27.53 32.46
C GLY A 663 -55.38 28.37 33.00
N SER A 664 -54.42 28.73 32.16
CA SER A 664 -53.28 29.52 32.59
C SER A 664 -52.89 30.44 31.44
N ALA A 665 -51.79 31.17 31.64
CA ALA A 665 -51.32 32.12 30.64
C ALA A 665 -50.68 31.46 29.44
N LEU A 666 -50.25 30.20 29.56
CA LEU A 666 -49.63 29.47 28.46
C LEU A 666 -50.60 28.57 27.72
N SER A 667 -51.90 28.82 27.84
CA SER A 667 -52.91 27.93 27.27
C SER A 667 -52.99 28.02 25.76
N ALA A 668 -52.62 29.17 25.18
CA ALA A 668 -52.57 29.28 23.74
C ALA A 668 -51.52 28.36 23.15
N TYR A 669 -50.47 28.05 23.92
CA TYR A 669 -49.45 27.10 23.47
C TYR A 669 -50.00 25.69 23.41
N GLY A 670 -50.84 25.29 24.37
CA GLY A 670 -51.48 23.99 24.29
C GLY A 670 -52.49 23.92 23.15
N LEU A 671 -53.19 25.02 22.90
CA LEU A 671 -54.12 25.09 21.76
C LEU A 671 -53.37 25.00 20.44
N MET A 672 -52.22 25.67 20.34
CA MET A 672 -51.41 25.58 19.14
C MET A 672 -50.79 24.21 18.98
N PHE A 673 -50.48 23.55 20.09
CA PHE A 673 -49.93 22.19 20.07
C PHE A 673 -50.93 21.22 19.45
N LEU A 674 -52.18 21.27 19.91
CA LEU A 674 -53.20 20.39 19.33
C LEU A 674 -53.58 20.81 17.90
N GLY A 675 -53.64 22.12 17.63
CA GLY A 675 -53.98 22.56 16.29
C GLY A 675 -52.90 22.24 15.28
N ALA A 676 -51.66 22.19 15.72
CA ALA A 676 -50.57 21.84 14.84
C ALA A 676 -50.52 20.36 14.56
N HIS A 677 -50.77 19.51 15.57
CA HIS A 677 -50.98 18.09 15.30
C HIS A 677 -52.12 17.87 14.32
N PHE A 678 -53.18 18.69 14.40
CA PHE A 678 -54.27 18.61 13.45
C PHE A 678 -53.82 18.92 12.02
N VAL A 679 -53.12 20.04 11.84
CA VAL A 679 -52.70 20.46 10.50
C VAL A 679 -51.71 19.45 9.91
N TRP A 680 -50.83 18.90 10.76
CA TRP A 680 -49.89 17.86 10.37
C TRP A 680 -50.61 16.62 9.85
N ALA A 681 -51.57 16.12 10.63
CA ALA A 681 -52.32 14.95 10.20
C ALA A 681 -53.17 15.23 8.98
N PHE A 682 -53.67 16.45 8.86
CA PHE A 682 -54.49 16.86 7.74
C PHE A 682 -53.68 16.94 6.45
N SER A 683 -52.35 17.11 6.55
CA SER A 683 -51.48 17.05 5.37
C SER A 683 -51.50 15.70 4.69
N LEU A 684 -51.73 14.64 5.47
CA LEU A 684 -51.53 13.30 4.98
C LEU A 684 -52.64 12.84 4.05
N MET A 685 -53.83 13.44 4.17
CA MET A 685 -54.87 13.25 3.16
C MET A 685 -54.39 13.69 1.78
N PHE A 686 -53.65 14.79 1.72
CA PHE A 686 -53.14 15.26 0.45
C PHE A 686 -51.92 14.47 0.01
N LEU A 687 -51.09 14.04 0.96
CA LEU A 687 -49.87 13.32 0.59
C LEU A 687 -50.16 11.89 0.17
N PHE A 688 -51.09 11.21 0.83
CA PHE A 688 -51.24 9.78 0.60
C PHE A 688 -52.20 9.45 -0.54
N SER A 689 -53.00 10.41 -0.98
CA SER A 689 -54.01 10.17 -2.00
C SER A 689 -53.57 10.76 -3.33
N GLY A 690 -54.41 10.57 -4.34
CA GLY A 690 -54.24 11.19 -5.63
C GLY A 690 -55.56 11.75 -6.11
N ARG A 691 -55.51 12.44 -7.24
CA ARG A 691 -56.64 13.29 -7.60
C ARG A 691 -57.74 12.59 -8.38
N GLY A 692 -57.53 11.36 -8.84
CA GLY A 692 -58.59 10.63 -9.50
C GLY A 692 -59.75 10.33 -8.58
N TYR A 693 -59.45 9.93 -7.33
CA TYR A 693 -60.48 9.78 -6.30
C TYR A 693 -61.26 11.06 -6.10
N TRP A 694 -60.56 12.18 -5.97
CA TRP A 694 -61.20 13.41 -5.56
C TRP A 694 -62.02 14.00 -6.69
N GLN A 695 -61.57 13.81 -7.93
CA GLN A 695 -62.33 14.26 -9.08
C GLN A 695 -63.59 13.41 -9.24
N GLU A 696 -63.48 12.10 -9.00
CA GLU A 696 -64.67 11.25 -9.06
C GLU A 696 -65.67 11.52 -7.94
N LEU A 697 -65.20 11.96 -6.76
CA LEU A 697 -66.15 12.35 -5.71
C LEU A 697 -66.83 13.67 -6.04
N ILE A 698 -66.07 14.60 -6.63
CA ILE A 698 -66.63 15.86 -7.09
C ILE A 698 -67.66 15.65 -8.18
N GLU A 699 -67.54 14.58 -8.97
CA GLU A 699 -68.57 14.26 -9.99
C GLU A 699 -69.95 14.01 -9.36
N SER A 700 -70.01 13.27 -8.26
CA SER A 700 -71.30 13.00 -7.64
C SER A 700 -71.83 14.21 -6.89
N ILE A 701 -70.93 15.03 -6.35
CA ILE A 701 -71.38 16.26 -5.70
C ILE A 701 -71.90 17.28 -6.73
N VAL A 702 -71.25 17.34 -7.90
CA VAL A 702 -71.72 18.16 -9.00
C VAL A 702 -73.04 17.64 -9.55
N TRP A 703 -73.27 16.32 -9.47
CA TRP A 703 -74.60 15.79 -9.79
C TRP A 703 -75.65 16.35 -8.86
N ALA A 704 -75.39 16.33 -7.54
CA ALA A 704 -76.39 16.85 -6.60
C ALA A 704 -76.58 18.34 -6.73
N HIS A 705 -75.62 19.05 -7.32
CA HIS A 705 -75.83 20.47 -7.61
C HIS A 705 -76.58 20.71 -8.91
N ASN A 706 -76.30 19.90 -9.93
CA ASN A 706 -77.07 19.91 -11.16
C ASN A 706 -78.53 19.54 -10.91
N LYS A 707 -78.78 18.73 -9.88
CA LYS A 707 -80.15 18.37 -9.54
C LYS A 707 -80.91 19.55 -8.96
N LEU A 708 -80.29 20.32 -8.08
CA LEU A 708 -80.97 21.44 -7.45
C LEU A 708 -80.69 22.78 -8.13
N LYS A 709 -80.13 22.75 -9.34
CA LYS A 709 -79.85 23.93 -10.16
C LYS A 709 -78.91 24.91 -9.45
N VAL A 710 -77.90 24.38 -8.76
CA VAL A 710 -76.87 25.19 -8.12
C VAL A 710 -75.49 24.81 -8.63
N ALA A 711 -75.39 24.38 -9.87
CA ALA A 711 -74.06 24.06 -10.36
C ALA A 711 -73.38 25.33 -10.87
N PRO A 712 -72.13 25.58 -10.50
CA PRO A 712 -71.44 26.77 -10.96
C PRO A 712 -70.88 26.59 -12.37
N ALA A 713 -70.80 27.71 -13.10
CA ALA A 713 -70.24 27.65 -14.43
C ALA A 713 -68.73 27.47 -14.41
N ILE A 714 -68.06 28.04 -13.41
CA ILE A 714 -66.67 27.67 -13.14
C ILE A 714 -66.69 26.27 -12.55
N GLN A 715 -66.28 25.30 -13.35
CA GLN A 715 -66.57 23.92 -12.99
C GLN A 715 -65.60 23.43 -11.94
N PRO A 716 -66.09 22.66 -10.97
CA PRO A 716 -65.22 22.22 -9.88
C PRO A 716 -64.25 21.14 -10.35
N ARG A 717 -62.97 21.35 -10.04
CA ARG A 717 -61.97 20.36 -10.34
C ARG A 717 -61.21 20.02 -9.07
N ALA A 718 -60.78 18.78 -8.98
CA ALA A 718 -59.84 18.41 -7.94
C ALA A 718 -58.51 19.08 -8.22
N LEU A 719 -57.73 19.28 -7.16
CA LEU A 719 -56.43 19.93 -7.30
C LEU A 719 -55.53 19.12 -8.20
N SER A 720 -54.67 19.82 -8.95
CA SER A 720 -53.69 19.15 -9.78
C SER A 720 -52.71 18.36 -8.93
N ILE A 721 -52.06 17.38 -9.57
CA ILE A 721 -51.15 16.44 -8.90
C ILE A 721 -50.03 17.21 -8.20
N THR A 722 -49.48 18.20 -8.88
CA THR A 722 -48.50 19.09 -8.30
C THR A 722 -49.07 19.91 -7.15
N GLN A 723 -50.30 20.42 -7.30
CA GLN A 723 -50.88 21.21 -6.22
C GLN A 723 -51.20 20.36 -5.01
N GLY A 724 -51.67 19.13 -5.23
CA GLY A 724 -51.88 18.21 -4.13
C GLY A 724 -50.61 17.90 -3.35
N ARG A 725 -49.50 17.71 -4.07
CA ARG A 725 -48.22 17.53 -3.39
C ARG A 725 -47.77 18.79 -2.67
N ALA A 726 -48.01 19.96 -3.27
CA ALA A 726 -47.60 21.23 -2.66
C ALA A 726 -48.36 21.51 -1.37
N VAL A 727 -49.69 21.32 -1.40
CA VAL A 727 -50.53 21.48 -0.21
C VAL A 727 -50.14 20.47 0.86
N GLY A 728 -49.82 19.25 0.46
CA GLY A 728 -49.42 18.25 1.42
C GLY A 728 -48.12 18.57 2.13
N VAL A 729 -47.13 19.06 1.38
CA VAL A 729 -45.87 19.38 2.04
C VAL A 729 -46.00 20.69 2.83
N ALA A 730 -46.87 21.62 2.40
CA ALA A 730 -47.02 22.88 3.13
C ALA A 730 -47.69 22.66 4.47
N HIS A 731 -48.68 21.78 4.50
CA HIS A 731 -49.30 21.46 5.77
C HIS A 731 -48.45 20.55 6.64
N TYR A 732 -47.66 19.66 6.05
CA TYR A 732 -46.77 18.81 6.84
C TYR A 732 -45.74 19.66 7.56
N LEU A 733 -45.12 20.59 6.83
CA LEU A 733 -44.13 21.48 7.42
C LEU A 733 -44.75 22.41 8.44
N LEU A 734 -45.89 23.02 8.08
CA LEU A 734 -46.58 23.94 8.98
C LEU A 734 -46.99 23.27 10.28
N GLY A 735 -47.60 22.07 10.19
CA GLY A 735 -48.00 21.36 11.38
C GLY A 735 -46.85 20.89 12.24
N GLY A 736 -45.80 20.33 11.63
CA GLY A 736 -44.68 19.86 12.42
C GLY A 736 -43.88 20.97 13.08
N ILE A 737 -43.67 22.07 12.36
CA ILE A 737 -42.90 23.18 12.91
C ILE A 737 -43.71 23.91 13.97
N ALA A 738 -45.03 24.04 13.76
CA ALA A 738 -45.85 24.69 14.79
C ALA A 738 -46.00 23.81 16.03
N THR A 739 -45.95 22.49 15.88
CA THR A 739 -45.90 21.60 17.03
C THR A 739 -44.65 21.82 17.85
N THR A 740 -43.49 21.84 17.18
CA THR A 740 -42.24 22.06 17.90
C THR A 740 -42.15 23.46 18.47
N TRP A 741 -42.77 24.42 17.79
CA TRP A 741 -42.84 25.80 18.28
C TRP A 741 -43.59 25.88 19.60
N ALA A 742 -44.79 25.29 19.64
CA ALA A 742 -45.60 25.37 20.85
C ALA A 742 -45.00 24.58 21.99
N PHE A 743 -44.40 23.43 21.66
CA PHE A 743 -43.65 22.62 22.63
C PHE A 743 -42.47 23.38 23.22
N PHE A 744 -41.64 24.00 22.36
CA PHE A 744 -40.47 24.73 22.83
C PHE A 744 -40.86 25.91 23.69
N HIS A 745 -41.82 26.70 23.22
CA HIS A 745 -42.30 27.87 23.96
C HIS A 745 -42.85 27.50 25.33
N ALA A 746 -43.78 26.55 25.38
CA ALA A 746 -44.37 26.21 26.67
C ALA A 746 -43.40 25.52 27.61
N HIS A 747 -42.37 24.83 27.12
CA HIS A 747 -41.41 24.26 28.06
C HIS A 747 -40.41 25.29 28.55
N ILE A 748 -39.91 26.15 27.68
CA ILE A 748 -38.80 27.02 28.05
C ILE A 748 -39.28 28.30 28.70
N LEU A 749 -40.57 28.64 28.57
CA LEU A 749 -41.11 29.73 29.37
C LEU A 749 -41.45 29.28 30.79
N SER A 750 -41.35 28.00 31.08
CA SER A 750 -41.67 27.45 32.39
C SER A 750 -40.45 26.98 33.16
N VAL A 751 -39.47 26.37 32.49
CA VAL A 751 -38.31 25.85 33.21
C VAL A 751 -37.10 26.78 33.14
N GLY A 752 -37.11 27.77 32.25
CA GLY A 752 -35.95 28.59 32.04
C GLY A 752 -36.27 30.07 31.89
N ALA B 14 -93.15 6.06 -11.57
CA ALA B 14 -94.60 5.97 -11.65
C ALA B 14 -95.22 6.13 -10.27
N LYS B 15 -96.55 5.92 -10.20
CA LYS B 15 -97.40 6.11 -9.03
C LYS B 15 -97.23 7.51 -8.43
N PRO B 16 -97.81 8.55 -9.03
CA PRO B 16 -97.64 9.92 -8.50
C PRO B 16 -98.19 10.14 -7.08
N PRO B 17 -99.12 9.31 -6.55
CA PRO B 17 -99.29 9.32 -5.08
C PRO B 17 -98.24 8.53 -4.30
N TYR B 18 -97.54 7.57 -4.93
CA TYR B 18 -96.44 6.80 -4.32
C TYR B 18 -96.91 6.00 -3.11
N THR B 19 -98.01 5.27 -3.28
CA THR B 19 -98.74 4.76 -2.12
C THR B 19 -98.06 3.57 -1.45
N PHE B 20 -97.28 2.77 -2.17
CA PHE B 20 -96.61 1.65 -1.52
C PHE B 20 -95.43 2.12 -0.69
N ARG B 21 -94.65 3.05 -1.21
CA ARG B 21 -93.46 3.48 -0.49
C ARG B 21 -93.78 4.50 0.60
N THR B 22 -94.90 5.22 0.51
CA THR B 22 -95.29 6.08 1.62
C THR B 22 -96.06 5.33 2.68
N GLY B 23 -96.61 4.16 2.37
CA GLY B 23 -97.22 3.35 3.41
C GLY B 23 -96.20 2.84 4.40
N TRP B 24 -95.07 2.33 3.89
CA TRP B 24 -94.02 1.84 4.77
C TRP B 24 -93.27 2.98 5.42
N ALA B 25 -93.16 4.13 4.75
CA ALA B 25 -92.55 5.30 5.38
C ALA B 25 -93.41 5.81 6.53
N LEU B 26 -94.73 5.86 6.33
CA LEU B 26 -95.64 6.23 7.41
C LEU B 26 -95.62 5.21 8.53
N LEU B 27 -95.43 3.93 8.20
CA LEU B 27 -95.38 2.91 9.24
C LEU B 27 -94.11 3.00 10.08
N LEU B 28 -92.96 3.23 9.42
CA LEU B 28 -91.70 3.43 10.14
C LEU B 28 -91.76 4.69 11.00
N LEU B 29 -92.35 5.75 10.47
CA LEU B 29 -92.46 6.98 11.26
C LEU B 29 -93.46 6.83 12.39
N ALA B 30 -94.47 5.97 12.24
CA ALA B 30 -95.40 5.72 13.34
C ALA B 30 -94.75 4.89 14.44
N VAL B 31 -93.91 3.92 14.06
CA VAL B 31 -93.13 3.18 15.05
C VAL B 31 -92.16 4.11 15.77
N ASN B 32 -91.61 5.07 15.04
CA ASN B 32 -90.76 6.10 15.61
C ASN B 32 -91.51 6.94 16.64
N PHE B 33 -92.72 7.39 16.28
CA PHE B 33 -93.55 8.16 17.19
C PHE B 33 -94.01 7.34 18.38
N LEU B 34 -94.15 6.03 18.22
CA LEU B 34 -94.52 5.17 19.34
C LEU B 34 -93.37 5.05 20.32
N VAL B 35 -92.15 4.90 19.83
CA VAL B 35 -90.97 4.87 20.70
C VAL B 35 -90.80 6.21 21.40
N ALA B 36 -91.06 7.31 20.69
CA ALA B 36 -90.99 8.63 21.31
C ALA B 36 -92.12 8.86 22.32
N ALA B 37 -93.27 8.22 22.11
CA ALA B 37 -94.34 8.30 23.09
C ALA B 37 -93.99 7.54 24.36
N TYR B 38 -93.30 6.41 24.22
CA TYR B 38 -92.74 5.78 25.41
C TYR B 38 -91.60 6.59 26.00
N TYR B 39 -90.94 7.43 25.21
CA TYR B 39 -89.84 8.25 25.71
C TYR B 39 -90.35 9.40 26.57
N PHE B 40 -91.32 10.14 26.07
CA PHE B 40 -91.86 11.30 26.79
C PHE B 40 -92.89 10.93 27.84
N HIS B 41 -93.01 9.63 28.17
CA HIS B 41 -93.86 9.11 29.23
C HIS B 41 -95.34 9.43 28.97
N ILE B 42 -95.70 9.50 27.69
CA ILE B 42 -97.09 9.69 27.29
C ILE B 42 -97.87 8.40 27.45
N ILE B 43 -97.31 7.29 26.99
CA ILE B 43 -97.82 5.96 27.25
C ILE B 43 -97.08 5.41 28.45
N GLN B 44 -97.84 4.85 29.40
CA GLN B 44 -97.37 4.31 30.69
C GLN B 44 -96.66 5.37 31.52
N ALA C 2 -45.11 -19.99 -16.91
CA ALA C 2 -44.76 -20.57 -18.19
C ALA C 2 -43.59 -21.55 -18.07
N THR C 3 -42.44 -21.18 -18.65
CA THR C 3 -41.25 -22.00 -18.55
C THR C 3 -40.42 -21.67 -17.30
N LYS C 4 -40.85 -20.68 -16.54
CA LYS C 4 -40.17 -20.30 -15.33
C LYS C 4 -41.17 -19.71 -14.36
N PHE C 5 -40.80 -19.59 -13.11
CA PHE C 5 -41.67 -19.06 -12.07
C PHE C 5 -42.08 -17.60 -12.36
N PRO C 6 -43.37 -17.17 -12.07
CA PRO C 6 -44.30 -18.17 -11.55
C PRO C 6 -44.86 -18.98 -12.69
N LYS C 7 -45.33 -20.19 -12.45
CA LYS C 7 -45.87 -20.99 -13.55
C LYS C 7 -47.31 -20.66 -13.90
N PHE C 8 -47.97 -19.82 -13.10
CA PHE C 8 -49.35 -19.46 -13.37
C PHE C 8 -49.51 -18.29 -14.32
N SER C 9 -48.44 -17.59 -14.66
CA SER C 9 -48.53 -16.39 -15.47
C SER C 9 -47.40 -16.42 -16.48
N GLN C 10 -47.76 -16.49 -17.76
CA GLN C 10 -46.74 -16.38 -18.80
C GLN C 10 -46.28 -14.93 -18.93
N ASP C 11 -47.13 -13.98 -18.55
CA ASP C 11 -46.76 -12.57 -18.65
C ASP C 11 -45.73 -12.20 -17.59
N LEU C 12 -45.87 -12.74 -16.38
CA LEU C 12 -44.89 -12.45 -15.35
C LEU C 12 -43.61 -13.24 -15.57
N ALA C 13 -43.71 -14.47 -16.05
CA ALA C 13 -42.52 -15.29 -16.22
C ALA C 13 -41.61 -14.83 -17.34
N GLN C 14 -42.07 -13.93 -18.22
CA GLN C 14 -41.23 -13.35 -19.25
C GLN C 14 -40.67 -11.99 -18.85
N ASP C 15 -40.95 -11.54 -17.63
CA ASP C 15 -40.45 -10.25 -17.13
C ASP C 15 -39.01 -10.41 -16.70
N PRO C 16 -38.06 -9.64 -17.25
CA PRO C 16 -36.66 -9.79 -16.88
C PRO C 16 -36.25 -9.03 -15.63
N THR C 17 -37.18 -8.53 -14.85
CA THR C 17 -36.90 -7.63 -13.74
C THR C 17 -37.26 -8.30 -12.42
N THR C 18 -37.06 -7.57 -11.31
CA THR C 18 -37.44 -8.03 -9.98
C THR C 18 -38.95 -7.96 -9.77
N ARG C 19 -39.63 -7.21 -10.63
CA ARG C 19 -41.09 -7.12 -10.65
C ARG C 19 -41.75 -8.49 -10.84
N ARG C 20 -41.09 -9.38 -11.59
CA ARG C 20 -41.55 -10.78 -11.74
C ARG C 20 -41.79 -11.44 -10.41
N ILE C 21 -40.79 -11.35 -9.52
CA ILE C 21 -40.85 -11.95 -8.20
C ILE C 21 -41.93 -11.29 -7.35
N TRP C 22 -41.99 -9.95 -7.37
CA TRP C 22 -42.97 -9.26 -6.53
C TRP C 22 -44.41 -9.53 -6.95
N TYR C 23 -44.71 -9.47 -8.26
CA TYR C 23 -46.08 -9.72 -8.68
C TYR C 23 -46.41 -11.20 -8.70
N ALA C 24 -45.42 -12.08 -8.71
CA ALA C 24 -45.72 -13.48 -8.47
C ALA C 24 -46.24 -13.67 -7.05
N MET C 25 -45.52 -13.10 -6.06
CA MET C 25 -45.96 -13.18 -4.67
C MET C 25 -47.33 -12.56 -4.46
N ALA C 26 -47.66 -11.50 -5.19
CA ALA C 26 -48.94 -10.84 -4.96
C ALA C 26 -50.11 -11.43 -5.73
N MET C 27 -49.89 -12.33 -6.69
CA MET C 27 -50.98 -12.86 -7.50
C MET C 27 -51.15 -14.35 -7.31
N GLY C 28 -50.46 -14.94 -6.35
CA GLY C 28 -50.45 -16.38 -6.23
C GLY C 28 -51.76 -16.94 -5.72
N ASN C 29 -52.52 -16.14 -4.99
CA ASN C 29 -53.80 -16.58 -4.47
C ASN C 29 -54.98 -16.01 -5.24
N ASP C 30 -54.73 -15.27 -6.30
CA ASP C 30 -55.80 -14.88 -7.21
C ASP C 30 -55.87 -16.00 -8.25
N PHE C 31 -56.70 -17.01 -7.97
CA PHE C 31 -56.70 -18.21 -8.82
C PHE C 31 -57.31 -17.92 -10.17
N GLU C 32 -58.21 -16.95 -10.24
CA GLU C 32 -58.93 -16.62 -11.46
C GLU C 32 -58.03 -16.06 -12.54
N SER C 33 -56.99 -15.33 -12.16
CA SER C 33 -56.10 -14.70 -13.12
C SER C 33 -54.95 -15.61 -13.55
N HIS C 34 -55.01 -16.89 -13.20
CA HIS C 34 -53.95 -17.80 -13.59
C HIS C 34 -54.17 -18.30 -15.01
N ASP C 35 -53.12 -18.87 -15.60
CA ASP C 35 -53.17 -19.28 -17.00
C ASP C 35 -54.05 -20.51 -17.18
N GLY C 36 -55.06 -20.39 -18.03
CA GLY C 36 -55.89 -21.52 -18.34
C GLY C 36 -56.83 -21.94 -17.23
N MET C 37 -57.22 -21.01 -16.38
CA MET C 37 -58.18 -21.34 -15.34
C MET C 37 -59.56 -21.50 -15.97
N THR C 38 -60.21 -22.61 -15.68
CA THR C 38 -61.60 -22.81 -16.01
C THR C 38 -62.43 -22.58 -14.75
N GLU C 39 -63.74 -22.54 -14.90
CA GLU C 39 -64.59 -22.31 -13.74
C GLU C 39 -64.64 -23.53 -12.84
N GLU C 40 -64.66 -24.72 -13.43
CA GLU C 40 -64.71 -25.96 -12.65
C GLU C 40 -63.42 -26.16 -11.87
N ASN C 41 -62.27 -25.99 -12.54
CA ASN C 41 -60.97 -26.08 -11.87
C ASN C 41 -60.82 -25.00 -10.81
N LEU C 42 -61.43 -23.83 -11.05
CA LEU C 42 -61.45 -22.77 -10.04
C LEU C 42 -62.12 -23.24 -8.77
N TYR C 43 -63.34 -23.80 -8.87
CA TYR C 43 -64.02 -24.15 -7.63
C TYR C 43 -63.42 -25.37 -6.97
N GLN C 44 -62.80 -26.27 -7.77
CA GLN C 44 -62.13 -27.43 -7.21
C GLN C 44 -60.88 -27.04 -6.43
N LYS C 45 -60.12 -26.08 -6.95
CA LYS C 45 -58.93 -25.62 -6.25
C LYS C 45 -59.29 -24.85 -4.99
N ILE C 46 -60.32 -24.00 -5.06
CA ILE C 46 -60.78 -23.27 -3.89
C ILE C 46 -61.27 -24.21 -2.80
N PHE C 47 -61.97 -25.28 -3.19
CA PHE C 47 -62.48 -26.22 -2.21
C PHE C 47 -61.36 -26.98 -1.50
N ALA C 48 -60.29 -27.34 -2.23
CA ALA C 48 -59.17 -27.99 -1.53
C ALA C 48 -58.33 -27.03 -0.68
N THR C 49 -58.18 -25.77 -1.12
CA THR C 49 -57.45 -24.82 -0.28
C THR C 49 -58.21 -24.47 0.99
N HIS C 50 -59.54 -24.62 1.00
CA HIS C 50 -60.25 -24.43 2.25
C HIS C 50 -59.90 -25.49 3.28
N PHE C 51 -59.80 -26.75 2.86
CA PHE C 51 -59.35 -27.81 3.75
C PHE C 51 -57.98 -27.51 4.31
N GLY C 52 -57.06 -27.03 3.46
CA GLY C 52 -55.75 -26.61 3.93
C GLY C 52 -55.80 -25.50 4.97
N HIS C 53 -56.55 -24.43 4.69
CA HIS C 53 -56.71 -23.33 5.63
C HIS C 53 -57.39 -23.77 6.93
N LEU C 54 -58.36 -24.66 6.82
CA LEU C 54 -59.09 -25.16 7.99
C LEU C 54 -58.16 -25.99 8.88
N ALA C 55 -57.25 -26.75 8.26
CA ALA C 55 -56.22 -27.44 9.01
C ALA C 55 -55.25 -26.47 9.68
N ILE C 56 -54.95 -25.35 9.04
CA ILE C 56 -54.11 -24.32 9.66
C ILE C 56 -54.77 -23.76 10.92
N ILE C 57 -56.10 -23.59 10.89
CA ILE C 57 -56.83 -23.14 12.08
C ILE C 57 -56.74 -24.18 13.20
N PHE C 58 -56.93 -25.46 12.87
CA PHE C 58 -56.90 -26.46 13.93
C PHE C 58 -55.50 -26.73 14.47
N LEU C 59 -54.46 -26.56 13.65
CA LEU C 59 -53.09 -26.63 14.14
C LEU C 59 -52.75 -25.44 15.03
N TRP C 60 -53.29 -24.26 14.73
CA TRP C 60 -53.17 -23.10 15.61
C TRP C 60 -53.79 -23.36 16.99
N ALA C 61 -54.98 -23.94 17.02
CA ALA C 61 -55.63 -24.20 18.31
C ALA C 61 -54.87 -25.25 19.10
N SER C 62 -54.33 -26.25 18.40
CA SER C 62 -53.48 -27.24 19.01
C SER C 62 -52.20 -26.65 19.58
N SER C 63 -51.67 -25.58 18.95
CA SER C 63 -50.53 -24.88 19.52
C SER C 63 -50.85 -24.27 20.86
N LEU C 64 -52.01 -23.62 20.94
CA LEU C 64 -52.44 -22.98 22.19
C LEU C 64 -52.54 -24.00 23.32
N LEU C 65 -53.19 -25.12 23.03
CA LEU C 65 -53.39 -26.14 24.06
C LEU C 65 -52.09 -26.84 24.42
N PHE C 66 -51.23 -27.13 23.44
CA PHE C 66 -49.98 -27.82 23.75
C PHE C 66 -49.04 -26.95 24.54
N HIS C 67 -48.97 -25.65 24.22
CA HIS C 67 -48.05 -24.78 24.94
C HIS C 67 -48.53 -24.42 26.33
N VAL C 68 -49.83 -24.29 26.55
CA VAL C 68 -50.28 -24.10 27.92
C VAL C 68 -50.11 -25.39 28.71
N ALA C 69 -50.32 -26.53 28.07
CA ALA C 69 -50.20 -27.81 28.77
C ALA C 69 -48.77 -28.12 29.18
N TRP C 70 -47.80 -27.61 28.44
CA TRP C 70 -46.40 -27.98 28.61
C TRP C 70 -45.58 -26.92 29.30
N GLN C 71 -45.86 -25.65 29.05
CA GLN C 71 -45.07 -24.56 29.55
C GLN C 71 -45.83 -23.62 30.45
N GLY C 72 -47.16 -23.72 30.51
CA GLY C 72 -47.96 -22.79 31.27
C GLY C 72 -48.22 -23.24 32.70
N ASN C 73 -49.08 -22.48 33.37
CA ASN C 73 -49.36 -22.76 34.77
C ASN C 73 -50.85 -22.96 35.01
N PHE C 74 -51.51 -23.76 34.16
CA PHE C 74 -52.96 -23.88 34.21
C PHE C 74 -53.42 -24.52 35.51
N GLU C 75 -52.75 -25.59 35.93
CA GLU C 75 -53.09 -26.26 37.18
C GLU C 75 -52.78 -25.40 38.39
N GLN C 76 -51.81 -24.49 38.27
CA GLN C 76 -51.60 -23.52 39.33
C GLN C 76 -52.57 -22.35 39.25
N TRP C 77 -53.17 -22.11 38.08
CA TRP C 77 -54.10 -21.01 37.89
C TRP C 77 -55.52 -21.36 38.30
N ILE C 78 -55.88 -22.66 38.28
CA ILE C 78 -57.21 -23.10 38.72
C ILE C 78 -57.44 -22.72 40.18
N LYS C 79 -56.40 -22.84 41.00
CA LYS C 79 -56.53 -22.67 42.43
C LYS C 79 -56.77 -21.21 42.82
N ASP C 80 -56.35 -20.26 41.99
CA ASP C 80 -56.52 -18.84 42.29
C ASP C 80 -56.52 -18.06 40.98
N PRO C 81 -57.66 -18.01 40.28
CA PRO C 81 -57.68 -17.36 38.96
C PRO C 81 -57.57 -15.85 39.02
N LEU C 82 -57.87 -15.23 40.16
CA LEU C 82 -57.85 -13.78 40.27
C LEU C 82 -56.47 -13.23 40.59
N HIS C 83 -55.51 -14.09 40.90
CA HIS C 83 -54.20 -13.61 41.35
C HIS C 83 -53.04 -14.17 40.55
N VAL C 84 -53.11 -15.42 40.13
CA VAL C 84 -52.05 -16.02 39.34
C VAL C 84 -52.12 -15.47 37.92
N ARG C 85 -50.98 -15.08 37.38
CA ARG C 85 -50.90 -14.66 36.00
C ARG C 85 -50.83 -15.87 35.07
N PRO C 86 -51.65 -15.92 34.02
CA PRO C 86 -51.58 -17.04 33.07
C PRO C 86 -50.34 -16.96 32.20
N ILE C 87 -49.68 -18.09 32.01
CA ILE C 87 -48.46 -18.16 31.19
C ILE C 87 -48.83 -18.55 29.76
N ALA C 88 -48.42 -17.73 28.80
CA ALA C 88 -48.60 -18.05 27.39
C ALA C 88 -47.69 -19.19 26.97
N HIS C 89 -46.39 -18.95 27.00
CA HIS C 89 -45.40 -19.96 26.65
C HIS C 89 -44.07 -19.53 27.25
N ALA C 90 -43.06 -20.36 27.08
CA ALA C 90 -41.72 -20.09 27.57
C ALA C 90 -40.90 -19.32 26.52
N ILE C 91 -39.85 -18.67 27.02
CA ILE C 91 -38.95 -17.87 26.20
C ILE C 91 -37.60 -18.59 26.14
N TRP C 92 -37.14 -18.92 24.94
CA TRP C 92 -35.77 -19.33 24.75
C TRP C 92 -35.14 -18.31 23.81
N ASP C 93 -34.44 -17.33 24.36
CA ASP C 93 -33.79 -16.30 23.57
C ASP C 93 -32.34 -16.21 24.02
N PRO C 94 -31.37 -16.54 23.15
CA PRO C 94 -29.96 -16.39 23.52
C PRO C 94 -29.50 -14.94 23.59
N HIS C 95 -30.32 -13.99 23.18
CA HIS C 95 -30.00 -12.58 23.19
C HIS C 95 -30.20 -11.92 24.54
N PHE C 96 -30.98 -12.52 25.43
CA PHE C 96 -31.24 -11.93 26.73
C PHE C 96 -29.96 -11.87 27.55
N GLY C 97 -29.72 -10.74 28.17
CA GLY C 97 -28.77 -10.71 29.26
C GLY C 97 -29.41 -11.25 30.50
N LYS C 98 -28.60 -11.41 31.53
CA LYS C 98 -29.10 -11.89 32.82
C LYS C 98 -30.18 -11.02 33.46
N PRO C 99 -30.14 -9.66 33.43
CA PRO C 99 -31.28 -8.92 34.02
C PRO C 99 -32.57 -9.06 33.23
N ALA C 100 -32.52 -9.32 31.93
CA ALA C 100 -33.75 -9.57 31.19
C ALA C 100 -34.34 -10.93 31.53
N ILE C 101 -33.49 -11.95 31.71
CA ILE C 101 -33.94 -13.25 32.21
C ILE C 101 -34.55 -13.12 33.59
N GLU C 102 -33.97 -12.28 34.45
CA GLU C 102 -34.57 -12.02 35.76
C GLU C 102 -35.90 -11.27 35.65
N ALA C 103 -36.03 -10.37 34.69
CA ALA C 103 -37.27 -9.62 34.56
C ALA C 103 -38.40 -10.48 34.02
N PHE C 104 -38.11 -11.45 33.15
CA PHE C 104 -39.16 -12.26 32.55
C PHE C 104 -39.39 -13.58 33.26
N THR C 105 -38.62 -13.87 34.30
CA THR C 105 -38.95 -14.96 35.20
C THR C 105 -40.08 -14.47 36.10
N GLN C 106 -41.31 -14.81 35.73
CA GLN C 106 -42.47 -14.24 36.37
C GLN C 106 -43.55 -15.31 36.43
N ALA C 107 -44.67 -14.95 37.07
CA ALA C 107 -45.85 -15.81 37.27
C ALA C 107 -45.53 -17.11 37.99
N GLY C 108 -44.51 -17.11 38.84
CA GLY C 108 -44.10 -18.31 39.53
C GLY C 108 -43.42 -19.35 38.68
N ALA C 109 -42.96 -19.00 37.48
CA ALA C 109 -42.33 -19.95 36.61
C ALA C 109 -40.84 -20.09 36.95
N ASN C 110 -40.17 -20.96 36.22
CA ASN C 110 -38.80 -21.34 36.52
C ASN C 110 -37.78 -20.66 35.61
N GLY C 111 -38.17 -20.32 34.39
CA GLY C 111 -37.32 -19.56 33.50
C GLY C 111 -38.09 -18.37 32.95
N PRO C 112 -37.61 -17.78 31.87
CA PRO C 112 -38.32 -16.65 31.26
C PRO C 112 -39.58 -17.12 30.54
N VAL C 113 -40.70 -16.45 30.83
CA VAL C 113 -42.00 -16.79 30.26
C VAL C 113 -42.73 -15.52 29.81
N ASN C 114 -43.72 -15.73 28.96
CA ASN C 114 -44.65 -14.68 28.55
C ASN C 114 -45.99 -14.87 29.25
N ILE C 115 -46.58 -13.76 29.67
CA ILE C 115 -47.89 -13.76 30.30
C ILE C 115 -48.95 -13.81 29.21
N ALA C 116 -49.93 -14.70 29.34
CA ALA C 116 -51.00 -14.80 28.35
C ALA C 116 -52.08 -13.74 28.53
N TYR C 117 -52.53 -13.17 27.41
CA TYR C 117 -53.53 -12.11 27.39
C TYR C 117 -54.71 -12.43 26.50
N SER C 118 -54.80 -13.64 25.98
CA SER C 118 -55.86 -14.02 25.06
C SER C 118 -57.07 -14.59 25.78
N GLY C 119 -56.96 -14.94 27.05
CA GLY C 119 -58.08 -15.40 27.84
C GLY C 119 -58.42 -16.86 27.72
N VAL C 120 -57.55 -17.68 27.14
CA VAL C 120 -57.89 -19.09 26.92
C VAL C 120 -57.87 -19.89 28.21
N TYR C 121 -57.24 -19.41 29.27
CA TYR C 121 -57.37 -20.10 30.55
C TYR C 121 -58.78 -19.99 31.09
N HIS C 122 -59.38 -18.81 30.98
CA HIS C 122 -60.72 -18.59 31.49
C HIS C 122 -61.73 -19.39 30.68
N TRP C 123 -61.52 -19.47 29.37
CA TRP C 123 -62.37 -20.27 28.51
C TRP C 123 -62.24 -21.76 28.80
N TRP C 124 -61.00 -22.27 28.87
CA TRP C 124 -60.81 -23.71 29.08
C TRP C 124 -61.22 -24.14 30.47
N TYR C 125 -61.06 -23.26 31.47
CA TYR C 125 -61.55 -23.53 32.81
C TYR C 125 -63.06 -23.53 32.88
N THR C 126 -63.71 -22.65 32.12
CA THR C 126 -65.17 -22.60 32.12
C THR C 126 -65.77 -23.85 31.51
N ILE C 127 -65.18 -24.36 30.42
CA ILE C 127 -65.78 -25.48 29.71
C ILE C 127 -65.44 -26.84 30.32
N GLY C 128 -64.73 -26.88 31.44
CA GLY C 128 -64.55 -28.11 32.20
C GLY C 128 -63.13 -28.65 32.31
N MET C 129 -62.14 -28.07 31.65
CA MET C 129 -60.78 -28.58 31.72
C MET C 129 -60.10 -28.20 33.03
N ARG C 130 -59.40 -29.15 33.63
CA ARG C 130 -58.85 -28.98 34.97
C ARG C 130 -57.41 -29.42 35.15
N THR C 131 -56.82 -30.15 34.20
CA THR C 131 -55.46 -30.63 34.31
C THR C 131 -54.69 -30.34 33.02
N ASN C 132 -53.37 -30.49 33.07
CA ASN C 132 -52.55 -30.34 31.88
C ASN C 132 -52.72 -31.52 30.93
N THR C 133 -53.10 -32.68 31.44
CA THR C 133 -53.31 -33.85 30.61
C THR C 133 -54.54 -33.71 29.72
N GLU C 134 -55.57 -33.01 30.19
CA GLU C 134 -56.73 -32.78 29.36
C GLU C 134 -56.43 -31.82 28.23
N LEU C 135 -55.66 -30.77 28.50
CA LEU C 135 -55.20 -29.84 27.48
C LEU C 135 -54.30 -30.54 26.46
N TYR C 136 -53.48 -31.47 26.94
CA TYR C 136 -52.60 -32.23 26.06
C TYR C 136 -53.40 -33.15 25.13
N THR C 137 -54.42 -33.84 25.66
CA THR C 137 -55.20 -34.71 24.78
C THR C 137 -56.06 -33.91 23.81
N GLY C 138 -56.50 -32.72 24.22
CA GLY C 138 -57.15 -31.81 23.29
C GLY C 138 -56.25 -31.38 22.15
N SER C 139 -54.99 -31.04 22.45
CA SER C 139 -54.08 -30.62 21.37
C SER C 139 -53.72 -31.77 20.43
N VAL C 140 -53.57 -32.99 20.96
CA VAL C 140 -53.26 -34.13 20.10
C VAL C 140 -54.47 -34.48 19.23
N PHE C 141 -55.68 -34.39 19.81
CA PHE C 141 -56.91 -34.52 19.06
C PHE C 141 -57.01 -33.51 17.93
N LEU C 142 -56.65 -32.26 18.18
CA LEU C 142 -56.72 -31.25 17.12
C LEU C 142 -55.68 -31.49 16.04
N LEU C 143 -54.52 -32.05 16.40
CA LEU C 143 -53.56 -32.49 15.40
C LEU C 143 -54.16 -33.53 14.46
N LEU C 144 -54.83 -34.54 15.01
CA LEU C 144 -55.43 -35.57 14.17
C LEU C 144 -56.62 -35.05 13.36
N PHE C 145 -57.34 -34.07 13.90
CA PHE C 145 -58.46 -33.48 13.19
C PHE C 145 -57.98 -32.64 12.02
N ALA C 146 -56.90 -31.89 12.21
CA ALA C 146 -56.24 -31.19 11.12
C ALA C 146 -55.68 -32.15 10.08
N SER C 147 -55.19 -33.31 10.53
CA SER C 147 -54.72 -34.35 9.61
C SER C 147 -55.85 -34.84 8.73
N LEU C 148 -57.06 -34.94 9.32
CA LEU C 148 -58.24 -35.37 8.57
C LEU C 148 -58.63 -34.35 7.51
N PHE C 149 -58.54 -33.06 7.83
CA PHE C 149 -58.84 -32.06 6.80
C PHE C 149 -57.75 -31.99 5.73
N LEU C 150 -56.48 -32.23 6.09
CA LEU C 150 -55.41 -32.24 5.09
C LEU C 150 -55.56 -33.40 4.12
N PHE C 151 -55.93 -34.58 4.62
CA PHE C 151 -56.17 -35.70 3.74
C PHE C 151 -57.41 -35.49 2.88
N ALA C 152 -58.45 -34.88 3.42
CA ALA C 152 -59.65 -34.65 2.62
C ALA C 152 -59.39 -33.66 1.49
N GLY C 153 -58.62 -32.61 1.77
CA GLY C 153 -58.24 -31.69 0.72
C GLY C 153 -57.33 -32.31 -0.32
N TRP C 154 -56.45 -33.22 0.10
CA TRP C 154 -55.67 -33.97 -0.88
C TRP C 154 -56.57 -34.87 -1.73
N LEU C 155 -57.58 -35.46 -1.10
CA LEU C 155 -58.40 -36.46 -1.75
C LEU C 155 -59.31 -35.84 -2.78
N HIS C 156 -59.81 -34.63 -2.55
CA HIS C 156 -60.70 -34.00 -3.52
C HIS C 156 -59.98 -33.29 -4.64
N LEU C 157 -58.70 -33.53 -4.82
CA LEU C 157 -57.99 -33.12 -6.02
C LEU C 157 -57.71 -34.30 -6.93
N GLN C 158 -57.90 -35.51 -6.45
CA GLN C 158 -57.70 -36.71 -7.25
C GLN C 158 -58.84 -36.82 -8.26
N PRO C 159 -58.58 -37.35 -9.46
CA PRO C 159 -59.51 -37.12 -10.59
C PRO C 159 -60.91 -37.72 -10.43
N LYS C 160 -61.06 -38.84 -9.72
CA LYS C 160 -62.40 -39.38 -9.49
C LYS C 160 -63.14 -38.67 -8.37
N PHE C 161 -62.49 -37.77 -7.64
CA PHE C 161 -63.07 -37.15 -6.47
C PHE C 161 -63.19 -35.63 -6.61
N ARG C 162 -62.87 -35.08 -7.77
CA ARG C 162 -63.03 -33.65 -7.98
C ARG C 162 -64.51 -33.36 -8.19
N PRO C 163 -65.15 -32.55 -7.35
CA PRO C 163 -66.60 -32.37 -7.45
C PRO C 163 -66.99 -31.58 -8.69
N SER C 164 -68.17 -31.88 -9.21
CA SER C 164 -68.60 -31.24 -10.45
C SER C 164 -69.06 -29.81 -10.17
N LEU C 165 -69.18 -29.04 -11.26
CA LEU C 165 -69.57 -27.64 -11.13
C LEU C 165 -71.01 -27.49 -10.67
N ALA C 166 -71.86 -28.47 -10.97
CA ALA C 166 -73.23 -28.42 -10.47
C ALA C 166 -73.29 -28.69 -8.97
N TRP C 167 -72.37 -29.50 -8.44
CA TRP C 167 -72.33 -29.73 -7.00
C TRP C 167 -71.98 -28.46 -6.24
N PHE C 168 -71.11 -27.63 -6.80
CA PHE C 168 -70.71 -26.41 -6.13
C PHE C 168 -71.81 -25.34 -6.15
N LYS C 169 -72.68 -25.38 -7.16
CA LYS C 169 -73.75 -24.40 -7.29
C LYS C 169 -75.08 -24.90 -6.75
N SER C 170 -75.07 -25.99 -6.00
CA SER C 170 -76.30 -26.57 -5.46
C SER C 170 -76.55 -25.96 -4.08
N ALA C 171 -77.11 -24.76 -4.11
CA ALA C 171 -77.04 -23.84 -2.98
C ALA C 171 -78.00 -24.21 -1.86
N GLU C 172 -79.21 -24.67 -2.23
CA GLU C 172 -80.23 -24.94 -1.23
C GLU C 172 -79.86 -26.14 -0.37
N SER C 173 -79.18 -27.13 -0.95
CA SER C 173 -78.68 -28.25 -0.18
C SER C 173 -77.63 -27.82 0.82
N ARG C 174 -76.71 -26.94 0.41
CA ARG C 174 -75.69 -26.45 1.31
C ARG C 174 -76.29 -25.57 2.40
N LEU C 175 -77.35 -24.82 2.10
CA LEU C 175 -78.00 -24.05 3.14
C LEU C 175 -78.72 -24.92 4.15
N ASN C 176 -79.43 -25.95 3.68
CA ASN C 176 -80.04 -26.90 4.62
C ASN C 176 -79.00 -27.57 5.49
N HIS C 177 -77.86 -27.94 4.91
CA HIS C 177 -76.87 -28.61 5.73
C HIS C 177 -76.13 -27.66 6.65
N HIS C 178 -75.81 -26.45 6.20
CA HIS C 178 -75.10 -25.54 7.09
C HIS C 178 -75.98 -25.09 8.23
N LEU C 179 -77.21 -24.65 7.93
CA LEU C 179 -78.17 -24.25 8.97
C LEU C 179 -78.46 -25.39 9.92
N ALA C 180 -78.85 -26.55 9.39
CA ALA C 180 -79.20 -27.67 10.23
C ALA C 180 -77.97 -28.33 10.84
N GLY C 181 -77.09 -28.92 10.04
CA GLY C 181 -75.87 -29.53 10.52
C GLY C 181 -74.83 -28.62 11.17
N LEU C 182 -74.20 -27.72 10.39
CA LEU C 182 -72.98 -27.05 10.83
C LEU C 182 -73.28 -26.06 11.94
N PHE C 183 -74.46 -25.46 11.94
CA PHE C 183 -74.94 -24.67 13.06
C PHE C 183 -75.64 -25.52 14.11
N GLY C 184 -76.74 -26.19 13.74
CA GLY C 184 -77.62 -26.78 14.73
C GLY C 184 -77.08 -28.01 15.43
N VAL C 185 -76.42 -28.92 14.69
CA VAL C 185 -75.85 -30.10 15.35
C VAL C 185 -74.67 -29.70 16.19
N SER C 186 -73.88 -28.74 15.71
CA SER C 186 -72.73 -28.29 16.47
C SER C 186 -73.18 -27.56 17.73
N SER C 187 -74.28 -26.81 17.63
CA SER C 187 -74.79 -26.12 18.81
C SER C 187 -75.44 -27.10 19.79
N LEU C 188 -76.14 -28.11 19.27
CA LEU C 188 -76.76 -29.13 20.11
C LEU C 188 -75.70 -29.96 20.83
N ALA C 189 -74.65 -30.34 20.11
CA ALA C 189 -73.52 -31.03 20.72
C ALA C 189 -72.81 -30.15 21.73
N TRP C 190 -72.75 -28.83 21.51
CA TRP C 190 -72.13 -27.99 22.51
C TRP C 190 -72.98 -27.85 23.76
N ALA C 191 -74.30 -27.84 23.60
CA ALA C 191 -75.21 -27.96 24.74
C ALA C 191 -74.98 -29.28 25.46
N GLY C 192 -74.70 -30.35 24.71
CA GLY C 192 -74.39 -31.63 25.29
C GLY C 192 -73.10 -31.66 26.10
N HIS C 193 -72.03 -31.04 25.57
CA HIS C 193 -70.80 -30.88 26.36
C HIS C 193 -71.04 -30.09 27.63
N LEU C 194 -71.72 -28.94 27.52
CA LEU C 194 -71.99 -28.10 28.68
C LEU C 194 -72.74 -28.87 29.76
N ILE C 195 -73.80 -29.59 29.37
CA ILE C 195 -74.64 -30.32 30.32
C ILE C 195 -73.91 -31.54 30.88
N HIS C 196 -73.25 -32.33 30.04
CA HIS C 196 -72.59 -33.54 30.52
C HIS C 196 -71.28 -33.28 31.24
N VAL C 197 -70.54 -32.25 30.87
CA VAL C 197 -69.18 -32.05 31.34
C VAL C 197 -69.04 -30.76 32.13
N ALA C 198 -69.45 -29.63 31.55
CA ALA C 198 -68.98 -28.35 32.06
C ALA C 198 -69.75 -27.93 33.31
N ILE C 199 -71.06 -28.19 33.33
CA ILE C 199 -71.87 -27.97 34.52
C ILE C 199 -71.48 -28.92 35.66
N PRO C 200 -71.27 -30.24 35.46
CA PRO C 200 -70.72 -31.04 36.58
C PRO C 200 -69.32 -30.64 37.04
N GLU C 201 -68.42 -30.27 36.13
CA GLU C 201 -67.11 -29.79 36.56
C GLU C 201 -67.20 -28.49 37.35
N SER C 202 -68.17 -27.62 37.04
CA SER C 202 -68.39 -26.40 37.80
C SER C 202 -69.07 -26.67 39.12
N ARG C 203 -69.71 -27.83 39.26
CA ARG C 203 -70.30 -28.23 40.53
C ARG C 203 -69.42 -29.18 41.30
N GLY C 204 -68.17 -29.36 40.88
CA GLY C 204 -67.21 -30.11 41.65
C GLY C 204 -67.07 -31.57 41.29
N GLN C 205 -67.91 -32.09 40.40
CA GLN C 205 -67.88 -33.51 40.06
C GLN C 205 -67.12 -33.73 38.77
N HIS C 206 -66.11 -34.59 38.81
CA HIS C 206 -65.39 -34.92 37.58
C HIS C 206 -66.25 -35.75 36.65
N VAL C 207 -66.36 -35.31 35.40
CA VAL C 207 -66.95 -36.11 34.33
C VAL C 207 -65.98 -36.11 33.17
N GLY C 208 -65.51 -37.29 32.78
CA GLY C 208 -64.60 -37.39 31.67
C GLY C 208 -65.04 -38.45 30.70
N TRP C 209 -64.16 -38.86 29.78
CA TRP C 209 -64.50 -39.95 28.87
C TRP C 209 -64.60 -41.30 29.58
N ASP C 210 -64.07 -41.42 30.78
CA ASP C 210 -64.08 -42.67 31.51
C ASP C 210 -65.31 -42.87 32.38
N ASN C 211 -66.15 -41.85 32.58
CA ASN C 211 -67.34 -42.04 33.40
C ASN C 211 -68.60 -41.37 32.90
N PHE C 212 -68.64 -40.86 31.67
CA PHE C 212 -69.80 -40.09 31.24
C PHE C 212 -70.92 -40.95 30.73
N LEU C 213 -70.65 -42.20 30.41
CA LEU C 213 -71.70 -43.14 30.07
C LEU C 213 -72.41 -43.69 31.30
N SER C 214 -71.85 -43.49 32.49
CA SER C 214 -72.44 -43.97 33.73
C SER C 214 -73.11 -42.87 34.53
N THR C 215 -72.46 -41.70 34.64
CA THR C 215 -73.00 -40.60 35.42
C THR C 215 -74.02 -39.85 34.56
N ALA C 216 -75.25 -39.81 35.03
CA ALA C 216 -76.29 -39.05 34.39
C ALA C 216 -76.16 -37.58 34.76
N PRO C 217 -76.49 -36.67 33.83
CA PRO C 217 -76.31 -35.24 34.12
C PRO C 217 -77.29 -34.69 35.12
N HIS C 218 -78.53 -35.11 35.03
CA HIS C 218 -79.58 -34.79 35.96
C HIS C 218 -80.05 -36.09 36.61
N PRO C 219 -80.38 -36.08 37.90
CA PRO C 219 -80.77 -37.33 38.58
C PRO C 219 -82.05 -37.96 38.06
N ALA C 220 -82.90 -37.18 37.39
CA ALA C 220 -84.14 -37.71 36.86
C ALA C 220 -83.98 -38.41 35.51
N GLY C 221 -82.85 -38.21 34.83
CA GLY C 221 -82.61 -38.85 33.56
C GLY C 221 -83.35 -38.18 32.41
N LEU C 222 -83.51 -38.93 31.32
CA LEU C 222 -84.36 -38.47 30.22
C LEU C 222 -85.83 -38.67 30.47
N GLN C 223 -86.21 -39.21 31.63
CA GLN C 223 -87.62 -39.41 31.93
C GLN C 223 -88.46 -38.14 31.91
N PRO C 224 -88.02 -36.98 32.43
CA PRO C 224 -88.79 -35.76 32.18
C PRO C 224 -88.79 -35.27 30.75
N PHE C 225 -87.78 -35.65 29.95
CA PHE C 225 -87.70 -35.13 28.59
C PHE C 225 -88.76 -35.75 27.70
N PHE C 226 -88.91 -37.07 27.75
CA PHE C 226 -89.82 -37.74 26.85
C PHE C 226 -91.26 -37.72 27.33
N THR C 227 -91.44 -37.27 28.55
CA THR C 227 -92.76 -37.14 29.11
C THR C 227 -93.22 -35.69 28.99
N GLY C 228 -92.32 -34.81 28.56
CA GLY C 228 -92.62 -33.41 28.38
C GLY C 228 -92.65 -32.59 29.64
N ASN C 229 -92.26 -33.18 30.77
CA ASN C 229 -92.15 -32.46 32.05
C ASN C 229 -90.80 -31.76 32.09
N TRP C 230 -90.65 -30.77 31.21
CA TRP C 230 -89.32 -30.22 30.99
C TRP C 230 -88.87 -29.28 32.10
N GLY C 231 -89.79 -28.82 32.94
CA GLY C 231 -89.45 -27.95 34.07
C GLY C 231 -88.72 -28.64 35.19
N VAL C 232 -88.62 -29.97 35.16
CA VAL C 232 -87.79 -30.71 36.12
C VAL C 232 -86.33 -30.32 35.96
N TYR C 233 -85.90 -30.09 34.72
CA TYR C 233 -84.53 -29.75 34.41
C TYR C 233 -84.15 -28.36 34.90
N ALA C 234 -85.12 -27.49 35.13
CA ALA C 234 -84.88 -26.14 35.61
C ALA C 234 -84.97 -26.01 37.13
N GLN C 235 -85.44 -27.05 37.82
CA GLN C 235 -85.55 -27.00 39.26
C GLN C 235 -84.19 -27.14 39.92
N ASN C 236 -84.05 -26.50 41.09
CA ASN C 236 -82.87 -26.47 41.95
C ASN C 236 -81.62 -25.94 41.23
N PRO C 237 -81.54 -24.65 40.93
CA PRO C 237 -80.34 -24.12 40.27
C PRO C 237 -79.22 -23.92 41.29
N ASP C 238 -78.08 -23.47 40.78
CA ASP C 238 -77.00 -23.03 41.66
C ASP C 238 -77.43 -21.77 42.40
N THR C 239 -77.14 -21.72 43.70
CA THR C 239 -77.59 -20.61 44.52
C THR C 239 -76.67 -19.41 44.31
N ALA C 240 -76.98 -18.34 45.04
CA ALA C 240 -76.14 -17.14 45.00
C ALA C 240 -74.88 -17.29 45.84
N GLY C 241 -74.71 -18.41 46.53
CA GLY C 241 -73.50 -18.66 47.29
C GLY C 241 -72.69 -19.78 46.70
N HIS C 242 -72.98 -20.15 45.45
CA HIS C 242 -72.23 -21.18 44.78
C HIS C 242 -70.83 -20.71 44.42
N ILE C 243 -69.85 -21.55 44.69
CA ILE C 243 -68.45 -21.28 44.39
C ILE C 243 -68.02 -22.21 43.27
N PHE C 244 -67.38 -21.64 42.25
CA PHE C 244 -67.16 -22.33 40.98
C PHE C 244 -66.20 -23.50 41.16
N SER C 245 -66.54 -24.62 40.53
CA SER C 245 -65.82 -25.90 40.60
C SER C 245 -65.72 -26.47 42.02
N THR C 246 -66.68 -26.11 42.88
CA THR C 246 -66.84 -26.74 44.19
C THR C 246 -68.28 -27.20 44.31
N SER C 247 -68.55 -27.97 45.37
CA SER C 247 -69.86 -28.56 45.57
C SER C 247 -70.78 -27.74 46.46
N GLN C 248 -70.29 -26.68 47.09
CA GLN C 248 -71.12 -25.92 48.01
C GLN C 248 -71.89 -24.83 47.27
N GLY C 249 -73.18 -24.71 47.61
CA GLY C 249 -74.07 -23.85 46.88
C GLY C 249 -74.57 -24.41 45.56
N ALA C 250 -74.21 -25.67 45.26
CA ALA C 250 -74.43 -26.23 43.94
C ALA C 250 -75.82 -26.82 43.82
N GLY C 251 -76.47 -26.52 42.69
CA GLY C 251 -77.76 -27.08 42.38
C GLY C 251 -77.66 -28.31 41.50
N THR C 252 -78.80 -28.73 40.99
CA THR C 252 -78.85 -29.86 40.07
C THR C 252 -79.43 -29.49 38.71
N ALA C 253 -79.79 -28.23 38.49
CA ALA C 253 -80.43 -27.85 37.25
C ALA C 253 -79.45 -27.89 36.09
N ILE C 254 -79.96 -28.20 34.92
CA ILE C 254 -79.14 -28.22 33.71
C ILE C 254 -79.61 -27.21 32.68
N LEU C 255 -80.82 -26.67 32.78
CA LEU C 255 -81.40 -25.80 31.77
C LEU C 255 -82.23 -24.75 32.50
N THR C 256 -81.65 -23.59 32.75
CA THR C 256 -82.34 -22.52 33.45
C THR C 256 -82.54 -21.34 32.52
N PHE C 257 -83.23 -20.32 33.02
CA PHE C 257 -83.37 -19.06 32.30
C PHE C 257 -83.28 -17.91 33.31
N LEU C 258 -82.20 -17.94 34.10
CA LEU C 258 -82.01 -17.01 35.21
C LEU C 258 -81.75 -15.59 34.74
N GLY C 259 -80.74 -15.38 33.91
CA GLY C 259 -80.36 -14.02 33.57
C GLY C 259 -79.34 -13.45 34.53
N GLY C 260 -78.59 -12.48 34.04
CA GLY C 260 -77.58 -11.86 34.88
C GLY C 260 -76.30 -12.70 34.95
N PHE C 261 -75.64 -12.62 36.09
CA PHE C 261 -74.32 -13.20 36.20
C PHE C 261 -74.23 -14.06 37.46
N HIS C 262 -73.44 -15.11 37.35
CA HIS C 262 -72.95 -15.84 38.50
C HIS C 262 -72.23 -14.86 39.42
N PRO C 263 -72.60 -14.77 40.70
CA PRO C 263 -72.05 -13.70 41.55
C PRO C 263 -70.60 -13.86 41.95
N GLN C 264 -70.02 -15.06 41.90
CA GLN C 264 -68.60 -15.18 42.18
C GLN C 264 -67.77 -14.83 40.96
N THR C 265 -67.99 -15.54 39.85
CA THR C 265 -67.16 -15.44 38.66
C THR C 265 -67.50 -14.25 37.80
N GLU C 266 -68.61 -13.56 38.09
CA GLU C 266 -69.08 -12.35 37.40
C GLU C 266 -69.34 -12.59 35.92
N SER C 267 -69.66 -13.83 35.57
CA SER C 267 -69.97 -14.19 34.19
C SER C 267 -71.32 -14.88 34.16
N LEU C 268 -71.80 -15.15 32.96
CA LEU C 268 -73.10 -15.74 32.73
C LEU C 268 -73.15 -17.17 33.30
N TRP C 269 -74.36 -17.61 33.59
CA TRP C 269 -74.57 -18.92 34.18
C TRP C 269 -74.38 -20.01 33.14
N LEU C 270 -73.83 -21.15 33.56
CA LEU C 270 -73.59 -22.23 32.60
C LEU C 270 -74.86 -22.93 32.19
N THR C 271 -75.81 -23.08 33.11
CA THR C 271 -77.10 -23.68 32.76
C THR C 271 -77.89 -22.79 31.81
N ASP C 272 -77.75 -21.46 31.94
CA ASP C 272 -78.35 -20.54 30.97
C ASP C 272 -77.72 -20.69 29.60
N MET C 273 -76.41 -20.91 29.54
CA MET C 273 -75.74 -21.06 28.24
C MET C 273 -76.10 -22.38 27.59
N ALA C 274 -76.21 -23.44 28.40
CA ALA C 274 -76.65 -24.73 27.89
C ALA C 274 -78.05 -24.63 27.30
N HIS C 275 -78.94 -23.92 27.99
CA HIS C 275 -80.30 -23.75 27.52
C HIS C 275 -80.35 -22.88 26.26
N HIS C 276 -79.50 -21.85 26.20
CA HIS C 276 -79.26 -21.07 24.99
C HIS C 276 -78.89 -21.94 23.80
N HIS C 277 -77.89 -22.80 23.97
CA HIS C 277 -77.40 -23.57 22.83
C HIS C 277 -78.37 -24.67 22.43
N LEU C 278 -79.13 -25.20 23.37
CA LEU C 278 -80.21 -26.12 23.02
C LEU C 278 -81.31 -25.44 22.20
N ALA C 279 -81.78 -24.28 22.66
CA ALA C 279 -82.83 -23.57 21.93
C ALA C 279 -82.32 -23.06 20.58
N ILE C 280 -81.06 -22.61 20.52
CA ILE C 280 -80.42 -22.19 19.27
C ILE C 280 -80.31 -23.35 18.30
N ALA C 281 -79.94 -24.52 18.80
CA ALA C 281 -79.85 -25.71 17.96
C ALA C 281 -81.20 -26.10 17.39
N VAL C 282 -82.26 -26.01 18.20
CA VAL C 282 -83.59 -26.36 17.69
C VAL C 282 -84.03 -25.37 16.63
N LEU C 283 -83.72 -24.07 16.83
CA LEU C 283 -84.00 -23.05 15.82
C LEU C 283 -83.27 -23.29 14.51
N PHE C 284 -81.96 -23.57 14.57
CA PHE C 284 -81.19 -23.75 13.36
C PHE C 284 -81.53 -25.05 12.65
N ILE C 285 -81.88 -26.10 13.39
CA ILE C 285 -82.27 -27.36 12.74
C ILE C 285 -83.60 -27.18 12.03
N VAL C 286 -84.55 -26.48 12.65
CA VAL C 286 -85.82 -26.19 11.96
C VAL C 286 -85.58 -25.32 10.73
N ALA C 287 -84.71 -24.31 10.83
CA ALA C 287 -84.39 -23.45 9.70
C ALA C 287 -83.68 -24.19 8.57
N GLY C 288 -82.97 -25.26 8.89
CA GLY C 288 -82.38 -26.11 7.87
C GLY C 288 -83.32 -27.07 7.17
N HIS C 289 -84.63 -26.86 7.25
CA HIS C 289 -85.59 -27.66 6.50
C HIS C 289 -86.42 -26.81 5.58
N MET C 290 -85.98 -25.62 5.28
CA MET C 290 -86.77 -24.65 4.54
C MET C 290 -86.68 -24.84 3.04
N TYR C 291 -85.51 -25.21 2.54
CA TYR C 291 -85.20 -25.07 1.13
C TYR C 291 -85.28 -26.41 0.43
N ARG C 292 -85.62 -26.36 -0.85
CA ARG C 292 -85.87 -27.56 -1.63
C ARG C 292 -84.57 -28.24 -2.01
N THR C 293 -84.57 -29.56 -1.90
CA THR C 293 -83.44 -30.41 -2.23
C THR C 293 -84.00 -31.56 -3.04
N ASN C 294 -83.38 -32.73 -2.98
CA ASN C 294 -83.83 -33.87 -3.76
C ASN C 294 -85.19 -34.44 -3.36
N PHE C 295 -85.92 -33.90 -2.38
CA PHE C 295 -87.05 -34.60 -1.79
C PHE C 295 -88.39 -33.91 -2.02
N GLY C 296 -88.50 -33.03 -3.00
CA GLY C 296 -89.79 -32.44 -3.33
C GLY C 296 -90.33 -31.28 -2.52
N ILE C 297 -90.31 -31.39 -1.19
CA ILE C 297 -90.75 -30.28 -0.35
C ILE C 297 -89.68 -29.20 -0.30
N GLY C 298 -90.10 -28.01 0.12
CA GLY C 298 -89.19 -26.92 0.42
C GLY C 298 -89.26 -25.78 -0.58
N HIS C 299 -88.50 -24.74 -0.27
CA HIS C 299 -88.48 -23.53 -1.06
C HIS C 299 -87.42 -23.56 -2.14
N SER C 300 -87.73 -22.90 -3.24
CA SER C 300 -86.75 -22.61 -4.28
C SER C 300 -86.41 -21.13 -4.19
N ILE C 301 -85.17 -20.82 -3.79
CA ILE C 301 -84.72 -19.43 -3.67
C ILE C 301 -84.72 -18.74 -5.02
N LYS C 302 -84.41 -19.48 -6.09
CA LYS C 302 -84.52 -18.94 -7.43
C LYS C 302 -85.95 -18.58 -7.78
N GLU C 303 -86.91 -19.44 -7.42
CA GLU C 303 -88.32 -19.12 -7.64
C GLU C 303 -88.79 -18.02 -6.70
N MET C 304 -88.23 -17.93 -5.50
CA MET C 304 -88.59 -16.84 -4.59
C MET C 304 -88.09 -15.50 -5.09
N MET C 305 -86.94 -15.47 -5.76
CA MET C 305 -86.45 -14.24 -6.37
C MET C 305 -87.34 -13.81 -7.53
N ASN C 306 -87.59 -14.73 -8.47
CA ASN C 306 -88.29 -14.43 -9.71
C ASN C 306 -89.80 -14.30 -9.56
N ALA C 307 -90.35 -14.39 -8.35
CA ALA C 307 -91.80 -14.42 -8.18
C ALA C 307 -92.40 -13.06 -8.47
N LYS C 308 -93.57 -13.06 -9.12
CA LYS C 308 -94.18 -11.84 -9.60
C LYS C 308 -95.63 -11.67 -9.18
N THR C 309 -96.21 -12.62 -8.46
CA THR C 309 -97.60 -12.54 -8.03
C THR C 309 -97.67 -12.56 -6.51
N PHE C 310 -98.60 -11.80 -5.96
CA PHE C 310 -98.86 -11.76 -4.52
C PHE C 310 -100.32 -12.11 -4.34
N PHE C 311 -100.60 -13.41 -4.21
CA PHE C 311 -101.95 -13.97 -4.10
C PHE C 311 -102.81 -13.54 -5.28
N GLY C 312 -102.29 -13.76 -6.48
CA GLY C 312 -102.96 -13.36 -7.70
C GLY C 312 -102.79 -11.91 -8.11
N LYS C 313 -102.27 -11.07 -7.23
CA LYS C 313 -102.03 -9.67 -7.55
C LYS C 313 -100.60 -9.51 -8.06
N PRO C 314 -100.39 -8.89 -9.22
CA PRO C 314 -99.04 -8.81 -9.77
C PRO C 314 -98.18 -7.80 -9.04
N VAL C 315 -96.98 -8.23 -8.66
CA VAL C 315 -96.01 -7.37 -7.99
C VAL C 315 -94.70 -7.44 -8.75
N GLU C 316 -93.82 -6.47 -8.46
CA GLU C 316 -92.49 -6.49 -9.03
C GLU C 316 -91.67 -7.65 -8.50
N GLY C 317 -91.95 -8.07 -7.29
CA GLY C 317 -91.27 -9.20 -6.70
C GLY C 317 -91.50 -9.23 -5.21
N PRO C 318 -90.56 -9.83 -4.49
CA PRO C 318 -90.64 -9.85 -3.02
C PRO C 318 -90.54 -8.45 -2.45
N PHE C 319 -91.51 -8.10 -1.60
CA PHE C 319 -91.73 -6.76 -1.05
C PHE C 319 -91.95 -5.74 -2.17
N ASN C 320 -92.53 -6.20 -3.29
CA ASN C 320 -92.73 -5.43 -4.53
C ASN C 320 -91.40 -4.87 -5.09
N MET C 321 -90.30 -5.58 -4.87
CA MET C 321 -89.01 -5.12 -5.33
C MET C 321 -88.42 -6.16 -6.28
N PRO C 322 -87.93 -5.75 -7.45
CA PRO C 322 -87.56 -6.72 -8.48
C PRO C 322 -86.28 -7.49 -8.18
N HIS C 323 -86.38 -8.80 -7.97
CA HIS C 323 -85.22 -9.57 -7.58
C HIS C 323 -84.82 -10.61 -8.61
N GLN C 324 -85.28 -10.45 -9.85
CA GLN C 324 -84.95 -11.42 -10.89
C GLN C 324 -83.46 -11.35 -11.21
N GLY C 325 -82.84 -12.52 -11.28
CA GLY C 325 -81.43 -12.62 -11.55
C GLY C 325 -80.51 -12.47 -10.36
N ILE C 326 -81.03 -12.09 -9.18
CA ILE C 326 -80.18 -11.99 -8.00
C ILE C 326 -79.75 -13.36 -7.51
N TYR C 327 -80.56 -14.40 -7.72
CA TYR C 327 -80.14 -15.76 -7.40
C TYR C 327 -78.91 -16.15 -8.21
N ASP C 328 -78.94 -15.88 -9.51
CA ASP C 328 -77.80 -16.18 -10.35
C ASP C 328 -76.62 -15.27 -10.06
N THR C 329 -76.90 -14.01 -9.72
CA THR C 329 -75.85 -13.05 -9.41
C THR C 329 -75.10 -13.46 -8.16
N TYR C 330 -75.81 -13.98 -7.16
CA TYR C 330 -75.18 -14.52 -5.97
C TYR C 330 -74.44 -15.81 -6.31
N ASN C 331 -75.16 -16.77 -6.88
CA ASN C 331 -74.70 -18.15 -6.98
C ASN C 331 -73.59 -18.31 -8.00
N ASN C 332 -73.48 -17.41 -8.98
CA ASN C 332 -72.49 -17.51 -10.04
C ASN C 332 -71.23 -16.71 -9.77
N SER C 333 -71.26 -15.74 -8.87
CA SER C 333 -70.13 -14.88 -8.63
C SER C 333 -69.51 -15.20 -7.29
N LEU C 334 -68.25 -15.64 -7.30
CA LEU C 334 -67.55 -15.93 -6.06
C LEU C 334 -67.15 -14.67 -5.34
N HIS C 335 -66.97 -13.56 -6.06
CA HIS C 335 -66.65 -12.30 -5.39
C HIS C 335 -67.88 -11.70 -4.72
N PHE C 336 -69.06 -11.89 -5.30
CA PHE C 336 -70.29 -11.46 -4.64
C PHE C 336 -70.49 -12.22 -3.34
N GLN C 337 -70.30 -13.53 -3.38
CA GLN C 337 -70.45 -14.34 -2.19
C GLN C 337 -69.38 -14.02 -1.17
N LEU C 338 -68.15 -13.76 -1.62
CA LEU C 338 -67.07 -13.47 -0.67
C LEU C 338 -67.24 -12.10 -0.03
N GLY C 339 -67.62 -11.09 -0.80
CA GLY C 339 -67.91 -9.79 -0.22
C GLY C 339 -69.12 -9.80 0.70
N TRP C 340 -70.13 -10.59 0.35
CA TRP C 340 -71.31 -10.72 1.18
C TRP C 340 -71.00 -11.45 2.49
N HIS C 341 -70.17 -12.51 2.43
CA HIS C 341 -69.86 -13.24 3.66
C HIS C 341 -68.92 -12.46 4.55
N LEU C 342 -67.99 -11.72 3.94
CA LEU C 342 -67.13 -10.84 4.73
C LEU C 342 -67.91 -9.74 5.41
N ALA C 343 -68.98 -9.25 4.78
CA ALA C 343 -69.83 -8.25 5.43
C ALA C 343 -70.55 -8.85 6.63
N CYS C 344 -71.18 -10.00 6.44
CA CYS C 344 -71.91 -10.65 7.52
C CYS C 344 -70.98 -11.04 8.67
N LEU C 345 -69.81 -11.57 8.33
CA LEU C 345 -68.84 -11.98 9.34
C LEU C 345 -68.19 -10.78 10.03
N GLY C 346 -68.06 -9.64 9.35
CA GLY C 346 -67.54 -8.47 10.01
C GLY C 346 -68.51 -7.85 10.99
N VAL C 347 -69.80 -7.89 10.64
CA VAL C 347 -70.85 -7.50 11.58
C VAL C 347 -70.83 -8.42 12.79
N VAL C 348 -70.71 -9.74 12.55
CA VAL C 348 -70.73 -10.71 13.64
C VAL C 348 -69.47 -10.61 14.50
N THR C 349 -68.34 -10.19 13.93
CA THR C 349 -67.13 -9.99 14.71
C THR C 349 -67.23 -8.76 15.60
N SER C 350 -67.78 -7.65 15.09
CA SER C 350 -68.08 -6.50 15.95
C SER C 350 -69.08 -6.85 17.05
N TRP C 351 -70.06 -7.69 16.72
CA TRP C 351 -71.12 -8.02 17.67
C TRP C 351 -70.62 -8.94 18.78
N VAL C 352 -69.72 -9.86 18.43
CA VAL C 352 -68.96 -10.64 19.40
C VAL C 352 -68.14 -9.73 20.30
N ALA C 353 -67.46 -8.74 19.70
CA ALA C 353 -66.63 -7.82 20.47
C ALA C 353 -67.47 -7.02 21.46
N GLN C 354 -68.60 -6.49 21.01
CA GLN C 354 -69.51 -5.73 21.85
C GLN C 354 -70.13 -6.56 22.96
N HIS C 355 -70.25 -7.88 22.81
CA HIS C 355 -70.88 -8.59 23.92
C HIS C 355 -69.93 -9.24 24.90
N MET C 356 -68.71 -9.57 24.51
CA MET C 356 -67.85 -10.29 25.43
C MET C 356 -67.30 -9.41 26.55
N TYR C 357 -67.34 -8.09 26.42
CA TYR C 357 -66.98 -7.29 27.58
C TYR C 357 -68.20 -7.04 28.46
N SER C 358 -69.37 -6.83 27.86
CA SER C 358 -70.55 -6.42 28.61
C SER C 358 -71.32 -7.59 29.16
N LEU C 359 -71.36 -8.71 28.44
CA LEU C 359 -71.97 -9.96 28.89
C LEU C 359 -70.95 -11.08 28.84
N PRO C 360 -69.94 -11.08 29.72
CA PRO C 360 -68.88 -12.08 29.62
C PRO C 360 -69.36 -13.45 30.05
N SER C 361 -68.76 -14.47 29.44
CA SER C 361 -69.16 -15.86 29.64
C SER C 361 -68.15 -16.66 30.43
N TYR C 362 -66.89 -16.28 30.40
CA TYR C 362 -65.87 -17.13 30.99
C TYR C 362 -65.64 -16.71 32.43
N ALA C 363 -65.35 -17.71 33.25
CA ALA C 363 -65.27 -17.50 34.69
C ALA C 363 -64.05 -16.68 35.04
N PHE C 364 -64.28 -15.58 35.75
CA PHE C 364 -63.31 -14.63 36.31
C PHE C 364 -62.64 -13.77 35.26
N ILE C 365 -63.09 -13.80 34.01
CA ILE C 365 -62.39 -13.01 32.99
C ILE C 365 -62.76 -11.54 33.10
N ALA C 366 -63.88 -11.20 33.75
CA ALA C 366 -64.24 -9.80 33.94
C ALA C 366 -63.33 -9.08 34.93
N LYS C 367 -62.51 -9.80 35.70
CA LYS C 367 -61.50 -9.18 36.53
C LYS C 367 -60.10 -9.31 35.95
N ASP C 368 -59.94 -9.98 34.82
CA ASP C 368 -58.66 -9.95 34.10
C ASP C 368 -58.78 -8.86 33.06
N TYR C 369 -58.33 -7.67 33.45
CA TYR C 369 -58.64 -6.44 32.71
C TYR C 369 -57.86 -6.37 31.42
N THR C 370 -56.61 -6.82 31.44
CA THR C 370 -55.75 -6.75 30.27
C THR C 370 -56.25 -7.67 29.17
N THR C 371 -56.77 -8.85 29.53
CA THR C 371 -57.36 -9.72 28.51
C THR C 371 -58.66 -9.17 27.97
N GLN C 372 -59.46 -8.50 28.79
CA GLN C 372 -60.66 -7.83 28.29
C GLN C 372 -60.32 -6.77 27.26
N ALA C 373 -59.27 -5.99 27.53
CA ALA C 373 -58.80 -4.99 26.59
C ALA C 373 -58.24 -5.62 25.32
N ALA C 374 -57.48 -6.70 25.48
CA ALA C 374 -56.86 -7.37 24.35
C ALA C 374 -57.90 -8.03 23.47
N LEU C 375 -58.94 -8.62 24.07
CA LEU C 375 -59.97 -9.31 23.29
C LEU C 375 -60.85 -8.33 22.55
N TYR C 376 -61.27 -7.25 23.22
CA TYR C 376 -62.12 -6.28 22.56
C TYR C 376 -61.37 -5.60 21.41
N THR C 377 -60.11 -5.23 21.65
CA THR C 377 -59.33 -4.56 20.61
C THR C 377 -58.99 -5.51 19.46
N HIS C 378 -58.69 -6.78 19.77
CA HIS C 378 -58.47 -7.81 18.76
C HIS C 378 -59.66 -7.97 17.83
N HIS C 379 -60.85 -8.18 18.40
CA HIS C 379 -62.01 -8.44 17.55
C HIS C 379 -62.49 -7.19 16.83
N GLN C 380 -62.26 -6.00 17.38
CA GLN C 380 -62.66 -4.81 16.62
C GLN C 380 -61.72 -4.53 15.46
N TYR C 381 -60.43 -4.86 15.59
CA TYR C 381 -59.54 -4.76 14.45
C TYR C 381 -59.83 -5.81 13.38
N ILE C 382 -60.08 -7.07 13.79
CA ILE C 382 -60.49 -8.12 12.86
C ILE C 382 -61.78 -7.74 12.14
N ALA C 383 -62.73 -7.14 12.86
CA ALA C 383 -64.00 -6.71 12.31
C ALA C 383 -63.85 -5.65 11.23
N ILE C 384 -63.01 -4.64 11.49
CA ILE C 384 -62.89 -3.57 10.49
C ILE C 384 -62.18 -4.07 9.24
N PHE C 385 -61.18 -4.95 9.40
CA PHE C 385 -60.57 -5.58 8.22
C PHE C 385 -61.58 -6.38 7.40
N LEU C 386 -62.44 -7.18 8.06
CA LEU C 386 -63.45 -7.94 7.35
C LEU C 386 -64.45 -7.05 6.60
N MET C 387 -64.77 -5.88 7.15
CA MET C 387 -65.70 -4.99 6.46
C MET C 387 -65.06 -4.31 5.25
N VAL C 388 -63.79 -3.91 5.37
CA VAL C 388 -63.04 -3.39 4.22
C VAL C 388 -62.97 -4.42 3.10
N GLY C 389 -62.72 -5.69 3.45
CA GLY C 389 -62.74 -6.75 2.45
C GLY C 389 -64.11 -7.06 1.86
N ALA C 390 -65.17 -6.87 2.64
CA ALA C 390 -66.53 -6.98 2.13
C ALA C 390 -66.75 -6.02 0.97
N PHE C 391 -66.43 -4.75 1.20
CA PHE C 391 -66.61 -3.77 0.15
C PHE C 391 -65.62 -3.93 -1.01
N ALA C 392 -64.39 -4.38 -0.71
CA ALA C 392 -63.40 -4.60 -1.75
C ALA C 392 -63.85 -5.69 -2.71
N HIS C 393 -64.45 -6.75 -2.20
CA HIS C 393 -64.98 -7.76 -3.11
C HIS C 393 -66.32 -7.39 -3.74
N GLY C 394 -67.09 -6.49 -3.14
CA GLY C 394 -68.16 -5.85 -3.89
C GLY C 394 -67.65 -5.11 -5.13
N ALA C 395 -66.52 -4.42 -4.99
CA ALA C 395 -65.94 -3.70 -6.12
C ALA C 395 -65.32 -4.66 -7.15
N ILE C 396 -64.67 -5.73 -6.68
CA ILE C 396 -64.13 -6.73 -7.61
C ILE C 396 -65.26 -7.46 -8.33
N PHE C 397 -66.35 -7.78 -7.63
CA PHE C 397 -67.55 -8.32 -8.27
C PHE C 397 -68.07 -7.39 -9.35
N LEU C 398 -68.16 -6.10 -9.07
CA LEU C 398 -68.72 -5.17 -10.05
C LEU C 398 -67.84 -5.05 -11.27
N VAL C 399 -66.51 -5.01 -11.09
CA VAL C 399 -65.58 -5.00 -12.21
C VAL C 399 -65.71 -6.29 -13.03
N ARG C 400 -65.52 -7.43 -12.38
CA ARG C 400 -65.23 -8.66 -13.10
C ARG C 400 -66.46 -9.48 -13.43
N ASP C 401 -67.37 -9.65 -12.49
CA ASP C 401 -68.38 -10.68 -12.61
C ASP C 401 -69.75 -10.16 -13.00
N TYR C 402 -69.98 -8.86 -12.90
CA TYR C 402 -71.30 -8.30 -13.07
C TYR C 402 -71.55 -8.01 -14.54
N ASP C 403 -72.62 -8.59 -15.09
CA ASP C 403 -73.11 -8.16 -16.38
C ASP C 403 -74.49 -7.53 -16.25
N PRO C 404 -74.68 -6.35 -16.82
CA PRO C 404 -75.98 -5.67 -16.69
C PRO C 404 -77.09 -6.34 -17.48
N GLU C 405 -76.76 -7.17 -18.46
CA GLU C 405 -77.79 -7.80 -19.29
C GLU C 405 -78.51 -8.91 -18.54
N GLN C 406 -77.83 -9.61 -17.63
CA GLN C 406 -78.47 -10.64 -16.83
C GLN C 406 -79.04 -10.11 -15.52
N ASN C 407 -78.82 -8.84 -15.19
CA ASN C 407 -79.41 -8.21 -14.02
C ASN C 407 -80.37 -7.10 -14.44
N LYS C 408 -80.96 -7.23 -15.62
CA LYS C 408 -81.66 -6.15 -16.27
C LYS C 408 -82.94 -5.82 -15.54
N GLY C 409 -83.00 -4.63 -14.96
CA GLY C 409 -84.20 -4.13 -14.33
C GLY C 409 -84.38 -4.49 -12.89
N ASN C 410 -83.42 -5.18 -12.28
CA ASN C 410 -83.62 -5.62 -10.91
C ASN C 410 -83.15 -4.53 -9.96
N VAL C 411 -82.98 -4.91 -8.71
CA VAL C 411 -82.71 -3.98 -7.64
C VAL C 411 -81.26 -3.48 -7.65
N LEU C 412 -80.30 -4.34 -7.99
CA LEU C 412 -78.90 -3.94 -8.08
C LEU C 412 -78.67 -2.96 -9.21
N GLU C 413 -79.38 -3.15 -10.34
CA GLU C 413 -79.26 -2.19 -11.42
C GLU C 413 -79.89 -0.86 -11.06
N ARG C 414 -80.98 -0.88 -10.26
CA ARG C 414 -81.58 0.36 -9.80
C ARG C 414 -80.63 1.12 -8.90
N VAL C 415 -79.89 0.41 -8.05
CA VAL C 415 -78.86 1.03 -7.22
C VAL C 415 -77.78 1.66 -8.09
N LEU C 416 -77.38 0.96 -9.15
CA LEU C 416 -76.39 1.56 -10.04
C LEU C 416 -76.91 2.76 -10.80
N GLN C 417 -78.22 2.84 -11.04
CA GLN C 417 -78.79 3.95 -11.79
C GLN C 417 -78.80 5.27 -11.05
N HIS C 418 -78.56 5.29 -9.74
CA HIS C 418 -78.60 6.55 -9.01
C HIS C 418 -77.46 6.63 -8.00
N LYS C 419 -76.29 6.15 -8.40
CA LYS C 419 -75.14 6.06 -7.50
C LYS C 419 -74.63 7.43 -7.06
N GLU C 420 -74.87 8.46 -7.87
CA GLU C 420 -74.49 9.81 -7.49
C GLU C 420 -75.29 10.32 -6.31
N ALA C 421 -76.56 9.93 -6.20
CA ALA C 421 -77.38 10.34 -5.07
C ALA C 421 -76.91 9.70 -3.78
N ILE C 422 -76.55 8.41 -3.85
CA ILE C 422 -76.02 7.70 -2.69
C ILE C 422 -74.69 8.30 -2.26
N ILE C 423 -73.80 8.59 -3.21
CA ILE C 423 -72.46 9.06 -2.88
C ILE C 423 -72.51 10.47 -2.34
N SER C 424 -73.31 11.34 -2.95
CA SER C 424 -73.45 12.70 -2.46
C SER C 424 -74.16 12.76 -1.11
N HIS C 425 -75.04 11.80 -0.80
CA HIS C 425 -75.64 11.82 0.52
C HIS C 425 -74.73 11.25 1.59
N LEU C 426 -73.90 10.27 1.26
CA LEU C 426 -72.84 9.90 2.20
C LEU C 426 -71.85 11.03 2.41
N SER C 427 -71.59 11.82 1.36
CA SER C 427 -70.75 13.00 1.53
C SER C 427 -71.41 14.04 2.44
N TRP C 428 -72.72 14.25 2.30
CA TRP C 428 -73.42 15.20 3.18
C TRP C 428 -73.38 14.75 4.63
N VAL C 429 -73.65 13.48 4.90
CA VAL C 429 -73.62 12.98 6.28
C VAL C 429 -72.21 13.06 6.85
N SER C 430 -71.20 12.77 6.03
CA SER C 430 -69.81 12.85 6.47
C SER C 430 -69.40 14.26 6.84
N LEU C 431 -69.67 15.24 5.97
CA LEU C 431 -69.32 16.62 6.30
C LEU C 431 -70.13 17.13 7.47
N PHE C 432 -71.40 16.72 7.53
CA PHE C 432 -72.33 17.15 8.56
C PHE C 432 -71.89 16.66 9.93
N LEU C 433 -71.47 15.41 10.02
CA LEU C 433 -70.96 14.90 11.29
C LEU C 433 -69.60 15.52 11.62
N GLY C 434 -68.73 15.64 10.61
CA GLY C 434 -67.35 16.02 10.89
C GLY C 434 -67.20 17.46 11.33
N PHE C 435 -67.82 18.40 10.60
CA PHE C 435 -67.85 19.82 10.96
C PHE C 435 -68.33 20.04 12.39
N HIS C 436 -69.43 19.41 12.76
CA HIS C 436 -70.04 19.70 14.05
C HIS C 436 -69.37 18.97 15.18
N THR C 437 -68.94 17.72 14.96
CA THR C 437 -68.25 17.00 16.02
C THR C 437 -66.87 17.60 16.30
N LEU C 438 -66.15 17.98 15.24
CA LEU C 438 -64.88 18.68 15.42
C LEU C 438 -65.08 20.06 16.04
N GLY C 439 -66.02 20.86 15.53
CA GLY C 439 -66.24 22.18 16.07
C GLY C 439 -66.74 22.19 17.49
N LEU C 440 -67.48 21.16 17.87
CA LEU C 440 -67.88 20.99 19.26
C LEU C 440 -66.67 20.68 20.15
N TYR C 441 -65.81 19.75 19.72
CA TYR C 441 -64.57 19.49 20.48
C TYR C 441 -63.67 20.72 20.57
N VAL C 442 -63.61 21.53 19.51
CA VAL C 442 -62.73 22.70 19.52
C VAL C 442 -63.33 23.81 20.39
N HIS C 443 -64.66 24.01 20.36
CA HIS C 443 -65.36 24.84 21.34
C HIS C 443 -64.98 24.47 22.75
N ASN C 444 -65.14 23.20 23.10
CA ASN C 444 -64.90 22.76 24.46
C ASN C 444 -63.43 22.88 24.82
N ASP C 445 -62.56 22.73 23.84
CA ASP C 445 -61.13 22.70 24.10
C ASP C 445 -60.60 24.12 24.31
N VAL C 446 -61.04 25.06 23.47
CA VAL C 446 -60.73 26.48 23.64
C VAL C 446 -61.29 26.99 24.96
N VAL C 447 -62.54 26.64 25.25
CA VAL C 447 -63.23 27.15 26.42
C VAL C 447 -62.60 26.60 27.71
N VAL C 448 -62.15 25.34 27.70
CA VAL C 448 -61.40 24.85 28.85
C VAL C 448 -60.01 25.48 28.90
N ALA C 449 -59.42 25.77 27.74
CA ALA C 449 -58.12 26.44 27.72
C ALA C 449 -58.20 27.86 28.26
N PHE C 450 -59.29 28.58 28.00
CA PHE C 450 -59.43 29.93 28.52
C PHE C 450 -59.91 29.99 29.95
N GLY C 451 -59.91 28.86 30.66
CA GLY C 451 -60.13 28.82 32.09
C GLY C 451 -61.56 28.84 32.53
N THR C 452 -62.52 28.82 31.59
CA THR C 452 -63.94 28.89 31.92
C THR C 452 -64.65 27.63 31.42
N PRO C 453 -64.39 26.46 32.03
CA PRO C 453 -64.90 25.19 31.46
C PRO C 453 -66.40 25.01 31.54
N GLU C 454 -67.12 25.88 32.25
CA GLU C 454 -68.58 25.82 32.31
C GLU C 454 -69.26 26.30 31.04
N LYS C 455 -68.53 26.92 30.12
CA LYS C 455 -69.05 27.33 28.83
C LYS C 455 -68.93 26.22 27.79
N GLN C 456 -68.55 25.01 28.20
CA GLN C 456 -68.59 23.85 27.34
C GLN C 456 -70.00 23.50 26.90
N ILE C 457 -70.13 23.09 25.65
CA ILE C 457 -71.38 22.51 25.15
C ILE C 457 -71.37 21.04 25.55
N LEU C 458 -72.21 20.67 26.50
CA LEU C 458 -72.28 19.30 26.99
C LEU C 458 -73.69 18.79 26.79
N ILE C 459 -73.81 17.66 26.11
CA ILE C 459 -75.10 17.15 25.64
C ILE C 459 -75.31 15.77 26.24
N GLU C 460 -76.42 15.59 26.93
CA GLU C 460 -76.73 14.29 27.49
C GLU C 460 -77.16 13.33 26.38
N PRO C 461 -76.69 12.09 26.40
CA PRO C 461 -77.17 11.14 25.41
C PRO C 461 -78.55 10.61 25.77
N VAL C 462 -79.57 11.46 25.64
CA VAL C 462 -80.88 11.18 26.23
C VAL C 462 -81.56 10.00 25.56
N PHE C 463 -81.23 9.72 24.31
CA PHE C 463 -81.89 8.59 23.66
C PHE C 463 -81.26 7.26 24.04
N ALA C 464 -79.94 7.22 24.15
CA ALA C 464 -79.32 5.99 24.59
C ALA C 464 -79.47 5.77 26.09
N GLN C 465 -79.59 6.86 26.86
CA GLN C 465 -79.96 6.73 28.26
C GLN C 465 -81.40 6.27 28.43
N PHE C 466 -82.26 6.64 27.48
CA PHE C 466 -83.60 6.08 27.44
C PHE C 466 -83.57 4.58 27.15
N ILE C 467 -82.73 4.16 26.21
CA ILE C 467 -82.60 2.73 25.92
C ILE C 467 -82.08 1.96 27.13
N GLN C 468 -81.11 2.52 27.85
CA GLN C 468 -80.69 1.92 29.11
C GLN C 468 -81.81 1.93 30.14
N ALA C 469 -82.67 2.95 30.12
CA ALA C 469 -83.77 3.01 31.07
C ALA C 469 -84.86 2.02 30.70
N ALA C 470 -85.14 1.84 29.40
CA ALA C 470 -86.06 0.80 28.96
C ALA C 470 -85.57 -0.60 29.28
N HIS C 471 -84.27 -0.78 29.45
CA HIS C 471 -83.70 -2.06 29.83
C HIS C 471 -83.76 -2.32 31.32
N GLY C 472 -84.20 -1.36 32.11
CA GLY C 472 -84.36 -1.57 33.53
C GLY C 472 -83.35 -0.89 34.41
N LYS C 473 -82.50 -0.02 33.85
CA LYS C 473 -81.52 0.68 34.65
C LYS C 473 -82.22 1.85 35.35
N VAL C 474 -82.20 1.83 36.68
CA VAL C 474 -82.95 2.78 37.49
C VAL C 474 -82.23 4.11 37.64
N LEU C 475 -80.94 4.16 37.28
CA LEU C 475 -80.05 5.28 37.64
C LEU C 475 -80.47 6.58 36.98
N TYR C 476 -81.12 6.54 35.83
CA TYR C 476 -81.49 7.78 35.16
C TYR C 476 -82.81 8.33 35.67
N GLY C 477 -83.64 7.50 36.30
CA GLY C 477 -84.91 7.95 36.82
C GLY C 477 -85.94 8.28 35.77
N LEU C 478 -86.03 7.47 34.71
CA LEU C 478 -86.94 7.76 33.60
C LEU C 478 -88.26 7.01 33.69
N ASP C 479 -88.32 5.92 34.46
CA ASP C 479 -89.57 5.20 34.78
C ASP C 479 -90.27 4.71 33.53
N THR C 480 -89.50 4.10 32.65
CA THR C 480 -89.99 3.55 31.39
C THR C 480 -89.79 2.05 31.45
N LEU C 481 -89.94 1.40 30.30
CA LEU C 481 -90.42 0.03 30.10
C LEU C 481 -90.03 -1.02 31.14
N LEU C 482 -88.75 -1.30 31.36
CA LEU C 482 -88.42 -2.24 32.41
C LEU C 482 -87.94 -1.56 33.68
N SER C 483 -87.71 -0.25 33.66
CA SER C 483 -87.52 0.51 34.88
C SER C 483 -88.84 0.94 35.50
N ASN C 484 -89.95 0.75 34.79
CA ASN C 484 -91.28 0.99 35.32
C ASN C 484 -91.83 -0.34 35.79
N PRO C 485 -92.01 -0.56 37.10
CA PRO C 485 -92.56 -1.84 37.56
C PRO C 485 -94.04 -2.00 37.29
N ASP C 486 -94.72 -0.95 36.85
CA ASP C 486 -96.14 -1.00 36.51
C ASP C 486 -96.36 -1.14 35.01
N SER C 487 -95.32 -1.42 34.25
CA SER C 487 -95.43 -1.48 32.80
C SER C 487 -95.82 -2.88 32.34
N VAL C 488 -96.42 -2.93 31.15
CA VAL C 488 -96.84 -4.21 30.60
C VAL C 488 -95.62 -4.99 30.12
N ALA C 489 -94.53 -4.30 29.77
CA ALA C 489 -93.28 -4.97 29.43
C ALA C 489 -92.64 -5.57 30.66
N TYR C 490 -92.73 -4.87 31.78
CA TYR C 490 -92.10 -5.31 33.01
C TYR C 490 -92.76 -6.52 33.62
N THR C 491 -94.08 -6.52 33.67
CA THR C 491 -94.79 -7.62 34.26
C THR C 491 -95.11 -8.69 33.27
N ALA C 492 -94.98 -8.34 31.99
CA ALA C 492 -95.33 -9.20 30.85
C ALA C 492 -96.79 -9.62 30.98
N TYR C 493 -97.71 -8.66 30.89
CA TYR C 493 -99.14 -8.95 31.04
C TYR C 493 -99.77 -9.49 29.75
N PRO C 494 -100.38 -10.73 29.81
CA PRO C 494 -101.05 -12.05 29.85
C PRO C 494 -100.39 -13.21 30.59
N ASN C 495 -99.26 -13.67 30.05
CA ASN C 495 -98.48 -14.79 30.55
C ASN C 495 -97.61 -14.63 31.80
N TYR C 496 -97.03 -13.45 32.08
CA TYR C 496 -96.11 -13.23 33.23
C TYR C 496 -94.94 -14.21 33.28
N ALA C 497 -94.39 -14.56 32.12
CA ALA C 497 -93.33 -15.54 32.09
C ALA C 497 -91.94 -15.01 31.79
N ASN C 498 -91.70 -13.73 32.05
CA ASN C 498 -90.37 -13.16 31.84
C ASN C 498 -89.49 -13.54 33.01
N VAL C 499 -89.10 -14.81 33.06
CA VAL C 499 -88.46 -15.37 34.24
C VAL C 499 -87.00 -14.94 34.35
N TRP C 500 -86.44 -14.38 33.29
CA TRP C 500 -85.11 -13.82 33.28
C TRP C 500 -85.01 -12.47 33.99
N LEU C 501 -86.13 -11.86 34.35
CA LEU C 501 -86.10 -10.45 34.66
C LEU C 501 -85.46 -10.08 36.01
N PRO C 502 -85.66 -10.81 37.14
CA PRO C 502 -84.92 -10.44 38.35
C PRO C 502 -83.40 -10.53 38.25
N GLY C 503 -82.86 -11.57 37.61
CA GLY C 503 -81.43 -11.66 37.44
C GLY C 503 -80.87 -10.60 36.51
N TRP C 504 -81.61 -10.29 35.43
CA TRP C 504 -81.22 -9.21 34.53
C TRP C 504 -81.22 -7.86 35.22
N LEU C 505 -82.24 -7.58 36.04
CA LEU C 505 -82.29 -6.28 36.71
C LEU C 505 -81.25 -6.18 37.81
N ASP C 506 -80.96 -7.30 38.47
CA ASP C 506 -79.88 -7.35 39.46
C ASP C 506 -78.53 -7.09 38.81
N ALA C 507 -78.33 -7.59 37.59
CA ALA C 507 -77.06 -7.34 36.93
C ALA C 507 -76.98 -5.92 36.38
N ILE C 508 -78.07 -5.41 35.80
CA ILE C 508 -78.00 -4.10 35.17
C ILE C 508 -78.00 -2.98 36.20
N ASN C 509 -78.47 -3.21 37.42
CA ASN C 509 -78.47 -2.17 38.44
C ASN C 509 -77.39 -2.38 39.48
N SER C 510 -76.38 -3.19 39.18
CA SER C 510 -75.24 -3.34 40.08
C SER C 510 -74.35 -2.12 40.04
N GLY C 511 -74.00 -1.66 38.84
CA GLY C 511 -72.99 -0.63 38.71
C GLY C 511 -71.58 -1.12 38.96
N THR C 512 -71.38 -2.43 39.07
CA THR C 512 -70.07 -3.01 39.33
C THR C 512 -69.55 -3.82 38.16
N ASN C 513 -70.25 -3.84 37.03
CA ASN C 513 -69.87 -4.59 35.85
C ASN C 513 -69.81 -3.64 34.66
N SER C 514 -69.72 -4.19 33.46
CA SER C 514 -69.75 -3.42 32.23
C SER C 514 -71.04 -3.61 31.46
N LEU C 515 -72.12 -3.96 32.14
CA LEU C 515 -73.42 -4.21 31.51
C LEU C 515 -74.19 -2.90 31.46
N PHE C 516 -74.24 -2.29 30.27
CA PHE C 516 -74.87 -0.99 30.01
C PHE C 516 -74.33 0.09 30.95
N LEU C 517 -73.05 0.40 30.74
CA LEU C 517 -72.36 1.41 31.51
C LEU C 517 -73.04 2.76 31.44
N THR C 518 -73.04 3.48 32.56
CA THR C 518 -73.52 4.85 32.64
C THR C 518 -72.81 5.74 31.62
N ILE C 519 -73.59 6.49 30.86
CA ILE C 519 -73.05 7.33 29.81
C ILE C 519 -73.43 8.78 30.08
N GLY C 520 -72.61 9.68 29.56
CA GLY C 520 -72.81 11.10 29.70
C GLY C 520 -72.28 11.84 28.49
N PRO C 521 -71.98 13.12 28.64
CA PRO C 521 -71.61 13.94 27.47
C PRO C 521 -70.28 13.57 26.83
N GLY C 522 -69.38 12.89 27.53
CA GLY C 522 -68.18 12.40 26.87
C GLY C 522 -68.48 11.24 25.94
N ASP C 523 -69.50 10.47 26.25
CA ASP C 523 -69.92 9.33 25.44
C ASP C 523 -70.64 9.79 24.17
N PHE C 524 -71.35 10.91 24.25
CA PHE C 524 -72.08 11.50 23.13
C PHE C 524 -71.16 11.85 21.97
N LEU C 525 -70.17 12.71 22.25
CA LEU C 525 -69.27 13.23 21.23
C LEU C 525 -68.46 12.13 20.57
N VAL C 526 -68.09 11.10 21.34
CA VAL C 526 -67.30 10.04 20.77
C VAL C 526 -68.16 9.16 19.89
N HIS C 527 -69.42 8.93 20.25
CA HIS C 527 -70.32 8.21 19.36
C HIS C 527 -70.57 8.95 18.06
N HIS C 528 -70.50 10.26 18.07
CA HIS C 528 -70.64 10.95 16.80
C HIS C 528 -69.37 10.92 15.98
N ALA C 529 -68.21 10.92 16.65
CA ALA C 529 -66.96 10.65 15.94
C ALA C 529 -66.94 9.24 15.34
N ILE C 530 -67.52 8.26 16.04
CA ILE C 530 -67.62 6.91 15.52
C ILE C 530 -68.55 6.87 14.32
N ALA C 531 -69.68 7.58 14.40
CA ALA C 531 -70.59 7.70 13.27
C ALA C 531 -69.91 8.35 12.06
N LEU C 532 -69.10 9.38 12.31
CA LEU C 532 -68.28 10.00 11.28
C LEU C 532 -67.34 8.99 10.62
N GLY C 533 -66.64 8.19 11.42
CA GLY C 533 -65.69 7.26 10.87
C GLY C 533 -66.35 6.15 10.08
N LEU C 534 -67.46 5.62 10.60
CA LEU C 534 -68.26 4.64 9.86
C LEU C 534 -68.76 5.22 8.55
N HIS C 535 -69.30 6.44 8.56
CA HIS C 535 -69.87 7.00 7.36
C HIS C 535 -68.81 7.34 6.32
N THR C 536 -67.63 7.80 6.76
CA THR C 536 -66.62 8.17 5.80
C THR C 536 -65.96 6.93 5.20
N THR C 537 -65.69 5.91 6.01
CA THR C 537 -65.17 4.66 5.48
C THR C 537 -66.16 4.01 4.50
N THR C 538 -67.45 4.08 4.83
CA THR C 538 -68.51 3.64 3.91
C THR C 538 -68.53 4.49 2.64
N LEU C 539 -68.32 5.81 2.77
CA LEU C 539 -68.30 6.69 1.60
C LEU C 539 -67.21 6.31 0.63
N ILE C 540 -65.99 6.11 1.14
CA ILE C 540 -64.85 5.73 0.29
C ILE C 540 -65.10 4.38 -0.36
N LEU C 541 -65.55 3.40 0.42
CA LEU C 541 -65.74 2.05 -0.09
C LEU C 541 -66.91 1.95 -1.07
N VAL C 542 -68.06 2.50 -0.71
CA VAL C 542 -69.24 2.53 -1.58
C VAL C 542 -68.94 3.29 -2.86
N LYS C 543 -68.26 4.43 -2.76
CA LYS C 543 -67.91 5.21 -3.94
C LYS C 543 -66.97 4.45 -4.85
N GLY C 544 -65.96 3.78 -4.27
CA GLY C 544 -65.09 2.96 -5.09
C GLY C 544 -65.76 1.76 -5.72
N ALA C 545 -66.75 1.18 -5.04
CA ALA C 545 -67.51 0.10 -5.63
C ALA C 545 -68.37 0.60 -6.78
N LEU C 546 -69.14 1.66 -6.56
CA LEU C 546 -70.09 2.11 -7.56
C LEU C 546 -69.44 2.83 -8.73
N ASP C 547 -68.25 3.39 -8.55
CA ASP C 547 -67.50 3.96 -9.66
C ASP C 547 -66.46 3.00 -10.22
N ALA C 548 -66.51 1.72 -9.84
CA ALA C 548 -65.53 0.76 -10.32
C ALA C 548 -65.70 0.45 -11.79
N ARG C 549 -66.91 0.58 -12.32
CA ARG C 549 -67.16 0.32 -13.72
C ARG C 549 -66.69 1.49 -14.58
N GLY C 550 -67.07 2.69 -14.21
CA GLY C 550 -66.61 3.86 -14.92
C GLY C 550 -67.09 5.10 -14.20
N SER C 551 -66.49 6.22 -14.58
CA SER C 551 -66.86 7.52 -14.06
C SER C 551 -66.75 8.52 -15.21
N LYS C 552 -66.96 9.80 -14.93
CA LYS C 552 -66.81 10.79 -15.99
C LYS C 552 -65.35 11.00 -16.35
N LEU C 553 -64.44 10.76 -15.41
CA LEU C 553 -63.02 10.95 -15.66
C LEU C 553 -62.42 9.75 -16.37
N MET C 554 -62.99 8.57 -16.21
CA MET C 554 -62.54 7.38 -16.93
C MET C 554 -63.75 6.50 -17.21
N PRO C 555 -64.40 6.70 -18.36
CA PRO C 555 -65.61 5.92 -18.67
C PRO C 555 -65.40 4.44 -18.92
N ASP C 556 -64.18 3.97 -19.18
CA ASP C 556 -63.96 2.57 -19.53
C ASP C 556 -63.13 1.83 -18.49
N LYS C 557 -63.33 2.16 -17.22
CA LYS C 557 -62.50 1.64 -16.12
C LYS C 557 -62.62 0.13 -15.96
N LYS C 558 -63.73 -0.46 -16.39
CA LYS C 558 -63.92 -1.90 -16.35
C LYS C 558 -63.00 -2.64 -17.33
N ASP C 559 -62.54 -1.97 -18.38
CA ASP C 559 -61.60 -2.58 -19.30
C ASP C 559 -60.23 -2.74 -18.69
N PHE C 560 -59.90 -2.00 -17.63
CA PHE C 560 -58.59 -2.10 -17.03
C PHE C 560 -58.57 -3.02 -15.82
N GLY C 561 -59.71 -3.34 -15.25
CA GLY C 561 -59.76 -4.22 -14.10
C GLY C 561 -59.78 -3.46 -12.79
N TYR C 562 -59.56 -4.21 -11.73
CA TYR C 562 -59.69 -3.69 -10.37
C TYR C 562 -58.47 -2.86 -9.96
N ALA C 563 -57.27 -3.40 -10.14
CA ALA C 563 -56.06 -2.78 -9.62
C ALA C 563 -55.16 -2.39 -10.78
N PHE C 564 -55.01 -1.08 -10.99
CA PHE C 564 -54.13 -0.53 -12.01
C PHE C 564 -53.70 0.83 -11.49
N PRO C 565 -52.55 1.36 -11.94
CA PRO C 565 -52.00 2.54 -11.24
C PRO C 565 -52.82 3.81 -11.37
N CYS C 566 -53.18 4.16 -12.59
CA CYS C 566 -53.80 5.44 -12.93
C CYS C 566 -54.28 5.31 -14.37
N ASP C 567 -54.66 6.43 -14.97
CA ASP C 567 -54.83 6.49 -16.41
C ASP C 567 -53.90 7.54 -17.03
N GLY C 568 -52.86 7.93 -16.31
CA GLY C 568 -51.88 8.81 -16.87
C GLY C 568 -52.11 10.26 -16.50
N PRO C 569 -51.22 11.14 -16.98
CA PRO C 569 -51.28 12.55 -16.59
C PRO C 569 -52.42 13.31 -17.21
N GLY C 570 -52.98 12.82 -18.31
CA GLY C 570 -53.97 13.58 -19.05
C GLY C 570 -55.29 13.69 -18.32
N ARG C 571 -56.13 14.57 -18.86
CA ARG C 571 -57.47 14.91 -18.36
C ARG C 571 -57.39 15.45 -16.94
N GLY C 572 -56.38 16.24 -16.66
CA GLY C 572 -56.17 16.82 -15.35
C GLY C 572 -55.29 16.00 -14.43
N GLY C 573 -55.16 14.71 -14.68
CA GLY C 573 -54.39 13.80 -13.86
C GLY C 573 -55.32 12.84 -13.14
N THR C 574 -54.88 11.60 -13.00
CA THR C 574 -55.77 10.51 -12.62
C THR C 574 -55.14 9.59 -11.59
N CYS C 575 -54.39 10.11 -10.62
CA CYS C 575 -53.79 9.25 -9.61
C CYS C 575 -54.89 8.71 -8.70
N ASP C 576 -54.76 7.43 -8.32
CA ASP C 576 -55.69 6.74 -7.42
C ASP C 576 -57.11 6.67 -7.99
N ILE C 577 -57.21 6.38 -9.29
CA ILE C 577 -58.52 6.33 -9.92
C ILE C 577 -59.17 4.95 -9.83
N SER C 578 -58.38 3.89 -9.65
CA SER C 578 -58.91 2.54 -9.68
C SER C 578 -59.78 2.23 -8.46
N ALA C 579 -60.50 1.12 -8.54
CA ALA C 579 -61.34 0.70 -7.43
C ALA C 579 -60.50 0.14 -6.28
N TRP C 580 -59.33 -0.41 -6.59
CA TRP C 580 -58.38 -0.83 -5.59
C TRP C 580 -57.91 0.36 -4.74
N ASP C 581 -57.86 1.54 -5.34
CA ASP C 581 -57.36 2.70 -4.63
C ASP C 581 -58.36 3.21 -3.60
N SER C 582 -59.64 2.89 -3.75
CA SER C 582 -60.57 3.16 -2.67
C SER C 582 -60.39 2.20 -1.50
N PHE C 583 -60.05 0.94 -1.78
CA PHE C 583 -59.61 0.02 -0.71
C PHE C 583 -58.43 0.60 0.06
N TYR C 584 -57.43 1.05 -0.70
CA TYR C 584 -56.25 1.70 -0.16
C TYR C 584 -56.62 2.86 0.75
N LEU C 585 -57.41 3.81 0.22
CA LEU C 585 -57.76 5.00 0.97
C LEU C 585 -58.67 4.70 2.15
N SER C 586 -59.46 3.64 2.08
CA SER C 586 -60.38 3.35 3.15
C SER C 586 -59.78 2.53 4.26
N LEU C 587 -58.63 1.89 4.03
CA LEU C 587 -57.98 1.23 5.16
C LEU C 587 -57.46 2.25 6.17
N PHE C 588 -57.12 3.46 5.72
CA PHE C 588 -56.76 4.54 6.64
C PHE C 588 -57.94 4.95 7.51
N TRP C 589 -59.11 5.15 6.91
CA TRP C 589 -60.29 5.53 7.67
C TRP C 589 -60.81 4.40 8.55
N ALA C 590 -60.64 3.16 8.13
CA ALA C 590 -61.07 2.04 8.97
C ALA C 590 -60.16 1.89 10.18
N LEU C 591 -58.84 2.04 9.99
CA LEU C 591 -57.92 2.03 11.10
C LEU C 591 -58.14 3.21 12.03
N ASN C 592 -58.47 4.37 11.47
CA ASN C 592 -58.77 5.54 12.28
C ASN C 592 -60.01 5.32 13.12
N THR C 593 -61.05 4.76 12.51
CA THR C 593 -62.31 4.49 13.17
C THR C 593 -62.12 3.51 14.31
N VAL C 594 -61.36 2.43 14.05
CA VAL C 594 -61.18 1.46 15.10
C VAL C 594 -60.23 2.00 16.17
N GLY C 595 -59.36 2.95 15.80
CA GLY C 595 -58.56 3.63 16.81
C GLY C 595 -59.39 4.51 17.72
N TRP C 596 -60.38 5.20 17.15
CA TRP C 596 -61.31 5.97 17.98
C TRP C 596 -62.12 5.07 18.90
N VAL C 597 -62.62 3.94 18.39
CA VAL C 597 -63.48 3.10 19.23
C VAL C 597 -62.69 2.40 20.32
N THR C 598 -61.44 2.00 20.05
CA THR C 598 -60.70 1.29 21.07
C THR C 598 -60.06 2.26 22.05
N PHE C 599 -59.67 3.48 21.62
CA PHE C 599 -59.25 4.51 22.57
C PHE C 599 -60.37 4.81 23.55
N TYR C 600 -61.59 4.96 23.03
CA TYR C 600 -62.76 5.23 23.86
C TYR C 600 -63.06 4.10 24.84
N TRP C 601 -63.17 2.87 24.33
CA TRP C 601 -63.37 1.68 25.16
C TRP C 601 -62.34 1.64 26.28
N HIS C 602 -61.06 1.80 25.90
CA HIS C 602 -59.95 1.62 26.83
C HIS C 602 -59.95 2.70 27.90
N TRP C 603 -60.17 3.96 27.52
CA TRP C 603 -60.04 5.01 28.52
C TRP C 603 -61.22 5.00 29.46
N LYS C 604 -62.42 4.68 28.94
CA LYS C 604 -63.58 4.57 29.82
C LYS C 604 -63.40 3.42 30.80
N HIS C 605 -63.02 2.24 30.31
CA HIS C 605 -62.86 1.08 31.18
C HIS C 605 -61.71 1.24 32.15
N LEU C 606 -60.64 1.90 31.72
CA LEU C 606 -59.50 2.17 32.57
C LEU C 606 -59.87 3.15 33.68
N GLY C 607 -60.88 4.00 33.43
CA GLY C 607 -61.48 4.75 34.52
C GLY C 607 -62.28 3.88 35.47
N ILE C 608 -63.14 3.00 34.93
CA ILE C 608 -63.94 2.11 35.77
C ILE C 608 -63.08 1.18 36.62
N TRP C 609 -62.01 0.63 36.04
CA TRP C 609 -61.17 -0.36 36.72
C TRP C 609 -60.40 0.21 37.91
N GLN C 610 -60.33 1.53 38.03
CA GLN C 610 -59.64 2.22 39.11
C GLN C 610 -60.58 2.89 40.09
N GLY C 611 -61.87 2.93 39.78
CA GLY C 611 -62.81 3.66 40.62
C GLY C 611 -62.89 5.13 40.33
N ASN C 612 -62.47 5.57 39.15
CA ASN C 612 -62.45 6.97 38.76
C ASN C 612 -63.16 7.08 37.43
N VAL C 613 -64.50 7.13 37.46
CA VAL C 613 -65.20 7.46 36.22
C VAL C 613 -65.16 8.96 35.97
N ALA C 614 -64.93 9.75 37.02
CA ALA C 614 -64.97 11.20 36.94
C ALA C 614 -63.87 11.76 36.03
N GLN C 615 -62.73 11.08 35.94
CA GLN C 615 -61.68 11.51 35.02
C GLN C 615 -62.16 11.45 33.58
N PHE C 616 -62.78 10.34 33.19
CA PHE C 616 -63.34 10.23 31.85
C PHE C 616 -64.49 11.21 31.65
N ASN C 617 -65.41 11.25 32.61
CA ASN C 617 -66.63 12.03 32.42
C ASN C 617 -66.36 13.52 32.39
N GLU C 618 -65.31 13.98 33.05
CA GLU C 618 -64.98 15.39 33.07
C GLU C 618 -63.95 15.77 32.02
N ASN C 619 -63.15 14.82 31.54
CA ASN C 619 -62.02 15.16 30.68
C ASN C 619 -62.15 14.67 29.25
N SER C 620 -63.21 13.94 28.90
CA SER C 620 -63.35 13.45 27.54
C SER C 620 -64.18 14.36 26.66
N THR C 621 -64.64 15.48 27.16
CA THR C 621 -65.41 16.40 26.35
C THR C 621 -64.54 17.35 25.53
N TYR C 622 -63.25 17.37 25.76
CA TYR C 622 -62.31 18.17 24.98
C TYR C 622 -61.10 17.30 24.68
N LEU C 623 -60.38 17.66 23.61
CA LEU C 623 -59.39 16.76 23.05
C LEU C 623 -58.08 16.74 23.83
N MET C 624 -57.79 17.80 24.58
CA MET C 624 -56.60 17.76 25.43
C MET C 624 -56.76 16.78 26.58
N GLY C 625 -57.99 16.51 27.01
CA GLY C 625 -58.18 15.50 28.02
C GLY C 625 -57.82 14.11 27.53
N TRP C 626 -58.25 13.77 26.31
CA TRP C 626 -57.78 12.55 25.65
C TRP C 626 -56.27 12.52 25.53
N PHE C 627 -55.69 13.61 25.03
CA PHE C 627 -54.25 13.70 24.78
C PHE C 627 -53.45 13.51 26.07
N ARG C 628 -53.66 14.42 27.02
CA ARG C 628 -53.00 14.38 28.32
C ARG C 628 -53.34 13.12 29.10
N ASP C 629 -54.60 12.99 29.52
CA ASP C 629 -55.04 12.00 30.49
C ASP C 629 -55.09 10.59 29.93
N TYR C 630 -55.01 10.40 28.62
CA TYR C 630 -55.00 9.06 28.11
C TYR C 630 -53.71 8.73 27.37
N LEU C 631 -53.27 9.57 26.43
CA LEU C 631 -52.03 9.24 25.73
C LEU C 631 -50.83 9.52 26.60
N TRP C 632 -50.76 10.69 27.24
CA TRP C 632 -49.57 11.06 27.99
C TRP C 632 -49.49 10.29 29.30
N ALA C 633 -50.60 10.24 30.03
CA ALA C 633 -50.60 9.75 31.41
C ALA C 633 -50.38 8.24 31.47
N ASN C 634 -50.95 7.51 30.54
CA ASN C 634 -50.88 6.05 30.57
C ASN C 634 -49.68 5.48 29.84
N SER C 635 -48.92 6.28 29.12
CA SER C 635 -47.72 5.78 28.48
C SER C 635 -46.48 5.90 29.34
N ALA C 636 -46.65 6.40 30.57
CA ALA C 636 -45.52 6.68 31.45
C ALA C 636 -44.77 5.40 31.83
N GLN C 637 -45.50 4.40 32.29
CA GLN C 637 -44.87 3.18 32.76
C GLN C 637 -44.39 2.31 31.61
N LEU C 638 -45.03 2.44 30.44
CA LEU C 638 -44.60 1.74 29.22
C LEU C 638 -43.19 2.13 28.80
N ILE C 639 -42.91 3.43 28.65
CA ILE C 639 -41.61 3.86 28.18
C ILE C 639 -40.53 3.79 29.24
N ASN C 640 -40.90 3.43 30.48
CA ASN C 640 -39.95 3.04 31.50
C ASN C 640 -39.80 1.54 31.60
N GLY C 641 -40.19 0.80 30.56
CA GLY C 641 -39.96 -0.63 30.53
C GLY C 641 -38.48 -0.97 30.47
N TYR C 642 -37.69 -0.11 29.86
CA TYR C 642 -36.25 -0.13 30.02
C TYR C 642 -35.77 1.32 29.99
N ASN C 643 -34.74 1.61 30.76
CA ASN C 643 -34.32 2.98 30.99
C ASN C 643 -32.83 2.96 31.36
N PRO C 644 -32.13 4.07 31.59
CA PRO C 644 -30.72 3.98 31.99
C PRO C 644 -30.45 3.31 33.33
N TYR C 645 -31.46 2.94 34.10
CA TYR C 645 -31.24 2.32 35.39
C TYR C 645 -31.52 0.84 35.42
N GLY C 646 -32.35 0.33 34.51
CA GLY C 646 -32.59 -1.11 34.51
C GLY C 646 -33.70 -1.52 33.57
N VAL C 647 -34.30 -2.65 33.87
CA VAL C 647 -35.22 -3.32 32.97
C VAL C 647 -36.26 -4.06 33.82
N ASN C 648 -37.52 -4.01 33.39
CA ASN C 648 -38.56 -4.80 34.05
C ASN C 648 -39.30 -5.61 33.01
N ASN C 649 -40.43 -6.20 33.34
CA ASN C 649 -41.09 -7.07 32.38
C ASN C 649 -41.84 -6.33 31.28
N LEU C 650 -41.88 -5.00 31.30
CA LEU C 650 -42.51 -4.24 30.24
C LEU C 650 -41.53 -3.79 29.16
N SER C 651 -40.33 -4.35 29.12
CA SER C 651 -39.36 -3.92 28.12
C SER C 651 -39.64 -4.47 26.73
N VAL C 652 -40.31 -5.63 26.61
CA VAL C 652 -40.75 -6.07 25.28
C VAL C 652 -41.78 -5.11 24.74
N TRP C 653 -42.68 -4.65 25.59
CA TRP C 653 -43.76 -3.80 25.10
C TRP C 653 -43.25 -2.40 24.78
N ALA C 654 -42.24 -1.92 25.52
CA ALA C 654 -41.57 -0.66 25.17
C ALA C 654 -40.83 -0.79 23.86
N TRP C 655 -40.10 -1.90 23.68
CA TRP C 655 -39.36 -2.12 22.44
C TRP C 655 -40.31 -2.25 21.26
N MET C 656 -41.43 -2.96 21.45
CA MET C 656 -42.46 -3.10 20.43
C MET C 656 -43.12 -1.76 20.13
N PHE C 657 -43.29 -0.92 21.15
CA PHE C 657 -43.87 0.41 20.96
C PHE C 657 -43.03 1.26 20.02
N LEU C 658 -41.73 1.28 20.26
CA LEU C 658 -40.81 1.98 19.36
C LEU C 658 -40.74 1.31 17.99
N PHE C 659 -40.77 -0.02 17.96
CA PHE C 659 -40.79 -0.78 16.72
C PHE C 659 -41.98 -0.39 15.85
N GLY C 660 -43.15 -0.28 16.46
CA GLY C 660 -44.35 0.06 15.71
C GLY C 660 -44.34 1.48 15.18
N HIS C 661 -43.79 2.43 15.97
CA HIS C 661 -43.51 3.76 15.43
C HIS C 661 -42.60 3.70 14.21
N LEU C 662 -41.60 2.83 14.23
CA LEU C 662 -40.68 2.73 13.11
C LEU C 662 -41.33 2.16 11.85
N VAL C 663 -42.13 1.10 11.99
CA VAL C 663 -42.80 0.47 10.85
C VAL C 663 -43.84 1.42 10.26
N TRP C 664 -44.60 2.10 11.13
CA TRP C 664 -45.60 3.07 10.71
C TRP C 664 -44.98 4.21 9.93
N ALA C 665 -43.82 4.68 10.39
CA ALA C 665 -43.19 5.80 9.71
C ALA C 665 -42.46 5.39 8.45
N THR C 666 -41.95 4.15 8.40
CA THR C 666 -41.39 3.59 7.18
C THR C 666 -42.45 3.50 6.09
N GLY C 667 -43.71 3.29 6.48
CA GLY C 667 -44.82 3.42 5.54
C GLY C 667 -44.89 4.73 4.80
N PHE C 668 -44.62 5.85 5.48
CA PHE C 668 -44.80 7.17 4.86
C PHE C 668 -43.84 7.39 3.70
N MET C 669 -42.68 6.74 3.72
CA MET C 669 -41.78 6.76 2.57
C MET C 669 -42.45 6.23 1.32
N PHE C 670 -43.11 5.08 1.43
CA PHE C 670 -43.79 4.50 0.29
C PHE C 670 -45.06 5.23 -0.07
N LEU C 671 -45.65 5.95 0.87
CA LEU C 671 -46.87 6.66 0.58
C LEU C 671 -46.64 8.04 -0.04
N ILE C 672 -45.53 8.70 0.28
CA ILE C 672 -45.28 10.08 -0.10
C ILE C 672 -44.34 10.18 -1.31
N SER C 673 -43.20 9.51 -1.26
CA SER C 673 -42.29 9.49 -2.39
C SER C 673 -42.80 8.47 -3.39
N TRP C 674 -42.88 8.85 -4.65
CA TRP C 674 -43.46 7.95 -5.63
C TRP C 674 -42.36 7.51 -6.60
N ARG C 675 -42.74 6.86 -7.70
CA ARG C 675 -41.88 5.84 -8.29
C ARG C 675 -40.66 6.39 -9.02
N GLY C 676 -40.84 7.43 -9.85
CA GLY C 676 -39.80 7.79 -10.81
C GLY C 676 -38.53 8.30 -10.17
N TYR C 677 -38.64 8.93 -8.99
CA TYR C 677 -37.48 9.23 -8.15
C TYR C 677 -36.62 7.99 -7.92
N TRP C 678 -37.24 6.95 -7.38
CA TRP C 678 -36.53 5.74 -7.04
C TRP C 678 -35.99 5.02 -8.27
N GLN C 679 -36.70 5.08 -9.39
CA GLN C 679 -36.20 4.44 -10.61
C GLN C 679 -34.95 5.14 -11.15
N GLU C 680 -34.94 6.47 -11.16
CA GLU C 680 -33.74 7.21 -11.52
C GLU C 680 -32.59 6.97 -10.54
N LEU C 681 -32.88 6.76 -9.27
CA LEU C 681 -31.81 6.47 -8.31
C LEU C 681 -31.22 5.07 -8.52
N ILE C 682 -32.07 4.10 -8.83
CA ILE C 682 -31.60 2.73 -9.05
C ILE C 682 -30.78 2.61 -10.31
N GLU C 683 -31.06 3.45 -11.31
CA GLU C 683 -30.24 3.49 -12.52
C GLU C 683 -28.78 3.89 -12.23
N THR C 684 -28.57 4.81 -11.28
CA THR C 684 -27.20 5.13 -10.90
C THR C 684 -26.59 4.02 -10.07
N LEU C 685 -27.38 3.30 -9.27
CA LEU C 685 -26.81 2.16 -8.56
C LEU C 685 -26.40 1.03 -9.51
N VAL C 686 -27.13 0.87 -10.62
CA VAL C 686 -26.79 -0.08 -11.67
C VAL C 686 -25.48 0.32 -12.35
N TRP C 687 -25.33 1.61 -12.66
CA TRP C 687 -24.07 2.13 -13.20
C TRP C 687 -22.89 1.84 -12.26
N ALA C 688 -23.07 2.15 -10.97
CA ALA C 688 -22.00 1.98 -9.99
C ALA C 688 -21.62 0.53 -9.83
N HIS C 689 -22.60 -0.37 -9.92
CA HIS C 689 -22.26 -1.77 -9.80
C HIS C 689 -21.53 -2.27 -11.03
N GLU C 690 -21.98 -1.88 -12.22
CA GLU C 690 -21.33 -2.37 -13.42
C GLU C 690 -19.99 -1.69 -13.70
N ARG C 691 -19.66 -0.59 -13.03
CA ARG C 691 -18.37 0.04 -13.22
C ARG C 691 -17.40 -0.21 -12.07
N THR C 692 -17.80 -0.87 -11.09
CA THR C 692 -16.86 -1.09 -10.01
C THR C 692 -16.06 -2.35 -10.29
N PRO C 693 -14.72 -2.34 -10.10
CA PRO C 693 -13.96 -3.59 -10.12
C PRO C 693 -14.31 -4.45 -8.93
N ILE C 694 -13.59 -5.50 -8.60
CA ILE C 694 -14.06 -6.82 -8.18
C ILE C 694 -15.56 -7.09 -8.05
N ALA C 695 -16.36 -6.14 -7.56
CA ALA C 695 -17.81 -6.22 -7.67
C ALA C 695 -18.34 -6.40 -9.10
N ASN C 696 -17.55 -6.10 -10.14
CA ASN C 696 -17.84 -6.53 -11.51
C ASN C 696 -17.99 -8.03 -11.69
N LEU C 697 -17.35 -8.84 -10.85
CA LEU C 697 -17.32 -10.28 -11.06
C LEU C 697 -18.69 -10.92 -10.95
N VAL C 698 -19.58 -10.35 -10.16
CA VAL C 698 -20.93 -10.85 -10.02
C VAL C 698 -21.88 -9.78 -10.51
N ARG C 699 -23.10 -10.19 -10.84
CA ARG C 699 -24.25 -9.27 -10.92
C ARG C 699 -25.55 -10.08 -10.90
N TRP C 700 -26.62 -9.38 -11.24
CA TRP C 700 -27.99 -9.85 -11.09
C TRP C 700 -28.43 -10.65 -12.30
N LYS C 701 -29.25 -11.66 -12.06
CA LYS C 701 -29.95 -12.30 -13.16
C LYS C 701 -31.22 -11.55 -13.51
N ASP C 702 -31.86 -10.92 -12.55
CA ASP C 702 -33.05 -10.11 -12.79
C ASP C 702 -32.75 -8.65 -12.56
N LYS C 703 -33.16 -7.82 -13.50
CA LYS C 703 -32.77 -6.41 -13.54
C LYS C 703 -33.43 -5.65 -12.40
N PRO C 704 -32.65 -4.90 -11.62
CA PRO C 704 -33.22 -4.14 -10.50
C PRO C 704 -34.08 -2.99 -11.01
N VAL C 705 -35.33 -2.95 -10.56
CA VAL C 705 -36.21 -1.83 -10.85
C VAL C 705 -36.85 -1.37 -9.56
N ALA C 706 -37.38 -0.16 -9.61
CA ALA C 706 -38.16 0.35 -8.51
C ALA C 706 -39.47 -0.43 -8.42
N LEU C 707 -40.05 -0.43 -7.22
CA LEU C 707 -41.36 -1.01 -6.99
C LEU C 707 -42.39 -0.33 -7.87
N SER C 708 -43.42 -1.06 -8.26
CA SER C 708 -44.42 -0.41 -9.10
C SER C 708 -45.35 0.45 -8.23
N ILE C 709 -46.20 1.22 -8.91
CA ILE C 709 -47.04 2.23 -8.26
C ILE C 709 -48.03 1.55 -7.31
N VAL C 710 -48.71 0.52 -7.79
CA VAL C 710 -49.65 -0.24 -6.96
C VAL C 710 -48.91 -0.99 -5.86
N GLN C 711 -47.77 -1.60 -6.21
CA GLN C 711 -46.94 -2.32 -5.23
C GLN C 711 -46.52 -1.41 -4.09
N ALA C 712 -46.20 -0.17 -4.42
CA ALA C 712 -45.77 0.76 -3.41
C ALA C 712 -46.90 1.20 -2.50
N ARG C 713 -48.09 1.40 -3.08
CA ARG C 713 -49.27 1.60 -2.25
C ARG C 713 -49.51 0.41 -1.33
N VAL C 714 -49.30 -0.81 -1.83
CA VAL C 714 -49.46 -2.05 -1.03
C VAL C 714 -48.48 -2.05 0.14
N VAL C 715 -47.19 -1.87 -0.16
CA VAL C 715 -46.15 -1.93 0.84
C VAL C 715 -46.29 -0.82 1.87
N GLY C 716 -46.68 0.38 1.43
CA GLY C 716 -46.84 1.47 2.36
C GLY C 716 -48.02 1.29 3.28
N LEU C 717 -49.14 0.82 2.74
CA LEU C 717 -50.29 0.56 3.57
C LEU C 717 -50.04 -0.60 4.52
N ALA C 718 -49.27 -1.59 4.08
CA ALA C 718 -48.94 -2.71 4.95
C ALA C 718 -48.08 -2.27 6.12
N HIS C 719 -47.02 -1.51 5.85
CA HIS C 719 -46.23 -0.88 6.90
C HIS C 719 -47.05 -0.04 7.85
N PHE C 720 -47.86 0.87 7.30
CA PHE C 720 -48.74 1.74 8.07
C PHE C 720 -49.61 0.93 9.03
N THR C 721 -50.23 -0.14 8.55
CA THR C 721 -51.16 -0.82 9.42
C THR C 721 -50.47 -1.76 10.40
N VAL C 722 -49.32 -2.35 10.03
CA VAL C 722 -48.53 -3.15 10.98
C VAL C 722 -48.01 -2.29 12.10
N GLY C 723 -47.52 -1.09 11.76
CA GLY C 723 -47.05 -0.17 12.77
C GLY C 723 -48.17 0.36 13.66
N TYR C 724 -49.33 0.61 13.05
CA TYR C 724 -50.53 1.02 13.78
C TYR C 724 -50.93 -0.03 14.81
N VAL C 725 -51.04 -1.29 14.37
CA VAL C 725 -51.48 -2.39 15.22
C VAL C 725 -50.47 -2.66 16.33
N LEU C 726 -49.18 -2.74 15.98
CA LEU C 726 -48.16 -3.06 16.98
C LEU C 726 -47.96 -1.93 17.99
N THR C 727 -48.08 -0.67 17.58
CA THR C 727 -47.97 0.44 18.51
C THR C 727 -49.11 0.45 19.50
N TYR C 728 -50.33 0.22 18.99
CA TYR C 728 -51.45 0.24 19.89
C TYR C 728 -51.48 -0.98 20.79
N ALA C 729 -51.05 -2.13 20.29
CA ALA C 729 -51.12 -3.32 21.12
C ALA C 729 -50.07 -3.29 22.22
N ALA C 730 -48.90 -2.72 21.91
CA ALA C 730 -47.89 -2.50 22.94
C ALA C 730 -48.39 -1.53 24.01
N PHE C 731 -48.99 -0.42 23.59
CA PHE C 731 -49.53 0.55 24.56
C PHE C 731 -50.69 -0.02 25.37
N LEU C 732 -51.59 -0.77 24.73
CA LEU C 732 -52.78 -1.27 25.39
C LEU C 732 -52.42 -2.30 26.46
N ILE C 733 -51.65 -3.32 26.05
CA ILE C 733 -51.18 -4.33 26.96
C ILE C 733 -50.36 -3.72 28.09
N ALA C 734 -49.37 -2.88 27.76
CA ALA C 734 -48.46 -2.41 28.79
C ALA C 734 -49.13 -1.44 29.75
N SER C 735 -49.99 -0.54 29.25
CA SER C 735 -50.65 0.41 30.14
C SER C 735 -51.68 -0.28 31.03
N THR C 736 -52.30 -1.37 30.57
CA THR C 736 -53.24 -2.03 31.45
C THR C 736 -52.53 -2.96 32.42
N ALA C 737 -51.51 -3.67 31.95
CA ALA C 737 -50.85 -4.67 32.79
C ALA C 737 -49.81 -4.07 33.73
N GLY C 738 -49.35 -2.85 33.49
CA GLY C 738 -48.54 -2.19 34.50
C GLY C 738 -49.33 -1.68 35.66
N LYS C 739 -50.63 -1.48 35.46
CA LYS C 739 -51.53 -1.06 36.53
C LYS C 739 -52.16 -2.25 37.23
N PHE C 740 -52.47 -3.33 36.51
CA PHE C 740 -53.26 -4.39 37.10
C PHE C 740 -52.65 -5.77 36.99
N GLY C 741 -51.50 -5.92 36.34
CA GLY C 741 -50.89 -7.23 36.21
C GLY C 741 -51.44 -7.99 35.03
N SER D 2 -45.56 -6.97 -24.12
CA SER D 2 -45.78 -5.65 -24.68
C SER D 2 -47.07 -5.05 -24.16
N HIS D 3 -47.27 -3.77 -24.44
CA HIS D 3 -48.56 -3.17 -24.20
C HIS D 3 -49.40 -3.25 -25.47
N THR D 4 -50.66 -2.87 -25.35
CA THR D 4 -51.59 -2.90 -26.47
C THR D 4 -52.15 -1.50 -26.68
N VAL D 5 -52.02 -1.00 -27.90
CA VAL D 5 -52.51 0.32 -28.27
C VAL D 5 -53.61 0.13 -29.29
N LYS D 6 -54.84 0.51 -28.92
CA LYS D 6 -55.99 0.35 -29.78
C LYS D 6 -56.43 1.69 -30.35
N ILE D 7 -57.09 1.64 -31.51
CA ILE D 7 -57.64 2.82 -32.15
C ILE D 7 -59.10 2.54 -32.48
N TYR D 8 -59.97 3.49 -32.15
CA TYR D 8 -61.41 3.37 -32.36
C TYR D 8 -61.85 4.31 -33.47
N ASP D 9 -63.06 4.11 -33.97
CA ASP D 9 -63.45 4.79 -35.20
C ASP D 9 -63.94 6.22 -34.98
N THR D 10 -63.88 6.72 -33.75
CA THR D 10 -64.12 8.12 -33.45
C THR D 10 -62.92 8.99 -33.77
N CYS D 11 -61.86 8.40 -34.33
CA CYS D 11 -60.69 9.14 -34.80
C CYS D 11 -61.05 10.19 -35.83
N ILE D 12 -60.40 11.34 -35.73
CA ILE D 12 -60.57 12.42 -36.70
C ILE D 12 -59.28 12.74 -37.43
N GLY D 13 -58.22 11.98 -37.19
CA GLY D 13 -56.99 12.08 -37.95
C GLY D 13 -56.26 13.39 -37.82
N CYS D 14 -56.07 13.88 -36.60
CA CYS D 14 -55.41 15.15 -36.40
C CYS D 14 -53.91 14.99 -36.17
N THR D 15 -53.40 13.77 -36.25
CA THR D 15 -52.00 13.37 -36.19
C THR D 15 -51.30 13.70 -34.87
N GLN D 16 -52.02 14.06 -33.82
CA GLN D 16 -51.35 14.55 -32.63
C GLN D 16 -50.78 13.45 -31.76
N CYS D 17 -51.38 12.26 -31.79
CA CYS D 17 -50.83 11.12 -31.06
C CYS D 17 -49.50 10.68 -31.65
N VAL D 18 -49.40 10.70 -32.98
CA VAL D 18 -48.16 10.30 -33.65
C VAL D 18 -47.05 11.30 -33.35
N ARG D 19 -47.38 12.57 -33.21
CA ARG D 19 -46.39 13.56 -32.82
C ARG D 19 -46.03 13.44 -31.35
N ALA D 20 -46.97 12.99 -30.52
CA ALA D 20 -46.70 12.90 -29.09
C ALA D 20 -45.83 11.71 -28.72
N CYS D 21 -45.86 10.65 -29.50
CA CYS D 21 -45.19 9.39 -29.18
C CYS D 21 -43.67 9.54 -29.09
N PRO D 22 -43.06 9.18 -27.96
CA PRO D 22 -41.61 9.29 -27.83
C PRO D 22 -40.83 8.06 -28.31
N THR D 23 -41.49 7.03 -28.80
CA THR D 23 -40.81 5.81 -29.21
C THR D 23 -41.24 5.28 -30.58
N ASP D 24 -41.94 6.08 -31.38
CA ASP D 24 -42.42 5.74 -32.73
C ASP D 24 -43.24 4.45 -32.72
N VAL D 25 -44.37 4.50 -32.03
CA VAL D 25 -45.26 3.35 -31.99
C VAL D 25 -46.33 3.58 -33.05
N LEU D 26 -46.66 4.84 -33.26
CA LEU D 26 -47.85 5.24 -33.99
C LEU D 26 -47.47 5.73 -35.38
N GLU D 27 -48.44 5.66 -36.30
CA GLU D 27 -48.29 6.23 -37.64
C GLU D 27 -49.68 6.49 -38.22
N MET D 28 -49.72 7.31 -39.27
CA MET D 28 -50.97 7.68 -39.91
C MET D 28 -51.15 6.89 -41.20
N VAL D 29 -52.30 6.26 -41.35
CA VAL D 29 -52.59 5.38 -42.49
C VAL D 29 -53.78 5.99 -43.23
N PRO D 30 -53.95 5.70 -44.53
CA PRO D 30 -55.09 6.27 -45.26
C PRO D 30 -56.42 5.68 -44.83
N TRP D 31 -57.48 6.46 -45.05
CA TRP D 31 -58.81 6.09 -44.59
C TRP D 31 -59.84 6.94 -45.32
N ASP D 32 -61.11 6.57 -45.14
CA ASP D 32 -62.23 7.36 -45.66
C ASP D 32 -63.28 7.64 -44.59
N GLY D 33 -62.97 7.40 -43.32
CA GLY D 33 -63.93 7.52 -42.24
C GLY D 33 -64.03 8.85 -41.57
N CYS D 34 -63.21 9.82 -41.96
CA CYS D 34 -63.26 11.16 -41.41
C CYS D 34 -62.91 12.17 -42.50
N LYS D 35 -63.02 13.45 -42.15
CA LYS D 35 -62.74 14.53 -43.10
C LYS D 35 -61.26 14.58 -43.45
N ALA D 36 -60.39 14.27 -42.48
CA ALA D 36 -58.96 14.25 -42.73
C ALA D 36 -58.50 13.05 -43.51
N ALA D 37 -59.35 12.02 -43.62
CA ALA D 37 -59.13 10.82 -44.45
C ALA D 37 -57.89 10.04 -44.03
N GLN D 38 -57.76 9.82 -42.72
CA GLN D 38 -56.60 9.18 -42.13
C GLN D 38 -56.95 8.70 -40.72
N VAL D 39 -56.34 7.59 -40.30
CA VAL D 39 -56.50 7.12 -38.93
C VAL D 39 -55.12 7.14 -38.30
N ALA D 40 -55.08 6.90 -37.00
CA ALA D 40 -53.87 6.44 -36.36
C ALA D 40 -53.80 4.92 -36.47
N SER D 41 -52.58 4.40 -36.50
CA SER D 41 -52.36 2.96 -36.41
C SER D 41 -51.12 2.73 -35.58
N SER D 42 -51.06 1.59 -34.90
CA SER D 42 -49.96 1.29 -33.99
C SER D 42 -49.28 -0.02 -34.37
N PRO D 43 -48.37 -0.01 -35.36
CA PRO D 43 -47.67 -1.25 -35.72
C PRO D 43 -46.50 -1.60 -34.81
N ARG D 44 -45.84 -0.61 -34.23
CA ARG D 44 -44.69 -0.86 -33.36
C ARG D 44 -45.08 -0.82 -31.88
N THR D 45 -46.03 -1.65 -31.45
CA THR D 45 -46.38 -1.65 -30.03
C THR D 45 -45.36 -2.38 -29.16
N GLU D 46 -44.36 -3.04 -29.75
CA GLU D 46 -43.28 -3.61 -28.97
C GLU D 46 -42.35 -2.53 -28.41
N ASP D 47 -42.43 -1.32 -28.94
CA ASP D 47 -41.65 -0.19 -28.46
C ASP D 47 -42.44 0.73 -27.55
N CYS D 48 -43.71 0.44 -27.32
CA CYS D 48 -44.55 1.20 -26.39
C CYS D 48 -44.00 1.15 -24.98
N VAL D 49 -43.62 2.30 -24.45
CA VAL D 49 -43.26 2.38 -23.05
C VAL D 49 -44.49 2.42 -22.17
N GLY D 50 -45.63 2.87 -22.70
CA GLY D 50 -46.85 2.96 -21.93
C GLY D 50 -47.09 4.29 -21.26
N CYS D 51 -46.44 5.35 -21.73
CA CYS D 51 -46.42 6.62 -21.04
C CYS D 51 -47.68 7.45 -21.25
N LYS D 52 -48.53 7.04 -22.19
CA LYS D 52 -49.86 7.62 -22.42
C LYS D 52 -49.80 9.10 -22.81
N ARG D 53 -48.76 9.48 -23.55
CA ARG D 53 -48.77 10.81 -24.16
C ARG D 53 -49.75 10.88 -25.31
N CYS D 54 -49.95 9.74 -25.99
CA CYS D 54 -50.91 9.65 -27.09
C CYS D 54 -52.32 9.95 -26.61
N GLU D 55 -52.69 9.45 -25.44
CA GLU D 55 -54.01 9.71 -24.90
C GLU D 55 -54.15 11.15 -24.43
N THR D 56 -53.07 11.76 -23.98
CA THR D 56 -53.12 13.17 -23.62
C THR D 56 -53.29 14.05 -24.86
N ALA D 57 -52.66 13.65 -25.96
CA ALA D 57 -52.76 14.42 -27.19
C ALA D 57 -54.09 14.27 -27.90
N CYS D 58 -54.83 13.20 -27.65
CA CYS D 58 -56.05 12.90 -28.40
C CYS D 58 -57.16 13.88 -28.06
N PRO D 59 -57.78 14.53 -29.05
CA PRO D 59 -58.74 15.59 -28.77
C PRO D 59 -60.19 15.17 -28.74
N THR D 60 -60.52 13.99 -29.28
CA THR D 60 -61.90 13.55 -29.33
C THR D 60 -62.37 13.23 -27.92
N ASP D 61 -63.61 13.59 -27.61
CA ASP D 61 -64.09 13.43 -26.25
C ASP D 61 -64.30 11.95 -25.97
N PHE D 62 -63.60 11.50 -24.94
CA PHE D 62 -63.34 10.11 -24.63
C PHE D 62 -62.65 9.38 -25.77
N LEU D 63 -61.34 9.42 -25.68
CA LEU D 63 -60.25 9.12 -26.58
C LEU D 63 -60.50 8.09 -27.67
N SER D 64 -59.97 8.37 -28.85
CA SER D 64 -59.97 7.46 -29.96
C SER D 64 -58.77 6.52 -29.93
N ILE D 65 -57.83 6.74 -29.03
CA ILE D 65 -56.67 5.88 -28.83
C ILE D 65 -56.59 5.49 -27.35
N ARG D 66 -56.40 4.21 -27.08
CA ARG D 66 -56.21 3.74 -25.72
C ARG D 66 -55.00 2.83 -25.64
N VAL D 67 -54.29 2.97 -24.53
CA VAL D 67 -53.19 2.09 -24.18
C VAL D 67 -53.65 1.18 -23.06
N TYR D 68 -53.53 -0.12 -23.28
CA TYR D 68 -53.86 -1.11 -22.28
C TYR D 68 -52.54 -1.71 -21.83
N LEU D 69 -52.17 -1.45 -20.58
CA LEU D 69 -50.87 -1.88 -20.10
C LEU D 69 -50.87 -3.40 -19.88
N GLY D 70 -49.74 -4.02 -20.18
CA GLY D 70 -49.68 -5.47 -20.13
C GLY D 70 -48.37 -6.03 -19.64
N ALA D 71 -47.87 -7.06 -20.33
CA ALA D 71 -46.65 -7.74 -19.93
C ALA D 71 -45.45 -6.81 -20.11
N GLU D 72 -44.63 -6.69 -19.06
CA GLU D 72 -43.53 -5.74 -19.06
C GLU D 72 -42.29 -6.40 -19.64
N THR D 73 -41.65 -5.71 -20.57
CA THR D 73 -40.42 -6.15 -21.20
C THR D 73 -39.32 -5.13 -20.90
N THR D 74 -38.14 -5.34 -21.49
CA THR D 74 -37.05 -4.37 -21.33
C THR D 74 -37.38 -3.05 -22.01
N ARG D 75 -38.01 -3.10 -23.18
CA ARG D 75 -38.39 -1.88 -23.88
C ARG D 75 -39.54 -1.17 -23.18
N SER D 76 -40.53 -1.91 -22.70
CA SER D 76 -41.68 -1.27 -22.07
C SER D 76 -41.38 -0.73 -20.69
N MET D 77 -40.35 -1.24 -20.02
CA MET D 77 -39.93 -0.67 -18.75
C MET D 77 -38.98 0.51 -18.94
N GLY D 78 -38.55 0.78 -20.16
CA GLY D 78 -37.67 1.90 -20.44
C GLY D 78 -36.29 1.77 -19.84
N LEU D 79 -35.74 0.57 -19.85
CA LEU D 79 -34.47 0.31 -19.17
C LEU D 79 -33.32 0.44 -20.14
N ALA D 80 -32.34 1.26 -19.79
CA ALA D 80 -31.13 1.40 -20.57
C ALA D 80 -30.01 0.49 -20.07
N TYR D 81 -30.35 -0.58 -19.37
CA TYR D 81 -29.35 -1.46 -18.80
C TYR D 81 -29.84 -2.91 -18.81
N LEU E 5 -22.18 1.05 -39.94
CA LEU E 5 -22.84 2.29 -40.35
C LEU E 5 -21.81 3.38 -40.63
N SER E 6 -22.21 4.36 -41.41
CA SER E 6 -21.32 5.46 -41.82
C SER E 6 -21.63 6.70 -41.00
N GLY E 7 -20.59 7.39 -40.58
CA GLY E 7 -20.74 8.65 -39.88
C GLY E 7 -19.66 8.84 -38.85
N LYS E 8 -19.45 10.10 -38.50
CA LYS E 8 -18.47 10.48 -37.50
C LYS E 8 -19.15 10.68 -36.16
N THR E 9 -18.58 10.11 -35.12
CA THR E 9 -19.15 10.25 -33.78
C THR E 9 -18.95 11.68 -33.30
N PRO E 10 -19.99 12.32 -32.76
CA PRO E 10 -19.88 13.74 -32.37
C PRO E 10 -18.87 13.98 -31.26
N LEU E 11 -18.29 15.18 -31.27
CA LEU E 11 -17.14 15.50 -30.46
C LEU E 11 -17.55 15.88 -29.04
N PHE E 12 -17.29 14.99 -28.09
CA PHE E 12 -17.44 15.29 -26.67
C PHE E 12 -16.51 14.35 -25.90
N ALA E 13 -16.25 14.70 -24.66
CA ALA E 13 -15.22 14.05 -23.87
C ALA E 13 -15.72 12.83 -23.10
N GLY E 14 -16.90 12.32 -23.43
CA GLY E 14 -17.43 11.14 -22.78
C GLY E 14 -18.28 11.46 -21.56
N SER E 15 -19.11 10.50 -21.19
CA SER E 15 -19.94 10.66 -20.01
C SER E 15 -20.20 9.32 -19.36
N THR E 16 -20.61 9.37 -18.09
CA THR E 16 -21.14 8.20 -17.42
C THR E 16 -22.55 7.87 -17.87
N GLY E 17 -23.20 8.74 -18.65
CA GLY E 17 -24.55 8.50 -19.09
C GLY E 17 -24.69 7.62 -20.31
N GLY E 18 -23.60 7.23 -20.95
CA GLY E 18 -23.65 6.54 -22.22
C GLY E 18 -24.05 5.09 -22.16
N LEU E 19 -23.51 4.30 -23.09
CA LEU E 19 -23.90 2.91 -23.25
C LEU E 19 -23.43 2.05 -22.09
N LEU E 20 -24.31 1.24 -21.54
CA LEU E 20 -23.98 0.27 -20.51
C LEU E 20 -23.92 -1.14 -21.11
N THR E 21 -23.91 -2.16 -20.24
CA THR E 21 -23.75 -3.56 -20.62
C THR E 21 -24.90 -4.10 -21.48
N LYS E 22 -26.05 -3.41 -21.50
CA LYS E 22 -27.18 -3.81 -22.35
C LYS E 22 -26.81 -3.76 -23.84
N ALA E 23 -25.88 -2.89 -24.21
CA ALA E 23 -25.50 -2.74 -25.61
C ALA E 23 -24.80 -3.98 -26.15
N VAL E 24 -23.88 -4.53 -25.38
CA VAL E 24 -23.11 -5.70 -25.83
C VAL E 24 -23.88 -7.00 -25.64
N GLU E 25 -24.99 -6.98 -24.91
CA GLU E 25 -25.68 -8.21 -24.58
C GLU E 25 -27.01 -8.40 -25.29
N GLU E 26 -27.89 -7.38 -25.33
CA GLU E 26 -29.13 -7.60 -26.06
C GLU E 26 -29.43 -6.59 -27.16
N GLU E 27 -29.32 -5.29 -26.91
CA GLU E 27 -29.78 -4.30 -27.87
C GLU E 27 -28.96 -3.04 -27.80
N LYS E 28 -28.71 -2.47 -28.96
CA LYS E 28 -28.03 -1.20 -29.11
C LYS E 28 -28.71 -0.45 -30.23
N TYR E 29 -28.69 0.88 -30.15
CA TYR E 29 -29.33 1.72 -31.13
C TYR E 29 -28.33 2.74 -31.65
N ALA E 30 -28.65 3.31 -32.81
CA ALA E 30 -27.77 4.29 -33.43
C ALA E 30 -28.61 5.28 -34.19
N ILE E 31 -28.21 6.55 -34.19
CA ILE E 31 -28.84 7.57 -35.00
C ILE E 31 -27.78 8.20 -35.89
N THR E 32 -28.11 8.37 -37.17
CA THR E 32 -27.26 9.04 -38.15
C THR E 32 -27.99 10.25 -38.66
N TRP E 33 -27.24 11.33 -38.92
CA TRP E 33 -27.83 12.49 -39.57
C TRP E 33 -26.70 13.25 -40.27
N THR E 34 -27.08 14.06 -41.25
CA THR E 34 -26.13 14.92 -41.93
C THR E 34 -26.43 16.37 -41.56
N SER E 35 -25.39 17.11 -41.22
CA SER E 35 -25.51 18.48 -40.79
C SER E 35 -24.81 19.42 -41.77
N PRO E 36 -25.41 20.57 -42.07
CA PRO E 36 -24.73 21.53 -42.97
C PRO E 36 -23.51 22.17 -42.35
N LYS E 37 -23.40 22.20 -41.02
CA LYS E 37 -22.32 22.89 -40.36
C LYS E 37 -22.05 22.21 -39.03
N ALA E 38 -20.93 22.58 -38.41
CA ALA E 38 -20.59 22.10 -37.07
C ALA E 38 -21.25 22.99 -36.04
N GLN E 39 -21.97 22.38 -35.10
CA GLN E 39 -22.76 23.14 -34.14
C GLN E 39 -23.00 22.30 -32.90
N VAL E 40 -23.27 22.98 -31.80
CA VAL E 40 -23.37 22.35 -30.49
C VAL E 40 -24.82 21.95 -30.25
N PHE E 41 -25.01 20.70 -29.82
CA PHE E 41 -26.32 20.21 -29.42
C PHE E 41 -26.20 19.58 -28.04
N GLU E 42 -27.32 19.12 -27.49
CA GLU E 42 -27.32 18.50 -26.18
C GLU E 42 -27.56 17.01 -26.31
N LEU E 43 -26.69 16.22 -25.69
CA LEU E 43 -26.82 14.78 -25.73
C LEU E 43 -28.02 14.32 -24.90
N PRO E 44 -28.64 13.21 -25.27
CA PRO E 44 -29.73 12.68 -24.44
C PRO E 44 -29.25 12.16 -23.10
N THR E 45 -27.99 11.73 -23.01
CA THR E 45 -27.39 11.27 -21.77
C THR E 45 -26.86 12.41 -20.91
N GLY E 46 -27.13 13.65 -21.28
CA GLY E 46 -26.61 14.79 -20.57
C GLY E 46 -25.29 15.23 -21.15
N GLY E 47 -25.11 16.53 -21.33
CA GLY E 47 -23.85 17.08 -21.77
C GLY E 47 -23.96 17.74 -23.13
N ALA E 48 -22.97 18.57 -23.44
CA ALA E 48 -22.86 19.25 -24.70
C ALA E 48 -21.92 18.47 -25.63
N ALA E 49 -22.35 18.30 -26.87
CA ALA E 49 -21.51 17.71 -27.90
C ALA E 49 -21.59 18.58 -29.15
N THR E 50 -20.63 18.40 -30.05
CA THR E 50 -20.60 19.11 -31.31
C THR E 50 -20.81 18.11 -32.44
N MET E 51 -21.81 18.38 -33.28
CA MET E 51 -22.00 17.55 -34.46
C MET E 51 -21.07 18.01 -35.57
N HIS E 52 -20.72 17.08 -36.45
CA HIS E 52 -19.81 17.42 -37.53
C HIS E 52 -20.57 17.97 -38.73
N GLU E 53 -19.86 18.75 -39.54
CA GLU E 53 -20.35 19.09 -40.86
C GLU E 53 -20.27 17.84 -41.73
N GLY E 54 -21.43 17.39 -42.20
CA GLY E 54 -21.51 16.13 -42.89
C GLY E 54 -22.26 15.10 -42.06
N GLU E 55 -22.04 13.84 -42.42
CA GLU E 55 -22.77 12.76 -41.76
C GLU E 55 -22.24 12.53 -40.35
N ASN E 56 -23.13 12.00 -39.50
CA ASN E 56 -22.84 11.74 -38.10
C ASN E 56 -23.31 10.35 -37.75
N LEU E 57 -22.82 9.83 -36.63
CA LEU E 57 -23.22 8.51 -36.13
C LEU E 57 -23.01 8.48 -34.63
N LEU E 58 -24.09 8.48 -33.87
CA LEU E 58 -24.03 8.48 -32.42
C LEU E 58 -24.83 7.31 -31.90
N TYR E 59 -24.18 6.45 -31.11
CA TYR E 59 -24.84 5.29 -30.52
C TYR E 59 -25.54 5.65 -29.23
N ILE E 60 -26.66 4.99 -28.98
CA ILE E 60 -27.60 5.32 -27.92
C ILE E 60 -28.16 4.04 -27.34
N ALA E 61 -28.56 4.10 -26.07
CA ALA E 61 -28.98 2.89 -25.38
C ALA E 61 -30.39 2.47 -25.76
N ARG E 62 -31.26 3.44 -25.99
CA ARG E 62 -32.67 3.19 -26.22
C ARG E 62 -33.11 3.91 -27.48
N LYS E 63 -34.22 3.43 -28.05
CA LYS E 63 -34.82 4.07 -29.22
C LYS E 63 -35.34 5.46 -28.89
N GLU E 64 -35.86 5.63 -27.66
CA GLU E 64 -36.40 6.90 -27.21
C GLU E 64 -35.34 7.98 -27.18
N TYR E 65 -34.08 7.61 -26.94
CA TYR E 65 -32.99 8.58 -26.95
C TYR E 65 -32.82 9.19 -28.33
N GLY E 66 -32.87 8.35 -29.37
CA GLY E 66 -32.78 8.85 -30.72
C GLY E 66 -33.99 9.61 -31.17
N ILE E 67 -35.16 9.28 -30.63
CA ILE E 67 -36.32 10.09 -31.00
C ILE E 67 -36.32 11.44 -30.29
N ALA E 68 -35.81 11.52 -29.07
CA ALA E 68 -35.61 12.81 -28.43
C ALA E 68 -34.54 13.63 -29.13
N LEU E 69 -33.44 12.98 -29.54
CA LEU E 69 -32.38 13.65 -30.25
C LEU E 69 -32.83 14.13 -31.62
N GLY E 70 -33.57 13.30 -32.36
CA GLY E 70 -34.13 13.72 -33.62
C GLY E 70 -35.26 14.71 -33.47
N GLY E 71 -35.86 14.80 -32.30
CA GLY E 71 -36.80 15.87 -32.04
C GLY E 71 -36.10 17.20 -31.87
N GLN E 72 -34.91 17.20 -31.27
CA GLN E 72 -34.17 18.47 -31.22
C GLN E 72 -33.31 18.70 -32.44
N LEU E 73 -33.21 17.74 -33.36
CA LEU E 73 -32.63 18.02 -34.67
C LEU E 73 -33.63 18.67 -35.61
N ARG E 74 -34.92 18.63 -35.29
CA ARG E 74 -35.90 19.43 -36.01
C ARG E 74 -35.69 20.91 -35.76
N LYS E 75 -35.18 21.27 -34.57
CA LYS E 75 -34.95 22.67 -34.22
C LYS E 75 -33.72 23.24 -34.91
N PHE E 76 -32.81 22.39 -35.39
CA PHE E 76 -31.73 22.82 -36.26
C PHE E 76 -32.04 22.63 -37.73
N LYS E 77 -33.29 22.25 -38.04
CA LYS E 77 -33.79 21.98 -39.39
C LYS E 77 -32.98 20.88 -40.08
N ILE E 78 -32.70 19.82 -39.32
CA ILE E 78 -32.06 18.62 -39.83
C ILE E 78 -33.11 17.52 -39.77
N THR E 79 -33.61 17.09 -40.94
CA THR E 79 -34.74 16.17 -40.98
C THR E 79 -34.43 14.88 -41.73
N ASN E 80 -33.16 14.54 -41.92
CA ASN E 80 -32.81 13.27 -42.54
C ASN E 80 -32.23 12.28 -41.54
N TYR E 81 -32.69 12.32 -40.30
CA TYR E 81 -32.13 11.45 -39.29
C TYR E 81 -32.75 10.06 -39.37
N LYS E 82 -31.90 9.05 -39.29
CA LYS E 82 -32.30 7.66 -39.37
C LYS E 82 -31.88 6.94 -38.10
N ILE E 83 -32.71 6.00 -37.64
CA ILE E 83 -32.44 5.24 -36.43
C ILE E 83 -32.33 3.77 -36.78
N TYR E 84 -31.32 3.10 -36.22
CA TYR E 84 -31.04 1.70 -36.50
C TYR E 84 -31.06 0.90 -35.20
N ARG E 85 -31.63 -0.29 -35.24
CA ARG E 85 -31.55 -1.23 -34.13
C ARG E 85 -30.40 -2.20 -34.39
N ILE E 86 -29.55 -2.40 -33.40
CA ILE E 86 -28.33 -3.17 -33.56
C ILE E 86 -28.28 -4.25 -32.49
N LEU E 87 -28.32 -5.50 -32.93
CA LEU E 87 -28.27 -6.69 -32.09
C LEU E 87 -26.83 -7.18 -31.97
N PRO E 88 -26.49 -7.98 -30.94
CA PRO E 88 -25.10 -8.44 -30.80
C PRO E 88 -24.65 -9.44 -31.85
N SER E 89 -25.55 -9.92 -32.70
CA SER E 89 -25.17 -10.71 -33.86
C SER E 89 -24.58 -9.87 -34.98
N GLY E 90 -24.47 -8.56 -34.80
CA GLY E 90 -24.13 -7.64 -35.87
C GLY E 90 -25.30 -7.28 -36.75
N GLU E 91 -26.49 -7.82 -36.47
CA GLU E 91 -27.64 -7.61 -37.33
C GLU E 91 -28.21 -6.22 -37.11
N THR E 92 -28.09 -5.38 -38.14
CA THR E 92 -28.56 -4.01 -38.09
C THR E 92 -29.85 -3.90 -38.88
N THR E 93 -30.92 -3.47 -38.22
CA THR E 93 -32.19 -3.23 -38.86
C THR E 93 -32.50 -1.74 -38.82
N PHE E 94 -33.14 -1.24 -39.86
CA PHE E 94 -33.50 0.16 -39.97
C PHE E 94 -34.94 0.34 -39.51
N ILE E 95 -35.11 1.08 -38.43
CA ILE E 95 -36.43 1.25 -37.85
C ILE E 95 -37.17 2.56 -38.05
N HIS E 96 -36.47 3.69 -37.95
CA HIS E 96 -37.13 4.97 -38.09
C HIS E 96 -36.44 5.98 -39.00
N PRO E 97 -37.16 6.59 -40.04
CA PRO E 97 -38.54 6.12 -40.26
C PRO E 97 -38.54 4.75 -40.93
N ALA E 98 -39.54 3.92 -40.67
CA ALA E 98 -39.55 2.57 -41.22
C ALA E 98 -40.03 2.53 -42.66
N ASP E 99 -40.96 3.42 -43.02
CA ASP E 99 -41.48 3.47 -44.37
C ASP E 99 -40.61 4.33 -45.28
N GLY E 100 -39.74 5.16 -44.71
CA GLY E 100 -39.04 6.19 -45.42
C GLY E 100 -39.65 7.57 -45.27
N VAL E 101 -40.94 7.63 -45.08
CA VAL E 101 -41.66 8.86 -44.77
C VAL E 101 -41.83 8.91 -43.26
N PHE E 102 -41.72 10.11 -42.69
CA PHE E 102 -42.02 10.30 -41.28
C PHE E 102 -43.48 9.95 -40.99
N PRO E 103 -43.78 9.36 -39.83
CA PRO E 103 -45.13 8.81 -39.61
C PRO E 103 -46.22 9.86 -39.44
N GLU E 104 -45.87 11.13 -39.26
CA GLU E 104 -46.85 12.20 -39.21
C GLU E 104 -47.57 12.35 -40.54
N LYS E 105 -46.87 12.09 -41.64
CA LYS E 105 -47.45 12.16 -42.97
C LYS E 105 -48.07 10.83 -43.35
N VAL E 106 -49.22 10.88 -44.00
CA VAL E 106 -49.83 9.68 -44.55
C VAL E 106 -49.05 9.25 -45.79
N ASN E 107 -48.63 8.00 -45.80
CA ASN E 107 -48.10 7.38 -47.00
C ASN E 107 -48.98 6.18 -47.34
N ALA E 108 -49.19 5.95 -48.63
CA ALA E 108 -49.90 4.77 -49.07
C ALA E 108 -49.02 3.53 -48.87
N GLY E 109 -49.66 2.37 -48.92
CA GLY E 109 -48.99 1.13 -48.58
C GLY E 109 -48.97 0.81 -47.10
N ARG E 110 -49.49 1.70 -46.27
CA ARG E 110 -49.57 1.48 -44.83
C ARG E 110 -50.94 0.88 -44.51
N GLU E 111 -50.93 -0.21 -43.77
CA GLU E 111 -52.15 -0.93 -43.41
C GLU E 111 -52.52 -0.56 -41.97
N LYS E 112 -53.82 -0.60 -41.68
CA LYS E 112 -54.29 -0.44 -40.31
C LYS E 112 -53.83 -1.58 -39.45
N VAL E 113 -53.30 -1.26 -38.27
CA VAL E 113 -53.00 -2.26 -37.25
C VAL E 113 -53.74 -1.84 -36.00
N ARG E 114 -54.46 -2.79 -35.40
CA ARG E 114 -55.15 -2.65 -34.10
C ARG E 114 -56.25 -1.60 -34.15
N PHE E 115 -56.92 -1.52 -35.28
CA PHE E 115 -58.10 -0.68 -35.43
C PHE E 115 -59.34 -1.45 -34.97
N ASN E 116 -60.19 -0.76 -34.22
CA ASN E 116 -61.47 -1.33 -33.79
C ASN E 116 -62.59 -0.55 -34.47
N ALA E 117 -63.41 -1.25 -35.25
CA ALA E 117 -64.50 -0.61 -36.00
C ALA E 117 -65.74 -0.42 -35.14
N ARG E 118 -65.56 0.36 -34.08
CA ARG E 118 -66.59 0.70 -33.10
C ARG E 118 -66.05 1.84 -32.25
N SER E 119 -66.94 2.47 -31.49
CA SER E 119 -66.45 3.41 -30.51
C SER E 119 -66.12 2.65 -29.24
N ILE E 120 -65.54 3.36 -28.28
CA ILE E 120 -64.95 2.70 -27.12
C ILE E 120 -65.97 2.35 -26.05
N GLY E 121 -67.10 3.03 -25.98
CA GLY E 121 -68.17 2.57 -25.12
C GLY E 121 -68.90 1.33 -25.60
N GLU E 122 -68.49 0.77 -26.74
CA GLU E 122 -69.10 -0.42 -27.30
C GLU E 122 -68.22 -1.66 -27.13
N ASN E 123 -67.35 -1.67 -26.11
CA ASN E 123 -66.61 -2.87 -25.78
C ASN E 123 -67.48 -3.82 -24.97
N PRO E 124 -67.21 -5.12 -25.05
CA PRO E 124 -67.96 -6.07 -24.21
C PRO E 124 -67.62 -5.92 -22.73
N ASN E 125 -68.53 -6.43 -21.91
CA ASN E 125 -68.29 -6.46 -20.48
C ASN E 125 -67.25 -7.52 -20.16
N PRO E 126 -66.48 -7.34 -19.08
CA PRO E 126 -65.47 -8.35 -18.73
C PRO E 126 -66.06 -9.69 -18.33
N SER E 127 -67.25 -9.70 -17.74
CA SER E 127 -67.95 -10.94 -17.46
C SER E 127 -68.43 -11.63 -18.71
N GLN E 128 -68.66 -10.90 -19.80
CA GLN E 128 -69.07 -11.52 -21.05
C GLN E 128 -67.92 -12.23 -21.74
N VAL E 129 -66.69 -11.90 -21.39
CA VAL E 129 -65.50 -12.45 -22.03
C VAL E 129 -64.67 -13.27 -21.02
N LYS E 130 -65.26 -13.58 -19.87
CA LYS E 130 -64.55 -14.22 -18.78
C LYS E 130 -64.27 -15.69 -19.08
N PHE E 131 -63.12 -16.16 -18.56
CA PHE E 131 -62.60 -17.52 -18.76
C PHE E 131 -62.37 -17.84 -20.23
N SER E 132 -61.87 -16.85 -20.98
CA SER E 132 -61.40 -17.08 -22.34
C SER E 132 -60.17 -16.21 -22.56
N GLY E 133 -59.48 -16.45 -23.67
CA GLY E 133 -58.26 -15.73 -23.93
C GLY E 133 -58.45 -14.27 -24.32
N LYS E 134 -59.67 -13.90 -24.73
CA LYS E 134 -59.90 -12.58 -25.29
C LYS E 134 -60.07 -11.54 -24.19
N ALA E 135 -59.64 -10.33 -24.51
CA ALA E 135 -59.88 -9.17 -23.67
C ALA E 135 -61.02 -8.35 -24.26
N THR E 136 -61.46 -7.35 -23.50
CA THR E 136 -62.59 -6.56 -23.97
C THR E 136 -62.19 -5.63 -25.10
N TYR E 137 -60.92 -5.24 -25.17
CA TYR E 137 -60.44 -4.41 -26.26
C TYR E 137 -60.14 -5.20 -27.53
N ASP E 138 -60.00 -6.51 -27.44
CA ASP E 138 -59.67 -7.29 -28.62
C ASP E 138 -60.89 -7.48 -29.50
N ALA E 139 -61.02 -6.61 -30.51
CA ALA E 139 -61.96 -6.73 -31.63
C ALA E 139 -63.43 -6.93 -31.22
N VAL F 2 -80.77 16.94 -38.15
CA VAL F 2 -79.87 17.80 -37.41
C VAL F 2 -79.46 18.99 -38.27
N GLN F 3 -79.74 20.19 -37.78
CA GLN F 3 -79.50 21.43 -38.50
C GLN F 3 -78.53 22.29 -37.70
N ARG F 4 -77.75 23.10 -38.41
CA ARG F 4 -76.83 24.03 -37.78
C ARG F 4 -77.58 25.06 -36.95
N GLY F 5 -77.11 25.29 -35.72
CA GLY F 5 -77.74 26.21 -34.80
C GLY F 5 -78.73 25.58 -33.86
N SER F 6 -79.05 24.30 -34.04
CA SER F 6 -80.02 23.64 -33.17
C SER F 6 -79.36 23.20 -31.87
N LYS F 7 -80.19 23.07 -30.83
CA LYS F 7 -79.73 22.68 -29.50
C LYS F 7 -80.01 21.20 -29.32
N VAL F 8 -78.99 20.38 -29.40
CA VAL F 8 -79.14 18.95 -29.31
C VAL F 8 -78.78 18.48 -27.91
N ARG F 9 -79.13 17.23 -27.59
CA ARG F 9 -78.77 16.59 -26.35
C ARG F 9 -78.06 15.29 -26.65
N ILE F 10 -76.95 15.06 -25.95
CA ILE F 10 -76.05 13.97 -26.29
C ILE F 10 -76.62 12.66 -25.74
N LEU F 11 -76.65 11.63 -26.57
CA LEU F 11 -77.04 10.29 -26.16
C LEU F 11 -75.85 9.34 -26.09
N ARG F 12 -74.64 9.85 -26.22
CA ARG F 12 -73.45 9.01 -26.13
C ARG F 12 -73.07 8.80 -24.67
N PRO F 13 -73.10 7.56 -24.17
CA PRO F 13 -72.95 7.36 -22.72
C PRO F 13 -71.54 7.60 -22.20
N GLU F 14 -70.53 7.44 -23.06
CA GLU F 14 -69.16 7.67 -22.67
C GLU F 14 -68.78 9.14 -22.71
N SER F 15 -69.66 10.00 -23.21
CA SER F 15 -69.34 11.39 -23.41
C SER F 15 -69.35 12.14 -22.09
N TYR F 16 -68.50 13.17 -22.02
CA TYR F 16 -68.52 14.09 -20.88
C TYR F 16 -69.86 14.78 -20.76
N TRP F 17 -70.44 15.14 -21.90
CA TRP F 17 -71.68 15.90 -21.95
C TRP F 17 -72.89 15.04 -22.20
N PHE F 18 -72.85 13.78 -21.75
CA PHE F 18 -73.99 12.89 -21.85
C PHE F 18 -75.18 13.47 -21.08
N GLN F 19 -76.34 13.49 -21.75
CA GLN F 19 -77.56 14.13 -21.26
C GLN F 19 -77.39 15.62 -21.01
N ASP F 20 -76.45 16.28 -21.69
CA ASP F 20 -76.29 17.73 -21.64
C ASP F 20 -76.56 18.32 -23.01
N VAL F 21 -76.80 19.64 -23.02
CA VAL F 21 -77.27 20.34 -24.20
C VAL F 21 -76.10 21.09 -24.83
N GLY F 22 -75.85 20.84 -26.12
CA GLY F 22 -74.88 21.59 -26.88
C GLY F 22 -75.50 22.15 -28.16
N THR F 23 -74.70 22.93 -28.87
CA THR F 23 -75.13 23.63 -30.07
C THR F 23 -74.42 23.05 -31.28
N VAL F 24 -75.17 22.76 -32.34
CA VAL F 24 -74.58 22.17 -33.54
C VAL F 24 -73.82 23.24 -34.30
N ALA F 25 -72.56 22.93 -34.65
CA ALA F 25 -71.70 23.85 -35.39
C ALA F 25 -71.77 23.61 -36.89
N SER F 26 -71.68 22.36 -37.33
CA SER F 26 -71.75 22.01 -38.74
C SER F 26 -72.08 20.54 -38.87
N VAL F 27 -72.69 20.17 -39.99
CA VAL F 27 -72.98 18.79 -40.32
C VAL F 27 -72.41 18.50 -41.70
N ASP F 28 -71.52 17.51 -41.78
CA ASP F 28 -70.97 17.12 -43.07
C ASP F 28 -71.97 16.29 -43.85
N GLN F 29 -71.75 16.24 -45.17
CA GLN F 29 -72.58 15.44 -46.07
C GLN F 29 -71.76 14.47 -46.89
N SER F 30 -70.56 14.13 -46.44
CA SER F 30 -69.69 13.20 -47.15
C SER F 30 -69.89 11.76 -46.71
N GLY F 31 -70.85 11.49 -45.84
CA GLY F 31 -71.13 10.14 -45.43
C GLY F 31 -70.11 9.56 -44.46
N ILE F 32 -69.51 10.39 -43.62
CA ILE F 32 -68.58 9.91 -42.61
C ILE F 32 -69.37 9.38 -41.42
N LYS F 33 -68.68 8.68 -40.52
CA LYS F 33 -69.37 7.96 -39.45
C LYS F 33 -69.92 8.91 -38.39
N TYR F 34 -69.20 9.99 -38.07
CA TYR F 34 -69.62 10.96 -37.06
C TYR F 34 -69.62 12.34 -37.69
N PRO F 35 -70.69 12.72 -38.38
CA PRO F 35 -70.66 13.93 -39.19
C PRO F 35 -70.94 15.22 -38.44
N VAL F 36 -71.56 15.17 -37.28
CA VAL F 36 -72.14 16.34 -36.64
C VAL F 36 -71.15 16.87 -35.61
N ILE F 37 -70.79 18.14 -35.73
CA ILE F 37 -69.92 18.82 -34.76
C ILE F 37 -70.81 19.61 -33.80
N VAL F 38 -70.67 19.35 -32.51
CA VAL F 38 -71.45 20.02 -31.48
C VAL F 38 -70.49 20.79 -30.58
N ARG F 39 -70.81 22.05 -30.31
CA ARG F 39 -70.05 22.89 -29.41
C ARG F 39 -70.79 23.01 -28.08
N PHE F 40 -70.03 23.10 -26.99
CA PHE F 40 -70.59 23.11 -25.65
C PHE F 40 -70.09 24.32 -24.87
N ASP F 41 -70.87 24.72 -23.88
CA ASP F 41 -70.43 25.74 -22.96
C ASP F 41 -69.58 25.18 -21.82
N LYS F 42 -69.59 23.87 -21.63
CA LYS F 42 -68.77 23.19 -20.64
C LYS F 42 -67.57 22.56 -21.32
N VAL F 43 -66.38 22.82 -20.81
CA VAL F 43 -65.21 22.08 -21.24
C VAL F 43 -65.16 20.76 -20.47
N ASN F 44 -64.50 19.79 -21.06
CA ASN F 44 -64.34 18.51 -20.40
C ASN F 44 -63.05 18.52 -19.58
N TYR F 45 -62.57 17.36 -19.17
CA TYR F 45 -61.37 17.31 -18.36
C TYR F 45 -60.11 17.61 -19.18
N ALA F 46 -60.16 17.45 -20.49
CA ALA F 46 -59.06 17.83 -21.36
C ALA F 46 -59.15 19.28 -21.81
N GLY F 47 -60.11 20.04 -21.30
CA GLY F 47 -60.26 21.44 -21.66
C GLY F 47 -60.85 21.69 -23.03
N ILE F 48 -61.55 20.72 -23.60
CA ILE F 48 -62.08 20.79 -24.95
C ILE F 48 -63.59 20.86 -24.86
N ASN F 49 -64.22 21.67 -25.73
CA ASN F 49 -65.66 21.86 -25.67
C ASN F 49 -66.35 21.51 -26.99
N THR F 50 -65.69 20.80 -27.90
CA THR F 50 -66.30 20.35 -29.13
C THR F 50 -66.00 18.88 -29.38
N ASN F 51 -66.92 18.20 -30.07
CA ASN F 51 -66.75 16.79 -30.38
C ASN F 51 -67.62 16.45 -31.58
N ASN F 52 -67.18 15.46 -32.35
CA ASN F 52 -67.96 14.91 -33.45
C ASN F 52 -68.95 13.87 -32.93
N PHE F 53 -70.18 13.96 -33.42
CA PHE F 53 -71.25 13.07 -32.99
C PHE F 53 -71.98 12.48 -34.17
N ALA F 54 -72.54 11.30 -33.97
CA ALA F 54 -73.43 10.73 -34.96
C ALA F 54 -74.84 11.30 -34.79
N VAL F 55 -75.71 11.01 -35.75
CA VAL F 55 -77.07 11.53 -35.66
C VAL F 55 -77.88 10.72 -34.65
N ASP F 56 -77.59 9.42 -34.53
CA ASP F 56 -78.28 8.56 -33.58
C ASP F 56 -77.94 8.87 -32.13
N GLU F 57 -76.85 9.59 -31.88
CA GLU F 57 -76.43 9.97 -30.55
C GLU F 57 -76.97 11.33 -30.13
N LEU F 58 -78.02 11.80 -30.78
CA LEU F 58 -78.54 13.15 -30.56
C LEU F 58 -80.05 13.13 -30.54
N ILE F 59 -80.64 13.99 -29.71
CA ILE F 59 -82.03 14.40 -29.83
C ILE F 59 -82.08 15.91 -29.76
N GLU F 60 -82.94 16.53 -30.56
CA GLU F 60 -83.02 17.98 -30.60
C GLU F 60 -83.87 18.50 -29.46
N VAL F 61 -83.44 19.61 -28.88
CA VAL F 61 -84.12 20.23 -27.75
C VAL F 61 -84.54 21.62 -28.22
N GLU F 62 -85.77 21.75 -28.70
CA GLU F 62 -86.28 23.05 -29.13
C GLU F 62 -87.70 23.26 -28.62
N LEU G 24 -82.56 15.26 33.99
CA LEU G 24 -82.79 13.93 33.44
C LEU G 24 -81.71 12.94 33.87
N GLY G 25 -80.95 12.45 32.91
CA GLY G 25 -80.11 11.30 33.11
C GLY G 25 -78.71 11.61 33.60
N ALA G 26 -78.20 10.68 34.42
CA ALA G 26 -76.86 10.71 35.02
C ALA G 26 -76.66 11.97 35.86
N ASP G 27 -77.47 12.06 36.92
CA ASP G 27 -77.28 12.98 38.05
C ASP G 27 -77.41 14.45 37.64
N LEU G 28 -78.49 14.75 36.91
CA LEU G 28 -78.75 16.12 36.49
C LEU G 28 -79.64 16.82 37.50
N THR G 29 -79.01 17.44 38.48
CA THR G 29 -79.67 18.39 39.36
C THR G 29 -79.76 19.73 38.65
N PRO G 30 -80.63 20.65 39.13
CA PRO G 30 -80.54 22.04 38.67
C PRO G 30 -79.20 22.67 39.06
N CYS G 31 -78.79 23.65 38.26
CA CYS G 31 -77.54 24.37 38.55
C CYS G 31 -77.64 25.16 39.84
N ALA G 32 -78.81 25.74 40.12
CA ALA G 32 -78.99 26.58 41.30
C ALA G 32 -78.91 25.80 42.59
N GLU G 33 -79.08 24.48 42.55
CA GLU G 33 -78.99 23.63 43.72
C GLU G 33 -77.72 22.82 43.80
N ASN G 34 -76.93 22.78 42.73
CA ASN G 34 -75.74 21.94 42.68
C ASN G 34 -74.62 22.60 43.45
N PRO G 35 -74.02 21.94 44.45
CA PRO G 35 -72.92 22.57 45.20
C PRO G 35 -71.66 22.79 44.38
N ALA G 36 -71.41 21.96 43.37
CA ALA G 36 -70.24 22.16 42.53
C ALA G 36 -70.40 23.38 41.63
N PHE G 37 -71.64 23.66 41.19
CA PHE G 37 -71.92 24.89 40.45
C PHE G 37 -71.74 26.11 41.33
N GLN G 38 -72.17 26.02 42.59
CA GLN G 38 -71.99 27.12 43.53
C GLN G 38 -70.53 27.32 43.88
N ALA G 39 -69.73 26.25 43.85
CA ALA G 39 -68.30 26.38 44.08
C ALA G 39 -67.56 26.93 42.87
N LEU G 40 -68.02 26.61 41.66
CA LEU G 40 -67.44 27.21 40.47
C LEU G 40 -67.77 28.68 40.35
N ALA G 41 -68.96 29.08 40.77
CA ALA G 41 -69.42 30.46 40.63
C ALA G 41 -68.64 31.42 41.51
N LYS G 42 -67.99 30.93 42.56
CA LYS G 42 -67.21 31.80 43.44
C LYS G 42 -65.88 32.16 42.83
N ASN G 43 -65.33 31.31 41.95
CA ASN G 43 -64.06 31.56 41.28
C ASN G 43 -64.26 31.85 39.80
N ALA G 44 -65.34 32.54 39.45
CA ALA G 44 -65.70 32.78 38.06
C ALA G 44 -64.73 33.75 37.40
N ARG G 45 -64.26 33.41 36.21
CA ARG G 45 -63.44 34.31 35.45
C ARG G 45 -64.29 35.30 34.67
N ASN G 46 -63.78 36.52 34.53
CA ASN G 46 -64.45 37.54 33.75
C ASN G 46 -64.16 37.32 32.28
N THR G 47 -65.21 37.30 31.48
CA THR G 47 -65.07 37.05 30.04
C THR G 47 -64.71 38.33 29.31
N THR G 48 -65.47 39.39 29.53
CA THR G 48 -65.21 40.67 28.89
C THR G 48 -64.54 41.60 29.90
N ALA G 49 -64.42 42.88 29.53
CA ALA G 49 -63.87 43.88 30.43
C ALA G 49 -64.82 44.26 31.56
N ASP G 50 -66.07 43.83 31.49
CA ASP G 50 -67.04 43.97 32.57
C ASP G 50 -66.55 43.23 33.80
N PRO G 51 -66.42 43.87 34.96
CA PRO G 51 -65.91 43.18 36.15
C PRO G 51 -66.87 42.16 36.75
N GLN G 52 -68.09 42.04 36.22
CA GLN G 52 -69.06 41.05 36.69
C GLN G 52 -69.54 40.16 35.55
N SER G 53 -68.66 39.85 34.60
CA SER G 53 -69.04 38.92 33.54
C SER G 53 -69.20 37.51 34.06
N GLY G 54 -68.34 37.10 35.00
CA GLY G 54 -68.43 35.75 35.52
C GLY G 54 -69.62 35.55 36.43
N GLN G 55 -69.93 36.55 37.25
CA GLN G 55 -71.11 36.47 38.11
C GLN G 55 -72.39 36.46 37.30
N LYS G 56 -72.47 37.32 36.28
CA LYS G 56 -73.65 37.31 35.42
C LYS G 56 -73.73 36.05 34.57
N ARG G 57 -72.57 35.47 34.23
CA ARG G 57 -72.55 34.19 33.52
C ARG G 57 -73.15 33.08 34.37
N PHE G 58 -72.74 32.98 35.63
CA PHE G 58 -73.29 31.94 36.49
C PHE G 58 -74.73 32.21 36.89
N GLU G 59 -75.13 33.48 36.99
CA GLU G 59 -76.54 33.78 37.23
C GLU G 59 -77.41 33.41 36.03
N ARG G 60 -76.90 33.57 34.81
CA ARG G 60 -77.66 33.13 33.65
C ARG G 60 -77.67 31.62 33.53
N TYR G 61 -76.54 30.97 33.80
CA TYR G 61 -76.44 29.52 33.69
C TYR G 61 -77.10 28.79 34.85
N SER G 62 -77.54 29.50 35.90
CA SER G 62 -78.16 28.88 37.06
C SER G 62 -79.46 28.14 36.77
N GLN G 63 -80.08 28.37 35.62
CA GLN G 63 -81.33 27.70 35.29
C GLN G 63 -81.17 26.50 34.38
N ALA G 64 -79.94 26.11 34.04
CA ALA G 64 -79.73 24.91 33.27
C ALA G 64 -79.66 23.70 34.19
N LEU G 65 -79.56 22.51 33.60
CA LEU G 65 -79.31 21.31 34.38
C LEU G 65 -77.81 21.00 34.39
N CYS G 66 -77.39 20.30 35.44
CA CYS G 66 -75.99 20.34 35.85
C CYS G 66 -75.51 18.96 36.24
N GLY G 67 -74.34 18.58 35.75
CA GLY G 67 -73.70 17.38 36.20
C GLY G 67 -73.05 17.57 37.56
N PRO G 68 -72.54 16.48 38.13
CA PRO G 68 -71.94 16.57 39.47
C PRO G 68 -70.60 17.30 39.49
N GLU G 69 -70.01 17.56 38.33
CA GLU G 69 -68.79 18.33 38.21
C GLU G 69 -69.04 19.83 38.21
N GLY G 70 -70.29 20.26 38.09
CA GLY G 70 -70.62 21.65 38.09
C GLY G 70 -70.91 22.25 36.73
N TYR G 71 -70.85 21.47 35.67
CA TYR G 71 -70.93 22.11 34.36
C TYR G 71 -72.34 21.94 33.80
N PRO G 72 -72.90 22.94 33.13
CA PRO G 72 -74.29 22.81 32.65
C PRO G 72 -74.40 21.90 31.44
N HIS G 73 -75.21 20.84 31.58
CA HIS G 73 -75.47 19.93 30.48
C HIS G 73 -76.68 20.39 29.69
N LEU G 74 -76.69 20.12 28.40
CA LEU G 74 -77.77 20.55 27.53
C LEU G 74 -78.64 19.37 27.14
N ILE G 75 -79.93 19.64 26.98
CA ILE G 75 -80.90 18.62 26.62
C ILE G 75 -81.50 19.01 25.27
N VAL G 76 -81.41 18.08 24.32
CA VAL G 76 -81.67 18.37 22.92
C VAL G 76 -82.78 17.48 22.37
N ASP G 77 -83.60 16.89 23.24
CA ASP G 77 -84.64 15.98 22.76
C ASP G 77 -85.86 16.70 22.21
N GLY G 78 -85.99 18.00 22.45
CA GLY G 78 -87.07 18.77 21.88
C GLY G 78 -88.17 19.16 22.84
N ARG G 79 -88.03 18.89 24.12
CA ARG G 79 -88.99 19.36 25.09
C ARG G 79 -88.90 20.87 25.25
N LEU G 80 -90.04 21.49 25.54
CA LEU G 80 -90.13 22.94 25.56
C LEU G 80 -89.66 23.55 26.87
N ASP G 81 -89.32 22.73 27.86
CA ASP G 81 -88.63 23.25 29.04
C ASP G 81 -87.19 23.62 28.71
N ARG G 82 -86.62 23.01 27.69
CA ARG G 82 -85.23 23.20 27.29
C ARG G 82 -85.15 23.61 25.84
N ALA G 83 -86.07 24.49 25.41
CA ALA G 83 -86.11 24.93 24.02
C ALA G 83 -84.90 25.78 23.67
N GLY G 84 -84.37 26.52 24.63
CA GLY G 84 -83.22 27.36 24.38
C GLY G 84 -81.91 26.62 24.25
N ASP G 85 -81.88 25.33 24.61
CA ASP G 85 -80.64 24.57 24.49
C ASP G 85 -80.33 24.26 23.03
N PHE G 86 -81.30 23.74 22.30
CA PHE G 86 -81.07 23.39 20.90
C PHE G 86 -82.17 23.83 19.96
N LEU G 87 -83.41 24.04 20.42
CA LEU G 87 -84.51 24.27 19.49
C LEU G 87 -84.49 25.70 18.94
N ILE G 88 -84.31 26.69 19.82
CA ILE G 88 -84.14 28.08 19.36
C ILE G 88 -82.92 28.27 18.46
N PRO G 89 -81.71 27.77 18.80
CA PRO G 89 -80.60 27.92 17.85
C PRO G 89 -80.77 27.15 16.57
N SER G 90 -81.57 26.08 16.59
CA SER G 90 -81.85 25.33 15.37
C SER G 90 -82.65 26.17 14.39
N ILE G 91 -83.72 26.81 14.87
CA ILE G 91 -84.55 27.65 14.03
C ILE G 91 -83.75 28.83 13.50
N LEU G 92 -82.92 29.41 14.38
CA LEU G 92 -82.12 30.56 14.01
C LEU G 92 -81.08 30.21 12.94
N PHE G 93 -80.37 29.09 13.14
CA PHE G 93 -79.41 28.64 12.14
C PHE G 93 -80.08 28.32 10.82
N LEU G 94 -81.16 27.53 10.85
CA LEU G 94 -81.77 27.09 9.61
C LEU G 94 -82.33 28.25 8.81
N TYR G 95 -82.81 29.30 9.48
CA TYR G 95 -83.24 30.50 8.77
C TYR G 95 -82.06 31.22 8.12
N ILE G 96 -80.95 31.40 8.85
CA ILE G 96 -79.80 32.11 8.27
C ILE G 96 -79.12 31.28 7.17
N ALA G 97 -79.08 29.97 7.35
CA ALA G 97 -78.43 29.10 6.36
C ALA G 97 -79.26 28.98 5.11
N GLY G 98 -80.58 28.93 5.24
CA GLY G 98 -81.42 29.00 4.07
C GLY G 98 -81.37 30.33 3.37
N TRP G 99 -81.18 31.43 4.12
CA TRP G 99 -80.94 32.74 3.53
C TRP G 99 -79.71 32.70 2.63
N ILE G 100 -78.59 32.22 3.18
CA ILE G 100 -77.31 32.18 2.45
C ILE G 100 -77.41 31.29 1.23
N GLY G 101 -77.97 30.09 1.40
CA GLY G 101 -78.06 29.16 0.29
C GLY G 101 -79.04 29.59 -0.78
N TRP G 102 -80.15 30.20 -0.38
CA TRP G 102 -81.15 30.64 -1.35
C TRP G 102 -80.65 31.84 -2.13
N VAL G 103 -79.92 32.74 -1.47
CA VAL G 103 -79.31 33.87 -2.15
C VAL G 103 -78.24 33.42 -3.13
N GLY G 104 -77.43 32.43 -2.74
CA GLY G 104 -76.44 31.90 -3.68
C GLY G 104 -77.06 31.21 -4.88
N ARG G 105 -78.13 30.45 -4.67
CA ARG G 105 -78.84 29.80 -5.77
C ARG G 105 -79.49 30.83 -6.69
N ALA G 106 -80.06 31.88 -6.12
CA ALA G 106 -80.69 32.92 -6.92
C ALA G 106 -79.66 33.69 -7.73
N TYR G 107 -78.46 33.91 -7.17
CA TYR G 107 -77.43 34.63 -7.91
C TYR G 107 -76.88 33.79 -9.06
N LEU G 108 -76.60 32.51 -8.80
CA LEU G 108 -76.12 31.64 -9.88
C LEU G 108 -77.16 31.46 -10.97
N GLN G 109 -78.44 31.41 -10.62
CA GLN G 109 -79.46 31.33 -11.66
C GLN G 109 -79.64 32.65 -12.40
N ALA G 110 -79.42 33.78 -11.72
CA ALA G 110 -79.58 35.06 -12.40
C ALA G 110 -78.43 35.34 -13.35
N ILE G 111 -77.24 34.82 -13.08
CA ILE G 111 -76.10 35.14 -13.93
C ILE G 111 -75.88 34.14 -15.07
N LYS G 112 -76.62 33.03 -15.12
CA LYS G 112 -76.42 32.07 -16.20
C LYS G 112 -77.00 32.50 -17.53
N LYS G 113 -77.66 33.65 -17.60
CA LYS G 113 -78.18 34.16 -18.85
C LYS G 113 -77.44 35.39 -19.36
N ASP G 114 -76.53 35.95 -18.57
CA ASP G 114 -75.89 37.23 -18.92
C ASP G 114 -74.56 37.05 -19.64
N SER G 115 -74.54 36.17 -20.66
CA SER G 115 -73.60 36.19 -21.80
C SER G 115 -72.13 35.88 -21.49
N ASP G 116 -71.72 35.93 -20.22
CA ASP G 116 -70.43 35.40 -19.79
C ASP G 116 -70.57 35.07 -18.30
N THR G 117 -70.89 33.81 -18.02
CA THR G 117 -71.29 33.45 -16.67
C THR G 117 -70.08 33.29 -15.76
N GLU G 118 -68.99 32.71 -16.29
CA GLU G 118 -67.84 32.38 -15.47
C GLU G 118 -67.11 33.62 -14.98
N GLN G 119 -67.12 34.69 -15.78
CA GLN G 119 -66.47 35.92 -15.37
C GLN G 119 -67.23 36.60 -14.24
N LYS G 120 -68.54 36.44 -14.21
CA LYS G 120 -69.36 37.02 -13.16
C LYS G 120 -69.37 36.21 -11.88
N GLU G 121 -68.68 35.07 -11.84
CA GLU G 121 -68.58 34.32 -10.60
C GLU G 121 -67.36 34.72 -9.79
N ILE G 122 -66.27 35.11 -10.45
CA ILE G 122 -65.12 35.69 -9.74
C ILE G 122 -65.24 37.19 -9.57
N GLN G 123 -66.01 37.88 -10.41
CA GLN G 123 -66.27 39.31 -10.28
C GLN G 123 -67.77 39.51 -10.13
N LEU G 124 -68.20 39.84 -8.92
CA LEU G 124 -69.62 39.86 -8.60
C LEU G 124 -70.30 41.06 -9.22
N ASP G 125 -71.45 40.84 -9.83
CA ASP G 125 -72.34 41.94 -10.19
C ASP G 125 -73.04 42.40 -8.93
N LEU G 126 -72.66 43.56 -8.41
CA LEU G 126 -73.30 44.06 -7.20
C LEU G 126 -74.73 44.50 -7.49
N GLY G 127 -75.00 45.00 -8.70
CA GLY G 127 -76.34 45.36 -9.09
C GLY G 127 -77.28 44.18 -9.27
N ILE G 128 -76.72 42.98 -9.40
CA ILE G 128 -77.55 41.77 -9.39
C ILE G 128 -77.57 41.14 -8.01
N ALA G 129 -76.42 41.09 -7.33
CA ALA G 129 -76.32 40.36 -6.07
C ALA G 129 -76.99 41.08 -4.92
N LEU G 130 -76.79 42.39 -4.79
CA LEU G 130 -77.34 43.14 -3.66
C LEU G 130 -78.87 43.21 -3.59
N PRO G 131 -79.63 43.36 -4.69
CA PRO G 131 -81.08 43.14 -4.56
C PRO G 131 -81.45 41.71 -4.22
N ILE G 132 -80.64 40.73 -4.60
CA ILE G 132 -80.92 39.34 -4.21
C ILE G 132 -80.67 39.12 -2.72
N ILE G 133 -79.58 39.70 -2.18
CA ILE G 133 -79.35 39.56 -0.74
C ILE G 133 -80.32 40.41 0.05
N ALA G 134 -80.96 41.41 -0.56
CA ALA G 134 -82.04 42.11 0.13
C ALA G 134 -83.33 41.32 0.06
N THR G 135 -83.59 40.62 -1.04
CA THR G 135 -84.79 39.85 -1.25
C THR G 135 -84.81 38.58 -0.41
N GLY G 136 -83.65 38.06 -0.03
CA GLY G 136 -83.56 36.76 0.63
C GLY G 136 -84.15 36.60 2.02
N PHE G 137 -84.89 37.57 2.54
CA PHE G 137 -85.52 37.41 3.85
C PHE G 137 -86.66 36.41 3.82
N ALA G 138 -87.30 36.24 2.66
CA ALA G 138 -88.47 35.39 2.51
C ALA G 138 -88.12 34.12 1.73
N TRP G 139 -86.96 33.56 2.00
CA TRP G 139 -86.60 32.29 1.38
C TRP G 139 -87.52 31.09 1.67
N PRO G 140 -88.22 30.95 2.81
CA PRO G 140 -89.09 29.76 2.92
C PRO G 140 -90.29 29.80 1.99
N ALA G 141 -90.94 30.96 1.85
CA ALA G 141 -92.07 31.06 0.94
C ALA G 141 -91.62 30.90 -0.52
N ALA G 142 -90.48 31.49 -0.86
CA ALA G 142 -89.93 31.36 -2.20
C ALA G 142 -89.52 29.92 -2.48
N ALA G 143 -88.99 29.21 -1.49
CA ALA G 143 -88.61 27.82 -1.66
C ALA G 143 -89.81 26.90 -1.81
N VAL G 144 -90.89 27.18 -1.07
CA VAL G 144 -92.09 26.35 -1.19
C VAL G 144 -92.78 26.60 -2.54
N LYS G 145 -92.81 27.85 -3.00
CA LYS G 145 -93.35 28.12 -4.33
C LYS G 145 -92.45 27.57 -5.43
N GLU G 146 -91.14 27.48 -5.17
CA GLU G 146 -90.23 26.84 -6.10
C GLU G 146 -90.45 25.34 -6.14
N LEU G 147 -90.82 24.76 -4.99
CA LEU G 147 -91.03 23.32 -4.88
C LEU G 147 -92.32 22.88 -5.54
N LEU G 148 -93.41 23.60 -5.30
CA LEU G 148 -94.71 23.14 -5.78
C LEU G 148 -94.85 23.31 -7.28
N SER G 149 -94.14 24.27 -7.87
CA SER G 149 -94.22 24.51 -9.30
C SER G 149 -93.26 23.66 -10.10
N GLY G 150 -92.52 22.77 -9.47
CA GLY G 150 -91.59 21.92 -10.19
C GLY G 150 -90.36 22.62 -10.70
N GLU G 151 -90.01 23.77 -10.12
CA GLU G 151 -88.83 24.52 -10.55
C GLU G 151 -87.65 24.34 -9.62
N LEU G 152 -87.80 23.59 -8.53
CA LEU G 152 -86.70 23.43 -7.59
C LEU G 152 -85.67 22.45 -8.12
N THR G 153 -86.10 21.39 -8.78
CA THR G 153 -85.21 20.34 -9.24
C THR G 153 -85.21 20.23 -10.75
N ALA G 154 -84.07 19.81 -11.29
CA ALA G 154 -83.96 19.39 -12.67
C ALA G 154 -84.25 17.91 -12.79
N LYS G 155 -84.60 17.47 -13.99
CA LYS G 155 -84.94 16.07 -14.21
C LYS G 155 -83.67 15.23 -14.30
N ASP G 156 -83.81 13.95 -13.97
CA ASP G 156 -82.68 13.03 -13.99
C ASP G 156 -82.20 12.73 -15.41
N SER G 157 -83.01 12.98 -16.42
CA SER G 157 -82.60 12.84 -17.80
C SER G 157 -81.94 14.09 -18.36
N GLU G 158 -81.98 15.19 -17.62
CA GLU G 158 -81.47 16.48 -18.07
C GLU G 158 -80.05 16.75 -17.60
N ILE G 159 -79.55 15.99 -16.63
CA ILE G 159 -78.27 16.27 -16.00
C ILE G 159 -77.39 15.04 -16.14
N THR G 160 -76.08 15.28 -16.21
CA THR G 160 -75.15 14.27 -16.69
C THR G 160 -74.88 13.18 -15.66
N VAL G 161 -74.64 11.97 -16.15
CA VAL G 161 -74.23 10.83 -15.35
C VAL G 161 -73.11 10.10 -16.08
N SER G 162 -72.59 9.08 -15.43
CA SER G 162 -71.49 8.26 -15.88
C SER G 162 -71.98 6.86 -16.26
N PRO G 163 -71.21 6.10 -17.05
CA PRO G 163 -71.68 4.77 -17.47
C PRO G 163 -71.76 3.78 -16.31
N ARG G 164 -72.85 3.02 -16.30
CA ARG G 164 -73.17 2.11 -15.20
C ARG G 164 -72.55 0.73 -15.40
N ALA H 5 -64.81 59.87 -13.59
CA ALA H 5 -64.70 58.85 -12.55
C ALA H 5 -64.66 57.45 -13.17
N ASP H 6 -63.88 57.29 -14.23
CA ASP H 6 -63.75 55.99 -14.88
C ASP H 6 -62.79 55.07 -14.12
N GLN H 7 -61.84 55.64 -13.36
CA GLN H 7 -60.99 54.82 -12.51
C GLN H 7 -61.77 54.22 -11.35
N SER H 8 -62.81 54.91 -10.88
CA SER H 8 -63.63 54.40 -9.78
C SER H 8 -64.48 53.22 -10.23
N SER H 9 -64.82 53.16 -11.52
CA SER H 9 -65.43 51.96 -12.08
C SER H 9 -64.51 50.76 -11.96
N TYR H 10 -63.23 50.94 -12.28
CA TYR H 10 -62.28 49.85 -12.12
C TYR H 10 -62.05 49.51 -10.66
N LEU H 11 -62.12 50.51 -9.77
CA LEU H 11 -62.00 50.24 -8.34
C LEU H 11 -63.18 49.45 -7.81
N ILE H 12 -64.39 49.75 -8.27
CA ILE H 12 -65.55 48.98 -7.79
C ILE H 12 -65.59 47.60 -8.44
N LYS H 13 -64.94 47.42 -9.60
CA LYS H 13 -64.76 46.07 -10.11
C LYS H 13 -63.71 45.30 -9.32
N PHE H 14 -62.72 46.02 -8.75
CA PHE H 14 -61.74 45.35 -7.91
C PHE H 14 -62.33 44.94 -6.57
N ILE H 15 -63.20 45.78 -6.00
CA ILE H 15 -63.89 45.44 -4.77
C ILE H 15 -64.86 44.27 -5.01
N SER H 16 -65.41 44.17 -6.21
CA SER H 16 -66.31 43.09 -6.56
C SER H 16 -65.61 41.76 -6.80
N THR H 17 -64.28 41.75 -6.91
CA THR H 17 -63.56 40.49 -7.12
C THR H 17 -63.65 39.62 -5.88
N ALA H 18 -63.56 38.31 -6.10
CA ALA H 18 -63.88 37.32 -5.07
C ALA H 18 -63.05 37.41 -3.78
N PRO H 19 -61.71 37.52 -3.79
CA PRO H 19 -61.01 37.64 -2.50
C PRO H 19 -61.27 38.95 -1.76
N VAL H 20 -61.42 40.06 -2.47
CA VAL H 20 -61.64 41.35 -1.82
C VAL H 20 -63.04 41.43 -1.26
N ALA H 21 -64.04 41.00 -2.05
CA ALA H 21 -65.41 40.97 -1.56
C ALA H 21 -65.57 39.99 -0.41
N ALA H 22 -64.85 38.87 -0.47
CA ALA H 22 -64.87 37.92 0.62
C ALA H 22 -64.23 38.48 1.89
N THR H 23 -63.11 39.20 1.77
CA THR H 23 -62.48 39.70 2.99
C THR H 23 -63.26 40.87 3.58
N ILE H 24 -63.93 41.68 2.75
CA ILE H 24 -64.79 42.74 3.28
C ILE H 24 -66.00 42.14 3.97
N TRP H 25 -66.66 41.17 3.31
CA TRP H 25 -67.86 40.57 3.86
C TRP H 25 -67.60 39.77 5.13
N LEU H 26 -66.51 39.00 5.14
CA LEU H 26 -66.17 38.23 6.32
C LEU H 26 -65.58 39.10 7.43
N THR H 27 -64.99 40.24 7.10
CA THR H 27 -64.61 41.20 8.13
C THR H 27 -65.84 41.81 8.79
N ILE H 28 -66.88 42.09 7.99
CA ILE H 28 -68.13 42.59 8.55
C ILE H 28 -68.80 41.53 9.42
N THR H 29 -68.81 40.28 8.96
CA THR H 29 -69.44 39.20 9.71
C THR H 29 -68.71 38.92 11.02
N ALA H 30 -67.37 38.84 10.97
CA ALA H 30 -66.58 38.68 12.17
C ALA H 30 -66.69 39.88 13.09
N GLY H 31 -66.87 41.09 12.54
CA GLY H 31 -67.06 42.24 13.39
C GLY H 31 -68.40 42.25 14.09
N ILE H 32 -69.45 41.79 13.40
CA ILE H 32 -70.77 41.65 14.02
C ILE H 32 -70.72 40.65 15.17
N LEU H 33 -70.07 39.50 14.96
CA LEU H 33 -70.03 38.48 16.01
C LEU H 33 -69.13 38.91 17.17
N ILE H 34 -68.01 39.57 16.89
CA ILE H 34 -67.10 40.01 17.93
C ILE H 34 -67.71 41.15 18.74
N GLU H 35 -68.38 42.10 18.08
CA GLU H 35 -69.04 43.18 18.80
C GLU H 35 -70.32 42.72 19.49
N PHE H 36 -70.90 41.60 19.07
CA PHE H 36 -72.02 41.05 19.81
C PHE H 36 -71.55 40.36 21.08
N ASN H 37 -70.45 39.62 20.98
CA ASN H 37 -69.93 38.90 22.14
C ASN H 37 -69.12 39.79 23.07
N ARG H 38 -68.81 41.02 22.67
CA ARG H 38 -68.30 41.97 23.67
C ARG H 38 -69.41 42.41 24.61
N PHE H 39 -70.60 42.66 24.07
CA PHE H 39 -71.70 43.22 24.84
C PHE H 39 -72.55 42.15 25.52
N PHE H 40 -72.80 41.03 24.85
CA PHE H 40 -73.59 39.94 25.40
C PHE H 40 -72.78 38.66 25.33
N PRO H 41 -71.85 38.45 26.26
CA PRO H 41 -71.03 37.24 26.21
C PRO H 41 -71.75 36.06 26.85
N ASP H 42 -71.12 34.89 26.70
CA ASP H 42 -71.37 33.70 27.51
C ASP H 42 -72.76 33.11 27.27
N LEU H 43 -73.25 33.17 26.04
CA LEU H 43 -74.58 32.64 25.72
C LEU H 43 -74.44 31.20 25.27
N LEU H 44 -74.42 30.29 26.23
CA LEU H 44 -74.39 28.87 25.90
C LEU H 44 -75.74 28.39 25.35
N PHE H 45 -76.82 29.06 25.74
CA PHE H 45 -78.16 28.68 25.36
C PHE H 45 -79.03 29.92 25.42
N HIS H 46 -80.20 29.83 24.82
CA HIS H 46 -81.16 30.91 24.92
C HIS H 46 -81.91 30.80 26.24
N PRO H 47 -81.89 31.83 27.08
CA PRO H 47 -82.64 31.76 28.34
C PRO H 47 -84.13 31.90 28.12
N LEU H 48 -84.87 31.12 28.83
CA LEU H 48 -86.32 31.05 28.77
C LEU H 48 -86.94 31.86 29.91
N PRO H 49 -88.15 32.43 29.70
CA PRO H 49 -88.82 33.21 30.74
C PRO H 49 -89.24 32.37 31.95
N LEU I 14 2.94 55.00 19.77
CA LEU I 14 3.55 55.43 18.52
C LEU I 14 3.39 56.93 18.31
N GLU I 15 4.41 57.70 18.66
CA GLU I 15 4.40 59.11 18.35
C GLU I 15 4.88 59.33 16.92
N TRP I 16 4.30 60.32 16.25
CA TRP I 16 4.65 60.56 14.86
C TRP I 16 6.03 61.19 14.76
N SER I 17 6.86 60.60 13.92
CA SER I 17 8.22 61.04 13.64
C SER I 17 8.36 61.03 12.12
N PRO I 18 9.36 61.73 11.57
CA PRO I 18 9.56 61.67 10.11
C PRO I 18 10.04 60.31 9.59
N THR I 19 10.38 59.37 10.48
CA THR I 19 10.58 57.98 10.04
C THR I 19 9.26 57.36 9.59
N VAL I 20 8.16 57.69 10.28
CA VAL I 20 6.83 57.24 9.86
C VAL I 20 6.45 57.89 8.53
N GLY I 21 6.82 59.15 8.36
CA GLY I 21 6.60 59.81 7.08
C GLY I 21 7.38 59.19 5.94
N ILE I 22 8.63 58.85 6.20
CA ILE I 22 9.43 58.30 5.11
C ILE I 22 9.06 56.84 4.84
N ILE I 23 8.54 56.10 5.83
CA ILE I 23 8.11 54.75 5.52
C ILE I 23 6.76 54.77 4.80
N MET I 24 5.93 55.78 5.05
CA MET I 24 4.70 55.94 4.26
C MET I 24 5.02 56.33 2.83
N VAL I 25 6.01 57.21 2.63
CA VAL I 25 6.43 57.60 1.29
C VAL I 25 7.09 56.43 0.56
N ILE I 26 7.88 55.61 1.26
CA ILE I 26 8.50 54.44 0.65
C ILE I 26 7.45 53.41 0.24
N ALA I 27 6.42 53.21 1.07
CA ALA I 27 5.33 52.31 0.68
C ALA I 27 4.53 52.86 -0.49
N ASN I 28 4.36 54.19 -0.56
CA ASN I 28 3.72 54.79 -1.71
C ASN I 28 4.54 54.60 -2.99
N VAL I 29 5.88 54.66 -2.86
CA VAL I 29 6.74 54.48 -4.03
C VAL I 29 6.74 53.03 -4.49
N ILE I 30 6.73 52.09 -3.54
CA ILE I 30 6.63 50.67 -3.89
C ILE I 30 5.30 50.37 -4.57
N ALA I 31 4.21 50.98 -4.06
CA ALA I 31 2.91 50.73 -4.65
C ALA I 31 2.76 51.38 -6.01
N ILE I 32 3.34 52.56 -6.22
CA ILE I 32 3.26 53.17 -7.54
C ILE I 32 4.19 52.45 -8.52
N THR I 33 5.25 51.80 -8.01
CA THR I 33 6.10 50.98 -8.85
C THR I 33 5.34 49.75 -9.35
N PHE I 34 4.68 49.03 -8.43
CA PHE I 34 3.84 47.90 -8.85
C PHE I 34 2.68 48.33 -9.71
N GLY I 35 2.11 49.52 -9.45
CA GLY I 35 1.02 50.00 -10.26
C GLY I 35 1.44 50.42 -11.66
N ARG I 36 2.70 50.82 -11.81
CA ARG I 36 3.19 51.07 -13.15
C ARG I 36 3.56 49.76 -13.86
N GLN I 37 4.08 48.79 -13.11
CA GLN I 37 4.57 47.57 -13.74
C GLN I 37 3.45 46.62 -14.16
N THR I 38 2.39 46.49 -13.36
CA THR I 38 1.45 45.41 -13.65
C THR I 38 -0.03 45.75 -13.52
N ILE I 39 -0.44 47.00 -13.74
CA ILE I 39 -1.87 47.29 -13.92
C ILE I 39 -2.22 47.13 -15.39
N LYS I 40 -3.33 46.44 -15.67
CA LYS I 40 -3.72 46.13 -17.04
C LYS I 40 -4.15 47.38 -17.79
N TYR I 41 -4.88 48.29 -17.14
CA TYR I 41 -5.33 49.54 -17.75
C TYR I 41 -4.97 50.71 -16.85
N PRO I 42 -3.74 51.21 -16.93
CA PRO I 42 -3.34 52.35 -16.10
C PRO I 42 -3.70 53.71 -16.66
N SER I 43 -4.05 53.80 -17.93
CA SER I 43 -4.34 55.10 -18.55
C SER I 43 -5.85 55.26 -18.71
N ALA I 44 -6.49 55.70 -17.63
CA ALA I 44 -7.92 55.97 -17.63
C ALA I 44 -8.17 57.36 -18.21
N GLU I 45 -9.41 57.85 -18.08
CA GLU I 45 -9.78 59.05 -18.84
C GLU I 45 -9.20 60.35 -18.26
N PRO I 46 -9.34 60.70 -16.94
CA PRO I 46 -8.70 61.94 -16.49
C PRO I 46 -7.21 61.76 -16.27
N ALA I 47 -6.40 62.23 -17.21
CA ALA I 47 -4.98 61.99 -17.14
C ALA I 47 -4.28 63.04 -16.29
N LEU I 48 -3.05 62.72 -15.88
CA LEU I 48 -2.25 63.67 -15.14
C LEU I 48 -1.76 64.79 -16.06
N PRO I 49 -1.54 65.99 -15.52
CA PRO I 49 -1.02 67.08 -16.37
C PRO I 49 0.41 66.85 -16.83
N SER I 50 1.24 66.16 -16.04
CA SER I 50 2.61 65.92 -16.45
C SER I 50 2.73 64.73 -17.40
N ALA I 51 2.35 63.54 -16.91
CA ALA I 51 2.41 62.25 -17.62
C ALA I 51 3.82 61.89 -18.07
N LYS I 52 4.85 62.49 -17.48
CA LYS I 52 6.23 62.13 -17.68
C LYS I 52 6.97 61.85 -16.39
N PHE I 53 6.64 62.58 -15.32
CA PHE I 53 7.05 62.21 -13.98
C PHE I 53 6.12 61.17 -13.37
N PHE I 54 4.97 60.93 -13.99
CA PHE I 54 4.01 59.93 -13.53
C PHE I 54 4.10 58.62 -14.30
N GLY I 55 4.88 58.57 -15.38
CA GLY I 55 5.00 57.38 -16.19
C GLY I 55 3.87 57.16 -17.18
N GLY I 56 2.82 57.98 -17.12
CA GLY I 56 1.68 57.86 -17.99
C GLY I 56 0.58 57.15 -17.24
N PHE I 57 -0.31 57.91 -16.63
CA PHE I 57 -1.35 57.42 -15.76
C PHE I 57 -2.66 58.13 -16.06
N GLY I 58 -3.70 57.68 -15.38
CA GLY I 58 -4.84 58.50 -15.09
C GLY I 58 -4.75 58.91 -13.63
N ALA I 59 -5.45 59.99 -13.31
CA ALA I 59 -5.66 60.33 -11.90
C ALA I 59 -6.28 59.22 -11.05
N PRO I 60 -7.25 58.41 -11.52
CA PRO I 60 -7.68 57.29 -10.67
C PRO I 60 -6.64 56.21 -10.47
N ALA I 61 -5.82 55.91 -11.47
CA ALA I 61 -4.73 54.97 -11.27
C ALA I 61 -3.68 55.53 -10.30
N LEU I 62 -3.45 56.84 -10.37
CA LEU I 62 -2.53 57.49 -9.43
C LEU I 62 -3.03 57.39 -8.00
N LEU I 63 -4.29 57.74 -7.75
CA LEU I 63 -4.69 57.67 -6.36
C LEU I 63 -5.06 56.26 -5.92
N ALA I 64 -5.24 55.32 -6.84
CA ALA I 64 -5.28 53.91 -6.49
C ALA I 64 -3.94 53.44 -5.96
N THR I 65 -2.86 53.79 -6.68
CA THR I 65 -1.52 53.43 -6.23
C THR I 65 -1.18 54.06 -4.89
N THR I 66 -1.56 55.32 -4.69
CA THR I 66 -1.22 55.94 -3.41
C THR I 66 -2.12 55.45 -2.27
N ALA I 67 -3.37 55.07 -2.55
CA ALA I 67 -4.22 54.46 -1.53
C ALA I 67 -3.68 53.10 -1.10
N PHE I 68 -3.22 52.30 -2.06
CA PHE I 68 -2.61 51.02 -1.72
C PHE I 68 -1.27 51.23 -1.01
N GLY I 69 -0.55 52.30 -1.33
CA GLY I 69 0.62 52.65 -0.56
C GLY I 69 0.30 53.02 0.86
N HIS I 70 -0.85 53.63 1.10
CA HIS I 70 -1.28 53.86 2.47
C HIS I 70 -1.68 52.57 3.18
N ILE I 71 -2.30 51.61 2.46
CA ILE I 71 -2.55 50.28 3.04
C ILE I 71 -1.25 49.65 3.51
N LEU I 72 -0.26 49.60 2.61
CA LEU I 72 1.03 49.01 2.92
C LEU I 72 1.77 49.79 4.00
N GLY I 73 1.68 51.12 3.97
CA GLY I 73 2.42 51.90 4.94
C GLY I 73 1.85 51.81 6.34
N VAL I 74 0.51 51.81 6.47
CA VAL I 74 -0.10 51.62 7.77
C VAL I 74 0.19 50.24 8.32
N GLY I 75 0.12 49.21 7.45
CA GLY I 75 0.48 47.86 7.88
C GLY I 75 1.92 47.73 8.32
N LEU I 76 2.84 48.36 7.56
CA LEU I 76 4.26 48.35 7.91
C LEU I 76 4.53 49.06 9.22
N VAL I 77 4.00 50.28 9.41
CA VAL I 77 4.40 51.03 10.60
C VAL I 77 3.73 50.46 11.84
N LEU I 78 2.54 49.86 11.70
CA LEU I 78 1.96 49.21 12.86
C LEU I 78 2.65 47.91 13.19
N GLY I 79 3.10 47.15 12.18
CA GLY I 79 3.87 45.95 12.46
C GLY I 79 5.23 46.24 13.07
N LEU I 80 5.91 47.28 12.60
CA LEU I 80 7.21 47.62 13.15
C LEU I 80 7.10 48.26 14.52
N HIS I 81 6.01 48.96 14.80
CA HIS I 81 5.77 49.40 16.17
C HIS I 81 5.43 48.23 17.08
N ASN I 82 4.74 47.22 16.55
CA ASN I 82 4.41 46.06 17.38
C ASN I 82 5.65 45.23 17.69
N LEU I 83 6.60 45.16 16.76
CA LEU I 83 7.87 44.51 17.07
C LEU I 83 8.70 45.32 18.04
N GLY I 84 8.92 46.60 17.74
CA GLY I 84 9.73 47.45 18.58
C GLY I 84 10.74 48.26 17.78
N ARG I 85 10.69 48.14 16.46
CA ARG I 85 11.66 48.81 15.61
C ARG I 85 11.36 50.30 15.48
N ILE I 86 10.13 50.66 15.13
CA ILE I 86 9.78 52.06 14.94
C ILE I 86 9.03 52.53 16.18
N ASP J 12 -38.32 -32.38 31.72
CA ASP J 12 -36.93 -32.54 31.33
C ASP J 12 -36.80 -32.47 29.81
N ALA J 13 -37.87 -32.09 29.13
CA ALA J 13 -37.86 -31.89 27.69
C ALA J 13 -37.62 -30.43 27.31
N SER J 14 -37.07 -29.65 28.21
CA SER J 14 -36.75 -28.27 27.90
C SER J 14 -35.50 -28.13 27.05
N PHE J 15 -34.78 -29.22 26.78
CA PHE J 15 -33.68 -29.19 25.83
C PHE J 15 -34.16 -29.09 24.39
N LEU J 16 -35.46 -29.29 24.14
CA LEU J 16 -35.97 -29.24 22.77
C LEU J 16 -35.91 -27.83 22.19
N SER J 17 -35.94 -26.81 23.04
CA SER J 17 -35.96 -25.44 22.56
C SER J 17 -34.62 -25.04 21.98
N SER J 18 -33.52 -25.54 22.55
CA SER J 18 -32.18 -25.27 22.03
C SER J 18 -31.91 -26.01 20.73
N ILE J 19 -32.77 -26.92 20.34
CA ILE J 19 -32.74 -27.49 19.00
C ILE J 19 -33.68 -26.74 18.07
N PHE J 20 -34.94 -26.56 18.49
CA PHE J 20 -35.96 -26.10 17.56
C PHE J 20 -35.86 -24.62 17.25
N VAL J 21 -35.59 -23.76 18.24
CA VAL J 21 -35.45 -22.33 17.98
C VAL J 21 -34.27 -22.00 17.06
N PRO J 22 -33.05 -22.58 17.23
CA PRO J 22 -32.03 -22.34 16.19
C PRO J 22 -32.35 -22.94 14.85
N VAL J 23 -33.06 -24.07 14.80
CA VAL J 23 -33.54 -24.62 13.53
C VAL J 23 -34.51 -23.65 12.87
N ILE J 24 -35.49 -23.15 13.64
CA ILE J 24 -36.53 -22.29 13.09
C ILE J 24 -35.98 -20.90 12.75
N GLY J 25 -34.84 -20.53 13.31
CA GLY J 25 -34.26 -19.23 13.09
C GLY J 25 -33.17 -19.20 12.04
N TRP J 26 -32.44 -20.31 11.87
CA TRP J 26 -31.37 -20.35 10.89
C TRP J 26 -31.55 -21.42 9.84
N VAL J 27 -31.91 -22.66 10.22
CA VAL J 27 -31.85 -23.76 9.28
C VAL J 27 -33.05 -23.76 8.35
N VAL J 28 -34.23 -23.49 8.89
CA VAL J 28 -35.41 -23.30 8.05
C VAL J 28 -35.30 -22.08 7.13
N PRO J 29 -34.83 -20.89 7.59
CA PRO J 29 -34.63 -19.81 6.61
C PRO J 29 -33.60 -20.07 5.54
N ILE J 30 -32.45 -20.67 5.88
CA ILE J 30 -31.39 -20.86 4.88
C ILE J 30 -31.81 -21.88 3.84
N ALA J 31 -32.39 -23.01 4.27
CA ALA J 31 -32.87 -24.02 3.34
C ALA J 31 -34.02 -23.50 2.50
N THR J 32 -34.94 -22.76 3.13
CA THR J 32 -36.11 -22.24 2.42
C THR J 32 -35.71 -21.21 1.38
N PHE J 33 -34.86 -20.24 1.77
CA PHE J 33 -34.42 -19.21 0.85
C PHE J 33 -33.50 -19.76 -0.22
N SER J 34 -32.69 -20.78 0.10
CA SER J 34 -31.80 -21.36 -0.89
C SER J 34 -32.58 -22.10 -1.96
N PHE J 35 -33.58 -22.90 -1.55
CA PHE J 35 -34.47 -23.54 -2.52
C PHE J 35 -35.22 -22.50 -3.34
N LEU J 36 -35.76 -21.48 -2.70
CA LEU J 36 -36.60 -20.53 -3.43
C LEU J 36 -35.78 -19.64 -4.35
N PHE J 37 -34.56 -19.28 -3.95
CA PHE J 37 -33.64 -18.58 -4.83
C PHE J 37 -33.30 -19.42 -6.05
N LEU J 38 -32.91 -20.68 -5.85
CA LEU J 38 -32.61 -21.52 -7.01
C LEU J 38 -33.84 -21.83 -7.84
N TYR J 39 -35.04 -21.74 -7.27
CA TYR J 39 -36.25 -22.06 -7.98
C TYR J 39 -36.78 -20.88 -8.80
N ILE J 40 -36.73 -19.66 -8.25
CA ILE J 40 -37.25 -18.52 -8.99
C ILE J 40 -36.28 -18.04 -10.06
N GLU J 41 -35.03 -18.48 -10.02
CA GLU J 41 -34.06 -18.14 -11.06
C GLU J 41 -33.90 -19.24 -12.10
N ARG J 42 -34.50 -20.41 -11.88
CA ARG J 42 -34.37 -21.51 -12.82
C ARG J 42 -35.27 -21.25 -14.03
N GLU J 43 -34.79 -21.70 -15.19
CA GLU J 43 -35.54 -21.56 -16.43
C GLU J 43 -36.22 -22.86 -16.84
N ASP J 44 -36.34 -23.82 -15.93
CA ASP J 44 -36.99 -25.08 -16.22
C ASP J 44 -38.48 -25.03 -15.88
N VAL J 45 -38.81 -24.77 -14.61
CA VAL J 45 -40.19 -24.68 -14.18
C VAL J 45 -40.44 -23.34 -13.49
N ASN K 17 -1.02 20.12 -17.07
CA ASN K 17 -1.73 21.19 -17.76
C ASN K 17 -2.72 20.59 -18.74
N ARG K 18 -2.41 19.38 -19.19
CA ARG K 18 -3.27 18.66 -20.12
C ARG K 18 -4.36 17.92 -19.35
N GLU K 19 -5.33 17.42 -20.11
CA GLU K 19 -6.47 16.72 -19.54
C GLU K 19 -6.05 15.40 -18.92
N VAL K 20 -6.71 15.03 -17.83
CA VAL K 20 -6.42 13.79 -17.12
C VAL K 20 -7.60 12.82 -17.17
N VAL K 21 -8.76 13.26 -17.66
CA VAL K 21 -9.99 12.47 -17.65
C VAL K 21 -10.38 12.21 -19.09
N PHE K 22 -10.49 10.94 -19.45
CA PHE K 22 -10.66 10.52 -20.82
C PHE K 22 -11.83 9.56 -20.93
N PRO K 23 -12.47 9.47 -22.09
CA PRO K 23 -13.35 8.33 -22.34
C PRO K 23 -12.54 7.05 -22.47
N ALA K 24 -13.19 5.93 -22.17
CA ALA K 24 -12.50 4.65 -22.15
C ALA K 24 -12.46 4.06 -23.55
N GLY K 25 -11.26 3.64 -23.97
CA GLY K 25 -11.10 3.11 -25.31
C GLY K 25 -11.21 4.15 -26.39
N ARG K 26 -11.04 5.43 -26.05
CA ARG K 26 -11.16 6.58 -26.95
C ARG K 26 -12.52 6.66 -27.63
N ASP K 27 -13.55 6.09 -27.02
CA ASP K 27 -14.92 6.16 -27.55
C ASP K 27 -15.83 6.77 -26.51
N PRO K 28 -16.35 7.98 -26.74
CA PRO K 28 -17.11 8.69 -25.72
C PRO K 28 -18.51 8.17 -25.49
N GLN K 29 -18.94 7.16 -26.24
CA GLN K 29 -20.32 6.71 -26.22
C GLN K 29 -20.63 5.74 -25.09
N TRP K 30 -19.62 5.11 -24.50
CA TRP K 30 -19.85 4.21 -23.39
C TRP K 30 -19.99 4.98 -22.08
N GLY K 31 -20.70 4.39 -21.13
CA GLY K 31 -20.87 4.99 -19.81
C GLY K 31 -19.62 4.84 -18.95
N ASN K 32 -18.55 5.50 -19.36
CA ASN K 32 -17.19 5.19 -18.95
C ASN K 32 -16.35 6.45 -18.98
N LEU K 33 -15.48 6.59 -17.99
CA LEU K 33 -14.44 7.60 -18.01
C LEU K 33 -13.16 6.99 -17.47
N GLU K 34 -12.06 7.18 -18.20
CA GLU K 34 -10.73 6.90 -17.66
C GLU K 34 -10.30 8.08 -16.80
N THR K 35 -10.28 7.89 -15.50
CA THR K 35 -9.83 8.88 -14.54
C THR K 35 -8.52 8.40 -13.92
N PRO K 36 -7.82 9.26 -13.15
CA PRO K 36 -6.69 8.75 -12.36
C PRO K 36 -7.05 7.66 -11.37
N VAL K 37 -8.24 7.68 -10.79
CA VAL K 37 -8.63 6.62 -9.87
C VAL K 37 -8.94 5.34 -10.63
N ASN K 38 -9.32 5.47 -11.88
CA ASN K 38 -9.82 4.39 -12.71
C ASN K 38 -8.70 3.72 -13.49
N ALA K 39 -7.72 4.50 -13.95
CA ALA K 39 -6.80 4.01 -14.96
C ALA K 39 -5.37 4.43 -14.68
N SER K 40 -5.01 4.64 -13.41
CA SER K 40 -3.61 4.84 -13.07
C SER K 40 -2.86 3.53 -13.30
N PRO K 41 -1.61 3.60 -13.76
CA PRO K 41 -0.81 2.37 -13.86
C PRO K 41 -0.56 1.70 -12.54
N LEU K 42 -0.51 2.45 -11.44
CA LEU K 42 -0.38 1.83 -10.13
C LEU K 42 -1.67 1.15 -9.71
N VAL K 43 -2.81 1.81 -9.93
CA VAL K 43 -4.11 1.21 -9.64
C VAL K 43 -4.38 0.04 -10.56
N LYS K 44 -4.04 0.16 -11.84
CA LYS K 44 -4.19 -0.96 -12.75
C LYS K 44 -3.22 -2.09 -12.44
N TRP K 45 -2.05 -1.80 -11.87
CA TRP K 45 -1.19 -2.86 -11.38
C TRP K 45 -1.87 -3.60 -10.23
N PHE K 46 -2.40 -2.85 -9.28
CA PHE K 46 -2.88 -3.45 -8.05
C PHE K 46 -4.14 -4.29 -8.26
N ILE K 47 -5.11 -3.78 -9.02
CA ILE K 47 -6.36 -4.51 -9.20
C ILE K 47 -6.14 -5.75 -10.07
N ASN K 48 -5.29 -5.64 -11.09
CA ASN K 48 -5.05 -6.75 -12.00
C ASN K 48 -4.21 -7.86 -11.40
N ASN K 49 -3.60 -7.67 -10.25
CA ASN K 49 -2.83 -8.74 -9.65
C ASN K 49 -3.39 -9.17 -8.31
N LEU K 50 -4.50 -8.57 -7.89
CA LEU K 50 -5.40 -9.21 -6.95
C LEU K 50 -5.80 -10.58 -7.47
N PRO K 51 -5.95 -11.57 -6.58
CA PRO K 51 -6.18 -12.95 -7.04
C PRO K 51 -7.47 -13.17 -7.78
N ALA K 52 -8.43 -12.26 -7.69
CA ALA K 52 -9.59 -12.29 -8.56
C ALA K 52 -9.20 -12.13 -10.03
N TYR K 53 -8.14 -11.39 -10.31
CA TYR K 53 -7.81 -11.04 -11.67
C TYR K 53 -6.40 -11.42 -12.12
N ARG K 54 -5.60 -12.03 -11.26
CA ARG K 54 -4.19 -12.28 -11.60
C ARG K 54 -4.08 -13.38 -12.65
N PRO K 55 -3.31 -13.16 -13.70
CA PRO K 55 -3.12 -14.21 -14.71
C PRO K 55 -2.34 -15.40 -14.18
N GLY K 56 -2.61 -16.56 -14.77
CA GLY K 56 -1.90 -17.76 -14.40
C GLY K 56 -2.41 -18.45 -13.16
N LEU K 57 -3.70 -18.35 -12.87
CA LEU K 57 -4.28 -19.00 -11.70
C LEU K 57 -5.46 -19.86 -12.12
N THR K 58 -5.55 -21.04 -11.53
CA THR K 58 -6.74 -21.86 -11.65
C THR K 58 -7.82 -21.28 -10.73
N PRO K 59 -9.11 -21.64 -10.94
CA PRO K 59 -10.16 -21.12 -10.03
C PRO K 59 -10.00 -21.54 -8.59
N PHE K 60 -9.45 -22.73 -8.34
CA PHE K 60 -9.13 -23.15 -6.98
C PHE K 60 -8.08 -22.24 -6.34
N ARG K 61 -7.04 -21.88 -7.09
CA ARG K 61 -5.98 -21.05 -6.53
C ARG K 61 -6.48 -19.64 -6.18
N ARG K 62 -7.37 -19.09 -7.02
CA ARG K 62 -7.99 -17.80 -6.75
C ARG K 62 -8.87 -17.85 -5.51
N GLY K 63 -9.76 -18.85 -5.45
CA GLY K 63 -10.64 -18.99 -4.31
C GLY K 63 -9.90 -19.25 -3.02
N LEU K 64 -8.78 -19.95 -3.10
CA LEU K 64 -8.00 -20.26 -1.91
C LEU K 64 -7.35 -19.00 -1.33
N GLU K 65 -6.79 -18.15 -2.19
CA GLU K 65 -6.16 -16.94 -1.66
C GLU K 65 -7.18 -15.92 -1.16
N VAL K 66 -8.27 -15.72 -1.93
CA VAL K 66 -9.38 -14.86 -1.51
C VAL K 66 -9.96 -15.34 -0.18
N GLY K 67 -10.12 -16.65 -0.02
CA GLY K 67 -10.63 -17.19 1.23
C GLY K 67 -9.70 -16.97 2.39
N MET K 68 -8.39 -17.22 2.19
CA MET K 68 -7.40 -17.02 3.24
C MET K 68 -7.44 -15.61 3.81
N ALA K 69 -7.43 -14.61 2.93
CA ALA K 69 -7.45 -13.23 3.37
C ALA K 69 -8.77 -12.86 4.07
N HIS K 70 -9.89 -13.39 3.59
CA HIS K 70 -11.16 -13.00 4.19
C HIS K 70 -11.40 -13.64 5.55
N GLY K 71 -11.07 -14.92 5.71
CA GLY K 71 -11.10 -15.53 7.03
C GLY K 71 -10.21 -14.82 8.02
N TYR K 72 -9.02 -14.40 7.56
CA TYR K 72 -8.08 -13.72 8.44
C TYR K 72 -8.62 -12.39 8.94
N PHE K 73 -9.17 -11.55 8.05
CA PHE K 73 -9.66 -10.30 8.62
C PHE K 73 -11.00 -10.48 9.33
N LEU K 74 -11.82 -11.44 8.91
CA LEU K 74 -13.12 -11.60 9.56
C LEU K 74 -13.04 -12.21 10.94
N PHE K 75 -11.90 -12.80 11.31
CA PHE K 75 -11.69 -13.17 12.72
C PHE K 75 -11.86 -11.98 13.66
N GLY K 76 -11.39 -10.82 13.27
CA GLY K 76 -11.24 -9.65 14.13
C GLY K 76 -12.46 -9.08 14.83
N PRO K 77 -13.46 -8.62 14.07
CA PRO K 77 -14.66 -8.05 14.70
C PRO K 77 -15.47 -9.03 15.53
N PHE K 78 -15.44 -10.33 15.24
CA PHE K 78 -16.13 -11.27 16.11
C PHE K 78 -15.41 -11.41 17.45
N ALA K 79 -14.08 -11.45 17.42
CA ALA K 79 -13.33 -11.66 18.65
C ALA K 79 -13.32 -10.42 19.54
N LYS K 80 -13.14 -9.24 18.97
CA LYS K 80 -12.93 -8.07 19.80
C LYS K 80 -14.21 -7.31 20.12
N LEU K 81 -15.31 -7.56 19.40
CA LEU K 81 -16.54 -6.83 19.61
C LEU K 81 -17.75 -7.67 19.95
N GLY K 82 -17.66 -8.99 19.90
CA GLY K 82 -18.78 -9.88 20.16
C GLY K 82 -19.28 -9.91 21.61
N PRO K 83 -20.19 -10.83 21.90
CA PRO K 83 -20.73 -10.91 23.27
C PRO K 83 -19.73 -11.41 24.29
N LEU K 84 -18.78 -12.24 23.88
CA LEU K 84 -17.87 -12.91 24.80
C LEU K 84 -16.48 -12.27 24.80
N ARG K 85 -16.37 -11.02 24.32
CA ARG K 85 -15.06 -10.40 24.08
C ARG K 85 -14.29 -10.11 25.36
N ASP K 86 -14.95 -10.12 26.52
CA ASP K 86 -14.27 -9.93 27.79
C ASP K 86 -14.07 -11.22 28.56
N ALA K 87 -14.63 -12.32 28.09
CA ALA K 87 -14.45 -13.61 28.73
C ALA K 87 -13.10 -14.22 28.34
N ALA K 88 -12.76 -15.33 29.00
CA ALA K 88 -11.57 -16.07 28.61
C ALA K 88 -11.76 -16.81 27.31
N ASN K 89 -13.00 -16.98 26.88
CA ASN K 89 -13.38 -17.69 25.67
C ASN K 89 -13.53 -16.74 24.48
N ALA K 90 -12.87 -15.58 24.51
CA ALA K 90 -13.14 -14.52 23.54
C ALA K 90 -12.62 -14.88 22.17
N ASN K 91 -11.39 -15.38 22.10
CA ASN K 91 -10.77 -15.65 20.80
C ASN K 91 -11.38 -16.87 20.14
N LEU K 92 -11.81 -17.85 20.93
CA LEU K 92 -12.44 -19.02 20.34
C LEU K 92 -13.84 -18.71 19.87
N ALA K 93 -14.55 -17.83 20.57
CA ALA K 93 -15.86 -17.38 20.10
C ALA K 93 -15.71 -16.56 18.82
N GLY K 94 -14.65 -15.77 18.72
CA GLY K 94 -14.38 -15.05 17.48
C GLY K 94 -14.05 -15.97 16.33
N LEU K 95 -13.28 -17.03 16.60
CA LEU K 95 -12.99 -18.05 15.60
C LEU K 95 -14.26 -18.74 15.12
N LEU K 96 -15.15 -19.09 16.04
CA LEU K 96 -16.39 -19.75 15.64
C LEU K 96 -17.30 -18.82 14.87
N GLY K 97 -17.31 -17.54 15.21
CA GLY K 97 -18.09 -16.58 14.44
C GLY K 97 -17.55 -16.40 13.04
N ALA K 98 -16.23 -16.30 12.89
CA ALA K 98 -15.63 -16.14 11.57
C ALA K 98 -15.80 -17.39 10.73
N ILE K 99 -15.74 -18.57 11.33
CA ILE K 99 -15.92 -19.80 10.56
C ILE K 99 -17.38 -19.97 10.14
N GLY K 100 -18.33 -19.61 11.02
CA GLY K 100 -19.74 -19.66 10.63
C GLY K 100 -20.08 -18.68 9.53
N LEU K 101 -19.46 -17.51 9.55
CA LEU K 101 -19.74 -16.54 8.50
C LEU K 101 -19.00 -16.88 7.19
N VAL K 102 -17.82 -17.51 7.28
CA VAL K 102 -17.17 -18.07 6.10
C VAL K 102 -18.01 -19.17 5.46
N VAL K 103 -18.64 -20.01 6.27
CA VAL K 103 -19.52 -21.06 5.76
C VAL K 103 -20.77 -20.47 5.11
N LEU K 104 -21.34 -19.41 5.70
CA LEU K 104 -22.46 -18.73 5.05
C LEU K 104 -22.07 -18.09 3.73
N PHE K 105 -20.87 -17.51 3.68
CA PHE K 105 -20.36 -16.96 2.43
C PHE K 105 -20.16 -18.03 1.37
N THR K 106 -19.69 -19.21 1.78
CA THR K 106 -19.50 -20.33 0.86
C THR K 106 -20.83 -20.83 0.33
N LEU K 107 -21.85 -20.81 1.17
CA LEU K 107 -23.20 -21.19 0.76
C LEU K 107 -23.78 -20.19 -0.24
N ALA K 108 -23.53 -18.90 -0.01
CA ALA K 108 -23.94 -17.87 -0.97
C ALA K 108 -23.22 -18.00 -2.31
N LEU K 109 -21.92 -18.30 -2.28
CA LEU K 109 -21.15 -18.51 -3.52
C LEU K 109 -21.65 -19.73 -4.28
N SER K 110 -22.00 -20.80 -3.56
CA SER K 110 -22.53 -21.99 -4.23
C SER K 110 -23.92 -21.75 -4.79
N LEU K 111 -24.75 -20.93 -4.12
CA LEU K 111 -26.05 -20.61 -4.70
C LEU K 111 -25.90 -19.69 -5.91
N TYR K 112 -24.94 -18.77 -5.86
CA TYR K 112 -24.66 -17.94 -7.02
C TYR K 112 -24.16 -18.76 -8.19
N ALA K 113 -23.27 -19.72 -7.91
CA ALA K 113 -22.75 -20.62 -8.92
C ALA K 113 -23.84 -21.44 -9.56
N ASN K 114 -24.66 -22.09 -8.76
CA ASN K 114 -25.67 -23.01 -9.26
C ASN K 114 -26.90 -22.31 -9.81
N SER K 115 -26.92 -20.99 -9.85
CA SER K 115 -28.01 -20.26 -10.45
C SER K 115 -27.78 -19.97 -11.93
N ASN K 116 -26.70 -20.52 -12.52
CA ASN K 116 -26.20 -20.26 -13.87
C ASN K 116 -25.99 -18.76 -14.05
N PRO K 117 -24.93 -18.22 -13.45
CA PRO K 117 -24.85 -16.78 -13.24
C PRO K 117 -24.41 -16.04 -14.49
N PRO K 118 -24.58 -14.73 -14.55
CA PRO K 118 -24.07 -13.97 -15.69
C PRO K 118 -22.55 -13.83 -15.63
N THR K 119 -21.99 -13.35 -16.73
CA THR K 119 -20.55 -13.31 -16.88
C THR K 119 -19.94 -12.13 -16.15
N ALA K 120 -18.68 -12.28 -15.75
CA ALA K 120 -17.95 -11.19 -15.13
C ALA K 120 -17.62 -10.13 -16.17
N LEU K 121 -17.69 -8.86 -15.75
CA LEU K 121 -17.53 -7.75 -16.66
C LEU K 121 -16.13 -7.19 -16.64
N ALA K 122 -15.60 -6.93 -17.83
CA ALA K 122 -14.42 -6.10 -17.97
C ALA K 122 -14.77 -4.65 -17.65
N SER K 123 -13.75 -3.89 -17.26
CA SER K 123 -13.95 -2.47 -17.01
C SER K 123 -12.75 -1.71 -17.54
N VAL K 124 -12.67 -0.43 -17.14
CA VAL K 124 -11.51 0.39 -17.47
C VAL K 124 -10.26 -0.18 -16.83
N THR K 125 -10.37 -0.62 -15.58
CA THR K 125 -9.20 -1.07 -14.83
C THR K 125 -8.78 -2.45 -15.28
N VAL K 126 -9.71 -3.39 -15.38
CA VAL K 126 -9.41 -4.75 -15.82
C VAL K 126 -9.88 -4.90 -17.28
N PRO K 127 -8.98 -4.99 -18.25
CA PRO K 127 -9.41 -5.13 -19.64
C PRO K 127 -10.06 -6.47 -19.94
N ASN K 128 -9.70 -7.50 -19.21
CA ASN K 128 -10.18 -8.84 -19.47
C ASN K 128 -10.21 -9.69 -18.20
N PRO K 129 -11.39 -9.99 -17.68
CA PRO K 129 -11.51 -10.86 -16.50
C PRO K 129 -11.16 -12.29 -16.85
N PRO K 130 -10.85 -13.12 -15.85
CA PRO K 130 -10.52 -14.52 -16.14
C PRO K 130 -11.73 -15.32 -16.57
N ASP K 131 -11.46 -16.42 -17.27
CA ASP K 131 -12.50 -17.35 -17.68
C ASP K 131 -13.05 -18.18 -16.53
N ALA K 132 -12.43 -18.08 -15.34
CA ALA K 132 -12.93 -18.76 -14.16
C ALA K 132 -14.33 -18.29 -13.80
N PHE K 133 -14.62 -17.01 -13.97
CA PHE K 133 -15.88 -16.44 -13.52
C PHE K 133 -16.89 -16.32 -14.66
N GLN K 134 -16.77 -17.18 -15.66
CA GLN K 134 -17.64 -17.14 -16.83
C GLN K 134 -18.59 -18.32 -16.92
N SER K 135 -18.38 -19.36 -16.12
CA SER K 135 -19.20 -20.56 -16.17
C SER K 135 -19.54 -20.99 -14.75
N LYS K 136 -20.26 -22.10 -14.64
CA LYS K 136 -20.69 -22.60 -13.34
C LYS K 136 -19.59 -23.37 -12.62
N GLU K 137 -18.76 -24.10 -13.38
CA GLU K 137 -17.74 -24.93 -12.77
C GLU K 137 -16.62 -24.10 -12.17
N GLY K 138 -16.27 -22.98 -12.81
CA GLY K 138 -15.26 -22.11 -12.24
C GLY K 138 -15.70 -21.47 -10.94
N TRP K 139 -16.97 -21.09 -10.86
CA TRP K 139 -17.50 -20.58 -9.60
C TRP K 139 -17.59 -21.66 -8.52
N ASN K 140 -17.94 -22.89 -8.89
CA ASN K 140 -18.01 -23.94 -7.88
C ASN K 140 -16.63 -24.34 -7.36
N ASN K 141 -15.63 -24.35 -8.24
CA ASN K 141 -14.25 -24.58 -7.80
C ASN K 141 -13.78 -23.45 -6.90
N PHE K 142 -14.13 -22.22 -7.26
CA PHE K 142 -13.80 -21.04 -6.45
C PHE K 142 -14.41 -21.16 -5.06
N ALA K 143 -15.67 -21.58 -4.96
CA ALA K 143 -16.35 -21.60 -3.67
C ALA K 143 -15.82 -22.72 -2.80
N SER K 144 -15.52 -23.86 -3.41
CA SER K 144 -14.88 -24.96 -2.70
C SER K 144 -13.53 -24.55 -2.14
N ALA K 145 -12.79 -23.76 -2.91
CA ALA K 145 -11.51 -23.23 -2.44
C ALA K 145 -11.68 -22.16 -1.39
N PHE K 146 -12.72 -21.33 -1.53
CA PHE K 146 -12.97 -20.22 -0.62
C PHE K 146 -13.27 -20.74 0.77
N LEU K 147 -13.99 -21.86 0.87
CA LEU K 147 -14.29 -22.45 2.16
C LEU K 147 -13.01 -22.86 2.91
N ILE K 148 -12.13 -23.59 2.22
CA ILE K 148 -10.89 -24.08 2.82
C ILE K 148 -9.99 -22.93 3.22
N GLY K 149 -9.83 -21.96 2.31
CA GLY K 149 -9.04 -20.79 2.62
C GLY K 149 -9.60 -19.98 3.76
N GLY K 150 -10.93 -19.84 3.83
CA GLY K 150 -11.55 -19.06 4.88
C GLY K 150 -11.39 -19.66 6.27
N ILE K 151 -11.59 -20.97 6.37
CA ILE K 151 -11.38 -21.64 7.66
C ILE K 151 -9.90 -21.58 8.05
N GLY K 152 -8.99 -21.74 7.08
CA GLY K 152 -7.56 -21.64 7.39
C GLY K 152 -7.13 -20.24 7.81
N GLY K 153 -7.64 -19.21 7.15
CA GLY K 153 -7.31 -17.85 7.52
C GLY K 153 -7.87 -17.46 8.88
N ALA K 154 -9.07 -17.94 9.20
CA ALA K 154 -9.62 -17.66 10.52
C ALA K 154 -8.84 -18.38 11.60
N VAL K 155 -8.40 -19.63 11.35
CA VAL K 155 -7.60 -20.38 12.32
C VAL K 155 -6.23 -19.73 12.51
N VAL K 156 -5.62 -19.20 11.45
CA VAL K 156 -4.29 -18.62 11.62
C VAL K 156 -4.39 -17.28 12.34
N ALA K 157 -5.47 -16.53 12.12
CA ALA K 157 -5.69 -15.32 12.91
C ALA K 157 -6.00 -15.64 14.37
N TYR K 158 -6.72 -16.74 14.61
CA TYR K 158 -6.99 -17.19 15.96
C TYR K 158 -5.72 -17.56 16.72
N PHE K 159 -4.81 -18.29 16.06
CA PHE K 159 -3.59 -18.66 16.76
C PHE K 159 -2.62 -17.49 16.89
N LEU K 160 -2.64 -16.54 15.96
CA LEU K 160 -1.74 -15.41 16.14
C LEU K 160 -2.25 -14.39 17.15
N THR K 161 -3.54 -14.33 17.43
CA THR K 161 -3.95 -13.45 18.52
C THR K 161 -4.00 -14.15 19.87
N SER K 162 -4.51 -15.39 19.93
CA SER K 162 -4.70 -16.01 21.22
C SER K 162 -3.37 -16.40 21.87
N ASN K 163 -2.34 -16.60 21.06
CA ASN K 163 -1.00 -16.88 21.54
C ASN K 163 -0.07 -15.70 21.37
N LEU K 164 -0.62 -14.49 21.27
CA LEU K 164 0.21 -13.31 21.03
C LEU K 164 1.02 -12.94 22.27
N ALA K 165 0.57 -13.31 23.46
CA ALA K 165 1.36 -13.13 24.67
C ALA K 165 2.62 -14.00 24.63
N LEU K 166 2.48 -15.26 24.24
CA LEU K 166 3.64 -16.15 24.15
C LEU K 166 4.56 -15.74 23.01
N ILE K 167 4.01 -15.26 21.90
CA ILE K 167 4.82 -14.88 20.75
C ILE K 167 5.61 -13.61 21.06
N GLN K 168 5.01 -12.67 21.81
CA GLN K 168 5.80 -11.57 22.35
C GLN K 168 6.81 -12.05 23.38
N GLY K 169 6.48 -13.10 24.15
CA GLY K 169 7.38 -13.59 25.17
C GLY K 169 8.60 -14.30 24.63
N LEU K 170 8.49 -14.84 23.41
CA LEU K 170 9.65 -15.43 22.77
C LEU K 170 10.63 -14.35 22.31
N VAL K 171 10.09 -13.20 21.88
CA VAL K 171 10.77 -12.01 21.33
C VAL K 171 11.93 -12.31 20.38
N SER L 2 -45.84 -30.27 37.90
CA SER L 2 -46.19 -29.07 37.14
C SER L 2 -46.74 -29.41 35.77
N SER L 3 -45.82 -29.71 34.84
CA SER L 3 -46.12 -29.81 33.42
C SER L 3 -46.44 -31.25 33.02
N ILE L 4 -46.45 -31.51 31.73
CA ILE L 4 -46.63 -32.84 31.17
C ILE L 4 -45.27 -33.54 31.09
N SER L 5 -45.30 -34.87 30.98
CA SER L 5 -44.09 -35.65 30.97
C SER L 5 -43.39 -35.58 29.61
N ASP L 6 -42.16 -36.09 29.58
CA ASP L 6 -41.33 -35.99 28.37
C ASP L 6 -41.88 -36.88 27.27
N THR L 7 -42.36 -38.07 27.65
CA THR L 7 -42.89 -39.03 26.70
C THR L 7 -44.12 -38.48 25.99
N GLN L 8 -44.93 -37.70 26.69
CA GLN L 8 -46.07 -37.04 26.05
C GLN L 8 -45.64 -36.01 25.03
N VAL L 9 -44.53 -35.30 25.31
CA VAL L 9 -43.99 -34.34 24.36
C VAL L 9 -43.48 -35.06 23.12
N TYR L 10 -42.83 -36.21 23.30
CA TYR L 10 -42.30 -36.93 22.13
C TYR L 10 -43.42 -37.56 21.32
N ILE L 11 -44.48 -38.02 21.98
CA ILE L 11 -45.64 -38.54 21.28
C ILE L 11 -46.32 -37.44 20.48
N ALA L 12 -46.44 -36.24 21.06
CA ALA L 12 -47.04 -35.11 20.34
C ALA L 12 -46.21 -34.72 19.12
N LEU L 13 -44.88 -34.80 19.22
CA LEU L 13 -44.04 -34.50 18.06
C LEU L 13 -44.16 -35.56 16.97
N VAL L 14 -44.20 -36.84 17.36
CA VAL L 14 -44.32 -37.90 16.37
C VAL L 14 -45.71 -37.88 15.71
N VAL L 15 -46.74 -37.53 16.48
CA VAL L 15 -48.07 -37.36 15.90
C VAL L 15 -48.11 -36.16 14.96
N ALA L 16 -47.39 -35.08 15.31
CA ALA L 16 -47.32 -33.91 14.43
C ALA L 16 -46.55 -34.17 13.15
N LEU L 17 -45.77 -35.25 13.09
CA LEU L 17 -45.24 -35.68 11.80
C LEU L 17 -46.32 -36.09 10.80
N ILE L 18 -47.50 -36.49 11.26
CA ILE L 18 -48.58 -36.92 10.38
C ILE L 18 -49.20 -35.75 9.61
N PRO L 19 -49.68 -34.65 10.23
CA PRO L 19 -50.19 -33.55 9.39
C PRO L 19 -49.11 -32.78 8.69
N GLY L 20 -47.84 -32.92 9.09
CA GLY L 20 -46.78 -32.31 8.30
C GLY L 20 -46.61 -32.99 6.95
N LEU L 21 -46.60 -34.33 6.96
CA LEU L 21 -46.57 -35.09 5.72
C LEU L 21 -47.83 -34.86 4.89
N LEU L 22 -48.99 -34.83 5.55
CA LEU L 22 -50.24 -34.59 4.82
C LEU L 22 -50.33 -33.17 4.26
N ALA L 23 -49.75 -32.20 4.96
CA ALA L 23 -49.72 -30.84 4.46
C ALA L 23 -48.72 -30.68 3.33
N TRP L 24 -47.62 -31.43 3.36
CA TRP L 24 -46.71 -31.44 2.22
C TRP L 24 -47.39 -32.00 0.99
N ARG L 25 -48.16 -33.08 1.15
CA ARG L 25 -48.85 -33.70 0.02
C ARG L 25 -49.95 -32.81 -0.53
N LEU L 26 -50.70 -32.13 0.36
CA LEU L 26 -51.72 -31.21 -0.11
C LEU L 26 -51.12 -29.99 -0.80
N ALA L 27 -50.04 -29.43 -0.25
CA ALA L 27 -49.43 -28.25 -0.86
C ALA L 27 -48.76 -28.56 -2.19
N THR L 28 -48.18 -29.76 -2.34
CA THR L 28 -47.65 -30.12 -3.66
C THR L 28 -48.75 -30.44 -4.66
N GLU L 29 -49.88 -30.99 -4.21
CA GLU L 29 -50.97 -31.30 -5.14
C GLU L 29 -51.70 -30.05 -5.59
N LEU L 30 -51.90 -29.09 -4.69
CA LEU L 30 -52.45 -27.79 -5.05
C LEU L 30 -51.57 -27.01 -6.02
N TYR L 31 -50.28 -27.32 -6.06
CA TYR L 31 -49.38 -26.59 -6.93
C TYR L 31 -49.53 -27.02 -8.38
N LYS L 32 -49.88 -28.26 -8.64
CA LYS L 32 -50.12 -28.67 -10.01
C LYS L 32 -51.59 -28.55 -10.36
N LYS M 11 62.09 -58.98 -23.93
CA LYS M 11 63.52 -58.90 -24.20
C LYS M 11 64.32 -59.16 -22.94
N LYS M 12 65.55 -58.65 -22.90
CA LYS M 12 66.43 -58.84 -21.76
C LYS M 12 67.01 -57.51 -21.34
N ALA M 13 67.51 -57.48 -20.11
CA ALA M 13 68.10 -56.27 -19.54
C ALA M 13 69.61 -56.37 -19.59
N ARG M 14 70.22 -55.63 -20.51
CA ARG M 14 71.66 -55.61 -20.69
C ARG M 14 72.15 -54.17 -20.72
N VAL M 15 73.45 -54.01 -20.55
CA VAL M 15 74.10 -52.71 -20.63
C VAL M 15 74.45 -52.45 -22.09
N ILE M 16 73.90 -51.39 -22.66
CA ILE M 16 74.24 -50.97 -24.00
C ILE M 16 74.41 -49.45 -24.00
N VAL M 17 75.49 -48.98 -24.60
CA VAL M 17 76.05 -47.66 -24.36
C VAL M 17 76.71 -47.15 -25.64
N ASP M 18 76.37 -45.92 -26.05
CA ASP M 18 77.09 -45.24 -27.11
C ASP M 18 78.40 -44.64 -26.61
N LYS M 19 79.41 -44.63 -27.47
CA LYS M 19 80.73 -44.14 -27.15
C LYS M 19 80.95 -42.79 -27.81
N ASP M 20 81.27 -41.79 -26.97
CA ASP M 20 81.51 -40.41 -27.39
C ASP M 20 80.42 -39.78 -28.26
N PRO M 21 79.21 -39.55 -27.72
CA PRO M 21 78.19 -38.90 -28.56
C PRO M 21 78.42 -37.41 -28.71
N VAL M 22 78.80 -36.73 -27.63
CA VAL M 22 78.86 -35.27 -27.58
C VAL M 22 80.27 -34.87 -27.22
N PRO M 23 80.95 -34.07 -28.03
CA PRO M 23 82.31 -33.64 -27.69
C PRO M 23 82.31 -32.65 -26.55
N THR M 24 83.39 -32.69 -25.77
CA THR M 24 83.53 -31.81 -24.61
C THR M 24 84.25 -30.55 -25.06
N SER M 25 83.50 -29.47 -25.26
CA SER M 25 84.05 -28.24 -25.80
C SER M 25 83.32 -27.04 -25.20
N PHE M 26 84.06 -25.95 -25.01
CA PHE M 26 83.51 -24.71 -24.50
C PHE M 26 82.90 -23.83 -25.58
N GLU M 27 82.65 -24.39 -26.77
CA GLU M 27 82.13 -23.59 -27.88
C GLU M 27 80.72 -23.09 -27.60
N LYS M 28 79.86 -23.97 -27.09
CA LYS M 28 78.47 -23.59 -26.91
C LYS M 28 78.25 -22.87 -25.57
N TRP M 29 79.30 -22.71 -24.77
CA TRP M 29 79.19 -21.80 -23.64
C TRP M 29 79.25 -20.36 -24.13
N ALA M 30 79.83 -20.14 -25.30
CA ALA M 30 79.86 -18.80 -25.89
C ALA M 30 78.61 -18.54 -26.72
N GLN M 31 77.72 -19.52 -26.80
CA GLN M 31 76.50 -19.38 -27.58
C GLN M 31 75.30 -19.50 -26.66
N PRO M 32 74.78 -18.40 -26.12
CA PRO M 32 73.61 -18.48 -25.24
C PRO M 32 72.37 -18.87 -26.04
N GLY M 33 71.65 -19.86 -25.53
CA GLY M 33 70.47 -20.33 -26.22
C GLY M 33 70.79 -21.19 -27.42
N HIS M 34 71.84 -22.00 -27.35
CA HIS M 34 72.21 -22.86 -28.48
C HIS M 34 71.23 -24.00 -28.68
N PHE M 35 70.33 -24.22 -27.72
CA PHE M 35 69.63 -25.48 -27.63
C PHE M 35 68.27 -25.44 -28.33
N ASP M 36 67.74 -24.24 -28.58
CA ASP M 36 66.50 -24.09 -29.32
C ASP M 36 66.78 -23.43 -30.66
N ARG M 37 66.02 -23.82 -31.67
CA ARG M 37 66.24 -23.27 -33.01
C ARG M 37 65.74 -21.83 -33.09
N THR M 38 64.84 -21.43 -32.19
CA THR M 38 64.37 -20.06 -32.18
C THR M 38 65.29 -19.18 -31.34
N LEU M 39 65.82 -19.71 -30.25
CA LEU M 39 66.69 -18.91 -29.39
C LEU M 39 68.08 -18.74 -29.99
N ALA M 40 68.48 -19.63 -30.89
CA ALA M 40 69.87 -19.62 -31.37
C ALA M 40 70.10 -18.54 -32.41
N ARG M 41 69.02 -17.94 -32.92
CA ARG M 41 69.19 -16.81 -33.83
C ARG M 41 69.71 -15.59 -33.10
N GLY M 42 69.34 -15.43 -31.83
CA GLY M 42 69.85 -14.35 -31.03
C GLY M 42 68.74 -13.45 -30.55
N PRO M 43 69.06 -12.54 -29.64
CA PRO M 43 68.03 -11.64 -29.11
C PRO M 43 67.61 -10.58 -30.10
N LYS M 44 66.33 -10.25 -30.14
CA LYS M 44 65.86 -9.05 -30.80
C LYS M 44 65.09 -8.18 -29.83
N THR M 45 64.52 -8.79 -28.79
CA THR M 45 63.82 -8.11 -27.71
C THR M 45 64.35 -8.68 -26.40
N THR M 46 63.88 -8.10 -25.29
CA THR M 46 64.25 -8.66 -23.99
C THR M 46 63.40 -9.88 -23.62
N THR M 47 62.43 -10.24 -24.46
CA THR M 47 61.68 -11.48 -24.25
C THR M 47 62.61 -12.69 -24.40
N TRP M 48 63.60 -12.58 -25.29
CA TRP M 48 64.57 -13.64 -25.56
C TRP M 48 65.34 -14.05 -24.31
N ILE M 49 65.69 -13.06 -23.48
CA ILE M 49 66.51 -13.32 -22.30
C ILE M 49 65.74 -14.15 -21.29
N TRP M 50 64.45 -13.89 -21.13
CA TRP M 50 63.66 -14.69 -20.23
C TRP M 50 63.32 -16.04 -20.86
N ASN M 51 63.20 -16.10 -22.18
CA ASN M 51 62.92 -17.38 -22.82
C ASN M 51 64.14 -18.29 -22.77
N LEU M 52 65.33 -17.71 -22.64
CA LEU M 52 66.52 -18.53 -22.46
C LEU M 52 66.52 -19.24 -21.12
N HIS M 53 65.75 -18.74 -20.16
CA HIS M 53 65.73 -19.37 -18.84
C HIS M 53 64.52 -20.25 -18.66
N ALA M 54 63.40 -19.88 -19.28
CA ALA M 54 62.22 -20.72 -19.15
C ALA M 54 62.30 -21.95 -20.03
N LEU M 55 63.16 -21.92 -21.06
CA LEU M 55 63.32 -23.05 -21.93
C LEU M 55 64.59 -23.83 -21.65
N ALA M 56 65.32 -23.50 -20.58
CA ALA M 56 66.66 -24.03 -20.38
C ALA M 56 66.64 -25.51 -20.06
N HIS M 57 65.66 -25.96 -19.28
CA HIS M 57 65.57 -27.34 -18.86
C HIS M 57 64.42 -28.08 -19.51
N ASP M 58 63.67 -27.44 -20.39
CA ASP M 58 62.58 -28.12 -21.07
C ASP M 58 63.21 -28.89 -22.23
N PHE M 59 63.61 -30.13 -21.95
CA PHE M 59 64.43 -30.88 -22.89
C PHE M 59 63.63 -31.39 -24.07
N ASP M 60 62.30 -31.35 -23.99
CA ASP M 60 61.49 -31.75 -25.14
C ASP M 60 61.56 -30.71 -26.24
N THR M 61 61.73 -29.44 -25.87
CA THR M 61 61.93 -28.40 -26.87
C THR M 61 63.35 -28.43 -27.41
N HIS M 62 64.29 -28.98 -26.64
CA HIS M 62 65.66 -29.16 -27.10
C HIS M 62 65.74 -30.14 -28.26
N THR M 63 65.43 -31.41 -28.00
CA THR M 63 65.47 -32.46 -29.00
C THR M 63 64.14 -33.21 -28.97
N SER M 64 63.81 -33.86 -30.09
CA SER M 64 62.53 -34.56 -30.16
C SER M 64 62.67 -36.03 -29.79
N ASP M 65 63.85 -36.61 -29.96
CA ASP M 65 64.01 -38.04 -29.69
C ASP M 65 64.16 -38.31 -28.20
N LEU M 66 63.58 -39.43 -27.75
CA LEU M 66 63.47 -39.71 -26.32
C LEU M 66 64.80 -40.17 -25.74
N GLU M 67 65.69 -40.69 -26.58
CA GLU M 67 66.96 -41.20 -26.10
C GLU M 67 67.90 -40.09 -25.67
N ASP M 68 68.01 -39.04 -26.48
CA ASP M 68 68.86 -37.89 -26.13
C ASP M 68 68.31 -37.16 -24.91
N ILE M 69 66.99 -37.08 -24.81
CA ILE M 69 66.35 -36.47 -23.64
C ILE M 69 66.68 -37.28 -22.39
N SER M 70 66.61 -38.60 -22.48
CA SER M 70 66.91 -39.47 -21.34
C SER M 70 68.36 -39.35 -20.91
N ARG M 71 69.27 -39.21 -21.87
CA ARG M 71 70.68 -39.00 -21.56
C ARG M 71 70.91 -37.68 -20.83
N LYS M 72 70.26 -36.61 -21.30
CA LYS M 72 70.35 -35.31 -20.65
C LYS M 72 69.81 -35.37 -19.23
N ILE M 73 68.74 -36.13 -19.01
CA ILE M 73 68.13 -36.23 -17.68
C ILE M 73 69.04 -36.98 -16.72
N PHE M 74 69.66 -38.06 -17.19
CA PHE M 74 70.54 -38.86 -16.35
C PHE M 74 71.79 -38.08 -15.96
N ALA M 75 72.36 -37.33 -16.90
CA ALA M 75 73.53 -36.50 -16.59
C ALA M 75 73.18 -35.35 -15.65
N ALA M 76 72.03 -34.71 -15.88
CA ALA M 76 71.60 -33.61 -15.02
C ALA M 76 71.27 -34.10 -13.61
N HIS M 77 70.83 -35.36 -13.49
CA HIS M 77 70.64 -35.94 -12.16
C HIS M 77 71.95 -36.06 -11.42
N PHE M 78 73.01 -36.50 -12.11
CA PHE M 78 74.30 -36.58 -11.42
C PHE M 78 74.81 -35.20 -11.00
N GLY M 79 74.64 -34.20 -11.87
CA GLY M 79 75.03 -32.84 -11.49
C GLY M 79 74.24 -32.32 -10.30
N HIS M 80 72.96 -32.67 -10.24
CA HIS M 80 72.13 -32.24 -9.13
C HIS M 80 72.49 -32.94 -7.83
N LEU M 81 72.81 -34.24 -7.90
CA LEU M 81 73.27 -34.96 -6.71
C LEU M 81 74.60 -34.40 -6.22
N ALA M 82 75.44 -33.94 -7.15
CA ALA M 82 76.67 -33.25 -6.77
C ALA M 82 76.38 -31.95 -6.02
N VAL M 83 75.36 -31.20 -6.46
CA VAL M 83 74.95 -29.98 -5.76
C VAL M 83 74.49 -30.28 -4.34
N VAL M 84 73.65 -31.31 -4.18
CA VAL M 84 73.12 -31.67 -2.87
C VAL M 84 74.24 -32.18 -1.95
N THR M 85 75.23 -32.88 -2.53
CA THR M 85 76.31 -33.40 -1.72
C THR M 85 77.28 -32.29 -1.29
N ILE M 86 77.47 -31.29 -2.14
CA ILE M 86 78.24 -30.10 -1.74
C ILE M 86 77.55 -29.37 -0.60
N TRP M 87 76.22 -29.22 -0.69
CA TRP M 87 75.45 -28.62 0.40
C TRP M 87 75.56 -29.41 1.70
N LEU M 88 75.47 -30.73 1.63
CA LEU M 88 75.51 -31.56 2.82
C LEU M 88 76.89 -31.56 3.45
N SER M 89 77.94 -31.69 2.64
CA SER M 89 79.30 -31.66 3.19
C SER M 89 79.68 -30.27 3.65
N GLY M 90 79.02 -29.23 3.12
CA GLY M 90 79.25 -27.89 3.64
C GLY M 90 78.62 -27.66 4.98
N MET M 91 77.42 -28.21 5.19
CA MET M 91 76.80 -28.16 6.51
C MET M 91 77.63 -28.94 7.53
N ILE M 92 78.18 -30.09 7.11
CA ILE M 92 79.02 -30.87 8.01
C ILE M 92 80.34 -30.14 8.27
N PHE M 93 80.86 -29.40 7.29
CA PHE M 93 82.08 -28.65 7.50
C PHE M 93 81.87 -27.47 8.43
N HIS M 94 80.72 -26.81 8.35
CA HIS M 94 80.41 -25.75 9.32
C HIS M 94 80.22 -26.31 10.71
N GLY M 95 79.68 -27.52 10.82
CA GLY M 95 79.61 -28.16 12.12
C GLY M 95 80.97 -28.55 12.65
N ALA M 96 81.90 -28.86 11.75
CA ALA M 96 83.26 -29.18 12.15
C ALA M 96 84.00 -27.94 12.63
N LYS M 97 84.14 -26.93 11.76
CA LYS M 97 85.03 -25.81 12.01
C LYS M 97 84.38 -24.68 12.78
N PHE M 98 83.15 -24.32 12.42
CA PHE M 98 82.55 -23.09 12.95
C PHE M 98 81.41 -23.33 13.93
N SER M 99 81.48 -24.35 14.78
CA SER M 99 80.35 -24.60 15.64
C SER M 99 80.77 -24.88 17.07
N ASN M 100 79.78 -24.94 17.96
CA ASN M 100 79.96 -25.35 19.34
C ASN M 100 79.46 -26.78 19.57
N TYR M 101 79.74 -27.68 18.62
CA TYR M 101 79.20 -29.04 18.68
C TYR M 101 79.78 -29.83 19.84
N GLU M 102 81.09 -29.69 20.08
CA GLU M 102 81.71 -30.40 21.18
C GLU M 102 81.29 -29.81 22.52
N ALA M 103 80.99 -28.51 22.56
CA ALA M 103 80.43 -27.93 23.77
C ALA M 103 78.98 -28.31 23.94
N TRP M 104 78.30 -28.62 22.85
CA TRP M 104 76.91 -29.04 22.92
C TRP M 104 76.78 -30.48 23.41
N LEU M 105 77.76 -31.32 23.06
CA LEU M 105 77.76 -32.71 23.51
C LEU M 105 77.89 -32.81 25.02
N SER M 106 78.61 -31.86 25.63
CA SER M 106 78.85 -31.93 27.06
C SER M 106 77.63 -31.49 27.85
N ASP M 107 76.74 -30.72 27.23
CA ASP M 107 75.56 -30.16 27.89
C ASP M 107 74.49 -29.88 26.86
N PRO M 108 73.69 -30.88 26.48
CA PRO M 108 72.72 -30.66 25.40
C PRO M 108 71.52 -29.83 25.81
N LEU M 109 71.25 -29.74 27.11
CA LEU M 109 70.03 -29.07 27.55
C LEU M 109 70.24 -27.57 27.72
N ASN M 110 71.48 -27.14 27.93
CA ASN M 110 71.75 -25.75 28.27
C ASN M 110 72.63 -25.02 27.26
N VAL M 111 73.00 -25.68 26.16
CA VAL M 111 73.78 -25.06 25.10
C VAL M 111 72.93 -25.06 23.84
N ARG M 112 72.80 -23.91 23.23
CA ARG M 112 72.00 -23.80 22.02
C ARG M 112 72.86 -24.09 20.80
N PRO M 113 72.40 -24.94 19.89
CA PRO M 113 73.22 -25.31 18.72
C PRO M 113 73.44 -24.13 17.80
N SER M 114 74.70 -23.94 17.40
CA SER M 114 75.07 -22.81 16.59
C SER M 114 76.24 -23.16 15.71
N ALA M 115 76.06 -22.93 14.43
CA ALA M 115 77.14 -22.80 13.46
C ALA M 115 77.05 -21.36 12.97
N GLN M 116 77.81 -21.07 11.91
CA GLN M 116 77.74 -19.79 11.18
C GLN M 116 78.08 -18.59 12.09
N VAL M 117 79.36 -18.47 12.41
CA VAL M 117 79.86 -17.20 12.92
C VAL M 117 79.73 -16.15 11.82
N VAL M 118 79.31 -14.95 12.20
CA VAL M 118 79.14 -13.85 11.26
C VAL M 118 80.33 -12.90 11.40
N TRP M 119 80.93 -12.55 10.26
CA TRP M 119 82.01 -11.58 10.19
C TRP M 119 81.57 -10.21 10.69
N PRO M 120 82.42 -9.52 11.46
CA PRO M 120 82.09 -8.16 11.89
C PRO M 120 82.43 -7.09 10.87
N ILE M 121 81.44 -6.49 10.23
CA ILE M 121 81.73 -5.36 9.36
C ILE M 121 80.89 -4.12 9.63
N VAL M 122 79.56 -4.23 9.57
CA VAL M 122 78.72 -3.04 9.63
C VAL M 122 77.85 -3.08 10.87
N GLY M 123 78.39 -3.65 11.94
CA GLY M 123 77.66 -3.78 13.16
C GLY M 123 76.86 -5.05 13.26
N GLN M 124 77.02 -5.96 12.31
CA GLN M 124 76.27 -7.21 12.28
C GLN M 124 76.88 -8.29 13.16
N ASP M 125 77.94 -8.00 13.91
CA ASP M 125 78.39 -8.95 14.91
C ASP M 125 77.48 -8.99 16.13
N ILE M 126 76.42 -8.17 16.16
CA ILE M 126 75.32 -8.34 17.09
C ILE M 126 74.63 -9.68 16.87
N LEU M 127 74.69 -10.23 15.66
CA LEU M 127 74.02 -11.49 15.37
C LEU M 127 74.75 -12.67 15.98
N ASN M 128 76.02 -12.50 16.33
CA ASN M 128 76.78 -13.55 17.00
C ASN M 128 76.42 -13.52 18.47
N GLY M 129 75.26 -14.10 18.78
CA GLY M 129 74.74 -14.05 20.13
C GLY M 129 75.31 -15.12 21.02
N ASP M 130 75.16 -14.91 22.33
CA ASP M 130 75.67 -15.85 23.32
C ASP M 130 74.82 -17.10 23.30
N VAL M 131 75.26 -18.10 22.53
CA VAL M 131 74.56 -19.37 22.46
C VAL M 131 75.02 -20.37 23.51
N GLY M 132 76.08 -20.05 24.24
CA GLY M 132 76.58 -20.96 25.26
C GLY M 132 77.73 -21.80 24.74
N GLY M 133 78.38 -22.48 25.69
CA GLY M 133 79.57 -23.24 25.37
C GLY M 133 80.76 -22.36 25.03
N GLY M 134 80.77 -21.13 25.51
CA GLY M 134 81.83 -20.19 25.20
C GLY M 134 81.88 -19.82 23.73
N PHE M 135 80.74 -19.60 23.12
CA PHE M 135 80.67 -19.47 21.67
C PHE M 135 79.67 -18.39 21.31
N HIS M 136 79.93 -17.67 20.23
CA HIS M 136 79.04 -16.63 19.73
C HIS M 136 78.76 -16.90 18.25
N GLY M 137 77.49 -16.94 17.91
CA GLY M 137 77.09 -17.24 16.54
C GLY M 137 75.60 -17.35 16.43
N ILE M 138 75.14 -17.69 15.23
CA ILE M 138 73.72 -17.78 14.95
C ILE M 138 73.21 -19.14 15.39
N GLN M 139 72.18 -19.13 16.23
CA GLN M 139 71.57 -20.37 16.68
C GLN M 139 70.83 -21.05 15.53
N ILE M 140 71.22 -22.27 15.24
CA ILE M 140 70.70 -23.00 14.09
C ILE M 140 69.47 -23.78 14.52
N THR M 141 68.57 -24.03 13.57
CA THR M 141 67.32 -24.71 13.83
C THR M 141 67.10 -25.91 12.93
N SER M 142 68.12 -26.38 12.24
CA SER M 142 67.95 -27.50 11.34
C SER M 142 68.17 -28.85 12.00
N GLY M 143 68.71 -28.87 13.21
CA GLY M 143 68.93 -30.12 13.91
C GLY M 143 70.04 -30.96 13.34
N LEU M 144 71.11 -30.33 12.85
CA LEU M 144 72.27 -31.10 12.42
C LEU M 144 72.96 -31.72 13.61
N PHE M 145 72.92 -31.03 14.75
CA PHE M 145 73.54 -31.47 15.99
C PHE M 145 72.91 -32.76 16.49
N GLN M 146 71.58 -32.85 16.42
CA GLN M 146 70.90 -34.06 16.86
C GLN M 146 71.15 -35.21 15.90
N VAL M 147 71.23 -34.92 14.60
CA VAL M 147 71.57 -35.92 13.59
C VAL M 147 72.96 -36.48 13.82
N TRP M 148 73.91 -35.61 14.17
CA TRP M 148 75.29 -36.05 14.34
C TRP M 148 75.48 -36.79 15.66
N ARG M 149 74.76 -36.39 16.70
CA ARG M 149 74.79 -37.15 17.95
C ARG M 149 74.13 -38.51 17.77
N GLY M 150 73.10 -38.59 16.93
CA GLY M 150 72.52 -39.90 16.64
C GLY M 150 73.39 -40.73 15.73
N TRP M 151 74.25 -40.07 14.95
CA TRP M 151 75.24 -40.80 14.17
C TRP M 151 76.37 -41.34 15.03
N GLY M 152 76.50 -40.85 16.26
CA GLY M 152 77.56 -41.28 17.14
C GLY M 152 78.81 -40.45 17.07
N ILE M 153 78.80 -39.34 16.32
CA ILE M 153 80.00 -38.52 16.17
C ILE M 153 80.26 -37.75 17.45
N THR M 154 81.47 -37.89 17.98
CA THR M 154 81.83 -37.34 19.28
C THR M 154 82.85 -36.21 19.23
N ASN M 155 83.51 -35.99 18.10
CA ASN M 155 84.52 -34.95 18.02
C ASN M 155 84.51 -34.33 16.62
N SER M 156 85.29 -33.25 16.47
CA SER M 156 85.22 -32.47 15.24
C SER M 156 85.93 -33.17 14.10
N PHE M 157 86.89 -34.04 14.40
CA PHE M 157 87.69 -34.68 13.35
C PHE M 157 86.86 -35.68 12.55
N GLN M 158 85.90 -36.33 13.19
CA GLN M 158 84.98 -37.20 12.48
C GLN M 158 84.09 -36.40 11.54
N LEU M 159 83.72 -35.18 11.94
CA LEU M 159 82.98 -34.29 11.07
C LEU M 159 83.84 -33.82 9.89
N TYR M 160 85.13 -33.58 10.13
CA TYR M 160 86.02 -33.21 9.02
C TYR M 160 86.16 -34.35 8.01
N CYS M 161 86.29 -35.59 8.51
CA CYS M 161 86.41 -36.73 7.61
C CYS M 161 85.13 -36.94 6.83
N THR M 162 83.97 -36.72 7.47
CA THR M 162 82.70 -36.84 6.77
C THR M 162 82.55 -35.75 5.72
N ALA M 163 83.04 -34.53 6.01
CA ALA M 163 82.93 -33.43 5.06
C ALA M 163 83.84 -33.64 3.86
N ILE M 164 85.07 -34.12 4.09
CA ILE M 164 85.98 -34.41 2.98
C ILE M 164 85.45 -35.57 2.14
N GLY M 165 84.87 -36.58 2.78
CA GLY M 165 84.24 -37.66 2.04
C GLY M 165 83.05 -37.20 1.23
N GLY M 166 82.29 -36.23 1.76
CA GLY M 166 81.19 -35.67 1.00
C GLY M 166 81.64 -34.86 -0.19
N LEU M 167 82.77 -34.16 -0.06
CA LEU M 167 83.31 -33.43 -1.20
C LEU M 167 83.83 -34.37 -2.29
N VAL M 168 84.47 -35.47 -1.89
CA VAL M 168 84.95 -36.46 -2.85
C VAL M 168 83.78 -37.14 -3.54
N LEU M 169 82.72 -37.43 -2.79
CA LEU M 169 81.52 -38.03 -3.36
C LEU M 169 80.80 -37.06 -4.31
N ALA M 170 80.86 -35.76 -4.01
CA ALA M 170 80.25 -34.76 -4.89
C ALA M 170 81.04 -34.61 -6.19
N GLY M 171 82.37 -34.59 -6.11
CA GLY M 171 83.17 -34.56 -7.32
C GLY M 171 83.04 -35.83 -8.13
N LEU M 172 82.77 -36.94 -7.45
CA LEU M 172 82.56 -38.20 -8.14
C LEU M 172 81.23 -38.20 -8.88
N PHE M 173 80.18 -37.63 -8.27
CA PHE M 173 78.91 -37.42 -8.96
C PHE M 173 79.04 -36.50 -10.17
N LEU M 174 79.84 -35.44 -10.03
CA LEU M 174 80.00 -34.49 -11.12
C LEU M 174 80.77 -35.10 -12.28
N PHE M 175 81.80 -35.89 -11.98
CA PHE M 175 82.50 -36.63 -13.02
C PHE M 175 81.60 -37.69 -13.65
N ALA M 176 80.70 -38.28 -12.86
CA ALA M 176 79.79 -39.28 -13.41
C ALA M 176 78.81 -38.66 -14.40
N GLY M 177 78.35 -37.45 -14.12
CA GLY M 177 77.50 -36.75 -15.07
C GLY M 177 78.20 -36.38 -16.36
N TRP M 178 79.43 -35.85 -16.24
CA TRP M 178 80.24 -35.61 -17.42
C TRP M 178 80.48 -36.90 -18.21
N PHE M 179 80.73 -37.99 -17.51
CA PHE M 179 81.07 -39.26 -18.14
C PHE M 179 79.89 -39.82 -18.91
N HIS M 180 78.71 -39.81 -18.31
CA HIS M 180 77.57 -40.43 -18.98
C HIS M 180 76.86 -39.46 -19.91
N TYR M 181 77.31 -38.20 -20.00
CA TYR M 181 76.81 -37.45 -21.14
C TYR M 181 77.80 -37.48 -22.30
N HIS M 182 79.10 -37.30 -22.01
CA HIS M 182 80.05 -37.09 -23.10
C HIS M 182 80.76 -38.38 -23.51
N LYS M 183 81.14 -39.22 -22.57
CA LYS M 183 81.92 -40.41 -22.90
C LYS M 183 81.06 -41.64 -23.16
N ARG M 184 80.29 -42.09 -22.18
CA ARG M 184 79.58 -43.36 -22.26
C ARG M 184 78.11 -43.14 -21.98
N ALA M 185 77.32 -42.91 -23.02
CA ALA M 185 75.93 -42.56 -22.84
C ALA M 185 75.04 -43.75 -23.13
N PRO M 186 74.09 -44.07 -22.24
CA PRO M 186 73.27 -45.26 -22.44
C PRO M 186 72.26 -45.11 -23.57
N LYS M 187 71.79 -46.25 -24.08
CA LYS M 187 70.73 -46.27 -25.07
C LYS M 187 69.37 -46.06 -24.40
N LEU M 188 68.34 -45.96 -25.23
CA LEU M 188 66.99 -45.78 -24.70
C LEU M 188 66.49 -47.05 -24.03
N GLU M 189 66.91 -48.22 -24.54
CA GLU M 189 66.43 -49.47 -23.98
C GLU M 189 67.11 -49.78 -22.65
N TRP M 190 68.19 -49.07 -22.34
CA TRP M 190 68.74 -49.14 -20.99
C TRP M 190 67.79 -48.49 -19.99
N PHE M 191 67.24 -47.33 -20.36
CA PHE M 191 66.36 -46.58 -19.45
C PHE M 191 65.02 -47.27 -19.25
N GLN M 192 64.56 -48.02 -20.24
CA GLN M 192 63.23 -48.62 -20.17
C GLN M 192 63.20 -49.97 -19.48
N ASN M 193 64.29 -50.38 -18.84
CA ASN M 193 64.27 -51.59 -18.00
C ASN M 193 63.80 -51.19 -16.61
N VAL M 194 62.49 -50.91 -16.51
CA VAL M 194 61.94 -50.37 -15.28
C VAL M 194 61.82 -51.46 -14.23
N GLU M 195 61.68 -52.73 -14.65
CA GLU M 195 61.70 -53.84 -13.71
C GLU M 195 63.07 -53.99 -13.07
N SER M 196 64.11 -53.93 -13.88
CA SER M 196 65.48 -54.01 -13.39
C SER M 196 65.80 -52.84 -12.47
N MET M 197 65.33 -51.64 -12.84
CA MET M 197 65.53 -50.45 -12.02
C MET M 197 64.84 -50.59 -10.67
N LEU M 198 63.62 -51.10 -10.66
CA LEU M 198 62.88 -51.27 -9.41
C LEU M 198 63.52 -52.32 -8.52
N ASN M 199 64.05 -53.40 -9.12
CA ASN M 199 64.72 -54.42 -8.33
C ASN M 199 65.97 -53.86 -7.68
N HIS M 200 66.79 -53.15 -8.46
CA HIS M 200 68.04 -52.62 -7.91
C HIS M 200 67.80 -51.51 -6.92
N HIS M 201 66.77 -50.70 -7.12
CA HIS M 201 66.47 -49.64 -6.16
C HIS M 201 65.95 -50.19 -4.85
N LEU M 202 64.89 -51.02 -4.89
CA LEU M 202 64.31 -51.59 -3.68
C LEU M 202 65.30 -52.46 -2.93
N GLN M 203 66.13 -53.22 -3.63
CA GLN M 203 67.12 -54.03 -2.93
C GLN M 203 68.32 -53.23 -2.50
N VAL M 204 69.11 -52.73 -3.44
CA VAL M 204 70.42 -52.20 -3.10
C VAL M 204 70.28 -50.81 -2.48
N LEU M 205 69.45 -49.94 -3.06
CA LEU M 205 69.45 -48.55 -2.62
C LEU M 205 68.70 -48.43 -1.31
N LEU M 206 67.65 -49.21 -1.12
CA LEU M 206 66.84 -49.13 0.08
C LEU M 206 67.12 -50.24 1.08
N GLY M 207 67.02 -51.51 0.67
CA GLY M 207 67.20 -52.58 1.63
C GLY M 207 68.64 -52.75 2.07
N CYS M 208 69.58 -52.67 1.14
CA CYS M 208 70.98 -52.75 1.51
C CYS M 208 71.44 -51.48 2.20
N GLY M 209 70.85 -50.33 1.86
CA GLY M 209 71.16 -49.11 2.58
C GLY M 209 70.64 -49.12 4.00
N SER M 210 69.44 -49.67 4.19
CA SER M 210 68.88 -49.78 5.52
C SER M 210 69.55 -50.89 6.32
N LEU M 211 70.08 -51.91 5.63
CA LEU M 211 70.82 -52.97 6.30
C LEU M 211 72.20 -52.48 6.74
N GLY M 212 72.87 -51.70 5.89
CA GLY M 212 74.11 -51.08 6.31
C GLY M 212 73.91 -50.07 7.41
N TRP M 213 72.80 -49.34 7.37
CA TRP M 213 72.54 -48.39 8.45
C TRP M 213 72.14 -49.10 9.72
N ALA M 214 71.54 -50.29 9.61
CA ALA M 214 71.30 -51.12 10.78
C ALA M 214 72.60 -51.62 11.37
N GLY M 215 73.57 -51.95 10.51
CA GLY M 215 74.90 -52.30 10.98
C GLY M 215 75.58 -51.17 11.73
N HIS M 216 75.45 -49.94 11.22
CA HIS M 216 76.00 -48.79 11.92
C HIS M 216 75.31 -48.56 13.25
N LEU M 217 73.98 -48.64 13.28
CA LEU M 217 73.23 -48.37 14.51
C LEU M 217 73.52 -49.41 15.58
N ILE M 218 73.79 -50.64 15.15
CA ILE M 218 74.11 -51.69 16.11
C ILE M 218 75.52 -51.54 16.65
N HIS M 219 76.48 -51.21 15.77
CA HIS M 219 77.87 -51.24 16.23
C HIS M 219 78.36 -49.92 16.78
N VAL M 220 77.91 -48.80 16.23
CA VAL M 220 78.49 -47.50 16.51
C VAL M 220 77.53 -46.61 17.29
N SER M 221 76.30 -46.45 16.80
CA SER M 221 75.40 -45.46 17.38
C SER M 221 74.89 -45.87 18.76
N ALA M 222 74.25 -47.03 18.86
CA ALA M 222 73.69 -47.48 20.14
C ALA M 222 74.71 -47.66 21.26
N PRO M 223 75.96 -48.19 21.05
CA PRO M 223 76.93 -48.19 22.15
C PRO M 223 77.35 -46.80 22.61
N ILE M 224 77.69 -45.93 21.66
CA ILE M 224 78.13 -44.58 22.00
C ILE M 224 77.00 -43.77 22.62
N ASN M 225 75.78 -43.92 22.12
CA ASN M 225 74.67 -43.19 22.71
C ASN M 225 74.28 -43.76 24.06
N LYS M 226 74.51 -45.07 24.27
CA LYS M 226 74.26 -45.64 25.59
C LYS M 226 75.29 -45.16 26.61
N LEU M 227 76.54 -44.96 26.16
CA LEU M 227 77.54 -44.39 27.05
C LEU M 227 77.28 -42.92 27.33
N MET M 228 76.78 -42.18 26.33
CA MET M 228 76.40 -40.78 26.55
C MET M 228 75.22 -40.68 27.52
N ASP M 229 74.25 -41.59 27.42
CA ASP M 229 73.09 -41.52 28.30
C ASP M 229 73.42 -42.03 29.70
N ALA M 230 74.43 -42.88 29.81
CA ALA M 230 74.83 -43.37 31.14
C ALA M 230 75.48 -42.29 31.97
N GLY M 231 76.01 -41.24 31.33
CA GLY M 231 76.69 -40.17 32.02
C GLY M 231 78.18 -40.13 31.80
N VAL M 232 78.71 -40.96 30.90
CA VAL M 232 80.13 -40.96 30.63
C VAL M 232 80.47 -39.73 29.79
N ALA M 233 81.55 -39.05 30.16
CA ALA M 233 82.02 -37.89 29.40
C ALA M 233 82.49 -38.33 28.01
N VAL M 234 82.42 -37.41 27.06
CA VAL M 234 82.63 -37.77 25.66
C VAL M 234 84.10 -38.01 25.37
N LYS M 235 84.98 -37.56 26.26
CA LYS M 235 86.39 -37.93 26.13
C LYS M 235 86.65 -39.33 26.67
N ASP M 236 85.86 -39.75 27.67
CA ASP M 236 86.05 -41.08 28.23
C ASP M 236 85.35 -42.14 27.40
N ILE M 237 84.46 -41.72 26.51
CA ILE M 237 83.80 -42.68 25.62
C ILE M 237 84.80 -43.13 24.56
N PRO M 238 84.98 -44.44 24.37
CA PRO M 238 85.99 -44.92 23.42
C PRO M 238 85.59 -44.65 21.98
N LEU M 239 86.59 -44.72 21.11
CA LEU M 239 86.38 -44.53 19.68
C LEU M 239 85.53 -45.66 19.12
N PRO M 240 84.72 -45.38 18.10
CA PRO M 240 83.76 -46.39 17.63
C PRO M 240 84.37 -47.61 16.96
N HIS M 241 85.62 -47.53 16.50
CA HIS M 241 86.26 -48.74 15.99
C HIS M 241 86.79 -49.62 17.10
N GLU M 242 86.81 -49.12 18.33
CA GLU M 242 87.28 -49.92 19.46
C GLU M 242 86.17 -50.82 19.99
N PHE M 243 84.92 -50.57 19.58
CA PHE M 243 83.86 -51.52 19.87
C PHE M 243 83.96 -52.74 18.97
N ILE M 244 84.56 -52.58 17.80
CA ILE M 244 84.72 -53.71 16.89
C ILE M 244 85.99 -54.48 17.23
N LEU M 245 87.05 -53.77 17.61
CA LEU M 245 88.30 -54.43 17.99
C LEU M 245 88.17 -55.14 19.32
N ASN M 246 87.78 -54.42 20.36
CA ASN M 246 87.63 -54.98 21.69
C ASN M 246 86.17 -55.34 21.89
N LYS M 247 85.88 -56.65 21.90
CA LYS M 247 84.50 -57.12 21.94
C LYS M 247 83.88 -56.94 23.32
N SER M 248 84.73 -56.85 24.36
CA SER M 248 84.24 -56.88 25.74
C SER M 248 83.50 -55.60 26.10
N LEU M 249 83.74 -54.53 25.35
CA LEU M 249 83.01 -53.28 25.56
C LEU M 249 81.56 -53.42 25.10
N LEU M 250 81.34 -54.07 23.95
CA LEU M 250 79.98 -54.35 23.49
C LEU M 250 79.25 -55.27 24.44
N ILE M 251 79.92 -56.30 24.94
CA ILE M 251 79.28 -57.27 25.81
C ILE M 251 78.99 -56.63 27.17
N ASP M 252 79.85 -55.68 27.58
CA ASP M 252 79.57 -54.93 28.80
C ASP M 252 78.40 -53.99 28.60
N LEU M 253 78.20 -53.50 27.38
CA LEU M 253 77.01 -52.68 27.11
C LEU M 253 75.80 -53.55 26.76
N PHE M 254 75.94 -54.42 25.76
CA PHE M 254 74.85 -55.27 25.31
C PHE M 254 75.29 -56.72 25.47
N PRO M 255 74.79 -57.45 26.45
CA PRO M 255 75.29 -58.82 26.69
C PRO M 255 74.87 -59.84 25.65
N GLY M 256 74.04 -59.46 24.68
CA GLY M 256 73.65 -60.40 23.64
C GLY M 256 74.73 -60.62 22.61
N PHE M 257 75.78 -59.78 22.62
CA PHE M 257 76.89 -59.98 21.70
C PHE M 257 77.81 -61.10 22.16
N ALA M 258 77.63 -61.59 23.39
CA ALA M 258 78.45 -62.68 23.88
C ALA M 258 78.15 -63.97 23.15
N ALA M 259 76.93 -64.11 22.63
CA ALA M 259 76.54 -65.34 21.97
C ALA M 259 77.09 -65.42 20.55
N GLY M 260 77.29 -64.28 19.91
CA GLY M 260 77.90 -64.25 18.59
C GLY M 260 76.89 -64.32 17.47
N LEU M 261 77.39 -64.67 16.29
CA LEU M 261 76.56 -64.74 15.10
C LEU M 261 75.81 -66.06 14.97
N THR M 262 76.15 -67.07 15.77
CA THR M 262 75.44 -68.34 15.67
C THR M 262 73.98 -68.33 16.11
N PRO M 263 73.50 -67.46 17.03
CA PRO M 263 72.04 -67.40 17.20
C PRO M 263 71.28 -66.82 16.02
N PHE M 264 71.96 -66.09 15.12
CA PHE M 264 71.27 -65.56 13.95
C PHE M 264 70.92 -66.66 12.97
N PHE M 265 71.89 -67.51 12.63
CA PHE M 265 71.68 -68.48 11.57
C PHE M 265 70.84 -69.66 12.04
N THR M 266 70.87 -69.97 13.33
CA THR M 266 70.05 -71.03 13.89
C THR M 266 68.69 -70.54 14.37
N LEU M 267 68.30 -69.32 13.99
CA LEU M 267 67.02 -68.68 14.29
C LEU M 267 66.74 -68.57 15.77
N ASN M 268 67.78 -68.46 16.59
CA ASN M 268 67.61 -68.25 18.02
C ASN M 268 67.75 -66.76 18.28
N TRP M 269 66.79 -66.01 17.75
CA TRP M 269 66.88 -64.56 17.74
C TRP M 269 66.53 -63.93 19.08
N GLY M 270 66.33 -64.73 20.13
CA GLY M 270 65.94 -64.15 21.41
C GLY M 270 67.11 -63.64 22.22
N GLN M 271 68.34 -64.09 21.89
CA GLN M 271 69.51 -63.55 22.59
C GLN M 271 69.81 -62.14 22.15
N TYR M 272 69.36 -61.76 20.96
CA TYR M 272 69.63 -60.44 20.41
C TYR M 272 68.65 -59.40 20.91
N ALA M 273 67.85 -59.71 21.94
CA ALA M 273 66.83 -58.79 22.40
C ALA M 273 67.42 -57.69 23.26
N ASP M 274 68.71 -57.78 23.57
CA ASP M 274 69.40 -56.67 24.23
C ASP M 274 69.49 -55.46 23.32
N PHE M 275 69.79 -55.69 22.04
CA PHE M 275 70.07 -54.62 21.11
C PHE M 275 69.09 -54.56 19.93
N LEU M 276 68.09 -55.43 19.92
CA LEU M 276 67.00 -55.36 18.94
C LEU M 276 65.70 -55.44 19.74
N THR M 277 65.18 -54.28 20.13
CA THR M 277 64.03 -54.29 21.01
C THR M 277 62.76 -53.90 20.26
N PHE M 278 61.65 -53.87 21.00
CA PHE M 278 60.38 -53.32 20.58
C PHE M 278 59.79 -52.51 21.72
N LYS M 279 60.56 -51.56 22.24
CA LYS M 279 60.09 -50.83 23.43
C LYS M 279 58.93 -49.90 23.10
N GLY M 280 59.12 -48.99 22.16
CA GLY M 280 58.18 -47.92 21.94
C GLY M 280 58.28 -46.84 22.99
N GLY M 281 57.61 -45.73 22.73
CA GLY M 281 57.79 -44.60 23.62
C GLY M 281 59.10 -43.91 23.34
N LEU M 282 59.60 -43.17 24.32
CA LEU M 282 60.84 -42.43 24.13
C LEU M 282 61.80 -42.75 25.26
N ASN M 283 63.08 -42.55 24.97
CA ASN M 283 64.14 -42.66 25.96
C ASN M 283 63.97 -41.55 26.99
N PRO M 284 63.84 -41.89 28.28
CA PRO M 284 63.55 -40.83 29.27
C PRO M 284 64.73 -39.91 29.53
N VAL M 285 65.92 -40.25 29.06
CA VAL M 285 67.07 -39.37 29.27
C VAL M 285 67.12 -38.30 28.18
N THR M 286 66.85 -38.69 26.93
CA THR M 286 66.99 -37.82 25.78
C THR M 286 65.68 -37.37 25.19
N GLY M 287 64.58 -38.09 25.43
CA GLY M 287 63.36 -37.76 24.74
C GLY M 287 63.33 -38.22 23.29
N GLY M 288 64.32 -39.03 22.90
CA GLY M 288 64.37 -39.56 21.56
C GLY M 288 63.98 -41.03 21.59
N LEU M 289 63.85 -41.59 20.39
CA LEU M 289 63.54 -43.00 20.27
C LEU M 289 64.72 -43.84 20.75
N TRP M 290 64.44 -45.06 21.17
CA TRP M 290 65.50 -45.97 21.58
C TRP M 290 66.31 -46.40 20.37
N MET M 291 67.64 -46.35 20.51
CA MET M 291 68.52 -46.75 19.41
C MET M 291 68.39 -48.23 19.09
N THR M 292 68.01 -49.04 20.08
CA THR M 292 67.74 -50.44 19.84
C THR M 292 66.49 -50.63 18.99
N ASP M 293 65.45 -49.83 19.25
CA ASP M 293 64.25 -49.85 18.40
C ASP M 293 64.57 -49.37 17.01
N ILE M 294 65.41 -48.35 16.90
CA ILE M 294 65.75 -47.76 15.59
C ILE M 294 66.55 -48.76 14.76
N ALA M 295 67.47 -49.49 15.40
CA ALA M 295 68.26 -50.49 14.70
C ALA M 295 67.42 -51.70 14.31
N HIS M 296 66.51 -52.11 15.19
CA HIS M 296 65.62 -53.23 14.90
C HIS M 296 64.67 -52.89 13.75
N HIS M 297 64.15 -51.67 13.76
CA HIS M 297 63.41 -51.11 12.62
C HIS M 297 64.17 -51.22 11.32
N HIS M 298 65.43 -50.77 11.31
CA HIS M 298 66.20 -50.75 10.07
C HIS M 298 66.53 -52.14 9.59
N LEU M 299 66.67 -53.08 10.51
CA LEU M 299 66.87 -54.48 10.13
C LEU M 299 65.63 -55.08 9.49
N ALA M 300 64.47 -54.90 10.13
CA ALA M 300 63.21 -55.41 9.60
C ALA M 300 62.85 -54.79 8.26
N ILE M 301 63.02 -53.47 8.15
CA ILE M 301 62.82 -52.75 6.90
C ILE M 301 63.78 -53.23 5.82
N ALA M 302 65.03 -53.52 6.20
CA ALA M 302 66.00 -54.04 5.26
C ALA M 302 65.56 -55.36 4.67
N VAL M 303 65.09 -56.27 5.52
CA VAL M 303 64.63 -57.58 5.05
C VAL M 303 63.41 -57.43 4.14
N VAL M 304 62.49 -56.54 4.50
CA VAL M 304 61.28 -56.34 3.70
C VAL M 304 61.62 -55.75 2.34
N PHE M 305 62.55 -54.81 2.27
CA PHE M 305 62.91 -54.25 0.98
C PHE M 305 63.73 -55.20 0.12
N ILE M 306 64.60 -56.01 0.74
CA ILE M 306 65.34 -57.00 -0.04
C ILE M 306 64.39 -58.03 -0.65
N ILE M 307 63.42 -58.51 0.13
CA ILE M 307 62.41 -59.44 -0.40
C ILE M 307 61.56 -58.76 -1.46
N ALA M 308 61.17 -57.51 -1.22
CA ALA M 308 60.30 -56.77 -2.12
C ALA M 308 60.96 -56.51 -3.47
N GLY M 309 62.27 -56.31 -3.48
CA GLY M 309 62.95 -56.07 -4.74
C GLY M 309 63.24 -57.33 -5.55
N HIS M 310 62.69 -58.47 -5.14
CA HIS M 310 62.78 -59.66 -5.98
C HIS M 310 61.54 -59.89 -6.79
N GLN M 311 60.67 -58.90 -6.91
CA GLN M 311 59.36 -59.14 -7.46
C GLN M 311 59.39 -59.16 -8.98
N TYR M 312 60.21 -58.33 -9.59
CA TYR M 312 60.06 -58.04 -11.01
C TYR M 312 61.02 -58.86 -11.84
N ARG M 313 60.56 -59.23 -13.03
CA ARG M 313 61.30 -60.15 -13.88
C ARG M 313 62.48 -59.43 -14.54
N THR M 314 63.61 -60.15 -14.60
CA THR M 314 64.82 -59.70 -15.28
C THR M 314 65.25 -60.90 -16.10
N ASN M 315 66.53 -61.02 -16.43
CA ASN M 315 67.04 -61.96 -17.42
C ASN M 315 66.88 -63.44 -17.07
N TRP M 316 66.28 -63.80 -15.94
CA TRP M 316 66.19 -65.20 -15.52
C TRP M 316 64.76 -65.67 -15.29
N GLY M 317 63.82 -65.29 -16.14
CA GLY M 317 62.53 -65.95 -16.20
C GLY M 317 61.54 -65.70 -15.07
N ILE M 318 61.98 -65.89 -13.82
CA ILE M 318 61.10 -65.67 -12.68
C ILE M 318 60.87 -64.18 -12.50
N GLY M 319 59.79 -63.84 -11.82
CA GLY M 319 59.42 -62.47 -11.54
C GLY M 319 58.14 -62.09 -12.24
N HIS M 320 57.89 -60.79 -12.33
CA HIS M 320 56.68 -60.26 -12.94
C HIS M 320 56.99 -59.34 -14.10
N SER M 321 56.11 -59.35 -15.09
CA SER M 321 55.96 -58.24 -16.00
C SER M 321 55.01 -57.25 -15.34
N ILE M 322 55.47 -56.00 -15.16
CA ILE M 322 54.60 -54.96 -14.63
C ILE M 322 53.45 -54.71 -15.59
N LYS M 323 53.75 -54.84 -16.88
CA LYS M 323 52.73 -54.73 -17.92
C LYS M 323 51.63 -55.78 -17.75
N GLU M 324 51.98 -57.01 -17.36
CA GLU M 324 50.96 -58.06 -17.22
C GLU M 324 50.11 -57.87 -15.98
N ILE M 325 50.74 -57.45 -14.87
CA ILE M 325 50.02 -57.05 -13.66
C ILE M 325 49.01 -55.96 -14.01
N LEU M 326 49.43 -54.95 -14.78
CA LEU M 326 48.52 -53.88 -15.14
C LEU M 326 47.43 -54.33 -16.11
N GLU M 327 47.75 -55.27 -17.00
CA GLU M 327 46.73 -55.75 -17.94
C GLU M 327 45.63 -56.53 -17.22
N ASN M 328 45.96 -57.20 -16.10
CA ASN M 328 44.95 -58.04 -15.48
C ASN M 328 43.92 -57.22 -14.69
N HIS M 329 44.28 -56.04 -14.21
CA HIS M 329 43.45 -55.33 -13.25
C HIS M 329 42.40 -54.47 -13.95
N LYS M 330 41.42 -55.16 -14.49
CA LYS M 330 40.27 -54.57 -15.12
C LYS M 330 39.01 -55.15 -14.50
N GLY M 331 37.99 -54.33 -14.37
CA GLY M 331 36.78 -54.76 -13.75
C GLY M 331 35.56 -54.29 -14.52
N PRO M 332 34.38 -54.47 -13.94
CA PRO M 332 33.15 -54.11 -14.67
C PRO M 332 32.95 -52.61 -14.80
N PHE M 333 33.38 -51.84 -13.80
CA PHE M 333 33.14 -50.41 -13.84
C PHE M 333 34.11 -49.70 -14.77
N THR M 334 35.33 -50.23 -14.91
CA THR M 334 36.44 -49.46 -15.44
C THR M 334 36.97 -49.93 -16.79
N GLY M 335 36.27 -50.81 -17.48
CA GLY M 335 36.56 -51.05 -18.89
C GLY M 335 37.81 -51.87 -19.10
N GLU M 336 38.78 -51.31 -19.83
CA GLU M 336 40.01 -52.04 -20.10
C GLU M 336 41.03 -51.93 -18.97
N GLY M 337 40.71 -51.20 -17.90
CA GLY M 337 41.52 -51.30 -16.71
C GLY M 337 42.77 -50.46 -16.83
N HIS M 338 43.92 -51.07 -16.55
CA HIS M 338 45.20 -50.39 -16.56
C HIS M 338 46.02 -50.74 -17.80
N LYS M 339 45.36 -50.90 -18.95
CA LYS M 339 46.01 -51.45 -20.13
C LYS M 339 47.09 -50.54 -20.67
N GLY M 340 46.75 -49.31 -21.00
CA GLY M 340 47.73 -48.44 -21.60
C GLY M 340 48.68 -47.75 -20.66
N LEU M 341 48.54 -47.94 -19.35
CA LEU M 341 49.24 -47.11 -18.37
C LEU M 341 50.71 -47.44 -18.30
N TYR M 342 51.09 -48.64 -18.75
CA TYR M 342 52.50 -48.99 -18.77
C TYR M 342 53.23 -48.19 -19.83
N GLU M 343 52.62 -48.01 -20.99
CA GLU M 343 53.25 -47.27 -22.07
C GLU M 343 53.31 -45.78 -21.77
N ASN M 344 52.40 -45.28 -20.94
CA ASN M 344 52.46 -43.87 -20.54
C ASN M 344 53.67 -43.62 -19.65
N LEU M 345 53.96 -44.55 -18.76
CA LEU M 345 55.02 -44.36 -17.79
C LEU M 345 56.36 -44.80 -18.35
N THR M 346 56.38 -45.38 -19.54
CA THR M 346 57.62 -45.90 -20.11
C THR M 346 58.03 -45.07 -21.33
N THR M 347 57.13 -44.26 -21.85
CA THR M 347 57.45 -43.40 -22.98
C THR M 347 57.39 -41.93 -22.63
N SER M 348 57.11 -41.57 -21.38
CA SER M 348 56.99 -40.17 -20.98
C SER M 348 57.70 -39.98 -19.65
N TRP M 349 58.67 -39.08 -19.62
CA TRP M 349 59.32 -38.73 -18.37
C TRP M 349 58.44 -37.85 -17.51
N HIS M 350 57.44 -37.19 -18.11
CA HIS M 350 56.57 -36.29 -17.36
C HIS M 350 55.58 -37.06 -16.51
N ALA M 351 55.11 -38.20 -17.01
CA ALA M 351 54.21 -39.03 -16.20
C ALA M 351 54.95 -39.58 -14.98
N GLN M 352 56.21 -39.99 -15.17
CA GLN M 352 57.03 -40.43 -14.06
C GLN M 352 57.31 -39.29 -13.09
N LEU M 353 57.55 -38.07 -13.60
CA LEU M 353 57.81 -36.96 -12.68
C LEU M 353 56.55 -36.58 -11.92
N ALA M 354 55.38 -36.73 -12.54
CA ALA M 354 54.12 -36.49 -11.86
C ALA M 354 53.90 -37.48 -10.72
N THR M 355 54.10 -38.77 -10.97
CA THR M 355 53.91 -39.77 -9.92
C THR M 355 54.96 -39.65 -8.82
N ASN M 356 56.24 -39.51 -9.19
CA ASN M 356 57.28 -39.52 -8.17
C ASN M 356 57.25 -38.25 -7.35
N LEU M 357 56.85 -37.15 -7.98
CA LEU M 357 56.83 -35.87 -7.28
C LEU M 357 55.62 -35.79 -6.36
N ALA M 358 54.47 -36.31 -6.79
CA ALA M 358 53.28 -36.26 -5.94
C ALA M 358 53.39 -37.22 -4.75
N PHE M 359 53.95 -38.41 -4.98
CA PHE M 359 54.03 -39.36 -3.88
C PHE M 359 55.21 -39.08 -2.97
N LEU M 360 56.27 -38.43 -3.48
CA LEU M 360 57.35 -38.01 -2.60
C LEU M 360 56.97 -36.76 -1.80
N GLY M 361 56.10 -35.90 -2.35
CA GLY M 361 55.58 -34.79 -1.57
C GLY M 361 54.63 -35.23 -0.47
N SER M 362 53.77 -36.21 -0.79
CA SER M 362 52.92 -36.81 0.23
C SER M 362 53.75 -37.49 1.32
N LEU M 363 54.80 -38.20 0.92
CA LEU M 363 55.69 -38.85 1.87
C LEU M 363 56.38 -37.84 2.77
N THR M 364 56.75 -36.68 2.22
CA THR M 364 57.47 -35.67 3.00
C THR M 364 56.56 -35.06 4.06
N ILE M 365 55.27 -34.87 3.72
CA ILE M 365 54.29 -34.44 4.72
C ILE M 365 54.13 -35.49 5.82
N ILE M 366 54.05 -36.77 5.43
CA ILE M 366 53.95 -37.88 6.37
C ILE M 366 55.15 -37.92 7.31
N ILE M 367 56.34 -37.68 6.76
CA ILE M 367 57.58 -37.58 7.54
C ILE M 367 57.49 -36.45 8.55
N ALA M 368 56.88 -35.32 8.18
CA ALA M 368 56.75 -34.21 9.14
C ALA M 368 55.89 -34.61 10.34
N HIS M 369 54.75 -35.25 10.09
CA HIS M 369 53.89 -35.71 11.19
C HIS M 369 54.59 -36.77 12.07
N HIS M 370 55.31 -37.70 11.44
CA HIS M 370 55.96 -38.76 12.21
C HIS M 370 57.13 -38.21 13.02
N MET M 371 57.86 -37.25 12.49
CA MET M 371 59.04 -36.78 13.20
C MET M 371 58.68 -35.75 14.26
N TYR M 372 57.47 -35.19 14.24
CA TYR M 372 57.12 -34.45 15.45
C TYR M 372 56.65 -35.40 16.54
N ALA M 373 55.87 -36.43 16.17
CA ALA M 373 55.16 -37.14 17.23
C ALA M 373 56.00 -38.24 17.84
N MET M 374 56.95 -38.77 17.10
CA MET M 374 57.86 -39.81 17.58
C MET M 374 59.26 -39.30 17.34
N PRO M 375 59.79 -38.48 18.24
CA PRO M 375 61.03 -37.71 17.95
C PRO M 375 62.23 -38.63 17.83
N PRO M 376 62.85 -38.69 16.65
CA PRO M 376 63.82 -39.77 16.41
C PRO M 376 65.17 -39.52 17.04
N TYR M 377 65.54 -38.36 17.17
CA TYR M 377 66.90 -37.99 17.51
C TYR M 377 67.01 -37.61 18.99
N PRO M 378 68.18 -37.83 19.59
CA PRO M 378 68.35 -37.47 21.01
C PRO M 378 68.40 -35.97 21.18
N TYR M 379 67.59 -35.47 22.14
CA TYR M 379 67.40 -34.07 22.50
C TYR M 379 66.78 -33.26 21.38
N LEU M 380 65.95 -33.90 20.55
CA LEU M 380 65.19 -33.18 19.54
C LEU M 380 63.86 -32.69 20.09
N ALA M 381 63.24 -33.45 20.99
CA ALA M 381 61.90 -33.14 21.44
C ALA M 381 61.87 -31.91 22.34
N THR M 382 62.88 -31.76 23.19
CA THR M 382 62.91 -30.61 24.09
C THR M 382 63.57 -29.40 23.44
N ASP M 383 64.20 -29.58 22.29
CA ASP M 383 64.59 -28.44 21.46
C ASP M 383 63.37 -28.06 20.67
N TYR M 384 62.56 -27.14 21.21
CA TYR M 384 61.27 -26.83 20.61
C TYR M 384 61.44 -26.11 19.29
N ALA M 385 62.54 -25.34 19.17
CA ALA M 385 62.81 -24.57 17.96
C ALA M 385 63.09 -25.47 16.77
N THR M 386 63.94 -26.47 16.96
CA THR M 386 64.23 -27.42 15.90
C THR M 386 62.98 -28.21 15.51
N GLN M 387 62.14 -28.54 16.49
CA GLN M 387 60.97 -29.35 16.24
C GLN M 387 59.96 -28.61 15.37
N LEU M 388 59.68 -27.36 15.73
CA LEU M 388 58.83 -26.49 14.92
C LEU M 388 59.40 -26.29 13.52
N CYS M 389 60.70 -25.99 13.42
CA CYS M 389 61.26 -25.64 12.12
C CYS M 389 61.35 -26.82 11.17
N ILE M 390 61.67 -28.03 11.66
CA ILE M 390 61.76 -29.14 10.71
C ILE M 390 60.37 -29.63 10.32
N PHE M 391 59.39 -29.52 11.23
CA PHE M 391 58.01 -29.82 10.83
C PHE M 391 57.53 -28.90 9.73
N THR M 392 57.66 -27.59 9.94
CA THR M 392 57.10 -26.63 8.99
C THR M 392 57.88 -26.65 7.68
N HIS M 393 59.19 -26.85 7.75
CA HIS M 393 60.02 -27.04 6.56
C HIS M 393 59.55 -28.21 5.71
N HIS M 394 59.32 -29.38 6.32
CA HIS M 394 58.94 -30.53 5.52
C HIS M 394 57.51 -30.44 5.02
N ILE M 395 56.65 -29.73 5.75
CA ILE M 395 55.31 -29.47 5.25
C ILE M 395 55.37 -28.62 3.98
N TRP M 396 56.22 -27.58 3.96
CA TRP M 396 56.32 -26.75 2.76
C TRP M 396 56.90 -27.51 1.58
N ILE M 397 57.94 -28.33 1.83
CA ILE M 397 58.55 -29.11 0.74
C ILE M 397 57.55 -30.10 0.16
N GLY M 398 56.76 -30.74 1.02
CA GLY M 398 55.77 -31.68 0.54
C GLY M 398 54.67 -31.04 -0.28
N GLY M 399 54.20 -29.86 0.16
CA GLY M 399 53.19 -29.12 -0.60
C GLY M 399 53.67 -28.69 -1.98
N PHE M 400 54.88 -28.15 -2.05
CA PHE M 400 55.46 -27.79 -3.35
C PHE M 400 55.59 -28.97 -4.27
N LEU M 401 56.02 -30.13 -3.76
CA LEU M 401 56.24 -31.25 -4.66
C LEU M 401 54.93 -31.85 -5.15
N ILE M 402 53.88 -31.82 -4.31
CA ILE M 402 52.54 -32.21 -4.77
C ILE M 402 52.07 -31.31 -5.92
N VAL M 403 52.28 -30.00 -5.79
CA VAL M 403 51.89 -29.07 -6.86
C VAL M 403 52.69 -29.35 -8.13
N GLY M 404 53.96 -29.68 -8.00
CA GLY M 404 54.75 -30.05 -9.16
C GLY M 404 54.28 -31.31 -9.84
N GLY M 405 53.84 -32.29 -9.04
CA GLY M 405 53.30 -33.51 -9.61
C GLY M 405 52.04 -33.24 -10.41
N ALA M 406 51.19 -32.34 -9.94
CA ALA M 406 50.02 -31.97 -10.73
C ALA M 406 50.39 -31.22 -12.00
N ALA M 407 51.41 -30.36 -11.92
CA ALA M 407 51.90 -29.65 -13.10
C ALA M 407 52.37 -30.61 -14.17
N HIS M 408 53.14 -31.61 -13.81
CA HIS M 408 53.62 -32.55 -14.81
C HIS M 408 52.57 -33.55 -15.24
N ALA M 409 51.52 -33.74 -14.44
CA ALA M 409 50.37 -34.49 -14.96
C ALA M 409 49.69 -33.72 -16.09
N ALA M 410 49.56 -32.40 -15.93
CA ALA M 410 49.00 -31.57 -17.00
C ALA M 410 49.90 -31.53 -18.22
N ILE M 411 51.22 -31.54 -18.00
CA ILE M 411 52.18 -31.52 -19.10
C ILE M 411 52.15 -32.86 -19.86
N PHE M 412 51.96 -33.97 -19.13
CA PHE M 412 51.74 -35.25 -19.78
C PHE M 412 50.51 -35.22 -20.67
N MET M 413 49.39 -34.70 -20.13
CA MET M 413 48.16 -34.68 -20.90
C MET M 413 48.28 -33.84 -22.16
N VAL M 414 49.01 -32.72 -22.09
CA VAL M 414 49.14 -31.87 -23.26
C VAL M 414 50.14 -32.46 -24.27
N ARG M 415 51.29 -32.92 -23.80
CA ARG M 415 52.36 -33.30 -24.72
C ARG M 415 52.39 -34.79 -25.04
N ASP M 416 52.37 -35.65 -24.03
CA ASP M 416 52.76 -37.03 -24.26
C ASP M 416 51.56 -37.96 -24.35
N TYR M 417 50.36 -37.46 -24.09
CA TYR M 417 49.18 -38.30 -24.08
C TYR M 417 48.82 -38.74 -25.50
N ASP M 418 48.45 -40.02 -25.63
CA ASP M 418 48.13 -40.63 -26.90
C ASP M 418 46.73 -41.22 -26.82
N PRO M 419 45.82 -40.86 -27.72
CA PRO M 419 44.48 -41.46 -27.68
C PRO M 419 44.45 -42.92 -28.08
N VAL M 420 45.44 -43.38 -28.85
CA VAL M 420 45.45 -44.75 -29.34
C VAL M 420 45.83 -45.72 -28.22
N VAL M 421 46.84 -45.36 -27.43
CA VAL M 421 47.25 -46.18 -26.30
C VAL M 421 46.22 -46.14 -25.20
N ASN M 422 45.79 -44.94 -24.82
CA ASN M 422 44.89 -44.72 -23.69
C ASN M 422 43.45 -44.73 -24.19
N GLN M 423 42.97 -45.91 -24.49
CA GLN M 423 41.67 -46.10 -25.10
C GLN M 423 40.89 -47.06 -24.22
N ASN M 424 39.77 -46.58 -23.67
CA ASN M 424 38.85 -47.28 -22.79
C ASN M 424 39.48 -47.74 -21.48
N ASN M 425 40.67 -47.28 -21.13
CA ASN M 425 41.28 -47.60 -19.86
C ASN M 425 40.82 -46.60 -18.80
N VAL M 426 41.48 -46.59 -17.65
CA VAL M 426 41.03 -45.71 -16.56
C VAL M 426 41.29 -44.25 -16.88
N LEU M 427 42.35 -43.95 -17.65
CA LEU M 427 42.63 -42.57 -18.01
C LEU M 427 41.62 -42.03 -19.01
N ASP M 428 41.31 -42.83 -20.03
CA ASP M 428 40.31 -42.46 -21.02
C ASP M 428 38.92 -42.31 -20.40
N ARG M 429 38.65 -43.07 -19.35
CA ARG M 429 37.33 -43.01 -18.74
C ARG M 429 37.24 -41.87 -17.74
N VAL M 430 38.34 -41.50 -17.06
CA VAL M 430 38.24 -40.34 -16.16
C VAL M 430 38.17 -39.05 -16.96
N ILE M 431 38.70 -39.05 -18.19
CA ILE M 431 38.43 -37.90 -19.06
C ILE M 431 36.95 -37.83 -19.39
N ARG M 432 36.31 -38.96 -19.63
CA ARG M 432 34.96 -38.96 -20.17
C ARG M 432 33.87 -38.76 -19.11
N HIS M 433 34.20 -38.47 -17.86
CA HIS M 433 33.19 -38.00 -16.93
C HIS M 433 33.75 -36.92 -16.02
N ARG M 434 34.62 -36.06 -16.56
CA ARG M 434 35.28 -35.05 -15.76
C ARG M 434 34.32 -33.97 -15.28
N ASP M 435 33.17 -33.82 -15.94
CA ASP M 435 32.12 -32.95 -15.43
C ASP M 435 31.54 -33.50 -14.13
N ALA M 436 31.38 -34.81 -14.04
CA ALA M 436 30.90 -35.43 -12.80
C ALA M 436 31.90 -35.26 -11.67
N ILE M 437 33.17 -35.53 -11.94
CA ILE M 437 34.22 -35.42 -10.92
C ILE M 437 34.35 -33.98 -10.46
N ILE M 438 34.41 -33.03 -11.39
CA ILE M 438 34.72 -31.65 -11.04
C ILE M 438 33.52 -30.96 -10.41
N SER M 439 32.30 -31.26 -10.86
CA SER M 439 31.15 -30.65 -10.19
C SER M 439 30.94 -31.23 -8.80
N HIS M 440 31.29 -32.50 -8.60
CA HIS M 440 31.16 -33.05 -7.25
C HIS M 440 32.26 -32.56 -6.34
N LEU M 441 33.43 -32.26 -6.89
CA LEU M 441 34.49 -31.70 -6.07
C LEU M 441 34.20 -30.23 -5.74
N ASN M 442 33.67 -29.49 -6.71
CA ASN M 442 33.05 -28.18 -6.49
C ASN M 442 32.06 -28.20 -5.33
N TRP M 443 31.18 -29.20 -5.29
CA TRP M 443 30.19 -29.29 -4.22
C TRP M 443 30.83 -29.56 -2.86
N VAL M 444 31.75 -30.53 -2.79
CA VAL M 444 32.47 -30.85 -1.56
C VAL M 444 33.24 -29.65 -1.03
N CYS M 445 33.81 -28.85 -1.94
CA CYS M 445 34.52 -27.66 -1.50
C CYS M 445 33.56 -26.61 -0.96
N ILE M 446 32.40 -26.39 -1.59
CA ILE M 446 31.49 -25.39 -1.07
C ILE M 446 30.90 -25.83 0.27
N PHE M 447 30.50 -27.10 0.35
CA PHE M 447 30.01 -27.69 1.59
C PHE M 447 31.02 -27.55 2.72
N LEU M 448 32.28 -27.92 2.47
CA LEU M 448 33.29 -27.88 3.53
C LEU M 448 33.67 -26.46 3.89
N GLY M 449 33.57 -25.53 2.93
CA GLY M 449 33.85 -24.14 3.24
C GLY M 449 32.83 -23.55 4.18
N PHE M 450 31.56 -23.85 3.93
CA PHE M 450 30.51 -23.45 4.86
C PHE M 450 30.67 -24.10 6.23
N HIS M 451 30.75 -25.42 6.28
CA HIS M 451 30.75 -26.10 7.55
C HIS M 451 32.12 -26.19 8.20
N SER M 452 33.11 -25.49 7.67
CA SER M 452 34.34 -25.29 8.40
C SER M 452 34.52 -23.81 8.75
N PHE M 453 34.56 -22.92 7.77
CA PHE M 453 34.86 -21.53 8.03
C PHE M 453 33.64 -20.78 8.54
N GLY M 454 32.44 -21.18 8.10
CA GLY M 454 31.25 -20.50 8.56
C GLY M 454 30.97 -20.74 10.02
N LEU M 455 31.51 -21.83 10.58
CA LEU M 455 31.41 -22.05 12.02
C LEU M 455 32.28 -21.07 12.78
N TYR M 456 33.46 -20.73 12.25
CA TYR M 456 34.27 -19.65 12.81
C TYR M 456 33.57 -18.30 12.70
N ILE M 457 32.81 -18.09 11.63
CA ILE M 457 32.12 -16.81 11.47
C ILE M 457 30.95 -16.70 12.41
N HIS M 458 30.15 -17.77 12.51
CA HIS M 458 29.18 -17.94 13.59
C HIS M 458 29.79 -17.66 14.95
N ASN M 459 30.97 -18.21 15.24
CA ASN M 459 31.58 -18.05 16.56
C ASN M 459 32.01 -16.62 16.83
N ASP M 460 32.64 -15.98 15.84
CA ASP M 460 32.98 -14.55 15.93
C ASP M 460 31.77 -13.69 16.17
N THR M 461 30.68 -13.95 15.46
CA THR M 461 29.49 -13.14 15.59
C THR M 461 28.82 -13.37 16.93
N MET M 462 28.67 -14.64 17.34
CA MET M 462 28.12 -14.98 18.65
C MET M 462 28.93 -14.42 19.79
N ARG M 463 30.25 -14.45 19.69
CA ARG M 463 31.06 -13.91 20.78
C ARG M 463 31.03 -12.38 20.76
N ALA M 464 30.90 -11.78 19.58
CA ALA M 464 30.82 -10.33 19.48
C ALA M 464 29.49 -9.79 19.96
N LEU M 465 28.43 -10.60 19.86
CA LEU M 465 27.09 -10.21 20.28
C LEU M 465 26.84 -10.49 21.74
N GLY M 466 27.85 -10.88 22.49
CA GLY M 466 27.66 -11.19 23.89
C GLY M 466 26.89 -12.48 24.11
N ARG M 467 27.06 -13.45 23.24
CA ARG M 467 26.32 -14.72 23.31
C ARG M 467 27.27 -15.90 23.30
N PRO M 468 28.05 -16.12 24.36
CA PRO M 468 29.03 -17.21 24.33
C PRO M 468 28.41 -18.60 24.43
N GLN M 469 27.19 -18.70 24.96
CA GLN M 469 26.51 -19.99 25.07
C GLN M 469 26.03 -20.50 23.72
N ASP M 470 26.01 -19.67 22.68
CA ASP M 470 25.51 -20.08 21.39
C ASP M 470 26.61 -20.45 20.42
N MET M 471 27.85 -20.58 20.90
CA MET M 471 29.00 -20.80 20.06
C MET M 471 29.23 -22.29 19.81
N PHE M 472 30.23 -22.59 19.00
CA PHE M 472 30.73 -23.95 18.82
C PHE M 472 32.03 -24.06 19.60
N SER M 473 31.93 -24.48 20.85
CA SER M 473 33.07 -24.57 21.73
C SER M 473 32.87 -25.76 22.64
N ASP M 474 33.75 -25.90 23.63
CA ASP M 474 33.63 -27.00 24.58
C ASP M 474 32.62 -26.68 25.67
N THR M 475 32.32 -25.40 25.88
CA THR M 475 31.36 -24.97 26.90
C THR M 475 30.03 -24.54 26.32
N ALA M 476 29.75 -24.92 25.07
CA ALA M 476 28.59 -24.48 24.32
C ALA M 476 28.26 -25.67 23.44
N ILE M 477 27.69 -25.45 22.25
CA ILE M 477 27.43 -26.51 21.28
C ILE M 477 28.73 -27.22 20.95
N GLN M 478 28.82 -28.50 21.31
CA GLN M 478 30.07 -29.24 21.25
C GLN M 478 30.13 -30.06 19.97
N LEU M 479 31.28 -30.00 19.31
CA LEU M 479 31.57 -30.83 18.15
C LEU M 479 32.81 -31.65 18.52
N GLN M 480 32.60 -32.86 18.99
CA GLN M 480 33.73 -33.63 19.44
C GLN M 480 34.29 -34.46 18.30
N PRO M 481 35.59 -34.42 18.05
CA PRO M 481 36.16 -35.28 17.02
C PRO M 481 36.22 -36.71 17.54
N VAL M 482 35.09 -37.40 17.43
CA VAL M 482 34.87 -38.61 18.21
C VAL M 482 35.61 -39.79 17.59
N PHE M 483 35.82 -39.78 16.28
CA PHE M 483 36.55 -40.88 15.65
C PHE M 483 38.04 -40.78 15.92
N ALA M 484 38.58 -39.58 15.95
CA ALA M 484 40.00 -39.44 16.25
C ALA M 484 40.28 -39.67 17.73
N GLN M 485 39.31 -39.34 18.60
CA GLN M 485 39.40 -39.70 20.01
C GLN M 485 39.37 -41.21 20.19
N TRP M 486 38.57 -41.88 19.37
CA TRP M 486 38.50 -43.33 19.37
C TRP M 486 39.82 -43.97 18.94
N VAL M 487 40.42 -43.45 17.87
CA VAL M 487 41.69 -43.98 17.37
C VAL M 487 42.80 -43.74 18.37
N GLN M 488 42.79 -42.58 19.05
CA GLN M 488 43.75 -42.33 20.12
C GLN M 488 43.63 -43.32 21.26
N ASN M 489 42.38 -43.62 21.66
CA ASN M 489 42.19 -44.59 22.74
C ASN M 489 42.66 -45.97 22.31
N LEU M 490 42.46 -46.33 21.05
CA LEU M 490 42.91 -47.62 20.56
C LEU M 490 44.43 -47.70 20.49
N HIS M 491 45.10 -46.56 20.31
CA HIS M 491 46.55 -46.61 20.29
C HIS M 491 47.13 -46.61 21.70
N THR M 492 46.43 -45.98 22.64
CA THR M 492 46.89 -45.98 24.03
C THR M 492 46.81 -47.38 24.62
N LEU M 493 45.79 -48.14 24.26
CA LEU M 493 45.58 -49.47 24.78
C LEU M 493 46.29 -50.55 23.99
N ALA M 494 47.00 -50.18 22.92
CA ALA M 494 47.66 -51.18 22.10
C ALA M 494 48.84 -51.94 22.75
N PRO M 495 49.67 -51.36 23.64
CA PRO M 495 50.71 -52.20 24.27
C PRO M 495 50.20 -53.31 25.16
N GLY M 496 48.97 -53.22 25.64
CA GLY M 496 48.39 -54.35 26.34
C GLY M 496 48.11 -55.52 25.42
N GLY M 497 47.12 -55.36 24.54
CA GLY M 497 46.65 -56.51 23.80
C GLY M 497 46.96 -56.58 22.32
N THR M 498 46.81 -55.47 21.61
CA THR M 498 46.98 -55.54 20.16
C THR M 498 48.41 -55.23 19.76
N ALA M 499 49.29 -55.04 20.72
CA ALA M 499 50.73 -55.19 20.53
C ALA M 499 51.29 -55.70 21.84
N PRO M 500 51.27 -57.03 22.05
CA PRO M 500 51.72 -57.56 23.33
C PRO M 500 53.20 -57.37 23.59
N ASN M 501 54.01 -57.28 22.53
CA ASN M 501 55.45 -57.17 22.72
C ASN M 501 55.92 -55.72 22.72
N ALA M 502 54.99 -54.78 22.63
CA ALA M 502 55.33 -53.39 22.87
C ALA M 502 55.14 -53.07 24.34
N LEU M 503 55.95 -52.14 24.85
CA LEU M 503 55.88 -51.80 26.26
C LEU M 503 55.10 -50.52 26.48
N GLU M 504 55.37 -49.52 25.69
CA GLU M 504 54.77 -48.19 25.75
C GLU M 504 54.14 -47.96 24.39
N PRO M 505 53.18 -47.04 24.26
CA PRO M 505 52.57 -46.80 22.94
C PRO M 505 53.55 -46.21 21.94
N VAL M 506 53.18 -46.30 20.67
CA VAL M 506 54.03 -45.89 19.55
C VAL M 506 54.44 -44.43 19.69
N SER M 507 53.51 -43.57 20.08
CA SER M 507 53.81 -42.20 20.43
C SER M 507 53.03 -41.84 21.67
N TYR M 508 53.59 -40.96 22.49
CA TYR M 508 52.83 -40.41 23.61
C TYR M 508 51.80 -39.39 23.18
N ALA M 509 51.78 -39.02 21.89
CA ALA M 509 50.79 -38.07 21.39
C ALA M 509 49.39 -38.65 21.45
N PHE M 510 49.26 -39.97 21.39
CA PHE M 510 47.95 -40.58 21.53
C PHE M 510 47.58 -40.73 22.98
N GLY M 511 48.52 -41.13 23.82
CA GLY M 511 48.28 -41.25 25.23
C GLY M 511 49.46 -41.92 25.90
N GLY M 512 49.34 -42.13 27.20
CA GLY M 512 50.35 -42.86 27.92
C GLY M 512 51.22 -42.04 28.84
N GLY M 513 50.77 -40.85 29.22
CA GLY M 513 51.49 -40.07 30.20
C GLY M 513 52.46 -39.10 29.58
N VAL M 514 53.00 -38.25 30.44
CA VAL M 514 53.87 -37.15 30.04
C VAL M 514 55.32 -37.58 30.26
N LEU M 515 56.11 -37.50 29.21
CA LEU M 515 57.55 -37.73 29.30
C LEU M 515 58.23 -36.38 29.35
N ALA M 516 59.02 -36.15 30.40
CA ALA M 516 59.71 -34.90 30.62
C ALA M 516 61.21 -35.13 30.60
N VAL M 517 61.92 -34.31 29.81
CA VAL M 517 63.37 -34.32 29.76
C VAL M 517 63.86 -32.93 30.11
N GLY M 518 64.65 -32.83 31.16
CA GLY M 518 65.21 -31.55 31.56
C GLY M 518 64.19 -30.58 32.09
N GLY M 519 63.11 -31.08 32.68
CA GLY M 519 62.06 -30.23 33.16
C GLY M 519 61.17 -29.65 32.09
N LYS M 520 61.27 -30.13 30.87
CA LYS M 520 60.45 -29.67 29.76
C LYS M 520 59.73 -30.87 29.16
N VAL M 521 58.56 -30.62 28.58
CA VAL M 521 57.76 -31.69 27.98
C VAL M 521 58.42 -32.11 26.68
N ALA M 522 58.89 -33.35 26.63
CA ALA M 522 59.28 -33.94 25.36
C ALA M 522 58.06 -34.22 24.50
N MET M 523 57.14 -35.04 25.00
CA MET M 523 55.87 -35.29 24.33
C MET M 523 54.85 -35.73 25.37
N MET M 524 53.61 -35.28 25.18
CA MET M 524 52.52 -35.56 26.08
C MET M 524 51.27 -35.74 25.23
N PRO M 525 50.20 -36.34 25.78
CA PRO M 525 49.00 -36.60 24.95
C PRO M 525 48.34 -35.33 24.43
N ILE M 526 48.10 -35.32 23.12
CA ILE M 526 47.57 -34.16 22.42
C ILE M 526 46.05 -34.34 22.39
N ALA M 527 45.37 -33.73 23.36
CA ALA M 527 43.93 -33.92 23.49
C ALA M 527 43.18 -33.14 22.44
N LEU M 528 42.12 -33.74 21.90
CA LEU M 528 41.38 -33.19 20.77
C LEU M 528 40.00 -32.78 21.24
N GLY M 529 39.69 -31.49 21.13
CA GLY M 529 38.35 -31.00 21.41
C GLY M 529 37.68 -30.37 20.20
N THR M 530 36.75 -29.45 20.46
CA THR M 530 35.98 -28.77 19.40
C THR M 530 36.88 -27.99 18.45
N ALA M 531 37.89 -27.31 18.98
CA ALA M 531 38.79 -26.51 18.16
C ALA M 531 39.59 -27.39 17.20
N ASP M 532 39.88 -28.62 17.62
CA ASP M 532 40.59 -29.56 16.77
C ASP M 532 39.69 -30.12 15.67
N PHE M 533 38.41 -30.32 15.97
CA PHE M 533 37.40 -30.65 14.95
C PHE M 533 37.31 -29.56 13.88
N LEU M 534 37.22 -28.31 14.32
CA LEU M 534 37.09 -27.18 13.42
C LEU M 534 38.31 -27.03 12.52
N ILE M 535 39.50 -27.19 13.10
CA ILE M 535 40.70 -26.95 12.31
C ILE M 535 40.98 -28.13 11.36
N HIS M 536 40.55 -29.35 11.72
CA HIS M 536 40.73 -30.46 10.79
C HIS M 536 39.82 -30.33 9.60
N HIS M 537 38.67 -29.73 9.79
CA HIS M 537 37.81 -29.48 8.64
C HIS M 537 38.28 -28.29 7.81
N ILE M 538 38.94 -27.30 8.43
CA ILE M 538 39.63 -26.27 7.66
C ILE M 538 40.69 -26.89 6.75
N HIS M 539 41.44 -27.86 7.29
CA HIS M 539 42.45 -28.55 6.50
C HIS M 539 41.83 -29.34 5.36
N ALA M 540 40.75 -30.07 5.65
CA ALA M 540 40.04 -30.84 4.62
C ALA M 540 39.53 -29.92 3.52
N PHE M 541 39.03 -28.75 3.90
CA PHE M 541 38.50 -27.78 2.94
C PHE M 541 39.59 -27.22 2.02
N THR M 542 40.69 -26.77 2.60
CA THR M 542 41.73 -26.15 1.81
C THR M 542 42.47 -27.18 0.93
N ILE M 543 42.64 -28.42 1.44
CA ILE M 543 43.18 -29.49 0.61
C ILE M 543 42.25 -29.78 -0.55
N HIS M 544 40.95 -29.89 -0.30
CA HIS M 544 40.02 -30.21 -1.37
C HIS M 544 39.94 -29.13 -2.43
N VAL M 545 40.02 -27.84 -2.04
CA VAL M 545 40.00 -26.79 -3.07
C VAL M 545 41.28 -26.83 -3.89
N THR M 546 42.41 -27.12 -3.24
CA THR M 546 43.66 -27.26 -3.97
C THR M 546 43.60 -28.42 -4.95
N VAL M 547 42.99 -29.53 -4.53
CA VAL M 547 42.78 -30.67 -5.41
C VAL M 547 41.83 -30.30 -6.55
N LEU M 548 40.78 -29.55 -6.25
CA LEU M 548 39.82 -29.10 -7.26
C LEU M 548 40.51 -28.35 -8.39
N ILE M 549 41.36 -27.41 -8.00
CA ILE M 549 42.12 -26.62 -8.97
C ILE M 549 43.08 -27.49 -9.76
N LEU M 550 43.87 -28.32 -9.08
CA LEU M 550 44.93 -29.06 -9.77
C LEU M 550 44.36 -30.19 -10.63
N LEU M 551 43.35 -30.89 -10.14
CA LEU M 551 42.68 -31.92 -10.91
C LEU M 551 41.91 -31.32 -12.07
N LYS M 552 41.34 -30.13 -11.89
CA LYS M 552 40.63 -29.49 -12.97
C LYS M 552 41.59 -28.93 -14.00
N GLY M 553 42.83 -28.70 -13.60
CA GLY M 553 43.85 -28.35 -14.57
C GLY M 553 44.31 -29.53 -15.39
N VAL M 554 44.46 -30.68 -14.75
CA VAL M 554 44.94 -31.85 -15.46
C VAL M 554 43.86 -32.42 -16.37
N LEU M 555 42.63 -32.53 -15.87
CA LEU M 555 41.54 -33.16 -16.64
C LEU M 555 41.06 -32.27 -17.78
N PHE M 556 41.16 -30.96 -17.64
CA PHE M 556 40.79 -30.05 -18.70
C PHE M 556 42.00 -29.46 -19.39
N ALA M 557 43.15 -30.14 -19.36
CA ALA M 557 44.35 -29.62 -20.00
C ALA M 557 44.24 -29.67 -21.51
N ARG M 558 43.52 -30.64 -22.04
CA ARG M 558 43.51 -30.83 -23.48
C ARG M 558 42.35 -30.14 -24.14
N SER M 559 41.21 -30.09 -23.47
CA SER M 559 40.01 -29.52 -24.06
C SER M 559 39.06 -29.12 -22.96
N SER M 560 38.04 -28.37 -23.32
CA SER M 560 36.92 -28.08 -22.44
C SER M 560 35.72 -27.82 -23.32
N ARG M 561 34.59 -27.50 -22.70
CA ARG M 561 33.43 -27.01 -23.44
C ARG M 561 33.74 -25.66 -24.06
N LEU M 562 34.55 -24.86 -23.37
CA LEU M 562 34.82 -23.51 -23.81
C LEU M 562 35.78 -23.49 -24.99
N ILE M 563 36.93 -24.15 -24.84
CA ILE M 563 37.95 -24.17 -25.88
C ILE M 563 38.25 -25.61 -26.25
N PRO M 564 37.89 -26.07 -27.45
CA PRO M 564 37.97 -27.50 -27.74
C PRO M 564 39.34 -27.97 -28.13
N ASP M 565 40.19 -27.07 -28.64
CA ASP M 565 41.52 -27.40 -29.12
C ASP M 565 42.61 -26.84 -28.21
N LYS M 566 42.40 -26.97 -26.90
CA LYS M 566 43.33 -26.40 -25.93
C LYS M 566 44.69 -27.08 -25.99
N ALA M 567 44.73 -28.35 -26.38
CA ALA M 567 46.00 -29.06 -26.50
C ALA M 567 46.86 -28.50 -27.64
N ASN M 568 46.22 -27.95 -28.68
CA ASN M 568 46.97 -27.30 -29.74
C ASN M 568 47.63 -26.01 -29.25
N LEU M 569 47.03 -25.38 -28.24
CA LEU M 569 47.57 -24.13 -27.72
C LEU M 569 48.73 -24.36 -26.76
N GLY M 570 48.80 -25.55 -26.18
CA GLY M 570 49.93 -25.95 -25.36
C GLY M 570 49.58 -26.10 -23.90
N PHE M 571 50.62 -26.42 -23.14
CA PHE M 571 50.52 -26.43 -21.68
C PHE M 571 50.51 -25.01 -21.12
N ARG M 572 51.33 -24.14 -21.68
CA ARG M 572 51.58 -22.84 -21.08
C ARG M 572 51.28 -21.77 -22.12
N PHE M 573 50.11 -21.16 -21.99
CA PHE M 573 49.68 -20.08 -22.85
C PHE M 573 48.78 -19.19 -22.02
N PRO M 574 48.70 -17.88 -22.31
CA PRO M 574 47.98 -16.99 -21.41
C PRO M 574 46.47 -17.13 -21.47
N CYS M 575 45.91 -17.37 -22.63
CA CYS M 575 44.47 -17.34 -22.88
C CYS M 575 44.23 -17.76 -24.32
N ASP M 576 42.96 -17.76 -24.70
CA ASP M 576 42.56 -17.69 -26.09
C ASP M 576 41.82 -16.37 -26.39
N GLY M 577 42.29 -15.26 -25.85
CA GLY M 577 41.74 -13.97 -26.18
C GLY M 577 40.46 -13.59 -25.48
N PRO M 578 39.98 -12.36 -25.71
CA PRO M 578 38.90 -11.82 -24.87
C PRO M 578 37.53 -12.30 -25.25
N GLY M 579 37.41 -13.03 -26.34
CA GLY M 579 36.10 -13.46 -26.76
C GLY M 579 35.69 -14.74 -26.08
N ARG M 580 34.58 -15.28 -26.61
CA ARG M 580 33.71 -16.26 -25.95
C ARG M 580 33.58 -15.97 -24.45
N GLY M 581 33.26 -14.71 -24.15
CA GLY M 581 33.16 -14.21 -22.80
C GLY M 581 34.44 -13.66 -22.20
N GLY M 582 35.58 -14.30 -22.46
CA GLY M 582 36.89 -14.00 -21.86
C GLY M 582 37.45 -15.32 -21.39
N THR M 583 38.68 -15.62 -21.82
CA THR M 583 39.26 -16.94 -21.60
C THR M 583 40.64 -16.87 -20.98
N CYS M 584 40.87 -15.89 -20.12
CA CYS M 584 42.12 -15.80 -19.38
C CYS M 584 42.27 -17.02 -18.48
N GLN M 585 43.49 -17.53 -18.36
CA GLN M 585 43.85 -18.58 -17.40
C GLN M 585 43.09 -19.88 -17.60
N VAL M 586 43.06 -20.40 -18.82
CA VAL M 586 42.47 -21.70 -19.06
C VAL M 586 43.50 -22.81 -19.14
N SER M 587 44.78 -22.48 -19.23
CA SER M 587 45.81 -23.47 -19.50
C SER M 587 46.09 -24.31 -18.26
N GLY M 588 46.91 -25.35 -18.45
CA GLY M 588 47.33 -26.16 -17.32
C GLY M 588 48.29 -25.42 -16.41
N TRP M 589 49.15 -24.58 -17.01
CA TRP M 589 50.08 -23.75 -16.26
C TRP M 589 49.35 -22.84 -15.30
N ASP M 590 48.24 -22.26 -15.76
CA ASP M 590 47.49 -21.29 -14.97
C ASP M 590 46.74 -21.96 -13.84
N HIS M 591 46.37 -23.22 -14.02
CA HIS M 591 45.78 -23.95 -12.92
C HIS M 591 46.82 -24.29 -11.88
N VAL M 592 48.05 -24.62 -12.31
CA VAL M 592 49.15 -24.78 -11.35
C VAL M 592 49.40 -23.48 -10.61
N PHE M 593 49.37 -22.37 -11.35
CA PHE M 593 49.50 -21.02 -10.81
C PHE M 593 48.52 -20.74 -9.69
N LEU M 594 47.23 -21.00 -9.91
CA LEU M 594 46.23 -20.75 -8.87
C LEU M 594 46.32 -21.78 -7.74
N GLY M 595 46.72 -23.00 -8.09
CA GLY M 595 46.86 -24.04 -7.09
C GLY M 595 48.02 -23.78 -6.16
N LEU M 596 48.99 -22.99 -6.60
CA LEU M 596 50.10 -22.58 -5.74
C LEU M 596 49.63 -21.71 -4.59
N PHE M 597 48.74 -20.74 -4.89
CA PHE M 597 48.14 -19.91 -3.86
C PHE M 597 47.34 -20.74 -2.88
N TRP M 598 46.52 -21.66 -3.40
CA TRP M 598 45.73 -22.46 -2.47
C TRP M 598 46.56 -23.42 -1.64
N MET M 599 47.66 -23.95 -2.20
CA MET M 599 48.61 -24.74 -1.42
C MET M 599 49.25 -23.90 -0.32
N TYR M 600 49.63 -22.67 -0.66
CA TYR M 600 50.17 -21.74 0.33
C TYR M 600 49.19 -21.48 1.46
N ASN M 601 47.93 -21.25 1.11
CA ASN M 601 46.87 -20.98 2.07
C ASN M 601 46.69 -22.14 3.02
N SER M 602 46.54 -23.35 2.44
CA SER M 602 46.37 -24.58 3.20
C SER M 602 47.54 -24.84 4.14
N LEU M 603 48.77 -24.76 3.63
CA LEU M 603 49.90 -25.14 4.46
C LEU M 603 50.18 -24.09 5.51
N SER M 604 49.81 -22.84 5.25
CA SER M 604 49.94 -21.80 6.27
C SER M 604 49.02 -22.08 7.43
N ILE M 605 47.80 -22.54 7.14
CA ILE M 605 46.91 -22.93 8.23
C ILE M 605 47.39 -24.21 8.93
N VAL M 606 48.03 -25.12 8.19
CA VAL M 606 48.56 -26.34 8.81
C VAL M 606 49.66 -26.02 9.81
N ILE M 607 50.60 -25.18 9.42
CA ILE M 607 51.73 -24.90 10.30
C ILE M 607 51.33 -23.94 11.42
N PHE M 608 50.29 -23.11 11.21
CA PHE M 608 49.77 -22.31 12.31
C PHE M 608 49.09 -23.19 13.36
N HIS M 609 48.31 -24.18 12.89
CA HIS M 609 47.71 -25.16 13.78
C HIS M 609 48.76 -25.90 14.60
N PHE M 610 49.81 -26.40 13.94
CA PHE M 610 50.91 -27.04 14.65
C PHE M 610 51.53 -26.13 15.70
N SER M 611 51.85 -24.89 15.32
CA SER M 611 52.55 -23.98 16.22
C SER M 611 51.73 -23.69 17.47
N TRP M 612 50.47 -23.31 17.28
CA TRP M 612 49.67 -22.92 18.44
C TRP M 612 49.18 -24.12 19.22
N LYS M 613 48.92 -25.25 18.57
CA LYS M 613 48.51 -26.45 19.30
C LYS M 613 49.65 -27.01 20.13
N MET M 614 50.86 -27.05 19.58
CA MET M 614 51.98 -27.58 20.31
C MET M 614 52.44 -26.63 21.40
N GLN M 615 52.29 -25.33 21.20
CA GLN M 615 52.68 -24.40 22.26
C GLN M 615 51.63 -24.31 23.35
N SER M 616 50.39 -24.61 23.01
CA SER M 616 49.32 -24.37 23.97
C SER M 616 48.98 -25.62 24.74
N ASP M 617 49.19 -26.79 24.16
CA ASP M 617 48.70 -28.00 24.76
C ASP M 617 49.75 -29.06 25.00
N VAL M 618 50.96 -28.90 24.48
CA VAL M 618 52.02 -29.91 24.61
C VAL M 618 53.26 -29.33 25.27
N TRP M 619 53.90 -28.38 24.61
CA TRP M 619 55.21 -27.90 25.03
C TRP M 619 55.08 -27.06 26.30
N GLY M 620 56.09 -27.16 27.15
CA GLY M 620 56.09 -26.39 28.38
C GLY M 620 56.94 -27.06 29.44
N THR M 621 56.89 -26.50 30.63
CA THR M 621 57.75 -26.92 31.73
C THR M 621 57.01 -27.87 32.65
N VAL M 622 57.75 -28.79 33.26
CA VAL M 622 57.21 -29.74 34.23
C VAL M 622 57.86 -29.47 35.59
N ASP M 623 57.02 -29.25 36.60
CA ASP M 623 57.53 -29.03 37.94
C ASP M 623 57.84 -30.37 38.61
N ALA M 624 58.39 -30.28 39.83
CA ALA M 624 58.66 -31.49 40.60
C ALA M 624 57.37 -32.12 41.11
N ALA M 625 56.31 -31.30 41.24
CA ALA M 625 55.01 -31.85 41.61
C ALA M 625 54.37 -32.61 40.45
N GLY M 626 54.78 -32.33 39.22
CA GLY M 626 54.30 -33.05 38.06
C GLY M 626 53.34 -32.29 37.16
N ASN M 627 52.88 -31.12 37.58
CA ASN M 627 51.95 -30.35 36.76
C ASN M 627 52.68 -29.59 35.66
N VAL M 628 52.04 -29.51 34.49
CA VAL M 628 52.64 -28.95 33.29
C VAL M 628 52.10 -27.55 33.06
N SER M 629 53.00 -26.59 32.93
CA SER M 629 52.65 -25.22 32.57
C SER M 629 53.08 -25.00 31.13
N HIS M 630 52.11 -24.78 30.25
CA HIS M 630 52.44 -24.69 28.83
C HIS M 630 52.90 -23.27 28.47
N ILE M 631 53.32 -23.12 27.22
CA ILE M 631 53.97 -21.89 26.79
C ILE M 631 52.96 -20.75 26.66
N THR M 632 51.83 -21.00 25.99
CA THR M 632 50.79 -20.00 25.90
C THR M 632 49.64 -20.27 26.88
N GLY M 633 49.75 -21.32 27.68
CA GLY M 633 48.88 -21.46 28.83
C GLY M 633 47.55 -22.11 28.57
N GLY M 634 47.47 -22.98 27.56
CA GLY M 634 46.22 -23.68 27.31
C GLY M 634 45.15 -22.84 26.65
N ASN M 635 45.53 -21.78 25.94
CA ASN M 635 44.53 -20.88 25.38
C ASN M 635 43.93 -21.36 24.06
N PHE M 636 44.35 -22.52 23.55
CA PHE M 636 43.90 -22.98 22.26
C PHE M 636 42.42 -23.37 22.28
N ALA M 637 41.91 -23.79 23.44
CA ALA M 637 40.57 -24.38 23.49
C ALA M 637 39.48 -23.32 23.31
N GLN M 638 39.71 -22.12 23.82
CA GLN M 638 38.66 -21.10 23.74
C GLN M 638 38.97 -20.00 22.76
N SER M 639 40.23 -19.82 22.38
CA SER M 639 40.57 -18.72 21.48
C SER M 639 40.61 -19.17 20.04
N ALA M 640 41.03 -20.40 19.77
CA ALA M 640 41.23 -20.83 18.38
C ALA M 640 39.94 -21.16 17.66
N ILE M 641 38.79 -20.89 18.27
CA ILE M 641 37.53 -21.17 17.63
C ILE M 641 36.95 -19.94 16.97
N THR M 642 37.61 -18.80 17.11
CA THR M 642 37.20 -17.59 16.41
C THR M 642 38.36 -17.10 15.58
N ILE M 643 38.04 -16.31 14.55
CA ILE M 643 39.10 -15.70 13.75
C ILE M 643 39.76 -14.56 14.53
N ASN M 644 38.98 -13.87 15.37
CA ASN M 644 39.53 -12.86 16.27
C ASN M 644 40.54 -13.46 17.22
N GLY M 645 40.25 -14.67 17.71
CA GLY M 645 41.16 -15.32 18.62
C GLY M 645 42.47 -15.69 17.96
N TRP M 646 42.43 -16.15 16.71
CA TRP M 646 43.66 -16.35 15.93
C TRP M 646 44.42 -15.05 15.76
N LEU M 647 43.76 -14.00 15.28
CA LEU M 647 44.39 -12.71 15.03
C LEU M 647 45.03 -12.12 16.28
N ARG M 648 44.34 -12.25 17.42
CA ARG M 648 44.82 -11.66 18.66
C ARG M 648 45.83 -12.56 19.34
N ASP M 649 45.42 -13.76 19.73
CA ASP M 649 46.22 -14.58 20.60
C ASP M 649 47.27 -15.39 19.87
N PHE M 650 47.29 -15.36 18.53
CA PHE M 650 48.31 -16.06 17.78
C PHE M 650 49.15 -15.08 16.97
N LEU M 651 48.54 -14.24 16.13
CA LEU M 651 49.36 -13.40 15.27
C LEU M 651 49.80 -12.12 15.97
N TRP M 652 48.94 -11.52 16.78
CA TRP M 652 49.34 -10.30 17.47
C TRP M 652 50.24 -10.64 18.66
N ALA M 653 49.87 -11.67 19.42
CA ALA M 653 50.53 -11.96 20.68
C ALA M 653 51.86 -12.65 20.49
N GLN M 654 51.94 -13.56 19.53
CA GLN M 654 53.20 -14.28 19.38
C GLN M 654 54.18 -13.58 18.45
N ALA M 655 53.75 -12.54 17.73
CA ALA M 655 54.71 -11.76 16.97
C ALA M 655 55.29 -10.62 17.78
N SER M 656 55.19 -10.66 19.10
CA SER M 656 55.83 -9.65 19.94
C SER M 656 57.35 -9.80 19.91
N GLN M 657 57.83 -10.99 19.56
CA GLN M 657 59.26 -11.26 19.67
C GLN M 657 60.02 -10.85 18.43
N VAL M 658 59.33 -10.76 17.28
CA VAL M 658 60.02 -10.41 16.05
C VAL M 658 59.99 -8.91 15.82
N ILE M 659 59.10 -8.20 16.51
CA ILE M 659 59.02 -6.76 16.34
C ILE M 659 59.81 -6.04 17.42
N ASN M 660 60.01 -6.68 18.58
CA ASN M 660 60.76 -6.09 19.66
C ASN M 660 62.21 -6.55 19.64
N SER M 661 62.73 -6.85 18.47
CA SER M 661 64.01 -7.54 18.37
C SER M 661 65.11 -6.71 17.75
N TYR M 662 64.87 -5.43 17.44
CA TYR M 662 65.98 -4.58 17.06
C TYR M 662 66.89 -4.34 18.25
N GLY M 663 68.20 -4.40 18.00
CA GLY M 663 69.15 -4.20 19.06
C GLY M 663 69.46 -5.43 19.87
N SER M 664 68.98 -6.60 19.44
CA SER M 664 69.29 -7.86 20.06
C SER M 664 69.93 -8.76 19.01
N ALA M 665 70.22 -10.00 19.39
CA ALA M 665 70.82 -10.93 18.44
C ALA M 665 69.79 -11.45 17.44
N LEU M 666 68.50 -11.28 17.72
CA LEU M 666 67.44 -11.71 16.82
C LEU M 666 67.00 -10.63 15.86
N SER M 667 67.85 -9.64 15.56
CA SER M 667 67.39 -8.49 14.80
C SER M 667 67.28 -8.79 13.33
N ALA M 668 68.00 -9.79 12.86
CA ALA M 668 67.91 -10.21 11.46
C ALA M 668 66.55 -10.80 11.16
N TYR M 669 65.90 -11.41 12.16
CA TYR M 669 64.57 -11.95 11.91
C TYR M 669 63.52 -10.84 11.83
N GLY M 670 63.69 -9.76 12.59
CA GLY M 670 62.82 -8.61 12.41
C GLY M 670 63.01 -7.95 11.07
N LEU M 671 64.26 -7.86 10.61
CA LEU M 671 64.53 -7.34 9.28
C LEU M 671 63.92 -8.21 8.19
N MET M 672 64.02 -9.54 8.33
CA MET M 672 63.44 -10.45 7.35
C MET M 672 61.92 -10.43 7.39
N PHE M 673 61.35 -10.20 8.57
CA PHE M 673 59.90 -10.06 8.73
C PHE M 673 59.37 -8.88 7.93
N LEU M 674 60.02 -7.73 8.07
CA LEU M 674 59.62 -6.56 7.29
C LEU M 674 59.93 -6.72 5.79
N GLY M 675 61.11 -7.24 5.45
CA GLY M 675 61.46 -7.38 4.04
C GLY M 675 60.63 -8.44 3.34
N ALA M 676 60.13 -9.42 4.08
CA ALA M 676 59.22 -10.38 3.52
C ALA M 676 57.84 -9.78 3.31
N HIS M 677 57.40 -8.91 4.23
CA HIS M 677 56.20 -8.13 3.97
C HIS M 677 56.33 -7.28 2.71
N PHE M 678 57.51 -6.71 2.50
CA PHE M 678 57.80 -5.95 1.29
C PHE M 678 57.66 -6.79 0.03
N VAL M 679 58.25 -7.98 0.03
CA VAL M 679 58.25 -8.82 -1.17
C VAL M 679 56.84 -9.33 -1.47
N TRP M 680 56.09 -9.65 -0.41
CA TRP M 680 54.73 -10.12 -0.58
C TRP M 680 53.85 -9.03 -1.15
N ALA M 681 54.04 -7.79 -0.69
CA ALA M 681 53.27 -6.68 -1.21
C ALA M 681 53.69 -6.34 -2.63
N PHE M 682 54.99 -6.49 -2.93
CA PHE M 682 55.53 -6.23 -4.25
C PHE M 682 54.97 -7.20 -5.28
N SER M 683 54.59 -8.41 -4.84
CA SER M 683 53.94 -9.38 -5.73
C SER M 683 52.63 -8.88 -6.31
N LEU M 684 51.92 -8.02 -5.58
CA LEU M 684 50.58 -7.62 -5.98
C LEU M 684 50.62 -6.66 -7.15
N MET M 685 51.75 -5.96 -7.34
CA MET M 685 51.95 -5.18 -8.57
C MET M 685 51.89 -6.06 -9.80
N PHE M 686 52.45 -7.25 -9.72
CA PHE M 686 52.46 -8.14 -10.88
C PHE M 686 51.14 -8.90 -10.99
N LEU M 687 50.59 -9.32 -9.86
CA LEU M 687 49.40 -10.16 -9.90
C LEU M 687 48.17 -9.37 -10.31
N PHE M 688 48.10 -8.09 -9.94
CA PHE M 688 46.86 -7.36 -10.19
C PHE M 688 46.89 -6.64 -11.54
N SER M 689 48.08 -6.38 -12.08
CA SER M 689 48.16 -5.59 -13.29
C SER M 689 48.25 -6.49 -14.51
N GLY M 690 48.52 -5.85 -15.65
CA GLY M 690 48.73 -6.57 -16.88
C GLY M 690 49.67 -5.81 -17.80
N ARG M 691 50.16 -6.51 -18.82
CA ARG M 691 51.38 -6.07 -19.47
C ARG M 691 51.14 -5.00 -20.53
N GLY M 692 49.89 -4.75 -20.91
CA GLY M 692 49.62 -3.68 -21.87
C GLY M 692 49.93 -2.32 -21.30
N TYR M 693 49.57 -2.10 -20.03
CA TYR M 693 50.00 -0.92 -19.29
C TYR M 693 51.52 -0.77 -19.30
N TRP M 694 52.23 -1.85 -18.99
CA TRP M 694 53.66 -1.74 -18.75
C TRP M 694 54.39 -1.55 -20.07
N GLN M 695 53.90 -2.17 -21.13
CA GLN M 695 54.48 -1.95 -22.44
C GLN M 695 54.26 -0.52 -22.91
N GLU M 696 53.08 0.04 -22.62
CA GLU M 696 52.85 1.43 -22.99
C GLU M 696 53.66 2.40 -22.14
N LEU M 697 54.04 2.01 -20.92
CA LEU M 697 54.92 2.86 -20.13
C LEU M 697 56.36 2.79 -20.65
N ILE M 698 56.78 1.59 -21.05
CA ILE M 698 58.10 1.39 -21.64
C ILE M 698 58.22 2.15 -22.96
N GLU M 699 57.11 2.35 -23.68
CA GLU M 699 57.13 3.18 -24.89
C GLU M 699 57.60 4.61 -24.62
N SER M 700 57.15 5.22 -23.53
CA SER M 700 57.57 6.58 -23.23
C SER M 700 58.99 6.62 -22.69
N ILE M 701 59.39 5.58 -21.94
CA ILE M 701 60.77 5.52 -21.49
C ILE M 701 61.73 5.32 -22.66
N VAL M 702 61.32 4.49 -23.64
CA VAL M 702 62.10 4.27 -24.85
C VAL M 702 62.17 5.54 -25.69
N TRP M 703 61.08 6.33 -25.70
CA TRP M 703 61.13 7.67 -26.29
C TRP M 703 62.22 8.51 -25.64
N ALA M 704 62.27 8.52 -24.31
CA ALA M 704 63.22 9.38 -23.61
C ALA M 704 64.65 8.91 -23.82
N HIS M 705 64.81 7.65 -24.18
CA HIS M 705 66.12 7.13 -24.55
C HIS M 705 66.48 7.43 -26.00
N ASN M 706 65.51 7.31 -26.90
CA ASN M 706 65.74 7.65 -28.31
C ASN M 706 66.05 9.13 -28.47
N LYS M 707 65.51 9.96 -27.57
CA LYS M 707 65.84 11.37 -27.58
C LYS M 707 67.32 11.60 -27.25
N LEU M 708 67.82 10.96 -26.20
CA LEU M 708 69.21 11.14 -25.79
C LEU M 708 70.16 10.16 -26.45
N LYS M 709 69.70 9.42 -27.46
CA LYS M 709 70.51 8.48 -28.25
C LYS M 709 71.11 7.37 -27.40
N VAL M 710 70.42 6.97 -26.33
CA VAL M 710 70.89 5.82 -25.56
C VAL M 710 69.84 4.75 -25.69
N ALA M 711 69.87 3.99 -26.77
CA ALA M 711 68.77 3.07 -26.96
C ALA M 711 69.32 1.70 -27.29
N PRO M 712 68.88 0.66 -26.59
CA PRO M 712 69.43 -0.67 -26.84
C PRO M 712 68.89 -1.26 -28.13
N ALA M 713 69.72 -2.05 -28.80
CA ALA M 713 69.25 -2.78 -29.97
C ALA M 713 68.34 -3.92 -29.55
N ILE M 714 68.59 -4.48 -28.37
CA ILE M 714 67.66 -5.40 -27.74
C ILE M 714 66.51 -4.56 -27.21
N GLN M 715 65.38 -4.63 -27.91
CA GLN M 715 64.25 -3.77 -27.64
C GLN M 715 63.64 -4.05 -26.27
N PRO M 716 63.44 -3.03 -25.44
CA PRO M 716 62.79 -3.24 -24.15
C PRO M 716 61.34 -3.63 -24.33
N ARG M 717 60.98 -4.78 -23.76
CA ARG M 717 59.61 -5.25 -23.78
C ARG M 717 59.15 -5.47 -22.36
N ALA M 718 57.86 -5.35 -22.16
CA ALA M 718 57.28 -5.78 -20.90
C ALA M 718 57.29 -7.30 -20.84
N LEU M 719 57.16 -7.82 -19.62
CA LEU M 719 57.10 -9.26 -19.41
C LEU M 719 55.87 -9.84 -20.11
N SER M 720 55.92 -11.13 -20.39
CA SER M 720 54.76 -11.75 -20.97
C SER M 720 53.66 -11.89 -19.92
N ILE M 721 52.48 -12.33 -20.37
CA ILE M 721 51.36 -12.53 -19.46
C ILE M 721 51.68 -13.65 -18.48
N THR M 722 52.19 -14.76 -19.00
CA THR M 722 52.57 -15.88 -18.15
C THR M 722 53.73 -15.52 -17.23
N GLN M 723 54.68 -14.71 -17.71
CA GLN M 723 55.76 -14.31 -16.82
C GLN M 723 55.28 -13.35 -15.74
N GLY M 724 54.34 -12.47 -16.08
CA GLY M 724 53.71 -11.65 -15.05
C GLY M 724 53.06 -12.49 -13.96
N ARG M 725 52.36 -13.54 -14.36
CA ARG M 725 51.76 -14.45 -13.39
C ARG M 725 52.82 -15.21 -12.58
N ALA M 726 53.90 -15.66 -13.24
CA ALA M 726 54.92 -16.44 -12.57
C ALA M 726 55.69 -15.61 -11.56
N VAL M 727 56.10 -14.40 -11.95
CA VAL M 727 56.78 -13.47 -11.05
C VAL M 727 55.90 -13.10 -9.88
N GLY M 728 54.60 -12.88 -10.13
CA GLY M 728 53.71 -12.50 -9.06
C GLY M 728 53.51 -13.59 -8.03
N VAL M 729 53.30 -14.84 -8.49
CA VAL M 729 53.11 -15.93 -7.55
C VAL M 729 54.43 -16.28 -6.85
N ALA M 730 55.56 -16.03 -7.51
CA ALA M 730 56.85 -16.32 -6.87
C ALA M 730 57.13 -15.36 -5.73
N HIS M 731 56.86 -14.07 -5.93
CA HIS M 731 57.03 -13.13 -4.83
C HIS M 731 55.96 -13.29 -3.77
N TYR M 732 54.76 -13.73 -4.17
CA TYR M 732 53.71 -13.99 -3.20
C TYR M 732 54.13 -15.12 -2.27
N LEU M 733 54.65 -16.21 -2.84
CA LEU M 733 55.12 -17.34 -2.04
C LEU M 733 56.37 -16.99 -1.24
N LEU M 734 57.33 -16.28 -1.85
CA LEU M 734 58.56 -15.92 -1.16
C LEU M 734 58.28 -15.01 0.03
N GLY M 735 57.48 -13.97 -0.18
CA GLY M 735 57.15 -13.06 0.90
C GLY M 735 56.31 -13.69 1.99
N GLY M 736 55.24 -14.41 1.60
CA GLY M 736 54.37 -15.02 2.58
C GLY M 736 55.03 -16.12 3.39
N ILE M 737 55.94 -16.88 2.77
CA ILE M 737 56.57 -17.95 3.52
C ILE M 737 57.72 -17.42 4.35
N ALA M 738 58.41 -16.36 3.88
CA ALA M 738 59.53 -15.83 4.66
C ALA M 738 59.04 -15.02 5.85
N THR M 739 57.84 -14.45 5.76
CA THR M 739 57.23 -13.83 6.94
C THR M 739 56.98 -14.85 8.04
N THR M 740 56.38 -15.98 7.67
CA THR M 740 56.09 -17.04 8.62
C THR M 740 57.38 -17.64 9.17
N TRP M 741 58.40 -17.72 8.32
CA TRP M 741 59.72 -18.15 8.73
C TRP M 741 60.30 -17.27 9.83
N ALA M 742 60.35 -15.96 9.58
CA ALA M 742 60.94 -15.03 10.55
C ALA M 742 60.12 -14.94 11.83
N PHE M 743 58.80 -15.04 11.70
CA PHE M 743 57.90 -15.07 12.85
C PHE M 743 58.10 -16.31 13.71
N PHE M 744 58.08 -17.50 13.09
CA PHE M 744 58.29 -18.75 13.82
C PHE M 744 59.64 -18.76 14.49
N HIS M 745 60.68 -18.34 13.77
CA HIS M 745 62.03 -18.33 14.32
C HIS M 745 62.17 -17.42 15.52
N ALA M 746 61.76 -16.15 15.40
CA ALA M 746 62.01 -15.23 16.51
C ALA M 746 61.17 -15.60 17.72
N HIS M 747 59.93 -16.04 17.49
CA HIS M 747 59.07 -16.44 18.59
C HIS M 747 59.58 -17.70 19.30
N ILE M 748 60.00 -18.72 18.55
CA ILE M 748 60.36 -19.98 19.20
C ILE M 748 61.79 -19.94 19.70
N LEU M 749 62.62 -19.03 19.18
CA LEU M 749 63.95 -18.89 19.74
C LEU M 749 63.92 -18.02 20.99
N SER M 750 62.83 -17.29 21.19
CA SER M 750 62.66 -16.62 22.47
C SER M 750 61.99 -17.52 23.51
N VAL M 751 60.83 -18.10 23.19
CA VAL M 751 60.04 -18.77 24.22
C VAL M 751 60.30 -20.26 24.29
N GLY M 752 61.06 -20.82 23.35
CA GLY M 752 61.36 -22.24 23.37
C GLY M 752 62.66 -22.58 24.06
N ALA N 14 61.28 27.92 -33.41
CA ALA N 14 61.29 29.37 -33.49
C ALA N 14 61.89 29.97 -32.23
N LYS N 15 62.28 31.25 -32.32
CA LYS N 15 62.94 32.05 -31.28
C LYS N 15 64.19 31.36 -30.74
N PRO N 16 65.31 31.37 -31.47
CA PRO N 16 66.55 30.73 -30.96
C PRO N 16 67.11 31.34 -29.68
N PRO N 17 66.91 32.66 -29.38
CA PRO N 17 67.22 33.06 -27.99
C PRO N 17 66.19 32.59 -26.98
N TYR N 18 64.95 32.28 -27.40
CA TYR N 18 63.84 31.88 -26.53
C TYR N 18 63.56 32.93 -25.46
N THR N 19 63.27 34.16 -25.89
CA THR N 19 63.34 35.29 -24.97
C THR N 19 62.12 35.39 -24.06
N PHE N 20 61.01 34.78 -24.46
CA PHE N 20 59.79 34.94 -23.66
C PHE N 20 59.71 33.89 -22.56
N ARG N 21 59.98 32.64 -22.90
CA ARG N 21 59.89 31.58 -21.90
C ARG N 21 61.03 31.64 -20.89
N THR N 22 62.16 32.23 -21.26
CA THR N 22 63.26 32.34 -20.32
C THR N 22 63.16 33.62 -19.51
N GLY N 23 62.29 34.54 -19.92
CA GLY N 23 61.99 35.68 -19.07
C GLY N 23 61.20 35.27 -17.84
N TRP N 24 60.19 34.42 -18.03
CA TRP N 24 59.39 33.96 -16.91
C TRP N 24 60.14 32.93 -16.08
N ALA N 25 61.02 32.16 -16.71
CA ALA N 25 61.84 31.20 -15.96
C ALA N 25 62.85 31.93 -15.08
N LEU N 26 63.47 32.99 -15.61
CA LEU N 26 64.37 33.80 -14.80
C LEU N 26 63.62 34.57 -13.73
N LEU N 27 62.36 34.95 -14.00
CA LEU N 27 61.56 35.61 -12.98
C LEU N 27 61.21 34.66 -11.82
N LEU N 28 60.81 33.43 -12.14
CA LEU N 28 60.54 32.44 -11.10
C LEU N 28 61.80 32.07 -10.34
N LEU N 29 62.93 32.00 -11.04
CA LEU N 29 64.19 31.70 -10.37
C LEU N 29 64.64 32.87 -9.50
N ALA N 30 64.30 34.10 -9.88
CA ALA N 30 64.64 35.26 -9.06
C ALA N 30 63.76 35.33 -7.81
N VAL N 31 62.49 34.95 -7.93
CA VAL N 31 61.63 34.85 -6.75
C VAL N 31 62.12 33.75 -5.82
N ASN N 32 62.64 32.66 -6.40
CA ASN N 32 63.27 31.60 -5.62
C ASN N 32 64.51 32.09 -4.88
N PHE N 33 65.37 32.86 -5.55
CA PHE N 33 66.54 33.41 -4.87
C PHE N 33 66.14 34.46 -3.83
N LEU N 34 65.01 35.12 -4.03
CA LEU N 34 64.54 36.07 -3.02
C LEU N 34 64.10 35.36 -1.75
N VAL N 35 63.36 34.26 -1.89
CA VAL N 35 62.94 33.48 -0.72
C VAL N 35 64.16 32.86 -0.05
N ALA N 36 65.15 32.43 -0.84
CA ALA N 36 66.38 31.89 -0.25
C ALA N 36 67.21 32.97 0.42
N ALA N 37 67.12 34.21 -0.08
CA ALA N 37 67.82 35.32 0.57
C ALA N 37 67.17 35.67 1.90
N TYR N 38 65.86 35.50 1.99
CA TYR N 38 65.23 35.60 3.32
C TYR N 38 65.59 34.40 4.19
N TYR N 39 65.88 33.25 3.57
CA TYR N 39 66.19 32.05 4.34
C TYR N 39 67.54 32.14 5.02
N PHE N 40 68.56 32.57 4.30
CA PHE N 40 69.90 32.67 4.86
C PHE N 40 70.17 33.98 5.57
N HIS N 41 69.12 34.75 5.87
CA HIS N 41 69.16 36.02 6.59
C HIS N 41 70.06 37.05 5.90
N ILE N 42 70.11 37.04 4.57
CA ILE N 42 70.80 38.09 3.84
C ILE N 42 69.97 39.35 3.84
N ILE N 43 68.67 39.22 3.60
CA ILE N 43 67.72 40.31 3.65
C ILE N 43 66.83 40.13 4.87
N GLN N 44 66.82 41.12 5.75
CA GLN N 44 65.98 41.04 6.94
C GLN N 44 65.23 42.34 7.17
N ALA O 2 15.87 -3.05 -25.52
CA ALA O 2 14.93 -3.54 -26.53
C ALA O 2 13.57 -3.83 -25.94
N THR O 3 13.02 -5.00 -26.23
CA THR O 3 11.71 -5.39 -25.71
C THR O 3 11.75 -5.83 -24.26
N LYS O 4 12.95 -5.82 -23.67
CA LYS O 4 13.14 -6.20 -22.27
C LYS O 4 14.27 -5.42 -21.62
N PHE O 5 14.35 -5.52 -20.30
CA PHE O 5 15.37 -4.85 -19.52
C PHE O 5 16.78 -5.31 -19.90
N PRO O 6 17.83 -4.40 -19.99
CA PRO O 6 17.52 -2.98 -19.75
C PRO O 6 16.92 -2.31 -20.99
N LYS O 7 16.02 -1.37 -20.78
CA LYS O 7 15.38 -0.65 -21.88
C LYS O 7 16.28 0.28 -22.70
N PHE O 8 17.38 0.71 -22.13
CA PHE O 8 18.27 1.67 -22.78
C PHE O 8 19.31 0.99 -23.66
N SER O 9 19.28 -0.33 -23.80
CA SER O 9 20.28 -1.03 -24.59
C SER O 9 19.66 -2.26 -25.24
N GLN O 10 19.43 -2.18 -26.55
CA GLN O 10 18.96 -3.34 -27.31
C GLN O 10 20.01 -4.44 -27.37
N ASP O 11 21.30 -4.06 -27.27
CA ASP O 11 22.36 -5.06 -27.30
C ASP O 11 22.40 -5.85 -26.00
N LEU O 12 22.22 -5.18 -24.86
CA LEU O 12 22.19 -5.89 -23.59
C LEU O 12 20.89 -6.67 -23.43
N ALA O 13 19.79 -6.15 -23.96
CA ALA O 13 18.49 -6.79 -23.74
C ALA O 13 18.39 -8.12 -24.46
N GLN O 14 19.23 -8.32 -25.47
CA GLN O 14 19.22 -9.56 -26.24
C GLN O 14 20.28 -10.54 -25.76
N ASP O 15 21.07 -10.15 -24.76
CA ASP O 15 22.03 -11.05 -24.13
C ASP O 15 21.28 -12.18 -23.42
N PRO O 16 21.56 -13.44 -23.74
CA PRO O 16 20.85 -14.55 -23.09
C PRO O 16 21.42 -14.96 -21.74
N THR O 17 22.48 -14.31 -21.27
CA THR O 17 23.20 -14.77 -20.10
C THR O 17 23.00 -13.82 -18.92
N THR O 18 23.58 -14.17 -17.77
CA THR O 18 23.47 -13.35 -16.56
C THR O 18 24.30 -12.08 -16.64
N ARG O 19 25.13 -11.95 -17.68
CA ARG O 19 25.89 -10.73 -17.95
C ARG O 19 24.99 -9.53 -18.23
N ARG O 20 23.81 -9.79 -18.81
CA ARG O 20 22.79 -8.78 -19.09
C ARG O 20 22.46 -7.96 -17.86
N ILE O 21 22.32 -8.63 -16.71
CA ILE O 21 21.93 -7.96 -15.47
C ILE O 21 23.07 -7.07 -14.95
N TRP O 22 24.31 -7.60 -14.97
CA TRP O 22 25.44 -6.87 -14.41
C TRP O 22 25.78 -5.64 -15.24
N TYR O 23 25.81 -5.79 -16.57
CA TYR O 23 26.11 -4.63 -17.38
C TYR O 23 24.95 -3.66 -17.44
N ALA O 24 23.72 -4.13 -17.23
CA ALA O 24 22.62 -3.18 -17.11
C ALA O 24 22.78 -2.31 -15.89
N MET O 25 23.18 -2.92 -14.76
CA MET O 25 23.48 -2.13 -13.55
C MET O 25 24.63 -1.15 -13.79
N ALA O 26 25.67 -1.57 -14.50
CA ALA O 26 26.88 -0.75 -14.56
C ALA O 26 26.81 0.29 -15.67
N MET O 27 25.79 0.24 -16.51
CA MET O 27 25.60 1.25 -17.54
C MET O 27 24.34 2.07 -17.32
N GLY O 28 23.75 2.01 -16.13
CA GLY O 28 22.49 2.69 -15.89
C GLY O 28 22.65 4.19 -15.80
N ASN O 29 23.76 4.66 -15.25
CA ASN O 29 23.98 6.09 -15.13
C ASN O 29 24.78 6.68 -16.27
N ASP O 30 25.19 5.86 -17.22
CA ASP O 30 25.92 6.35 -18.38
C ASP O 30 24.89 6.75 -19.42
N PHE O 31 24.37 7.98 -19.31
CA PHE O 31 23.23 8.41 -20.10
C PHE O 31 23.59 8.53 -21.57
N GLU O 32 24.87 8.78 -21.88
CA GLU O 32 25.31 8.96 -23.25
C GLU O 32 25.21 7.67 -24.05
N SER O 33 25.39 6.54 -23.40
CA SER O 33 25.35 5.28 -24.11
C SER O 33 23.96 4.69 -24.17
N HIS O 34 22.96 5.38 -23.64
CA HIS O 34 21.60 4.91 -23.75
C HIS O 34 21.13 5.05 -25.20
N ASP O 35 20.24 4.14 -25.61
CA ASP O 35 19.80 4.12 -26.99
C ASP O 35 18.88 5.29 -27.28
N GLY O 36 19.06 5.90 -28.44
CA GLY O 36 18.21 6.99 -28.86
C GLY O 36 18.44 8.25 -28.08
N MET O 37 19.62 8.42 -27.53
CA MET O 37 19.94 9.57 -26.69
C MET O 37 20.45 10.69 -27.57
N THR O 38 19.76 11.82 -27.54
CA THR O 38 20.23 13.04 -28.17
C THR O 38 20.98 13.86 -27.15
N GLU O 39 21.49 15.01 -27.59
CA GLU O 39 22.27 15.85 -26.69
C GLU O 39 21.37 16.69 -25.80
N GLU O 40 20.25 17.15 -26.35
CA GLU O 40 19.32 17.95 -25.56
C GLU O 40 18.66 17.13 -24.48
N ASN O 41 18.22 15.91 -24.83
CA ASN O 41 17.65 14.99 -23.84
C ASN O 41 18.68 14.59 -22.80
N LEU O 42 19.96 14.53 -23.21
CA LEU O 42 21.05 14.27 -22.27
C LEU O 42 21.13 15.34 -21.20
N TYR O 43 21.23 16.61 -21.61
CA TYR O 43 21.32 17.71 -20.65
C TYR O 43 20.08 17.85 -19.78
N GLN O 44 18.90 17.60 -20.35
CA GLN O 44 17.67 17.71 -19.58
C GLN O 44 17.57 16.61 -18.52
N LYS O 45 17.93 15.38 -18.90
CA LYS O 45 17.94 14.28 -17.95
C LYS O 45 18.96 14.50 -16.85
N ILE O 46 20.13 15.05 -17.20
CA ILE O 46 21.15 15.31 -16.20
C ILE O 46 20.68 16.37 -15.21
N PHE O 47 20.03 17.43 -15.71
CA PHE O 47 19.50 18.49 -14.85
C PHE O 47 18.49 17.94 -13.84
N ALA O 48 17.63 17.03 -14.29
CA ALA O 48 16.67 16.42 -13.38
C ALA O 48 17.33 15.48 -12.37
N THR O 49 18.37 14.74 -12.79
CA THR O 49 19.05 13.89 -11.82
C THR O 49 19.87 14.70 -10.84
N HIS O 50 20.32 15.88 -11.24
CA HIS O 50 20.94 16.80 -10.30
C HIS O 50 19.98 17.17 -9.19
N PHE O 51 18.74 17.51 -9.53
CA PHE O 51 17.74 17.84 -8.51
C PHE O 51 17.46 16.67 -7.58
N GLY O 52 17.33 15.47 -8.15
CA GLY O 52 17.03 14.31 -7.33
C GLY O 52 18.17 13.94 -6.40
N HIS O 53 19.40 14.07 -6.91
CA HIS O 53 20.58 13.85 -6.10
C HIS O 53 20.68 14.85 -4.96
N LEU O 54 20.38 16.11 -5.28
CA LEU O 54 20.46 17.17 -4.29
C LEU O 54 19.45 16.94 -3.18
N ALA O 55 18.27 16.43 -3.54
CA ALA O 55 17.28 16.03 -2.57
C ALA O 55 17.76 14.89 -1.70
N ILE O 56 18.53 13.95 -2.27
CA ILE O 56 19.11 12.87 -1.47
C ILE O 56 20.06 13.41 -0.41
N ILE O 57 20.87 14.41 -0.78
CA ILE O 57 21.74 15.09 0.20
C ILE O 57 20.92 15.74 1.32
N PHE O 58 19.85 16.46 0.97
CA PHE O 58 19.14 17.19 2.02
C PHE O 58 18.32 16.27 2.92
N LEU O 59 17.79 15.16 2.38
CA LEU O 59 17.15 14.14 3.21
C LEU O 59 18.15 13.48 4.15
N TRP O 60 19.39 13.29 3.70
CA TRP O 60 20.46 12.79 4.55
C TRP O 60 20.79 13.73 5.71
N ALA O 61 20.87 15.03 5.44
CA ALA O 61 21.13 15.97 6.54
C ALA O 61 19.96 16.04 7.50
N SER O 62 18.73 15.93 6.97
CA SER O 62 17.54 15.81 7.79
C SER O 62 17.59 14.61 8.71
N SER O 63 18.10 13.48 8.21
CA SER O 63 18.30 12.29 9.03
C SER O 63 19.23 12.54 10.20
N LEU O 64 20.34 13.27 9.94
CA LEU O 64 21.27 13.58 11.02
C LEU O 64 20.59 14.35 12.15
N LEU O 65 19.85 15.39 11.76
CA LEU O 65 19.14 16.21 12.75
C LEU O 65 18.05 15.42 13.47
N PHE O 66 17.34 14.55 12.75
CA PHE O 66 16.24 13.81 13.37
C PHE O 66 16.74 12.79 14.39
N HIS O 67 17.84 12.10 14.09
CA HIS O 67 18.27 11.08 15.04
C HIS O 67 18.98 11.66 16.23
N VAL O 68 19.65 12.80 16.06
CA VAL O 68 20.18 13.45 17.24
C VAL O 68 19.04 14.00 18.08
N ALA O 69 18.00 14.53 17.45
CA ALA O 69 16.90 15.16 18.20
C ALA O 69 16.07 14.12 18.94
N TRP O 70 15.83 12.97 18.32
CA TRP O 70 14.91 12.00 18.88
C TRP O 70 15.62 10.99 19.79
N GLN O 71 16.90 10.77 19.55
CA GLN O 71 17.61 9.68 20.18
C GLN O 71 18.94 10.09 20.83
N GLY O 72 19.46 11.27 20.53
CA GLY O 72 20.74 11.68 21.04
C GLY O 72 20.67 12.25 22.43
N ASN O 73 21.79 12.83 22.85
CA ASN O 73 21.89 13.49 24.14
C ASN O 73 22.38 14.92 23.98
N PHE O 74 21.85 15.63 23.00
CA PHE O 74 22.41 16.93 22.61
C PHE O 74 22.23 17.96 23.71
N GLU O 75 21.05 17.99 24.33
CA GLU O 75 20.80 18.95 25.42
C GLU O 75 21.62 18.63 26.65
N GLN O 76 21.89 17.35 26.92
CA GLN O 76 22.81 17.00 27.99
C GLN O 76 24.25 17.29 27.59
N TRP O 77 24.54 17.30 26.30
CA TRP O 77 25.89 17.53 25.83
C TRP O 77 26.23 19.01 25.86
N ILE O 78 25.22 19.88 25.87
CA ILE O 78 25.43 21.33 25.93
C ILE O 78 26.16 21.71 27.20
N LYS O 79 25.76 21.15 28.33
CA LYS O 79 26.26 21.63 29.60
C LYS O 79 27.64 21.07 29.91
N ASP O 80 28.13 20.13 29.10
CA ASP O 80 29.46 19.56 29.29
C ASP O 80 29.95 18.95 27.98
N PRO O 81 30.47 19.76 27.04
CA PRO O 81 30.96 19.18 25.78
C PRO O 81 32.26 18.41 25.91
N LEU O 82 32.95 18.50 27.05
CA LEU O 82 34.25 17.86 27.18
C LEU O 82 34.14 16.48 27.80
N HIS O 83 33.09 16.21 28.56
CA HIS O 83 33.01 14.96 29.31
C HIS O 83 31.82 14.09 28.92
N VAL O 84 30.95 14.55 28.04
CA VAL O 84 29.77 13.82 27.63
C VAL O 84 30.00 13.30 26.21
N ARG O 85 29.71 12.03 25.99
CA ARG O 85 29.85 11.43 24.68
C ARG O 85 28.61 11.72 23.84
N PRO O 86 28.76 12.17 22.60
CA PRO O 86 27.59 12.41 21.76
C PRO O 86 26.98 11.10 21.31
N ILE O 87 25.69 11.12 21.02
CA ILE O 87 25.00 9.92 20.57
C ILE O 87 24.62 10.10 19.10
N ALA O 88 24.95 9.09 18.29
CA ALA O 88 24.55 9.08 16.90
C ALA O 88 23.07 8.77 16.77
N HIS O 89 22.65 7.59 17.20
CA HIS O 89 21.28 7.14 17.12
C HIS O 89 21.16 5.96 18.06
N ALA O 90 19.98 5.38 18.13
CA ALA O 90 19.79 4.24 18.98
C ALA O 90 20.14 2.96 18.22
N ILE O 91 20.33 1.90 18.97
CA ILE O 91 20.50 0.57 18.39
C ILE O 91 19.23 -0.20 18.67
N TRP O 92 18.70 -0.84 17.64
CA TRP O 92 17.65 -1.83 17.82
C TRP O 92 18.13 -3.03 17.03
N ASP O 93 18.64 -4.03 17.73
CA ASP O 93 19.19 -5.22 17.09
C ASP O 93 18.82 -6.43 17.92
N PRO O 94 18.00 -7.34 17.39
CA PRO O 94 17.58 -8.51 18.17
C PRO O 94 18.68 -9.55 18.32
N HIS O 95 19.79 -9.38 17.61
CA HIS O 95 20.89 -10.32 17.68
C HIS O 95 21.75 -10.09 18.89
N PHE O 96 21.68 -8.91 19.49
CA PHE O 96 22.45 -8.62 20.68
C PHE O 96 22.05 -9.54 21.82
N GLY O 97 23.02 -10.15 22.44
CA GLY O 97 22.80 -10.72 23.74
C GLY O 97 22.78 -9.67 24.80
N LYS O 98 22.41 -10.09 26.01
CA LYS O 98 22.36 -9.17 27.14
C LYS O 98 23.71 -8.53 27.52
N PRO O 99 24.88 -9.21 27.47
CA PRO O 99 26.13 -8.46 27.63
C PRO O 99 26.40 -7.41 26.57
N ALA O 100 25.99 -7.64 25.32
CA ALA O 100 26.15 -6.60 24.31
C ALA O 100 25.25 -5.40 24.57
N ILE O 101 23.98 -5.65 24.92
CA ILE O 101 23.04 -4.58 25.25
C ILE O 101 23.55 -3.76 26.43
N GLU O 102 24.16 -4.44 27.40
CA GLU O 102 24.81 -3.73 28.50
C GLU O 102 26.01 -2.94 28.04
N ALA O 103 26.77 -3.46 27.08
CA ALA O 103 28.00 -2.81 26.65
C ALA O 103 27.72 -1.56 25.82
N PHE O 104 26.58 -1.52 25.12
CA PHE O 104 26.30 -0.32 24.33
C PHE O 104 25.35 0.63 25.01
N THR O 105 24.85 0.31 26.20
CA THR O 105 24.10 1.27 27.00
C THR O 105 25.11 2.22 27.61
N GLN O 106 25.45 3.26 26.87
CA GLN O 106 26.56 4.14 27.21
C GLN O 106 26.11 5.57 27.03
N ALA O 107 26.99 6.49 27.44
CA ALA O 107 26.81 7.95 27.33
C ALA O 107 25.55 8.42 28.05
N GLY O 108 25.16 7.74 29.12
CA GLY O 108 24.00 8.12 29.88
C GLY O 108 22.68 7.89 29.16
N ALA O 109 22.62 6.89 28.29
CA ALA O 109 21.42 6.60 27.52
C ALA O 109 20.61 5.53 28.20
N ASN O 110 19.34 5.42 27.80
CA ASN O 110 18.45 4.45 28.41
C ASN O 110 18.69 3.06 27.85
N GLY O 111 19.07 2.97 26.59
CA GLY O 111 19.31 1.69 25.95
C GLY O 111 20.63 1.67 25.20
N PRO O 112 20.82 0.67 24.34
CA PRO O 112 22.04 0.61 23.54
C PRO O 112 22.06 1.67 22.45
N VAL O 113 23.17 2.39 22.36
CA VAL O 113 23.31 3.48 21.39
C VAL O 113 24.69 3.41 20.76
N ASN O 114 24.83 4.12 19.66
CA ASN O 114 26.10 4.36 18.99
C ASN O 114 26.60 5.74 19.37
N ILE O 115 27.91 5.88 19.54
CA ILE O 115 28.50 7.19 19.75
C ILE O 115 28.75 7.86 18.41
N ALA O 116 28.40 9.14 18.29
CA ALA O 116 28.64 9.89 17.07
C ALA O 116 30.07 10.36 17.03
N TYR O 117 30.74 10.17 15.89
CA TYR O 117 32.09 10.68 15.70
C TYR O 117 32.19 11.64 14.53
N SER O 118 31.08 12.16 14.05
CA SER O 118 31.10 13.06 12.91
C SER O 118 31.18 14.53 13.30
N GLY O 119 31.18 14.83 14.59
CA GLY O 119 31.26 16.19 15.07
C GLY O 119 30.05 17.06 14.81
N VAL O 120 28.89 16.46 14.52
CA VAL O 120 27.68 17.27 14.28
C VAL O 120 27.21 17.99 15.53
N TYR O 121 27.56 17.50 16.73
CA TYR O 121 27.17 18.24 17.93
C TYR O 121 27.96 19.52 18.06
N HIS O 122 29.26 19.48 17.80
CA HIS O 122 30.11 20.65 17.89
C HIS O 122 29.71 21.69 16.85
N TRP O 123 29.28 21.23 15.67
CA TRP O 123 28.88 22.15 14.62
C TRP O 123 27.53 22.77 14.91
N TRP O 124 26.58 21.98 15.40
CA TRP O 124 25.26 22.54 15.68
C TRP O 124 25.28 23.42 16.91
N TYR O 125 26.17 23.11 17.86
CA TYR O 125 26.29 23.94 19.05
C TYR O 125 27.00 25.24 18.74
N THR O 126 27.96 25.21 17.82
CA THR O 126 28.69 26.41 17.47
C THR O 126 27.81 27.40 16.72
N ILE O 127 26.92 26.91 15.87
CA ILE O 127 26.15 27.81 15.01
C ILE O 127 24.83 28.20 15.65
N GLY O 128 24.62 27.81 16.90
CA GLY O 128 23.58 28.42 17.71
C GLY O 128 22.47 27.53 18.19
N MET O 129 22.49 26.24 17.85
CA MET O 129 21.41 25.35 18.26
C MET O 129 21.61 24.90 19.69
N ARG O 130 20.51 24.83 20.45
CA ARG O 130 20.58 24.61 21.88
C ARG O 130 19.61 23.56 22.40
N THR O 131 18.53 23.28 21.68
CA THR O 131 17.50 22.36 22.14
C THR O 131 17.25 21.28 21.10
N ASN O 132 16.48 20.27 21.49
CA ASN O 132 16.14 19.19 20.58
C ASN O 132 15.06 19.63 19.61
N THR O 133 14.25 20.61 20.00
CA THR O 133 13.20 21.10 19.12
C THR O 133 13.78 21.90 17.97
N GLU O 134 14.91 22.58 18.19
CA GLU O 134 15.58 23.30 17.11
C GLU O 134 16.14 22.34 16.08
N LEU O 135 16.71 21.21 16.54
CA LEU O 135 17.15 20.15 15.65
C LEU O 135 15.97 19.53 14.90
N TYR O 136 14.82 19.42 15.58
CA TYR O 136 13.63 18.88 14.97
C TYR O 136 13.11 19.78 13.85
N THR O 137 13.05 21.09 14.09
CA THR O 137 12.55 22.00 13.08
C THR O 137 13.52 22.11 11.92
N GLY O 138 14.82 21.96 12.21
CA GLY O 138 15.79 21.83 11.13
C GLY O 138 15.54 20.62 10.25
N SER O 139 15.26 19.46 10.86
CA SER O 139 15.05 18.26 10.06
C SER O 139 13.76 18.31 9.26
N VAL O 140 12.68 18.89 9.82
CA VAL O 140 11.43 19.02 9.06
C VAL O 140 11.58 20.05 7.93
N PHE O 141 12.34 21.13 8.19
CA PHE O 141 12.63 22.08 7.13
C PHE O 141 13.43 21.45 6.00
N LEU O 142 14.35 20.55 6.33
CA LEU O 142 15.10 19.89 5.26
C LEU O 142 14.24 18.86 4.54
N LEU O 143 13.24 18.29 5.21
CA LEU O 143 12.29 17.42 4.52
C LEU O 143 11.47 18.19 3.48
N LEU O 144 11.01 19.39 3.83
CA LEU O 144 10.27 20.20 2.87
C LEU O 144 11.19 20.79 1.80
N PHE O 145 12.45 21.06 2.14
CA PHE O 145 13.43 21.58 1.18
C PHE O 145 13.81 20.52 0.15
N ALA O 146 13.90 19.26 0.59
CA ALA O 146 14.12 18.18 -0.34
C ALA O 146 12.88 17.91 -1.18
N SER O 147 11.69 18.11 -0.62
CA SER O 147 10.45 18.06 -1.40
C SER O 147 10.44 19.10 -2.50
N LEU O 148 10.94 20.29 -2.20
CA LEU O 148 11.06 21.36 -3.18
C LEU O 148 11.97 20.97 -4.34
N PHE O 149 13.12 20.38 -4.04
CA PHE O 149 14.01 19.97 -5.13
C PHE O 149 13.47 18.78 -5.92
N LEU O 150 12.82 17.82 -5.24
CA LEU O 150 12.20 16.70 -5.93
C LEU O 150 11.11 17.16 -6.89
N PHE O 151 10.28 18.12 -6.47
CA PHE O 151 9.28 18.67 -7.36
C PHE O 151 9.91 19.43 -8.51
N ALA O 152 11.01 20.15 -8.25
CA ALA O 152 11.67 20.89 -9.33
C ALA O 152 12.26 19.95 -10.38
N GLY O 153 12.81 18.82 -9.94
CA GLY O 153 13.34 17.86 -10.89
C GLY O 153 12.25 17.14 -11.68
N TRP O 154 11.12 16.88 -11.04
CA TRP O 154 9.98 16.41 -11.80
C TRP O 154 9.51 17.45 -12.82
N LEU O 155 9.43 18.70 -12.40
CA LEU O 155 8.85 19.76 -13.22
C LEU O 155 9.72 20.08 -14.44
N HIS O 156 11.04 19.96 -14.33
CA HIS O 156 11.85 20.23 -15.51
C HIS O 156 12.04 19.04 -16.43
N LEU O 157 11.21 18.01 -16.30
CA LEU O 157 11.05 16.98 -17.30
C LEU O 157 9.75 17.12 -18.05
N GLN O 158 8.91 18.07 -17.65
CA GLN O 158 7.64 18.31 -18.32
C GLN O 158 7.91 19.06 -19.60
N PRO O 159 7.04 18.92 -20.60
CA PRO O 159 7.37 19.51 -21.92
C PRO O 159 7.43 21.01 -21.96
N LYS O 160 6.64 21.71 -21.15
CA LYS O 160 6.67 23.16 -21.16
C LYS O 160 7.88 23.68 -20.40
N PHE O 161 8.44 22.86 -19.52
CA PHE O 161 9.46 23.32 -18.60
C PHE O 161 10.81 22.66 -18.82
N ARG O 162 10.95 21.81 -19.83
CA ARG O 162 12.28 21.32 -20.20
C ARG O 162 13.10 22.47 -20.76
N PRO O 163 14.31 22.71 -20.24
CA PRO O 163 15.12 23.82 -20.75
C PRO O 163 15.70 23.46 -22.12
N SER O 164 16.02 24.49 -22.87
CA SER O 164 16.60 24.29 -24.18
C SER O 164 18.08 23.99 -24.08
N LEU O 165 18.63 23.44 -25.16
CA LEU O 165 20.07 23.18 -25.21
C LEU O 165 20.87 24.48 -25.23
N ALA O 166 20.28 25.58 -25.67
CA ALA O 166 20.94 26.86 -25.60
C ALA O 166 21.04 27.37 -24.17
N TRP O 167 20.09 26.99 -23.32
CA TRP O 167 20.10 27.44 -21.93
C TRP O 167 21.21 26.78 -21.14
N PHE O 168 21.46 25.49 -21.41
CA PHE O 168 22.50 24.77 -20.70
C PHE O 168 23.88 25.26 -21.08
N LYS O 169 24.10 25.56 -22.36
CA LYS O 169 25.39 26.01 -22.82
C LYS O 169 25.57 27.51 -22.74
N SER O 170 24.79 28.21 -21.92
CA SER O 170 25.04 29.63 -21.66
C SER O 170 25.89 29.71 -20.41
N ALA O 171 27.20 29.80 -20.63
CA ALA O 171 28.16 29.58 -19.54
C ALA O 171 28.42 30.84 -18.74
N GLU O 172 28.36 32.00 -19.39
CA GLU O 172 28.69 33.25 -18.69
C GLU O 172 27.60 33.63 -17.70
N SER O 173 26.34 33.37 -18.05
CA SER O 173 25.24 33.64 -17.14
C SER O 173 25.29 32.72 -15.92
N ARG O 174 25.70 31.46 -16.13
CA ARG O 174 25.79 30.54 -15.01
C ARG O 174 26.97 30.87 -14.13
N LEU O 175 28.07 31.37 -14.71
CA LEU O 175 29.18 31.80 -13.87
C LEU O 175 28.84 33.03 -13.07
N ASN O 176 28.15 34.00 -13.68
CA ASN O 176 27.75 35.20 -12.94
C ASN O 176 26.80 34.85 -11.81
N HIS O 177 25.86 33.95 -12.07
CA HIS O 177 24.91 33.61 -11.02
C HIS O 177 25.54 32.75 -9.95
N HIS O 178 26.49 31.88 -10.30
CA HIS O 178 27.11 31.07 -9.27
C HIS O 178 28.02 31.89 -8.38
N LEU O 179 28.88 32.72 -8.97
CA LEU O 179 29.75 33.59 -8.19
C LEU O 179 28.97 34.62 -7.39
N ALA O 180 27.94 35.22 -7.98
CA ALA O 180 27.21 36.27 -7.28
C ALA O 180 26.22 35.67 -6.27
N GLY O 181 25.36 34.75 -6.69
CA GLY O 181 24.38 34.18 -5.81
C GLY O 181 24.88 33.01 -5.00
N LEU O 182 25.30 31.93 -5.63
CA LEU O 182 25.43 30.65 -4.94
C LEU O 182 26.63 30.64 -4.00
N PHE O 183 27.66 31.41 -4.32
CA PHE O 183 28.75 31.66 -3.41
C PHE O 183 28.55 32.94 -2.61
N GLY O 184 28.28 34.05 -3.30
CA GLY O 184 28.34 35.34 -2.66
C GLY O 184 27.17 35.61 -1.72
N VAL O 185 25.94 35.39 -2.21
CA VAL O 185 24.77 35.65 -1.38
C VAL O 185 24.64 34.57 -0.31
N SER O 186 25.08 33.36 -0.60
CA SER O 186 25.01 32.30 0.40
C SER O 186 26.03 32.54 1.51
N SER O 187 27.19 33.09 1.17
CA SER O 187 28.15 33.48 2.19
C SER O 187 27.68 34.71 2.96
N LEU O 188 26.99 35.63 2.28
CA LEU O 188 26.43 36.81 2.94
C LEU O 188 25.32 36.44 3.91
N ALA O 189 24.50 35.48 3.52
CA ALA O 189 23.44 35.00 4.39
C ALA O 189 23.99 34.17 5.53
N TRP O 190 25.13 33.52 5.33
CA TRP O 190 25.71 32.81 6.45
C TRP O 190 26.33 33.79 7.45
N ALA O 191 26.89 34.89 6.96
CA ALA O 191 27.32 35.96 7.85
C ALA O 191 26.15 36.58 8.59
N GLY O 192 25.00 36.70 7.91
CA GLY O 192 23.79 37.18 8.55
C GLY O 192 23.31 36.24 9.65
N HIS O 193 23.37 34.94 9.40
CA HIS O 193 23.06 33.96 10.44
C HIS O 193 24.01 34.06 11.61
N LEU O 194 25.31 34.14 11.35
CA LEU O 194 26.30 34.18 12.43
C LEU O 194 26.08 35.40 13.32
N ILE O 195 25.93 36.58 12.71
CA ILE O 195 25.74 37.82 13.43
C ILE O 195 24.40 37.84 14.17
N HIS O 196 23.34 37.32 13.55
CA HIS O 196 22.03 37.37 14.17
C HIS O 196 21.80 36.28 15.22
N VAL O 197 22.29 35.08 14.99
CA VAL O 197 21.95 33.93 15.82
C VAL O 197 23.16 33.40 16.57
N ALA O 198 24.25 33.13 15.85
CA ALA O 198 25.30 32.28 16.42
C ALA O 198 26.12 33.04 17.45
N ILE O 199 26.40 34.31 17.17
CA ILE O 199 27.11 35.15 18.13
C ILE O 199 26.28 35.49 19.37
N PRO O 200 24.99 35.91 19.26
CA PRO O 200 24.23 36.11 20.51
C PRO O 200 23.99 34.83 21.31
N GLU O 201 23.86 33.67 20.66
CA GLU O 201 23.74 32.43 21.41
C GLU O 201 25.05 32.08 22.11
N SER O 202 26.17 32.46 21.52
CA SER O 202 27.45 32.24 22.19
C SER O 202 27.64 33.18 23.35
N ARG O 203 26.97 34.32 23.31
CA ARG O 203 27.03 35.27 24.42
C ARG O 203 25.89 35.11 25.40
N GLY O 204 25.22 33.96 25.42
CA GLY O 204 24.18 33.69 26.38
C GLY O 204 22.79 34.11 25.99
N GLN O 205 22.64 34.92 24.94
CA GLN O 205 21.35 35.48 24.58
C GLN O 205 20.60 34.56 23.63
N HIS O 206 19.33 34.31 23.91
CA HIS O 206 18.52 33.52 23.00
C HIS O 206 18.01 34.39 21.86
N VAL O 207 18.25 33.95 20.63
CA VAL O 207 17.68 34.56 19.44
C VAL O 207 17.07 33.45 18.61
N GLY O 208 15.78 33.52 18.37
CA GLY O 208 15.11 32.52 17.58
C GLY O 208 14.26 33.19 16.53
N TRP O 209 13.44 32.39 15.86
CA TRP O 209 12.45 32.94 14.94
C TRP O 209 11.38 33.71 15.71
N ASP O 210 11.22 33.40 16.99
CA ASP O 210 10.25 34.11 17.81
C ASP O 210 10.63 35.58 18.02
N ASN O 211 11.93 35.89 18.10
CA ASN O 211 12.33 37.25 18.44
C ASN O 211 13.51 37.83 17.69
N PHE O 212 13.80 37.40 16.46
CA PHE O 212 14.98 37.98 15.81
C PHE O 212 14.63 39.30 15.16
N LEU O 213 13.36 39.50 14.81
CA LEU O 213 12.96 40.78 14.24
C LEU O 213 12.90 41.85 15.31
N SER O 214 12.76 41.45 16.57
CA SER O 214 12.82 42.38 17.68
C SER O 214 14.26 42.71 18.06
N THR O 215 15.11 41.69 18.11
CA THR O 215 16.47 41.83 18.62
C THR O 215 17.41 42.42 17.57
N ALA O 216 18.10 43.49 17.95
CA ALA O 216 19.19 44.02 17.14
C ALA O 216 20.47 43.31 17.51
N PRO O 217 21.31 42.93 16.53
CA PRO O 217 22.58 42.25 16.87
C PRO O 217 23.56 43.15 17.58
N HIS O 218 23.69 44.38 17.15
CA HIS O 218 24.58 45.37 17.73
C HIS O 218 23.72 46.53 18.23
N PRO O 219 24.09 47.17 19.34
CA PRO O 219 23.24 48.25 19.88
C PRO O 219 23.16 49.48 18.99
N ALA O 220 24.10 49.68 18.09
CA ALA O 220 23.99 50.69 17.04
C ALA O 220 23.61 49.96 15.76
N GLY O 221 22.33 49.66 15.59
CA GLY O 221 21.92 48.82 14.49
C GLY O 221 21.67 49.60 13.22
N LEU O 222 22.53 49.41 12.21
CA LEU O 222 22.47 49.96 10.86
C LEU O 222 22.66 51.47 10.78
N GLN O 223 22.79 52.19 11.89
CA GLN O 223 23.20 53.58 11.80
C GLN O 223 24.68 53.73 11.42
N PRO O 224 25.65 53.04 12.05
CA PRO O 224 27.02 53.23 11.57
C PRO O 224 27.33 52.52 10.26
N PHE O 225 26.43 51.67 9.76
CA PHE O 225 26.68 51.03 8.47
C PHE O 225 26.50 52.02 7.33
N PHE O 226 25.42 52.81 7.37
CA PHE O 226 25.16 53.72 6.26
C PHE O 226 25.93 55.02 6.39
N THR O 227 26.32 55.41 7.60
CA THR O 227 27.14 56.60 7.76
C THR O 227 28.60 56.34 7.42
N GLY O 228 28.98 55.07 7.31
CA GLY O 228 30.36 54.72 7.00
C GLY O 228 31.25 54.57 8.19
N ASN O 229 30.71 54.65 9.41
CA ASN O 229 31.50 54.50 10.62
C ASN O 229 31.54 53.02 11.00
N TRP O 230 32.19 52.24 10.14
CA TRP O 230 32.13 50.78 10.27
C TRP O 230 32.95 50.26 11.43
N GLY O 231 33.82 51.08 12.03
CA GLY O 231 34.66 50.60 13.12
C GLY O 231 33.91 50.39 14.41
N VAL O 232 32.64 50.82 14.48
CA VAL O 232 31.83 50.64 15.66
C VAL O 232 31.54 49.16 15.90
N TYR O 233 31.44 48.38 14.83
CA TYR O 233 31.07 46.98 14.97
C TYR O 233 32.24 46.13 15.44
N ALA O 234 33.45 46.68 15.43
CA ALA O 234 34.60 45.94 15.93
C ALA O 234 34.93 46.31 17.37
N GLN O 235 34.29 47.34 17.90
CA GLN O 235 34.59 47.79 19.25
C GLN O 235 33.95 46.86 20.27
N ASN O 236 34.62 46.71 21.42
CA ASN O 236 34.29 45.82 22.53
C ASN O 236 34.18 44.37 22.08
N PRO O 237 35.30 43.69 21.79
CA PRO O 237 35.21 42.27 21.44
C PRO O 237 35.03 41.41 22.68
N ASP O 238 34.94 40.11 22.45
CA ASP O 238 34.88 39.16 23.55
C ASP O 238 36.24 39.07 24.22
N THR O 239 36.23 38.94 25.55
CA THR O 239 37.48 38.94 26.28
C THR O 239 38.11 37.55 26.28
N ALA O 240 39.31 37.47 26.85
CA ALA O 240 39.98 36.19 26.99
C ALA O 240 39.42 35.38 28.16
N GLY O 241 38.61 36.00 29.01
CA GLY O 241 37.92 35.29 30.04
C GLY O 241 36.54 34.85 29.67
N HIS O 242 36.23 34.82 28.38
CA HIS O 242 34.87 34.51 27.94
C HIS O 242 34.59 33.02 28.06
N ILE O 243 33.37 32.69 28.44
CA ILE O 243 32.90 31.32 28.49
C ILE O 243 31.74 31.18 27.52
N PHE O 244 31.85 30.21 26.63
CA PHE O 244 30.93 30.07 25.50
C PHE O 244 29.55 29.69 26.01
N SER O 245 28.53 30.25 25.34
CA SER O 245 27.10 30.19 25.67
C SER O 245 26.73 30.88 26.97
N THR O 246 27.61 31.71 27.52
CA THR O 246 27.33 32.45 28.75
C THR O 246 27.61 33.94 28.53
N SER O 247 27.13 34.75 29.47
CA SER O 247 27.23 36.20 29.32
C SER O 247 28.55 36.74 29.85
N GLN O 248 29.25 35.95 30.65
CA GLN O 248 30.45 36.46 31.32
C GLN O 248 31.64 36.53 30.36
N GLY O 249 32.20 37.72 30.23
CA GLY O 249 33.30 37.95 29.31
C GLY O 249 32.86 38.21 27.89
N ALA O 250 31.59 38.54 27.68
CA ALA O 250 31.02 38.66 26.34
C ALA O 250 31.02 40.13 25.92
N GLY O 251 31.55 40.39 24.73
CA GLY O 251 31.53 41.73 24.20
C GLY O 251 30.26 42.03 23.44
N THR O 252 30.30 43.11 22.67
CA THR O 252 29.19 43.48 21.82
C THR O 252 29.56 43.55 20.35
N ALA O 253 30.83 43.33 20.03
CA ALA O 253 31.29 43.41 18.65
C ALA O 253 30.72 42.27 17.83
N ILE O 254 30.41 42.56 16.57
CA ILE O 254 29.91 41.55 15.65
C ILE O 254 30.85 41.30 14.48
N LEU O 255 31.86 42.13 14.27
CA LEU O 255 32.80 41.95 13.18
C LEU O 255 34.20 42.27 13.67
N THR O 256 34.92 41.27 14.16
CA THR O 256 36.27 41.52 14.66
C THR O 256 37.29 41.02 13.66
N PHE O 257 38.55 41.22 14.00
CA PHE O 257 39.67 40.83 13.17
C PHE O 257 40.80 40.33 14.04
N LEU O 258 40.44 39.54 15.04
CA LEU O 258 41.34 39.24 16.16
C LEU O 258 42.44 38.28 15.75
N GLY O 259 42.08 37.21 15.05
CA GLY O 259 43.03 36.16 14.75
C GLY O 259 43.25 35.22 15.92
N GLY O 260 43.73 34.03 15.60
CA GLY O 260 43.99 33.10 16.66
C GLY O 260 42.70 32.40 17.07
N PHE O 261 42.77 31.73 18.20
CA PHE O 261 41.67 30.90 18.65
C PHE O 261 41.04 31.51 19.89
N HIS O 262 39.75 31.22 20.07
CA HIS O 262 39.06 31.49 21.32
C HIS O 262 39.74 30.71 22.43
N PRO O 263 39.94 31.29 23.62
CA PRO O 263 40.74 30.60 24.64
C PRO O 263 40.07 29.39 25.26
N GLN O 264 38.77 29.44 25.51
CA GLN O 264 38.12 28.30 26.16
C GLN O 264 37.88 27.16 25.17
N THR O 265 37.18 27.45 24.08
CA THR O 265 36.74 26.45 23.13
C THR O 265 37.84 25.97 22.20
N GLU O 266 38.97 26.69 22.17
CA GLU O 266 40.16 26.37 21.37
C GLU O 266 39.84 26.34 19.87
N SER O 267 38.88 27.17 19.47
CA SER O 267 38.47 27.25 18.08
C SER O 267 38.46 28.70 17.67
N LEU O 268 38.17 28.94 16.39
CA LEU O 268 38.18 30.28 15.85
C LEU O 268 37.06 31.12 16.44
N TRP O 269 37.28 32.44 16.50
CA TRP O 269 36.27 33.36 17.01
C TRP O 269 35.09 33.41 16.05
N LEU O 270 33.87 33.44 16.60
CA LEU O 270 32.68 33.54 15.77
C LEU O 270 32.59 34.89 15.08
N THR O 271 33.13 35.93 15.69
CA THR O 271 33.09 37.25 15.06
C THR O 271 34.08 37.35 13.92
N ASP O 272 35.22 36.65 14.02
CA ASP O 272 36.12 36.53 12.89
C ASP O 272 35.50 35.75 11.74
N MET O 273 34.70 34.73 12.05
CA MET O 273 34.09 33.96 10.99
C MET O 273 32.97 34.72 10.31
N ALA O 274 32.24 35.53 11.09
CA ALA O 274 31.21 36.39 10.51
C ALA O 274 31.83 37.44 9.61
N HIS O 275 32.94 38.02 10.05
CA HIS O 275 33.65 39.02 9.25
C HIS O 275 34.24 38.40 8.00
N HIS O 276 34.73 37.16 8.12
CA HIS O 276 35.22 36.38 6.98
C HIS O 276 34.17 36.20 5.91
N HIS O 277 32.97 35.74 6.30
CA HIS O 277 31.94 35.45 5.31
C HIS O 277 31.37 36.71 4.71
N LEU O 278 31.36 37.81 5.48
CA LEU O 278 30.98 39.09 4.91
C LEU O 278 31.99 39.57 3.87
N ALA O 279 33.28 39.48 4.18
CA ALA O 279 34.32 39.93 3.27
C ALA O 279 34.34 39.13 1.98
N ILE O 280 34.28 37.80 2.06
CA ILE O 280 34.32 37.03 0.84
C ILE O 280 32.96 37.04 0.15
N ALA O 281 31.90 37.40 0.86
CA ALA O 281 30.62 37.61 0.22
C ALA O 281 30.67 38.80 -0.70
N VAL O 282 31.19 39.92 -0.20
CA VAL O 282 31.39 41.11 -1.02
C VAL O 282 32.30 40.81 -2.20
N LEU O 283 33.36 40.04 -1.96
CA LEU O 283 34.34 39.80 -3.02
C LEU O 283 33.82 38.82 -4.08
N PHE O 284 33.05 37.81 -3.68
CA PHE O 284 32.43 36.90 -4.66
C PHE O 284 31.30 37.56 -5.43
N ILE O 285 30.57 38.49 -4.79
CA ILE O 285 29.54 39.24 -5.53
C ILE O 285 30.19 40.16 -6.55
N VAL O 286 31.32 40.79 -6.19
CA VAL O 286 32.08 41.61 -7.15
C VAL O 286 32.59 40.75 -8.30
N ALA O 287 33.08 39.54 -8.01
CA ALA O 287 33.53 38.63 -9.05
C ALA O 287 32.40 38.20 -9.97
N GLY O 288 31.18 38.09 -9.43
CA GLY O 288 30.05 37.66 -10.24
C GLY O 288 29.49 38.70 -11.19
N HIS O 289 30.20 39.81 -11.40
CA HIS O 289 29.81 40.81 -12.38
C HIS O 289 30.77 40.89 -13.54
N MET O 290 31.52 39.83 -13.82
CA MET O 290 32.62 39.95 -14.75
C MET O 290 32.16 39.66 -16.17
N TYR O 291 31.24 38.73 -16.34
CA TYR O 291 31.04 38.14 -17.65
C TYR O 291 29.80 38.70 -18.34
N ARG O 292 29.77 38.57 -19.66
CA ARG O 292 28.75 39.21 -20.47
C ARG O 292 27.49 38.35 -20.51
N THR O 293 26.35 39.00 -20.36
CA THR O 293 25.03 38.41 -20.34
C THR O 293 24.15 39.31 -21.19
N ASN O 294 22.84 39.28 -20.96
CA ASN O 294 21.86 40.05 -21.73
C ASN O 294 21.99 41.57 -21.64
N PHE O 295 22.94 42.10 -20.86
CA PHE O 295 22.97 43.53 -20.58
C PHE O 295 24.15 44.25 -21.23
N GLY O 296 24.84 43.62 -22.17
CA GLY O 296 25.86 44.30 -22.96
C GLY O 296 27.26 44.39 -22.39
N ILE O 297 27.39 44.84 -21.14
CA ILE O 297 28.70 44.94 -20.52
C ILE O 297 29.20 43.55 -20.10
N GLY O 298 30.49 43.43 -19.92
CA GLY O 298 31.07 42.22 -19.38
C GLY O 298 31.97 41.51 -20.38
N HIS O 299 32.53 40.40 -19.93
CA HIS O 299 33.46 39.63 -20.74
C HIS O 299 32.78 38.46 -21.44
N SER O 300 33.13 38.30 -22.71
CA SER O 300 32.91 37.06 -23.43
C SER O 300 34.16 36.22 -23.24
N ILE O 301 34.00 35.05 -22.62
CA ILE O 301 35.14 34.15 -22.40
C ILE O 301 35.65 33.61 -23.73
N LYS O 302 34.75 33.46 -24.71
CA LYS O 302 35.15 32.98 -26.01
C LYS O 302 36.02 33.99 -26.74
N GLU O 303 35.72 35.28 -26.57
CA GLU O 303 36.59 36.31 -27.14
C GLU O 303 37.92 36.37 -26.42
N MET O 304 37.94 35.98 -25.14
CA MET O 304 39.19 35.98 -24.40
C MET O 304 40.08 34.80 -24.80
N MET O 305 39.47 33.67 -25.14
CA MET O 305 40.24 32.52 -25.64
C MET O 305 40.82 32.80 -27.02
N ASN O 306 40.00 33.34 -27.92
CA ASN O 306 40.39 33.55 -29.30
C ASN O 306 41.13 34.85 -29.54
N ALA O 307 41.52 35.58 -28.49
CA ALA O 307 42.16 36.87 -28.66
C ALA O 307 43.61 36.69 -29.10
N LYS O 308 44.03 37.47 -30.08
CA LYS O 308 45.35 37.32 -30.69
C LYS O 308 46.17 38.61 -30.73
N THR O 309 45.78 39.65 -30.01
CA THR O 309 46.54 40.88 -29.96
C THR O 309 46.60 41.41 -28.53
N PHE O 310 47.78 41.85 -28.12
CA PHE O 310 48.03 42.35 -26.76
C PHE O 310 48.42 43.81 -26.86
N PHE O 311 47.40 44.69 -26.74
CA PHE O 311 47.53 46.15 -26.93
C PHE O 311 48.17 46.50 -28.27
N GLY O 312 47.60 45.94 -29.34
CA GLY O 312 48.13 46.20 -30.66
C GLY O 312 49.35 45.39 -31.05
N LYS O 313 49.84 44.53 -30.16
CA LYS O 313 50.96 43.66 -30.43
C LYS O 313 50.46 42.24 -30.60
N PRO O 314 50.75 41.57 -31.72
CA PRO O 314 50.18 40.25 -31.96
C PRO O 314 50.83 39.17 -31.08
N VAL O 315 49.97 38.33 -30.50
CA VAL O 315 50.41 37.24 -29.64
C VAL O 315 49.70 35.96 -30.08
N GLU O 316 50.14 34.84 -29.52
CA GLU O 316 49.46 33.58 -29.79
C GLU O 316 48.15 33.49 -29.01
N GLY O 317 48.04 34.25 -27.94
CA GLY O 317 46.84 34.26 -27.14
C GLY O 317 47.12 34.83 -25.77
N PRO O 318 46.29 34.49 -24.79
CA PRO O 318 46.55 34.92 -23.42
C PRO O 318 47.79 34.21 -22.88
N PHE O 319 48.71 35.01 -22.33
CA PHE O 319 50.07 34.63 -21.93
C PHE O 319 50.86 34.09 -23.12
N ASN O 320 50.55 34.60 -24.33
CA ASN O 320 51.16 34.18 -25.61
C ASN O 320 50.95 32.67 -25.84
N MET O 321 49.81 32.15 -25.40
CA MET O 321 49.47 30.75 -25.47
C MET O 321 48.23 30.54 -26.32
N PRO O 322 48.24 29.61 -27.27
CA PRO O 322 47.08 29.42 -28.15
C PRO O 322 45.92 28.76 -27.42
N HIS O 323 44.83 29.50 -27.26
CA HIS O 323 43.65 28.98 -26.60
C HIS O 323 42.43 28.90 -27.49
N GLN O 324 42.61 28.86 -28.81
CA GLN O 324 41.45 28.86 -29.69
C GLN O 324 40.75 27.51 -29.64
N GLY O 325 39.44 27.57 -29.43
CA GLY O 325 38.64 26.38 -29.26
C GLY O 325 38.56 25.85 -27.85
N ILE O 326 39.34 26.38 -26.91
CA ILE O 326 39.33 25.87 -25.53
C ILE O 326 38.02 26.20 -24.85
N TYR O 327 37.41 27.33 -25.21
CA TYR O 327 36.06 27.63 -24.76
C TYR O 327 35.07 26.58 -25.24
N ASP O 328 35.15 26.21 -26.52
CA ASP O 328 34.23 25.22 -27.07
C ASP O 328 34.56 23.82 -26.56
N THR O 329 35.84 23.58 -26.28
CA THR O 329 36.27 22.30 -25.73
C THR O 329 35.72 22.10 -24.32
N TYR O 330 35.78 23.15 -23.50
CA TYR O 330 35.19 23.10 -22.17
C TYR O 330 33.67 23.00 -22.27
N ASN O 331 33.06 23.91 -23.05
CA ASN O 331 31.63 24.14 -22.99
C ASN O 331 30.84 23.03 -23.67
N ASN O 332 31.42 22.38 -24.69
CA ASN O 332 30.67 21.38 -25.44
C ASN O 332 30.84 19.97 -24.89
N SER O 333 31.76 19.74 -23.98
CA SER O 333 32.03 18.41 -23.45
C SER O 333 31.64 18.36 -21.99
N LEU O 334 30.76 17.43 -21.65
CA LEU O 334 30.40 17.26 -20.25
C LEU O 334 31.48 16.53 -19.48
N HIS O 335 32.32 15.74 -20.17
CA HIS O 335 33.37 15.01 -19.47
C HIS O 335 34.56 15.88 -19.15
N PHE O 336 34.86 16.84 -20.03
CA PHE O 336 35.87 17.84 -19.71
C PHE O 336 35.48 18.63 -18.47
N GLN O 337 34.22 19.07 -18.44
CA GLN O 337 33.68 19.80 -17.30
C GLN O 337 33.67 18.95 -16.05
N LEU O 338 33.30 17.67 -16.16
CA LEU O 338 33.23 16.82 -14.99
C LEU O 338 34.62 16.50 -14.44
N GLY O 339 35.59 16.25 -15.31
CA GLY O 339 36.95 16.04 -14.82
C GLY O 339 37.55 17.29 -14.21
N TRP O 340 37.27 18.44 -14.80
CA TRP O 340 37.75 19.70 -14.28
C TRP O 340 37.11 20.01 -12.91
N HIS O 341 35.79 19.81 -12.78
CA HIS O 341 35.14 20.09 -11.50
C HIS O 341 35.56 19.09 -10.43
N LEU O 342 35.79 17.83 -10.80
CA LEU O 342 36.26 16.87 -9.82
C LEU O 342 37.67 17.19 -9.36
N ALA O 343 38.50 17.79 -10.23
CA ALA O 343 39.85 18.19 -9.82
C ALA O 343 39.79 19.34 -8.83
N CYS O 344 39.01 20.36 -9.14
CA CYS O 344 38.90 21.51 -8.25
C CYS O 344 38.23 21.14 -6.94
N LEU O 345 37.24 20.26 -6.98
CA LEU O 345 36.53 19.86 -5.77
C LEU O 345 37.38 18.93 -4.92
N GLY O 346 38.27 18.16 -5.55
CA GLY O 346 39.18 17.31 -4.78
C GLY O 346 40.29 18.09 -4.12
N VAL O 347 40.78 19.13 -4.78
CA VAL O 347 41.73 20.04 -4.15
C VAL O 347 41.08 20.78 -2.98
N VAL O 348 39.83 21.22 -3.16
CA VAL O 348 39.11 21.90 -2.08
C VAL O 348 38.84 20.94 -0.92
N THR O 349 38.59 19.67 -1.23
CA THR O 349 38.34 18.69 -0.17
C THR O 349 39.60 18.39 0.64
N SER O 350 40.75 18.29 -0.03
CA SER O 350 42.03 18.18 0.67
C SER O 350 42.31 19.42 1.51
N TRP O 351 41.95 20.58 0.99
CA TRP O 351 42.25 21.84 1.66
C TRP O 351 41.36 22.04 2.89
N VAL O 352 40.11 21.58 2.80
CA VAL O 352 39.22 21.48 3.95
C VAL O 352 39.80 20.55 5.01
N ALA O 353 40.26 19.35 4.61
CA ALA O 353 40.86 18.42 5.58
C ALA O 353 42.12 18.98 6.22
N GLN O 354 42.91 19.74 5.46
CA GLN O 354 44.15 20.30 6.01
C GLN O 354 43.87 21.48 6.92
N HIS O 355 42.70 22.10 6.79
CA HIS O 355 42.44 23.26 7.63
C HIS O 355 41.54 22.98 8.80
N MET O 356 40.90 21.82 8.85
CA MET O 356 39.98 21.62 9.96
C MET O 356 40.69 21.04 11.18
N TYR O 357 41.86 20.43 11.00
CA TYR O 357 42.61 20.02 12.18
C TYR O 357 43.46 21.18 12.69
N SER O 358 44.00 21.99 11.77
CA SER O 358 44.90 23.06 12.15
C SER O 358 44.16 24.24 12.73
N LEU O 359 43.10 24.66 12.05
CA LEU O 359 42.32 25.84 12.41
C LEU O 359 40.88 25.45 12.65
N PRO O 360 40.57 24.82 13.78
CA PRO O 360 39.20 24.36 14.01
C PRO O 360 38.28 25.54 14.27
N SER O 361 37.04 25.40 13.83
CA SER O 361 36.10 26.50 13.87
C SER O 361 34.90 26.19 14.74
N TYR O 362 34.80 24.97 15.25
CA TYR O 362 33.65 24.50 16.01
C TYR O 362 34.09 24.41 17.45
N ALA O 363 33.23 24.87 18.35
CA ALA O 363 33.58 24.92 19.77
C ALA O 363 33.77 23.52 20.32
N PHE O 364 34.89 23.33 21.01
CA PHE O 364 35.31 22.15 21.77
C PHE O 364 35.59 20.93 20.89
N ILE O 365 35.76 21.08 19.58
CA ILE O 365 36.01 19.91 18.75
C ILE O 365 37.49 19.56 18.76
N ALA O 366 38.35 20.51 19.13
CA ALA O 366 39.78 20.25 19.18
C ALA O 366 40.15 19.35 20.36
N LYS O 367 39.23 19.18 21.31
CA LYS O 367 39.45 18.22 22.39
C LYS O 367 38.75 16.90 22.15
N ASP O 368 37.94 16.80 21.10
CA ASP O 368 37.33 15.51 20.76
C ASP O 368 38.22 14.88 19.69
N TYR O 369 39.03 13.92 20.13
CA TYR O 369 40.14 13.44 19.33
C TYR O 369 39.68 12.50 18.24
N THR O 370 38.76 11.58 18.58
CA THR O 370 38.29 10.60 17.62
C THR O 370 37.49 11.27 16.51
N THR O 371 36.78 12.34 16.85
CA THR O 371 36.11 13.16 15.85
C THR O 371 37.11 13.80 14.89
N GLN O 372 38.17 14.40 15.43
CA GLN O 372 39.21 15.02 14.61
C GLN O 372 39.85 14.02 13.66
N ALA O 373 40.09 12.80 14.16
CA ALA O 373 40.72 11.74 13.36
C ALA O 373 39.80 11.28 12.26
N ALA O 374 38.55 10.98 12.60
CA ALA O 374 37.57 10.52 11.63
C ALA O 374 37.27 11.57 10.58
N LEU O 375 37.30 12.86 10.94
CA LEU O 375 36.98 13.92 9.98
C LEU O 375 38.13 14.16 9.02
N TYR O 376 39.36 14.16 9.53
CA TYR O 376 40.51 14.27 8.64
C TYR O 376 40.56 13.11 7.66
N THR O 377 40.44 11.88 8.17
CA THR O 377 40.59 10.70 7.34
C THR O 377 39.45 10.59 6.35
N HIS O 378 38.25 10.97 6.78
CA HIS O 378 37.09 11.05 5.90
C HIS O 378 37.33 11.97 4.72
N HIS O 379 37.76 13.21 4.98
CA HIS O 379 37.87 14.15 3.87
C HIS O 379 39.07 13.84 2.99
N GLN O 380 40.12 13.24 3.53
CA GLN O 380 41.26 12.89 2.67
C GLN O 380 40.94 11.71 1.77
N TYR O 381 40.17 10.74 2.26
CA TYR O 381 39.69 9.66 1.41
C TYR O 381 38.73 10.15 0.33
N ILE O 382 37.79 11.04 0.69
CA ILE O 382 36.89 11.64 -0.30
C ILE O 382 37.69 12.42 -1.35
N ALA O 383 38.75 13.09 -0.91
CA ALA O 383 39.57 13.87 -1.83
C ALA O 383 40.36 13.01 -2.81
N ILE O 384 40.91 11.87 -2.36
CA ILE O 384 41.64 11.03 -3.30
C ILE O 384 40.69 10.37 -4.30
N PHE O 385 39.47 10.01 -3.85
CA PHE O 385 38.46 9.53 -4.79
C PHE O 385 38.09 10.58 -5.84
N LEU O 386 37.96 11.85 -5.43
CA LEU O 386 37.60 12.90 -6.39
C LEU O 386 38.74 13.20 -7.35
N MET O 387 39.99 13.08 -6.91
CA MET O 387 41.10 13.31 -7.82
C MET O 387 41.25 12.20 -8.85
N VAL O 388 41.03 10.95 -8.42
CA VAL O 388 41.05 9.83 -9.36
C VAL O 388 39.92 9.96 -10.37
N GLY O 389 38.74 10.45 -9.93
CA GLY O 389 37.66 10.69 -10.87
C GLY O 389 37.92 11.82 -11.83
N ALA O 390 38.68 12.84 -11.39
CA ALA O 390 39.05 13.93 -12.27
C ALA O 390 39.87 13.44 -13.45
N PHE O 391 40.89 12.64 -13.17
CA PHE O 391 41.71 12.14 -14.26
C PHE O 391 40.99 11.06 -15.07
N ALA O 392 40.07 10.32 -14.44
CA ALA O 392 39.26 9.35 -15.17
C ALA O 392 38.37 10.02 -16.21
N HIS O 393 37.80 11.16 -15.85
CA HIS O 393 36.97 11.85 -16.82
C HIS O 393 37.76 12.68 -17.80
N GLY O 394 38.98 13.10 -17.46
CA GLY O 394 39.89 13.56 -18.49
C GLY O 394 40.15 12.52 -19.57
N ALA O 395 40.33 11.27 -19.16
CA ALA O 395 40.53 10.19 -20.13
C ALA O 395 39.26 9.91 -20.93
N ILE O 396 38.08 9.98 -20.30
CA ILE O 396 36.83 9.75 -21.03
C ILE O 396 36.57 10.87 -22.02
N PHE O 397 36.92 12.11 -21.65
CA PHE O 397 36.91 13.22 -22.59
C PHE O 397 37.79 12.96 -23.80
N LEU O 398 39.03 12.53 -23.57
CA LEU O 398 39.96 12.34 -24.67
C LEU O 398 39.55 11.20 -25.58
N VAL O 399 38.90 10.18 -25.03
CA VAL O 399 38.39 9.11 -25.90
C VAL O 399 37.15 9.57 -26.67
N ARG O 400 36.13 10.05 -25.95
CA ARG O 400 34.79 10.20 -26.53
C ARG O 400 34.51 11.58 -27.11
N ASP O 401 35.04 12.65 -26.53
CA ASP O 401 34.54 13.98 -26.84
C ASP O 401 35.55 14.87 -27.52
N TYR O 402 36.83 14.51 -27.51
CA TYR O 402 37.89 15.33 -28.06
C TYR O 402 37.96 15.14 -29.57
N ASP O 403 38.17 16.23 -30.30
CA ASP O 403 38.60 16.14 -31.70
C ASP O 403 39.75 17.11 -31.93
N PRO O 404 40.78 16.69 -32.67
CA PRO O 404 41.93 17.59 -32.88
C PRO O 404 41.71 18.61 -33.97
N GLU O 405 40.62 18.50 -34.73
CA GLU O 405 40.36 19.49 -35.78
C GLU O 405 39.90 20.81 -35.19
N GLN O 406 39.00 20.76 -34.19
CA GLN O 406 38.49 21.97 -33.57
C GLN O 406 39.48 22.52 -32.56
N ASN O 407 40.37 21.69 -32.05
CA ASN O 407 41.45 22.11 -31.17
C ASN O 407 42.77 22.24 -31.91
N LYS O 408 42.75 22.62 -33.18
CA LYS O 408 43.95 22.55 -33.99
C LYS O 408 44.90 23.69 -33.64
N GLY O 409 46.05 23.34 -33.10
CA GLY O 409 47.08 24.31 -32.79
C GLY O 409 47.02 24.90 -31.41
N ASN O 410 46.05 24.52 -30.58
CA ASN O 410 45.96 25.17 -29.30
C ASN O 410 46.82 24.43 -28.28
N VAL O 411 46.58 24.73 -27.01
CA VAL O 411 47.48 24.30 -25.95
C VAL O 411 47.28 22.82 -25.61
N LEU O 412 46.04 22.33 -25.65
CA LEU O 412 45.78 20.92 -25.35
C LEU O 412 46.40 20.01 -26.41
N GLU O 413 46.38 20.44 -27.68
CA GLU O 413 47.06 19.66 -28.71
C GLU O 413 48.57 19.70 -28.54
N ARG O 414 49.09 20.82 -28.05
CA ARG O 414 50.52 20.89 -27.76
C ARG O 414 50.92 19.96 -26.64
N VAL O 415 50.07 19.84 -25.62
CA VAL O 415 50.30 18.87 -24.54
C VAL O 415 50.28 17.45 -25.08
N LEU O 416 49.37 17.17 -26.03
CA LEU O 416 49.36 15.83 -26.61
C LEU O 416 50.59 15.57 -27.48
N GLN O 417 51.18 16.62 -28.05
CA GLN O 417 52.29 16.43 -28.99
C GLN O 417 53.57 15.96 -28.32
N HIS O 418 53.75 16.17 -27.03
CA HIS O 418 54.95 15.73 -26.34
C HIS O 418 54.62 14.88 -25.12
N LYS O 419 53.64 13.99 -25.25
CA LYS O 419 53.12 13.28 -24.08
C LYS O 419 54.12 12.26 -23.55
N GLU O 420 55.04 11.80 -24.40
CA GLU O 420 56.06 10.88 -23.95
C GLU O 420 57.07 11.56 -23.05
N ALA O 421 57.34 12.85 -23.29
CA ALA O 421 58.22 13.60 -22.41
C ALA O 421 57.60 13.77 -21.02
N ILE O 422 56.31 14.08 -20.97
CA ILE O 422 55.61 14.25 -19.72
C ILE O 422 55.56 12.93 -18.94
N ILE O 423 55.22 11.83 -19.62
CA ILE O 423 55.09 10.54 -18.97
C ILE O 423 56.45 10.02 -18.50
N SER O 424 57.49 10.24 -19.30
CA SER O 424 58.82 9.76 -18.92
C SER O 424 59.40 10.58 -17.78
N HIS O 425 59.06 11.86 -17.71
CA HIS O 425 59.57 12.67 -16.60
C HIS O 425 58.82 12.38 -15.31
N LEU O 426 57.52 12.10 -15.40
CA LEU O 426 56.80 11.61 -14.22
C LEU O 426 57.37 10.29 -13.74
N SER O 427 57.70 9.41 -14.68
CA SER O 427 58.33 8.15 -14.35
C SER O 427 59.66 8.36 -13.66
N TRP O 428 60.45 9.33 -14.13
CA TRP O 428 61.72 9.62 -13.49
C TRP O 428 61.57 10.16 -12.08
N VAL O 429 60.63 11.09 -11.87
CA VAL O 429 60.44 11.68 -10.55
C VAL O 429 59.93 10.63 -9.58
N SER O 430 59.06 9.74 -10.05
CA SER O 430 58.54 8.67 -9.22
C SER O 430 59.63 7.67 -8.84
N LEU O 431 60.46 7.27 -9.80
CA LEU O 431 61.57 6.37 -9.45
C LEU O 431 62.58 7.05 -8.53
N PHE O 432 62.89 8.32 -8.80
CA PHE O 432 63.87 9.07 -8.03
C PHE O 432 63.42 9.30 -6.59
N LEU O 433 62.11 9.48 -6.38
CA LEU O 433 61.62 9.57 -5.01
C LEU O 433 61.58 8.20 -4.35
N GLY O 434 61.15 7.19 -5.10
CA GLY O 434 60.91 5.88 -4.51
C GLY O 434 62.18 5.19 -4.06
N PHE O 435 63.22 5.21 -4.90
CA PHE O 435 64.47 4.53 -4.57
C PHE O 435 65.10 5.12 -3.32
N HIS O 436 65.05 6.43 -3.19
CA HIS O 436 65.80 7.08 -2.14
C HIS O 436 65.02 7.15 -0.85
N THR O 437 63.71 7.28 -0.92
CA THR O 437 62.91 7.24 0.29
C THR O 437 62.90 5.84 0.87
N LEU O 438 62.72 4.82 0.04
CA LEU O 438 62.84 3.45 0.51
C LEU O 438 64.27 3.14 0.96
N GLY O 439 65.27 3.71 0.29
CA GLY O 439 66.64 3.45 0.67
C GLY O 439 67.01 4.04 2.01
N LEU O 440 66.55 5.26 2.30
CA LEU O 440 66.83 5.84 3.61
C LEU O 440 66.06 5.13 4.71
N TYR O 441 64.82 4.71 4.44
CA TYR O 441 64.08 3.91 5.41
C TYR O 441 64.76 2.58 5.72
N VAL O 442 65.28 1.90 4.69
CA VAL O 442 65.90 0.60 4.90
C VAL O 442 67.27 0.76 5.55
N HIS O 443 68.03 1.82 5.18
CA HIS O 443 69.24 2.18 5.91
C HIS O 443 68.98 2.38 7.40
N ASN O 444 67.96 3.16 7.73
CA ASN O 444 67.67 3.44 9.13
C ASN O 444 67.22 2.19 9.86
N ASP O 445 66.42 1.34 9.19
CA ASP O 445 66.00 0.06 9.75
C ASP O 445 67.18 -0.84 10.08
N VAL O 446 68.14 -0.93 9.15
CA VAL O 446 69.28 -1.81 9.35
C VAL O 446 70.17 -1.28 10.47
N VAL O 447 70.41 0.03 10.51
CA VAL O 447 71.34 0.55 11.51
C VAL O 447 70.70 0.58 12.89
N VAL O 448 69.37 0.69 12.99
CA VAL O 448 68.72 0.60 14.28
C VAL O 448 68.60 -0.86 14.72
N ALA O 449 68.41 -1.77 13.75
CA ALA O 449 68.41 -3.20 14.04
C ALA O 449 69.76 -3.65 14.57
N PHE O 450 70.84 -3.10 14.05
CA PHE O 450 72.18 -3.48 14.46
C PHE O 450 72.66 -2.72 15.68
N GLY O 451 71.76 -2.17 16.47
CA GLY O 451 72.11 -1.60 17.74
C GLY O 451 72.74 -0.23 17.68
N THR O 452 72.83 0.38 16.50
CA THR O 452 73.50 1.66 16.31
C THR O 452 72.54 2.67 15.70
N PRO O 453 71.63 3.22 16.49
CA PRO O 453 70.64 4.14 15.91
C PRO O 453 71.20 5.52 15.58
N GLU O 454 72.40 5.84 16.05
CA GLU O 454 73.03 7.11 15.75
C GLU O 454 73.57 7.16 14.33
N LYS O 455 73.67 6.02 13.66
CA LYS O 455 74.10 5.94 12.27
C LYS O 455 72.97 6.18 11.29
N GLN O 456 71.81 6.58 11.76
CA GLN O 456 70.70 6.91 10.89
C GLN O 456 70.98 8.15 10.06
N ILE O 457 70.43 8.17 8.86
CA ILE O 457 70.38 9.36 8.03
C ILE O 457 69.13 10.11 8.43
N LEU O 458 69.31 11.16 9.24
CA LEU O 458 68.22 11.97 9.75
C LEU O 458 68.37 13.36 9.18
N ILE O 459 67.37 13.79 8.42
CA ILE O 459 67.45 15.03 7.66
C ILE O 459 66.39 15.97 8.18
N GLU O 460 66.82 17.15 8.65
CA GLU O 460 65.90 18.14 9.13
C GLU O 460 65.08 18.72 7.98
N PRO O 461 63.81 18.98 8.20
CA PRO O 461 63.01 19.64 7.17
C PRO O 461 63.15 21.16 7.27
N VAL O 462 64.33 21.66 6.90
CA VAL O 462 64.70 23.05 7.21
C VAL O 462 63.88 24.05 6.38
N PHE O 463 63.32 23.60 5.27
CA PHE O 463 62.56 24.51 4.42
C PHE O 463 61.17 24.74 4.97
N ALA O 464 60.48 23.66 5.36
CA ALA O 464 59.17 23.83 5.97
C ALA O 464 59.29 24.40 7.38
N GLN O 465 60.42 24.16 8.05
CA GLN O 465 60.69 24.83 9.32
C GLN O 465 60.92 26.32 9.12
N PHE O 466 61.54 26.70 8.00
CA PHE O 466 61.65 28.12 7.66
C PHE O 466 60.29 28.74 7.43
N ILE O 467 59.39 28.02 6.77
CA ILE O 467 58.05 28.56 6.53
C ILE O 467 57.29 28.72 7.84
N GLN O 468 57.46 27.78 8.77
CA GLN O 468 56.86 27.95 10.10
C GLN O 468 57.50 29.10 10.86
N ALA O 469 58.80 29.33 10.67
CA ALA O 469 59.44 30.48 11.28
C ALA O 469 59.06 31.78 10.58
N ALA O 470 58.59 31.68 9.33
CA ALA O 470 58.12 32.87 8.62
C ALA O 470 56.74 33.26 9.09
N HIS O 471 56.10 32.44 9.90
CA HIS O 471 54.77 32.67 10.41
C HIS O 471 54.79 33.11 11.86
N GLY O 472 55.97 33.20 12.46
CA GLY O 472 56.09 33.65 13.82
C GLY O 472 56.37 32.59 14.84
N LYS O 473 56.77 31.39 14.41
CA LYS O 473 57.05 30.34 15.36
C LYS O 473 58.48 30.47 15.87
N VAL O 474 58.61 30.80 17.16
CA VAL O 474 59.89 31.15 17.76
C VAL O 474 60.72 29.92 18.12
N LEU O 475 60.13 28.73 18.02
CA LEU O 475 60.74 27.51 18.53
C LEU O 475 61.98 27.11 17.73
N TYR O 476 62.06 27.50 16.47
CA TYR O 476 63.19 27.09 15.65
C TYR O 476 64.36 28.05 15.80
N GLY O 477 64.08 29.30 16.15
CA GLY O 477 65.12 30.29 16.33
C GLY O 477 65.75 30.80 15.06
N LEU O 478 64.97 31.04 14.01
CA LEU O 478 65.55 31.50 12.76
C LEU O 478 65.55 33.02 12.67
N ASP O 479 64.64 33.68 13.40
CA ASP O 479 64.47 35.13 13.46
C ASP O 479 64.24 35.72 12.07
N THR O 480 63.20 35.22 11.41
CA THR O 480 62.80 35.65 10.08
C THR O 480 61.40 36.22 10.16
N LEU O 481 60.75 36.40 9.01
CA LEU O 481 59.71 37.40 8.68
C LEU O 481 58.74 37.72 9.81
N LEU O 482 57.98 36.77 10.35
CA LEU O 482 57.08 37.13 11.44
C LEU O 482 57.64 36.69 12.79
N SER O 483 58.76 35.98 12.78
CA SER O 483 59.45 35.68 14.03
C SER O 483 60.47 36.76 14.36
N ASN O 484 60.76 37.63 13.39
CA ASN O 484 61.64 38.77 13.59
C ASN O 484 60.77 39.98 13.88
N PRO O 485 60.82 40.57 15.08
CA PRO O 485 59.99 41.75 15.35
C PRO O 485 60.46 43.00 14.64
N ASP O 486 61.71 43.01 14.18
CA ASP O 486 62.21 44.19 13.48
C ASP O 486 61.90 44.16 12.00
N SER O 487 61.26 43.09 11.53
CA SER O 487 61.02 42.92 10.12
C SER O 487 59.91 43.84 9.63
N VAL O 488 59.94 44.15 8.34
CA VAL O 488 58.90 44.99 7.77
C VAL O 488 57.59 44.22 7.65
N ALA O 489 57.67 42.89 7.57
CA ALA O 489 56.46 42.08 7.50
C ALA O 489 55.80 41.96 8.86
N TYR O 490 56.58 42.12 9.94
CA TYR O 490 56.02 42.07 11.27
C TYR O 490 55.30 43.37 11.60
N THR O 491 55.95 44.49 11.33
CA THR O 491 55.40 45.77 11.76
C THR O 491 54.33 46.26 10.80
N ALA O 492 54.37 45.84 9.54
CA ALA O 492 53.62 46.41 8.43
C ALA O 492 53.86 47.92 8.36
N TYR O 493 55.10 48.26 8.02
CA TYR O 493 55.68 49.58 8.27
C TYR O 493 54.90 50.81 7.79
N PRO O 494 54.32 50.89 6.58
CA PRO O 494 53.65 52.15 6.23
C PRO O 494 52.30 52.34 6.89
N ASN O 495 51.64 51.27 7.33
CA ASN O 495 50.27 51.39 7.81
C ASN O 495 50.02 50.82 9.20
N TYR O 496 50.79 49.83 9.64
CA TYR O 496 50.70 49.21 10.97
C TYR O 496 49.33 48.59 11.22
N ALA O 497 48.72 48.04 10.19
CA ALA O 497 47.34 47.58 10.27
C ALA O 497 47.18 46.07 10.36
N ASN O 498 48.24 45.32 10.67
CA ASN O 498 48.11 43.88 10.83
C ASN O 498 47.54 43.59 12.22
N VAL O 499 46.22 43.76 12.32
CA VAL O 499 45.52 43.63 13.59
C VAL O 499 45.48 42.17 14.02
N TRP O 500 45.55 41.26 13.06
CA TRP O 500 45.47 39.84 13.33
C TRP O 500 46.68 39.30 14.07
N LEU O 501 47.80 40.02 14.03
CA LEU O 501 49.08 39.42 14.36
C LEU O 501 49.30 39.03 15.83
N PRO O 502 48.90 39.81 16.85
CA PRO O 502 49.10 39.31 18.24
C PRO O 502 48.34 38.04 18.58
N GLY O 503 47.06 37.93 18.21
CA GLY O 503 46.33 36.71 18.46
C GLY O 503 46.85 35.54 17.64
N TRP O 504 47.34 35.82 16.43
CA TRP O 504 47.95 34.79 15.60
C TRP O 504 49.23 34.24 16.20
N LEU O 505 50.11 35.11 16.70
CA LEU O 505 51.35 34.62 17.29
C LEU O 505 51.08 33.95 18.63
N ASP O 506 50.05 34.39 19.34
CA ASP O 506 49.61 33.70 20.55
C ASP O 506 49.14 32.29 20.23
N ALA O 507 48.48 32.11 19.09
CA ALA O 507 47.98 30.79 18.74
C ALA O 507 49.08 29.90 18.17
N ILE O 508 50.05 30.47 17.49
CA ILE O 508 51.06 29.64 16.85
C ILE O 508 52.19 29.32 17.82
N ASN O 509 52.34 30.11 18.89
CA ASN O 509 53.48 29.91 19.76
C ASN O 509 53.11 29.12 21.00
N SER O 510 51.83 28.90 21.24
CA SER O 510 51.42 27.89 22.19
C SER O 510 51.53 26.53 21.54
N GLY O 511 52.13 25.57 22.25
CA GLY O 511 52.30 24.24 21.72
C GLY O 511 51.16 23.30 22.01
N THR O 512 49.97 23.81 22.34
CA THR O 512 48.86 23.00 22.78
C THR O 512 47.78 22.83 21.71
N ASN O 513 48.13 22.98 20.44
CA ASN O 513 47.18 22.79 19.36
C ASN O 513 47.88 22.20 18.14
N SER O 514 47.10 21.99 17.10
CA SER O 514 47.63 21.49 15.84
C SER O 514 47.94 22.59 14.84
N LEU O 515 48.17 23.81 15.32
CA LEU O 515 48.47 24.93 14.44
C LEU O 515 49.96 25.00 14.20
N PHE O 516 50.39 24.50 13.03
CA PHE O 516 51.79 24.38 12.63
C PHE O 516 52.59 23.58 13.65
N LEU O 517 52.28 22.29 13.72
CA LEU O 517 52.97 21.34 14.58
C LEU O 517 54.47 21.30 14.30
N THR O 518 55.24 21.00 15.33
CA THR O 518 56.69 20.93 15.18
C THR O 518 57.06 19.69 14.39
N ILE O 519 57.96 19.86 13.43
CA ILE O 519 58.32 18.80 12.51
C ILE O 519 59.81 18.48 12.60
N GLY O 520 60.14 17.22 12.32
CA GLY O 520 61.49 16.72 12.39
C GLY O 520 61.81 15.79 11.23
N PRO O 521 62.81 14.92 11.41
CA PRO O 521 63.22 14.04 10.30
C PRO O 521 62.20 12.99 9.89
N GLY O 522 61.38 12.53 10.83
CA GLY O 522 60.32 11.59 10.46
C GLY O 522 59.30 12.22 9.54
N ASP O 523 59.00 13.50 9.79
CA ASP O 523 58.14 14.31 8.93
C ASP O 523 58.74 14.47 7.54
N PHE O 524 60.05 14.64 7.45
CA PHE O 524 60.77 14.69 6.19
C PHE O 524 60.57 13.41 5.37
N LEU O 525 60.84 12.27 6.01
CA LEU O 525 60.77 10.99 5.32
C LEU O 525 59.35 10.66 4.87
N VAL O 526 58.35 10.98 5.70
CA VAL O 526 57.00 10.66 5.29
C VAL O 526 56.50 11.64 4.26
N HIS O 527 57.03 12.87 4.23
CA HIS O 527 56.62 13.78 3.17
C HIS O 527 57.17 13.36 1.83
N HIS O 528 58.32 12.73 1.82
CA HIS O 528 58.83 12.23 0.53
C HIS O 528 58.15 10.94 0.14
N ALA O 529 57.65 10.19 1.11
CA ALA O 529 56.72 9.10 0.79
C ALA O 529 55.42 9.65 0.20
N ILE O 530 54.93 10.79 0.71
CA ILE O 530 53.73 11.41 0.18
C ILE O 530 53.95 11.91 -1.25
N ALA O 531 55.10 12.54 -1.50
CA ALA O 531 55.43 13.00 -2.84
C ALA O 531 55.58 11.85 -3.83
N LEU O 532 56.16 10.72 -3.37
CA LEU O 532 56.17 9.50 -4.17
C LEU O 532 54.76 9.04 -4.52
N GLY O 533 53.88 8.98 -3.52
CA GLY O 533 52.51 8.55 -3.76
C GLY O 533 51.76 9.45 -4.73
N LEU O 534 51.88 10.77 -4.57
CA LEU O 534 51.20 11.71 -5.46
C LEU O 534 51.75 11.65 -6.87
N HIS O 535 53.08 11.57 -7.02
CA HIS O 535 53.67 11.53 -8.35
C HIS O 535 53.39 10.23 -9.06
N THR O 536 53.35 9.12 -8.33
CA THR O 536 53.13 7.83 -8.98
C THR O 536 51.67 7.65 -9.36
N THR O 537 50.76 8.13 -8.50
CA THR O 537 49.34 8.11 -8.83
C THR O 537 49.07 8.99 -10.03
N THR O 538 49.71 10.15 -10.08
CA THR O 538 49.60 11.04 -11.24
C THR O 538 50.19 10.42 -12.48
N LEU O 539 51.29 9.66 -12.34
CA LEU O 539 51.87 8.95 -13.47
C LEU O 539 50.90 7.97 -14.09
N ILE O 540 50.23 7.16 -13.27
CA ILE O 540 49.28 6.19 -13.78
C ILE O 540 48.09 6.89 -14.44
N LEU O 541 47.57 7.93 -13.79
CA LEU O 541 46.39 8.63 -14.30
C LEU O 541 46.69 9.42 -15.57
N VAL O 542 47.79 10.17 -15.58
CA VAL O 542 48.17 11.00 -16.71
C VAL O 542 48.58 10.13 -17.89
N LYS O 543 49.32 9.05 -17.63
CA LYS O 543 49.66 8.10 -18.67
C LYS O 543 48.42 7.50 -19.32
N GLY O 544 47.42 7.14 -18.52
CA GLY O 544 46.25 6.52 -19.10
C GLY O 544 45.32 7.51 -19.76
N ALA O 545 45.39 8.77 -19.37
CA ALA O 545 44.68 9.80 -20.09
C ALA O 545 45.36 10.10 -21.42
N LEU O 546 46.69 10.20 -21.43
CA LEU O 546 47.38 10.62 -22.64
C LEU O 546 47.54 9.47 -23.63
N ASP O 547 47.54 8.23 -23.15
CA ASP O 547 47.54 7.09 -24.07
C ASP O 547 46.15 6.56 -24.33
N ALA O 548 45.11 7.31 -23.98
CA ALA O 548 43.73 6.83 -24.09
C ALA O 548 43.30 6.69 -25.54
N ARG O 549 43.83 7.54 -26.41
CA ARG O 549 43.37 7.55 -27.79
C ARG O 549 44.18 6.58 -28.63
N GLY O 550 45.38 6.23 -28.17
CA GLY O 550 46.20 5.29 -28.89
C GLY O 550 47.62 5.34 -28.39
N SER O 551 48.27 4.19 -28.47
CA SER O 551 49.69 4.05 -28.14
C SER O 551 50.36 3.32 -29.28
N LYS O 552 51.64 3.00 -29.10
CA LYS O 552 52.34 2.26 -30.14
C LYS O 552 51.91 0.79 -30.12
N LEU O 553 51.51 0.29 -28.96
CA LEU O 553 51.05 -1.08 -28.86
C LEU O 553 49.65 -1.24 -29.44
N MET O 554 48.87 -0.17 -29.45
CA MET O 554 47.49 -0.20 -29.94
C MET O 554 47.13 1.18 -30.46
N PRO O 555 47.37 1.45 -31.75
CA PRO O 555 47.15 2.82 -32.26
C PRO O 555 45.70 3.22 -32.38
N ASP O 556 44.79 2.27 -32.52
CA ASP O 556 43.37 2.59 -32.73
C ASP O 556 42.56 2.46 -31.46
N LYS O 557 43.15 2.81 -30.31
CA LYS O 557 42.55 2.53 -29.02
C LYS O 557 41.27 3.34 -28.81
N LYS O 558 41.17 4.49 -29.46
CA LYS O 558 39.96 5.29 -29.37
C LYS O 558 38.78 4.63 -30.08
N ASP O 559 39.04 3.67 -30.97
CA ASP O 559 37.94 3.00 -31.67
C ASP O 559 37.28 1.96 -30.78
N PHE O 560 37.88 1.66 -29.63
CA PHE O 560 37.28 0.66 -28.76
C PHE O 560 36.58 1.26 -27.56
N GLY O 561 36.71 2.55 -27.33
CA GLY O 561 36.04 3.19 -26.22
C GLY O 561 36.95 3.37 -25.04
N TYR O 562 36.33 3.68 -23.90
CA TYR O 562 37.08 3.92 -22.68
C TYR O 562 37.43 2.61 -21.99
N ALA O 563 36.44 1.76 -21.78
CA ALA O 563 36.60 0.54 -21.02
C ALA O 563 36.35 -0.66 -21.92
N PHE O 564 37.40 -1.44 -22.18
CA PHE O 564 37.32 -2.68 -22.91
C PHE O 564 38.32 -3.61 -22.25
N PRO O 565 38.17 -4.95 -22.38
CA PRO O 565 39.12 -5.84 -21.68
C PRO O 565 40.56 -5.71 -22.13
N CYS O 566 40.83 -5.87 -23.42
CA CYS O 566 42.19 -5.97 -23.93
C CYS O 566 42.10 -5.89 -25.44
N ASP O 567 43.22 -6.19 -26.10
CA ASP O 567 43.23 -6.39 -27.53
C ASP O 567 43.66 -7.81 -27.90
N GLY O 568 43.57 -8.76 -26.98
CA GLY O 568 43.85 -10.14 -27.29
C GLY O 568 45.26 -10.58 -26.94
N PRO O 569 45.58 -11.84 -27.26
CA PRO O 569 46.89 -12.38 -26.88
C PRO O 569 48.01 -11.89 -27.76
N GLY O 570 47.69 -11.30 -28.91
CA GLY O 570 48.70 -10.98 -29.88
C GLY O 570 49.54 -9.78 -29.49
N ARG O 571 50.63 -9.62 -30.25
CA ARG O 571 51.62 -8.54 -30.10
C ARG O 571 52.25 -8.55 -28.72
N GLY O 572 52.43 -9.76 -28.17
CA GLY O 572 52.94 -9.96 -26.84
C GLY O 572 51.90 -10.15 -25.77
N GLY O 573 50.66 -9.73 -26.00
CA GLY O 573 49.65 -9.75 -24.96
C GLY O 573 49.30 -8.36 -24.52
N THR O 574 48.03 -8.08 -24.28
CA THR O 574 47.57 -6.72 -24.06
C THR O 574 46.64 -6.60 -22.87
N CYS O 575 46.95 -7.26 -21.75
CA CYS O 575 46.14 -7.12 -20.54
C CYS O 575 46.25 -5.69 -20.05
N ASP O 576 45.13 -5.13 -19.56
CA ASP O 576 45.05 -3.81 -18.97
C ASP O 576 45.50 -2.70 -19.90
N ILE O 577 45.00 -2.64 -21.12
CA ILE O 577 45.56 -1.70 -22.08
C ILE O 577 44.71 -0.45 -22.18
N SER O 578 43.42 -0.56 -21.88
CA SER O 578 42.47 0.54 -22.00
C SER O 578 42.77 1.66 -21.00
N ALA O 579 42.15 2.80 -21.24
CA ALA O 579 42.30 3.94 -20.33
C ALA O 579 41.57 3.71 -19.03
N TRP O 580 40.58 2.81 -19.01
CA TRP O 580 39.90 2.46 -17.78
C TRP O 580 40.83 1.70 -16.85
N ASP O 581 41.78 0.98 -17.43
CA ASP O 581 42.69 0.18 -16.63
C ASP O 581 43.70 1.05 -15.89
N SER O 582 43.93 2.27 -16.35
CA SER O 582 44.77 3.18 -15.59
C SER O 582 44.04 3.79 -14.41
N PHE O 583 42.73 4.02 -14.55
CA PHE O 583 41.87 4.25 -13.39
C PHE O 583 42.03 3.14 -12.36
N TYR O 584 41.83 1.90 -12.82
CA TYR O 584 41.90 0.72 -11.96
C TYR O 584 43.25 0.61 -11.25
N LEU O 585 44.35 0.79 -11.99
CA LEU O 585 45.67 0.67 -11.40
C LEU O 585 45.97 1.86 -10.49
N SER O 586 45.36 3.00 -10.75
CA SER O 586 45.65 4.18 -9.97
C SER O 586 44.88 4.22 -8.68
N LEU O 587 43.77 3.49 -8.60
CA LEU O 587 42.97 3.53 -7.38
C LEU O 587 43.72 2.85 -6.23
N PHE O 588 44.52 1.83 -6.56
CA PHE O 588 45.43 1.22 -5.60
C PHE O 588 46.45 2.20 -5.07
N TRP O 589 47.10 2.94 -5.97
CA TRP O 589 48.09 3.93 -5.56
C TRP O 589 47.49 5.07 -4.76
N ALA O 590 46.25 5.47 -5.09
CA ALA O 590 45.58 6.52 -4.33
C ALA O 590 45.22 6.07 -2.93
N LEU O 591 44.68 4.86 -2.79
CA LEU O 591 44.36 4.31 -1.47
C LEU O 591 45.62 4.13 -0.64
N ASN O 592 46.70 3.64 -1.27
CA ASN O 592 48.01 3.54 -0.63
C ASN O 592 48.49 4.88 -0.12
N THR O 593 48.34 5.92 -0.94
CA THR O 593 48.81 7.26 -0.61
C THR O 593 48.04 7.83 0.57
N VAL O 594 46.71 7.72 0.54
CA VAL O 594 45.92 8.26 1.64
C VAL O 594 46.08 7.38 2.89
N GLY O 595 46.46 6.12 2.70
CA GLY O 595 46.90 5.31 3.82
C GLY O 595 48.14 5.86 4.48
N TRP O 596 49.13 6.27 3.68
CA TRP O 596 50.35 6.84 4.24
C TRP O 596 50.07 8.17 4.95
N VAL O 597 49.25 9.04 4.34
CA VAL O 597 49.01 10.34 4.96
C VAL O 597 48.13 10.19 6.20
N THR O 598 47.26 9.19 6.26
CA THR O 598 46.41 9.09 7.44
C THR O 598 47.08 8.32 8.56
N PHE O 599 47.95 7.36 8.22
CA PHE O 599 48.85 6.78 9.21
C PHE O 599 49.69 7.85 9.85
N TYR O 600 50.26 8.72 9.03
CA TYR O 600 51.14 9.76 9.52
C TYR O 600 50.41 10.79 10.37
N TRP O 601 49.24 11.26 9.91
CA TRP O 601 48.39 12.17 10.68
C TRP O 601 48.07 11.57 12.04
N HIS O 602 47.58 10.32 12.02
CA HIS O 602 47.09 9.69 13.23
C HIS O 602 48.21 9.43 14.21
N TRP O 603 49.38 9.02 13.74
CA TRP O 603 50.44 8.66 14.67
C TRP O 603 51.13 9.90 15.23
N LYS O 604 51.26 10.96 14.42
CA LYS O 604 51.80 12.20 14.96
C LYS O 604 50.85 12.81 15.98
N HIS O 605 49.55 12.89 15.65
CA HIS O 605 48.58 13.45 16.58
C HIS O 605 48.36 12.56 17.80
N LEU O 606 48.58 11.27 17.66
CA LEU O 606 48.39 10.37 18.78
C LEU O 606 49.59 10.44 19.71
N GLY O 607 50.74 10.87 19.18
CA GLY O 607 51.81 11.31 20.05
C GLY O 607 51.53 12.64 20.73
N ILE O 608 50.79 13.53 20.04
CA ILE O 608 50.47 14.84 20.62
C ILE O 608 49.52 14.69 21.80
N TRP O 609 48.50 13.86 21.65
CA TRP O 609 47.37 13.85 22.58
C TRP O 609 47.73 13.15 23.89
N GLN O 610 48.90 12.55 23.99
CA GLN O 610 49.35 11.90 25.20
C GLN O 610 50.46 12.64 25.91
N GLY O 611 50.95 13.73 25.33
CA GLY O 611 52.12 14.37 25.89
C GLY O 611 53.39 13.59 25.69
N ASN O 612 53.43 12.69 24.71
CA ASN O 612 54.62 11.94 24.35
C ASN O 612 54.88 12.16 22.86
N VAL O 613 55.52 13.26 22.53
CA VAL O 613 55.84 13.51 21.13
C VAL O 613 57.10 12.76 20.74
N ALA O 614 57.87 12.31 21.74
CA ALA O 614 59.16 11.70 21.48
C ALA O 614 59.02 10.32 20.85
N GLN O 615 57.85 9.69 21.00
CA GLN O 615 57.60 8.41 20.36
C GLN O 615 57.63 8.54 18.84
N PHE O 616 56.86 9.49 18.31
CA PHE O 616 56.91 9.75 16.87
C PHE O 616 58.27 10.27 16.44
N ASN O 617 58.89 11.13 17.26
CA ASN O 617 60.11 11.78 16.82
C ASN O 617 61.29 10.82 16.79
N GLU O 618 61.25 9.77 17.60
CA GLU O 618 62.37 8.85 17.64
C GLU O 618 62.09 7.60 16.82
N ASN O 619 60.83 7.25 16.60
CA ASN O 619 60.53 5.95 16.03
C ASN O 619 60.04 5.99 14.59
N SER O 620 59.67 7.17 14.08
CA SER O 620 59.15 7.27 12.72
C SER O 620 60.22 7.28 11.66
N THR O 621 61.49 7.16 12.04
CA THR O 621 62.55 7.30 11.06
C THR O 621 62.92 5.95 10.45
N TYR O 622 62.42 4.87 11.02
CA TYR O 622 62.61 3.53 10.49
C TYR O 622 61.28 2.81 10.50
N LEU O 623 61.11 1.86 9.58
CA LEU O 623 59.78 1.34 9.30
C LEU O 623 59.29 0.35 10.35
N MET O 624 60.21 -0.26 11.10
CA MET O 624 59.78 -1.10 12.20
C MET O 624 59.17 -0.26 13.32
N GLY O 625 59.61 0.99 13.46
CA GLY O 625 59.00 1.88 14.43
C GLY O 625 57.56 2.17 14.09
N TRP O 626 57.26 2.35 12.81
CA TRP O 626 55.88 2.42 12.33
C TRP O 626 55.13 1.14 12.62
N PHE O 627 55.69 0.02 12.18
CA PHE O 627 55.01 -1.26 12.25
C PHE O 627 54.78 -1.73 13.68
N ARG O 628 55.64 -1.32 14.61
CA ARG O 628 55.58 -1.71 16.00
C ARG O 628 54.79 -0.73 16.84
N ASP O 629 55.10 0.56 16.76
CA ASP O 629 54.54 1.52 17.70
C ASP O 629 53.22 2.09 17.20
N TYR O 630 52.88 1.90 15.93
CA TYR O 630 51.60 2.41 15.47
C TYR O 630 50.61 1.28 15.18
N LEU O 631 51.02 0.29 14.39
CA LEU O 631 50.09 -0.76 14.00
C LEU O 631 49.91 -1.78 15.12
N TRP O 632 51.01 -2.27 15.68
CA TRP O 632 50.94 -3.34 16.67
C TRP O 632 50.42 -2.82 18.00
N ALA O 633 50.90 -1.66 18.44
CA ALA O 633 50.64 -1.19 19.80
C ALA O 633 49.23 -0.62 19.93
N ASN O 634 48.73 0.05 18.90
CA ASN O 634 47.44 0.68 19.01
C ASN O 634 46.29 -0.27 18.73
N SER O 635 46.55 -1.43 18.18
CA SER O 635 45.45 -2.31 17.81
C SER O 635 45.04 -3.25 18.93
N ALA O 636 45.65 -3.15 20.11
CA ALA O 636 45.40 -4.11 21.19
C ALA O 636 44.01 -3.97 21.76
N GLN O 637 43.61 -2.74 22.09
CA GLN O 637 42.31 -2.52 22.71
C GLN O 637 41.20 -2.64 21.67
N LEU O 638 41.54 -2.47 20.40
CA LEU O 638 40.66 -2.88 19.31
C LEU O 638 40.37 -4.37 19.35
N ILE O 639 41.42 -5.19 19.21
CA ILE O 639 41.23 -6.63 19.05
C ILE O 639 40.79 -7.33 20.33
N ASN O 640 40.83 -6.66 21.47
CA ASN O 640 40.14 -7.12 22.66
C ASN O 640 38.72 -6.58 22.77
N GLY O 641 38.13 -6.13 21.66
CA GLY O 641 36.75 -5.70 21.69
C GLY O 641 35.80 -6.82 22.04
N TYR O 642 36.13 -8.03 21.63
CA TYR O 642 35.56 -9.21 22.25
C TYR O 642 36.66 -10.25 22.40
N ASN O 643 36.52 -11.09 23.40
CA ASN O 643 37.55 -12.02 23.81
C ASN O 643 36.82 -13.15 24.54
N PRO O 644 37.47 -14.24 25.00
CA PRO O 644 36.72 -15.24 25.76
C PRO O 644 36.16 -14.77 27.09
N TYR O 645 36.56 -13.60 27.58
CA TYR O 645 36.09 -13.15 28.87
C TYR O 645 34.88 -12.23 28.76
N GLY O 646 34.61 -11.72 27.57
CA GLY O 646 33.37 -11.00 27.38
C GLY O 646 33.45 -10.02 26.24
N VAL O 647 32.75 -8.91 26.42
CA VAL O 647 32.47 -7.97 25.36
C VAL O 647 32.58 -6.57 25.96
N ASN O 648 32.81 -5.57 25.13
CA ASN O 648 32.74 -4.17 25.56
C ASN O 648 32.24 -3.35 24.38
N ASN O 649 32.34 -2.02 24.49
CA ASN O 649 31.76 -1.16 23.47
C ASN O 649 32.60 -1.08 22.20
N LEU O 650 33.79 -1.66 22.18
CA LEU O 650 34.60 -1.70 20.99
C LEU O 650 34.41 -2.96 20.17
N SER O 651 33.36 -3.74 20.44
CA SER O 651 33.23 -5.04 19.80
C SER O 651 32.70 -4.91 18.39
N VAL O 652 31.93 -3.86 18.10
CA VAL O 652 31.55 -3.61 16.72
C VAL O 652 32.78 -3.25 15.90
N TRP O 653 33.68 -2.48 16.50
CA TRP O 653 34.88 -2.10 15.77
C TRP O 653 35.80 -3.29 15.58
N ALA O 654 35.80 -4.25 16.52
CA ALA O 654 36.57 -5.47 16.33
C ALA O 654 35.98 -6.34 15.23
N TRP O 655 34.66 -6.46 15.23
CA TRP O 655 33.97 -7.24 14.21
C TRP O 655 34.10 -6.60 12.84
N MET O 656 34.09 -5.26 12.78
CA MET O 656 34.23 -4.55 11.53
C MET O 656 35.66 -4.60 11.02
N PHE O 657 36.62 -4.67 11.94
CA PHE O 657 38.02 -4.81 11.59
C PHE O 657 38.27 -6.14 10.89
N LEU O 658 37.75 -7.22 11.48
CA LEU O 658 37.84 -8.52 10.83
C LEU O 658 37.03 -8.57 9.54
N PHE O 659 35.88 -7.92 9.52
CA PHE O 659 35.04 -7.84 8.33
C PHE O 659 35.78 -7.16 7.17
N GLY O 660 36.48 -6.07 7.47
CA GLY O 660 37.19 -5.35 6.44
C GLY O 660 38.39 -6.13 5.90
N HIS O 661 39.07 -6.87 6.79
CA HIS O 661 40.09 -7.80 6.32
C HIS O 661 39.51 -8.85 5.39
N LEU O 662 38.30 -9.33 5.70
CA LEU O 662 37.69 -10.37 4.87
C LEU O 662 37.32 -9.82 3.50
N VAL O 663 36.78 -8.60 3.45
CA VAL O 663 36.31 -8.04 2.18
C VAL O 663 37.49 -7.64 1.30
N TRP O 664 38.54 -7.13 1.93
CA TRP O 664 39.79 -6.86 1.25
C TRP O 664 40.41 -8.13 0.66
N ALA O 665 40.42 -9.21 1.43
CA ALA O 665 41.03 -10.45 0.96
C ALA O 665 40.17 -11.15 -0.08
N THR O 666 38.85 -10.96 -0.01
CA THR O 666 37.96 -11.46 -1.04
C THR O 666 38.20 -10.75 -2.36
N GLY O 667 38.61 -9.48 -2.30
CA GLY O 667 38.97 -8.76 -3.50
C GLY O 667 40.11 -9.36 -4.28
N PHE O 668 41.09 -9.95 -3.57
CA PHE O 668 42.25 -10.56 -4.22
C PHE O 668 41.83 -11.71 -5.13
N MET O 669 40.76 -12.41 -4.79
CA MET O 669 40.24 -13.50 -5.62
C MET O 669 39.85 -12.99 -7.00
N PHE O 670 39.16 -11.86 -7.06
CA PHE O 670 38.76 -11.32 -8.35
C PHE O 670 39.95 -10.70 -9.07
N LEU O 671 40.95 -10.23 -8.32
CA LEU O 671 42.07 -9.55 -8.98
C LEU O 671 43.12 -10.53 -9.48
N ILE O 672 43.17 -11.73 -8.93
CA ILE O 672 44.25 -12.66 -9.28
C ILE O 672 43.74 -13.76 -10.20
N SER O 673 42.71 -14.49 -9.78
CA SER O 673 42.01 -15.44 -10.62
C SER O 673 41.33 -14.67 -11.74
N TRP O 674 41.46 -15.12 -12.97
CA TRP O 674 40.78 -14.44 -14.05
C TRP O 674 39.78 -15.41 -14.68
N ARG O 675 39.16 -15.01 -15.80
CA ARG O 675 37.80 -15.45 -16.11
C ARG O 675 37.69 -16.92 -16.50
N GLY O 676 38.58 -17.40 -17.37
CA GLY O 676 38.32 -18.66 -18.06
C GLY O 676 38.35 -19.87 -17.16
N TYR O 677 39.13 -19.79 -16.06
CA TYR O 677 39.00 -20.73 -14.95
C TYR O 677 37.56 -20.85 -14.49
N TRP O 678 36.92 -19.71 -14.23
CA TRP O 678 35.61 -19.72 -13.64
C TRP O 678 34.55 -20.09 -14.65
N GLN O 679 34.80 -19.81 -15.92
CA GLN O 679 33.86 -20.19 -16.97
C GLN O 679 33.85 -21.70 -17.17
N GLU O 680 35.04 -22.31 -17.18
CA GLU O 680 35.11 -23.77 -17.25
C GLU O 680 34.53 -24.44 -16.00
N LEU O 681 34.60 -23.78 -14.85
CA LEU O 681 34.00 -24.33 -13.64
C LEU O 681 32.46 -24.29 -13.71
N ILE O 682 31.92 -23.11 -14.04
CA ILE O 682 30.48 -22.91 -14.14
C ILE O 682 29.85 -23.83 -15.18
N GLU O 683 30.57 -24.15 -16.26
CA GLU O 683 30.05 -25.10 -17.25
C GLU O 683 29.78 -26.50 -16.66
N THR O 684 30.66 -26.98 -15.77
CA THR O 684 30.40 -28.27 -15.15
C THR O 684 29.25 -28.16 -14.16
N LEU O 685 29.10 -27.01 -13.51
CA LEU O 685 27.94 -26.78 -12.64
C LEU O 685 26.62 -26.80 -13.42
N VAL O 686 26.63 -26.25 -14.63
CA VAL O 686 25.45 -26.26 -15.50
C VAL O 686 25.13 -27.69 -15.92
N TRP O 687 26.18 -28.48 -16.23
CA TRP O 687 26.01 -29.90 -16.48
C TRP O 687 25.34 -30.61 -15.31
N ALA O 688 25.81 -30.34 -14.08
CA ALA O 688 25.32 -31.09 -12.93
C ALA O 688 23.90 -30.71 -12.60
N HIS O 689 23.52 -29.46 -12.83
CA HIS O 689 22.15 -29.08 -12.57
C HIS O 689 21.21 -29.68 -13.61
N GLU O 690 21.66 -29.80 -14.85
CA GLU O 690 20.76 -30.41 -15.83
C GLU O 690 20.71 -31.93 -15.70
N ARG O 691 21.65 -32.53 -14.94
CA ARG O 691 21.62 -33.98 -14.81
C ARG O 691 21.06 -34.43 -13.47
N THR O 692 20.87 -33.52 -12.55
CA THR O 692 20.42 -33.92 -11.23
C THR O 692 18.90 -34.05 -11.21
N PRO O 693 18.34 -35.21 -10.85
CA PRO O 693 16.88 -35.32 -10.64
C PRO O 693 16.47 -34.47 -9.44
N ILE O 694 15.24 -34.59 -9.00
CA ILE O 694 14.34 -33.47 -8.67
C ILE O 694 14.77 -32.01 -8.91
N ALA O 695 16.03 -31.64 -8.69
CA ALA O 695 16.55 -30.33 -9.10
C ALA O 695 16.36 -30.00 -10.59
N ASN O 696 16.12 -31.00 -11.45
CA ASN O 696 15.78 -30.75 -12.85
C ASN O 696 14.46 -30.02 -13.05
N LEU O 697 13.60 -30.01 -12.03
CA LEU O 697 12.30 -29.37 -12.17
C LEU O 697 12.42 -27.88 -12.43
N VAL O 698 13.37 -27.22 -11.80
CA VAL O 698 13.57 -25.81 -12.02
C VAL O 698 14.89 -25.63 -12.74
N ARG O 699 15.03 -24.53 -13.47
CA ARG O 699 16.35 -24.04 -13.86
C ARG O 699 16.29 -22.56 -14.18
N TRP O 700 17.47 -22.03 -14.51
CA TRP O 700 17.65 -20.64 -14.91
C TRP O 700 16.83 -20.27 -16.13
N LYS O 701 16.53 -18.98 -16.24
CA LYS O 701 16.03 -18.44 -17.51
C LYS O 701 17.15 -17.82 -18.30
N ASP O 702 18.13 -17.25 -17.62
CA ASP O 702 19.29 -16.66 -18.25
C ASP O 702 20.54 -17.43 -17.85
N LYS O 703 21.41 -17.65 -18.82
CA LYS O 703 22.41 -18.69 -18.71
C LYS O 703 23.56 -18.25 -17.80
N PRO O 704 23.96 -19.08 -16.84
CA PRO O 704 25.08 -18.73 -15.96
C PRO O 704 26.40 -18.65 -16.73
N VAL O 705 27.01 -17.46 -16.72
CA VAL O 705 28.35 -17.29 -17.26
C VAL O 705 29.21 -16.61 -16.22
N ALA O 706 30.52 -16.84 -16.32
CA ALA O 706 31.45 -16.16 -15.45
C ALA O 706 31.45 -14.66 -15.73
N LEU O 707 31.84 -13.87 -14.72
CA LEU O 707 31.85 -12.42 -14.82
C LEU O 707 32.84 -11.99 -15.89
N SER O 708 32.60 -10.85 -16.52
CA SER O 708 33.52 -10.45 -17.57
C SER O 708 34.81 -9.91 -16.97
N ILE O 709 35.77 -9.64 -17.86
CA ILE O 709 37.13 -9.30 -17.45
C ILE O 709 37.14 -7.93 -16.76
N VAL O 710 36.49 -6.96 -17.40
CA VAL O 710 36.34 -5.64 -16.83
C VAL O 710 35.48 -5.68 -15.58
N GLN O 711 34.42 -6.49 -15.56
CA GLN O 711 33.57 -6.63 -14.38
C GLN O 711 34.35 -7.19 -13.21
N ALA O 712 35.25 -8.11 -13.49
CA ALA O 712 36.12 -8.68 -12.47
C ALA O 712 37.03 -7.64 -11.86
N ARG O 713 37.61 -6.80 -12.71
CA ARG O 713 38.43 -5.71 -12.18
C ARG O 713 37.61 -4.75 -11.33
N VAL O 714 36.35 -4.49 -11.73
CA VAL O 714 35.43 -3.66 -10.93
C VAL O 714 35.17 -4.28 -9.56
N VAL O 715 34.72 -5.53 -9.54
CA VAL O 715 34.30 -6.21 -8.33
C VAL O 715 35.48 -6.40 -7.38
N GLY O 716 36.65 -6.69 -7.95
CA GLY O 716 37.84 -6.82 -7.14
C GLY O 716 38.29 -5.51 -6.53
N LEU O 717 38.29 -4.44 -7.32
CA LEU O 717 38.70 -3.14 -6.82
C LEU O 717 37.70 -2.61 -5.79
N ALA O 718 36.40 -2.87 -5.99
CA ALA O 718 35.39 -2.43 -5.04
C ALA O 718 35.53 -3.15 -3.71
N HIS O 719 35.85 -4.45 -3.76
CA HIS O 719 36.14 -5.17 -2.52
C HIS O 719 37.38 -4.65 -1.83
N PHE O 720 38.45 -4.45 -2.59
CA PHE O 720 39.71 -3.96 -2.07
C PHE O 720 39.51 -2.62 -1.38
N THR O 721 38.72 -1.75 -1.98
CA THR O 721 38.58 -0.41 -1.41
C THR O 721 37.60 -0.41 -0.26
N VAL O 722 36.57 -1.26 -0.28
CA VAL O 722 35.65 -1.33 0.85
C VAL O 722 36.34 -1.92 2.07
N GLY O 723 37.12 -2.98 1.86
CA GLY O 723 37.91 -3.54 2.95
C GLY O 723 38.96 -2.59 3.48
N TYR O 724 39.64 -1.87 2.57
CA TYR O 724 40.63 -0.86 2.93
C TYR O 724 40.03 0.21 3.85
N VAL O 725 38.90 0.78 3.43
CA VAL O 725 38.23 1.84 4.18
C VAL O 725 37.71 1.33 5.52
N LEU O 726 37.01 0.19 5.52
CA LEU O 726 36.36 -0.28 6.73
C LEU O 726 37.36 -0.77 7.77
N THR O 727 38.46 -1.38 7.30
CA THR O 727 39.53 -1.76 8.21
C THR O 727 40.16 -0.55 8.85
N TYR O 728 40.51 0.47 8.05
CA TYR O 728 41.18 1.60 8.67
C TYR O 728 40.24 2.41 9.53
N ALA O 729 38.96 2.46 9.17
CA ALA O 729 37.98 3.15 9.98
C ALA O 729 37.80 2.49 11.33
N ALA O 730 37.66 1.16 11.35
CA ALA O 730 37.55 0.42 12.60
C ALA O 730 38.79 0.61 13.46
N PHE O 731 39.98 0.55 12.86
CA PHE O 731 41.20 0.73 13.64
C PHE O 731 41.35 2.15 14.17
N LEU O 732 41.09 3.15 13.33
CA LEU O 732 41.18 4.56 13.71
C LEU O 732 40.25 4.87 14.87
N ILE O 733 38.97 4.51 14.71
CA ILE O 733 37.97 4.85 15.70
C ILE O 733 38.21 4.10 17.00
N ALA O 734 38.54 2.81 16.92
CA ALA O 734 38.67 2.04 18.14
C ALA O 734 39.94 2.40 18.89
N SER O 735 41.05 2.64 18.17
CA SER O 735 42.28 2.99 18.87
C SER O 735 42.16 4.35 19.54
N THR O 736 41.60 5.34 18.85
CA THR O 736 41.50 6.66 19.45
C THR O 736 40.43 6.69 20.54
N ALA O 737 39.33 5.98 20.35
CA ALA O 737 38.24 6.04 21.30
C ALA O 737 38.46 5.09 22.48
N GLY O 738 39.37 4.14 22.32
CA GLY O 738 39.74 3.32 23.45
C GLY O 738 40.82 3.96 24.28
N LYS O 739 41.62 4.84 23.67
CA LYS O 739 42.63 5.50 24.47
C LYS O 739 42.12 6.84 25.02
N PHE O 740 41.03 7.37 24.47
CA PHE O 740 40.54 8.69 24.86
C PHE O 740 39.02 8.75 24.99
N GLY O 741 38.37 7.64 25.28
CA GLY O 741 36.93 7.67 25.53
C GLY O 741 36.06 7.72 24.29
N SER P 2 26.20 -9.78 -32.60
CA SER P 2 27.46 -10.46 -32.84
C SER P 2 28.61 -9.49 -32.84
N HIS P 3 29.84 -9.99 -32.93
CA HIS P 3 30.97 -9.10 -33.05
C HIS P 3 31.10 -8.62 -34.49
N THR P 4 31.85 -7.56 -34.68
CA THR P 4 32.06 -6.96 -35.99
C THR P 4 33.51 -7.17 -36.41
N VAL P 5 33.71 -7.83 -37.53
CA VAL P 5 35.04 -8.07 -38.08
C VAL P 5 35.14 -7.34 -39.40
N LYS P 6 36.06 -6.38 -39.48
CA LYS P 6 36.20 -5.58 -40.68
C LYS P 6 37.62 -5.68 -41.21
N ILE P 7 37.73 -5.70 -42.53
CA ILE P 7 38.99 -5.91 -43.23
C ILE P 7 39.36 -4.61 -43.93
N TYR P 8 40.55 -4.11 -43.66
CA TYR P 8 41.04 -2.86 -44.20
C TYR P 8 41.87 -3.14 -45.45
N ASP P 9 42.20 -2.09 -46.20
CA ASP P 9 42.74 -2.29 -47.53
C ASP P 9 44.24 -2.58 -47.55
N THR P 10 44.88 -2.68 -46.41
CA THR P 10 46.29 -3.02 -46.36
C THR P 10 46.54 -4.50 -46.37
N CYS P 11 45.52 -5.30 -46.71
CA CYS P 11 45.66 -6.74 -46.84
C CYS P 11 46.64 -7.13 -47.94
N ILE P 12 47.39 -8.19 -47.67
CA ILE P 12 48.32 -8.77 -48.63
C ILE P 12 47.88 -10.16 -49.07
N GLY P 13 46.78 -10.66 -48.53
CA GLY P 13 46.20 -11.93 -48.94
C GLY P 13 47.04 -13.15 -48.62
N CYS P 14 47.59 -13.22 -47.42
CA CYS P 14 48.43 -14.36 -47.09
C CYS P 14 47.62 -15.48 -46.47
N THR P 15 46.31 -15.30 -46.36
CA THR P 15 45.27 -16.24 -45.94
C THR P 15 45.44 -16.75 -44.52
N GLN P 16 46.25 -16.11 -43.68
CA GLN P 16 46.55 -16.69 -42.37
C GLN P 16 45.40 -16.48 -41.39
N CYS P 17 44.59 -15.45 -41.60
CA CYS P 17 43.47 -15.21 -40.69
C CYS P 17 42.39 -16.26 -40.89
N VAL P 18 42.18 -16.69 -42.12
CA VAL P 18 41.19 -17.73 -42.41
C VAL P 18 41.62 -19.05 -41.80
N ARG P 19 42.93 -19.30 -41.79
CA ARG P 19 43.43 -20.53 -41.21
C ARG P 19 43.40 -20.49 -39.69
N ALA P 20 43.57 -19.30 -39.11
CA ALA P 20 43.60 -19.19 -37.67
C ALA P 20 42.21 -19.28 -37.06
N CYS P 21 41.18 -18.95 -37.83
CA CYS P 21 39.84 -18.78 -37.31
C CYS P 21 39.23 -20.11 -36.84
N PRO P 22 38.81 -20.20 -35.58
CA PRO P 22 38.26 -21.48 -35.10
C PRO P 22 36.80 -21.70 -35.43
N THR P 23 36.09 -20.67 -35.88
CA THR P 23 34.64 -20.80 -36.07
C THR P 23 34.19 -20.53 -37.49
N ASP P 24 35.11 -20.49 -38.46
CA ASP P 24 34.82 -20.21 -39.88
C ASP P 24 34.08 -18.89 -40.06
N VAL P 25 34.74 -17.79 -39.74
CA VAL P 25 34.14 -16.50 -40.04
C VAL P 25 34.68 -15.97 -41.34
N LEU P 26 35.94 -16.26 -41.60
CA LEU P 26 36.71 -15.57 -42.62
C LEU P 26 36.82 -16.44 -43.85
N GLU P 27 36.85 -15.80 -45.01
CA GLU P 27 37.11 -16.49 -46.27
C GLU P 27 37.87 -15.55 -47.19
N MET P 28 38.52 -16.13 -48.19
CA MET P 28 39.29 -15.36 -49.14
C MET P 28 38.50 -15.19 -50.43
N VAL P 29 38.47 -13.95 -50.94
CA VAL P 29 37.67 -13.60 -52.11
C VAL P 29 38.61 -13.01 -53.15
N PRO P 30 38.21 -12.98 -54.42
CA PRO P 30 39.06 -12.34 -55.44
C PRO P 30 39.19 -10.83 -55.25
N TRP P 31 40.36 -10.32 -55.64
CA TRP P 31 40.68 -8.91 -55.44
C TRP P 31 41.78 -8.56 -56.41
N ASP P 32 42.12 -7.27 -56.47
CA ASP P 32 43.17 -6.80 -57.34
C ASP P 32 44.03 -5.71 -56.72
N GLY P 33 43.93 -5.50 -55.40
CA GLY P 33 44.68 -4.42 -54.78
C GLY P 33 45.99 -4.87 -54.17
N CYS P 34 46.26 -6.17 -54.21
CA CYS P 34 47.52 -6.69 -53.72
C CYS P 34 48.09 -7.66 -54.75
N LYS P 35 49.33 -8.09 -54.51
CA LYS P 35 50.02 -8.98 -55.43
C LYS P 35 49.37 -10.36 -55.44
N ALA P 36 48.84 -10.80 -54.30
CA ALA P 36 48.26 -12.14 -54.24
C ALA P 36 46.83 -12.16 -54.79
N ALA P 37 46.29 -11.00 -55.14
CA ALA P 37 44.98 -10.80 -55.77
C ALA P 37 43.83 -11.35 -54.93
N GLN P 38 43.88 -11.15 -53.61
CA GLN P 38 42.91 -11.72 -52.69
C GLN P 38 42.86 -10.92 -51.40
N VAL P 39 41.65 -10.65 -50.91
CA VAL P 39 41.41 -10.14 -49.57
C VAL P 39 40.74 -11.18 -48.71
N ALA P 40 40.75 -10.94 -47.42
CA ALA P 40 39.92 -11.68 -46.49
C ALA P 40 38.57 -11.00 -46.36
N SER P 41 37.55 -11.81 -46.12
CA SER P 41 36.18 -11.33 -46.01
C SER P 41 35.50 -12.06 -44.86
N SER P 42 34.60 -11.37 -44.17
CA SER P 42 33.95 -11.92 -42.99
C SER P 42 32.44 -11.95 -43.17
N PRO P 43 31.91 -12.96 -43.88
CA PRO P 43 30.45 -13.04 -44.01
C PRO P 43 29.75 -13.64 -42.80
N ARG P 44 30.39 -14.59 -42.11
CA ARG P 44 29.77 -15.25 -40.96
C ARG P 44 30.24 -14.63 -39.65
N THR P 45 29.95 -13.36 -39.44
CA THR P 45 30.32 -12.76 -38.16
C THR P 45 29.39 -13.20 -37.03
N GLU P 46 28.29 -13.88 -37.35
CA GLU P 46 27.43 -14.41 -36.29
C GLU P 46 28.05 -15.63 -35.63
N ASP P 47 29.05 -16.25 -36.28
CA ASP P 47 29.75 -17.37 -35.68
C ASP P 47 30.96 -16.92 -34.90
N CYS P 48 31.34 -15.66 -35.04
CA CYS P 48 32.52 -15.10 -34.40
C CYS P 48 32.39 -15.10 -32.89
N VAL P 49 33.31 -15.79 -32.22
CA VAL P 49 33.36 -15.78 -30.77
C VAL P 49 34.17 -14.62 -30.22
N GLY P 50 35.05 -14.03 -31.01
CA GLY P 50 35.79 -12.85 -30.58
C GLY P 50 37.17 -13.14 -30.05
N CYS P 51 37.76 -14.28 -30.41
CA CYS P 51 38.97 -14.73 -29.75
C CYS P 51 40.22 -14.06 -30.29
N LYS P 52 40.08 -13.39 -31.44
CA LYS P 52 41.11 -12.61 -32.11
C LYS P 52 42.34 -13.41 -32.51
N ARG P 53 42.19 -14.67 -32.92
CA ARG P 53 43.32 -15.39 -33.48
C ARG P 53 43.71 -14.84 -34.84
N CYS P 54 42.74 -14.23 -35.54
CA CYS P 54 43.00 -13.64 -36.84
C CYS P 54 43.88 -12.41 -36.73
N GLU P 55 43.72 -11.67 -35.64
CA GLU P 55 44.56 -10.51 -35.42
C GLU P 55 45.95 -10.92 -34.96
N THR P 56 46.04 -12.04 -34.26
CA THR P 56 47.34 -12.61 -33.92
C THR P 56 48.05 -13.09 -35.17
N ALA P 57 47.28 -13.55 -36.16
CA ALA P 57 47.88 -14.18 -37.33
C ALA P 57 48.26 -13.15 -38.39
N CYS P 58 47.83 -11.91 -38.26
CA CYS P 58 47.99 -10.95 -39.35
C CYS P 58 49.41 -10.39 -39.39
N PRO P 59 50.07 -10.39 -40.56
CA PRO P 59 51.47 -9.97 -40.63
C PRO P 59 51.72 -8.50 -40.93
N THR P 60 50.70 -7.77 -41.37
CA THR P 60 50.93 -6.38 -41.73
C THR P 60 51.13 -5.54 -40.49
N ASP P 61 51.85 -4.43 -40.64
CA ASP P 61 52.09 -3.55 -39.49
C ASP P 61 50.78 -2.90 -39.12
N PHE P 62 50.25 -3.38 -38.01
CA PHE P 62 48.94 -3.11 -37.49
C PHE P 62 47.83 -3.42 -38.49
N LEU P 63 47.64 -4.72 -38.71
CA LEU P 63 46.30 -5.27 -38.73
C LEU P 63 45.36 -4.82 -39.83
N SER P 64 45.54 -5.39 -41.01
CA SER P 64 44.52 -5.42 -42.05
C SER P 64 43.16 -5.92 -41.58
N ILE P 65 43.06 -6.71 -40.52
CA ILE P 65 41.80 -7.21 -40.00
C ILE P 65 41.63 -6.75 -38.55
N ARG P 66 40.41 -6.36 -38.16
CA ARG P 66 40.11 -6.01 -36.78
C ARG P 66 38.77 -6.58 -36.35
N VAL P 67 38.74 -7.05 -35.10
CA VAL P 67 37.53 -7.53 -34.47
C VAL P 67 37.10 -6.50 -33.45
N TYR P 68 35.86 -6.03 -33.57
CA TYR P 68 35.29 -5.07 -32.64
C TYR P 68 34.22 -5.80 -31.84
N LEU P 69 34.49 -6.01 -30.55
CA LEU P 69 33.59 -6.79 -29.71
C LEU P 69 32.28 -6.04 -29.49
N GLY P 70 31.16 -6.73 -29.73
CA GLY P 70 29.87 -6.11 -29.66
C GLY P 70 28.90 -6.84 -28.74
N ALA P 71 27.66 -7.00 -29.19
CA ALA P 71 26.65 -7.63 -28.37
C ALA P 71 26.92 -9.12 -28.23
N GLU P 72 26.48 -9.69 -27.11
CA GLU P 72 26.75 -11.09 -26.86
C GLU P 72 25.54 -11.96 -27.14
N THR P 73 25.79 -13.06 -27.83
CA THR P 73 24.79 -14.07 -28.12
C THR P 73 25.26 -15.39 -27.55
N THR P 74 24.51 -16.45 -27.83
CA THR P 74 24.93 -17.79 -27.41
C THR P 74 26.15 -18.25 -28.18
N ARG P 75 26.23 -17.85 -29.45
CA ARG P 75 27.38 -18.25 -30.26
C ARG P 75 28.60 -17.43 -29.94
N SER P 76 28.44 -16.12 -29.70
CA SER P 76 29.59 -15.27 -29.50
C SER P 76 30.19 -15.49 -28.11
N MET P 77 29.37 -15.91 -27.16
CA MET P 77 29.88 -16.27 -25.85
C MET P 77 30.42 -17.68 -25.80
N GLY P 78 30.16 -18.49 -26.81
CA GLY P 78 30.72 -19.83 -26.87
C GLY P 78 30.14 -20.78 -25.86
N LEU P 79 28.83 -20.80 -25.72
CA LEU P 79 28.17 -21.65 -24.75
C LEU P 79 27.67 -22.92 -25.43
N ALA P 80 27.98 -24.07 -24.84
CA ALA P 80 27.44 -25.35 -25.25
C ALA P 80 26.14 -25.67 -24.54
N TYR P 81 25.59 -24.72 -23.80
CA TYR P 81 24.37 -24.92 -23.04
C TYR P 81 23.41 -23.74 -23.22
N THR Q 4 17.70 -37.48 -42.56
CA THR Q 4 18.34 -36.33 -43.18
C THR Q 4 19.80 -36.61 -43.50
N LEU Q 5 20.58 -36.90 -42.45
CA LEU Q 5 22.01 -37.11 -42.57
C LEU Q 5 22.31 -38.58 -42.39
N SER Q 6 23.04 -39.15 -43.35
CA SER Q 6 23.40 -40.56 -43.34
C SER Q 6 24.81 -40.68 -42.78
N GLY Q 7 24.97 -41.51 -41.75
CA GLY Q 7 26.29 -41.77 -41.23
C GLY Q 7 26.22 -42.60 -39.97
N LYS Q 8 27.35 -43.19 -39.62
CA LYS Q 8 27.46 -44.04 -38.45
C LYS Q 8 28.14 -43.29 -37.32
N THR Q 9 27.59 -43.41 -36.12
CA THR Q 9 28.16 -42.78 -34.95
C THR Q 9 29.48 -43.45 -34.61
N PRO Q 10 30.55 -42.69 -34.34
CA PRO Q 10 31.84 -43.29 -33.98
C PRO Q 10 31.76 -44.08 -32.69
N LEU Q 11 32.69 -45.00 -32.52
CA LEU Q 11 32.63 -45.99 -31.45
C LEU Q 11 33.28 -45.43 -30.20
N PHE Q 12 32.46 -44.99 -29.25
CA PHE Q 12 32.96 -44.63 -27.93
C PHE Q 12 31.84 -44.88 -26.94
N ALA Q 13 32.23 -45.14 -25.69
CA ALA Q 13 31.26 -45.58 -24.69
C ALA Q 13 30.50 -44.43 -24.04
N GLY Q 14 30.56 -43.23 -24.59
CA GLY Q 14 29.83 -42.10 -24.06
C GLY Q 14 30.67 -41.28 -23.10
N SER Q 15 30.39 -39.99 -23.08
CA SER Q 15 31.03 -39.09 -22.15
C SER Q 15 29.97 -38.20 -21.53
N THR Q 16 30.33 -37.55 -20.43
CA THR Q 16 29.48 -36.51 -19.89
C THR Q 16 29.75 -35.16 -20.51
N GLY Q 17 30.73 -35.08 -21.41
CA GLY Q 17 31.06 -33.87 -22.14
C GLY Q 17 30.25 -33.63 -23.38
N GLY Q 18 29.25 -34.47 -23.65
CA GLY Q 18 28.45 -34.33 -24.83
C GLY Q 18 27.45 -33.19 -24.75
N LEU Q 19 26.40 -33.31 -25.54
CA LEU Q 19 25.57 -32.14 -25.82
C LEU Q 19 24.36 -32.09 -24.88
N LEU Q 20 24.11 -30.90 -24.36
CA LEU Q 20 23.16 -30.60 -23.29
C LEU Q 20 21.81 -30.14 -23.86
N THR Q 21 21.00 -29.51 -23.01
CA THR Q 21 19.61 -29.15 -23.34
C THR Q 21 19.53 -28.11 -24.46
N LYS Q 22 20.63 -27.39 -24.73
CA LYS Q 22 20.67 -26.42 -25.83
C LYS Q 22 20.41 -27.09 -27.19
N ALA Q 23 20.79 -28.36 -27.31
CA ALA Q 23 20.61 -29.09 -28.55
C ALA Q 23 19.15 -29.28 -28.90
N VAL Q 24 18.32 -29.58 -27.91
CA VAL Q 24 16.91 -29.86 -28.20
C VAL Q 24 16.11 -28.56 -28.21
N GLU Q 25 16.62 -27.51 -27.59
CA GLU Q 25 15.84 -26.28 -27.46
C GLU Q 25 16.35 -25.14 -28.33
N GLU Q 26 17.63 -25.09 -28.66
CA GLU Q 26 18.10 -23.94 -29.41
C GLU Q 26 18.66 -24.26 -30.79
N GLU Q 27 19.70 -25.10 -30.85
CA GLU Q 27 20.41 -25.42 -32.09
C GLU Q 27 21.37 -26.55 -31.82
N LYS Q 28 21.77 -27.23 -32.89
CA LYS Q 28 22.58 -28.44 -32.82
C LYS Q 28 23.43 -28.50 -34.07
N TYR Q 29 24.61 -29.08 -33.95
CA TYR Q 29 25.52 -29.20 -35.09
C TYR Q 29 25.84 -30.66 -35.34
N ALA Q 30 26.17 -30.97 -36.58
CA ALA Q 30 26.59 -32.30 -36.98
C ALA Q 30 27.80 -32.16 -37.90
N ILE Q 31 28.72 -33.12 -37.80
CA ILE Q 31 29.83 -33.21 -38.72
C ILE Q 31 29.80 -34.59 -39.38
N THR Q 32 30.00 -34.61 -40.69
CA THR Q 32 30.06 -35.85 -41.46
C THR Q 32 31.40 -35.91 -42.15
N TRP Q 33 31.97 -37.11 -42.25
CA TRP Q 33 33.16 -37.32 -43.04
C TRP Q 33 33.22 -38.80 -43.39
N THR Q 34 34.07 -39.13 -44.35
CA THR Q 34 34.31 -40.51 -44.74
C THR Q 34 35.76 -40.85 -44.44
N SER Q 35 36.00 -42.08 -44.07
CA SER Q 35 37.35 -42.49 -43.74
C SER Q 35 37.79 -43.66 -44.61
N PRO Q 36 39.07 -43.72 -44.99
CA PRO Q 36 39.57 -44.92 -45.68
C PRO Q 36 39.59 -46.15 -44.80
N LYS Q 37 39.79 -45.99 -43.50
CA LYS Q 37 39.89 -47.11 -42.59
C LYS Q 37 39.38 -46.71 -41.21
N ALA Q 38 39.22 -47.70 -40.35
CA ALA Q 38 38.78 -47.44 -38.98
C ALA Q 38 39.98 -47.13 -38.10
N GLN Q 39 39.96 -45.95 -37.48
CA GLN Q 39 41.09 -45.51 -36.67
C GLN Q 39 40.60 -44.63 -35.54
N VAL Q 40 41.48 -44.41 -34.57
CA VAL Q 40 41.12 -43.74 -33.33
C VAL Q 40 41.40 -42.26 -33.46
N PHE Q 41 40.42 -41.44 -33.06
CA PHE Q 41 40.58 -40.00 -33.01
C PHE Q 41 40.11 -39.53 -31.64
N GLU Q 42 40.42 -38.27 -31.32
CA GLU Q 42 40.05 -37.67 -30.06
C GLU Q 42 38.81 -36.81 -30.23
N LEU Q 43 37.84 -36.99 -29.36
CA LEU Q 43 36.64 -36.17 -29.39
C LEU Q 43 36.95 -34.75 -28.90
N PRO Q 44 36.25 -33.75 -29.41
CA PRO Q 44 36.41 -32.40 -28.84
C PRO Q 44 35.83 -32.28 -27.45
N THR Q 45 34.92 -33.20 -27.10
CA THR Q 45 34.36 -33.24 -25.76
C THR Q 45 35.29 -33.94 -24.78
N GLY Q 46 36.31 -34.60 -25.29
CA GLY Q 46 37.27 -35.33 -24.48
C GLY Q 46 37.03 -36.83 -24.60
N GLY Q 47 38.12 -37.56 -24.73
CA GLY Q 47 38.03 -39.00 -24.87
C GLY Q 47 38.44 -39.49 -26.25
N ALA Q 48 38.60 -40.80 -26.35
CA ALA Q 48 39.03 -41.46 -27.57
C ALA Q 48 37.84 -42.17 -28.20
N ALA Q 49 37.80 -42.17 -29.53
CA ALA Q 49 36.72 -42.77 -30.28
C ALA Q 49 37.25 -43.30 -31.59
N THR Q 50 36.66 -44.39 -32.07
CA THR Q 50 37.06 -45.01 -33.32
C THR Q 50 36.07 -44.60 -34.40
N MET Q 51 36.57 -43.99 -35.47
CA MET Q 51 35.75 -43.68 -36.62
C MET Q 51 35.56 -44.93 -37.45
N HIS Q 52 34.48 -44.96 -38.24
CA HIS Q 52 34.21 -46.11 -39.08
C HIS Q 52 34.86 -45.96 -40.44
N GLU Q 53 35.15 -47.10 -41.05
CA GLU Q 53 35.54 -47.14 -42.45
C GLU Q 53 34.30 -46.91 -43.29
N GLY Q 54 34.16 -45.71 -43.82
CA GLY Q 54 32.96 -45.31 -44.52
C GLY Q 54 32.43 -44.04 -43.93
N GLU Q 55 31.13 -43.82 -44.08
CA GLU Q 55 30.54 -42.55 -43.68
C GLU Q 55 30.37 -42.48 -42.17
N ASN Q 56 30.70 -41.32 -41.62
CA ASN Q 56 30.62 -41.07 -40.19
C ASN Q 56 29.73 -39.87 -39.93
N LEU Q 57 29.06 -39.87 -38.78
CA LEU Q 57 28.22 -38.76 -38.36
C LEU Q 57 28.35 -38.61 -36.87
N LEU Q 58 28.61 -37.38 -36.41
CA LEU Q 58 28.89 -37.12 -35.02
C LEU Q 58 28.25 -35.80 -34.65
N TYR Q 59 27.15 -35.85 -33.90
CA TYR Q 59 26.43 -34.66 -33.49
C TYR Q 59 27.21 -33.94 -32.39
N ILE Q 60 27.23 -32.63 -32.44
CA ILE Q 60 28.03 -31.79 -31.55
C ILE Q 60 27.23 -30.58 -31.12
N ALA Q 61 27.70 -29.93 -30.05
CA ALA Q 61 26.94 -28.84 -29.46
C ALA Q 61 27.30 -27.50 -30.08
N ARG Q 62 28.56 -27.31 -30.44
CA ARG Q 62 29.04 -26.04 -30.97
C ARG Q 62 29.71 -26.26 -32.32
N LYS Q 63 29.73 -25.18 -33.11
CA LYS Q 63 30.37 -25.22 -34.43
C LYS Q 63 31.89 -25.33 -34.30
N GLU Q 64 32.44 -24.70 -33.26
CA GLU Q 64 33.87 -24.73 -33.00
C GLU Q 64 34.36 -26.15 -32.71
N TYR Q 65 33.48 -27.00 -32.18
CA TYR Q 65 33.79 -28.42 -32.01
C TYR Q 65 34.02 -29.07 -33.36
N GLY Q 66 33.18 -28.72 -34.34
CA GLY Q 66 33.31 -29.30 -35.66
C GLY Q 66 34.52 -28.80 -36.41
N ILE Q 67 34.89 -27.55 -36.19
CA ILE Q 67 36.06 -27.05 -36.91
C ILE Q 67 37.35 -27.52 -36.23
N ALA Q 68 37.33 -27.74 -34.91
CA ALA Q 68 38.46 -28.38 -34.26
C ALA Q 68 38.60 -29.83 -34.71
N LEU Q 69 37.48 -30.53 -34.84
CA LEU Q 69 37.54 -31.91 -35.31
C LEU Q 69 37.96 -31.99 -36.76
N GLY Q 70 37.51 -31.04 -37.58
CA GLY Q 70 37.92 -31.02 -38.98
C GLY Q 70 39.36 -30.62 -39.17
N GLY Q 71 39.90 -29.84 -38.24
CA GLY Q 71 41.33 -29.58 -38.25
C GLY Q 71 42.12 -30.81 -37.82
N GLN Q 72 41.54 -31.62 -36.94
CA GLN Q 72 42.18 -32.86 -36.55
C GLN Q 72 42.13 -33.90 -37.68
N LEU Q 73 41.04 -33.92 -38.43
CA LEU Q 73 40.85 -34.93 -39.47
C LEU Q 73 41.79 -34.71 -40.65
N ARG Q 74 42.31 -33.49 -40.80
CA ARG Q 74 43.33 -33.23 -41.79
C ARG Q 74 44.63 -33.96 -41.48
N LYS Q 75 44.91 -34.22 -40.20
CA LYS Q 75 46.09 -35.01 -39.85
C LYS Q 75 45.91 -36.47 -40.23
N PHE Q 76 44.67 -36.92 -40.37
CA PHE Q 76 44.38 -38.24 -40.89
C PHE Q 76 44.13 -38.22 -42.39
N LYS Q 77 44.53 -37.13 -43.06
CA LYS Q 77 44.43 -36.94 -44.51
C LYS Q 77 42.99 -37.01 -45.01
N ILE Q 78 42.07 -36.51 -44.19
CA ILE Q 78 40.64 -36.53 -44.50
C ILE Q 78 40.20 -35.10 -44.72
N THR Q 79 39.83 -34.77 -45.96
CA THR Q 79 39.48 -33.40 -46.32
C THR Q 79 38.06 -33.27 -46.86
N ASN Q 80 37.22 -34.28 -46.72
CA ASN Q 80 35.86 -34.22 -47.21
C ASN Q 80 34.83 -34.03 -46.12
N TYR Q 81 35.15 -33.29 -45.07
CA TYR Q 81 34.22 -33.17 -43.96
C TYR Q 81 33.25 -32.01 -44.18
N LYS Q 82 32.02 -32.20 -43.69
CA LYS Q 82 30.95 -31.23 -43.84
C LYS Q 82 30.32 -30.97 -42.47
N ILE Q 83 29.98 -29.72 -42.20
CA ILE Q 83 29.40 -29.33 -40.92
C ILE Q 83 28.01 -28.77 -41.16
N TYR Q 84 27.03 -29.28 -40.44
CA TYR Q 84 25.64 -28.86 -40.57
C TYR Q 84 25.18 -28.13 -39.32
N ARG Q 85 24.16 -27.31 -39.48
CA ARG Q 85 23.48 -26.66 -38.37
C ARG Q 85 22.04 -27.13 -38.34
N ILE Q 86 21.60 -27.67 -37.20
CA ILE Q 86 20.28 -28.26 -37.06
C ILE Q 86 19.51 -27.48 -36.01
N LEU Q 87 18.31 -27.06 -36.37
CA LEU Q 87 17.42 -26.32 -35.50
C LEU Q 87 16.46 -27.29 -34.81
N PRO Q 88 15.74 -26.88 -33.75
CA PRO Q 88 14.80 -27.82 -33.12
C PRO Q 88 13.60 -28.17 -33.97
N SER Q 89 13.33 -27.37 -35.00
CA SER Q 89 12.27 -27.71 -35.95
C SER Q 89 12.65 -28.89 -36.82
N GLY Q 90 13.94 -29.22 -36.87
CA GLY Q 90 14.46 -30.20 -37.79
C GLY Q 90 15.13 -29.58 -38.99
N GLU Q 91 15.24 -28.26 -39.03
CA GLU Q 91 15.80 -27.58 -40.19
C GLU Q 91 17.31 -27.74 -40.23
N THR Q 92 17.79 -28.47 -41.22
CA THR Q 92 19.20 -28.77 -41.40
C THR Q 92 19.77 -27.87 -42.48
N THR Q 93 20.77 -27.07 -42.13
CA THR Q 93 21.44 -26.20 -43.08
C THR Q 93 22.91 -26.55 -43.13
N PHE Q 94 23.49 -26.37 -44.31
CA PHE Q 94 24.87 -26.73 -44.58
C PHE Q 94 25.74 -25.48 -44.51
N ILE Q 95 26.60 -25.42 -43.51
CA ILE Q 95 27.44 -24.24 -43.28
C ILE Q 95 28.93 -24.35 -43.59
N HIS Q 96 29.54 -25.51 -43.38
CA HIS Q 96 30.97 -25.63 -43.65
C HIS Q 96 31.33 -26.92 -44.43
N PRO Q 97 32.04 -26.84 -45.63
CA PRO Q 97 32.31 -25.50 -46.16
C PRO Q 97 31.10 -25.08 -46.97
N ALA Q 98 30.62 -23.87 -46.74
CA ALA Q 98 29.42 -23.38 -47.40
C ALA Q 98 29.45 -23.26 -48.92
N ASP Q 99 30.58 -22.84 -49.45
CA ASP Q 99 30.73 -22.58 -50.88
C ASP Q 99 30.95 -23.88 -51.65
N GLY Q 100 31.29 -24.96 -50.95
CA GLY Q 100 31.81 -26.16 -51.59
C GLY Q 100 33.32 -26.23 -51.62
N VAL Q 101 33.99 -25.08 -51.60
CA VAL Q 101 35.44 -25.01 -51.50
C VAL Q 101 35.75 -24.47 -50.10
N PHE Q 102 36.84 -24.97 -49.52
CA PHE Q 102 37.29 -24.47 -48.22
C PHE Q 102 37.63 -22.98 -48.31
N PRO Q 103 37.43 -22.25 -47.21
CA PRO Q 103 37.61 -20.79 -47.28
C PRO Q 103 39.06 -20.33 -47.41
N GLU Q 104 40.02 -21.22 -47.28
CA GLU Q 104 41.41 -20.81 -47.47
C GLU Q 104 41.75 -20.65 -48.94
N LYS Q 105 40.99 -21.30 -49.81
CA LYS Q 105 41.17 -21.16 -51.25
C LYS Q 105 40.21 -20.11 -51.78
N VAL Q 106 40.68 -19.31 -52.72
CA VAL Q 106 39.81 -18.36 -53.40
C VAL Q 106 38.90 -19.10 -54.36
N ASN Q 107 37.60 -18.84 -54.27
CA ASN Q 107 36.66 -19.29 -55.27
C ASN Q 107 35.93 -18.08 -55.82
N ALA Q 108 35.62 -18.13 -57.12
CA ALA Q 108 34.81 -17.09 -57.71
C ALA Q 108 33.37 -17.19 -57.22
N GLY Q 109 32.63 -16.09 -57.32
CA GLY Q 109 31.30 -16.02 -56.79
C GLY Q 109 31.20 -15.52 -55.37
N ARG Q 110 32.33 -15.43 -54.66
CA ARG Q 110 32.39 -14.84 -53.33
C ARG Q 110 32.56 -13.34 -53.46
N GLU Q 111 31.89 -12.58 -52.60
CA GLU Q 111 31.96 -11.14 -52.62
C GLU Q 111 32.64 -10.61 -51.36
N LYS Q 112 33.20 -9.41 -51.45
CA LYS Q 112 33.80 -8.77 -50.29
C LYS Q 112 32.72 -8.36 -49.31
N VAL Q 113 32.81 -8.86 -48.09
CA VAL Q 113 31.90 -8.51 -47.02
C VAL Q 113 32.70 -7.79 -45.94
N ARG Q 114 32.23 -6.60 -45.54
CA ARG Q 114 32.81 -5.78 -44.47
C ARG Q 114 34.24 -5.39 -44.78
N PHE Q 115 34.46 -4.95 -46.01
CA PHE Q 115 35.73 -4.42 -46.47
C PHE Q 115 35.69 -2.90 -46.36
N ASN Q 116 36.73 -2.33 -45.77
CA ASN Q 116 36.92 -0.88 -45.71
C ASN Q 116 38.02 -0.49 -46.67
N ALA Q 117 37.74 0.48 -47.53
CA ALA Q 117 38.68 0.88 -48.57
C ALA Q 117 39.57 2.03 -48.09
N ARG Q 118 40.18 1.82 -46.93
CA ARG Q 118 41.07 2.78 -46.30
C ARG Q 118 41.87 2.02 -45.26
N SER Q 119 42.99 2.60 -44.85
CA SER Q 119 43.73 2.00 -43.75
C SER Q 119 43.07 2.38 -42.44
N ILE Q 120 43.45 1.67 -41.38
CA ILE Q 120 42.72 1.76 -40.12
C ILE Q 120 43.03 3.06 -39.39
N GLY Q 121 44.21 3.63 -39.64
CA GLY Q 121 44.51 4.96 -39.10
C GLY Q 121 43.71 6.08 -39.73
N GLU Q 122 42.97 5.79 -40.79
CA GLU Q 122 42.12 6.76 -41.44
C GLU Q 122 40.67 6.70 -41.00
N ASN Q 123 40.37 5.94 -39.94
CA ASN Q 123 39.02 5.98 -39.36
C ASN Q 123 38.78 7.33 -38.69
N PRO Q 124 37.55 7.81 -38.70
CA PRO Q 124 37.27 9.11 -38.05
C PRO Q 124 37.29 9.01 -36.55
N ASN Q 125 37.23 10.17 -35.91
CA ASN Q 125 37.25 10.25 -34.47
C ASN Q 125 35.91 9.83 -33.89
N PRO Q 126 35.87 9.40 -32.63
CA PRO Q 126 34.58 9.07 -32.00
C PRO Q 126 33.69 10.29 -31.80
N SER Q 127 34.28 11.47 -31.62
CA SER Q 127 33.48 12.66 -31.38
C SER Q 127 32.85 13.18 -32.67
N GLN Q 128 33.39 12.78 -33.82
CA GLN Q 128 32.79 13.17 -35.09
C GLN Q 128 31.53 12.36 -35.37
N VAL Q 129 31.44 11.18 -34.78
CA VAL Q 129 30.31 10.28 -35.01
C VAL Q 129 29.37 10.23 -33.80
N LYS Q 130 29.51 11.17 -32.87
CA LYS Q 130 28.75 11.12 -31.62
C LYS Q 130 27.30 11.54 -31.84
N PHE Q 131 26.40 10.82 -31.20
CA PHE Q 131 24.93 10.90 -31.25
C PHE Q 131 24.36 10.54 -32.62
N SER Q 132 25.17 10.07 -33.57
CA SER Q 132 24.71 9.83 -34.93
C SER Q 132 24.22 8.41 -35.14
N GLY Q 133 24.49 7.50 -34.20
CA GLY Q 133 24.05 6.13 -34.34
C GLY Q 133 24.96 5.25 -35.17
N LYS Q 134 26.16 5.73 -35.51
CA LYS Q 134 27.10 4.97 -36.30
C LYS Q 134 28.39 4.75 -35.52
N ALA Q 135 29.16 3.76 -35.94
CA ALA Q 135 30.44 3.51 -35.32
C ALA Q 135 31.54 4.23 -36.09
N THR Q 136 32.72 4.29 -35.47
CA THR Q 136 33.87 4.93 -36.11
C THR Q 136 34.37 4.10 -37.27
N TYR Q 137 34.25 2.79 -37.15
CA TYR Q 137 34.73 1.86 -38.16
C TYR Q 137 33.69 1.52 -39.22
N ASP Q 138 32.50 2.10 -39.15
CA ASP Q 138 31.48 1.84 -40.16
C ASP Q 138 31.90 2.40 -41.52
N ALA Q 139 31.55 1.67 -42.57
CA ALA Q 139 31.80 2.00 -43.98
C ALA Q 139 33.27 2.26 -44.29
N VAL R 2 61.52 6.60 -54.84
CA VAL R 2 61.76 5.42 -54.02
C VAL R 2 62.42 4.33 -54.86
N GLN R 3 63.66 4.03 -54.54
CA GLN R 3 64.47 3.06 -55.27
C GLN R 3 64.79 1.91 -54.33
N ARG R 4 65.08 0.74 -54.91
CA ARG R 4 65.51 -0.41 -54.13
C ARG R 4 66.86 -0.14 -53.46
N GLY R 5 66.91 -0.37 -52.16
CA GLY R 5 68.12 -0.12 -51.40
C GLY R 5 68.27 1.28 -50.87
N SER R 6 67.25 2.12 -51.02
CA SER R 6 67.31 3.51 -50.56
C SER R 6 66.71 3.61 -49.16
N LYS R 7 67.41 4.30 -48.27
CA LYS R 7 66.92 4.51 -46.92
C LYS R 7 65.75 5.48 -46.92
N VAL R 8 64.63 5.07 -46.32
CA VAL R 8 63.42 5.87 -46.28
C VAL R 8 62.93 5.99 -44.84
N ARG R 9 62.02 6.93 -44.63
CA ARG R 9 61.43 7.21 -43.34
C ARG R 9 59.91 7.16 -43.44
N ILE R 10 59.28 6.52 -42.45
CA ILE R 10 57.87 6.19 -42.54
C ILE R 10 57.02 7.40 -42.15
N LEU R 11 55.95 7.64 -42.91
CA LEU R 11 55.00 8.70 -42.60
C LEU R 11 53.61 8.16 -42.29
N ARG R 12 53.48 6.85 -42.09
CA ARG R 12 52.23 6.25 -41.66
C ARG R 12 52.14 6.32 -40.16
N PRO R 13 51.14 7.02 -39.58
CA PRO R 13 51.15 7.23 -38.12
C PRO R 13 50.84 5.98 -37.32
N GLU R 14 50.04 5.07 -37.87
CA GLU R 14 49.64 3.86 -37.17
C GLU R 14 50.76 2.84 -37.11
N SER R 15 51.86 3.07 -37.81
CA SER R 15 52.88 2.05 -37.98
C SER R 15 53.76 1.97 -36.73
N TYR R 16 54.43 0.82 -36.59
CA TYR R 16 55.38 0.65 -35.50
C TYR R 16 56.58 1.56 -35.69
N TRP R 17 56.95 1.81 -36.95
CA TRP R 17 58.17 2.51 -37.26
C TRP R 17 57.92 3.90 -37.79
N PHE R 18 56.87 4.56 -37.33
CA PHE R 18 56.58 5.93 -37.73
C PHE R 18 57.72 6.85 -37.31
N GLN R 19 58.22 7.62 -38.28
CA GLN R 19 59.41 8.47 -38.16
C GLN R 19 60.64 7.67 -37.76
N ASP R 20 60.88 6.55 -38.45
CA ASP R 20 62.03 5.70 -38.22
C ASP R 20 62.57 5.21 -39.55
N VAL R 21 63.89 5.04 -39.63
CA VAL R 21 64.54 4.78 -40.90
C VAL R 21 64.40 3.31 -41.29
N GLY R 22 63.95 3.07 -42.52
CA GLY R 22 63.86 1.73 -43.04
C GLY R 22 64.60 1.62 -44.36
N THR R 23 64.65 0.41 -44.90
CA THR R 23 65.35 0.12 -46.14
C THR R 23 64.41 -0.55 -47.12
N VAL R 24 64.37 -0.04 -48.35
CA VAL R 24 63.45 -0.53 -49.38
C VAL R 24 63.98 -1.88 -49.87
N ALA R 25 63.10 -2.88 -49.88
CA ALA R 25 63.49 -4.20 -50.35
C ALA R 25 63.12 -4.39 -51.82
N SER R 26 61.89 -4.07 -52.19
CA SER R 26 61.44 -4.17 -53.58
C SER R 26 60.23 -3.28 -53.78
N VAL R 27 60.03 -2.87 -55.02
CA VAL R 27 58.89 -2.03 -55.42
C VAL R 27 58.14 -2.72 -56.53
N ASP R 28 56.83 -2.87 -56.35
CA ASP R 28 55.97 -3.54 -57.32
C ASP R 28 55.43 -2.51 -58.30
N GLN R 29 55.38 -2.88 -59.58
CA GLN R 29 54.89 -2.02 -60.64
C GLN R 29 53.50 -2.41 -61.12
N SER R 30 52.74 -3.15 -60.31
CA SER R 30 51.44 -3.64 -60.74
C SER R 30 50.32 -2.62 -60.54
N GLY R 31 50.65 -1.42 -60.08
CA GLY R 31 49.62 -0.43 -59.80
C GLY R 31 48.88 -0.66 -58.50
N ILE R 32 49.41 -1.50 -57.62
CA ILE R 32 48.75 -1.74 -56.34
C ILE R 32 48.97 -0.56 -55.41
N LYS R 33 48.18 -0.52 -54.34
CA LYS R 33 48.09 0.69 -53.53
C LYS R 33 49.29 0.84 -52.59
N TYR R 34 49.80 -0.27 -52.08
CA TYR R 34 50.94 -0.24 -51.15
C TYR R 34 52.05 -1.12 -51.72
N PRO R 35 52.80 -0.62 -52.71
CA PRO R 35 53.72 -1.51 -53.43
C PRO R 35 55.08 -1.68 -52.76
N VAL R 36 55.55 -0.69 -52.01
CA VAL R 36 56.93 -0.67 -51.59
C VAL R 36 57.13 -1.54 -50.36
N ILE R 37 57.94 -2.59 -50.50
CA ILE R 37 58.30 -3.47 -49.39
C ILE R 37 59.50 -2.87 -48.69
N VAL R 38 59.34 -2.56 -47.41
CA VAL R 38 60.38 -1.90 -46.62
C VAL R 38 60.77 -2.82 -45.47
N ARG R 39 62.07 -2.95 -45.23
CA ARG R 39 62.61 -3.77 -44.16
C ARG R 39 63.23 -2.89 -43.08
N PHE R 40 63.26 -3.39 -41.85
CA PHE R 40 63.68 -2.63 -40.69
C PHE R 40 64.63 -3.47 -39.85
N ASP R 41 65.48 -2.81 -39.05
CA ASP R 41 66.28 -3.55 -38.09
C ASP R 41 65.48 -3.85 -36.83
N LYS R 42 64.68 -2.89 -36.37
CA LYS R 42 63.78 -3.12 -35.26
C LYS R 42 62.60 -3.99 -35.69
N VAL R 43 62.20 -4.91 -34.84
CA VAL R 43 61.00 -5.69 -35.08
C VAL R 43 59.86 -5.03 -34.31
N ASN R 44 58.64 -5.25 -34.77
CA ASN R 44 57.48 -4.70 -34.08
C ASN R 44 57.09 -5.61 -32.92
N TYR R 45 55.90 -5.37 -32.36
CA TYR R 45 55.48 -6.17 -31.22
C TYR R 45 55.09 -7.58 -31.63
N ALA R 46 54.75 -7.78 -32.90
CA ALA R 46 54.49 -9.11 -33.40
C ALA R 46 55.76 -9.86 -33.78
N GLY R 47 56.92 -9.21 -33.77
CA GLY R 47 58.15 -9.85 -34.17
C GLY R 47 58.44 -9.81 -35.65
N ILE R 48 57.83 -8.89 -36.38
CA ILE R 48 57.93 -8.79 -37.83
C ILE R 48 58.66 -7.49 -38.16
N ASN R 49 59.54 -7.52 -39.15
CA ASN R 49 60.28 -6.34 -39.54
C ASN R 49 60.10 -5.95 -41.01
N THR R 50 58.98 -6.31 -41.63
CA THR R 50 58.66 -5.88 -42.98
C THR R 50 57.24 -5.34 -43.03
N ASN R 51 57.00 -4.38 -43.93
CA ASN R 51 55.66 -3.89 -44.20
C ASN R 51 55.62 -3.31 -45.60
N ASN R 52 54.43 -3.34 -46.20
CA ASN R 52 54.16 -2.68 -47.47
C ASN R 52 53.75 -1.24 -47.22
N PHE R 53 54.30 -0.31 -48.01
CA PHE R 53 53.99 1.10 -47.89
C PHE R 53 53.71 1.68 -49.26
N ALA R 54 53.01 2.82 -49.27
CA ALA R 54 52.85 3.58 -50.49
C ALA R 54 54.01 4.55 -50.66
N VAL R 55 54.04 5.21 -51.81
CA VAL R 55 55.09 6.17 -52.09
C VAL R 55 54.87 7.44 -51.28
N ASP R 56 53.60 7.74 -50.98
CA ASP R 56 53.27 8.95 -50.22
C ASP R 56 53.65 8.81 -48.75
N GLU R 57 53.84 7.58 -48.29
CA GLU R 57 54.13 7.34 -46.88
C GLU R 57 55.63 7.34 -46.62
N LEU R 58 56.44 7.69 -47.61
CA LEU R 58 57.88 7.60 -47.49
C LEU R 58 58.55 8.91 -47.88
N ILE R 59 59.63 9.24 -47.18
CA ILE R 59 60.55 10.30 -47.59
C ILE R 59 61.94 9.71 -47.62
N GLU R 60 62.73 10.09 -48.62
CA GLU R 60 64.07 9.52 -48.76
C GLU R 60 65.02 10.12 -47.74
N VAL R 61 65.87 9.28 -47.18
CA VAL R 61 66.86 9.68 -46.19
C VAL R 61 68.24 9.48 -46.79
N GLU R 62 68.94 10.57 -47.08
CA GLU R 62 70.27 10.50 -47.65
C GLU R 62 71.22 11.45 -46.92
N LEU S 24 69.92 24.00 14.02
CA LEU S 24 68.94 24.93 13.49
C LEU S 24 67.57 24.74 14.14
N GLY S 25 66.77 23.89 13.52
CA GLY S 25 65.37 23.76 13.89
C GLY S 25 65.10 22.56 14.78
N ALA S 26 64.15 22.75 15.71
CA ALA S 26 63.62 21.74 16.61
C ALA S 26 64.73 21.16 17.51
N ASP S 27 65.30 22.06 18.32
CA ASP S 27 66.18 21.73 19.44
C ASP S 27 67.47 21.03 19.01
N LEU S 28 68.16 21.62 18.03
CA LEU S 28 69.43 21.09 17.58
C LEU S 28 70.57 21.77 18.34
N THR S 29 71.36 20.98 19.03
CA THR S 29 72.57 21.40 19.71
C THR S 29 73.74 20.71 19.04
N PRO S 30 74.96 21.20 19.24
CA PRO S 30 76.13 20.40 18.86
C PRO S 30 76.20 19.14 19.71
N CYS S 31 76.80 18.09 19.14
CA CYS S 31 76.81 16.79 19.80
C CYS S 31 77.71 16.80 21.03
N ALA S 32 78.69 17.69 21.08
CA ALA S 32 79.57 17.76 22.23
C ALA S 32 78.85 18.32 23.45
N GLU S 33 77.81 19.14 23.24
CA GLU S 33 77.14 19.78 24.35
C GLU S 33 75.93 18.99 24.82
N ASN S 34 75.51 17.99 24.04
CA ASN S 34 74.26 17.29 24.33
C ASN S 34 74.52 16.16 25.33
N PRO S 35 73.80 16.11 26.44
CA PRO S 35 73.97 14.98 27.38
C PRO S 35 73.50 13.64 26.84
N ALA S 36 72.53 13.63 25.92
CA ALA S 36 72.03 12.36 25.41
C ALA S 36 73.03 11.71 24.45
N PHE S 37 73.74 12.53 23.68
CA PHE S 37 74.80 12.02 22.80
C PHE S 37 75.94 11.43 23.61
N GLN S 38 76.30 12.08 24.72
CA GLN S 38 77.38 11.58 25.55
C GLN S 38 76.91 10.40 26.40
N ALA S 39 75.60 10.27 26.60
CA ALA S 39 75.07 9.07 27.24
C ALA S 39 75.10 7.88 26.29
N LEU S 40 74.82 8.13 25.00
CA LEU S 40 74.90 7.05 24.02
C LEU S 40 76.35 6.71 23.68
N ALA S 41 77.27 7.64 23.91
CA ALA S 41 78.66 7.43 23.51
C ALA S 41 79.36 6.45 24.47
N LYS S 42 78.84 6.30 25.68
CA LYS S 42 79.44 5.39 26.64
C LYS S 42 79.15 3.94 26.28
N ASN S 43 77.88 3.62 26.05
CA ASN S 43 77.48 2.30 25.57
C ASN S 43 77.48 2.35 24.06
N ALA S 44 78.64 2.11 23.45
CA ALA S 44 78.82 2.25 22.02
C ALA S 44 79.24 0.91 21.44
N ARG S 45 78.39 0.35 20.59
CA ARG S 45 78.73 -0.91 19.93
C ARG S 45 79.85 -0.70 18.92
N ASN S 46 80.69 -1.71 18.79
CA ASN S 46 81.82 -1.67 17.87
C ASN S 46 81.35 -2.15 16.51
N THR S 47 81.56 -1.32 15.49
CA THR S 47 81.07 -1.66 14.16
C THR S 47 81.96 -2.72 13.50
N THR S 48 83.27 -2.61 13.69
CA THR S 48 84.25 -3.49 13.08
C THR S 48 85.01 -4.25 14.16
N ALA S 49 86.09 -4.93 13.73
CA ALA S 49 86.75 -5.89 14.61
C ALA S 49 87.63 -5.20 15.66
N ASP S 50 88.07 -3.98 15.39
CA ASP S 50 88.88 -3.28 16.38
C ASP S 50 88.00 -2.82 17.55
N PRO S 51 88.53 -2.81 18.77
CA PRO S 51 87.66 -2.52 19.93
C PRO S 51 87.26 -1.07 20.06
N GLN S 52 87.90 -0.16 19.34
CA GLN S 52 87.63 1.26 19.48
C GLN S 52 86.79 1.83 18.35
N SER S 53 86.05 1.00 17.61
CA SER S 53 85.19 1.51 16.55
C SER S 53 84.03 2.30 17.12
N GLY S 54 83.49 1.86 18.25
CA GLY S 54 82.36 2.55 18.84
C GLY S 54 82.74 3.89 19.45
N GLN S 55 83.98 4.01 19.92
CA GLN S 55 84.43 5.28 20.46
C GLN S 55 84.78 6.25 19.34
N LYS S 56 85.47 5.76 18.29
CA LYS S 56 85.86 6.61 17.18
C LYS S 56 84.66 7.05 16.36
N ARG S 57 83.59 6.24 16.36
CA ARG S 57 82.35 6.63 15.69
C ARG S 57 81.76 7.89 16.30
N PHE S 58 81.64 7.93 17.62
CA PHE S 58 81.10 9.11 18.27
C PHE S 58 82.09 10.26 18.26
N GLU S 59 83.39 9.97 18.23
CA GLU S 59 84.36 11.05 18.10
C GLU S 59 84.32 11.69 16.73
N ARG S 60 83.97 10.94 15.69
CA ARG S 60 83.72 11.55 14.39
C ARG S 60 82.40 12.31 14.40
N TYR S 61 81.35 11.73 14.98
CA TYR S 61 80.02 12.33 14.88
C TYR S 61 79.82 13.47 15.86
N SER S 62 80.83 13.77 16.71
CA SER S 62 80.68 14.83 17.70
C SER S 62 80.57 16.22 17.08
N GLN S 63 80.99 16.39 15.83
CA GLN S 63 80.98 17.73 15.25
C GLN S 63 79.68 18.02 14.51
N ALA S 64 78.80 17.04 14.41
CA ALA S 64 77.51 17.27 13.78
C ALA S 64 76.54 17.94 14.77
N LEU S 65 75.40 18.38 14.25
CA LEU S 65 74.33 18.84 15.13
C LEU S 65 73.50 17.67 15.61
N CYS S 66 72.80 17.86 16.72
CA CYS S 66 72.25 16.74 17.47
C CYS S 66 70.82 17.03 17.89
N GLY S 67 69.94 16.07 17.67
CA GLY S 67 68.59 16.16 18.17
C GLY S 67 68.54 15.92 19.65
N PRO S 68 67.34 16.09 20.23
CA PRO S 68 67.19 15.92 21.68
C PRO S 68 67.37 14.49 22.17
N GLU S 69 67.21 13.52 21.27
CA GLU S 69 67.36 12.12 21.66
C GLU S 69 68.81 11.66 21.58
N GLY S 70 69.68 12.41 20.92
CA GLY S 70 71.09 12.07 20.85
C GLY S 70 71.59 11.71 19.46
N TYR S 71 70.77 11.84 18.44
CA TYR S 71 71.18 11.33 17.14
C TYR S 71 71.60 12.50 16.25
N PRO S 72 72.62 12.32 15.40
CA PRO S 72 73.03 13.42 14.53
C PRO S 72 72.06 13.63 13.38
N HIS S 73 71.57 14.86 13.26
CA HIS S 73 70.67 15.26 12.19
C HIS S 73 71.49 15.99 11.13
N LEU S 74 71.36 15.57 9.88
CA LEU S 74 72.07 16.22 8.80
C LEU S 74 71.27 17.43 8.31
N ILE S 75 71.98 18.45 7.85
CA ILE S 75 71.35 19.66 7.33
C ILE S 75 71.78 19.81 5.88
N VAL S 76 70.79 19.78 4.98
CA VAL S 76 71.04 19.67 3.55
C VAL S 76 70.70 20.94 2.80
N ASP S 77 70.56 22.08 3.50
CA ASP S 77 70.09 23.29 2.82
C ASP S 77 71.14 23.90 1.90
N GLY S 78 72.42 23.60 2.11
CA GLY S 78 73.44 24.04 1.18
C GLY S 78 74.50 24.94 1.75
N ARG S 79 74.52 25.17 3.06
CA ARG S 79 75.56 26.03 3.61
C ARG S 79 76.88 25.26 3.71
N LEU S 80 77.97 26.01 3.74
CA LEU S 80 79.29 25.39 3.68
C LEU S 80 79.78 25.00 5.08
N ASP S 81 79.03 25.37 6.12
CA ASP S 81 79.32 24.87 7.45
C ASP S 81 79.00 23.39 7.55
N ARG S 82 77.96 22.95 6.83
CA ARG S 82 77.54 21.56 6.78
C ARG S 82 77.67 20.97 5.39
N ALA S 83 78.78 21.26 4.71
CA ALA S 83 78.94 20.81 3.34
C ALA S 83 79.21 19.32 3.27
N GLY S 84 79.82 18.76 4.31
CA GLY S 84 80.16 17.35 4.29
C GLY S 84 78.95 16.45 4.50
N ASP S 85 77.83 17.02 4.95
CA ASP S 85 76.62 16.24 5.17
C ASP S 85 76.00 15.81 3.85
N PHE S 86 75.86 16.75 2.91
CA PHE S 86 75.19 16.40 1.67
C PHE S 86 75.90 16.88 0.41
N LEU S 87 76.68 17.96 0.48
CA LEU S 87 77.23 18.54 -0.75
C LEU S 87 78.40 17.72 -1.29
N ILE S 88 79.29 17.27 -0.42
CA ILE S 88 80.40 16.42 -0.82
C ILE S 88 79.90 15.05 -1.31
N PRO S 89 78.96 14.35 -0.63
CA PRO S 89 78.39 13.15 -1.27
C PRO S 89 77.65 13.42 -2.57
N SER S 90 77.11 14.63 -2.74
CA SER S 90 76.42 14.95 -3.98
C SER S 90 77.38 15.03 -5.16
N ILE S 91 78.48 15.77 -4.99
CA ILE S 91 79.46 15.89 -6.07
C ILE S 91 80.10 14.55 -6.38
N LEU S 92 80.37 13.76 -5.34
CA LEU S 92 80.98 12.46 -5.54
C LEU S 92 80.03 11.50 -6.27
N PHE S 93 78.75 11.50 -5.87
CA PHE S 93 77.79 10.64 -6.55
C PHE S 93 77.57 11.06 -7.98
N LEU S 94 77.46 12.37 -8.23
CA LEU S 94 77.17 12.83 -9.59
C LEU S 94 78.32 12.53 -10.52
N TYR S 95 79.55 12.60 -9.99
CA TYR S 95 80.71 12.21 -10.79
C TYR S 95 80.68 10.72 -11.14
N ILE S 96 80.40 9.86 -10.15
CA ILE S 96 80.41 8.42 -10.41
C ILE S 96 79.24 8.00 -11.30
N ALA S 97 78.06 8.55 -11.07
CA ALA S 97 76.89 8.15 -11.84
C ALA S 97 76.95 8.70 -13.26
N GLY S 98 77.53 9.88 -13.43
CA GLY S 98 77.75 10.39 -14.78
C GLY S 98 78.79 9.58 -15.53
N TRP S 99 79.84 9.12 -14.83
CA TRP S 99 80.78 8.16 -15.40
C TRP S 99 80.06 6.93 -15.93
N ILE S 100 79.23 6.31 -15.08
CA ILE S 100 78.58 5.04 -15.44
C ILE S 100 77.63 5.22 -16.60
N GLY S 101 76.76 6.23 -16.52
CA GLY S 101 75.78 6.43 -17.59
C GLY S 101 76.41 6.88 -18.88
N TRP S 102 77.48 7.69 -18.79
CA TRP S 102 78.18 8.15 -19.97
C TRP S 102 78.87 7.01 -20.68
N VAL S 103 79.50 6.12 -19.91
CA VAL S 103 80.21 4.97 -20.47
C VAL S 103 79.23 4.00 -21.13
N GLY S 104 78.08 3.76 -20.49
CA GLY S 104 77.07 2.91 -21.11
C GLY S 104 76.50 3.49 -22.40
N ARG S 105 76.26 4.81 -22.42
CA ARG S 105 75.84 5.50 -23.63
C ARG S 105 76.87 5.38 -24.74
N ALA S 106 78.15 5.58 -24.40
CA ALA S 106 79.20 5.55 -25.41
C ALA S 106 79.41 4.15 -25.95
N TYR S 107 79.20 3.12 -25.12
CA TYR S 107 79.31 1.76 -25.60
C TYR S 107 78.15 1.40 -26.53
N LEU S 108 76.94 1.81 -26.18
CA LEU S 108 75.80 1.57 -27.06
C LEU S 108 75.97 2.29 -28.40
N GLN S 109 76.52 3.49 -28.39
CA GLN S 109 76.75 4.19 -29.64
C GLN S 109 77.93 3.60 -30.40
N ALA S 110 78.86 2.96 -29.68
CA ALA S 110 80.00 2.34 -30.34
C ALA S 110 79.59 1.08 -31.09
N ILE S 111 78.65 0.30 -30.53
CA ILE S 111 78.35 -0.99 -31.15
C ILE S 111 77.23 -0.96 -32.18
N LYS S 112 76.62 0.20 -32.46
CA LYS S 112 75.54 0.23 -33.43
C LYS S 112 76.05 0.19 -34.86
N LYS S 113 77.36 0.39 -35.04
CA LYS S 113 77.93 0.40 -36.38
C LYS S 113 78.48 -0.95 -36.78
N ASP S 114 78.17 -2.01 -36.04
CA ASP S 114 78.89 -3.27 -36.22
C ASP S 114 78.02 -4.36 -36.83
N SER S 115 76.73 -4.09 -37.07
CA SER S 115 75.74 -4.96 -37.74
C SER S 115 75.42 -6.26 -37.03
N ASP S 116 75.94 -6.51 -35.83
CA ASP S 116 75.50 -7.57 -34.94
C ASP S 116 75.31 -7.02 -33.54
N THR S 117 74.54 -5.93 -33.45
CA THR S 117 74.53 -5.11 -32.26
C THR S 117 73.85 -5.80 -31.09
N GLU S 118 72.81 -6.60 -31.38
CA GLU S 118 72.07 -7.28 -30.33
C GLU S 118 72.92 -8.35 -29.66
N GLN S 119 73.82 -8.98 -30.42
CA GLN S 119 74.69 -9.99 -29.85
C GLN S 119 75.76 -9.35 -28.98
N LYS S 120 76.06 -8.07 -29.24
CA LYS S 120 77.11 -7.42 -28.49
C LYS S 120 76.57 -6.77 -27.21
N GLU S 121 75.27 -6.90 -26.97
CA GLU S 121 74.70 -6.38 -25.74
C GLU S 121 74.61 -7.47 -24.67
N ILE S 122 74.33 -8.70 -25.09
CA ILE S 122 74.37 -9.81 -24.14
C ILE S 122 75.80 -10.33 -23.99
N GLN S 123 76.63 -10.16 -25.01
CA GLN S 123 78.04 -10.54 -24.95
C GLN S 123 78.89 -9.31 -25.20
N LEU S 124 79.48 -8.77 -24.14
CA LEU S 124 80.24 -7.53 -24.24
C LEU S 124 81.52 -7.73 -25.04
N ASP S 125 81.89 -6.73 -25.83
CA ASP S 125 83.22 -6.67 -26.41
C ASP S 125 84.11 -5.98 -25.40
N LEU S 126 85.07 -6.71 -24.84
CA LEU S 126 86.00 -6.09 -23.91
C LEU S 126 86.93 -5.13 -24.62
N GLY S 127 87.26 -5.43 -25.89
CA GLY S 127 88.16 -4.57 -26.64
C GLY S 127 87.53 -3.24 -27.03
N ILE S 128 86.20 -3.17 -26.99
CA ILE S 128 85.53 -1.89 -27.20
C ILE S 128 85.20 -1.24 -25.87
N ALA S 129 84.79 -2.04 -24.88
CA ALA S 129 84.29 -1.48 -23.63
C ALA S 129 85.42 -0.92 -22.76
N LEU S 130 86.54 -1.64 -22.65
CA LEU S 130 87.61 -1.22 -21.74
C LEU S 130 88.28 0.10 -22.08
N PRO S 131 88.55 0.48 -23.35
CA PRO S 131 88.94 1.89 -23.58
C PRO S 131 87.84 2.89 -23.27
N ILE S 132 86.57 2.50 -23.40
CA ILE S 132 85.47 3.42 -23.08
C ILE S 132 85.39 3.64 -21.58
N ILE S 133 85.59 2.59 -20.77
CA ILE S 133 85.56 2.79 -19.32
C ILE S 133 86.83 3.46 -18.86
N ALA S 134 87.91 3.36 -19.64
CA ALA S 134 89.13 4.06 -19.27
C ALA S 134 89.02 5.55 -19.55
N THR S 135 88.33 5.91 -20.64
CA THR S 135 88.21 7.30 -21.05
C THR S 135 87.03 8.00 -20.37
N GLY S 136 86.44 7.39 -19.35
CA GLY S 136 85.22 7.94 -18.78
C GLY S 136 85.46 8.94 -17.66
N PHE S 137 86.71 9.27 -17.39
CA PHE S 137 86.98 10.26 -16.35
C PHE S 137 86.64 11.66 -16.83
N ALA S 138 86.69 11.88 -18.13
CA ALA S 138 86.39 13.17 -18.72
C ALA S 138 84.96 13.23 -19.25
N TRP S 139 84.01 12.58 -18.57
CA TRP S 139 82.62 12.68 -19.01
C TRP S 139 82.00 14.08 -18.88
N PRO S 140 82.36 14.97 -17.91
CA PRO S 140 81.70 16.29 -17.98
C PRO S 140 82.19 17.14 -19.13
N ALA S 141 83.49 17.08 -19.45
CA ALA S 141 84.01 17.79 -20.61
C ALA S 141 83.43 17.25 -21.91
N ALA S 142 83.33 15.93 -22.02
CA ALA S 142 82.76 15.33 -23.21
C ALA S 142 81.28 15.60 -23.34
N ALA S 143 80.57 15.66 -22.21
CA ALA S 143 79.14 15.94 -22.24
C ALA S 143 78.87 17.39 -22.63
N VAL S 144 79.69 18.32 -22.14
CA VAL S 144 79.56 19.72 -22.58
C VAL S 144 79.90 19.85 -24.05
N LYS S 145 80.95 19.15 -24.51
CA LYS S 145 81.33 19.24 -25.92
C LYS S 145 80.31 18.59 -26.83
N GLU S 146 79.51 17.66 -26.31
CA GLU S 146 78.48 17.06 -27.15
C GLU S 146 77.17 17.84 -27.06
N LEU S 147 76.94 18.53 -25.95
CA LEU S 147 75.77 19.39 -25.86
C LEU S 147 75.93 20.63 -26.73
N LEU S 148 77.13 21.21 -26.76
CA LEU S 148 77.34 22.40 -27.56
C LEU S 148 77.43 22.08 -29.05
N SER S 149 77.78 20.83 -29.38
CA SER S 149 77.85 20.44 -30.78
C SER S 149 76.49 20.02 -31.32
N GLY S 150 75.56 19.69 -30.43
CA GLY S 150 74.25 19.25 -30.84
C GLY S 150 74.13 17.76 -31.09
N GLU S 151 75.13 16.98 -30.71
CA GLU S 151 75.07 15.54 -30.94
C GLU S 151 74.54 14.79 -29.73
N LEU S 152 74.20 15.52 -28.66
CA LEU S 152 73.72 14.86 -27.45
C LEU S 152 72.29 14.34 -27.64
N THR S 153 71.49 15.04 -28.43
CA THR S 153 70.09 14.70 -28.58
C THR S 153 69.75 14.38 -30.03
N ALA S 154 68.64 13.68 -30.22
CA ALA S 154 68.08 13.49 -31.54
C ALA S 154 66.93 14.45 -31.80
N LYS S 155 66.58 14.64 -33.06
CA LYS S 155 65.47 15.50 -33.41
C LYS S 155 64.15 14.80 -33.12
N ASP S 156 63.12 15.60 -32.86
CA ASP S 156 61.82 15.05 -32.50
C ASP S 156 61.13 14.42 -33.71
N SER S 157 61.50 14.85 -34.91
CA SER S 157 60.91 14.27 -36.10
C SER S 157 61.64 12.99 -36.52
N GLU S 158 62.76 12.70 -35.88
CA GLU S 158 63.56 11.55 -36.29
C GLU S 158 63.37 10.36 -35.36
N ILE S 159 62.72 10.58 -34.22
CA ILE S 159 62.42 9.48 -33.31
C ILE S 159 60.94 9.18 -33.34
N THR S 160 60.57 7.98 -32.93
CA THR S 160 59.21 7.52 -33.10
C THR S 160 58.30 8.04 -32.00
N VAL S 161 57.02 8.22 -32.36
CA VAL S 161 55.97 8.59 -31.42
C VAL S 161 54.73 7.80 -31.78
N SER S 162 53.74 7.87 -30.91
CA SER S 162 52.49 7.14 -31.10
C SER S 162 51.47 8.04 -31.79
N PRO S 163 50.39 7.46 -32.33
CA PRO S 163 49.30 8.30 -32.85
C PRO S 163 48.62 9.07 -31.73
N ARG S 164 48.27 10.31 -32.03
CA ARG S 164 47.76 11.22 -31.03
C ARG S 164 46.26 11.02 -30.82
N ALA T 5 95.43 -21.23 -28.10
CA ALA T 5 94.35 -21.99 -27.47
C ALA T 5 92.99 -21.45 -27.93
N ASP T 6 92.30 -22.23 -28.77
CA ASP T 6 91.01 -21.81 -29.30
C ASP T 6 89.94 -21.92 -28.21
N GLN T 7 90.13 -22.83 -27.25
CA GLN T 7 89.18 -22.95 -26.14
C GLN T 7 89.28 -21.75 -25.20
N SER T 8 90.44 -21.09 -25.16
CA SER T 8 90.58 -19.91 -24.33
C SER T 8 89.78 -18.74 -24.88
N SER T 9 89.65 -18.66 -26.21
CA SER T 9 88.78 -17.66 -26.81
C SER T 9 87.32 -17.91 -26.47
N TYR T 10 86.93 -19.19 -26.39
CA TYR T 10 85.58 -19.54 -25.96
C TYR T 10 85.36 -19.17 -24.50
N LEU T 11 86.38 -19.36 -23.66
CA LEU T 11 86.25 -18.97 -22.26
C LEU T 11 86.16 -17.45 -22.11
N ILE T 12 86.90 -16.71 -22.93
CA ILE T 12 86.83 -15.24 -22.87
C ILE T 12 85.48 -14.74 -23.35
N LYS T 13 84.90 -15.40 -24.37
CA LYS T 13 83.55 -15.02 -24.78
C LYS T 13 82.51 -15.46 -23.75
N PHE T 14 82.81 -16.47 -22.95
CA PHE T 14 81.91 -16.86 -21.87
C PHE T 14 81.96 -15.85 -20.72
N ILE T 15 83.16 -15.38 -20.37
CA ILE T 15 83.30 -14.39 -19.30
C ILE T 15 82.66 -13.07 -19.70
N SER T 16 82.68 -12.76 -21.00
CA SER T 16 82.11 -11.51 -21.48
C SER T 16 80.60 -11.55 -21.64
N THR T 17 79.92 -12.64 -21.27
CA THR T 17 78.47 -12.64 -21.32
C THR T 17 77.92 -11.84 -20.16
N ALA T 18 76.66 -11.41 -20.32
CA ALA T 18 76.04 -10.49 -19.36
C ALA T 18 75.94 -11.00 -17.92
N PRO T 19 75.48 -12.23 -17.61
CA PRO T 19 75.41 -12.59 -16.18
C PRO T 19 76.77 -12.83 -15.56
N VAL T 20 77.75 -13.30 -16.35
CA VAL T 20 79.06 -13.61 -15.80
C VAL T 20 79.86 -12.33 -15.60
N ALA T 21 79.81 -11.43 -16.58
CA ALA T 21 80.44 -10.12 -16.40
C ALA T 21 79.74 -9.33 -15.30
N ALA T 22 78.43 -9.52 -15.15
CA ALA T 22 77.69 -8.87 -14.08
C ALA T 22 78.13 -9.38 -12.72
N THR T 23 78.26 -10.71 -12.56
CA THR T 23 78.62 -11.23 -11.25
C THR T 23 80.07 -10.92 -10.91
N ILE T 24 80.95 -10.85 -11.91
CA ILE T 24 82.34 -10.48 -11.65
C ILE T 24 82.46 -9.00 -11.30
N TRP T 25 81.80 -8.14 -12.07
CA TRP T 25 81.92 -6.70 -11.86
C TRP T 25 81.23 -6.27 -10.57
N LEU T 26 80.07 -6.83 -10.27
CA LEU T 26 79.38 -6.46 -9.04
C LEU T 26 80.02 -7.12 -7.83
N THR T 27 80.70 -8.26 -8.02
CA THR T 27 81.50 -8.82 -6.94
C THR T 27 82.69 -7.94 -6.61
N ILE T 28 83.35 -7.39 -7.65
CA ILE T 28 84.46 -6.47 -7.43
C ILE T 28 83.98 -5.18 -6.75
N THR T 29 82.86 -4.63 -7.21
CA THR T 29 82.32 -3.40 -6.62
C THR T 29 81.89 -3.61 -5.17
N ALA T 30 81.15 -4.70 -4.90
CA ALA T 30 80.75 -5.02 -3.55
C ALA T 30 81.94 -5.31 -2.66
N GLY T 31 83.01 -5.91 -3.22
CA GLY T 31 84.21 -6.15 -2.45
C GLY T 31 84.93 -4.87 -2.07
N ILE T 32 84.98 -3.92 -3.01
CA ILE T 32 85.56 -2.60 -2.72
C ILE T 32 84.79 -1.89 -1.61
N LEU T 33 83.45 -1.93 -1.68
CA LEU T 33 82.65 -1.27 -0.66
C LEU T 33 82.77 -1.96 0.70
N ILE T 34 82.79 -3.29 0.70
CA ILE T 34 82.94 -4.06 1.93
C ILE T 34 84.30 -3.83 2.57
N GLU T 35 85.36 -3.78 1.76
CA GLU T 35 86.69 -3.57 2.33
C GLU T 35 86.89 -2.15 2.82
N PHE T 36 86.31 -1.18 2.11
CA PHE T 36 86.38 0.20 2.56
C PHE T 36 85.62 0.39 3.87
N ASN T 37 84.50 -0.31 4.03
CA ASN T 37 83.76 -0.20 5.28
C ASN T 37 84.37 -1.04 6.38
N ARG T 38 85.24 -2.00 6.02
CA ARG T 38 86.03 -2.65 7.06
C ARG T 38 87.08 -1.71 7.61
N PHE T 39 87.84 -1.04 6.72
CA PHE T 39 88.94 -0.24 7.21
C PHE T 39 88.50 1.13 7.69
N PHE T 40 87.47 1.71 7.08
CA PHE T 40 86.96 3.02 7.49
C PHE T 40 85.46 2.94 7.71
N PRO T 41 85.02 2.48 8.88
CA PRO T 41 83.59 2.34 9.12
C PRO T 41 82.96 3.67 9.49
N ASP T 42 81.62 3.67 9.46
CA ASP T 42 80.78 4.65 10.15
C ASP T 42 80.92 6.05 9.58
N LEU T 43 80.88 6.17 8.26
CA LEU T 43 80.99 7.48 7.61
C LEU T 43 79.60 7.98 7.22
N LEU T 44 78.92 8.56 8.20
CA LEU T 44 77.60 9.15 7.96
C LEU T 44 77.72 10.40 7.10
N PHE T 45 78.75 11.19 7.34
CA PHE T 45 79.01 12.38 6.55
C PHE T 45 80.49 12.46 6.28
N HIS T 46 80.86 13.30 5.34
CA HIS T 46 82.26 13.62 5.18
C HIS T 46 82.67 14.60 6.26
N PRO T 47 83.65 14.29 7.09
CA PRO T 47 84.04 15.23 8.14
C PRO T 47 84.82 16.40 7.57
N LEU T 48 84.62 17.57 8.19
CA LEU T 48 85.16 18.83 7.72
C LEU T 48 86.27 19.30 8.65
N PRO T 49 87.25 20.07 8.14
CA PRO T 49 88.34 20.60 8.98
C PRO T 49 87.86 21.61 10.01
N ALA U 9 56.51 -66.64 25.13
CA ALA U 9 56.27 -66.07 23.82
C ALA U 9 57.58 -65.79 23.12
N ALA U 10 57.70 -64.60 22.52
CA ALA U 10 58.94 -64.19 21.88
C ALA U 10 59.99 -63.87 22.92
N THR U 11 61.25 -63.77 22.45
CA THR U 11 62.45 -63.52 23.26
C THR U 11 62.64 -64.57 24.36
N THR U 12 62.29 -65.81 24.05
CA THR U 12 62.64 -67.00 24.80
C THR U 12 63.59 -67.84 23.95
N PRO U 13 64.48 -68.64 24.54
CA PRO U 13 65.50 -69.33 23.72
C PRO U 13 64.92 -70.47 22.90
N LEU U 14 65.42 -70.59 21.67
CA LEU U 14 65.08 -71.66 20.74
C LEU U 14 66.39 -72.40 20.43
N GLU U 15 66.63 -73.49 21.14
CA GLU U 15 67.75 -74.34 20.84
C GLU U 15 67.48 -75.10 19.54
N TRP U 16 68.49 -75.17 18.67
CA TRP U 16 68.30 -75.84 17.40
C TRP U 16 68.22 -77.35 17.59
N SER U 17 67.23 -77.95 16.94
CA SER U 17 66.96 -79.37 17.06
C SER U 17 66.64 -79.87 15.65
N PRO U 18 66.63 -81.19 15.45
CA PRO U 18 66.17 -81.70 14.15
C PRO U 18 64.68 -81.48 13.88
N THR U 19 63.90 -81.08 14.87
CA THR U 19 62.52 -80.67 14.62
C THR U 19 62.49 -79.37 13.80
N VAL U 20 63.33 -78.41 14.17
CA VAL U 20 63.48 -77.17 13.40
C VAL U 20 63.96 -77.48 11.99
N GLY U 21 64.88 -78.43 11.87
CA GLY U 21 65.40 -78.80 10.57
C GLY U 21 64.37 -79.47 9.69
N ILE U 22 63.55 -80.34 10.28
CA ILE U 22 62.56 -81.04 9.47
C ILE U 22 61.40 -80.11 9.11
N ILE U 23 61.12 -79.11 9.95
CA ILE U 23 60.11 -78.10 9.57
C ILE U 23 60.63 -77.22 8.44
N MET U 24 61.92 -76.87 8.48
CA MET U 24 62.53 -76.13 7.38
C MET U 24 62.52 -76.93 6.08
N VAL U 25 62.77 -78.23 6.16
CA VAL U 25 62.76 -79.06 4.96
C VAL U 25 61.34 -79.23 4.43
N ILE U 26 60.35 -79.36 5.32
CA ILE U 26 58.95 -79.44 4.90
C ILE U 26 58.52 -78.16 4.20
N ALA U 27 58.91 -77.00 4.74
CA ALA U 27 58.58 -75.72 4.13
C ALA U 27 59.26 -75.55 2.77
N ASN U 28 60.50 -76.03 2.65
CA ASN U 28 61.19 -75.98 1.36
C ASN U 28 60.52 -76.88 0.33
N VAL U 29 60.05 -78.06 0.76
CA VAL U 29 59.38 -78.98 -0.17
C VAL U 29 58.03 -78.42 -0.59
N ILE U 30 57.33 -77.75 0.33
CA ILE U 30 56.08 -77.07 0.02
C ILE U 30 56.29 -75.96 -1.00
N ALA U 31 57.36 -75.18 -0.83
CA ALA U 31 57.60 -74.07 -1.74
C ALA U 31 58.09 -74.56 -3.11
N ILE U 32 58.84 -75.67 -3.14
CA ILE U 32 59.27 -76.24 -4.41
C ILE U 32 58.07 -76.82 -5.17
N THR U 33 57.15 -77.47 -4.45
CA THR U 33 55.96 -78.02 -5.09
C THR U 33 55.05 -76.92 -5.61
N PHE U 34 54.86 -75.87 -4.80
CA PHE U 34 54.05 -74.75 -5.22
C PHE U 34 54.69 -73.98 -6.37
N GLY U 35 56.03 -73.90 -6.39
CA GLY U 35 56.70 -73.25 -7.49
C GLY U 35 56.69 -74.05 -8.77
N ARG U 36 56.70 -75.38 -8.66
CA ARG U 36 56.56 -76.22 -9.85
C ARG U 36 55.15 -76.11 -10.42
N GLN U 37 54.16 -75.93 -9.54
CA GLN U 37 52.80 -75.76 -10.03
C GLN U 37 52.54 -74.33 -10.47
N THR U 38 53.46 -73.42 -10.14
CA THR U 38 53.13 -71.99 -10.09
C THR U 38 53.90 -71.15 -11.11
N ILE U 39 55.20 -71.38 -11.26
CA ILE U 39 56.05 -70.43 -11.99
C ILE U 39 55.80 -70.50 -13.48
N LYS U 40 55.55 -69.35 -14.10
CA LYS U 40 55.20 -69.31 -15.52
C LYS U 40 56.42 -69.62 -16.39
N TYR U 41 57.60 -69.12 -16.03
CA TYR U 41 58.83 -69.41 -16.76
C TYR U 41 59.88 -70.00 -15.84
N PRO U 42 59.82 -71.31 -15.58
CA PRO U 42 60.77 -71.94 -14.65
C PRO U 42 62.04 -72.48 -15.30
N SER U 43 62.08 -72.65 -16.61
CA SER U 43 63.18 -73.37 -17.27
C SER U 43 64.27 -72.44 -17.79
N ALA U 44 64.51 -71.32 -17.12
CA ALA U 44 65.55 -70.40 -17.54
C ALA U 44 66.94 -70.90 -17.13
N GLU U 45 67.92 -70.74 -18.01
CA GLU U 45 69.29 -71.17 -17.73
C GLU U 45 69.93 -70.18 -16.74
N PRO U 46 71.06 -70.56 -16.01
CA PRO U 46 71.63 -71.90 -16.29
C PRO U 46 70.79 -73.07 -15.81
N ALA U 47 70.95 -74.21 -16.48
CA ALA U 47 70.22 -75.43 -16.17
C ALA U 47 71.02 -76.44 -15.36
N LEU U 48 70.36 -77.02 -14.35
CA LEU U 48 70.97 -78.01 -13.49
C LEU U 48 71.51 -79.17 -14.34
N PRO U 49 72.52 -79.90 -13.84
CA PRO U 49 73.05 -81.03 -14.63
C PRO U 49 72.07 -82.17 -14.79
N SER U 50 71.33 -82.52 -13.75
CA SER U 50 70.41 -83.66 -13.85
C SER U 50 69.09 -83.24 -14.49
N ALA U 51 68.41 -82.24 -13.90
CA ALA U 51 67.14 -81.68 -14.36
C ALA U 51 66.03 -82.72 -14.44
N LYS U 52 66.13 -83.77 -13.63
CA LYS U 52 65.09 -84.78 -13.54
C LYS U 52 64.54 -84.79 -12.13
N PHE U 53 65.46 -84.85 -11.16
CA PHE U 53 65.06 -84.81 -9.76
C PHE U 53 64.66 -83.40 -9.34
N PHE U 54 65.05 -82.40 -10.13
CA PHE U 54 64.64 -81.02 -9.87
C PHE U 54 63.32 -80.68 -10.55
N GLY U 55 62.87 -81.50 -11.50
CA GLY U 55 61.59 -81.28 -12.13
C GLY U 55 61.60 -80.30 -13.28
N GLY U 56 62.72 -80.18 -13.98
CA GLY U 56 62.81 -79.25 -15.09
C GLY U 56 63.14 -77.83 -14.72
N PHE U 57 63.49 -77.57 -13.46
CA PHE U 57 63.87 -76.23 -13.05
C PHE U 57 65.22 -75.85 -13.63
N GLY U 58 65.47 -74.55 -13.68
CA GLY U 58 66.81 -74.04 -13.81
C GLY U 58 67.38 -73.66 -12.47
N ALA U 59 68.64 -73.22 -12.49
CA ALA U 59 69.25 -72.69 -11.28
C ALA U 59 68.56 -71.45 -10.69
N PRO U 60 68.10 -70.44 -11.46
CA PRO U 60 67.36 -69.36 -10.79
C PRO U 60 66.00 -69.78 -10.23
N ALA U 61 65.31 -70.71 -10.89
CA ALA U 61 64.04 -71.19 -10.33
C ALA U 61 64.26 -72.03 -9.08
N LEU U 62 65.36 -72.79 -9.04
CA LEU U 62 65.73 -73.52 -7.84
C LEU U 62 66.05 -72.57 -6.70
N LEU U 63 66.82 -71.51 -6.98
CA LEU U 63 67.13 -70.50 -5.97
C LEU U 63 65.87 -69.79 -5.48
N ALA U 64 64.93 -69.53 -6.40
CA ALA U 64 63.70 -68.85 -6.03
C ALA U 64 62.84 -69.69 -5.10
N THR U 65 62.63 -70.96 -5.46
CA THR U 65 61.79 -71.83 -4.64
C THR U 65 62.43 -72.14 -3.30
N THR U 66 63.75 -72.33 -3.26
CA THR U 66 64.40 -72.59 -1.98
C THR U 66 64.45 -71.34 -1.10
N ALA U 67 64.59 -70.16 -1.71
CA ALA U 67 64.59 -68.92 -0.93
C ALA U 67 63.21 -68.64 -0.34
N PHE U 68 62.16 -68.88 -1.13
CA PHE U 68 60.80 -68.72 -0.64
C PHE U 68 60.48 -69.77 0.43
N GLY U 69 61.08 -70.96 0.30
CA GLY U 69 60.95 -71.96 1.34
C GLY U 69 61.64 -71.58 2.63
N HIS U 70 62.80 -70.94 2.53
CA HIS U 70 63.46 -70.44 3.74
C HIS U 70 62.67 -69.33 4.40
N ILE U 71 62.02 -68.47 3.61
CA ILE U 71 61.14 -67.45 4.18
C ILE U 71 59.96 -68.09 4.91
N LEU U 72 59.31 -69.06 4.27
CA LEU U 72 58.20 -69.78 4.89
C LEU U 72 58.64 -70.55 6.12
N GLY U 73 59.85 -71.10 6.09
CA GLY U 73 60.32 -71.91 7.20
C GLY U 73 60.70 -71.08 8.41
N VAL U 74 61.33 -69.93 8.18
CA VAL U 74 61.58 -68.97 9.25
C VAL U 74 60.28 -68.51 9.87
N GLY U 75 59.28 -68.22 9.03
CA GLY U 75 57.97 -67.83 9.54
C GLY U 75 57.30 -68.92 10.36
N LEU U 76 57.40 -70.17 9.91
CA LEU U 76 56.79 -71.28 10.62
C LEU U 76 57.46 -71.54 11.96
N VAL U 77 58.80 -71.57 12.00
CA VAL U 77 59.45 -71.93 13.27
C VAL U 77 59.33 -70.78 14.26
N LEU U 78 59.28 -69.54 13.78
CA LEU U 78 59.11 -68.44 14.72
C LEU U 78 57.68 -68.35 15.21
N GLY U 79 56.70 -68.71 14.37
CA GLY U 79 55.33 -68.78 14.84
C GLY U 79 55.10 -69.90 15.84
N LEU U 80 55.65 -71.10 15.55
CA LEU U 80 55.49 -72.23 16.45
C LEU U 80 56.27 -72.02 17.74
N HIS U 81 57.34 -71.25 17.67
CA HIS U 81 58.11 -70.99 18.88
C HIS U 81 57.37 -69.94 19.70
N ASN U 82 56.77 -68.96 19.02
CA ASN U 82 56.02 -67.94 19.73
C ASN U 82 54.84 -68.57 20.46
N LEU U 83 54.16 -69.51 19.81
CA LEU U 83 53.04 -70.17 20.45
C LEU U 83 53.48 -71.19 21.50
N GLY U 84 54.75 -71.57 21.52
CA GLY U 84 55.25 -72.56 22.44
C GLY U 84 55.17 -73.99 21.97
N ARG U 85 54.89 -74.20 20.68
CA ARG U 85 54.79 -75.57 20.18
C ARG U 85 56.16 -76.17 19.92
N ILE U 86 57.16 -75.34 19.69
CA ILE U 86 58.52 -75.82 19.47
C ILE U 86 59.44 -74.94 20.29
N ASP V 12 7.45 8.47 23.82
CA ASP V 12 7.31 7.03 23.99
C ASP V 12 7.11 6.36 22.64
N ALA V 13 7.74 6.94 21.61
CA ALA V 13 7.69 6.44 20.26
C ALA V 13 8.84 5.51 19.94
N SER V 14 9.48 4.93 20.95
CA SER V 14 10.56 3.99 20.74
C SER V 14 10.09 2.64 20.22
N PHE V 15 8.78 2.39 20.24
CA PHE V 15 8.22 1.19 19.65
C PHE V 15 8.25 1.21 18.14
N LEU V 16 8.48 2.37 17.52
CA LEU V 16 8.51 2.45 16.06
C LEU V 16 9.67 1.67 15.47
N SER V 17 10.74 1.48 16.24
CA SER V 17 11.90 0.75 15.75
C SER V 17 11.59 -0.71 15.52
N SER V 18 10.76 -1.30 16.39
CA SER V 18 10.40 -2.71 16.20
C SER V 18 9.42 -2.91 15.07
N ILE V 19 8.89 -1.84 14.47
CA ILE V 19 8.20 -1.91 13.21
C ILE V 19 9.15 -1.65 12.04
N PHE V 20 9.86 -0.53 12.08
CA PHE V 20 10.60 -0.06 10.92
C PHE V 20 11.83 -0.89 10.62
N VAL V 21 12.52 -1.39 11.63
CA VAL V 21 13.73 -2.19 11.38
C VAL V 21 13.37 -3.55 10.77
N PRO V 22 12.32 -4.29 11.21
CA PRO V 22 11.90 -5.45 10.40
C PRO V 22 11.40 -5.10 9.02
N VAL V 23 10.77 -3.94 8.83
CA VAL V 23 10.29 -3.58 7.50
C VAL V 23 11.46 -3.33 6.56
N ILE V 24 12.44 -2.53 7.01
CA ILE V 24 13.64 -2.25 6.23
C ILE V 24 14.45 -3.53 5.97
N GLY V 25 14.43 -4.47 6.92
CA GLY V 25 15.33 -5.61 6.81
C GLY V 25 14.73 -6.80 6.08
N TRP V 26 13.41 -6.91 6.10
CA TRP V 26 12.74 -8.04 5.48
C TRP V 26 11.75 -7.63 4.42
N VAL V 27 10.88 -6.64 4.69
CA VAL V 27 9.75 -6.37 3.82
C VAL V 27 10.21 -5.64 2.56
N VAL V 28 11.02 -4.61 2.72
CA VAL V 28 11.64 -3.87 1.60
C VAL V 28 12.56 -4.76 0.75
N PRO V 29 13.43 -5.64 1.30
CA PRO V 29 14.18 -6.54 0.40
C PRO V 29 13.33 -7.55 -0.34
N ILE V 30 12.32 -8.14 0.29
CA ILE V 30 11.49 -9.12 -0.38
C ILE V 30 10.65 -8.48 -1.48
N ALA V 31 10.01 -7.35 -1.19
CA ALA V 31 9.21 -6.66 -2.19
C ALA V 31 10.06 -6.09 -3.30
N THR V 32 11.22 -5.54 -2.94
CA THR V 32 12.11 -4.95 -3.92
C THR V 32 12.74 -6.01 -4.82
N PHE V 33 13.22 -7.10 -4.24
CA PHE V 33 13.87 -8.12 -5.05
C PHE V 33 12.86 -8.91 -5.85
N SER V 34 11.61 -8.99 -5.37
CA SER V 34 10.56 -9.64 -6.13
C SER V 34 10.16 -8.82 -7.34
N PHE V 35 9.97 -7.50 -7.15
CA PHE V 35 9.76 -6.60 -8.27
C PHE V 35 10.91 -6.66 -9.26
N LEU V 36 12.14 -6.56 -8.78
CA LEU V 36 13.28 -6.48 -9.70
C LEU V 36 13.52 -7.79 -10.41
N PHE V 37 13.29 -8.91 -9.74
CA PHE V 37 13.42 -10.22 -10.38
C PHE V 37 12.36 -10.41 -11.46
N LEU V 38 11.12 -10.06 -11.17
CA LEU V 38 10.09 -10.26 -12.19
C LEU V 38 10.20 -9.21 -13.28
N TYR V 39 10.88 -8.09 -13.01
CA TYR V 39 11.06 -7.08 -14.02
C TYR V 39 12.19 -7.43 -14.98
N ILE V 40 13.30 -7.95 -14.46
CA ILE V 40 14.42 -8.32 -15.33
C ILE V 40 14.13 -9.61 -16.09
N GLU V 41 13.13 -10.38 -15.68
CA GLU V 41 12.76 -11.56 -16.43
C GLU V 41 11.58 -11.30 -17.36
N ARG V 42 10.96 -10.15 -17.22
CA ARG V 42 9.83 -9.83 -18.07
C ARG V 42 10.29 -9.54 -19.49
N GLU V 43 9.44 -9.86 -20.45
CA GLU V 43 9.74 -9.61 -21.85
C GLU V 43 8.85 -8.55 -22.48
N ASP V 44 8.08 -7.82 -21.66
CA ASP V 44 7.20 -6.79 -22.19
C ASP V 44 7.96 -5.49 -22.42
N VAL V 45 8.51 -4.92 -21.36
CA VAL V 45 9.47 -3.82 -21.46
C VAL V 45 10.71 -4.12 -20.63
N ASN W 17 31.98 -59.01 -14.72
CA ASN W 17 33.00 -58.79 -15.73
C ASN W 17 32.48 -57.90 -16.86
N ARG W 18 31.16 -57.86 -16.99
CA ARG W 18 30.53 -57.10 -18.07
C ARG W 18 30.36 -55.64 -17.67
N GLU W 19 30.28 -54.79 -18.68
CA GLU W 19 30.26 -53.35 -18.47
C GLU W 19 28.94 -52.92 -17.84
N VAL W 20 29.04 -52.04 -16.84
CA VAL W 20 27.88 -51.58 -16.09
C VAL W 20 27.53 -50.13 -16.41
N VAL W 21 28.49 -49.34 -16.91
CA VAL W 21 28.23 -47.96 -17.24
C VAL W 21 27.97 -47.85 -18.75
N PHE W 22 26.88 -47.20 -19.11
CA PHE W 22 26.41 -47.12 -20.48
C PHE W 22 26.14 -45.68 -20.86
N PRO W 23 26.14 -45.36 -22.16
CA PRO W 23 25.59 -44.08 -22.58
C PRO W 23 24.08 -44.14 -22.63
N ALA W 24 23.44 -43.04 -22.26
CA ALA W 24 21.98 -43.06 -22.12
C ALA W 24 21.27 -42.94 -23.45
N GLY W 25 20.16 -43.66 -23.58
CA GLY W 25 19.38 -43.66 -24.81
C GLY W 25 20.03 -44.40 -25.94
N ARG W 26 21.07 -45.19 -25.64
CA ARG W 26 21.96 -45.84 -26.60
C ARG W 26 22.54 -44.87 -27.62
N ASP W 27 22.82 -43.64 -27.17
CA ASP W 27 23.36 -42.58 -28.02
C ASP W 27 24.51 -41.99 -27.22
N PRO W 28 25.76 -42.24 -27.61
CA PRO W 28 26.89 -41.73 -26.81
C PRO W 28 27.15 -40.26 -26.98
N GLN W 29 26.42 -39.59 -27.87
CA GLN W 29 26.72 -38.20 -28.19
C GLN W 29 26.17 -37.25 -27.14
N TRP W 30 25.21 -37.71 -26.33
CA TRP W 30 24.68 -36.89 -25.25
C TRP W 30 25.66 -36.84 -24.08
N GLY W 31 25.55 -35.77 -23.28
CA GLY W 31 26.34 -35.63 -22.07
C GLY W 31 25.73 -36.38 -20.90
N ASN W 32 25.52 -37.67 -21.12
CA ASN W 32 24.76 -38.56 -20.27
C ASN W 32 25.49 -39.88 -20.13
N LEU W 33 25.38 -40.47 -18.96
CA LEU W 33 25.81 -41.83 -18.73
C LEU W 33 24.79 -42.55 -17.86
N GLU W 34 24.53 -43.80 -18.20
CA GLU W 34 23.71 -44.69 -17.39
C GLU W 34 24.62 -45.48 -16.47
N THR W 35 24.51 -45.24 -15.18
CA THR W 35 25.36 -45.81 -14.15
C THR W 35 24.44 -46.52 -13.18
N PRO W 36 24.98 -47.33 -12.25
CA PRO W 36 24.12 -47.85 -11.16
C PRO W 36 23.46 -46.79 -10.31
N VAL W 37 24.12 -45.66 -10.10
CA VAL W 37 23.54 -44.59 -9.31
C VAL W 37 22.41 -43.93 -10.08
N ASN W 38 22.63 -43.79 -11.39
CA ASN W 38 21.72 -43.04 -12.24
C ASN W 38 20.50 -43.89 -12.60
N ALA W 39 20.72 -45.16 -12.94
CA ALA W 39 19.70 -45.95 -13.62
C ALA W 39 19.46 -47.31 -12.97
N SER W 40 19.63 -47.45 -11.66
CA SER W 40 19.21 -48.67 -11.01
C SER W 40 17.68 -48.76 -10.98
N PRO W 41 17.11 -49.96 -11.10
CA PRO W 41 15.66 -50.10 -10.88
C PRO W 41 15.21 -49.69 -9.49
N LEU W 42 16.08 -49.81 -8.50
CA LEU W 42 15.75 -49.37 -7.15
C LEU W 42 15.75 -47.84 -7.05
N VAL W 43 16.77 -47.21 -7.65
CA VAL W 43 16.84 -45.76 -7.72
C VAL W 43 15.70 -45.21 -8.58
N LYS W 44 15.47 -45.82 -9.73
CA LYS W 44 14.41 -45.34 -10.61
C LYS W 44 13.04 -45.62 -10.02
N TRP W 45 12.93 -46.61 -9.15
CA TRP W 45 11.70 -46.80 -8.42
C TRP W 45 11.50 -45.70 -7.40
N PHE W 46 12.54 -45.39 -6.61
CA PHE W 46 12.39 -44.41 -5.54
C PHE W 46 12.12 -43.03 -6.08
N ILE W 47 12.85 -42.63 -7.13
CA ILE W 47 12.73 -41.25 -7.63
C ILE W 47 11.40 -41.04 -8.31
N ASN W 48 10.97 -41.99 -9.14
CA ASN W 48 9.72 -41.86 -9.88
C ASN W 48 8.50 -41.95 -8.99
N ASN W 49 8.65 -42.37 -7.74
CA ASN W 49 7.55 -42.43 -6.81
C ASN W 49 7.62 -41.37 -5.73
N LEU W 50 8.55 -40.43 -5.82
CA LEU W 50 8.39 -39.20 -5.07
C LEU W 50 7.18 -38.44 -5.60
N PRO W 51 6.57 -37.57 -4.80
CA PRO W 51 5.44 -36.80 -5.30
C PRO W 51 5.79 -35.83 -6.39
N ALA W 52 7.06 -35.51 -6.61
CA ALA W 52 7.43 -34.64 -7.72
C ALA W 52 7.30 -35.36 -9.05
N TYR W 53 7.31 -36.69 -9.04
CA TYR W 53 7.26 -37.43 -10.29
C TYR W 53 6.26 -38.58 -10.30
N ARG W 54 5.51 -38.79 -9.22
CA ARG W 54 4.62 -39.94 -9.16
C ARG W 54 3.49 -39.73 -10.17
N PRO W 55 3.24 -40.69 -11.06
CA PRO W 55 2.21 -40.48 -12.07
C PRO W 55 0.81 -40.51 -11.49
N GLY W 56 -0.01 -39.59 -11.97
CA GLY W 56 -1.40 -39.54 -11.60
C GLY W 56 -1.77 -38.51 -10.56
N LEU W 57 -0.93 -37.51 -10.31
CA LEU W 57 -1.17 -36.55 -9.25
C LEU W 57 -1.46 -35.17 -9.85
N THR W 58 -2.44 -34.47 -9.28
CA THR W 58 -2.63 -33.06 -9.59
C THR W 58 -1.47 -32.26 -9.00
N PRO W 59 -1.20 -31.05 -9.53
CA PRO W 59 -0.21 -30.16 -8.87
C PRO W 59 -0.46 -29.89 -7.39
N PHE W 60 -1.71 -29.86 -6.96
CA PHE W 60 -2.00 -29.65 -5.56
C PHE W 60 -1.64 -30.88 -4.73
N ARG W 61 -1.88 -32.07 -5.25
CA ARG W 61 -1.56 -33.27 -4.48
C ARG W 61 -0.04 -33.44 -4.34
N ARG W 62 0.71 -33.15 -5.41
CA ARG W 62 2.17 -33.15 -5.37
C ARG W 62 2.69 -32.15 -4.36
N GLY W 63 2.19 -30.92 -4.41
CA GLY W 63 2.67 -29.90 -3.50
C GLY W 63 2.32 -30.18 -2.06
N LEU W 64 1.15 -30.77 -1.83
CA LEU W 64 0.67 -31.02 -0.49
C LEU W 64 1.55 -32.04 0.21
N GLU W 65 1.96 -33.08 -0.52
CA GLU W 65 2.85 -34.07 0.07
C GLU W 65 4.28 -33.54 0.26
N VAL W 66 4.80 -32.80 -0.75
CA VAL W 66 6.11 -32.16 -0.64
C VAL W 66 6.17 -31.22 0.55
N GLY W 67 5.14 -30.41 0.72
CA GLY W 67 5.09 -29.49 1.83
C GLY W 67 4.99 -30.17 3.18
N MET W 68 4.20 -31.25 3.29
CA MET W 68 4.10 -31.93 4.58
C MET W 68 5.44 -32.50 5.01
N ALA W 69 6.17 -33.13 4.08
CA ALA W 69 7.49 -33.67 4.41
C ALA W 69 8.47 -32.56 4.79
N HIS W 70 8.41 -31.43 4.10
CA HIS W 70 9.40 -30.38 4.32
C HIS W 70 9.13 -29.59 5.58
N GLY W 71 7.89 -29.19 5.81
CA GLY W 71 7.57 -28.55 7.06
C GLY W 71 7.80 -29.45 8.25
N TYR W 72 7.60 -30.77 8.07
CA TYR W 72 7.91 -31.71 9.14
C TYR W 72 9.38 -31.66 9.52
N PHE W 73 10.29 -31.85 8.57
CA PHE W 73 11.68 -31.88 9.03
C PHE W 73 12.24 -30.50 9.33
N LEU W 74 11.69 -29.41 8.77
CA LEU W 74 12.29 -28.11 9.03
C LEU W 74 12.02 -27.60 10.43
N PHE W 75 11.09 -28.23 11.14
CA PHE W 75 10.86 -27.93 12.56
C PHE W 75 12.12 -28.16 13.39
N GLY W 76 12.82 -29.26 13.15
CA GLY W 76 13.91 -29.72 13.96
C GLY W 76 15.11 -28.82 14.16
N PRO W 77 15.74 -28.34 13.07
CA PRO W 77 16.83 -27.35 13.23
C PRO W 77 16.43 -26.08 13.94
N PHE W 78 15.23 -25.55 13.69
CA PHE W 78 14.80 -24.35 14.40
C PHE W 78 14.50 -24.64 15.86
N ALA W 79 13.97 -25.83 16.14
CA ALA W 79 13.55 -26.13 17.50
C ALA W 79 14.73 -26.51 18.39
N LYS W 80 15.69 -27.26 17.87
CA LYS W 80 16.74 -27.79 18.72
C LYS W 80 18.01 -26.95 18.72
N LEU W 81 18.15 -26.00 17.81
CA LEU W 81 19.39 -25.28 17.64
C LEU W 81 19.25 -23.78 17.64
N GLY W 82 18.03 -23.25 17.71
CA GLY W 82 17.79 -21.82 17.65
C GLY W 82 18.26 -21.06 18.89
N PRO W 83 17.98 -19.76 18.96
CA PRO W 83 18.41 -18.99 20.13
C PRO W 83 17.68 -19.34 21.40
N LEU W 84 16.47 -19.88 21.30
CA LEU W 84 15.62 -20.14 22.44
C LEU W 84 15.52 -21.62 22.74
N ARG W 85 16.53 -22.41 22.36
CA ARG W 85 16.44 -23.86 22.41
C ARG W 85 16.49 -24.38 23.85
N ASP W 86 16.93 -23.54 24.79
CA ASP W 86 16.97 -23.91 26.19
C ASP W 86 15.83 -23.30 26.99
N ALA W 87 15.01 -22.47 26.36
CA ALA W 87 13.88 -21.87 27.06
C ALA W 87 12.72 -22.86 27.18
N ALA W 88 11.64 -22.40 27.79
CA ALA W 88 10.45 -23.23 27.91
C ALA W 88 9.64 -23.24 26.63
N ASN W 89 9.80 -22.23 25.79
CA ASN W 89 9.14 -22.13 24.49
C ASN W 89 10.08 -22.45 23.34
N ALA W 90 10.93 -23.46 23.50
CA ALA W 90 11.80 -23.89 22.41
C ALA W 90 11.00 -24.46 21.25
N ASN W 91 9.96 -25.23 21.55
CA ASN W 91 9.22 -25.88 20.49
C ASN W 91 8.34 -24.90 19.73
N LEU W 92 7.80 -23.90 20.44
CA LEU W 92 7.00 -22.88 19.77
C LEU W 92 7.87 -22.00 18.87
N ALA W 93 9.10 -21.72 19.33
CA ALA W 93 10.02 -20.95 18.50
C ALA W 93 10.44 -21.74 17.27
N GLY W 94 10.64 -23.05 17.42
CA GLY W 94 10.96 -23.88 16.26
C GLY W 94 9.80 -24.00 15.30
N LEU W 95 8.58 -24.06 15.84
CA LEU W 95 7.37 -24.03 15.02
C LEU W 95 7.28 -22.77 14.18
N LEU W 96 7.42 -21.61 14.82
CA LEU W 96 7.31 -20.34 14.10
C LEU W 96 8.45 -20.15 13.11
N GLY W 97 9.66 -20.61 13.45
CA GLY W 97 10.77 -20.51 12.50
C GLY W 97 10.56 -21.37 11.28
N ALA W 98 10.04 -22.59 11.50
CA ALA W 98 9.68 -23.48 10.40
C ALA W 98 8.60 -22.86 9.52
N ILE W 99 7.60 -22.23 10.13
CA ILE W 99 6.53 -21.61 9.36
C ILE W 99 7.06 -20.41 8.57
N GLY W 100 8.02 -19.68 9.13
CA GLY W 100 8.65 -18.59 8.40
C GLY W 100 9.45 -19.05 7.18
N LEU W 101 10.17 -20.17 7.32
CA LEU W 101 10.82 -20.73 6.13
C LEU W 101 9.84 -21.31 5.13
N VAL W 102 8.71 -21.86 5.58
CA VAL W 102 7.73 -22.41 4.65
C VAL W 102 7.07 -21.29 3.86
N VAL W 103 6.82 -20.15 4.52
CA VAL W 103 6.27 -18.98 3.84
C VAL W 103 7.28 -18.38 2.86
N LEU W 104 8.57 -18.31 3.23
CA LEU W 104 9.60 -17.83 2.30
C LEU W 104 9.78 -18.76 1.11
N PHE W 105 9.64 -20.07 1.33
CA PHE W 105 9.71 -21.03 0.25
C PHE W 105 8.50 -20.94 -0.67
N THR W 106 7.33 -20.64 -0.11
CA THR W 106 6.15 -20.42 -0.92
C THR W 106 6.29 -19.15 -1.76
N LEU W 107 6.91 -18.14 -1.19
CA LEU W 107 7.16 -16.91 -1.92
C LEU W 107 8.15 -17.14 -3.06
N ALA W 108 9.20 -17.92 -2.79
CA ALA W 108 10.13 -18.32 -3.84
C ALA W 108 9.45 -19.11 -4.95
N LEU W 109 8.58 -20.05 -4.59
CA LEU W 109 7.85 -20.81 -5.61
C LEU W 109 6.87 -19.96 -6.40
N SER W 110 6.24 -18.97 -5.77
CA SER W 110 5.33 -18.11 -6.51
C SER W 110 6.09 -17.17 -7.44
N LEU W 111 7.25 -16.67 -6.98
CA LEU W 111 8.14 -15.92 -7.86
C LEU W 111 8.66 -16.76 -9.01
N TYR W 112 8.94 -18.03 -8.75
CA TYR W 112 9.39 -18.91 -9.81
C TYR W 112 8.27 -19.18 -10.81
N ALA W 113 7.04 -19.27 -10.31
CA ALA W 113 5.89 -19.52 -11.16
C ALA W 113 5.61 -18.34 -12.07
N ASN W 114 5.63 -17.15 -11.49
CA ASN W 114 5.31 -15.91 -12.19
C ASN W 114 6.33 -15.41 -13.19
N SER W 115 7.53 -15.96 -13.14
CA SER W 115 8.59 -15.56 -14.03
C SER W 115 8.56 -16.29 -15.37
N ASN W 116 7.49 -17.02 -15.69
CA ASN W 116 7.39 -17.82 -16.95
C ASN W 116 8.52 -18.82 -16.94
N PRO W 117 8.35 -19.90 -16.16
CA PRO W 117 9.51 -20.72 -15.87
C PRO W 117 9.84 -21.64 -17.03
N PRO W 118 11.08 -22.09 -17.13
CA PRO W 118 11.42 -23.07 -18.15
C PRO W 118 10.90 -24.45 -17.79
N THR W 119 10.85 -25.32 -18.80
CA THR W 119 10.28 -26.64 -18.65
C THR W 119 11.09 -27.50 -17.69
N ALA W 120 10.40 -28.38 -16.98
CA ALA W 120 11.08 -29.38 -16.17
C ALA W 120 11.79 -30.36 -17.08
N LEU W 121 13.00 -30.74 -16.71
CA LEU W 121 13.79 -31.61 -17.56
C LEU W 121 13.48 -33.07 -17.29
N ALA W 122 13.49 -33.85 -18.35
CA ALA W 122 13.58 -35.30 -18.25
C ALA W 122 15.04 -35.68 -18.09
N SER W 123 15.28 -36.90 -17.60
CA SER W 123 16.63 -37.37 -17.41
C SER W 123 16.69 -38.88 -17.52
N VAL W 124 17.85 -39.43 -17.16
CA VAL W 124 18.05 -40.87 -17.19
C VAL W 124 17.14 -41.56 -16.19
N THR W 125 17.12 -41.05 -14.97
CA THR W 125 16.29 -41.62 -13.92
C THR W 125 14.81 -41.41 -14.21
N VAL W 126 14.44 -40.20 -14.58
CA VAL W 126 13.04 -39.84 -14.82
C VAL W 126 12.87 -39.41 -16.28
N PRO W 127 12.34 -40.28 -17.13
CA PRO W 127 12.20 -39.92 -18.54
C PRO W 127 11.01 -39.04 -18.86
N ASN W 128 10.12 -38.78 -17.90
CA ASN W 128 8.94 -37.96 -18.14
C ASN W 128 8.53 -37.17 -16.91
N PRO W 129 8.94 -35.91 -16.79
CA PRO W 129 8.46 -35.07 -15.68
C PRO W 129 7.03 -34.65 -15.91
N PRO W 130 6.28 -34.35 -14.86
CA PRO W 130 4.84 -34.13 -15.02
C PRO W 130 4.53 -32.80 -15.69
N ASP W 131 3.29 -32.70 -16.18
CA ASP W 131 2.79 -31.47 -16.76
C ASP W 131 2.38 -30.47 -15.70
N ALA W 132 2.40 -30.87 -14.42
CA ALA W 132 2.28 -29.96 -13.30
C ALA W 132 3.35 -28.88 -13.33
N PHE W 133 4.54 -29.22 -13.78
CA PHE W 133 5.66 -28.30 -13.70
C PHE W 133 6.01 -27.71 -15.06
N GLN W 134 5.05 -27.66 -15.97
CA GLN W 134 5.24 -27.14 -17.31
C GLN W 134 4.51 -25.83 -17.54
N SER W 135 3.72 -25.37 -16.58
CA SER W 135 2.86 -24.21 -16.76
C SER W 135 2.82 -23.39 -15.49
N LYS W 136 2.46 -22.12 -15.66
CA LYS W 136 2.36 -21.19 -14.54
C LYS W 136 1.24 -21.59 -13.58
N GLU W 137 0.13 -22.12 -14.10
CA GLU W 137 -0.99 -22.52 -13.25
C GLU W 137 -0.65 -23.74 -12.40
N GLY W 138 0.03 -24.71 -12.99
CA GLY W 138 0.48 -25.86 -12.22
C GLY W 138 1.48 -25.50 -11.14
N TRP W 139 2.36 -24.54 -11.42
CA TRP W 139 3.30 -24.10 -10.39
C TRP W 139 2.62 -23.27 -9.31
N ASN W 140 1.57 -22.53 -9.65
CA ASN W 140 0.81 -21.80 -8.62
C ASN W 140 0.04 -22.77 -7.72
N ASN W 141 -0.46 -23.85 -8.31
CA ASN W 141 -1.16 -24.85 -7.56
C ASN W 141 -0.19 -25.56 -6.62
N PHE W 142 0.95 -25.95 -7.16
CA PHE W 142 2.02 -26.56 -6.39
C PHE W 142 2.44 -25.69 -5.22
N ALA W 143 2.59 -24.38 -5.46
CA ALA W 143 3.09 -23.48 -4.43
C ALA W 143 2.09 -23.29 -3.30
N SER W 144 0.81 -23.12 -3.63
CA SER W 144 -0.20 -22.99 -2.59
C SER W 144 -0.35 -24.29 -1.79
N ALA W 145 -0.23 -25.43 -2.47
CA ALA W 145 -0.26 -26.71 -1.79
C ALA W 145 0.95 -26.88 -0.88
N PHE W 146 2.10 -26.37 -1.30
CA PHE W 146 3.29 -26.41 -0.48
C PHE W 146 3.11 -25.58 0.77
N LEU W 147 2.41 -24.45 0.67
CA LEU W 147 2.17 -23.62 1.85
C LEU W 147 1.27 -24.35 2.85
N ILE W 148 0.18 -24.94 2.36
CA ILE W 148 -0.75 -25.63 3.25
C ILE W 148 -0.10 -26.86 3.88
N GLY W 149 0.52 -27.70 3.05
CA GLY W 149 1.22 -28.86 3.55
C GLY W 149 2.39 -28.53 4.46
N GLY W 150 3.09 -27.43 4.18
CA GLY W 150 4.22 -27.04 5.01
C GLY W 150 3.81 -26.60 6.39
N ILE W 151 2.73 -25.82 6.47
CA ILE W 151 2.22 -25.43 7.79
C ILE W 151 1.67 -26.66 8.52
N GLY W 152 1.02 -27.58 7.80
CA GLY W 152 0.54 -28.79 8.44
C GLY W 152 1.65 -29.69 8.94
N GLY W 153 2.73 -29.80 8.18
CA GLY W 153 3.86 -30.63 8.58
C GLY W 153 4.63 -30.05 9.75
N ALA W 154 4.81 -28.74 9.76
CA ALA W 154 5.46 -28.13 10.91
C ALA W 154 4.59 -28.23 12.17
N VAL W 155 3.27 -28.12 12.01
CA VAL W 155 2.37 -28.24 13.16
C VAL W 155 2.34 -29.68 13.69
N VAL W 156 2.41 -30.67 12.81
CA VAL W 156 2.39 -32.04 13.30
C VAL W 156 3.73 -32.41 13.93
N ALA W 157 4.84 -31.79 13.49
CA ALA W 157 6.11 -32.06 14.13
C ALA W 157 6.20 -31.39 15.50
N TYR W 158 5.71 -30.15 15.60
CA TYR W 158 5.53 -29.49 16.89
C TYR W 158 4.65 -30.29 17.83
N PHE W 159 3.57 -30.88 17.31
CA PHE W 159 2.63 -31.59 18.15
C PHE W 159 3.20 -32.92 18.62
N LEU W 160 3.94 -33.63 17.77
CA LEU W 160 4.54 -34.87 18.21
C LEU W 160 5.73 -34.63 19.12
N THR W 161 6.36 -33.46 19.03
CA THR W 161 7.49 -33.16 19.90
C THR W 161 7.03 -32.69 21.27
N SER W 162 5.99 -31.87 21.31
CA SER W 162 5.48 -31.39 22.58
C SER W 162 4.64 -32.43 23.33
N ASN W 163 4.30 -33.55 22.70
CA ASN W 163 3.51 -34.59 23.33
C ASN W 163 4.17 -35.96 23.28
N LEU W 164 5.44 -36.04 23.67
CA LEU W 164 6.06 -37.36 23.83
C LEU W 164 5.53 -38.09 25.06
N ALA W 165 4.87 -37.39 25.98
CA ALA W 165 4.41 -38.01 27.21
C ALA W 165 3.24 -38.96 26.99
N LEU W 166 2.64 -39.00 25.80
CA LEU W 166 1.56 -39.95 25.55
C LEU W 166 2.10 -41.34 25.24
N ILE W 167 3.41 -41.50 25.08
CA ILE W 167 3.99 -42.83 24.95
C ILE W 167 4.11 -43.50 26.30
N GLN W 168 3.93 -42.76 27.39
CA GLN W 168 3.93 -43.34 28.72
C GLN W 168 2.67 -44.18 28.94
N GLY W 169 1.60 -43.87 28.21
CA GLY W 169 0.41 -44.71 28.27
C GLY W 169 0.51 -45.92 27.35
N LEU W 170 1.55 -45.95 26.51
CA LEU W 170 1.78 -47.11 25.66
C LEU W 170 2.46 -48.22 26.45
N VAL W 171 3.05 -47.88 27.60
CA VAL W 171 3.85 -48.80 28.39
C VAL W 171 2.99 -49.55 29.40
N SER X 2 13.22 14.47 27.95
CA SER X 2 14.54 14.26 27.37
C SER X 2 14.53 14.62 25.89
N SER X 3 13.96 13.75 25.08
CA SER X 3 13.93 13.91 23.64
C SER X 3 12.65 14.63 23.20
N ILE X 4 12.36 14.56 21.90
CA ILE X 4 11.14 15.10 21.32
C ILE X 4 9.99 14.14 21.61
N SER X 5 8.75 14.59 21.38
CA SER X 5 7.57 13.85 21.80
C SER X 5 7.12 12.87 20.73
N ASP X 6 6.05 12.13 21.03
CA ASP X 6 5.51 11.18 20.05
C ASP X 6 4.83 11.90 18.91
N THR X 7 4.19 13.03 19.21
CA THR X 7 3.48 13.81 18.22
C THR X 7 4.43 14.37 17.17
N GLN X 8 5.64 14.73 17.59
CA GLN X 8 6.60 15.29 16.65
C GLN X 8 7.17 14.21 15.73
N VAL X 9 7.36 13.00 16.23
CA VAL X 9 7.81 11.89 15.39
C VAL X 9 6.72 11.50 14.40
N TYR X 10 5.46 11.49 14.84
CA TYR X 10 4.37 11.14 13.95
C TYR X 10 4.18 12.21 12.86
N ILE X 11 4.33 13.49 13.23
CA ILE X 11 4.24 14.58 12.28
C ILE X 11 5.39 14.51 11.28
N ALA X 12 6.59 14.16 11.74
CA ALA X 12 7.73 14.06 10.83
C ALA X 12 7.58 12.93 9.84
N LEU X 13 7.01 11.79 10.27
CA LEU X 13 6.70 10.71 9.34
C LEU X 13 5.65 11.12 8.30
N VAL X 14 4.63 11.86 8.74
CA VAL X 14 3.60 12.33 7.80
C VAL X 14 4.19 13.34 6.82
N VAL X 15 5.11 14.18 7.27
CA VAL X 15 5.80 15.10 6.38
C VAL X 15 6.72 14.34 5.44
N ALA X 16 7.38 13.29 5.92
CA ALA X 16 8.29 12.50 5.09
C ALA X 16 7.57 11.71 4.00
N LEU X 17 6.27 11.46 4.17
CA LEU X 17 5.46 10.97 3.06
C LEU X 17 5.44 11.91 1.84
N ILE X 18 5.69 13.21 2.01
CA ILE X 18 5.67 14.14 0.89
C ILE X 18 6.90 13.99 -0.01
N PRO X 19 8.17 13.96 0.48
CA PRO X 19 9.25 13.64 -0.44
C PRO X 19 9.26 12.20 -0.89
N GLY X 20 8.60 11.28 -0.17
CA GLY X 20 8.43 9.93 -0.68
C GLY X 20 7.61 9.88 -1.95
N LEU X 21 6.47 10.57 -1.94
CA LEU X 21 5.63 10.66 -3.12
C LEU X 21 6.30 11.43 -4.25
N LEU X 22 6.98 12.53 -3.91
CA LEU X 22 7.67 13.29 -4.94
C LEU X 22 8.86 12.55 -5.51
N ALA X 23 9.52 11.72 -4.69
CA ALA X 23 10.64 10.93 -5.17
C ALA X 23 10.17 9.80 -6.06
N TRP X 24 9.02 9.21 -5.74
CA TRP X 24 8.41 8.22 -6.62
C TRP X 24 8.08 8.82 -7.97
N ARG X 25 7.51 10.03 -7.99
CA ARG X 25 7.21 10.67 -9.27
C ARG X 25 8.46 11.04 -10.06
N LEU X 26 9.50 11.50 -9.37
CA LEU X 26 10.73 11.88 -10.07
C LEU X 26 11.46 10.67 -10.62
N ALA X 27 11.58 9.60 -9.84
CA ALA X 27 12.22 8.38 -10.30
C ALA X 27 11.45 7.75 -11.44
N THR X 28 10.12 7.86 -11.44
CA THR X 28 9.40 7.33 -12.61
C THR X 28 9.52 8.23 -13.82
N GLU X 29 9.60 9.54 -13.63
CA GLU X 29 9.80 10.48 -14.72
C GLU X 29 11.19 10.33 -15.38
N LEU X 30 12.23 10.09 -14.56
CA LEU X 30 13.59 9.90 -15.04
C LEU X 30 13.73 8.62 -15.85
N TYR X 31 12.85 7.66 -15.61
CA TYR X 31 12.84 6.41 -16.36
C TYR X 31 12.04 6.57 -17.64
N LYS X 32 10.96 7.35 -17.58
CA LYS X 32 10.02 7.55 -18.66
C LYS X 32 10.65 8.30 -19.84
MG CL0 Y . -46.56 14.26 19.07
CHA CL0 Y . -44.25 16.45 17.47
CHB CL0 Y . -47.40 13.17 15.93
CHC CL0 Y . -48.20 11.74 20.59
CHD CL0 Y . -45.10 15.16 22.23
NA CL0 Y . -45.91 14.74 16.94
C1A CL0 Y . -45.09 15.63 16.53
C2A CL0 Y . -45.11 15.83 15.03
C3A CL0 Y . -46.16 14.80 14.64
C4A CL0 Y . -46.50 14.17 15.93
CMA CL0 Y . -47.41 15.57 14.21
CAA CL0 Y . -43.78 15.51 14.31
CBA CL0 Y . -43.88 15.41 12.79
CGA CL0 Y . -42.66 14.73 12.22
O1A CL0 Y . -42.68 13.78 11.45
O2A CL0 Y . -41.42 15.12 12.47
NB CL0 Y . -47.61 12.66 18.35
C1B CL0 Y . -47.93 12.42 17.07
C2B CL0 Y . -48.89 11.29 16.90
C3B CL0 Y . -49.13 10.90 18.29
C4B CL0 Y . -48.29 11.79 19.12
CMB CL0 Y . -49.50 10.72 15.66
CAB CL0 Y . -50.01 9.81 18.78
CBB CL0 Y . -51.22 9.64 18.29
NC CL0 Y . -46.58 13.52 21.10
C1C CL0 Y . -47.42 12.57 21.52
C2C CL0 Y . -47.50 12.38 22.98
C3C CL0 Y . -46.57 13.39 23.45
C4C CL0 Y . -46.05 14.03 22.21
CMC CL0 Y . -48.35 11.42 23.78
CAC CL0 Y . -46.18 13.74 24.87
CBC CL0 Y . -47.04 14.88 25.36
ND CL0 Y . -45.02 15.42 19.80
C1D CL0 Y . -44.61 15.81 21.01
C2D CL0 Y . -43.64 16.95 20.99
C3D CL0 Y . -43.55 17.15 19.55
C4D CL0 Y . -44.35 16.26 18.94
CMD CL0 Y . -42.88 17.78 21.97
CAD CL0 Y . -42.88 18.03 18.57
OBD CL0 Y . -42.23 19.10 18.84
CBD CL0 Y . -43.21 17.52 17.20
CGD CL0 Y . -41.92 16.98 16.63
O1D CL0 Y . -41.42 15.98 17.11
O2D CL0 Y . -41.25 17.63 15.52
CED CL0 Y . -40.18 16.96 14.87
C1 CL0 Y . -40.16 14.13 12.37
C2 CL0 Y . -39.80 13.20 13.51
C3 CL0 Y . -38.64 13.29 14.18
C4 CL0 Y . -37.61 14.35 13.87
C5 CL0 Y . -38.33 12.34 15.31
C6 CL0 Y . -38.28 13.11 16.62
C7 CL0 Y . -38.24 12.19 17.86
C8 CL0 Y . -37.12 11.15 17.82
C9 CL0 Y . -37.29 10.19 18.98
C10 CL0 Y . -35.76 11.85 17.87
C11 CL0 Y . -34.61 10.84 17.76
C12 CL0 Y . -33.36 11.54 17.24
C13 CL0 Y . -32.22 10.57 16.99
C14 CL0 Y . -30.89 11.32 17.03
C15 CL0 Y . -32.42 9.80 15.68
C16 CL0 Y . -32.11 10.64 14.44
C17 CL0 Y . -32.59 9.95 13.17
C18 CL0 Y . -32.88 10.97 12.06
C19 CL0 Y . -32.17 10.61 10.76
C20 CL0 Y . -34.39 11.08 11.84
MG CLA Z . -38.52 9.07 11.13
CHA CLA Z . -40.49 8.18 13.85
CHB CLA Z . -35.93 7.43 12.49
CHC CLA Z . -36.77 9.60 8.27
CHD CLA Z . -41.16 11.00 9.87
NA CLA Z . -38.27 8.00 12.92
C1A CLA Z . -39.19 7.76 13.95
C2A CLA Z . -38.55 6.95 15.07
C3A CLA Z . -37.04 7.04 14.72
C4A CLA Z . -37.07 7.49 13.27
CMA CLA Z . -36.22 7.94 15.60
CAA CLA Z . -39.06 5.51 15.04
CBA CLA Z . -38.97 4.80 16.36
CGA CLA Z . -37.72 4.00 16.39
O1A CLA Z . -36.85 3.95 15.52
O2A CLA Z . -37.59 3.29 17.53
NB CLA Z . -36.65 8.71 10.54
C1B CLA Z . -35.85 7.82 11.15
C2B CLA Z . -34.87 7.28 10.19
C3B CLA Z . -35.11 7.88 8.98
C4B CLA Z . -36.24 8.79 9.20
CMB CLA Z . -33.88 6.31 10.60
CAB CLA Z . -34.50 7.78 7.67
CBB CLA Z . -33.43 7.11 7.28
NC CLA Z . -38.87 10.21 9.42
C1C CLA Z . -37.99 10.32 8.40
C2C CLA Z . -38.53 11.21 7.38
C3C CLA Z . -39.78 11.61 7.83
C4C CLA Z . -39.98 10.98 9.12
CMC CLA Z . -37.83 11.57 6.14
CAC CLA Z . -40.71 12.57 7.23
CBC CLA Z . -40.31 14.02 7.35
ND CLA Z . -40.43 9.48 11.66
C1D CLA Z . -41.41 10.28 11.03
C2D CLA Z . -42.66 10.13 11.78
C3D CLA Z . -42.39 9.28 12.84
C4D CLA Z . -40.96 8.96 12.75
CMD CLA Z . -43.94 10.70 11.34
CAD CLA Z . -42.89 8.51 13.96
OBD CLA Z . -44.02 8.18 14.23
CBD CLA Z . -41.67 8.00 14.75
CGD CLA Z . -41.50 8.79 16.01
O1D CLA Z . -41.18 9.96 16.10
O2D CLA Z . -41.65 8.08 17.13
CED CLA Z . -42.15 8.80 18.24
C1 CLA Z . -36.50 2.38 17.72
C2 CLA Z . -36.74 1.11 17.00
C3 CLA Z . -36.68 -0.07 17.63
C4 CLA Z . -36.39 -0.18 19.07
C5 CLA Z . -36.90 -1.32 16.87
C6 CLA Z . -35.90 -1.44 15.75
C7 CLA Z . -36.12 -2.67 14.91
C8 CLA Z . -34.91 -3.04 14.07
C9 CLA Z . -34.59 -1.94 13.08
C10 CLA Z . -35.09 -4.35 13.31
C11 CLA Z . -35.43 -5.49 14.22
C12 CLA Z . -35.00 -6.81 13.65
C13 CLA Z . -35.60 -7.97 14.42
C14 CLA Z . -34.80 -8.22 15.66
C15 CLA Z . -35.68 -9.23 13.58
C16 CLA Z . -36.08 -10.44 14.39
C17 CLA Z . -36.47 -11.60 13.51
C18 CLA Z . -36.05 -12.93 14.10
C19 CLA Z . -37.06 -13.38 15.13
C20 CLA Z . -35.91 -13.98 13.04
MG CLA AA . -56.74 36.10 -4.59
CHA CLA AA . -59.22 33.69 -4.54
CHB CLA AA . -55.73 35.13 -1.52
CHC CLA AA . -54.30 38.49 -4.70
CHD CLA AA . -57.87 37.14 -7.77
NA CLA AA . -57.36 34.61 -3.29
C1A CLA AA . -58.41 33.72 -3.44
C2A CLA AA . -58.51 32.79 -2.23
C3A CLA AA . -57.47 33.37 -1.25
C4A CLA AA . -56.78 34.43 -2.07
CMA CLA AA . -58.14 33.97 -0.04
CAA CLA AA . -58.01 31.41 -2.64
CBA CLA AA . -57.98 30.45 -1.48
CGA CLA AA . -59.38 30.21 -1.00
O1A CLA AA . -60.33 29.74 -1.62
O2A CLA AA . -59.55 30.57 0.31
NB CLA AA . -55.30 36.70 -3.34
C1B CLA AA . -55.03 36.16 -2.14
C2B CLA AA . -53.88 36.86 -1.51
C3B CLA AA . -53.46 37.82 -2.41
C4B CLA AA . -54.36 37.72 -3.60
CMB CLA AA . -53.41 36.44 -0.18
CAB CLA AA . -52.40 38.79 -2.40
CBB CLA AA . -51.67 39.21 -1.37
NC CLA AA . -56.20 37.55 -5.99
C1C CLA AA . -55.17 38.43 -5.82
C2C CLA AA . -55.07 39.31 -6.96
C3C CLA AA . -56.07 38.93 -7.84
C4C CLA AA . -56.78 37.82 -7.23
CMC CLA AA . -54.10 40.38 -7.11
CAC CLA AA . -56.37 39.55 -9.14
CBC CLA AA . -57.48 40.56 -9.02
ND CLA AA . -58.14 35.54 -5.93
C1D CLA AA . -58.51 36.08 -7.19
C2D CLA AA . -59.67 35.32 -7.70
C3D CLA AA . -59.99 34.41 -6.72
C4D CLA AA . -59.01 34.58 -5.64
CMD CLA AA . -60.32 35.57 -8.98
CAD CLA AA . -60.87 33.33 -6.33
OBD CLA AA . -61.80 32.83 -6.93
CBD CLA AA . -60.44 32.87 -4.91
CGD CLA AA . -61.58 32.95 -3.94
O1D CLA AA . -62.58 32.25 -3.93
O2D CLA AA . -61.47 33.91 -2.99
CED CLA AA . -62.30 33.78 -1.83
C1 CLA AA . -60.86 30.39 0.87
C2 CLA AA . -61.29 31.70 1.39
C3 CLA AA . -61.17 32.06 2.67
C4 CLA AA . -60.60 31.18 3.70
C5 CLA AA . -61.62 33.40 3.11
C6 CLA AA . -60.46 34.28 3.49
C7 CLA AA . -60.78 35.72 3.16
C8 CLA AA . -59.75 36.69 3.74
C9 CLA AA . -58.42 36.55 3.03
C10 CLA AA . -59.59 36.50 5.24
C11 CLA AA . -60.73 37.17 5.96
C12 CLA AA . -60.52 37.25 7.46
C13 CLA AA . -61.85 37.32 8.20
C14 CLA AA . -61.74 38.12 9.47
C15 CLA AA . -62.38 35.93 8.51
C16 CLA AA . -61.52 35.19 9.52
C17 CLA AA . -61.00 33.90 8.94
C18 CLA AA . -60.21 33.12 9.98
C19 CLA AA . -61.14 32.56 11.04
C20 CLA AA . -59.47 31.99 9.29
MG CLA BA . -48.17 40.01 -5.27
CHA CLA BA . -49.13 41.08 -8.41
CHB CLA BA . -45.74 42.35 -5.20
CHC CLA BA . -47.33 38.97 -2.12
CHD CLA BA . -50.51 37.38 -5.49
NA CLA BA . -47.56 41.49 -6.60
C1A CLA BA . -48.09 41.79 -7.87
C2A CLA BA . -47.31 42.93 -8.52
C3A CLA BA . -46.15 43.16 -7.53
C4A CLA BA . -46.50 42.30 -6.34
CMA CLA BA . -44.86 42.72 -8.15
CAA CLA BA . -48.13 44.20 -8.75
CBA CLA BA . -48.01 45.22 -7.64
CGA CLA BA . -49.00 46.31 -7.88
O1A CLA BA . -49.81 46.41 -8.79
O2A CLA BA . -48.93 47.30 -6.94
NB CLA BA . -46.78 40.54 -3.93
C1B CLA BA . -45.93 41.58 -4.05
C2B CLA BA . -45.20 41.80 -2.77
C3B CLA BA . -45.65 40.83 -1.89
C4B CLA BA . -46.66 40.01 -2.62
CMB CLA BA . -44.23 42.87 -2.67
CAB CLA BA . -45.33 40.52 -0.53
CBB CLA BA . -44.18 40.72 0.11
NC CLA BA . -48.83 38.47 -4.03
C1C CLA BA . -48.35 38.22 -2.78
C2C CLA BA . -49.04 37.08 -2.21
C3C CLA BA . -49.91 36.61 -3.18
C4C CLA BA . -49.76 37.48 -4.32
CMC CLA BA . -48.83 36.57 -0.86
CAC CLA BA . -50.83 35.47 -3.09
CBC CLA BA . -50.26 34.22 -3.69
ND CLA BA . -49.57 39.37 -6.56
C1D CLA BA . -50.45 38.26 -6.54
C2D CLA BA . -51.23 38.24 -7.78
C3D CLA BA . -50.79 39.33 -8.51
C4D CLA BA . -49.73 39.97 -7.73
CMD CLA BA . -52.26 37.27 -8.07
CAD CLA BA . -50.93 40.06 -9.74
OBD CLA BA . -51.74 39.90 -10.65
CBD CLA BA . -49.85 41.17 -9.74
CGD CLA BA . -48.89 41.08 -10.90
O1D CLA BA . -47.78 40.57 -10.96
O2D CLA BA . -49.37 41.67 -12.03
CED CLA BA . -48.61 41.47 -13.22
C1 CLA BA . -49.98 47.31 -5.94
C2 CLA BA . -49.82 48.55 -5.14
C3 CLA BA . -50.09 48.65 -3.83
C4 CLA BA . -49.92 49.93 -3.10
C5 CLA BA . -50.60 47.51 -3.03
C6 CLA BA . -52.07 47.68 -2.67
C7 CLA BA . -52.44 46.76 -1.53
C8 CLA BA . -53.92 46.89 -1.17
C9 CLA BA . -54.75 46.14 -2.19
MG CLA CA . -36.72 38.31 -5.61
CHA CLA CA . -33.85 38.68 -3.68
CHB CLA CA . -38.59 39.58 -3.08
CHC CLA CA . -39.51 37.94 -7.53
CHD CLA CA . -34.75 36.92 -8.15
NA CLA CA . -36.26 39.04 -3.71
C1A CLA CA . -35.02 39.08 -3.09
C2A CLA CA . -35.14 39.74 -1.74
C3A CLA CA . -36.65 39.76 -1.49
C4A CLA CA . -37.23 39.49 -2.87
CMA CLA CA . -37.01 38.65 -0.57
CAA CLA CA . -34.69 41.16 -1.94
CBA CLA CA . -34.04 41.74 -0.72
CGA CLA CA . -35.14 42.22 0.15
O1A CLA CA . -36.23 42.67 -0.21
O2A CLA CA . -34.91 42.18 1.50
NB CLA CA . -38.69 38.69 -5.35
C1B CLA CA . -39.25 39.29 -4.28
C2B CLA CA . -40.69 39.56 -4.53
C3B CLA CA . -40.96 39.09 -5.80
C4B CLA CA . -39.68 38.54 -6.32
CMB CLA CA . -41.52 40.20 -3.52
CAB CLA CA . -42.14 39.04 -6.62
CBB CLA CA . -43.30 39.69 -6.50
NC CLA CA . -37.06 37.52 -7.50
C1C CLA CA . -38.29 37.45 -8.07
C2C CLA CA . -38.18 36.82 -9.35
C3C CLA CA . -36.85 36.52 -9.55
C4C CLA CA . -36.13 36.97 -8.37
CMC CLA CA . -39.29 36.56 -10.26
CAC CLA CA . -36.31 35.81 -10.71
CBC CLA CA . -36.05 34.36 -10.42
ND CLA CA . -34.76 37.88 -5.92
C1D CLA CA . -34.08 37.39 -7.04
C2D CLA CA . -32.63 37.38 -6.74
C3D CLA CA . -32.49 37.77 -5.43
C4D CLA CA . -33.85 38.09 -4.98
CMD CLA CA . -31.59 37.00 -7.68
CAD CLA CA . -31.58 38.08 -4.35
OBD CLA CA . -30.38 37.96 -4.27
CBD CLA CA . -32.42 38.65 -3.19
CGD CLA CA . -32.24 37.87 -1.91
O1D CLA CA . -32.40 38.30 -0.78
O2D CLA CA . -31.84 36.59 -2.06
CED CLA CA . -31.81 35.75 -0.90
C1 CLA CA . -34.00 41.20 2.06
C2 CLA CA . -33.31 41.93 3.15
C3 CLA CA . -33.85 42.07 4.37
C4 CLA CA . -35.16 41.47 4.73
C5 CLA CA . -33.13 42.83 5.43
C6 CLA CA . -33.36 44.33 5.35
C7 CLA CA . -34.52 44.78 6.21
C8 CLA CA . -34.69 46.29 6.32
C9 CLA CA . -34.98 46.92 4.98
C10 CLA CA . -33.45 46.91 6.94
C11 CLA CA . -33.83 47.82 8.08
C12 CLA CA . -33.34 49.23 7.87
C13 CLA CA . -32.13 49.59 8.71
C14 CLA CA . -32.25 49.12 10.14
C15 CLA CA . -31.87 51.08 8.71
C16 CLA CA . -30.66 51.43 7.88
C17 CLA CA . -31.05 52.29 6.71
C18 CLA CA . -30.71 53.74 6.95
C19 CLA CA . -29.21 53.95 7.00
C20 CLA CA . -31.30 54.60 5.86
MG CLA DA . -40.20 37.43 3.10
CHA CLA DA . -42.67 36.85 0.75
CHB CLA DA . -37.99 35.72 1.22
CHC CLA DA . -37.70 38.36 5.28
CHD CLA DA . -42.55 39.06 5.11
NA CLA DA . -40.35 36.44 1.27
C1A CLA DA . -41.44 36.34 0.42
C2A CLA DA . -41.07 35.52 -0.80
C3A CLA DA . -39.70 34.93 -0.43
C4A CLA DA . -39.28 35.78 0.76
CMA CLA DA . -39.77 33.48 -0.07
CAA CLA DA . -40.84 36.41 -2.00
CBA CLA DA . -41.94 36.26 -3.03
CGA CLA DA . -41.86 35.01 -3.83
O1A CLA DA . -41.62 34.91 -5.02
O2A CLA DA . -42.11 33.88 -3.13
NB CLA DA . -38.22 37.12 3.21
C1B CLA DA . -37.49 36.44 2.30
C2B CLA DA . -36.06 36.52 2.64
C3B CLA DA . -35.96 37.28 3.79
C4B CLA DA . -37.35 37.65 4.17
CMB CLA DA . -35.05 35.85 1.83
CAB CLA DA . -34.85 37.67 4.60
CBB CLA DA . -33.74 38.23 4.14
NC CLA DA . -40.15 38.47 4.91
C1C CLA DA . -39.03 38.72 5.64
C2C CLA DA . -39.40 39.45 6.84
C3C CLA DA . -40.76 39.66 6.77
C4C CLA DA . -41.23 39.05 5.55
CMC CLA DA . -38.49 39.87 7.88
CAC CLA DA . -41.62 40.32 7.76
CBC CLA DA . -42.08 39.33 8.80
ND CLA DA . -42.18 37.78 3.06
C1D CLA DA . -43.01 38.50 3.95
C2D CLA DA . -44.38 38.51 3.41
C3D CLA DA . -44.29 37.89 2.19
C4D CLA DA . -42.90 37.47 2.01
CMD CLA DA . -45.53 39.09 4.07
CAD CLA DA . -45.03 37.41 1.06
OBD CLA DA . -46.23 37.43 0.90
CBD CLA DA . -44.01 36.85 0.05
CGD CLA DA . -44.47 35.53 -0.47
O1D CLA DA . -44.41 34.43 0.06
O2D CLA DA . -45.04 35.65 -1.71
CED CLA DA . -45.88 34.60 -2.17
C1 CLA DA . -42.15 32.64 -3.86
C2 CLA DA . -41.53 31.61 -2.99
C3 CLA DA . -42.23 30.65 -2.38
C4 CLA DA . -43.70 30.57 -2.49
C5 CLA DA . -41.56 29.62 -1.54
C6 CLA DA . -42.23 29.42 -0.20
C7 CLA DA . -41.69 30.41 0.80
C8 CLA DA . -41.25 29.75 2.10
C9 CLA DA . -42.40 29.73 3.08
C10 CLA DA . -40.02 30.46 2.65
C11 CLA DA . -39.84 30.38 4.15
C12 CLA DA . -38.67 31.21 4.61
C13 CLA DA . -38.86 32.69 4.27
C14 CLA DA . -37.57 33.45 4.29
C15 CLA DA . -39.85 33.35 5.21
C16 CLA DA . -40.69 34.33 4.45
C17 CLA DA . -41.53 35.16 5.39
C18 CLA DA . -43.04 35.04 5.22
C19 CLA DA . -43.53 34.08 4.14
C20 CLA DA . -43.70 34.73 6.54
MG CLA EA . -50.31 46.79 15.27
CHA CLA EA . -52.81 46.79 17.68
CHB CLA EA . -50.41 43.40 15.18
CHC CLA EA . -47.88 46.83 12.86
CHD CLA EA . -50.21 50.30 15.43
NA CLA EA . -51.46 45.35 16.26
C1A CLA EA . -52.46 45.54 17.22
C2A CLA EA . -53.04 44.20 17.67
C3A CLA EA . -52.18 43.16 16.93
C4A CLA EA . -51.29 44.01 16.03
CMA CLA EA . -51.38 42.33 17.89
CAA CLA EA . -54.47 44.00 17.17
CBA CLA EA . -54.73 44.55 15.79
CGA CLA EA . -56.14 44.30 15.39
O1A CLA EA . -56.97 43.62 15.98
O2A CLA EA . -56.53 44.93 14.24
NB CLA EA . -49.35 45.39 14.20
C1B CLA EA . -49.52 44.06 14.33
C2B CLA EA . -48.59 43.34 13.44
C3B CLA EA . -47.86 44.29 12.77
C4B CLA EA . -48.33 45.62 13.25
CMB CLA EA . -48.53 41.88 13.37
CAB CLA EA . -46.82 44.10 11.81
CBB CLA EA . -46.82 44.55 10.56
NC CLA EA . -49.24 48.30 14.31
C1C CLA EA . -48.30 48.10 13.35
C2C CLA EA . -47.80 49.38 12.88
C3C CLA EA . -48.44 50.36 13.63
C4C CLA EA . -49.35 49.67 14.53
CMC CLA EA . -46.80 49.57 11.83
CAC CLA EA . -48.26 51.81 13.54
CBC CLA EA . -49.24 52.40 12.54
ND CLA EA . -51.25 48.26 16.28
C1D CLA EA . -51.10 49.66 16.26
C2D CLA EA . -52.03 50.25 17.24
C3D CLA EA . -52.69 49.20 17.81
C4D CLA EA . -52.18 47.97 17.19
CMD CLA EA . -52.18 51.67 17.51
CAD CLA EA . -53.70 48.80 18.76
OBD CLA EA . -54.40 49.47 19.51
CBD CLA EA . -53.79 47.26 18.72
CGD CLA EA . -53.41 46.69 20.05
O1D CLA EA . -54.39 46.02 19.85
O2D CLA EA . -53.48 45.87 21.14
CED CLA EA . -54.01 46.37 22.36
C1 CLA EA . -57.89 44.76 13.82
C2 CLA EA . -57.84 44.32 12.41
C3 CLA EA . -58.64 44.75 11.43
C4 CLA EA . -59.72 45.76 11.66
C5 CLA EA . -58.47 44.21 10.05
C6 CLA EA . -58.89 45.12 8.93
C7 CLA EA . -59.48 44.32 7.78
C8 CLA EA . -59.20 44.94 6.42
C9 CLA EA . -60.49 45.13 5.65
C10 CLA EA . -58.23 44.07 5.61
C11 CLA EA . -57.78 44.78 4.35
C12 CLA EA . -57.84 43.87 3.14
C13 CLA EA . -58.32 44.56 1.86
C14 CLA EA . -57.16 45.14 1.09
C15 CLA EA . -59.39 45.62 2.10
MG CLA FA . -48.25 36.90 18.52
CHA CLA FA . -45.03 38.21 18.53
CHB CLA FA . -49.24 39.29 16.33
CHC CLA FA . -51.28 35.35 18.32
CHD CLA FA . -47.16 34.43 20.78
NA CLA FA . -47.27 38.50 17.61
C1A CLA FA . -45.93 38.87 17.73
C2A CLA FA . -45.66 40.06 16.84
C3A CLA FA . -47.06 40.56 16.44
C4A CLA FA . -47.94 39.35 16.79
CMA CLA FA . -47.44 41.77 17.26
CAA CLA FA . -44.88 39.50 15.65
CBA CLA FA . -45.55 39.52 14.29
CGA CLA FA . -45.94 38.14 13.87
O1A CLA FA . -46.89 37.46 14.26
O2A CLA FA . -45.14 37.60 12.93
NB CLA FA . -49.94 37.25 17.50
C1B CLA FA . -50.15 38.27 16.64
C2B CLA FA . -51.52 38.16 16.07
C3B CLA FA . -52.09 37.05 16.62
C4B CLA FA . -51.10 36.47 17.56
CMB CLA FA . -52.02 39.13 15.11
CAB CLA FA . -53.40 36.45 16.46
CBB CLA FA . -54.58 37.07 16.49
NC CLA FA . -49.07 35.23 19.45
C1C CLA FA . -50.35 34.78 19.22
C2C CLA FA . -50.58 33.58 19.99
C3C CLA FA . -49.43 33.33 20.71
C4C CLA FA . -48.48 34.36 20.35
CMC CLA FA . -51.81 32.81 20.01
CAC CLA FA . -49.18 32.23 21.64
CBC CLA FA . -49.22 32.67 23.08
ND CLA FA . -46.57 36.46 19.55
C1D CLA FA . -46.25 35.38 20.41
C2D CLA FA . -44.85 35.47 20.82
C3D CLA FA . -44.34 36.55 20.14
C4D CLA FA . -45.43 37.11 19.34
CMD CLA FA . -44.20 34.56 21.74
CAD CLA FA . -43.18 37.35 19.91
OBD CLA FA . -42.08 37.30 20.43
CBD CLA FA . -43.55 38.40 18.83
CGD CLA FA . -43.13 39.77 19.29
O1D CLA FA . -41.98 40.16 19.46
O2D CLA FA . -44.12 40.64 19.56
CED CLA FA . -43.81 42.02 19.49
C1 CLA FA . -45.49 37.81 11.56
C2 CLA FA . -46.21 36.62 11.05
C3 CLA FA . -46.28 36.32 9.75
C4 CLA FA . -45.63 37.14 8.70
C5 CLA FA . -47.02 35.14 9.26
C6 CLA FA . -48.48 35.19 9.66
C7 CLA FA . -49.32 34.57 8.56
C8 CLA FA . -50.50 35.43 8.13
C9 CLA FA . -50.04 36.82 7.76
C10 CLA FA . -51.53 35.48 9.25
C11 CLA FA . -52.89 35.00 8.79
C12 CLA FA . -53.70 36.10 8.15
C13 CLA FA . -55.07 35.71 7.63
C14 CLA FA . -56.18 36.25 8.50
C15 CLA FA . -55.26 34.20 7.42
C16 CLA FA . -56.42 33.97 6.49
C17 CLA FA . -56.13 34.53 5.12
C18 CLA FA . -55.78 33.45 4.12
C19 CLA FA . -56.99 32.66 3.69
C20 CLA FA . -55.12 34.07 2.90
MG CLA GA . -58.39 35.74 19.45
CHA CLA GA . -56.66 38.75 19.22
CHB CLA GA . -61.19 37.24 18.32
CHC CLA GA . -60.04 32.76 19.75
CHD CLA GA . -55.53 34.26 20.88
NA CLA GA . -58.81 37.69 18.83
C1A CLA GA . -57.96 38.80 18.78
C2A CLA GA . -58.75 40.02 18.29
C3A CLA GA . -60.14 39.48 17.94
C4A CLA GA . -60.06 38.03 18.39
CMA CLA GA . -61.19 40.22 18.71
CAA CLA GA . -58.22 40.77 17.08
CBA CLA GA . -57.88 39.90 15.89
CGA CLA GA . -56.61 40.45 15.37
O1A CLA GA . -55.63 40.83 16.01
O2A CLA GA . -56.53 40.54 14.00
NB CLA GA . -60.25 35.10 19.05
C1B CLA GA . -61.28 35.90 18.72
C2B CLA GA . -62.56 35.16 18.79
C3B CLA GA . -62.24 33.88 19.21
C4B CLA GA . -60.77 33.84 19.36
CMB CLA GA . -63.83 35.79 18.47
CAB CLA GA . -63.06 32.72 19.46
CBB CLA GA . -64.10 32.29 18.74
NC CLA GA . -57.84 33.83 20.11
C1C CLA GA . -58.66 32.75 20.09
C2C CLA GA . -57.96 31.57 20.54
C3C CLA GA . -56.70 32.00 20.95
C4C CLA GA . -56.64 33.43 20.67
CMC CLA GA . -58.56 30.23 20.58
CAC CLA GA . -55.61 31.19 21.51
CBC CLA GA . -54.85 30.40 20.47
ND CLA GA . -56.49 36.28 19.89
C1D CLA GA . -55.44 35.59 20.52
C2D CLA GA . -54.31 36.50 20.71
C3D CLA GA . -54.70 37.71 20.20
C4D CLA GA . -56.08 37.54 19.73
CMD CLA GA . -53.06 36.11 21.31
CAD CLA GA . -54.33 39.10 19.98
OBD CLA GA . -53.28 39.67 20.22
CBD CLA GA . -55.57 39.80 19.37
CGD CLA GA . -56.03 40.94 20.23
O1D CLA GA . -56.77 40.88 21.20
O2D CLA GA . -55.56 42.15 19.85
CED CLA GA . -55.20 43.01 20.90
C1 CLA GA . -55.19 40.65 13.48
C2 CLA GA . -55.10 41.92 12.72
C3 CLA GA . -53.94 42.49 12.38
C4 CLA GA . -52.62 41.91 12.70
C5 CLA GA . -53.92 43.76 11.61
C6 CLA GA . -54.69 43.55 10.33
C7 CLA GA . -53.76 43.60 9.15
C8 CLA GA . -53.94 44.92 8.41
C9 CLA GA . -55.33 44.98 7.80
C10 CLA GA . -52.88 45.10 7.35
C11 CLA GA . -52.81 43.94 6.38
C12 CLA GA . -52.95 44.39 4.94
C13 CLA GA . -52.02 45.54 4.59
C14 CLA GA . -52.79 46.64 3.90
C15 CLA GA . -50.85 45.07 3.72
C16 CLA GA . -49.86 46.19 3.44
C17 CLA GA . -49.06 45.89 2.19
C18 CLA GA . -48.34 47.12 1.62
C19 CLA GA . -47.63 46.75 0.34
C20 CLA GA . -49.32 48.24 1.36
MG CLA HA . -33.30 55.69 -7.15
CHA CLA HA . -32.90 57.79 -9.88
CHB CLA HA . -31.07 53.52 -8.48
CHC CLA HA . -33.60 53.73 -4.35
CHD CLA HA . -35.64 57.95 -5.80
NA CLA HA . -32.19 55.68 -8.92
C1A CLA HA . -32.13 56.66 -9.91
C2A CLA HA . -31.17 56.23 -11.03
C3A CLA HA . -30.75 54.80 -10.63
C4A CLA HA . -31.36 54.64 -9.23
CMA CLA HA . -31.34 53.83 -11.59
CAA CLA HA . -29.94 57.13 -11.15
CBA CLA HA . -28.85 56.83 -10.15
CGA CLA HA . -28.76 57.93 -9.14
O1A CLA HA . -28.09 57.97 -8.11
O2A CLA HA . -29.53 59.02 -9.45
NB CLA HA . -32.46 53.97 -6.52
C1B CLA HA . -31.58 53.23 -7.21
C2B CLA HA . -31.23 52.01 -6.45
C3B CLA HA . -31.94 52.06 -5.27
C4B CLA HA . -32.75 53.30 -5.32
CMB CLA HA . -30.29 51.01 -6.95
CAB CLA HA . -32.03 51.16 -4.15
CBB CLA HA . -31.06 50.52 -3.52
NC CLA HA . -34.44 55.81 -5.41
C1C CLA HA . -34.39 54.90 -4.39
C2C CLA HA . -35.27 55.31 -3.31
C3C CLA HA . -35.85 56.51 -3.72
C4C CLA HA . -35.33 56.81 -5.04
CMC CLA HA . -35.43 54.59 -2.05
CAC CLA HA . -36.76 57.34 -2.93
CBC CLA HA . -38.20 57.13 -3.31
ND CLA HA . -34.20 57.41 -7.71
C1D CLA HA . -35.12 58.25 -7.04
C2D CLA HA . -35.43 59.40 -7.90
C3D CLA HA . -34.62 59.27 -9.01
C4D CLA HA . -33.84 58.03 -8.83
CMD CLA HA . -36.39 60.43 -7.58
CAD CLA HA . -34.24 59.82 -10.29
OBD CLA HA . -34.72 60.77 -10.90
CBD CLA HA . -33.06 58.96 -10.83
CGD CLA HA . -33.27 58.50 -12.24
O1D CLA HA . -33.96 57.56 -12.63
O2D CLA HA . -32.59 59.23 -13.16
CED CLA HA . -32.80 58.94 -14.53
MG CLA IA . -48.03 48.63 -10.29
CHA CLA IA . -48.02 46.24 -12.79
CHB CLA IA . -51.03 49.81 -11.38
CHC CLA IA . -48.16 50.71 -7.55
CHD CLA IA . -45.00 47.29 -9.13
NA CLA IA . -49.28 48.13 -11.87
C1A CLA IA . -49.11 47.07 -12.77
C2A CLA IA . -50.30 47.04 -13.72
C3A CLA IA . -51.10 48.30 -13.40
C4A CLA IA . -50.45 48.79 -12.12
CMA CLA IA . -51.03 49.29 -14.52
CAA CLA IA . -51.16 45.82 -13.41
CBA CLA IA . -51.33 45.43 -11.95
CGA CLA IA . -52.00 44.10 -11.87
O1A CLA IA . -52.36 43.37 -12.81
O2A CLA IA . -52.22 43.62 -10.60
NB CLA IA . -49.30 50.04 -9.64
C1B CLA IA . -50.49 50.33 -10.20
C2B CLA IA . -51.22 51.31 -9.35
C3B CLA IA . -50.43 51.58 -8.28
C4B CLA IA . -49.19 50.77 -8.43
CMB CLA IA . -52.55 51.82 -9.67
CAB CLA IA . -50.72 52.43 -7.15
CBB CLA IA . -50.01 53.48 -6.75
NC CLA IA . -46.78 48.97 -8.67
C1C CLA IA . -47.03 49.86 -7.67
C2C CLA IA . -46.00 49.77 -6.66
C3C CLA IA . -45.09 48.81 -7.11
C4C CLA IA . -45.60 48.30 -8.37
CMC CLA IA . -45.97 50.57 -5.44
CAC CLA IA . -43.90 48.30 -6.43
CBC CLA IA . -44.20 47.08 -5.59
ND CLA IA . -46.72 47.19 -10.84
C1D CLA IA . -45.49 46.75 -10.28
C2D CLA IA . -44.94 45.65 -11.11
C3D CLA IA . -45.88 45.39 -12.07
C4D CLA IA . -46.97 46.37 -11.85
CMD CLA IA . -43.67 45.00 -10.85
CAD CLA IA . -46.22 44.59 -13.22
OBD CLA IA . -45.60 43.68 -13.75
CBD CLA IA . -47.61 45.09 -13.68
CGD CLA IA . -47.70 45.40 -15.15
O1D CLA IA . -47.12 46.28 -15.78
O2D CLA IA . -48.56 44.61 -15.82
CED CLA IA . -48.05 43.42 -16.41
C1 CLA IA . -52.49 44.45 -9.46
C2 CLA IA . -51.95 43.70 -8.29
C3 CLA IA . -52.33 43.74 -6.99
C4 CLA IA . -53.44 44.59 -6.50
C5 CLA IA . -51.63 42.89 -5.99
C6 CLA IA . -51.31 43.57 -4.68
C7 CLA IA . -50.17 42.88 -3.97
C8 CLA IA . -49.40 43.85 -3.07
C9 CLA IA . -48.35 44.60 -3.85
C10 CLA IA . -48.73 43.12 -1.91
C11 CLA IA . -49.73 42.43 -1.01
C12 CLA IA . -49.06 41.44 -0.09
C13 CLA IA . -49.06 41.94 1.33
C14 CLA IA . -47.68 41.81 1.94
C15 CLA IA . -50.04 41.16 2.19
C16 CLA IA . -49.71 39.69 2.19
C17 CLA IA . -50.95 38.85 2.39
C18 CLA IA . -50.87 38.04 3.66
C19 CLA IA . -51.20 38.87 4.87
C20 CLA IA . -51.81 36.86 3.59
MG CLA JA . -21.98 55.73 -7.16
CHA CLA JA . -23.56 54.59 -10.04
CHB CLA JA . -19.01 55.64 -8.76
CHC CLA JA . -20.47 56.82 -4.29
CHD CLA JA . -25.11 55.86 -5.54
NA CLA JA . -21.41 55.20 -9.09
C1A CLA JA . -22.21 54.76 -10.17
C2A CLA JA . -21.34 54.48 -11.40
C3A CLA JA . -19.92 54.77 -10.92
C4A CLA JA . -20.10 55.25 -9.49
CMA CLA JA . -19.06 53.53 -10.96
CAA CLA JA . -21.65 55.35 -12.62
CBA CLA JA . -21.30 56.81 -12.43
CGA CLA JA . -22.50 57.53 -11.91
O1A CLA JA . -23.54 57.84 -12.49
O2A CLA JA . -22.37 57.84 -10.59
NB CLA JA . -20.09 56.16 -6.62
C1B CLA JA . -19.01 56.09 -7.43
C2B CLA JA . -17.80 56.54 -6.71
C3B CLA JA . -18.20 56.88 -5.44
C4B CLA JA . -19.66 56.62 -5.36
CMB CLA JA . -16.48 56.61 -7.31
CAB CLA JA . -17.37 57.34 -4.35
CBB CLA JA . -17.53 58.45 -3.62
NC CLA JA . -22.68 56.24 -5.27
C1C CLA JA . -21.88 56.65 -4.24
C2C CLA JA . -22.68 56.92 -3.06
C3C CLA JA . -24.01 56.68 -3.42
C4C CLA JA . -23.99 56.25 -4.80
CMC CLA JA . -22.11 57.41 -1.80
CAC CLA JA . -25.23 56.86 -2.61
CBC CLA JA . -25.45 55.93 -1.45
ND CLA JA . -23.90 55.32 -7.61
C1D CLA JA . -25.08 55.41 -6.84
C2D CLA JA . -26.22 54.94 -7.66
C3D CLA JA . -25.69 54.61 -8.90
C4D CLA JA . -24.25 54.87 -8.81
CMD CLA JA . -27.59 54.85 -7.18
CAD CLA JA . -25.96 54.11 -10.22
OBD CLA JA . -27.01 53.73 -10.72
CBD CLA JA . -24.62 54.10 -11.00
CGD CLA JA . -24.26 52.76 -11.57
O1D CLA JA . -23.55 51.89 -11.07
O2D CLA JA . -24.81 52.51 -12.78
CED CLA JA . -24.78 51.16 -13.25
C1 CLA JA . -23.54 58.26 -9.86
C2 CLA JA . -22.96 59.05 -8.74
C3 CLA JA . -23.69 59.54 -7.72
C4 CLA JA . -25.15 59.34 -7.61
C5 CLA JA . -23.02 60.32 -6.65
C6 CLA JA . -23.43 59.91 -5.26
C7 CLA JA . -22.33 60.21 -4.28
C8 CLA JA . -22.29 61.69 -3.89
C9 CLA JA . -20.90 62.06 -3.41
C10 CLA JA . -23.34 61.97 -2.81
C11 CLA JA . -23.00 61.32 -1.48
C12 CLA JA . -24.18 61.30 -0.53
C13 CLA JA . -23.73 61.23 0.92
C14 CLA JA . -24.87 60.81 1.82
MG CLA KA . -28.46 48.49 -4.69
CHA CLA KA . -30.86 46.05 -4.26
CHB CLA KA . -28.50 49.05 -1.34
CHC CLA KA . -26.07 50.85 -5.14
CHD CLA KA . -28.42 47.80 -8.15
NA CLA KA . -29.51 47.66 -3.08
C1A CLA KA . -30.45 46.64 -3.11
C2A CLA KA . -30.95 46.32 -1.70
C3A CLA KA . -30.28 47.39 -0.83
C4A CLA KA . -29.34 48.08 -1.80
CMA CLA KA . -31.31 48.36 -0.34
CAA CLA KA . -30.41 44.98 -1.23
CBA CLA KA . -31.29 44.34 -0.18
CGA CLA KA . -30.82 44.68 1.21
O1A CLA KA . -29.85 44.24 1.81
O2A CLA KA . -31.60 45.62 1.82
NB CLA KA . -27.42 49.68 -3.46
C1B CLA KA . -27.62 49.80 -2.13
C2B CLA KA . -26.83 50.92 -1.61
C3B CLA KA . -26.13 51.46 -2.66
C4B CLA KA . -26.52 50.68 -3.87
CMB CLA KA . -26.86 51.31 -0.20
CAB CLA KA . -25.26 52.59 -2.63
CBB CLA KA . -24.13 52.85 -3.29
NC CLA KA . -27.42 49.17 -6.35
C1C CLA KA . -26.46 50.13 -6.29
C2C CLA KA . -25.92 50.38 -7.61
C3C CLA KA . -26.59 49.54 -8.48
C4C CLA KA . -27.53 48.78 -7.69
CMC CLA KA . -24.89 51.34 -7.93
CAC CLA KA . -26.34 49.50 -9.94
CBC CLA KA . -25.53 48.35 -10.45
ND CLA KA . -29.41 47.27 -5.98
C1D CLA KA . -29.30 47.10 -7.38
C2D CLA KA . -30.27 46.07 -7.78
C3D CLA KA . -30.92 45.68 -6.64
C4D CLA KA . -30.32 46.43 -5.54
CMD CLA KA . -30.47 45.64 -9.16
CAD CLA KA . -31.92 44.82 -6.07
OBD CLA KA . -32.65 44.05 -6.66
CBD CLA KA . -31.91 45.01 -4.54
CGD CLA KA . -33.23 45.50 -4.01
O1D CLA KA . -33.81 45.15 -2.99
O2D CLA KA . -33.82 46.46 -4.77
CED CLA KA . -34.67 47.38 -4.10
C1 CLA KA . -31.16 46.14 3.09
C2 CLA KA . -31.66 47.52 3.14
C3 CLA KA . -31.13 48.50 3.90
C4 CLA KA . -29.97 48.27 4.79
C5 CLA KA . -31.69 49.88 3.88
C6 CLA KA . -30.90 50.77 2.95
C7 CLA KA . -31.73 51.97 2.55
C8 CLA KA . -30.96 53.06 1.80
C9 CLA KA . -30.92 52.76 0.32
C10 CLA KA . -29.55 53.26 2.35
C11 CLA KA . -29.30 54.71 2.72
C12 CLA KA . -28.14 55.33 1.96
C13 CLA KA . -27.88 56.74 2.49
C14 CLA KA . -26.74 57.39 1.74
C15 CLA KA . -27.59 56.77 3.99
MG CLA LA . -27.62 56.51 15.56
CHA CLA LA . -30.01 57.23 17.98
CHB CLA LA . -29.38 53.78 14.62
CHC CLA LA . -25.24 55.84 13.17
CHD CLA LA . -25.81 59.32 16.59
NA CLA LA . -29.41 55.66 16.22
C1A CLA LA . -30.27 56.11 17.23
C2A CLA LA . -31.45 55.15 17.37
C3A CLA LA . -31.14 54.04 16.36
C4A CLA LA . -29.89 54.52 15.66
CMA CLA LA . -30.84 52.75 17.08
CAA CLA LA . -32.82 55.75 17.04
CBA CLA LA . -33.00 56.16 15.59
CGA CLA LA . -34.21 57.02 15.56
O1A CLA LA . -34.87 57.44 16.51
O2A CLA LA . -34.60 57.38 14.30
NB CLA LA . -27.37 55.10 14.14
C1B CLA LA . -28.22 54.09 13.90
C2B CLA LA . -27.75 53.28 12.76
C3B CLA LA . -26.57 53.84 12.32
C4B CLA LA . -26.32 55.01 13.22
CMB CLA LA . -28.53 52.12 12.34
CAB CLA LA . -25.65 53.50 11.27
CBB CLA LA . -25.43 52.32 10.71
NC CLA LA . -25.82 57.39 15.01
C1C CLA LA . -25.00 56.95 14.01
C2C CLA LA . -23.84 57.81 13.92
C3C CLA LA . -24.00 58.82 14.88
C4C CLA LA . -25.26 58.54 15.56
CMC CLA LA . -22.74 57.61 12.97
CAC CLA LA . -23.08 59.93 15.18
CBC CLA LA . -22.14 59.58 16.30
ND CLA LA . -27.76 57.92 17.00
C1D CLA LA . -26.93 59.02 17.31
C2D CLA LA . -27.56 59.81 18.40
C3D CLA LA . -28.74 59.16 18.70
C4D CLA LA . -28.82 58.00 17.79
CMD CLA LA . -26.99 61.00 18.99
CAD CLA LA . -29.95 59.16 19.51
OBD CLA LA . -30.34 59.96 20.33
CBD CLA LA . -30.78 57.92 19.07
CGD CLA LA . -31.18 57.01 20.20
O1D CLA LA . -32.30 56.90 20.67
O2D CLA LA . -30.20 56.23 20.70
CED CLA LA . -30.54 55.36 21.78
C1 CLA LA . -35.21 58.67 14.16
C2 CLA LA . -34.98 59.05 12.75
C3 CLA LA . -34.19 60.08 12.38
C4 CLA LA . -33.49 60.93 13.35
C5 CLA LA . -33.97 60.38 10.94
C6 CLA LA . -32.55 60.11 10.52
C7 CLA LA . -32.42 58.79 9.79
C8 CLA LA . -31.11 58.70 9.01
C9 CLA LA . -31.37 58.89 7.53
MG CLA MA . -16.03 59.90 16.01
CHA CLA MA . -15.30 62.76 17.83
CHB CLA MA . -18.69 61.49 14.60
CHC CLA MA . -16.68 57.10 14.17
CHD CLA MA . -13.36 58.24 17.61
NA CLA MA . -16.84 61.82 16.20
C1A CLA MA . -16.38 62.88 16.99
C2A CLA MA . -17.28 64.10 16.82
C3A CLA MA . -18.42 63.59 15.92
C4A CLA MA . -17.96 62.20 15.52
CMA CLA MA . -19.72 63.52 16.67
CAA CLA MA . -16.57 65.25 16.11
CBA CLA MA . -15.77 64.80 14.92
CGA CLA MA . -14.93 65.93 14.41
O1A CLA MA . -14.34 66.80 15.06
O2A CLA MA . -14.84 65.97 13.05
NB CLA MA . -17.44 59.38 14.69
C1B CLA MA . -18.39 60.19 14.17
C2B CLA MA . -19.11 59.52 13.07
C3B CLA MA . -18.55 58.26 12.93
C4B CLA MA . -17.49 58.17 13.97
CMB CLA MA . -20.17 60.22 12.34
CAB CLA MA . -18.80 57.15 12.06
CBB CLA MA . -19.51 57.09 10.94
NC CLA MA . -15.15 58.02 15.91
C1C CLA MA . -15.58 57.04 15.07
C2C CLA MA . -14.75 55.87 15.21
C3C CLA MA . -13.82 56.16 16.20
C4C CLA MA . -14.08 57.52 16.64
CMC CLA MA . -14.94 54.67 14.41
CAC CLA MA . -12.75 55.28 16.68
CBC CLA MA . -11.51 55.39 15.82
ND CLA MA . -14.59 60.35 17.35
C1D CLA MA . -13.59 59.55 17.96
C2D CLA MA . -12.87 60.38 18.95
C3D CLA MA . -13.47 61.62 18.93
C4D CLA MA . -14.54 61.54 17.94
CMD CLA MA . -11.73 59.89 19.75
CAD CLA MA . -13.49 62.97 19.48
OBD CLA MA . -12.75 63.50 20.29
CBD CLA MA . -14.69 63.70 18.84
CGD CLA MA . -15.69 64.11 19.89
O1D CLA MA . -15.83 65.22 20.40
O2D CLA MA . -16.49 63.09 20.30
CED CLA MA . -17.77 63.41 20.84
MG CLA NA . -30.64 63.69 17.94
CHA CLA NA . -33.39 64.46 19.90
CHB CLA NA . -32.22 60.94 16.76
CHC CLA NA . -27.85 62.96 16.09
CHD CLA NA . -29.03 66.61 19.15
NA CLA NA . -32.52 62.85 18.30
C1A CLA NA . -33.54 63.32 19.13
C2A CLA NA . -34.75 62.38 19.08
C3A CLA NA . -34.31 61.28 18.09
C4A CLA NA . -32.91 61.70 17.67
CMA CLA NA . -34.30 59.92 18.75
CAA CLA NA . -36.00 63.03 18.51
CBA CLA NA . -35.71 63.79 17.23
CGA CLA NA . -37.00 64.31 16.66
O1A CLA NA . -37.98 64.77 17.25
O2A CLA NA . -37.04 64.23 15.30
NB CLA NA . -30.16 62.28 16.60
C1B CLA NA . -30.90 61.18 16.31
C2B CLA NA . -30.10 60.22 15.50
C3B CLA NA . -28.87 60.80 15.32
C4B CLA NA . -28.89 62.10 16.02
CMB CLA NA . -30.63 58.96 15.02
CAB CLA NA . -27.66 60.29 14.71
CBB CLA NA . -26.66 59.77 15.46
NC CLA NA . -28.80 64.63 17.67
C1C CLA NA . -27.81 64.16 16.85
C2C CLA NA . -26.66 65.03 16.86
C3C CLA NA . -26.98 66.06 17.73
C4C CLA NA . -28.33 65.81 18.23
CMC CLA NA . -25.44 64.78 16.09
CAC CLA NA . -26.14 67.20 18.09
CBC CLA NA . -25.15 66.80 19.16
ND CLA NA . -31.02 65.16 19.26
C1D CLA NA . -30.28 66.33 19.64
C2D CLA NA . -31.07 67.09 20.63
C3D CLA NA . -32.25 66.39 20.80
C4D CLA NA . -32.19 65.22 19.90
CMD CLA NA . -30.63 68.32 21.28
CAD CLA NA . -33.53 66.34 21.48
OBD CLA NA . -33.97 67.07 22.36
CBD CLA NA . -34.31 65.14 20.90
CGD CLA NA . -34.68 64.19 21.99
O1D CLA NA . -34.00 63.28 22.47
O2D CLA NA . -35.94 64.38 22.48
CED CLA NA . -36.28 63.71 23.70
MG CLA OA . -7.30 47.56 15.25
CHA CLA OA . -5.70 46.21 18.01
CHB CLA OA . -7.36 50.58 16.77
CHC CLA OA . -8.65 48.89 12.41
CHD CLA OA . -7.08 44.42 13.69
NA CLA OA . -6.64 48.26 17.09
C1A CLA OA . -5.97 47.55 18.09
C2A CLA OA . -5.59 48.46 19.24
C3A CLA OA . -6.25 49.79 18.88
C4A CLA OA . -6.77 49.56 17.47
CMA CLA OA . -7.34 50.08 19.86
CAA CLA OA . -4.06 48.66 19.24
CBA CLA OA . -3.40 49.04 17.91
CGA CLA OA . -2.94 47.89 17.06
O1A CLA OA . -2.12 47.00 17.30
O2A CLA OA . -3.57 47.86 15.84
NB CLA OA . -7.93 49.38 14.70
C1B CLA OA . -7.87 50.48 15.47
C2B CLA OA . -8.38 51.65 14.74
C3B CLA OA . -8.74 51.23 13.49
C4B CLA OA . -8.49 49.74 13.45
CMB CLA OA . -8.40 53.00 15.30
CAB CLA OA . -9.29 52.06 12.46
CBB CLA OA . -9.12 51.99 11.15
NC CLA OA . -7.81 46.77 13.40
C1C CLA OA . -8.32 47.51 12.38
C2C CLA OA . -8.45 46.65 11.22
C3C CLA OA . -8.02 45.39 11.56
C4C CLA OA . -7.60 45.47 12.95
CMC CLA OA . -8.94 47.07 9.92
CAC CLA OA . -7.92 44.24 10.66
CBC CLA OA . -8.80 43.07 10.93
ND CLA OA . -6.64 45.71 15.70
C1D CLA OA . -6.64 44.50 14.98
C2D CLA OA . -6.10 43.41 15.83
C3D CLA OA . -5.72 44.02 17.00
C4D CLA OA . -6.07 45.44 16.87
CMD CLA OA . -6.00 42.02 15.41
CAD CLA OA . -5.16 43.82 18.32
OBD CLA OA . -4.82 42.80 18.87
CBD CLA OA . -5.07 45.22 18.98
CGD CLA OA . -5.69 45.21 20.35
O1D CLA OA . -6.74 45.75 20.71
O2D CLA OA . -4.97 44.53 21.27
CED CLA OA . -5.58 44.19 22.50
C1 CLA OA . -3.35 46.73 14.98
C2 CLA OA . -4.21 46.91 13.79
C3 CLA OA . -3.83 46.66 12.52
C4 CLA OA . -2.48 46.15 12.19
C5 CLA OA . -4.77 46.89 11.39
C6 CLA OA . -4.13 47.27 10.07
C7 CLA OA . -5.18 47.57 9.02
C8 CLA OA . -4.63 47.40 7.61
C9 CLA OA . -3.64 48.48 7.28
C10 CLA OA . -5.71 47.38 6.54
C11 CLA OA . -6.39 46.04 6.45
C12 CLA OA . -5.87 45.21 5.30
C13 CLA OA . -6.63 43.90 5.21
C14 CLA OA . -6.75 43.46 3.76
MG CLA PA . -15.03 39.66 14.96
CHA CLA PA . -17.58 37.74 16.26
CHB CLA PA . -14.69 41.22 17.93
CHC CLA PA . -12.60 41.62 13.56
CHD CLA PA . -15.46 38.03 11.85
NA CLA PA . -16.00 39.50 16.80
C1A CLA PA . -17.05 38.64 17.14
C2A CLA PA . -17.47 38.88 18.60
C3A CLA PA . -16.62 40.09 19.03
C4A CLA PA . -15.70 40.30 17.85
CMA CLA PA . -17.54 41.27 19.22
CAA CLA PA . -17.24 37.76 19.59
CBA CLA PA . -16.08 36.85 19.29
CGA CLA PA . -14.74 37.42 19.58
O1A CLA PA . -14.38 38.17 20.48
O2A CLA PA . -13.82 36.95 18.68
NB CLA PA . -13.87 41.14 15.62
C1B CLA PA . -13.81 41.57 16.90
C2B CLA PA . -12.71 42.54 17.06
C3B CLA PA . -12.12 42.67 15.83
C4B CLA PA . -12.85 41.79 14.89
CMB CLA PA . -12.43 43.20 18.33
CAB CLA PA . -11.03 43.49 15.42
CBB CLA PA . -9.78 43.06 15.39
NC CLA PA . -14.18 39.79 13.05
C1C CLA PA . -13.22 40.68 12.70
C2C CLA PA . -12.90 40.51 11.29
C3C CLA PA . -13.68 39.48 10.82
C4C CLA PA . -14.49 39.04 11.93
CMC CLA PA . -11.94 41.30 10.53
CAC CLA PA . -13.71 38.92 9.47
CBC CLA PA . -12.71 37.80 9.39
ND CLA PA . -16.19 38.21 14.17
C1D CLA PA . -16.26 37.64 12.88
C2D CLA PA . -17.28 36.60 12.88
C3D CLA PA . -17.80 36.58 14.16
C4D CLA PA . -17.10 37.63 14.92
CMD CLA PA . -17.62 35.76 11.75
CAD CLA PA . -18.76 35.97 15.03
OBD CLA PA . -19.52 35.06 14.80
CBD CLA PA . -18.67 36.71 16.38
CGD CLA PA . -19.99 37.33 16.72
O1D CLA PA . -20.42 38.40 16.31
O2D CLA PA . -20.74 36.60 17.58
CED CLA PA . -22.14 36.90 17.67
C1 CLA PA . -12.67 37.76 18.41
C2 CLA PA . -12.64 37.93 16.95
C3 CLA PA . -12.06 37.06 16.12
C4 CLA PA . -11.37 35.84 16.58
C5 CLA PA . -12.05 37.31 14.65
C6 CLA PA . -10.71 37.85 14.23
C7 CLA PA . -10.58 37.84 12.73
C8 CLA PA . -9.22 38.35 12.28
C9 CLA PA . -8.96 39.75 12.81
C10 CLA PA . -9.13 38.22 10.75
C11 CLA PA . -8.56 39.42 10.01
C12 CLA PA . -7.27 39.09 9.31
C13 CLA PA . -7.52 38.63 7.88
C14 CLA PA . -6.24 38.16 7.23
C15 CLA PA . -8.17 39.73 7.04
MG CLA QA . -23.16 43.31 12.61
CHA CLA QA . -25.10 43.93 15.39
CHB CLA QA . -21.74 40.69 14.19
CHC CLA QA . -21.41 42.66 9.77
CHD CLA QA . -24.70 46.07 11.04
NA CLA QA . -23.38 42.48 14.50
C1A CLA QA . -24.24 42.88 15.52
C2A CLA QA . -24.11 41.96 16.73
C3A CLA QA . -22.84 41.16 16.41
C4A CLA QA . -22.62 41.42 14.92
CMA CLA QA . -21.70 41.65 17.24
CAA CLA QA . -25.35 41.06 16.78
CBA CLA QA . -25.25 39.62 16.31
CGA CLA QA . -25.28 39.47 14.83
O1A CLA QA . -25.45 40.34 14.00
O2A CLA QA . -25.10 38.18 14.41
NB CLA QA . -21.84 41.92 12.07
C1B CLA QA . -21.44 40.89 12.85
C2B CLA QA . -20.53 40.02 12.08
C3B CLA QA . -20.42 40.55 10.81
C4B CLA QA . -21.24 41.79 10.81
CMB CLA QA . -19.96 38.87 12.74
CAB CLA QA . -19.64 40.14 9.67
CBB CLA QA . -18.48 39.48 9.64
NC CLA QA . -23.05 44.23 10.75
C1C CLA QA . -22.25 43.82 9.74
C2C CLA QA . -22.42 44.71 8.61
C3C CLA QA . -23.38 45.66 8.96
C4C CLA QA . -23.75 45.35 10.32
CMC CLA QA . -21.73 44.58 7.34
CAC CLA QA . -23.91 46.77 8.18
CBC CLA QA . -25.19 46.44 7.46
ND CLA QA . -24.51 44.74 13.06
C1D CLA QA . -25.05 45.81 12.31
C2D CLA QA . -26.08 46.50 13.13
C3D CLA QA . -26.13 45.82 14.31
C4D CLA QA . -25.14 44.74 14.21
CMD CLA QA . -26.84 47.64 12.67
CAD CLA QA . -26.78 45.69 15.59
OBD CLA QA . -27.74 46.29 16.06
CBD CLA QA . -26.08 44.55 16.35
CGD CLA QA . -25.29 45.09 17.50
O1D CLA QA . -24.20 45.64 17.44
O2D CLA QA . -25.87 44.95 18.72
CED CLA QA . -25.10 45.34 19.86
C1 CLA QA . -23.79 37.75 13.99
C2 CLA QA . -23.67 37.86 12.51
C3 CLA QA . -22.91 37.01 11.80
C4 CLA QA . -22.18 35.89 12.43
C5 CLA QA . -22.74 37.09 10.33
C6 CLA QA . -23.06 38.40 9.64
C7 CLA QA . -22.39 38.35 8.28
C8 CLA QA . -22.67 39.53 7.37
C9 CLA QA . -24.14 39.71 7.17
C10 CLA QA . -22.00 39.30 6.01
C11 CLA QA . -20.51 39.19 6.12
C12 CLA QA . -19.99 37.91 5.50
C13 CLA QA . -18.55 37.62 5.89
C14 CLA QA . -17.54 38.33 5.05
C15 CLA QA . -18.29 36.12 5.79
C16 CLA QA . -17.43 35.66 6.93
C17 CLA QA . -17.67 34.20 7.20
C18 CLA QA . -18.38 34.04 8.53
C19 CLA QA . -19.88 33.94 8.38
C20 CLA QA . -17.86 32.84 9.27
MG CLA RA . -13.39 55.08 -3.66
CHA CLA RA . -13.63 53.97 -6.95
CHB CLA RA . -10.18 56.03 -4.22
CHC CLA RA . -13.18 56.12 -0.40
CHD CLA RA . -16.75 54.17 -3.15
NA CLA RA . -12.14 55.01 -5.34
C1A CLA RA . -12.41 54.52 -6.62
C2A CLA RA . -11.19 54.71 -7.54
C3A CLA RA . -10.11 55.24 -6.59
C4A CLA RA . -10.86 55.47 -5.28
CMA CLA RA . -9.03 54.21 -6.39
CAA CLA RA . -11.46 55.72 -8.66
CBA CLA RA . -11.05 57.14 -8.32
CGA CLA RA . -12.19 58.10 -8.47
O1A CLA RA . -12.88 58.32 -9.47
O2A CLA RA . -12.45 58.83 -7.35
NB CLA RA . -11.97 55.94 -2.54
C1B CLA RA . -10.72 56.26 -2.95
C2B CLA RA . -9.97 56.88 -1.83
C3B CLA RA . -10.81 56.92 -0.75
C4B CLA RA . -12.09 56.30 -1.18
CMB CLA RA . -8.59 57.32 -1.96
CAB CLA RA . -10.60 57.39 0.58
CBB CLA RA . -9.71 56.89 1.44
NC CLA RA . -14.71 55.11 -2.06
C1C CLA RA . -14.41 55.55 -0.82
C2C CLA RA . -15.55 55.40 0.07
C3C CLA RA . -16.58 54.90 -0.71
C4C CLA RA . -16.05 54.73 -2.06
CMC CLA RA . -15.54 55.75 1.49
CAC CLA RA . -17.93 54.58 -0.24
CBC CLA RA . -18.82 55.81 -0.31
ND CLA RA . -14.87 54.22 -4.72
C1D CLA RA . -16.21 53.94 -4.40
C2D CLA RA . -16.87 53.34 -5.58
C3D CLA RA . -15.89 53.25 -6.54
C4D CLA RA . -14.68 53.85 -5.98
CMD CLA RA . -18.25 52.89 -5.67
CAD CLA RA . -15.59 52.84 -7.90
OBD CLA RA . -16.26 52.22 -8.71
CBD CLA RA . -14.16 53.35 -8.21
CGD CLA RA . -13.29 52.28 -8.78
O1D CLA RA . -12.80 52.22 -9.91
O2D CLA RA . -13.02 51.26 -7.92
CED CLA RA . -12.40 50.10 -8.46
C1 CLA RA . -13.08 58.10 -6.28
C2 CLA RA . -13.64 58.97 -5.24
C3 CLA RA . -12.92 59.60 -4.30
C4 CLA RA . -11.46 59.51 -4.22
C5 CLA RA . -13.58 60.44 -3.28
C6 CLA RA . -13.64 59.73 -1.95
C7 CLA RA . -12.88 60.51 -0.89
C8 CLA RA . -13.73 60.78 0.35
C9 CLA RA . -14.22 59.48 0.94
MG CLA SA . -15.69 38.58 -2.03
CHA CLA SA . -14.63 36.95 -4.89
CHB CLA SA . -18.89 37.84 -2.85
CHC CLA SA . -16.72 39.98 0.94
CHD CLA SA . -12.34 39.32 -1.26
NA CLA SA . -16.58 37.58 -3.63
C1A CLA SA . -15.98 36.93 -4.71
C2A CLA SA . -17.01 36.30 -5.64
C3A CLA SA . -18.34 36.79 -5.06
C4A CLA SA . -17.93 37.44 -3.74
CMA CLA SA . -18.93 37.81 -5.99
CAA CLA SA . -16.94 34.77 -5.63
CBA CLA SA . -17.25 34.16 -4.28
CGA CLA SA . -16.17 33.27 -3.77
O1A CLA SA . -14.95 33.45 -3.79
O2A CLA SA . -16.66 32.15 -3.20
NB CLA SA . -17.46 38.86 -1.12
C1B CLA SA . -18.64 38.47 -1.64
C2B CLA SA . -19.74 38.83 -0.74
C3B CLA SA . -19.19 39.43 0.35
C4B CLA SA . -17.70 39.48 0.13
CMB CLA SA . -21.13 38.52 -1.03
CAB CLA SA . -19.99 39.94 1.43
CBB CLA SA . -19.66 40.03 2.71
NC CLA SA . -14.69 39.47 -0.44
C1C CLA SA . -15.31 39.95 0.68
C2C CLA SA . -14.30 40.48 1.58
C3C CLA SA . -13.07 40.33 0.95
C4C CLA SA . -13.32 39.69 -0.32
CMC CLA SA . -14.57 41.07 2.88
CAC CLA SA . -11.75 40.74 1.49
CBC CLA SA . -10.95 39.60 2.04
ND CLA SA . -13.85 38.27 -2.84
C1D CLA SA . -12.56 38.65 -2.43
C2D CLA SA . -11.59 38.21 -3.44
C3D CLA SA . -12.33 37.54 -4.40
C4D CLA SA . -13.74 37.61 -3.98
CMD CLA SA . -10.15 38.46 -3.38
CAD CLA SA . -12.31 36.83 -5.65
OBD CLA SA . -11.41 36.52 -6.38
CBD CLA SA . -13.76 36.42 -6.00
CGD CLA SA . -14.20 36.94 -7.32
O1D CLA SA . -14.73 38.03 -7.55
O2D CLA SA . -13.99 36.09 -8.35
CED CLA SA . -15.07 35.76 -9.19
C1 CLA SA . -16.03 31.71 -1.98
C2 CLA SA . -17.08 30.94 -1.26
C3 CLA SA . -16.96 30.48 -0.01
C4 CLA SA . -18.06 29.72 0.61
C5 CLA SA . -15.75 30.70 0.82
C6 CLA SA . -16.07 31.40 2.12
C7 CLA SA . -14.84 32.07 2.69
C8 CLA SA . -14.33 31.44 3.99
C9 CLA SA . -15.49 31.08 4.88
C10 CLA SA . -13.40 32.42 4.71
C11 CLA SA . -13.00 31.99 6.11
C12 CLA SA . -13.43 33.00 7.17
C13 CLA SA . -12.28 33.57 7.98
C14 CLA SA . -12.79 34.09 9.30
C15 CLA SA . -11.50 34.64 7.22
C16 CLA SA . -12.39 35.59 6.44
C17 CLA SA . -11.62 36.65 5.69
C18 CLA SA . -12.50 37.88 5.57
C19 CLA SA . -11.70 39.16 5.67
C20 CLA SA . -13.34 37.81 4.32
MG CLA TA . -6.00 42.55 -7.13
CHA CLA TA . -4.93 44.29 -9.92
CHB CLA TA . -4.27 39.83 -8.17
CHC CLA TA . -7.09 40.88 -4.35
CHD CLA TA . -7.82 45.40 -6.14
NA CLA TA . -4.77 42.16 -8.76
C1A CLA TA . -4.40 43.03 -9.81
C2A CLA TA . -3.45 42.33 -10.77
C3A CLA TA . -3.37 40.90 -10.24
C4A CLA TA . -4.16 40.96 -8.95
CMA CLA TA . -3.95 39.92 -11.23
CAA CLA TA . -2.08 42.99 -10.77
CBA CLA TA . -1.01 42.23 -10.00
CGA CLA TA . -0.81 42.84 -8.65
O1A CLA TA . -0.14 43.82 -8.34
O2A CLA TA . -1.49 42.17 -7.67
NB CLA TA . -5.70 40.72 -6.38
C1B CLA TA . -4.99 39.73 -6.98
C2B CLA TA . -5.11 38.48 -6.18
C3B CLA TA . -5.90 38.78 -5.09
C4B CLA TA . -6.30 40.20 -5.22
CMB CLA TA . -4.44 37.25 -6.59
CAB CLA TA . -6.35 38.00 -3.98
CBB CLA TA . -6.92 36.80 -4.03
NC CLA TA . -7.24 43.06 -5.55
C1C CLA TA . -7.54 42.22 -4.51
C2C CLA TA . -8.38 42.92 -3.55
C3C CLA TA . -8.58 44.19 -4.06
C4C CLA TA . -7.84 44.29 -5.30
CMC CLA TA . -8.90 42.33 -2.32
CAC CLA TA . -9.31 45.30 -3.43
CBC CLA TA . -8.33 46.22 -2.74
ND CLA TA . -6.35 44.41 -7.82
C1D CLA TA . -7.14 45.48 -7.33
C2D CLA TA . -7.11 46.60 -8.28
C3D CLA TA . -6.32 46.17 -9.33
C4D CLA TA . -5.84 44.83 -8.97
CMD CLA TA . -7.84 47.84 -8.10
CAD CLA TA . -5.76 46.50 -10.62
OBD CLA TA . -5.97 47.45 -11.33
CBD CLA TA . -4.81 45.34 -11.00
CGD CLA TA . -5.13 44.78 -12.36
O1D CLA TA . -4.67 45.17 -13.44
O2D CLA TA . -6.00 43.75 -12.38
CED CLA TA . -6.40 43.23 -13.64
MG CLA UA . -6.36 32.59 -7.73
CHA CLA UA . -5.65 34.85 -10.28
CHB CLA UA . -4.32 30.33 -9.16
CHC CLA UA . -7.19 30.38 -5.25
CHD CLA UA . -8.64 34.93 -6.39
NA CLA UA . -5.15 32.63 -9.44
C1A CLA UA . -4.99 33.65 -10.39
C2A CLA UA . -4.02 33.22 -11.48
C3A CLA UA . -3.73 31.75 -11.14
C4A CLA UA . -4.43 31.54 -9.80
CMA CLA UA . -4.32 30.85 -12.19
CAA CLA UA . -2.72 34.02 -11.50
CBA CLA UA . -1.71 33.61 -10.43
CGA CLA UA . -2.03 34.27 -9.12
O1A CLA UA . -2.28 35.47 -8.94
O2A CLA UA . -2.05 33.42 -8.05
NB CLA UA . -5.86 30.70 -7.29
C1B CLA UA . -4.94 29.98 -7.95
C2B CLA UA . -4.69 28.71 -7.23
C3B CLA UA . -5.51 28.71 -6.10
C4B CLA UA . -6.26 29.98 -6.15
CMB CLA UA . -3.75 27.73 -7.76
CAB CLA UA . -5.74 27.77 -5.03
CBB CLA UA . -5.38 26.50 -4.91
NC CLA UA . -7.67 32.66 -6.11
C1C CLA UA . -7.85 31.64 -5.24
C2C CLA UA . -8.85 32.00 -4.25
C3C CLA UA . -9.26 33.29 -4.59
C4C CLA UA . -8.52 33.69 -5.76
CMC CLA UA . -9.32 31.16 -3.16
CAC CLA UA . -10.28 34.11 -3.92
CBC CLA UA . -9.67 34.85 -2.77
ND CLA UA . -6.97 34.48 -8.12
C1D CLA UA . -7.90 35.33 -7.48
C2D CLA UA . -7.97 36.61 -8.20
C3D CLA UA . -7.14 36.47 -9.28
C4D CLA UA . -6.55 35.13 -9.20
CMD CLA UA . -8.77 37.76 -7.80
CAD CLA UA . -6.60 37.09 -10.46
OBD CLA UA . -6.85 38.18 -10.93
CBD CLA UA . -5.67 36.08 -11.16
CGD CLA UA . -6.25 35.80 -12.50
O1D CLA UA . -7.27 35.14 -12.72
O2D CLA UA . -5.61 36.36 -13.57
CED CLA UA . -6.21 36.20 -14.85
C1 CLA UA . -3.00 33.76 -7.02
C2 CLA UA . -2.86 32.83 -5.86
C3 CLA UA . -3.66 32.94 -4.78
C4 CLA UA . -4.72 33.96 -4.69
C5 CLA UA . -3.52 32.01 -3.62
C6 CLA UA . -4.81 31.69 -2.90
C7 CLA UA . -4.79 32.16 -1.45
C8 CLA UA . -6.17 32.60 -0.98
C9 CLA UA . -6.60 31.72 0.18
MG CLA VA . -15.48 26.58 -8.27
CHA CLA VA . -14.81 29.91 -7.60
CHB CLA VA . -12.37 25.77 -7.23
CHC CLA VA . -16.17 23.30 -8.89
CHD CLA VA . -18.62 27.50 -9.56
NA CLA VA . -13.88 27.69 -7.51
C1A CLA VA . -13.79 29.06 -7.27
C2A CLA VA . -12.42 29.43 -6.70
C3A CLA VA . -11.66 28.10 -6.70
C4A CLA VA . -12.70 27.09 -7.15
CMA CLA VA . -10.50 28.19 -7.65
CAA CLA VA . -12.48 29.96 -5.27
CBA CLA VA . -13.33 29.08 -4.39
CGA CLA VA . -13.17 29.43 -2.95
O1A CLA VA . -12.64 30.42 -2.45
O2A CLA VA . -13.72 28.48 -2.12
NB CLA VA . -14.45 24.86 -8.10
C1B CLA VA . -13.19 24.72 -7.63
C2B CLA VA . -12.82 23.28 -7.62
C3B CLA VA . -13.90 22.59 -8.09
C4B CLA VA . -14.94 23.58 -8.40
CMB CLA VA . -11.51 22.79 -7.17
CAB CLA VA . -14.14 21.19 -8.27
CBB CLA VA . -13.45 20.36 -9.02
NC CLA VA . -17.13 25.59 -9.06
C1C CLA VA . -17.21 24.24 -9.19
C2C CLA VA . -18.49 23.85 -9.72
C3C CLA VA . -19.18 25.05 -9.96
C4C CLA VA . -18.31 26.13 -9.52
CMC CLA VA . -18.88 22.47 -9.95
CAC CLA VA . -20.54 25.21 -10.48
CBC CLA VA . -20.66 24.89 -11.95
ND CLA VA . -16.56 28.27 -8.50
C1D CLA VA . -17.83 28.52 -9.09
C2D CLA VA . -18.06 29.98 -9.10
C3D CLA VA . -16.94 30.55 -8.55
C4D CLA VA . -16.02 29.46 -8.22
CMD CLA VA . -19.26 30.64 -9.59
CAD CLA VA . -16.27 31.79 -8.23
OBD CLA VA . -16.62 32.93 -8.44
CBD CLA VA . -14.90 31.41 -7.58
CGD CLA VA . -13.72 32.02 -8.25
O1D CLA VA . -13.48 32.08 -9.45
O2D CLA VA . -12.80 32.53 -7.39
CED CLA VA . -11.51 32.85 -7.91
MG CLA WA . -22.43 36.58 -5.80
CHA CLA WA . -24.20 39.00 -4.06
CHB CLA WA . -22.53 34.55 -3.12
CHC CLA WA . -20.33 34.42 -7.45
CHD CLA WA . -22.36 38.72 -8.62
NA CLA WA . -23.31 36.74 -3.91
C1A CLA WA . -24.00 37.82 -3.35
C2A CLA WA . -24.46 37.47 -1.93
C3A CLA WA . -24.08 35.99 -1.77
C4A CLA WA . -23.24 35.72 -3.01
CMA CLA WA . -23.36 35.63 -0.49
CAA CLA WA . -25.96 37.59 -1.72
CBA CLA WA . -26.40 37.66 -0.28
CGA CLA WA . -27.89 37.83 -0.28
O1A CLA WA . -28.75 37.09 -0.74
O2A CLA WA . -28.25 38.99 0.33
NB CLA WA . -21.58 34.83 -5.37
C1B CLA WA . -21.72 34.17 -4.20
C2B CLA WA . -20.92 32.93 -4.21
C3B CLA WA . -20.30 32.88 -5.46
C4B CLA WA . -20.73 34.08 -6.20
CMB CLA WA . -20.89 32.03 -3.06
CAB CLA WA . -19.40 31.94 -6.09
CBB CLA WA . -18.59 31.06 -5.51
NC CLA WA . -21.56 36.57 -7.71
C1C CLA WA . -20.73 35.60 -8.16
C2C CLA WA . -20.25 35.93 -9.49
C3C CLA WA . -20.85 37.13 -9.85
C4C CLA WA . -21.67 37.51 -8.72
CMC CLA WA . -19.29 35.13 -10.26
CAC CLA WA . -20.67 37.89 -11.09
CBC CLA WA . -21.70 37.54 -12.14
ND CLA WA . -23.21 38.36 -6.34
C1D CLA WA . -23.06 39.14 -7.52
C2D CLA WA . -23.72 40.43 -7.31
C3D CLA WA . -24.12 40.45 -6.00
C4D CLA WA . -23.79 39.14 -5.43
CMD CLA WA . -23.81 41.48 -8.31
CAD CLA WA . -24.75 41.21 -4.97
OBD CLA WA . -25.15 42.36 -4.99
CBD CLA WA . -24.83 40.33 -3.71
CGD CLA WA . -24.16 40.99 -2.55
O1D CLA WA . -24.68 41.52 -1.58
O2D CLA WA . -22.80 41.00 -2.62
CED CLA WA . -22.11 41.95 -1.81
C1 CLA WA . -29.45 39.64 -0.13
C2 CLA WA . -29.17 40.32 -1.41
C3 CLA WA . -28.48 41.48 -1.52
C4 CLA WA . -27.93 42.19 -0.35
C5 CLA WA . -28.26 42.12 -2.85
C6 CLA WA . -29.30 41.79 -3.90
C7 CLA WA . -28.81 42.34 -5.22
C8 CLA WA . -29.36 41.70 -6.49
C9 CLA WA . -30.73 41.08 -6.33
C10 CLA WA . -28.36 40.69 -7.05
C11 CLA WA . -28.75 40.24 -8.43
C12 CLA WA . -27.58 40.18 -9.40
C13 CLA WA . -27.93 40.68 -10.79
C14 CLA WA . -28.72 41.97 -10.76
C15 CLA WA . -28.70 39.66 -11.59
C16 CLA WA . -28.02 39.36 -12.90
C17 CLA WA . -28.48 40.26 -14.03
C18 CLA WA . -29.76 39.82 -14.70
C19 CLA WA . -29.95 40.52 -16.03
C20 CLA WA . -29.87 38.32 -14.88
MG CLA XA . -24.95 22.62 5.32
CHA CLA XA . -23.67 23.24 8.47
CHB CLA XA . -21.84 23.05 4.00
CHC CLA XA . -26.16 21.63 2.29
CHD CLA XA . -28.11 22.10 6.75
NA CLA XA . -23.08 23.08 6.12
C1A CLA XA . -22.75 23.27 7.46
C2A CLA XA . -21.27 23.50 7.61
C3A CLA XA . -20.82 23.77 6.17
C4A CLA XA . -21.97 23.21 5.36
CMA CLA XA . -20.70 25.25 5.96
CAA CLA XA . -20.74 22.17 8.12
CBA CLA XA . -19.38 21.73 7.65
CGA CLA XA . -18.77 20.81 8.67
O1A CLA XA . -19.30 19.92 9.35
O2A CLA XA . -17.44 21.05 8.85
NB CLA XA . -24.16 22.43 3.48
C1B CLA XA . -22.86 22.59 3.15
C2B CLA XA . -22.65 22.28 1.72
C3B CLA XA . -23.87 21.88 1.23
C4B CLA XA . -24.84 21.97 2.34
CMB CLA XA . -21.34 22.40 1.10
CAB CLA XA . -24.28 21.41 -0.07
CBB CLA XA . -23.60 20.57 -0.85
NC CLA XA . -26.82 22.01 4.64
C1C CLA XA . -27.10 21.64 3.35
C2C CLA XA . -28.49 21.23 3.25
C3C CLA XA . -29.02 21.35 4.52
C4C CLA XA . -27.97 21.83 5.38
CMC CLA XA . -29.16 20.74 2.04
CAC CLA XA . -30.39 21.03 4.91
CBC CLA XA . -31.15 22.32 4.80
ND CLA XA . -25.76 22.66 7.16
C1D CLA XA . -27.09 22.50 7.59
C2D CLA XA . -27.14 22.79 9.03
C3D CLA XA . -25.85 23.02 9.41
C4D CLA XA . -25.04 22.95 8.22
CMD CLA XA . -28.33 22.76 9.87
CAD CLA XA . -25.00 23.34 10.53
OBD CLA XA . -25.28 23.48 11.70
CBD CLA XA . -23.57 23.56 9.94
CGD CLA XA . -23.12 24.98 10.08
O1D CLA XA . -23.06 25.83 9.20
O2D CLA XA . -22.76 25.36 11.33
CED CLA XA . -22.60 26.75 11.53
C1 CLA XA . -16.63 20.02 9.46
C2 CLA XA . -15.79 19.43 8.40
C3 CLA XA . -14.46 19.30 8.47
C4 CLA XA . -13.67 19.77 9.63
C5 CLA XA . -13.70 18.68 7.35
C6 CLA XA . -13.12 17.33 7.69
C7 CLA XA . -12.93 16.51 6.44
C8 CLA XA . -11.61 15.75 6.43
C9 CLA XA . -11.86 14.26 6.52
MG CLA YA . -17.64 29.05 13.75
CHA CLA YA . -18.33 27.12 10.97
CHB CLA YA . -15.83 31.19 11.83
CHC CLA YA . -17.07 30.96 16.54
CHD CLA YA . -19.51 26.79 15.70
NA CLA YA . -17.19 29.14 11.71
C1A CLA YA . -17.59 28.24 10.72
C2A CLA YA . -17.04 28.66 9.36
C3A CLA YA . -16.13 29.85 9.71
C4A CLA YA . -16.41 30.11 11.18
CMA CLA YA . -14.68 29.51 9.47
CAA CLA YA . -18.12 29.13 8.41
CBA CLA YA . -17.64 29.01 6.98
CGA CLA YA . -18.75 29.19 6.01
O1A CLA YA . -19.56 28.34 5.61
O2A CLA YA . -18.87 30.47 5.52
NB CLA YA . -16.63 30.75 14.11
C1B CLA YA . -15.98 31.51 13.18
C2B CLA YA . -15.43 32.73 13.83
C3B CLA YA . -15.78 32.66 15.17
C4B CLA YA . -16.53 31.39 15.36
CMB CLA YA . -14.67 33.71 13.09
CAB CLA YA . -15.49 33.54 16.27
CBB CLA YA . -15.54 34.87 16.30
NC CLA YA . -18.19 28.89 15.74
C1C CLA YA . -17.84 29.78 16.72
C2C CLA YA . -18.39 29.34 17.98
C3C CLA YA . -19.10 28.17 17.74
C4C CLA YA . -18.97 27.92 16.34
CMC CLA YA . -18.20 30.03 19.23
CAC CLA YA . -19.87 27.36 18.70
CBC CLA YA . -19.14 26.18 19.31
ND CLA YA . -18.71 27.38 13.48
C1D CLA YA . -19.39 26.53 14.37
C2D CLA YA . -19.91 25.35 13.65
C3D CLA YA . -19.50 25.53 12.35
C4D CLA YA . -18.78 26.81 12.29
CMD CLA YA . -20.65 24.25 14.29
CAD CLA YA . -19.52 25.00 11.02
OBD CLA YA . -20.02 23.97 10.63
CBD CLA YA . -18.75 25.97 10.10
CGD CLA YA . -17.59 25.24 9.53
O1D CLA YA . -16.46 25.16 9.96
O2D CLA YA . -17.87 24.57 8.40
CED CLA YA . -16.95 24.73 7.33
C1 CLA YA . -19.94 30.71 4.59
C2 CLA YA . -20.04 32.15 4.36
C3 CLA YA . -21.08 32.73 3.75
C4 CLA YA . -22.22 31.93 3.26
C5 CLA YA . -21.14 34.19 3.52
C6 CLA YA . -20.69 34.59 2.13
C7 CLA YA . -19.19 34.80 2.07
C8 CLA YA . -18.62 35.24 0.72
C9 CLA YA . -19.42 34.72 -0.45
C10 CLA YA . -17.19 34.75 0.58
C11 CLA YA . -16.24 35.91 0.41
C12 CLA YA . -14.95 35.60 1.13
C13 CLA YA . -13.76 35.82 0.23
C14 CLA YA . -13.58 34.63 -0.69
C15 CLA YA . -12.53 36.11 1.08
C16 CLA YA . -11.21 35.91 0.37
C17 CLA YA . -10.03 36.05 1.32
C18 CLA YA . -8.69 36.15 0.61
C19 CLA YA . -8.14 37.56 0.65
C20 CLA YA . -7.70 35.21 1.25
MG CLA ZA . -40.25 32.04 13.93
CHA CLA ZA . -40.81 35.35 14.85
CHB CLA ZA . -39.18 31.34 17.06
CHC CLA ZA . -39.85 28.80 13.02
CHD CLA ZA . -41.28 32.82 10.66
NA CLA ZA . -39.98 33.19 15.64
C1A CLA ZA . -40.26 34.55 15.83
C2A CLA ZA . -39.89 34.95 17.25
C3A CLA ZA . -39.11 33.74 17.79
C4A CLA ZA . -39.43 32.67 16.77
CMA CLA ZA . -37.63 34.00 17.85
CAA CLA ZA . -41.07 35.22 18.15
CBA CLA ZA . -42.13 34.15 18.26
CGA CLA ZA . -43.14 34.52 17.24
O1A CLA ZA . -43.54 35.64 16.99
O2A CLA ZA . -43.56 33.48 16.49
NB CLA ZA . -39.58 30.39 14.86
C1B CLA ZA . -39.40 30.28 16.19
C2B CLA ZA . -39.45 28.86 16.61
C3B CLA ZA . -39.65 28.13 15.47
C4B CLA ZA . -39.69 29.09 14.34
CMB CLA ZA . -39.28 28.47 18.01
CAB CLA ZA . -39.75 26.72 15.19
CBB CLA ZA . -40.18 25.69 15.92
NC CLA ZA . -40.46 31.01 12.13
C1C CLA ZA . -40.20 29.68 11.97
C2C CLA ZA . -40.41 29.32 10.58
C3C CLA ZA . -40.82 30.46 9.91
C4C CLA ZA . -40.82 31.53 10.89
CMC CLA ZA . -40.29 27.99 10.00
CAC CLA ZA . -41.12 30.54 8.47
CBC CLA ZA . -42.58 30.64 8.10
ND CLA ZA . -40.85 33.67 12.92
C1D CLA ZA . -41.35 33.81 11.61
C2D CLA ZA . -41.86 35.17 11.43
C3D CLA ZA . -41.66 35.82 12.64
C4D CLA ZA . -41.03 34.84 13.54
CMD CLA ZA . -42.45 35.67 10.20
CAD CLA ZA . -41.80 37.04 13.38
OBD CLA ZA . -42.19 38.12 12.99
CBD CLA ZA . -41.34 36.78 14.82
CGD CLA ZA . -40.40 37.85 15.26
O1D CLA ZA . -39.25 38.04 14.86
O2D CLA ZA . -40.88 38.73 16.18
CED CLA ZA . -40.37 40.07 16.15
C1 CLA ZA . -44.04 33.83 15.18
C2 CLA ZA . -45.32 33.13 14.99
C3 CLA ZA . -46.48 33.56 15.50
C4 CLA ZA . -46.56 34.80 16.30
C5 CLA ZA . -47.73 32.79 15.26
C6 CLA ZA . -48.95 33.18 16.08
C7 CLA ZA . -49.93 34.06 15.33
C8 CLA ZA . -50.01 33.87 13.84
C9 CLA ZA . -50.13 35.23 13.17
C10 CLA ZA . -51.19 32.99 13.46
C11 CLA ZA . -52.41 33.19 14.31
C12 CLA ZA . -52.93 31.86 14.81
C13 CLA ZA . -53.89 32.12 15.95
C14 CLA ZA . -53.55 31.26 17.12
C15 CLA ZA . -55.33 31.87 15.54
C16 CLA ZA . -56.26 32.23 16.66
C17 CLA ZA . -57.67 32.28 16.14
C18 CLA ZA . -58.35 33.56 16.55
C19 CLA ZA . -57.56 34.78 16.13
C20 CLA ZA . -59.71 33.57 15.92
MG CLA AB . -33.39 37.80 11.74
CHA CLA AB . -32.31 39.19 14.72
CHB CLA AB . -36.55 37.81 12.89
CHC CLA AB . -34.40 36.39 8.80
CHD CLA AB . -30.06 37.80 10.58
NA CLA AB . -34.25 38.38 13.54
C1A CLA AB . -33.66 38.97 14.66
C2A CLA AB . -34.69 39.22 15.76
C3A CLA AB . -35.95 38.55 15.21
C4A CLA AB . -35.59 38.23 13.77
CMA CLA AB . -36.21 37.27 15.96
CAA CLA AB . -34.93 40.70 16.06
CBA CLA AB . -35.29 41.49 14.84
CGA CLA AB . -34.47 42.73 14.83
O1A CLA AB . -34.84 43.89 14.96
O2A CLA AB . -33.13 42.49 14.65
NB CLA AB . -35.14 37.17 11.01
C1B CLA AB . -36.34 37.42 11.57
C2B CLA AB . -37.42 37.08 10.61
C3B CLA AB . -36.80 36.67 9.45
C4B CLA AB . -35.35 36.70 9.72
CMB CLA AB . -38.81 37.22 10.99
CAB CLA AB . -37.28 36.24 8.16
CBB CLA AB . -38.44 35.70 7.84
NC CLA AB . -32.40 37.22 10.00
C1C CLA AB . -33.02 36.67 8.93
C2C CLA AB . -32.05 36.38 7.90
C3C CLA AB . -30.81 36.80 8.37
C4C CLA AB . -31.05 37.32 9.71
CMC CLA AB . -32.49 35.83 6.62
CAC CLA AB . -29.50 36.83 7.70
CBC CLA AB . -29.36 37.96 6.71
ND CLA AB . -31.58 38.38 12.41
C1D CLA AB . -30.30 38.27 11.85
C2D CLA AB . -29.32 38.75 12.82
C3D CLA AB . -30.03 39.14 13.93
C4D CLA AB . -31.44 38.86 13.63
CMD CLA AB . -27.89 38.78 12.53
CAD CLA AB . -29.98 39.67 15.27
OBD CLA AB . -29.01 40.04 15.91
CBD CLA AB . -31.42 39.70 15.83
CGD CLA AB . -31.63 38.87 17.06
O1D CLA AB . -31.54 37.66 17.14
O2D CLA AB . -31.92 39.56 18.18
CED CLA AB . -32.44 38.86 19.30
C1 CLA AB . -32.52 43.29 13.64
C2 CLA AB . -31.20 42.73 13.31
C3 CLA AB . -30.07 43.11 13.92
C4 CLA AB . -30.05 44.10 15.00
C5 CLA AB . -28.77 42.51 13.50
C6 CLA AB . -28.31 43.14 12.22
C7 CLA AB . -26.93 42.64 11.89
C8 CLA AB . -26.85 41.98 10.53
C9 CLA AB . -25.47 41.42 10.30
C10 CLA AB . -27.21 42.97 9.43
C11 CLA AB . -27.14 42.34 8.06
C12 CLA AB . -27.60 43.29 6.99
C13 CLA AB . -27.08 42.92 5.61
C14 CLA AB . -27.24 44.12 4.70
C15 CLA AB . -27.83 41.74 5.01
C16 CLA AB . -26.97 40.50 4.83
C17 CLA AB . -25.74 40.77 3.96
C18 CLA AB . -25.67 39.87 2.74
C19 CLA AB . -24.91 40.57 1.64
C20 CLA AB . -25.00 38.56 3.06
MG CLA BB . -39.30 30.12 -5.03
CHA CLA BB . -41.13 29.07 -7.80
CHB CLA BB . -39.27 33.24 -6.27
CHC CLA BB . -37.66 31.15 -2.18
CHD CLA BB . -39.31 26.85 -3.81
NA CLA BB . -40.08 30.99 -6.77
C1A CLA BB . -40.84 30.41 -7.78
C2A CLA BB . -41.25 31.44 -8.83
C3A CLA BB . -40.53 32.71 -8.37
C4A CLA BB . -39.93 32.32 -7.04
CMA CLA BB . -39.46 33.02 -9.37
CAA CLA BB . -42.74 31.73 -8.87
CBA CLA BB . -43.34 31.72 -7.48
CGA CLA BB . -44.71 32.32 -7.45
O1A CLA BB . -45.44 32.66 -8.38
O2A CLA BB . -45.17 32.49 -6.18
NB CLA BB . -38.58 31.85 -4.35
C1B CLA BB . -38.66 32.99 -5.03
C2B CLA BB . -37.96 34.03 -4.28
C3B CLA BB . -37.47 33.50 -3.12
C4B CLA BB . -37.88 32.07 -3.14
CMB CLA BB . -37.96 35.34 -4.83
CAB CLA BB . -36.72 34.11 -2.04
CBB CLA BB . -35.79 35.05 -2.12
NC CLA BB . -38.65 29.17 -3.30
C1C CLA BB . -38.07 29.79 -2.24
C2C CLA BB . -37.84 28.86 -1.18
C3C CLA BB . -38.25 27.60 -1.65
C4C CLA BB . -38.73 27.82 -2.99
CMC CLA BB . -37.30 29.27 0.10
CAC CLA BB . -38.21 26.32 -0.93
CBC CLA BB . -39.52 25.97 -0.28
ND CLA BB . -39.99 28.33 -5.63
C1D CLA BB . -39.88 27.06 -5.03
C2D CLA BB . -40.55 26.08 -5.89
C3D CLA BB . -41.07 26.79 -6.95
C4D CLA BB . -40.68 28.20 -6.75
CMD CLA BB . -40.63 24.67 -5.56
CAD CLA BB . -41.84 26.75 -8.18
OBD CLA BB . -42.42 25.83 -8.72
CBD CLA BB . -41.88 28.18 -8.77
CGD CLA BB . -41.41 28.18 -10.20
O1D CLA BB . -41.83 27.50 -11.12
O2D CLA BB . -40.41 29.03 -10.50
CED CLA BB . -40.14 29.32 -11.86
C1 CLA BB . -46.40 31.84 -5.87
C2 CLA BB . -46.58 31.84 -4.40
C3 CLA BB . -47.65 31.33 -3.78
C4 CLA BB . -48.77 30.70 -4.52
C5 CLA BB . -47.77 31.34 -2.31
C6 CLA BB . -47.71 29.93 -1.75
C7 CLA BB . -48.19 29.89 -0.32
C8 CLA BB . -47.11 29.45 0.65
C9 CLA BB . -46.46 28.15 0.20
C10 CLA BB . -47.69 29.27 2.03
C11 CLA BB . -46.91 29.96 3.10
C12 CLA BB . -47.45 29.65 4.48
C13 CLA BB . -47.30 30.81 5.45
C14 CLA BB . -45.92 31.41 5.43
C15 CLA BB . -47.64 30.37 6.87
C16 CLA BB . -49.12 30.14 7.05
C17 CLA BB . -49.91 31.39 6.75
C18 CLA BB . -51.36 31.10 6.41
C19 CLA BB . -52.07 30.33 7.51
C20 CLA BB . -52.10 32.40 6.14
MG CLA CB . -16.23 14.88 -9.34
CHA CLA CB . -14.35 15.48 -12.20
CHB CLA CB . -15.51 11.59 -9.59
CHC CLA CB . -18.07 14.31 -6.52
CHD CLA CB . -17.17 18.24 -9.31
NA CLA CB . -15.07 13.76 -10.66
C1A CLA CB . -14.35 14.19 -11.77
C2A CLA CB . -13.66 13.02 -12.45
C3A CLA CB . -14.27 11.80 -11.75
C4A CLA CB . -14.97 12.41 -10.55
CMA CLA CB . -15.25 11.15 -12.68
CAA CLA CB . -12.15 12.98 -12.24
CBA CLA CB . -11.68 13.40 -10.87
CGA CLA CB . -10.63 12.49 -10.32
O1A CLA CB . -10.43 11.30 -10.56
O2A CLA CB . -9.79 13.11 -9.44
NB CLA CB . -16.65 13.27 -8.22
C1B CLA CB . -16.24 12.01 -8.49
C2B CLA CB . -16.75 11.09 -7.47
C3B CLA CB . -17.47 11.86 -6.59
C4B CLA CB . -17.44 13.25 -7.06
CMB CLA CB . -16.52 9.65 -7.49
CAB CLA CB . -18.22 11.47 -5.45
CBB CLA CB . -17.68 11.15 -4.28
NC CLA CB . -17.42 16.08 -8.13
C1C CLA CB . -18.09 15.64 -7.03
C2C CLA CB . -18.80 16.75 -6.42
C3C CLA CB . -18.54 17.86 -7.23
C4C CLA CB . -17.67 17.43 -8.29
CMC CLA CB . -19.62 16.65 -5.22
CAC CLA CB . -19.04 19.24 -7.08
CBC CLA CB . -20.42 19.36 -7.66
ND CLA CB . -15.90 16.54 -10.46
C1D CLA CB . -16.33 17.87 -10.34
C2D CLA CB . -15.81 18.66 -11.47
C3D CLA CB . -15.08 17.78 -12.21
C4D CLA CB . -15.14 16.48 -11.55
CMD CLA CB . -16.08 20.08 -11.72
CAD CLA CB . -14.32 17.59 -13.42
OBD CLA CB . -14.21 18.35 -14.34
CBD CLA CB . -13.75 16.15 -13.41
CGD CLA CB . -14.14 15.48 -14.69
O1D CLA CB . -13.48 15.37 -15.69
O2D CLA CB . -15.39 14.96 -14.70
CED CLA CB . -15.95 14.68 -15.97
C1 CLA CB . -9.25 12.34 -8.35
C2 CLA CB . -9.51 13.11 -7.12
C3 CLA CB . -9.06 12.74 -5.91
C4 CLA CB . -8.26 11.52 -5.69
C5 CLA CB . -9.35 13.54 -4.68
C6 CLA CB . -10.36 12.84 -3.77
C7 CLA CB . -10.27 13.31 -2.34
C8 CLA CB . -9.92 12.17 -1.40
C9 CLA CB . -9.90 12.62 0.04
MG CLA DB . -15.10 5.56 -5.79
CHA CLA DB . -14.32 6.20 -9.10
CHB CLA DB . -16.71 2.70 -6.73
CHC CLA DB . -15.83 4.97 -2.52
CHD CLA DB . -13.53 8.59 -4.90
NA CLA DB . -15.44 4.62 -7.63
C1A CLA DB . -15.01 5.04 -8.89
C2A CLA DB . -15.46 4.05 -9.96
C3A CLA DB . -16.32 3.04 -9.17
C4A CLA DB . -16.15 3.47 -7.73
CMA CLA DB . -17.73 3.08 -9.67
CAA CLA DB . -14.29 3.31 -10.60
CBA CLA DB . -13.54 2.46 -9.60
CGA CLA DB . -12.22 2.01 -10.09
O1A CLA DB . -11.90 1.58 -11.19
O2A CLA DB . -11.29 2.12 -9.11
NB CLA DB . -16.05 4.08 -4.80
C1B CLA DB . -16.65 3.02 -5.37
C2B CLA DB . -17.32 2.20 -4.33
C3B CLA DB . -17.08 2.84 -3.12
C4B CLA DB . -16.27 4.04 -3.42
CMB CLA DB . -18.07 1.01 -4.73
CAB CLA DB . -17.49 2.55 -1.77
CBB CLA DB . -18.08 1.46 -1.29
NC CLA DB . -14.72 6.61 -4.02
C1C CLA DB . -15.11 6.18 -2.79
C2C CLA DB . -14.67 7.12 -1.79
C3C CLA DB . -14.02 8.16 -2.46
C4C CLA DB . -14.07 7.83 -3.86
CMC CLA DB . -14.86 6.99 -0.35
CAC CLA DB . -13.38 9.34 -1.85
CBC CLA DB . -14.16 10.63 -1.97
ND CLA DB . -14.14 7.07 -6.71
C1D CLA DB . -13.55 8.26 -6.23
C2D CLA DB . -13.02 9.03 -7.36
C3D CLA DB . -13.29 8.27 -8.47
C4D CLA DB . -13.99 7.06 -8.02
CMD CLA DB . -12.36 10.31 -7.24
CAD CLA DB . -13.17 8.21 -9.90
OBD CLA DB . -12.69 9.00 -10.68
CBD CLA DB . -13.83 6.89 -10.36
CGD CLA DB . -14.93 7.23 -11.32
O1D CLA DB . -16.00 7.76 -11.06
O2D CLA DB . -14.66 6.92 -12.60
CED CLA DB . -15.73 6.95 -13.54
C1 CLA DB . -10.24 1.15 -9.10
C2 CLA DB . -10.07 0.68 -7.70
C3 CLA DB . -9.47 1.39 -6.73
C4 CLA DB . -8.90 2.73 -6.94
C5 CLA DB . -9.34 0.82 -5.36
C6 CLA DB . -7.88 0.59 -5.03
C7 CLA DB . -7.62 0.58 -3.54
C8 CLA DB . -6.84 1.77 -2.96
C9 CLA DB . -6.81 3.01 -3.85
C10 CLA DB . -5.41 1.43 -2.53
C11 CLA DB . -4.72 0.29 -3.26
C12 CLA DB . -4.05 0.70 -4.55
C13 CLA DB . -3.04 1.81 -4.36
C14 CLA DB . -3.34 2.95 -5.31
C15 CLA DB . -1.57 1.39 -4.54
C16 CLA DB . -1.29 -0.10 -4.56
C17 CLA DB . -0.62 -0.61 -3.30
C18 CLA DB . 0.91 -0.51 -3.26
C19 CLA DB . 1.60 -0.46 -4.61
C20 CLA DB . 1.37 0.67 -2.41
MG CLA EB . -19.25 -1.42 8.92
CHA CLA EB . -20.69 -1.13 5.80
CHB CLA EB . -21.94 -3.21 9.99
CHC CLA EB . -17.78 -1.69 11.98
CHD CLA EB . -16.70 0.76 7.87
NA CLA EB . -21.02 -2.08 8.01
C1A CLA EB . -21.44 -1.85 6.70
C2A CLA EB . -22.81 -2.46 6.47
C3A CLA EB . -23.23 -2.96 7.86
C4A CLA EB . -21.97 -2.77 8.69
CMA CLA EB . -24.36 -2.18 8.45
CAA CLA EB . -22.75 -3.64 5.52
CBA CLA EB . -24.13 -4.14 5.18
CGA CLA EB . -24.73 -3.33 4.07
O1A CLA EB . -24.30 -2.34 3.51
O2A CLA EB . -25.94 -3.81 3.69
NB CLA EB . -19.80 -2.22 10.67
C1B CLA EB . -20.84 -3.06 10.85
C2B CLA EB . -20.70 -3.77 12.14
C3B CLA EB . -19.53 -3.34 12.70
C4B CLA EB . -18.94 -2.35 11.77
CMB CLA EB . -21.64 -4.73 12.68
CAB CLA EB . -18.93 -3.70 13.93
CBB CLA EB . -18.36 -4.88 14.16
NC CLA EB . -17.52 -0.63 9.77
C1C CLA EB . -17.11 -0.87 11.04
C2C CLA EB . -15.87 -0.16 11.28
C3C CLA EB . -15.58 0.56 10.13
C4C CLA EB . -16.63 0.26 9.18
CMC CLA EB . -15.08 -0.19 12.50
CAC CLA EB . -14.41 1.41 9.89
CBC CLA EB . -14.69 2.87 10.00
ND CLA EB . -18.67 -0.53 7.21
C1D CLA EB . -17.63 0.41 6.94
C2D CLA EB . -17.73 0.85 5.53
C3D CLA EB . -18.85 0.21 5.04
C4D CLA EB . -19.44 -0.56 6.14
CMD CLA EB . -16.82 1.76 4.85
CAD CLA EB . -19.71 0.07 3.91
OBD CLA EB . -19.56 0.48 2.77
CBD CLA EB . -20.96 -0.71 4.37
CGD CLA EB . -22.23 0.08 4.25
O1D CLA EB . -22.81 0.75 5.11
O2D CLA EB . -22.79 0.04 3.02
CED CLA EB . -23.39 1.22 2.50
C1 CLA EB . -26.49 -3.24 2.48
C2 CLA EB . -27.92 -3.63 2.48
C3 CLA EB . -28.84 -3.01 1.75
C4 CLA EB . -28.51 -1.86 0.88
C5 CLA EB . -30.25 -3.43 1.78
C6 CLA EB . -30.53 -4.85 2.24
C7 CLA EB . -32.03 -5.03 2.22
C8 CLA EB . -32.57 -6.31 2.82
C9 CLA EB . -32.57 -6.28 4.34
C10 CLA EB . -31.82 -7.51 2.27
C11 CLA EB . -32.39 -7.84 0.92
C12 CLA EB . -32.05 -9.23 0.48
C13 CLA EB . -32.77 -9.60 -0.80
C14 CLA EB . -32.29 -8.77 -1.96
C15 CLA EB . -34.27 -9.47 -0.65
C16 CLA EB . -34.94 -10.81 -0.77
C17 CLA EB . -35.21 -11.18 -2.20
C18 CLA EB . -36.61 -11.75 -2.26
C19 CLA EB . -37.62 -10.64 -2.44
C20 CLA EB . -36.72 -12.81 -3.34
MG CLA FB . -25.10 -4.64 16.68
CHA CLA FB . -23.56 -6.99 18.70
CHB CLA FB . -22.10 -3.26 16.00
CHC CLA FB . -26.65 -2.41 14.60
CHD CLA FB . -28.20 -6.18 17.30
NA CLA FB . -23.15 -5.06 17.28
C1A CLA FB . -22.72 -6.09 18.11
C2A CLA FB . -21.19 -6.05 18.24
C3A CLA FB . -20.79 -4.77 17.50
C4A CLA FB . -22.09 -4.32 16.86
CMA CLA FB . -20.19 -3.76 18.44
CAA CLA FB . -20.51 -7.23 17.56
CBA CLA FB . -21.01 -7.59 16.19
CGA CLA FB . -19.96 -8.25 15.36
O1A CLA FB . -19.19 -9.16 15.65
O2A CLA FB . -19.88 -7.73 14.11
NB CLA FB . -24.49 -3.09 15.55
C1B CLA FB . -23.21 -2.73 15.34
C2B CLA FB . -23.14 -1.66 14.32
C3B CLA FB . -24.44 -1.41 13.92
C4B CLA FB . -25.31 -2.31 14.72
CMB CLA FB . -21.89 -1.06 13.90
CAB CLA FB . -24.94 -0.48 12.95
CBB CLA FB . -25.60 -0.78 11.83
NC CLA FB . -27.08 -4.33 16.11
C1C CLA FB . -27.47 -3.35 15.27
C2C CLA FB . -28.89 -3.41 15.02
C3C CLA FB . -29.36 -4.48 15.74
C4C CLA FB . -28.22 -5.06 16.45
CMC CLA FB . -29.60 -2.54 14.10
CAC CLA FB . -30.75 -4.95 15.66
CBC CLA FB . -31.56 -4.97 16.90
ND CLA FB . -25.80 -6.19 17.77
C1D CLA FB . -27.10 -6.72 17.92
C2D CLA FB . -27.01 -7.89 18.81
C3D CLA FB . -25.69 -8.00 19.17
C4D CLA FB . -24.97 -6.93 18.49
CMD CLA FB . -28.12 -8.75 19.19
CAD CLA FB . -24.72 -8.78 19.93
OBD CLA FB . -24.92 -9.75 20.62
CBD CLA FB . -23.34 -8.14 19.66
CGD CLA FB . -22.67 -7.71 20.93
O1D CLA FB . -22.14 -8.41 21.76
O2D CLA FB . -22.67 -6.40 21.16
CED CLA FB . -21.50 -5.86 21.75
C1 CLA FB . -19.42 -8.61 13.07
C2 CLA FB . -19.00 -7.69 11.99
C3 CLA FB . -18.57 -8.11 10.79
C4 CLA FB . -18.44 -9.52 10.42
C5 CLA FB . -18.16 -7.16 9.72
C6 CLA FB . -17.76 -5.78 10.15
C7 CLA FB . -17.75 -4.86 8.95
C8 CLA FB . -16.37 -4.37 8.56
C9 CLA FB . -15.62 -3.84 9.76
C10 CLA FB . -16.52 -3.31 7.49
C11 CLA FB . -15.19 -2.76 7.08
C12 CLA FB . -15.30 -1.97 5.80
C13 CLA FB . -13.93 -1.44 5.43
C14 CLA FB . -13.62 -0.13 6.14
C15 CLA FB . -13.76 -1.28 3.94
C16 CLA FB . -12.34 -1.68 3.62
C17 CLA FB . -11.78 -0.99 2.41
C18 CLA FB . -10.71 -1.85 1.74
C19 CLA FB . -10.13 -1.17 0.52
C20 CLA FB . -9.60 -2.11 2.72
MG CLA GB . -10.05 27.19 14.74
CHA CLA GB . -9.11 30.17 16.26
CHB CLA GB . -13.22 28.36 14.44
CHC CLA GB . -10.91 24.28 13.17
CHD CLA GB . -6.76 26.01 15.12
NA CLA GB . -10.98 28.98 15.28
C1A CLA GB . -10.41 30.12 15.87
C2A CLA GB . -11.47 31.19 16.07
C3A CLA GB . -12.77 30.51 15.65
C4A CLA GB . -12.31 29.20 15.05
CMA CLA GB . -13.57 30.25 16.89
CAA CLA GB . -11.26 32.41 15.21
CBA CLA GB . -10.76 32.11 13.82
CGA CLA GB . -10.16 33.37 13.30
O1A CLA GB . -9.80 34.35 13.96
O2A CLA GB . -10.00 33.41 11.96
NB CLA GB . -11.74 26.46 13.95
C1B CLA GB . -12.92 27.11 13.88
C2B CLA GB . -13.91 26.27 13.17
C3B CLA GB . -13.28 25.12 12.82
C4B CLA GB . -11.89 25.21 13.32
CMB CLA GB . -15.27 26.69 12.94
CAB CLA GB . -13.80 23.99 12.09
CBB CLA GB . -14.72 23.16 12.54
NC CLA GB . -9.01 25.45 14.26
C1C CLA GB . -9.56 24.39 13.62
C2C CLA GB . -8.56 23.37 13.41
C3C CLA GB . -7.37 23.86 13.94
C4C CLA GB . -7.66 25.18 14.47
CMC CLA GB . -8.79 22.11 12.74
CAC CLA GB . -6.05 23.22 13.91
CBC CLA GB . -5.25 23.73 12.73
ND CLA GB . -8.32 27.85 15.54
C1D CLA GB . -7.04 27.26 15.63
C2D CLA GB . -6.15 28.18 16.35
C3D CLA GB . -6.88 29.31 16.62
C4D CLA GB . -8.23 29.06 16.07
CMD CLA GB . -4.77 27.88 16.67
CAD CLA GB . -6.89 30.61 17.24
OBD CLA GB . -6.02 31.15 17.90
CBD CLA GB . -8.28 31.23 16.97
CGD CLA GB . -8.93 31.71 18.23
O1D CLA GB . -9.43 31.03 19.12
O2D CLA GB . -8.94 33.06 18.36
CED CLA GB . -9.02 33.56 19.68
C1 CLA GB . -8.84 34.15 11.50
C2 CLA GB . -8.11 33.26 10.58
C3 CLA GB . -6.85 33.49 10.18
C4 CLA GB . -6.07 34.66 10.65
C5 CLA GB . -6.18 32.56 9.24
C6 CLA GB . -5.01 31.81 9.85
C7 CLA GB . -4.18 31.13 8.77
C8 CLA GB . -4.11 29.62 8.96
C9 CLA GB . -4.13 28.92 7.62
MG CLA HB . -2.50 33.83 15.48
CHA CLA HB . -3.05 37.17 16.23
CHB CLA HB . -5.73 33.48 14.55
CHC CLA HB . -1.90 30.50 14.88
CHD CLA HB . 0.82 34.20 16.60
NA CLA HB . -4.11 35.15 15.38
C1A CLA HB . -4.15 36.51 15.74
C2A CLA HB . -5.55 37.06 15.51
C3A CLA HB . -6.38 35.85 15.03
C4A CLA HB . -5.35 34.74 14.96
CMA CLA HB . -7.46 35.52 16.02
CAA CLA HB . -5.63 38.15 14.45
CBA CLA HB . -5.33 37.65 13.07
CGA CLA HB . -3.95 38.04 12.65
O1A CLA HB . -2.98 38.31 13.35
O2A CLA HB . -3.78 38.09 11.30
NB CLA HB . -3.63 32.26 14.93
C1B CLA HB . -4.88 32.37 14.44
C2B CLA HB . -5.27 31.11 13.76
C3B CLA HB . -4.19 30.27 13.85
C4B CLA HB . -3.13 30.99 14.60
CMB CLA HB . -6.59 30.97 13.15
CAB CLA HB . -3.91 28.95 13.36
CBB CLA HB . -4.76 27.97 13.06
NC CLA HB . -0.84 32.59 15.69
C1C CLA HB . -0.81 31.26 15.39
C2C CLA HB . 0.50 30.70 15.70
C3C CLA HB . 1.27 31.75 16.17
C4C CLA HB . 0.42 32.93 16.17
CMC CLA HB . 0.88 29.31 15.51
CAC CLA HB . 2.67 31.69 16.60
CBC CLA HB . 3.59 31.94 15.44
ND CLA HB . -1.30 35.33 16.10
C1D CLA HB . 0.04 35.33 16.58
C2D CLA HB . 0.39 36.68 17.04
C3D CLA HB . -0.75 37.43 16.90
C4D CLA HB . -1.78 36.54 16.36
CMD CLA HB . 1.71 37.10 17.51
CAD CLA HB . -1.34 38.74 17.07
OBD CLA HB . -0.81 39.78 17.43
CBD CLA HB . -2.83 38.59 16.71
CGD CLA HB . -3.68 38.90 17.90
O1D CLA HB . -3.38 38.77 19.08
O2D CLA HB . -4.90 39.37 17.59
CED CLA HB . -5.83 39.52 18.66
MG CLA IB . -21.66 21.26 16.15
CHA CLA IB . -18.31 21.52 17.06
CHB CLA IB . -20.75 20.50 13.00
CHC CLA IB . -24.99 21.02 15.32
CHD CLA IB . -22.56 21.95 19.44
NA CLA IB . -19.81 21.05 15.21
C1A CLA IB . -18.52 21.19 15.74
C2A CLA IB . -17.45 20.94 14.66
C3A CLA IB . -18.28 20.70 13.40
C4A CLA IB . -19.72 20.74 13.89
CMA CLA IB . -18.00 21.80 12.42
CAA CLA IB . -16.54 19.75 14.87
CBA CLA IB . -15.14 20.07 14.36
CGA CLA IB . -14.21 18.91 14.51
O1A CLA IB . -14.49 17.75 14.75
O2A CLA IB . -12.88 19.21 14.37
NB CLA IB . -22.67 20.80 14.48
C1B CLA IB . -22.12 20.53 13.29
C2B CLA IB . -23.18 20.31 12.27
C3B CLA IB . -24.38 20.46 12.94
C4B CLA IB . -24.07 20.78 14.34
CMB CLA IB . -22.83 20.01 10.89
CAB CLA IB . -25.77 20.42 12.55
CBB CLA IB . -26.29 20.24 11.35
NC CLA IB . -23.47 21.50 17.20
C1C CLA IB . -24.71 21.39 16.66
C2C CLA IB . -25.72 21.64 17.67
C3C CLA IB . -25.05 21.86 18.87
C4C CLA IB . -23.63 21.75 18.55
CMC CLA IB . -27.18 21.64 17.45
CAC CLA IB . -25.72 22.08 20.17
CBC CLA IB . -25.36 23.24 21.05
ND CLA IB . -20.72 21.73 17.86
C1D CLA IB . -21.22 21.97 19.16
C2D CLA IB . -20.09 22.22 20.06
C3D CLA IB . -18.95 22.08 19.30
C4D CLA IB . -19.40 21.74 17.95
CMD CLA IB . -20.18 22.56 21.46
CAD CLA IB . -17.51 22.14 19.31
OBD CLA IB . -16.75 22.41 20.24
CBD CLA IB . -17.06 21.73 17.87
CGD CLA IB . -16.18 22.75 17.22
O1D CLA IB . -15.18 22.55 16.55
O2D CLA IB . -16.58 24.03 17.37
CED CLA IB . -16.38 24.87 16.24
C1 CLA IB . -12.30 19.34 13.06
C2 CLA IB . -11.76 18.03 12.65
C3 CLA IB . -10.72 17.84 11.82
C4 CLA IB . -9.95 18.94 11.20
C5 CLA IB . -10.26 16.47 11.46
C6 CLA IB . -10.33 16.26 9.96
MG CLA JB . -16.81 11.62 11.18
CHA CLA JB . -16.55 14.10 13.58
CHB CLA JB . -18.87 13.59 9.33
CHC CLA JB . -16.95 9.17 8.82
CHD CLA JB . -14.80 9.51 13.20
NA CLA JB . -17.56 13.55 11.41
C1A CLA JB . -17.34 14.42 12.50
C2A CLA JB . -18.02 15.75 12.24
C3A CLA JB . -18.81 15.53 10.94
C4A CLA JB . -18.39 14.14 10.50
CMA CLA JB . -20.29 15.72 11.20
CAA CLA JB . -16.98 16.87 11.98
CBA CLA JB . -15.92 16.59 10.92
CGA CLA JB . -14.70 15.85 11.42
O1A CLA JB . -14.13 15.92 12.49
O2A CLA JB . -14.23 14.94 10.52
NB CLA JB . -17.72 11.43 9.40
C1B CLA JB . -18.55 12.33 8.83
C2B CLA JB . -19.03 11.80 7.54
C3B CLA JB . -18.48 10.55 7.38
C4B CLA JB . -17.64 10.31 8.57
CMB CLA JB . -19.96 12.56 6.72
CAB CLA JB . -18.54 9.51 6.38
CBB CLA JB . -19.32 9.39 5.32
NC CLA JB . -16.03 9.69 11.06
C1C CLA JB . -16.22 8.86 10.00
C2C CLA JB . -15.54 7.61 10.22
C3C CLA JB . -14.93 7.69 11.46
C4C CLA JB . -15.24 9.01 11.98
CMC CLA JB . -15.53 6.48 9.29
CAC CLA JB . -14.13 6.65 12.14
CBC CLA JB . -12.70 6.67 11.70
ND CLA JB . -15.87 11.71 12.95
C1D CLA JB . -15.06 10.78 13.65
C2D CLA JB . -14.59 11.41 14.89
C3D CLA JB . -15.11 12.67 14.90
C4D CLA JB . -15.92 12.82 13.69
CMD CLA JB . -13.69 10.81 15.87
CAD CLA JB . -15.16 13.92 15.61
OBD CLA JB . -14.53 14.25 16.58
CBD CLA JB . -16.13 14.85 14.84
CGD CLA JB . -17.24 15.41 15.71
O1D CLA JB . -17.53 16.59 15.90
O2D CLA JB . -18.01 14.51 16.35
CED CLA JB . -18.91 15.02 17.34
C1 CLA JB . -13.79 13.67 11.01
C2 CLA JB . -13.51 12.88 9.79
C3 CLA JB . -12.94 11.67 9.76
C4 CLA JB . -12.49 10.99 10.98
C5 CLA JB . -12.66 10.92 8.52
C6 CLA JB . -13.89 10.65 7.69
C7 CLA JB . -13.78 9.29 7.03
C8 CLA JB . -12.72 9.24 5.95
C9 CLA JB . -13.02 10.24 4.85
C10 CLA JB . -12.61 7.82 5.39
C11 CLA JB . -13.94 7.26 4.90
C12 CLA JB . -14.33 5.96 5.59
C13 CLA JB . -14.24 4.69 4.74
C14 CLA JB . -13.56 3.60 5.55
C15 CLA JB . -13.56 4.85 3.38
C16 CLA JB . -14.40 4.23 2.29
C17 CLA JB . -13.87 2.89 1.85
C18 CLA JB . -13.89 2.76 0.34
C19 CLA JB . -12.81 3.64 -0.23
C20 CLA JB . -13.60 1.33 -0.04
MG CLA KB . -19.45 14.88 2.11
CHA CLA KB . -19.39 16.89 4.92
CHB CLA KB . -21.62 17.00 0.59
CHC CLA KB . -19.51 12.83 -0.58
CHD CLA KB . -17.23 12.66 3.72
NA CLA KB . -20.33 16.68 2.68
C1A CLA KB . -20.19 17.35 3.90
C2A CLA KB . -21.03 18.63 3.89
C3A CLA KB . -21.73 18.62 2.52
C4A CLA KB . -21.20 17.35 1.86
CMA CLA KB . -23.23 18.62 2.65
CAA CLA KB . -20.24 19.91 4.09
CBA CLA KB . -19.15 20.08 3.07
CGA CLA KB . -18.33 21.27 3.43
O1A CLA KB . -18.38 21.92 4.46
O2A CLA KB . -17.45 21.64 2.46
NB CLA KB . -20.50 14.84 0.38
C1B CLA KB . -21.21 15.87 -0.12
C2B CLA KB . -21.50 15.64 -1.56
C3B CLA KB . -20.91 14.45 -1.90
C4B CLA KB . -20.27 13.93 -0.66
CMB CLA KB . -22.23 16.55 -2.42
CAB CLA KB . -20.85 13.83 -3.19
CBB CLA KB . -21.13 12.58 -3.53
NC CLA KB . -18.52 13.07 1.66
C1C CLA KB . -18.67 12.42 0.48
C2C CLA KB . -17.85 11.23 0.45
C3C CLA KB . -17.21 11.16 1.68
C4C CLA KB . -17.65 12.31 2.44
CMC CLA KB . -17.69 10.36 -0.71
CAC CLA KB . -16.25 10.14 2.08
CBC CLA KB . -16.89 8.92 2.67
ND CLA KB . -18.36 14.83 3.80
C1D CLA KB . -17.55 13.82 4.37
C2D CLA KB . -17.11 14.25 5.71
C3D CLA KB . -17.78 15.40 5.96
C4D CLA KB . -18.58 15.70 4.77
CMD CLA KB . -16.17 13.53 6.57
CAD CLA KB . -17.97 16.48 6.88
OBD CLA KB . -17.39 16.70 7.92
CBD CLA KB . -19.11 17.35 6.34
CGD CLA KB . -20.29 17.18 7.25
O1D CLA KB . -20.68 16.15 7.79
O2D CLA KB . -20.99 18.30 7.53
CED CLA KB . -22.40 18.18 7.66
C1 CLA KB . -17.54 23.00 1.99
C2 CLA KB . -17.47 22.98 0.51
C3 CLA KB . -16.32 23.01 -0.19
C4 CLA KB . -15.00 23.06 0.47
C5 CLA KB . -16.30 22.98 -1.68
C6 CLA KB . -17.45 23.68 -2.39
C7 CLA KB . -18.45 22.69 -2.94
C8 CLA KB . -18.55 22.48 -4.46
C9 CLA KB . -17.21 22.28 -5.15
C10 CLA KB . -19.32 23.59 -5.18
C11 CLA KB . -20.51 24.07 -4.40
C12 CLA KB . -21.73 23.23 -4.65
C13 CLA KB . -22.45 23.74 -5.88
C14 CLA KB . -23.31 24.94 -5.53
C15 CLA KB . -23.29 22.62 -6.50
C16 CLA KB . -23.79 23.07 -7.85
C17 CLA KB . -23.24 22.19 -8.95
C18 CLA KB . -24.31 21.83 -9.95
C19 CLA KB . -25.42 21.10 -9.26
C20 CLA KB . -24.89 23.07 -10.57
MG CLA LB . -66.90 26.74 -6.14
CHA CLA LB . -68.79 29.64 -6.03
CHB CLA LB . -64.08 28.60 -6.35
CHC CLA LB . -65.10 23.89 -5.74
CHD CLA LB . -69.87 24.86 -5.83
NA CLA LB . -66.53 28.79 -6.27
C1A CLA LB . -67.44 29.84 -6.15
C2A CLA LB . -66.73 31.19 -6.26
C3A CLA LB . -65.30 30.80 -6.67
C4A CLA LB . -65.27 29.29 -6.41
CMA CLA LB . -65.10 31.13 -8.11
CAA CLA LB . -66.69 31.89 -4.92
CBA CLA LB . -66.93 33.38 -5.10
CGA CLA LB . -67.02 34.03 -3.76
O1A CLA LB . -66.67 33.58 -2.67
O2A CLA LB . -67.55 35.29 -3.81
NB CLA LB . -64.94 26.31 -6.13
C1B CLA LB . -63.95 27.23 -6.12
C2B CLA LB . -62.66 26.55 -5.82
C3B CLA LB . -62.95 25.22 -5.66
C4B CLA LB . -64.41 25.04 -5.86
CMB CLA LB . -61.38 27.23 -5.73
CAB CLA LB . -62.06 24.14 -5.33
CBB CLA LB . -61.79 23.12 -6.13
NC CLA LB . -67.41 24.73 -5.91
C1C CLA LB . -66.51 23.71 -5.77
C2C CLA LB . -67.20 22.45 -5.56
C3C CLA LB . -68.55 22.74 -5.59
C4C CLA LB . -68.67 24.17 -5.81
CMC CLA LB . -66.60 21.14 -5.32
CAC CLA LB . -69.65 21.79 -5.39
CBC CLA LB . -70.24 21.26 -6.66
ND CLA LB . -68.89 27.09 -6.10
C1D CLA LB . -69.98 26.22 -5.96
C2D CLA LB . -71.21 27.01 -5.94
C3D CLA LB . -70.82 28.33 -5.93
C4D CLA LB . -69.35 28.32 -6.02
CMD CLA LB . -72.54 26.43 -5.86
CAD CLA LB . -71.25 29.71 -5.92
OBD CLA LB . -72.37 30.16 -5.91
CBD CLA LB . -69.97 30.56 -5.91
CGD CLA LB . -70.00 31.57 -7.01
O1D CLA LB . -69.83 31.38 -8.21
O2D CLA LB . -70.25 32.82 -6.57
CED CLA LB . -70.73 33.75 -7.52
C1 CLA LB . -67.61 36.04 -2.59
C2 CLA LB . -69.04 36.22 -2.27
C3 CLA LB . -69.50 36.70 -1.11
C4 CLA LB . -68.60 37.11 -0.01
C5 CLA LB . -70.97 36.83 -0.88
C6 CLA LB . -71.46 38.21 -0.51
C7 CLA LB . -71.15 39.25 -1.59
C8 CLA LB . -71.00 40.61 -0.93
C9 CLA LB . -72.37 41.18 -0.63
C10 CLA LB . -70.18 41.56 -1.81
C11 CLA LB . -70.18 42.97 -1.28
C12 CLA LB . -68.80 43.55 -1.12
C13 CLA LB . -68.81 45.07 -1.14
C14 CLA LB . -69.80 45.64 -0.14
MG CLA MB . -55.21 25.16 3.80
CHA CLA MB . -53.09 26.15 1.23
CHB CLA MB . -53.09 26.52 6.06
CHC CLA MB . -57.35 24.19 6.27
CHD CLA MB . -57.18 23.49 1.43
NA CLA MB . -53.40 26.19 3.65
C1A CLA MB . -52.67 26.50 2.49
C2A CLA MB . -51.38 27.25 2.86
C3A CLA MB . -51.35 27.17 4.38
C4A CLA MB . -52.72 26.60 4.74
CMA CLA MB . -50.26 26.22 4.77
CAA CLA MB . -51.36 28.69 2.37
CBA CLA MB . -52.21 29.61 3.20
CGA CLA MB . -53.50 29.94 2.54
O1A CLA MB . -54.22 30.89 2.82
O2A CLA MB . -53.90 29.11 1.55
NB CLA MB . -55.24 25.35 5.79
C1B CLA MB . -54.30 25.98 6.54
C2B CLA MB . -54.70 25.95 7.97
C3B CLA MB . -55.89 25.30 8.04
C4B CLA MB . -56.25 24.88 6.65
CMB CLA MB . -53.88 26.52 9.03
CAB CLA MB . -56.65 25.00 9.23
CBB CLA MB . -57.12 23.82 9.63
NC CLA MB . -56.97 24.05 3.83
C1C CLA MB . -57.70 23.80 4.95
C2C CLA MB . -58.90 23.07 4.60
C3C CLA MB . -58.82 22.83 3.23
C4C CLA MB . -57.60 23.44 2.76
CMC CLA MB . -59.94 22.67 5.53
CAC CLA MB . -59.82 22.15 2.39
CBC CLA MB . -59.60 20.66 2.28
ND CLA MB . -55.22 24.88 1.80
C1D CLA MB . -56.06 24.14 0.96
C2D CLA MB . -55.60 24.28 -0.43
C3D CLA MB . -54.52 25.11 -0.39
C4D CLA MB . -54.28 25.41 1.03
CMD CLA MB . -56.26 23.70 -1.59
CAD CLA MB . -53.48 25.78 -1.15
OBD CLA MB . -53.37 25.85 -2.35
CBD CLA MB . -52.48 26.37 -0.13
CGD CLA MB . -51.12 25.72 -0.19
O1D CLA MB . -50.69 24.83 0.53
O2D CLA MB . -50.27 26.20 -1.12
CED CLA MB . -49.38 25.25 -1.71
C1 CLA MB . -55.29 28.99 1.21
C2 CLA MB . -56.10 28.42 2.32
C3 CLA MB . -57.24 27.73 2.11
C4 CLA MB . -57.74 27.48 0.74
C5 CLA MB . -58.01 27.19 3.27
C6 CLA MB . -59.34 26.51 2.96
C7 CLA MB . -60.50 27.46 3.17
C8 CLA MB . -61.65 26.89 4.00
C9 CLA MB . -62.22 25.66 3.34
C10 CLA MB . -62.75 27.94 4.17
C11 CLA MB . -63.02 28.26 5.63
C12 CLA MB . -63.28 29.73 5.87
C13 CLA MB . -64.59 29.98 6.59
C14 CLA MB . -65.74 29.65 5.67
C15 CLA MB . -64.74 31.42 7.05
C16 CLA MB . -64.84 31.57 8.55
C17 CLA MB . -65.99 32.45 8.96
C18 CLA MB . -65.60 33.70 9.74
C19 CLA MB . -66.83 34.48 10.15
C20 CLA MB . -64.83 33.36 11.00
MG CLA NB . -24.85 -3.89 -3.99
CHA CLA NB . -23.71 -0.68 -3.48
CHB CLA NB . -21.71 -4.90 -4.76
CHC CLA NB . -25.99 -7.11 -4.21
CHD CLA NB . -28.09 -2.81 -3.23
NA CLA NB . -23.02 -2.91 -4.14
C1A CLA NB . -22.75 -1.58 -3.87
C2A CLA NB . -21.28 -1.28 -4.10
C3A CLA NB . -20.77 -2.55 -4.79
C4A CLA NB . -21.88 -3.55 -4.54
CMA CLA NB . -20.64 -2.20 -6.24
CAA CLA NB . -20.51 -0.97 -2.84
CBA CLA NB . -20.59 -2.00 -1.75
CGA CLA NB . -21.46 -1.45 -0.66
O1A CLA NB . -21.08 -0.78 0.28
O2A CLA NB . -22.78 -1.78 -0.76
NB CLA NB . -24.03 -5.66 -4.50
C1B CLA NB . -22.70 -5.88 -4.60
C2B CLA NB . -22.44 -7.34 -4.57
C3B CLA NB . -23.64 -7.97 -4.40
C4B CLA NB . -24.67 -6.90 -4.37
CMB CLA NB . -21.09 -7.86 -4.66
CAB CLA NB . -23.99 -9.34 -4.27
CBB CLA NB . -23.65 -10.34 -5.07
NC CLA NB . -26.72 -4.79 -3.79
C1C CLA NB . -26.95 -6.11 -3.92
C2C CLA NB . -28.35 -6.39 -3.70
C3C CLA NB . -28.96 -5.17 -3.42
C4C CLA NB . -27.92 -4.17 -3.49
CMC CLA NB . -28.94 -7.72 -3.74
CAC CLA NB . -30.37 -4.94 -3.11
CBC CLA NB . -30.58 -4.92 -1.63
ND CLA NB . -25.76 -2.17 -3.46
C1D CLA NB . -27.10 -1.86 -3.20
C2D CLA NB . -27.23 -0.43 -2.89
C3D CLA NB . -25.95 0.08 -2.97
C4D CLA NB . -25.08 -1.05 -3.34
CMD CLA NB . -28.49 0.22 -2.58
CAD CLA NB . -25.11 1.25 -2.87
OBD CLA NB . -25.40 2.40 -2.57
CBD CLA NB . -23.65 0.82 -3.20
CGD CLA NB . -23.05 1.52 -4.37
O1D CLA NB . -23.09 1.18 -5.54
O2D CLA NB . -22.37 2.65 -4.09
CED CLA NB . -21.34 3.07 -4.99
C1 CLA NB . -23.38 -2.56 0.30
C2 CLA NB . -22.79 -3.91 0.28
C3 CLA NB . -23.43 -5.01 -0.17
C4 CLA NB . -24.82 -4.94 -0.66
C5 CLA NB . -22.73 -6.32 -0.14
C6 CLA NB . -23.35 -7.46 -0.92
C7 CLA NB . -22.50 -8.70 -0.82
C8 CLA NB . -22.85 -9.51 0.42
C9 CLA NB . -21.70 -9.54 1.39
C10 CLA NB . -23.28 -10.92 0.05
C11 CLA NB . -24.22 -11.46 1.08
C12 CLA NB . -23.93 -12.90 1.43
C13 CLA NB . -24.73 -13.28 2.66
C14 CLA NB . -24.07 -14.34 3.51
C15 CLA NB . -26.16 -13.65 2.29
C16 CLA NB . -26.35 -15.10 1.92
C17 CLA NB . -27.47 -15.71 2.75
C18 CLA NB . -28.14 -16.96 2.20
C19 CLA NB . -29.62 -16.75 2.00
C20 CLA NB . -27.52 -17.46 0.92
MG CLA OB . -4.98 22.38 -8.98
CHA CLA OB . -2.76 19.92 -9.94
CHB CLA OB . -6.02 20.44 -6.39
CHC CLA OB . -7.04 24.93 -7.97
CHD CLA OB . -3.97 24.30 -11.75
NA CLA OB . -4.46 20.48 -8.30
C1A CLA OB . -3.50 19.61 -8.84
C2A CLA OB . -3.42 18.34 -8.02
C3A CLA OB . -4.59 18.47 -7.02
C4A CLA OB . -5.06 19.89 -7.23
CMA CLA OB . -5.66 17.43 -7.22
CAA CLA OB . -2.20 18.40 -7.11
CBA CLA OB . -0.99 17.59 -7.48
CGA CLA OB . -1.09 16.16 -7.06
O1A CLA OB . -1.61 15.69 -6.05
O2A CLA OB . -0.48 15.31 -7.94
NB CLA OB . -6.37 22.59 -7.52
C1B CLA OB . -6.53 21.74 -6.49
C2B CLA OB . -7.36 22.37 -5.44
C3B CLA OB . -7.65 23.63 -5.87
C4B CLA OB . -7.01 23.80 -7.21
CMB CLA OB . -7.74 21.71 -4.19
CAB CLA OB . -8.35 24.66 -5.17
CBB CLA OB . -9.49 25.26 -5.48
NC CLA OB . -5.43 24.27 -9.73
C1C CLA OB . -6.31 25.15 -9.17
C2C CLA OB . -6.36 26.37 -9.97
C3C CLA OB . -5.51 26.17 -11.05
C4C CLA OB . -4.94 24.86 -10.90
CMC CLA OB . -7.18 27.54 -9.67
CAC CLA OB . -5.23 27.09 -12.17
CBC CLA OB . -5.99 26.70 -13.42
ND CLA OB . -3.63 22.26 -10.47
C1D CLA OB . -3.33 23.11 -11.57
C2D CLA OB . -2.29 22.49 -12.40
C3D CLA OB . -2.02 21.27 -11.81
C4D CLA OB . -2.90 21.16 -10.63
CMD CLA OB . -1.71 23.09 -13.59
CAD CLA OB . -1.26 20.06 -11.90
OBD CLA OB . -0.43 19.73 -12.73
CBD CLA OB . -1.71 19.16 -10.73
CGD CLA OB . -2.19 17.82 -11.22
O1D CLA OB . -2.18 16.76 -10.60
O2D CLA OB . -2.66 17.79 -12.48
CED CLA OB . -2.59 16.55 -13.19
C1 PQN PB . -56.61 15.63 -1.74
O1 PQN PB . -56.10 14.98 -0.82
C2 PQN PB . -57.88 16.34 -1.55
C2M PQN PB . -58.59 16.29 -0.22
C3 PQN PB . -58.49 17.11 -2.66
C4 PQN PB . -57.79 17.14 -3.97
O4 PQN PB . -58.26 17.77 -4.91
C5 PQN PB . -56.51 16.43 -4.15
C6 PQN PB . -55.86 16.48 -5.36
C7 PQN PB . -54.66 15.81 -5.53
C8 PQN PB . -54.11 15.09 -4.48
C9 PQN PB . -54.73 15.02 -3.24
C10 PQN PB . -55.92 15.68 -3.05
C11 PQN PB . -59.80 17.84 -2.51
C12 PQN PB . -59.55 19.32 -2.35
C13 PQN PB . -60.06 20.23 -3.19
C14 PQN PB . -60.93 19.84 -4.34
C15 PQN PB . -59.75 21.68 -2.99
C16 PQN PB . -60.22 22.12 -1.62
C17 PQN PB . -61.54 22.85 -1.75
C18 PQN PB . -61.37 24.36 -1.69
C19 PQN PB . -60.63 24.75 -0.43
C20 PQN PB . -62.75 24.97 -1.72
C21 PQN PB . -62.77 26.49 -1.91
C22 PQN PB . -64.18 26.90 -2.29
C23 PQN PB . -64.50 28.37 -2.05
C24 PQN PB . -63.29 29.25 -2.35
C25 PQN PB . -64.96 28.58 -0.62
C26 PQN PB . -65.44 30.01 -0.42
C27 PQN PB . -66.04 30.21 0.95
C28 PQN PB . -66.03 31.68 1.34
C29 PQN PB . -66.55 31.86 2.76
C30 PQN PB . -64.66 32.30 1.19
FE1 SF4 QB . -50.30 9.68 -10.92
FE2 SF4 QB . -47.99 8.53 -10.96
FE3 SF4 QB . -48.68 10.03 -12.97
FE4 SF4 QB . -49.88 7.77 -12.56
S1 SF4 QB . -47.70 7.96 -13.12
S2 SF4 QB . -50.93 9.77 -13.06
S3 SF4 QB . -49.94 7.51 -10.38
S4 SF4 QB . -48.29 10.78 -10.93
C1 BCR RB . -13.31 59.29 12.09
C2 BCR RB . -14.02 60.25 13.00
C3 BCR RB . -14.78 61.26 12.19
C4 BCR RB . -15.83 60.60 11.36
C5 BCR RB . -15.40 59.30 10.81
C6 BCR RB . -14.24 58.68 11.09
C7 BCR RB . -13.87 57.38 10.54
C8 BCR RB . -13.24 57.22 9.38
C9 BCR RB . -13.04 55.92 8.77
C10 BCR RB . -13.04 55.83 7.44
C11 BCR RB . -12.60 54.67 6.71
C33 BCR RB . -16.37 58.73 9.85
C31 BCR RB . -12.66 58.24 12.96
C32 BCR RB . -12.21 60.03 11.37
C34 BCR RB . -12.55 54.83 9.62
C12 BCR RB . -12.12 54.81 5.47
C13 BCR RB . -11.53 53.74 4.71
C14 BCR RB . -11.18 53.96 3.44
C15 BCR RB . -10.35 53.06 2.69
C16 BCR RB . -10.33 53.07 1.35
C17 BCR RB . -9.41 52.20 0.68
C18 BCR RB . -9.16 52.21 -0.64
C19 BCR RB . -8.31 51.19 -1.21
C20 BCR RB . -7.96 51.19 -2.49
C21 BCR RB . -6.94 50.28 -2.93
C22 BCR RB . -6.60 50.05 -4.21
C23 BCR RB . -5.45 49.20 -4.48
C24 BCR RB . -5.35 48.44 -5.56
C25 BCR RB . -4.16 47.73 -6.04
C26 BCR RB . -3.84 46.53 -5.58
C27 BCR RB . -2.68 45.74 -6.04
C28 BCR RB . -2.42 46.04 -7.49
C29 BCR RB . -2.24 47.53 -7.67
C30 BCR RB . -3.35 48.40 -7.11
C35 BCR RB . -11.15 52.50 5.38
C36 BCR RB . -9.45 53.39 -1.44
C37 BCR RB . -7.32 50.67 -5.33
C38 BCR RB . -4.60 45.79 -4.55
C39 BCR RB . -4.26 48.90 -8.21
C40 BCR RB . -2.61 49.64 -6.62
C1 BCR SB . -34.75 53.77 10.72
C2 BCR SB . -35.91 52.80 10.58
C3 BCR SB . -36.06 51.88 11.75
C4 BCR SB . -34.76 51.18 12.04
C5 BCR SB . -33.69 52.16 12.23
C6 BCR SB . -33.64 53.34 11.62
C7 BCR SB . -32.56 54.32 11.87
C8 BCR SB . -31.39 54.30 11.22
C9 BCR SB . -30.46 55.41 11.23
C10 BCR SB . -29.37 55.37 10.46
C11 BCR SB . -28.28 56.30 10.54
C33 BCR SB . -32.65 51.69 13.18
C31 BCR SB . -35.34 55.08 11.20
C32 BCR SB . -34.27 53.99 9.29
C34 BCR SB . -30.63 56.43 12.27
C12 BCR SB . -27.25 56.17 9.71
C13 BCR SB . -26.02 56.92 9.78
C14 BCR SB . -24.97 56.54 9.05
C15 BCR SB . -23.76 57.30 8.88
C16 BCR SB . -22.70 56.74 8.29
C17 BCR SB . -21.52 57.54 8.07
C18 BCR SB . -20.50 57.22 7.26
C19 BCR SB . -19.34 58.07 7.22
C20 BCR SB . -18.15 57.64 6.79
C21 BCR SB . -17.19 58.60 6.30
C22 BCR SB . -15.97 58.33 5.82
C23 BCR SB . -14.90 59.28 6.07
C24 BCR SB . -14.00 59.62 5.14
C25 BCR SB . -12.83 60.48 5.34
C26 BCR SB . -11.63 59.97 5.61
C27 BCR SB . -10.39 60.75 5.80
C28 BCR SB . -10.44 61.96 4.91
C29 BCR SB . -11.69 62.74 5.22
C30 BCR SB . -13.00 61.97 5.17
C35 BCR SB . -26.00 58.21 10.50
C36 BCR SB . -20.46 55.95 6.53
C37 BCR SB . -15.73 57.14 4.98
C38 BCR SB . -11.37 58.52 5.76
C39 BCR SB . -13.75 62.23 3.88
C40 BCR SB . -13.81 62.61 6.29
C1 BCR TB . -19.00 59.66 2.43
C2 BCR TB . -17.85 60.63 2.65
C3 BCR TB . -18.29 61.91 3.29
C4 BCR TB . -18.98 61.60 4.59
C5 BCR TB . -20.16 60.76 4.30
C6 BCR TB . -20.19 59.85 3.32
C7 BCR TB . -21.38 59.04 3.03
C8 BCR TB . -21.68 57.92 3.69
C9 BCR TB . -22.69 56.98 3.26
C10 BCR TB . -23.30 56.26 4.21
C11 BCR TB . -23.88 54.96 4.00
C33 BCR TB . -21.30 61.04 5.20
C31 BCR TB . -18.37 58.29 2.57
C32 BCR TB . -19.44 59.83 0.99
C34 BCR TB . -22.62 56.50 1.87
C12 BCR TB . -24.70 54.48 4.93
C13 BCR TB . -25.41 53.24 4.83
C14 BCR TB . -25.92 52.72 5.95
C15 BCR TB . -26.57 51.44 6.00
C16 BCR TB . -26.77 50.84 7.16
C17 BCR TB . -27.53 49.63 7.20
C18 BCR TB . -27.88 48.96 8.29
C19 BCR TB . -28.61 47.73 8.12
C20 BCR TB . -29.26 47.13 9.11
C21 BCR TB . -29.99 45.92 8.83
C22 BCR TB . -30.73 45.24 9.71
C23 BCR TB . -31.68 44.28 9.19
C24 BCR TB . -32.05 43.16 9.83
C25 BCR TB . -32.88 42.09 9.27
C26 BCR TB . -32.35 41.13 8.49
C27 BCR TB . -33.08 40.00 7.87
C28 BCR TB . -34.48 39.86 8.41
C29 BCR TB . -35.10 41.19 8.64
C30 BCR TB . -34.34 42.03 9.62
C35 BCR TB . -25.84 52.73 3.51
C36 BCR TB . -27.84 49.59 9.61
C37 BCR TB . -30.85 45.69 11.12
C38 BCR TB . -30.94 41.06 8.10
C39 BCR TB . -34.50 41.50 11.03
C40 BCR TB . -35.06 43.37 9.61
C1 BCR UB . -23.72 28.70 -11.13
C2 BCR UB . -24.76 29.12 -12.13
C3 BCR UB . -25.67 27.95 -12.40
C4 BCR UB . -26.39 27.49 -11.18
C5 BCR UB . -25.56 27.59 -9.95
C6 BCR UB . -24.33 28.11 -9.90
C7 BCR UB . -23.61 28.22 -8.65
C8 BCR UB . -22.61 27.45 -8.23
C9 BCR UB . -21.84 27.81 -7.05
C10 BCR UB . -20.68 27.19 -6.81
C11 BCR UB . -19.69 27.65 -5.88
C33 BCR UB . -26.20 27.03 -8.75
C31 BCR UB . -22.81 29.86 -10.81
C32 BCR UB . -22.85 27.73 -11.86
C34 BCR UB . -22.20 29.04 -6.35
C12 BCR UB . -18.51 27.05 -5.88
C13 BCR UB . -17.52 27.14 -4.84
C14 BCR UB . -16.47 26.33 -4.95
C15 BCR UB . -15.42 26.19 -3.99
C16 BCR UB . -14.60 25.14 -4.08
C17 BCR UB . -13.31 25.21 -3.44
C18 BCR UB . -12.56 24.18 -3.10
C19 BCR UB . -11.90 24.24 -1.81
C20 BCR UB . -11.10 23.29 -1.35
C21 BCR UB . -10.44 23.52 -0.09
C22 BCR UB . -9.22 23.09 0.24
C23 BCR UB . -8.42 23.93 1.13
C24 BCR UB . -7.43 23.48 1.92
C25 BCR UB . -7.11 23.93 3.28
C26 BCR UB . -7.64 23.35 4.35
C27 BCR UB . -7.36 23.72 5.76
C28 BCR UB . -5.95 24.24 5.87
C29 BCR UB . -5.75 25.36 4.89
C30 BCR UB . -6.11 25.05 3.44
C35 BCR UB . -17.88 27.72 -3.54
C36 BCR UB . -12.79 22.85 -3.69
C37 BCR UB . -8.67 21.86 -0.38
C38 BCR UB . -8.61 22.24 4.28
C39 BCR UB . -4.88 24.74 2.62
C40 BCR UB . -6.64 26.39 2.91
C1 BCR VB . -27.26 21.59 -3.53
C2 BCR VB . -28.06 20.95 -4.63
C3 BCR VB . -27.63 21.50 -5.97
C4 BCR VB . -27.86 22.99 -6.03
C5 BCR VB . -27.49 23.68 -4.78
C6 BCR VB . -27.19 23.08 -3.62
C7 BCR VB . -26.84 23.82 -2.41
C8 BCR VB . -25.59 24.17 -2.10
C9 BCR VB . -25.15 24.68 -0.82
C10 BCR VB . -23.87 25.05 -0.68
C11 BCR VB . -23.26 25.49 0.56
C33 BCR VB . -27.47 25.15 -4.95
C31 BCR VB . -25.89 20.94 -3.59
C32 BCR VB . -27.94 21.18 -2.25
C34 BCR VB . -26.17 25.11 0.15
C12 BCR VB . -21.99 25.89 0.51
C13 BCR VB . -21.18 26.34 1.61
C14 BCR VB . -19.85 26.45 1.45
C15 BCR VB . -18.91 26.32 2.53
C16 BCR VB . -17.62 26.56 2.30
C17 BCR VB . -16.77 26.97 3.38
C18 BCR VB . -15.43 27.06 3.29
C19 BCR VB . -14.67 27.45 4.45
C20 BCR VB . -13.36 27.22 4.55
C21 BCR VB . -12.66 27.59 5.76
C22 BCR VB . -11.44 27.17 6.13
C23 BCR VB . -11.05 27.31 7.52
C24 BCR VB . -9.91 27.89 7.90
C25 BCR VB . -9.35 27.87 9.24
C26 BCR VB . -9.71 28.74 10.19
C27 BCR VB . -9.20 28.80 11.57
C28 BCR VB . -8.21 27.69 11.88
C29 BCR VB . -7.42 27.30 10.66
C30 BCR VB . -8.31 26.84 9.54
C35 BCR VB . -21.82 27.02 2.74
C36 BCR VB . -14.72 26.45 2.15
C37 BCR VB . -10.45 26.69 5.14
C38 BCR VB . -10.72 29.81 9.99
C39 BCR VB . -8.93 25.50 9.86
C40 BCR VB . -7.38 26.62 8.36
C1 BCR WB . -45.72 28.96 13.14
C2 BCR WB . -44.25 29.26 13.36
C3 BCR WB . -43.63 29.63 12.05
C4 BCR WB . -44.24 30.89 11.49
C5 BCR WB . -45.71 30.92 11.68
C6 BCR WB . -46.41 30.06 12.41
C7 BCR WB . -47.87 30.17 12.58
C8 BCR WB . -48.75 29.55 11.81
C9 BCR WB . -50.02 30.15 11.43
C10 BCR WB . -51.15 29.50 11.68
C11 BCR WB . -51.31 28.34 12.51
C33 BCR WB . -46.35 32.04 10.97
C31 BCR WB . -46.33 28.72 14.51
C32 BCR WB . -45.76 27.71 12.30
C34 BCR WB . -49.95 31.27 10.48
C12 BCR WB . -52.56 27.93 12.77
C13 BCR WB . -52.97 26.59 13.11
C14 BCR WB . -54.29 26.33 13.22
C15 BCR WB . -54.85 25.02 13.44
C16 BCR WB . -56.16 24.84 13.56
C17 BCR WB . -56.70 23.53 13.77
C18 BCR WB . -58.00 23.21 13.90
C19 BCR WB . -58.98 24.23 13.58
C20 BCR WB . -60.28 24.11 13.85
C21 BCR WB . -61.25 24.77 13.03
C22 BCR WB . -62.57 24.61 13.12
C23 BCR WB . -63.41 25.53 12.35
C24 BCR WB . -64.61 25.95 12.72
C25 BCR WB . -65.50 26.77 11.90
C26 BCR WB . -66.51 26.22 11.23
C27 BCR WB . -67.46 26.96 10.39
C28 BCR WB . -67.71 28.33 10.96
C29 BCR WB . -66.45 29.06 11.33
C30 BCR WB . -65.25 28.25 11.83
C35 BCR WB . -51.97 25.54 13.32
C36 BCR WB . -58.45 22.03 14.65
C37 BCR WB . -63.17 23.48 13.86
C38 BCR WB . -66.81 24.78 11.28
C39 BCR WB . -64.74 28.77 13.16
C40 BCR WB . -64.18 28.61 10.82
O1 LHG XB . -49.38 25.59 -16.07
C1 LHG XB . -49.86 26.54 -15.12
C2 LHG XB . -49.40 26.11 -13.76
O2 LHG XB . -48.01 26.09 -13.70
C3 LHG XB . -49.79 24.71 -13.46
O3 LHG XB . -49.46 24.65 -12.09
P LHG XB . -49.25 23.23 -11.41
O4 LHG XB . -50.59 22.70 -11.12
O5 LHG XB . -48.06 22.67 -12.09
O6 LHG XB . -48.82 23.78 -9.97
C4 LHG XB . -49.62 24.68 -9.33
C5 LHG XB . -49.24 24.52 -7.88
C6 LHG XB . -47.75 24.37 -7.72
O7 LHG XB . -49.59 25.72 -7.28
C7 LHG XB . -50.35 25.58 -6.19
O9 LHG XB . -50.04 24.91 -5.25
C8 LHG XB . -51.23 26.72 -6.13
C9 LHG XB . -51.04 27.39 -4.84
C10 LHG XB . -51.88 28.60 -4.84
O8 LHG XB . -47.35 25.61 -7.17
C23 LHG XB . -46.08 25.95 -7.33
O10 LHG XB . -45.22 25.11 -7.23
C24 LHG XB . -45.69 27.40 -7.32
C11 LHG XB . -52.23 28.76 -3.41
C12 LHG XB . -53.21 29.87 -3.33
C13 LHG XB . -53.11 30.47 -1.96
C14 LHG XB . -53.27 31.94 -2.03
C15 LHG XB . -52.99 32.44 -0.64
C16 LHG XB . -51.54 32.34 -0.35
C17 LHG XB . -51.29 32.80 1.07
C18 LHG XB . -49.85 33.20 1.06
C19 LHG XB . -49.37 33.62 2.43
C20 LHG XB . -47.91 33.93 2.18
C21 LHG XB . -47.26 34.41 3.44
C22 LHG XB . -47.78 35.79 3.71
C25 LHG XB . -45.69 28.03 -5.97
C26 LHG XB . -44.37 27.96 -5.24
C27 LHG XB . -44.74 27.27 -3.96
C28 LHG XB . -43.68 26.43 -3.33
C29 LHG XB . -44.34 25.86 -2.10
C30 LHG XB . -44.02 24.44 -1.76
C31 LHG XB . -43.74 24.18 -0.29
C32 LHG XB . -44.53 24.99 0.70
C33 LHG XB . -43.57 25.52 1.73
C34 LHG XB . -43.94 25.30 3.18
C35 LHG XB . -44.36 26.57 3.86
C36 LHG XB . -44.86 26.23 5.25
C37 LHG XB . -43.89 26.89 6.19
C38 LHG XB . -44.09 26.61 7.64
O1 LHG YB . -9.97 25.17 -9.23
C1 LHG YB . -10.24 25.70 -10.51
C2 LHG YB . -10.05 24.61 -11.47
O2 LHG YB . -11.10 23.69 -11.38
C3 LHG YB . -8.75 23.86 -11.26
O3 LHG YB . -9.16 22.64 -10.69
P LHG YB . -8.48 21.25 -11.13
O4 LHG YB . -7.16 21.21 -10.53
O5 LHG YB . -8.90 21.04 -12.51
O6 LHG YB . -9.33 20.28 -10.07
C4 LHG YB . -8.93 20.18 -8.71
C5 LHG YB . -9.80 19.08 -8.12
C6 LHG YB . -9.64 17.81 -8.89
O7 LHG YB . -9.36 18.84 -6.80
C7 LHG YB . -10.34 18.89 -5.86
O9 LHG YB . -11.05 19.86 -5.74
C8 LHG YB . -10.12 17.90 -4.80
C9 LHG YB . -10.40 18.54 -3.46
C10 LHG YB . -11.81 18.24 -3.00
O8 LHG YB . -10.67 16.99 -8.41
C23 LHG YB . -11.70 16.76 -9.22
O10 LHG YB . -11.55 16.83 -10.41
C24 LHG YB . -13.09 16.78 -8.66
C11 LHG YB . -11.63 17.90 -1.54
C12 LHG YB . -12.69 18.57 -0.72
C13 LHG YB . -12.01 19.34 0.39
C14 LHG YB . -13.01 20.00 1.29
C15 LHG YB . -12.27 21.05 2.09
C16 LHG YB . -13.12 21.38 3.29
C17 LHG YB . -12.73 22.69 3.93
C18 LHG YB . -13.77 22.82 5.00
C19 LHG YB . -13.37 23.73 6.15
C20 LHG YB . -12.35 22.89 6.87
C21 LHG YB . -11.90 23.57 8.12
C22 LHG YB . -11.08 22.58 8.90
C25 LHG YB . -13.20 16.27 -7.26
C26 LHG YB . -13.53 14.81 -7.13
C27 LHG YB . -14.43 14.77 -5.95
C28 LHG YB . -14.06 13.77 -4.90
C29 LHG YB . -15.21 13.72 -3.94
C30 LHG YB . -14.98 14.26 -2.55
C31 LHG YB . -16.21 14.41 -1.71
C32 LHG YB . -15.95 14.44 -0.21
C33 LHG YB . -16.50 15.74 0.39
C34 LHG YB . -17.60 16.48 -0.37
C35 LHG YB . -17.54 17.96 -0.15
C36 LHG YB . -18.07 18.60 -1.39
C37 LHG YB . -19.28 19.35 -0.95
C38 LHG YB . -20.25 19.65 -2.05
MG CLA ZB . -86.45 10.35 13.80
CHA CLA ZB . -85.82 10.06 17.18
CHB CLA ZB . -89.05 12.42 14.46
CHC CLA ZB . -86.95 10.72 10.44
CHD CLA ZB . -83.84 8.09 13.18
NA CLA ZB . -87.28 11.11 15.56
C1A CLA ZB . -86.86 10.89 16.88
C2A CLA ZB . -87.77 11.65 17.84
C3A CLA ZB . -88.86 12.27 16.93
C4A CLA ZB . -88.36 11.93 15.54
CMA CLA ZB . -90.21 11.69 17.19
CAA CLA ZB . -86.98 12.76 18.53
CBA CLA ZB . -87.52 14.16 18.34
CGA CLA ZB . -88.40 14.42 19.51
O1A CLA ZB . -88.38 13.84 20.58
O2A CLA ZB . -89.28 15.45 19.30
NB CLA ZB . -87.79 11.33 12.67
C1B CLA ZB . -88.73 12.18 13.13
C2B CLA ZB . -89.38 12.88 12.01
C3B CLA ZB . -88.81 12.41 10.86
C4B CLA ZB . -87.77 11.42 11.26
CMB CLA ZB . -90.45 13.86 12.23
CAB CLA ZB . -89.09 12.78 9.50
CBB CLA ZB . -89.57 11.98 8.56
NC CLA ZB . -85.54 9.55 12.11
C1C CLA ZB . -85.88 9.87 10.82
C2C CLA ZB . -85.03 9.16 9.90
C3C CLA ZB . -84.17 8.38 10.68
C4C CLA ZB . -84.51 8.64 12.07
CMC CLA ZB . -85.09 9.26 8.45
CAC CLA ZB . -83.11 7.48 10.20
CBC CLA ZB . -81.76 8.11 10.31
ND CLA ZB . -85.07 9.33 14.87
C1D CLA ZB . -84.08 8.38 14.49
C2D CLA ZB . -83.41 7.87 15.69
C3D CLA ZB . -84.01 8.51 16.75
C4D CLA ZB . -85.06 9.37 16.19
CMD CLA ZB . -82.31 6.90 15.69
CAD CLA ZB . -84.04 8.67 18.18
OBD CLA ZB . -83.29 8.23 19.03
CBD CLA ZB . -85.24 9.59 18.50
CGD CLA ZB . -86.29 8.90 19.32
O1D CLA ZB . -87.41 8.52 19.00
O2D CLA ZB . -85.87 8.68 20.59
CED CLA ZB . -86.85 8.86 21.60
C1 CLA ZB . -90.66 15.10 19.03
C2 CLA ZB . -90.91 15.29 17.58
C3 CLA ZB . -91.08 16.49 17.00
C4 CLA ZB . -91.32 16.64 15.54
O6 SQD AC . -91.01 0.02 -4.34
C44 SQD AC . -91.19 1.03 -3.37
C45 SQD AC . -89.95 1.35 -2.55
C46 SQD AC . -89.74 0.21 -1.56
O47 SQD AC . -88.78 1.65 -3.29
C7 SQD AC . -87.90 2.64 -2.77
O49 SQD AC . -88.34 3.72 -2.46
C8 SQD AC . -86.55 2.25 -2.17
C9 SQD AC . -85.86 3.47 -1.59
C10 SQD AC . -85.39 3.18 -0.18
C11 SQD AC . -84.07 3.90 0.10
C12 SQD AC . -84.32 5.36 0.41
C13 SQD AC . -83.10 5.94 1.14
C14 SQD AC . -83.50 6.54 2.49
C15 SQD AC . -82.26 7.09 3.19
C16 SQD AC . -81.46 5.97 3.83
C17 SQD AC . -80.64 6.53 5.00
C18 SQD AC . -80.10 5.38 5.86
C19 SQD AC . -80.18 5.79 7.32
C20 SQD AC . -79.68 4.67 8.21
C21 SQD AC . -80.49 4.68 9.50
C22 SQD AC . -79.72 4.01 10.60
O48 SQD AC . -89.25 0.76 -0.35
C23 SQD AC . -89.82 0.30 0.86
O10 SQD AC . -90.96 -0.09 0.82
C24 SQD AC . -88.89 -0.26 1.93
C25 SQD AC . -89.61 -0.25 3.26
C26 SQD AC . -89.03 -1.33 4.18
C27 SQD AC . -89.96 -1.45 5.39
C28 SQD AC . -89.35 -2.35 6.47
C29 SQD AC . -90.37 -2.47 7.61
C30 SQD AC . -89.72 -3.09 8.85
C31 SQD AC . -90.43 -2.54 10.09
C32 SQD AC . -91.30 -3.63 10.72
C33 SQD AC . -92.38 -3.02 11.62
C34 SQD AC . -91.80 -2.80 13.01
C35 SQD AC . -92.72 -3.38 14.07
C36 SQD AC . -94.06 -2.68 14.05
C37 SQD AC . -94.44 -2.34 15.46
C38 SQD AC . -95.75 -1.59 15.45
C1 SQD AC . -91.51 0.38 -5.60
C2 SQD AC . -91.37 -0.59 -6.73
O2 SQD AC . -90.08 -1.02 -6.88
C3 SQD AC . -91.74 0.19 -7.96
O3 SQD AC . -91.64 -0.63 -9.06
C4 SQD AC . -93.12 0.81 -7.93
O4 SQD AC . -93.23 1.71 -8.95
C5 SQD AC . -93.35 1.50 -6.63
C6 SQD AC . -94.81 1.69 -6.42
O5 SQD AC . -92.85 0.81 -5.51
S SQD AC . -95.03 3.10 -5.39
O7 SQD AC . -94.48 2.89 -4.08
O8 SQD AC . -94.41 4.29 -6.01
O9 SQD AC . -96.40 3.33 -5.08
MG CLA BC . -59.81 12.79 5.26
CHA CLA BC . -62.78 12.61 3.54
CHB CLA BC . -60.95 15.50 6.94
CHC CLA BC . -56.99 12.66 7.18
CHD CLA BC . -58.59 10.23 3.26
NA CLA BC . -61.57 13.87 5.21
C1A CLA BC . -62.72 13.61 4.45
C2A CLA BC . -63.77 14.66 4.76
C3A CLA BC . -63.01 15.73 5.54
C4A CLA BC . -61.76 14.99 5.97
CMA CLA BC . -62.70 16.93 4.69
CAA CLA BC . -64.76 13.98 5.68
CBA CLA BC . -65.96 14.83 6.01
CGA CLA BC . -65.75 15.55 7.31
O1A CLA BC . -65.41 15.10 8.38
O2A CLA BC . -65.99 16.89 7.22
NB CLA BC . -59.12 13.84 6.80
C1B CLA BC . -59.76 14.89 7.37
C2B CLA BC . -59.00 15.34 8.54
C3B CLA BC . -57.89 14.54 8.62
C4B CLA BC . -57.94 13.58 7.50
CMB CLA BC . -59.49 16.48 9.29
CAB CLA BC . -56.77 14.52 9.53
CBB CLA BC . -56.71 15.03 10.76
NC CLA BC . -58.05 11.67 5.19
C1C CLA BC . -57.02 11.78 6.06
C2C CLA BC . -55.99 10.82 5.69
C3C CLA BC . -56.45 10.12 4.58
C4C CLA BC . -57.75 10.67 4.28
CMC CLA BC . -54.72 10.67 6.37
CAC CLA BC . -55.74 9.08 3.83
CBC CLA BC . -55.24 9.55 2.49
ND CLA BC . -60.41 11.75 3.63
C1D CLA BC . -59.81 10.70 2.93
C2D CLA BC . -60.72 10.23 1.88
C3D CLA BC . -61.91 10.89 2.11
C4D CLA BC . -61.65 11.82 3.21
CMD CLA BC . -60.38 9.19 0.91
CAD CLA BC . -63.24 11.14 1.60
OBD CLA BC . -63.80 10.71 0.62
CBD CLA BC . -63.88 12.13 2.60
CGD CLA BC . -64.65 13.25 1.97
O1D CLA BC . -64.28 14.07 1.17
O2D CLA BC . -65.93 13.34 2.42
CED CLA BC . -66.81 14.15 1.66
C1 CLA BC . -65.44 17.71 8.25
C2 CLA BC . -64.38 18.58 7.70
C3 CLA BC . -63.22 18.75 8.35
C4 CLA BC . -62.94 18.06 9.62
C5 CLA BC . -62.13 19.62 7.82
C6 CLA BC . -62.44 21.11 7.94
C7 CLA BC . -61.63 21.75 9.05
C8 CLA BC . -62.21 23.06 9.54
C9 CLA BC . -63.67 22.87 9.88
C10 CLA BC . -62.06 24.17 8.50
C11 CLA BC . -61.69 25.50 9.11
C12 CLA BC . -60.39 26.03 8.58
C13 CLA BC . -60.04 27.37 9.20
C14 CLA BC . -61.11 28.38 8.86
C15 CLA BC . -58.67 27.88 8.79
C16 CLA BC . -58.63 28.47 7.38
C17 CLA BC . -57.25 28.29 6.78
C18 CLA BC . -56.59 29.61 6.42
C19 CLA BC . -56.31 30.43 7.65
C20 CLA BC . -55.28 29.33 5.72
MG CLA CC . -72.44 22.94 -1.66
CHA CLA CC . -73.25 19.66 -0.78
CHB CLA CC . -75.75 23.69 -1.87
CHC CLA CC . -71.61 26.13 -2.49
CHD CLA CC . -69.07 22.01 -1.74
NA CLA CC . -74.20 21.86 -1.30
C1A CLA CC . -74.33 20.51 -0.95
C2A CLA CC . -75.79 20.15 -0.77
C3A CLA CC . -76.54 21.39 -1.30
C4A CLA CC . -75.43 22.41 -1.47
CMA CLA CC . -77.16 21.07 -2.63
CAA CLA CC . -76.14 19.91 0.70
CBA CLA CC . -75.89 21.04 1.67
CGA CLA CC . -74.50 20.98 2.19
O1A CLA CC . -73.86 19.98 2.47
O2A CLA CC . -73.84 22.17 2.24
NB CLA CC . -73.49 24.58 -2.15
C1B CLA CC . -74.83 24.72 -2.08
C2B CLA CC . -75.21 26.13 -2.28
C3B CLA CC . -74.05 26.83 -2.46
C4B CLA CC . -72.93 25.86 -2.37
CMB CLA CC . -76.61 26.58 -2.27
CAB CLA CC . -73.85 28.23 -2.68
CBB CLA CC . -74.32 28.94 -3.70
NC CLA CC . -70.64 23.89 -2.05
C1C CLA CC . -70.53 25.21 -2.36
C2C CLA CC . -69.13 25.56 -2.49
C3C CLA CC . -68.42 24.39 -2.33
C4C CLA CC . -69.38 23.34 -2.05
CMC CLA CC . -68.63 26.90 -2.76
CAC CLA CC . -66.96 24.22 -2.33
CBC CLA CC . -66.42 24.39 -0.93
ND CLA CC . -71.34 21.30 -1.21
C1D CLA CC . -69.96 21.05 -1.33
C2D CLA CC . -69.69 19.65 -0.99
C3D CLA CC . -70.92 19.07 -0.75
C4D CLA CC . -71.91 20.13 -0.94
CMD CLA CC . -68.35 19.06 -0.95
CAD CLA CC . -71.63 17.86 -0.42
OBD CLA CC . -71.22 16.74 -0.18
CBD CLA CC . -73.15 18.19 -0.44
CGD CLA CC . -73.92 17.22 -1.30
O1D CLA CC . -73.75 16.94 -2.48
O2D CLA CC . -74.89 16.57 -0.62
CED CLA CC . -75.98 16.05 -1.37
C1 CLA CC . -72.42 22.06 2.48
C2 CLA CC . -71.69 23.07 1.68
C3 CLA CC . -70.56 23.65 2.10
C4 CLA CC . -69.95 23.32 3.41
C5 CLA CC . -69.88 24.65 1.26
C6 CLA CC . -69.71 25.99 1.93
C7 CLA CC . -70.77 26.98 1.48
C8 CLA CC . -70.22 28.38 1.22
C9 CLA CC . -69.35 28.88 2.34
C10 CLA CC . -71.37 29.34 1.00
C11 CLA CC . -71.48 29.72 -0.46
C12 CLA CC . -72.20 31.04 -0.64
C13 CLA CC . -71.76 31.79 -1.90
C14 CLA CC . -70.27 31.81 -2.06
C15 CLA CC . -72.29 33.22 -1.83
C16 CLA CC . -72.68 33.74 -3.18
C17 CLA CC . -73.81 34.72 -3.03
C18 CLA CC . -73.91 35.76 -4.12
C19 CLA CC . -74.81 36.87 -3.65
C20 CLA CC . -72.56 36.33 -4.50
C1 LMG DC . -98.82 -3.46 -7.77
O1 LMG DC . -99.23 -2.80 -6.61
C2 LMG DC . -99.93 -3.18 -8.81
O2 LMG DC . -101.01 -3.96 -8.41
C3 LMG DC . -99.41 -3.75 -10.16
O3 LMG DC . -100.38 -3.41 -11.11
C4 LMG DC . -98.06 -3.09 -10.54
O4 LMG DC . -98.27 -1.73 -10.72
C5 LMG DC . -97.08 -3.27 -9.33
O5 LMG DC . -95.96 -1.27 -8.93
C6 LMG DC . -95.81 -2.46 -9.63
O6 LMG DC . -97.64 -2.76 -8.14
C7 LMG DC . -98.36 -2.98 -5.52
C8 LMG DC . -99.25 -3.39 -4.33
C9 LMG DC . -98.60 -4.60 -3.65
O7 LMG DC . -99.24 -2.34 -3.38
C10 LMG DC . -100.36 -1.59 -3.22
O9 LMG DC . -101.40 -1.91 -3.77
C11 LMG DC . -100.19 -0.47 -2.24
C12 LMG DC . -100.65 -0.91 -0.86
C13 LMG DC . -100.07 -0.06 0.25
C14 LMG DC . -99.54 -1.01 1.31
C15 LMG DC . -98.62 -0.26 2.23
C16 LMG DC . -98.29 -1.14 3.41
C17 LMG DC . -98.29 -0.26 4.62
C18 LMG DC . -97.76 -1.09 5.77
C19 LMG DC . -98.93 -1.40 6.67
O8 LMG DC . -98.64 -4.32 -2.27
C28 LMG DC . -98.96 -5.35 -1.45
O10 LMG DC . -99.04 -6.48 -1.89
C29 LMG DC . -99.45 -4.91 -0.12
C30 LMG DC . -99.02 -5.87 0.96
C31 LMG DC . -99.10 -5.13 2.27
C32 LMG DC . -98.51 -6.03 3.33
C33 LMG DC . -99.59 -6.26 4.35
MG CLA EC . -56.88 12.45 12.98
CHA CLA EC . -54.37 13.57 15.09
CHB CLA EC . -59.07 14.53 14.48
CHC CLA EC . -59.15 11.70 10.58
CHD CLA EC . -54.56 10.30 11.46
NA CLA EC . -56.74 13.72 14.62
C1A CLA EC . -55.62 14.06 15.38
C2A CLA EC . -56.03 15.02 16.50
C3A CLA EC . -57.58 15.02 16.44
C4A CLA EC . -57.84 14.37 15.10
CMA CLA EC . -58.27 14.31 17.57
CAA CLA EC . -55.46 16.42 16.30
CBA CLA EC . -56.48 17.51 16.54
CGA CLA EC . -56.54 17.82 17.97
O1A CLA EC . -55.86 17.34 18.87
O2A CLA EC . -57.53 18.71 18.27
NB CLA EC . -58.80 12.95 12.66
C1B CLA EC . -59.44 13.98 13.25
C2B CLA EC . -60.59 14.44 12.40
C3B CLA EC . -60.60 13.63 11.29
C4B CLA EC . -59.48 12.68 11.46
CMB CLA EC . -61.49 15.52 12.76
CAB CLA EC . -61.41 13.52 10.11
CBB CLA EC . -62.58 14.07 9.77
NC CLA EC . -56.88 11.11 11.37
C1C CLA EC . -57.94 10.94 10.57
C2C CLA EC . -57.63 9.92 9.59
C3C CLA EC . -56.32 9.53 9.81
C4C CLA EC . -55.86 10.29 10.95
CMC CLA EC . -58.54 9.44 8.55
CAC CLA EC . -55.56 8.49 9.10
CBC CLA EC . -55.43 7.20 9.88
ND CLA EC . -54.95 11.89 13.26
C1D CLA EC . -54.11 11.05 12.52
C2D CLA EC . -52.73 11.21 12.97
C3D CLA EC . -52.76 12.24 13.88
C4D CLA EC . -54.17 12.61 14.06
CMD CLA EC . -51.59 10.50 12.40
CAD CLA EC . -51.98 13.11 14.71
OBD CLA EC . -50.80 13.36 14.69
CBD CLA EC . -52.98 13.93 15.57
CGD CLA EC . -52.80 13.89 17.06
O1D CLA EC . -52.99 14.81 17.83
O2D CLA EC . -52.38 12.72 17.57
CED CLA EC . -52.14 12.68 18.97
C1 CLA EC . -57.41 20.08 17.83
C2 CLA EC . -57.82 20.86 19.02
C3 CLA EC . -57.75 22.19 19.09
C4 CLA EC . -58.15 22.93 20.29
C5 CLA EC . -57.24 23.00 17.97
C6 CLA EC . -57.78 24.39 17.87
C7 CLA EC . -56.60 25.31 17.86
C8 CLA EC . -56.83 26.73 17.41
C9 CLA EC . -55.97 27.65 18.25
C10 CLA EC . -58.28 27.19 17.50
C11 CLA EC . -58.51 28.37 16.60
C12 CLA EC . -58.41 28.00 15.14
C13 CLA EC . -58.98 29.14 14.31
C14 CLA EC . -60.48 29.04 14.27
C15 CLA EC . -58.42 29.18 12.90
C16 CLA EC . -57.10 29.91 12.92
C17 CLA EC . -56.59 30.28 11.55
C18 CLA EC . -55.50 31.32 11.67
C19 CLA EC . -54.35 31.07 10.73
C20 CLA EC . -56.05 32.72 11.50
MG CLA FC . -47.05 8.33 19.32
CHA CLA FC . -49.76 6.25 18.78
CHB CLA FC . -46.61 8.64 16.01
CHC CLA FC . -44.77 10.81 19.93
CHD CLA FC . -47.52 7.94 22.76
NA CLA FC . -47.97 7.47 17.67
C1A CLA FC . -49.07 6.62 17.65
C2A CLA FC . -49.40 6.24 16.22
C3A CLA FC . -48.13 6.65 15.48
C4A CLA FC . -47.51 7.68 16.42
CMA CLA FC . -47.30 5.40 15.31
CAA CLA FC . -50.57 7.00 15.69
CBA CLA FC . -51.12 6.29 14.48
CGA CLA FC . -52.28 6.99 13.91
O1A CLA FC . -52.69 7.02 12.76
O2A CLA FC . -52.95 7.69 14.85
NB CLA FC . -45.91 9.52 18.16
C1B CLA FC . -45.98 9.58 16.82
C2B CLA FC . -45.25 10.80 16.34
C3B CLA FC . -44.74 11.40 17.46
C4B CLA FC . -45.11 10.58 18.64
CMB CLA FC . -45.13 11.13 14.93
CAB CLA FC . -43.90 12.57 17.59
CBB CLA FC . -42.73 12.72 17.01
NC CLA FC . -46.20 9.12 21.06
C1C CLA FC . -45.26 10.10 21.07
C2C CLA FC . -44.90 10.41 22.45
C3C CLA FC . -45.69 9.60 23.26
C4C CLA FC . -46.50 8.78 22.37
CMC CLA FC . -43.91 11.41 22.79
CAC CLA FC . -45.68 9.49 24.72
CBC CLA FC . -44.53 8.61 25.16
ND CLA FC . -48.14 7.13 20.53
C1D CLA FC . -48.31 7.19 21.93
C2D CLA FC . -49.51 6.42 22.30
C3D CLA FC . -50.12 6.09 21.13
C4D CLA FC . -49.24 6.55 20.06
CMD CLA FC . -50.00 6.23 23.64
CAD CLA FC . -51.24 5.41 20.54
OBD CLA FC . -52.15 4.80 21.07
CBD CLA FC . -51.11 5.60 19.01
CGD CLA FC . -51.36 4.33 18.26
O1D CLA FC . -50.86 3.25 18.46
O2D CLA FC . -52.28 4.39 17.28
CED CLA FC . -53.40 3.53 17.33
C1 CLA FC . -54.30 8.03 14.54
C2 CLA FC . -54.63 9.20 15.38
C3 CLA FC . -55.63 9.18 16.26
C4 CLA FC . -56.47 7.97 16.44
C5 CLA FC . -55.94 10.39 17.06
C6 CLA FC . -55.68 10.20 18.53
C7 CLA FC . -55.64 11.50 19.30
C8 CLA FC . -56.95 11.87 19.98
C9 CLA FC . -56.68 12.97 20.98
C10 CLA FC . -57.63 10.67 20.62
C11 CLA FC . -59.11 10.84 20.82
C12 CLA FC . -59.85 11.13 19.54
C13 CLA FC . -61.36 11.26 19.75
C14 CLA FC . -61.93 10.07 20.50
C15 CLA FC . -62.07 11.39 18.42
C16 CLA FC . -61.77 12.70 17.74
C17 CLA FC . -63.05 13.28 17.22
C18 CLA FC . -62.89 14.10 15.96
C19 CLA FC . -64.13 14.04 15.12
C20 CLA FC . -62.58 15.53 16.33
MG CLA GC . -36.63 7.52 3.61
CHA CLA GC . -33.79 7.66 1.70
CHB CLA GC . -35.35 5.02 5.47
CHC CLA GC . -39.19 7.91 5.85
CHD CLA GC . -38.13 9.78 1.45
NA CLA GC . -34.84 6.48 3.55
C1A CLA GC . -33.77 6.72 2.71
C2A CLA GC . -32.65 5.74 3.03
C3A CLA GC . -33.32 4.73 3.99
C4A CLA GC . -34.58 5.46 4.41
CMA CLA GC . -33.50 3.40 3.32
CAA CLA GC . -31.59 6.52 3.76
CBA CLA GC . -30.21 6.01 3.47
CGA CLA GC . -30.02 4.69 4.12
O1A CLA GC . -29.93 3.61 3.56
O2A CLA GC . -29.96 4.73 5.48
NB CLA GC . -37.18 6.65 5.35
C1B CLA GC . -36.50 5.66 5.94
C2B CLA GC . -37.05 5.38 7.26
C3B CLA GC . -38.17 6.18 7.43
C4B CLA GC . -38.25 7.01 6.19
CMB CLA GC . -36.45 4.31 8.06
CAB CLA GC . -39.12 6.28 8.52
CBB CLA GC . -38.92 6.05 9.82
NC CLA GC . -38.39 8.62 3.61
C1C CLA GC . -39.25 8.63 4.64
C2C CLA GC . -40.30 9.52 4.34
C3C CLA GC . -40.09 10.03 3.09
C4C CLA GC . -38.84 9.45 2.61
CMC CLA GC . -41.40 9.71 5.24
CAC CLA GC . -41.01 10.92 2.40
CBC CLA GC . -40.49 12.26 2.02
ND CLA GC . -36.18 8.42 1.87
C1D CLA GC . -36.88 9.37 1.10
C2D CLA GC . -36.06 9.82 -0.04
C3D CLA GC . -34.83 9.25 0.19
C4D CLA GC . -34.97 8.38 1.37
CMD CLA GC . -36.52 10.76 -1.06
CAD CLA GC . -33.49 9.05 -0.31
OBD CLA GC . -32.96 9.47 -1.32
CBD CLA GC . -32.76 8.11 0.69
CGD CLA GC . -32.01 7.05 -0.04
O1D CLA GC . -32.44 6.06 -0.61
O2D CLA GC . -30.68 7.28 -0.08
CED CLA GC . -29.82 6.17 -0.26
C1 CLA GC . -29.62 3.48 6.11
C2 CLA GC . -30.91 2.83 6.48
C3 CLA GC . -31.49 3.03 7.66
C4 CLA GC . -30.90 3.91 8.70
C5 CLA GC . -32.78 2.35 7.98
C6 CLA GC . -32.73 1.54 9.26
C7 CLA GC . -31.88 0.31 9.09
C8 CLA GC . -31.74 -0.54 10.35
C9 CLA GC . -31.33 0.32 11.52
C10 CLA GC . -30.69 -1.62 10.17
C11 CLA GC . -31.27 -2.97 9.82
C12 CLA GC . -31.72 -3.75 11.03
C13 CLA GC . -31.60 -5.25 10.83
C14 CLA GC . -30.19 -5.66 10.48
C15 CLA GC . -32.56 -5.76 9.78
C16 CLA GC . -32.69 -7.26 9.90
C17 CLA GC . -34.15 -7.68 9.79
C18 CLA GC . -34.44 -9.15 10.07
C19 CLA GC . -35.53 -9.66 9.18
C20 CLA GC . -33.24 -10.06 9.96
MG CLA HC . -50.28 -19.49 -1.66
CHA CLA HC . -49.36 -20.93 -4.69
CHB CLA HC . -52.32 -22.10 -1.04
CHC CLA HC . -50.88 -18.19 1.46
CHD CLA HC . -48.17 -16.78 -2.39
NA CLA HC . -50.77 -21.21 -2.73
C1A CLA HC . -50.26 -21.65 -3.96
C2A CLA HC . -50.85 -22.99 -4.35
C3A CLA HC . -51.94 -23.20 -3.29
C4A CLA HC . -51.66 -22.12 -2.26
CMA CLA HC . -53.25 -22.98 -3.97
CAA CLA HC . -49.80 -24.08 -4.28
CBA CLA HC . -49.22 -24.41 -2.91
CGA CLA HC . -47.75 -24.68 -2.93
O1A CLA HC . -46.99 -24.70 -3.89
O2A CLA HC . -47.23 -24.97 -1.71
NB CLA HC . -51.47 -20.00 -0.11
C1B CLA HC . -52.16 -21.16 -0.01
C2B CLA HC . -52.70 -21.32 1.36
C3B CLA HC . -52.29 -20.22 2.08
C4B CLA HC . -51.50 -19.37 1.15
CMB CLA HC . -53.47 -22.49 1.77
CAB CLA HC . -52.47 -19.84 3.45
CBB CLA HC . -53.55 -20.01 4.22
NC CLA HC . -49.65 -17.78 -0.66
C1C CLA HC . -50.01 -17.45 0.61
C2C CLA HC . -49.34 -16.21 0.97
C3C CLA HC . -48.60 -15.80 -0.12
C4C CLA HC . -48.81 -16.78 -1.15
CMC CLA HC . -49.42 -15.52 2.26
CAC CLA HC . -47.76 -14.60 -0.24
CBC CLA HC . -46.28 -14.84 -0.10
ND CLA HC . -49.05 -18.92 -3.15
C1D CLA HC . -48.25 -17.77 -3.33
C2D CLA HC . -47.55 -17.87 -4.62
C3D CLA HC . -47.94 -19.05 -5.17
C4D CLA HC . -48.88 -19.66 -4.23
CMD CLA HC . -46.57 -16.94 -5.17
CAD CLA HC . -47.79 -19.93 -6.29
OBD CLA HC . -47.07 -19.80 -7.26
CBD CLA HC . -48.72 -21.14 -6.04
CGD CLA HC . -49.77 -21.31 -7.08
O1D CLA HC . -50.95 -20.98 -7.02
O2D CLA HC . -49.36 -21.89 -8.23
CED CLA HC . -50.15 -22.96 -8.74
C1 CLA HC . -45.82 -25.28 -1.68
C2 CLA HC . -45.39 -25.21 -0.26
C3 CLA HC . -44.77 -26.21 0.36
C4 CLA HC . -44.43 -27.49 -0.31
C5 CLA HC . -44.37 -26.08 1.78
C6 CLA HC . -45.05 -27.07 2.70
C7 CLA HC . -44.20 -27.23 3.93
C8 CLA HC . -44.93 -27.90 5.08
C9 CLA HC . -44.91 -26.97 6.25
C10 CLA HC . -44.28 -29.21 5.45
MG CLA IC . -61.99 -18.50 0.09
CHA CLA IC . -64.61 -18.36 2.39
CHB CLA IC . -59.80 -19.38 2.55
CHC CLA IC . -59.36 -18.41 -2.16
CHD CLA IC . -64.16 -17.42 -2.38
NA CLA IC . -62.20 -18.88 2.13
C1A CLA IC . -63.36 -18.75 2.90
C2A CLA IC . -63.04 -19.16 4.33
C3A CLA IC . -61.52 -19.36 4.36
C4A CLA IC . -61.13 -19.24 2.91
CMA CLA IC . -60.91 -18.26 5.16
CAA CLA IC . -63.74 -20.49 4.61
CBA CLA IC . -62.91 -21.61 5.20
CGA CLA IC . -62.64 -21.43 6.68
O1A CLA IC . -61.59 -21.67 7.26
O2A CLA IC . -63.67 -20.96 7.42
NB CLA IC . -60.01 -18.90 0.16
C1B CLA IC . -59.30 -19.21 1.26
C2B CLA IC . -57.85 -19.28 0.96
C3B CLA IC . -57.71 -19.00 -0.37
C4B CLA IC . -59.08 -18.76 -0.89
CMB CLA IC . -56.87 -19.58 1.99
CAB CLA IC . -56.59 -18.88 -1.26
CBB CLA IC . -55.37 -19.42 -1.18
NC CLA IC . -61.81 -18.02 -1.93
C1C CLA IC . -60.65 -18.06 -2.63
C2C CLA IC . -60.86 -17.65 -3.98
C3C CLA IC . -62.21 -17.33 -4.08
C4C CLA IC . -62.81 -17.58 -2.77
CMC CLA IC . -59.81 -17.56 -4.99
CAC CLA IC . -62.84 -16.81 -5.28
CBC CLA IC . -63.04 -15.32 -5.20
ND CLA IC . -63.95 -18.03 -0.03
C1D CLA IC . -64.73 -17.66 -1.13
C2D CLA IC . -66.12 -17.45 -0.68
C3D CLA IC . -66.15 -17.61 0.68
C4D CLA IC . -64.76 -18.00 1.03
CMD CLA IC . -67.18 -17.07 -1.58
CAD CLA IC . -66.99 -17.57 1.90
OBD CLA IC . -68.20 -17.18 2.03
CBD CLA IC . -65.97 -18.09 3.00
CGD CLA IC . -65.78 -17.18 4.20
O1D CLA IC . -65.80 -17.51 5.38
O2D CLA IC . -65.51 -15.87 3.96
CED CLA IC . -65.76 -14.92 5.00
C1 CLA IC . -63.42 -20.06 8.52
C2 CLA IC . -64.61 -19.18 8.43
C3 CLA IC . -65.63 -19.12 9.29
C4 CLA IC . -65.67 -19.91 10.54
C5 CLA IC . -66.77 -18.20 9.01
C6 CLA IC . -68.08 -18.89 8.66
C7 CLA IC . -67.94 -19.81 7.46
C8 CLA IC . -69.27 -20.33 6.92
C9 CLA IC . -70.07 -20.96 8.04
C10 CLA IC . -69.06 -21.34 5.81
C11 CLA IC . -69.03 -20.67 4.46
C12 CLA IC . -68.88 -21.67 3.34
C13 CLA IC . -68.82 -20.94 2.01
C14 CLA IC . -70.13 -20.29 1.69
C15 CLA IC . -68.38 -21.80 0.85
C16 CLA IC . -67.09 -21.24 0.31
C17 CLA IC . -67.05 -21.11 -1.18
C18 CLA IC . -67.54 -22.32 -1.94
C19 CLA IC . -68.33 -21.88 -3.15
C20 CLA IC . -66.37 -23.15 -2.43
MG CLA JC . -56.80 -16.61 7.83
CHA CLA JC . -54.76 -16.27 5.11
CHB CLA JC . -59.32 -15.10 6.15
CHC CLA JC . -58.85 -17.20 10.47
CHD CLA JC . -54.14 -18.15 9.58
NA CLA JC . -56.98 -15.79 5.92
C1A CLA JC . -56.03 -15.76 4.91
C2A CLA JC . -56.56 -15.03 3.68
C3A CLA JC . -57.92 -14.50 4.16
C4A CLA JC . -58.12 -15.18 5.50
CMA CLA JC . -57.83 -13.02 4.40
CAA CLA JC . -56.72 -15.91 2.46
CBA CLA JC . -57.05 -15.06 1.25
CGA CLA JC . -55.83 -14.77 0.48
O1A CLA JC . -55.00 -15.59 0.11
O2A CLA JC . -55.59 -13.46 0.15
NB CLA JC . -58.76 -16.27 8.21
C1B CLA JC . -59.60 -15.61 7.41
C2B CLA JC . -60.92 -15.50 8.09
C3B CLA JC . -60.80 -16.09 9.31
C4B CLA JC . -59.41 -16.58 9.41
CMB CLA JC . -62.03 -14.82 7.46
CAB CLA JC . -61.73 -16.25 10.41
CBB CLA JC . -63.00 -16.62 10.37
NC CLA JC . -56.51 -17.47 9.70
C1C CLA JC . -57.49 -17.60 10.63
C2C CLA JC . -56.98 -18.25 11.82
C3C CLA JC . -55.65 -18.51 11.55
C4C CLA JC . -55.37 -18.05 10.22
CMC CLA JC . -57.73 -18.52 13.04
CAC CLA JC . -54.70 -19.15 12.45
CBC CLA JC . -53.99 -18.15 13.32
ND CLA JC . -54.86 -17.02 7.53
C1D CLA JC . -53.89 -17.70 8.31
C2D CLA JC . -52.64 -17.78 7.55
C3D CLA JC . -52.92 -17.26 6.33
C4D CLA JC . -54.32 -16.81 6.35
CMD CLA JC . -51.38 -18.35 7.97
CAD CLA JC . -52.38 -16.91 5.04
OBD CLA JC . -51.24 -17.00 4.62
CBD CLA JC . -53.57 -16.37 4.22
CGD CLA JC . -53.19 -15.04 3.67
O1D CLA JC . -53.23 -13.95 4.23
O2D CLA JC . -52.75 -15.14 2.40
CED CLA JC . -52.64 -13.91 1.69
C1 CLA JC . -56.34 -12.36 0.68
C2 CLA JC . -55.52 -11.67 1.70
C3 CLA JC . -55.29 -10.35 1.73
C4 CLA JC . -55.80 -9.41 0.72
C5 CLA JC . -54.47 -9.73 2.80
C6 CLA JC . -55.33 -8.84 3.65
C7 CLA JC . -55.89 -9.62 4.81
C8 CLA JC . -55.28 -9.10 6.11
C9 CLA JC . -54.16 -10.01 6.54
C10 CLA JC . -56.31 -8.92 7.23
C11 CLA JC . -57.36 -10.02 7.24
C12 CLA JC . -57.87 -10.41 8.59
C13 CLA JC . -58.24 -11.89 8.55
C14 CLA JC . -59.06 -12.37 9.73
C15 CLA JC . -57.00 -12.74 8.28
C16 CLA JC . -56.44 -13.55 9.43
C17 CLA JC . -55.05 -13.12 9.77
C18 CLA JC . -53.99 -14.19 9.54
C19 CLA JC . -53.32 -13.96 8.20
C20 CLA JC . -52.91 -14.05 10.58
MG CLA KC . -44.58 -24.74 18.76
CHA CLA KC . -41.56 -24.09 20.42
CHB CLA KC . -44.97 -21.45 18.18
CHC CLA KC . -47.47 -25.47 17.12
CHD CLA KC . -44.30 -28.10 19.72
NA CLA KC . -43.41 -23.07 19.21
C1A CLA KC . -42.21 -22.99 19.93
C2A CLA KC . -41.74 -21.54 20.01
C3A CLA KC . -42.97 -20.75 19.53
C4A CLA KC . -43.85 -21.82 18.89
CMA CLA KC . -43.66 -20.13 20.71
CAA CLA KC . -40.53 -21.24 19.13
CBA CLA KC . -40.60 -21.70 17.67
CGA CLA KC . -40.12 -23.11 17.52
O1A CLA KC . -39.17 -23.64 18.05
O2A CLA KC . -40.91 -23.89 16.72
NB CLA KC . -45.99 -23.65 17.82
C1B CLA KC . -45.90 -22.33 17.57
C2B CLA KC . -46.94 -21.94 16.58
C3B CLA KC . -47.65 -23.09 16.27
C4B CLA KC . -47.03 -24.19 17.06
CMB CLA KC . -47.10 -20.54 16.17
CAB CLA KC . -48.77 -23.36 15.41
CBB CLA KC . -49.35 -22.59 14.48
NC CLA KC . -45.71 -26.47 18.52
C1C CLA KC . -46.90 -26.54 17.86
C2C CLA KC . -47.44 -27.89 17.93
C3C CLA KC . -46.53 -28.64 18.65
C4C CLA KC . -45.45 -27.73 19.02
CMC CLA KC . -48.71 -28.33 17.36
CAC CLA KC . -46.68 -30.05 19.03
CBC CLA KC . -45.78 -30.95 18.23
ND CLA KC . -43.24 -25.90 19.75
C1D CLA KC . -43.25 -27.28 20.04
C2D CLA KC . -42.00 -27.63 20.72
C3D CLA KC . -41.30 -26.45 20.86
C4D CLA KC . -42.14 -25.39 20.28
CMD CLA KC . -41.62 -28.98 21.10
CAD CLA KC . -40.10 -25.82 21.35
OBD CLA KC . -39.11 -26.32 21.83
CBD CLA KC . -40.26 -24.28 21.16
CGD CLA KC . -40.31 -23.61 22.50
O1D CLA KC . -41.00 -23.97 23.45
O2D CLA KC . -39.52 -22.53 22.65
CED CLA KC . -39.33 -22.05 23.97
C1 CLA KC . -40.92 -25.30 16.99
C2 CLA KC . -42.08 -25.91 16.31
C3 CLA KC . -42.34 -27.23 16.32
C4 CLA KC . -41.47 -28.19 17.04
C5 CLA KC . -43.52 -27.82 15.64
C6 CLA KC . -44.39 -26.80 14.93
C7 CLA KC . -45.36 -27.47 13.98
C8 CLA KC . -46.59 -26.62 13.69
C9 CLA KC . -47.82 -27.49 13.78
C10 CLA KC . -46.48 -25.93 12.33
C11 CLA KC . -47.77 -25.40 11.76
C12 CLA KC . -47.73 -23.90 11.54
C13 CLA KC . -48.65 -23.42 10.42
C14 CLA KC . -50.03 -24.06 10.46
C15 CLA KC . -48.00 -23.68 9.06
C16 CLA KC . -46.76 -22.82 8.93
C17 CLA KC . -45.85 -23.37 7.84
C18 CLA KC . -45.53 -22.32 6.78
C19 CLA KC . -44.97 -21.05 7.40
C20 CLA KC . -44.53 -22.89 5.79
MG CLA LC . -46.29 -15.41 21.67
CHA CLA LC . -49.47 -16.42 22.64
CHB CLA LC . -46.19 -17.91 19.35
CHC CLA LC . -43.34 -14.18 20.47
CHD CLA LC . -46.56 -12.64 23.80
NA CLA LC . -47.58 -16.97 21.18
C1A CLA LC . -48.84 -17.23 21.72
C2A CLA LC . -49.46 -18.36 20.95
C3A CLA LC . -48.31 -18.99 20.16
C4A CLA LC . -47.25 -17.89 20.23
CMA CLA LC . -47.91 -20.31 20.75
CAA CLA LC . -50.45 -17.74 19.93
CBA CLA LC . -50.04 -16.62 18.94
CGA CLA LC . -49.75 -15.24 19.47
O1A CLA LC . -50.40 -14.59 20.27
O2A CLA LC . -48.57 -14.69 19.08
NB CLA LC . -45.01 -15.94 20.20
C1B CLA LC . -45.16 -16.97 19.33
C2B CLA LC . -44.05 -17.01 18.37
C3B CLA LC . -43.23 -15.96 18.67
C4B CLA LC . -43.82 -15.27 19.85
CMB CLA LC . -43.91 -17.98 17.30
CAB CLA LC . -42.00 -15.60 18.04
CBB CLA LC . -41.76 -14.47 17.38
NC CLA LC . -45.11 -13.77 22.16
C1C CLA LC . -43.93 -13.51 21.56
C2C CLA LC . -43.37 -12.29 22.09
C3C CLA LC . -44.28 -11.83 23.03
C4C CLA LC . -45.38 -12.78 23.07
CMC CLA LC . -42.14 -11.69 21.60
CAC CLA LC . -44.18 -10.61 23.82
CBC CLA LC . -44.78 -9.51 23.00
ND CLA LC . -47.57 -14.77 23.10
C1D CLA LC . -47.61 -13.54 23.79
C2D CLA LC . -48.91 -13.42 24.43
C3D CLA LC . -49.63 -14.54 24.11
C4D CLA LC . -48.77 -15.32 23.21
CMD CLA LC . -49.35 -12.29 25.23
CAD CLA LC . -50.90 -15.21 24.22
OBD CLA LC . -51.86 -14.90 24.90
CBD CLA LC . -50.88 -16.38 23.23
CGD CLA LC . -51.44 -17.66 23.78
O1D CLA LC . -52.50 -18.19 23.50
O2D CLA LC . -50.74 -18.33 24.73
CED CLA LC . -50.72 -19.73 24.65
C1 CLA LC . -48.27 -13.43 19.70
C2 CLA LC . -46.93 -12.93 19.32
C3 CLA LC . -46.47 -11.71 19.64
C4 CLA LC . -47.27 -10.75 20.42
C5 CLA LC . -45.12 -11.25 19.23
C6 CLA LC . -45.02 -10.12 18.22
C7 CLA LC . -45.72 -10.47 16.93
C8 CLA LC . -45.22 -11.74 16.30
C9 CLA LC . -44.26 -11.44 15.17
C10 CLA LC . -46.38 -12.59 15.79
C11 CLA LC . -46.01 -14.03 15.52
C12 CLA LC . -47.10 -14.72 14.74
C13 CLA LC . -47.97 -15.57 15.64
C14 CLA LC . -47.21 -16.82 16.01
C15 CLA LC . -49.30 -15.96 15.02
C16 CLA LC . -49.09 -16.70 13.71
C17 CLA LC . -49.75 -18.07 13.64
C18 CLA LC . -49.85 -18.51 12.19
C19 CLA LC . -50.37 -19.93 12.08
C20 CLA LC . -50.80 -17.56 11.50
MG CLA MC . -36.29 -11.69 21.06
CHA CLA MC . -38.35 -14.46 21.28
CHB CLA MC . -34.59 -13.17 18.55
CHC CLA MC . -34.52 -8.82 20.65
CHD CLA MC . -38.05 -10.24 23.72
NA CLA MC . -36.43 -13.55 20.13
C1A CLA MC . -37.36 -14.56 20.34
C2A CLA MC . -37.07 -15.74 19.43
C3A CLA MC . -35.71 -15.40 18.79
C4A CLA MC . -35.54 -13.95 19.16
CMA CLA MC . -34.60 -16.25 19.36
CAA CLA MC . -38.09 -15.78 18.34
CBA CLA MC . -38.57 -17.19 18.18
CGA CLA MC . -38.48 -17.52 16.73
O1A CLA MC . -37.49 -17.87 16.09
O2A CLA MC . -39.67 -17.35 16.09
NB CLA MC . -34.80 -11.12 19.86
C1B CLA MC . -34.31 -11.84 18.84
C2B CLA MC . -33.33 -11.04 18.08
C3B CLA MC . -33.30 -9.80 18.67
C4B CLA MC . -34.23 -9.84 19.81
CMB CLA MC . -32.68 -11.60 16.92
CAB CLA MC . -32.56 -8.60 18.39
CBB CLA MC . -31.44 -8.46 17.69
NC CLA MC . -36.29 -9.85 22.03
C1C CLA MC . -35.50 -8.80 21.69
C2C CLA MC . -35.77 -7.66 22.55
C3C CLA MC . -36.73 -8.07 23.45
C4C CLA MC . -37.06 -9.46 23.13
CMC CLA MC . -35.16 -6.34 22.49
CAC CLA MC . -37.26 -7.20 24.49
CBC CLA MC . -36.72 -7.56 25.86
ND CLA MC . -37.81 -12.19 22.28
C1D CLA MC . -38.43 -11.51 23.35
C2D CLA MC . -39.51 -12.34 23.89
C3D CLA MC . -39.56 -13.45 23.09
C4D CLA MC . -38.47 -13.32 22.12
CMD CLA MC . -40.39 -12.00 24.99
CAD CLA MC . -40.21 -14.70 22.84
OBD CLA MC . -41.18 -15.17 23.42
CBD CLA MC . -39.47 -15.40 21.69
CGD CLA MC . -38.98 -16.74 22.13
O1D CLA MC . -38.02 -16.98 22.86
O2D CLA MC . -39.67 -17.80 21.66
CED CLA MC . -39.05 -19.07 21.74
C1 CLA MC . -39.68 -17.65 14.68
C2 CLA MC . -39.66 -16.38 13.91
C3 CLA MC . -40.78 -15.69 13.63
C4 CLA MC . -42.10 -16.15 14.09
C5 CLA MC . -40.71 -14.43 12.86
C6 CLA MC . -41.96 -14.20 12.03
C7 CLA MC . -41.87 -12.95 11.18
C8 CLA MC . -41.27 -13.32 9.84
C9 CLA MC . -40.29 -12.24 9.41
C10 CLA MC . -42.36 -13.57 8.80
C11 CLA MC . -41.80 -14.24 7.56
C12 CLA MC . -42.77 -15.20 6.91
C13 CLA MC . -42.53 -15.29 5.40
C14 CLA MC . -43.76 -15.80 4.67
C15 CLA MC . -41.29 -16.12 5.05
C16 CLA MC . -41.54 -17.61 5.08
C17 CLA MC . -40.27 -18.39 4.86
C18 CLA MC . -39.77 -19.03 6.14
C19 CLA MC . -40.48 -20.33 6.42
C20 CLA MC . -38.27 -19.24 6.06
MG CLA NC . -28.42 -13.94 16.49
CHA CLA NC . -25.47 -13.31 18.23
CHB CLA NC . -28.64 -16.94 18.03
CHC CLA NC . -31.39 -14.42 14.87
CHD CLA NC . -28.21 -10.70 15.10
NA CLA NC . -27.22 -14.94 17.89
C1A CLA NC . -26.05 -14.50 18.51
C2A CLA NC . -25.52 -15.54 19.48
C3A CLA NC . -26.45 -16.74 19.26
C4A CLA NC . -27.54 -16.18 18.35
CMA CLA NC . -25.71 -17.91 18.68
CAA CLA NC . -25.74 -15.04 20.90
CBA CLA NC . -24.43 -15.03 21.66
CGA CLA NC . -24.15 -16.42 22.12
O1A CLA NC . -24.61 -16.99 23.09
O2A CLA NC . -23.27 -17.07 21.32
NB CLA NC . -29.74 -15.45 16.40
C1B CLA NC . -29.69 -16.55 17.19
C2B CLA NC . -30.94 -17.30 17.06
C3B CLA NC . -31.74 -16.62 16.18
C4B CLA NC . -30.98 -15.41 15.73
CMB CLA NC . -31.20 -18.53 17.78
CAB CLA NC . -33.05 -17.01 15.77
CBB CLA NC . -34.14 -16.26 15.80
NC CLA NC . -29.56 -12.77 15.18
C1C CLA NC . -30.72 -13.19 14.62
C2C CLA NC . -31.24 -12.15 13.73
C3C CLA NC . -30.39 -11.06 13.85
C4C CLA NC . -29.33 -11.47 14.77
CMC CLA NC . -32.47 -12.30 12.97
CAC CLA NC . -30.51 -9.77 13.16
CBC CLA NC . -30.99 -8.64 14.03
ND CLA NC . -27.18 -12.35 16.60
C1D CLA NC . -27.20 -11.10 15.95
C2D CLA NC . -25.96 -10.39 16.28
C3D CLA NC . -25.24 -11.20 17.11
C4D CLA NC . -26.06 -12.39 17.30
CMD CLA NC . -25.59 -9.09 15.75
CAD CLA NC . -24.01 -11.39 17.84
OBD CLA NC . -22.97 -10.75 17.84
CBD CLA NC . -24.15 -12.70 18.62
CGD CLA NC . -23.01 -13.66 18.33
O1D CLA NC . -22.27 -14.19 19.13
O2D CLA NC . -22.86 -13.96 17.01
CED CLA NC . -21.69 -14.64 16.58
C1 CLA NC . -21.88 -16.83 21.54
C2 CLA NC . -21.20 -17.18 20.26
C3 CLA NC . -20.61 -18.35 20.02
C4 CLA NC . -20.55 -19.45 21.03
C5 CLA NC . -19.94 -18.62 18.72
C6 CLA NC . -20.92 -18.75 17.59
C7 CLA NC . -21.53 -20.13 17.51
C8 CLA NC . -22.44 -20.19 16.30
C9 CLA NC . -23.51 -21.27 16.45
C10 CLA NC . -21.61 -20.37 15.04
C11 CLA NC . -21.26 -21.80 14.70
C12 CLA NC . -21.31 -21.99 13.20
C13 CLA NC . -20.73 -23.34 12.81
C14 CLA NC . -19.24 -23.24 12.57
C15 CLA NC . -21.44 -23.92 11.59
MG CLA OC . -66.09 -35.65 1.20
CHA CLA OC . -67.24 -37.61 -1.42
CHB CLA OC . -68.01 -33.07 0.11
CHC CLA OC . -65.16 -33.86 3.93
CHD CLA OC . -64.04 -38.32 2.23
NA CLA OC . -67.37 -35.39 -0.41
C1A CLA OC . -67.76 -36.34 -1.36
C2A CLA OC . -68.73 -35.75 -2.37
C3A CLA OC . -68.74 -34.28 -2.00
C4A CLA OC . -68.00 -34.20 -0.66
CMA CLA OC . -68.04 -33.57 -3.11
CAA CLA OC . -70.15 -36.30 -2.23
CBA CLA OC . -70.59 -36.38 -0.80
CGA CLA OC . -71.89 -37.06 -0.58
O1A CLA OC . -72.92 -37.09 -1.26
O2A CLA OC . -71.89 -37.75 0.58
NB CLA OC . -66.49 -33.80 1.89
C1B CLA OC . -67.34 -32.91 1.33
C2B CLA OC . -67.48 -31.72 2.22
C3B CLA OC . -66.66 -31.94 3.30
C4B CLA OC . -66.02 -33.25 3.09
CMB CLA OC . -68.36 -30.63 1.83
CAB CLA OC . -66.35 -31.15 4.48
CBB CLA OC . -66.44 -29.83 4.63
NC CLA OC . -64.81 -36.03 2.80
C1C CLA OC . -64.59 -35.16 3.82
C2C CLA OC . -63.70 -35.76 4.79
C3C CLA OC . -63.35 -37.01 4.30
C4C CLA OC . -64.06 -37.17 3.03
CMC CLA OC . -63.30 -35.11 6.04
CAC CLA OC . -62.50 -38.03 4.94
CBC CLA OC . -61.03 -37.76 4.76
ND CLA OC . -65.66 -37.53 0.59
C1D CLA OC . -64.78 -38.50 1.09
C2D CLA OC . -64.83 -39.69 0.21
C3D CLA OC . -65.78 -39.41 -0.75
C4D CLA OC . -66.26 -38.05 -0.47
CMD CLA OC . -64.04 -40.90 0.40
CAD CLA OC . -66.49 -39.89 -1.92
OBD CLA OC . -66.41 -40.96 -2.48
CBD CLA OC . -67.42 -38.74 -2.40
CGD CLA OC . -67.17 -38.41 -3.85
O1D CLA OC . -67.70 -38.89 -4.85
O2D CLA OC . -66.24 -37.47 -4.09
CED CLA OC . -66.52 -36.58 -5.18
C1 CLA OC . -73.17 -37.94 1.18
C2 CLA OC . -72.90 -38.18 2.60
C3 CLA OC . -73.87 -38.43 3.49
C4 CLA OC . -75.30 -38.50 3.16
C5 CLA OC . -73.51 -38.67 4.91
C6 CLA OC . -73.03 -40.10 5.10
C7 CLA OC . -71.57 -40.12 5.50
C8 CLA OC . -71.38 -40.74 6.89
C9 CLA OC . -70.23 -40.09 7.63
MG CLA PC . -76.38 -35.17 3.57
CHA CLA PC . -75.50 -34.60 0.26
CHB CLA PC . -79.64 -35.32 2.65
CHC CLA PC . -77.22 -35.69 6.82
CHD CLA PC . -73.02 -34.74 4.49
NA CLA PC . -77.37 -35.05 1.73
C1A CLA PC . -76.83 -34.84 0.46
C2A CLA PC . -77.95 -34.77 -0.59
C3A CLA PC . -79.24 -34.96 0.24
C4A CLA PC . -78.72 -35.14 1.64
CMA CLA PC . -80.16 -33.77 0.15
CAA CLA PC . -77.84 -35.78 -1.71
CBA CLA PC . -78.56 -37.06 -1.45
CGA CLA PC . -77.81 -37.93 -0.50
O1A CLA PC . -76.63 -37.90 -0.17
O2A CLA PC . -78.62 -38.89 0.02
NB CLA PC . -78.11 -35.45 4.56
C1B CLA PC . -79.32 -35.50 4.00
C2B CLA PC . -80.35 -35.76 5.01
C3B CLA PC . -79.72 -35.86 6.21
C4B CLA PC . -78.25 -35.67 5.95
CMB CLA PC . -81.78 -35.85 4.70
CAB CLA PC . -80.39 -36.13 7.46
CBB CLA PC . -79.99 -35.93 8.70
NC CLA PC . -75.29 -35.25 5.34
C1C CLA PC . -75.85 -35.48 6.56
C2C CLA PC . -74.81 -35.54 7.56
C3C CLA PC . -73.61 -35.24 6.92
C4C CLA PC . -73.93 -35.05 5.51
CMC CLA PC . -75.09 -35.86 8.96
CAC CLA PC . -72.24 -35.27 7.48
CBC CLA PC . -71.84 -34.18 8.42
ND CLA PC . -74.61 -34.87 2.63
C1D CLA PC . -73.31 -34.66 3.14
C2D CLA PC . -72.42 -34.31 2.03
C3D CLA PC . -73.21 -34.26 0.90
C4D CLA PC . -74.57 -34.60 1.33
CMD CLA PC . -71.00 -34.01 2.15
CAD CLA PC . -73.27 -33.99 -0.52
OBD CLA PC . -72.39 -33.63 -1.28
CBD CLA PC . -74.73 -34.19 -0.97
CGD CLA PC . -75.35 -32.97 -1.56
O1D CLA PC . -76.05 -32.16 -0.96
O2D CLA PC . -75.17 -32.78 -2.89
CED CLA PC . -75.71 -31.60 -3.47
C1 CLA PC . -79.53 -38.50 1.07
C2 CLA PC . -78.84 -38.90 2.31
C3 CLA PC . -79.42 -39.53 3.33
C4 CLA PC . -80.85 -39.90 3.34
C5 CLA PC . -78.59 -39.88 4.52
C6 CLA PC . -79.10 -39.30 5.81
C7 CLA PC . -78.13 -39.63 6.92
C8 CLA PC . -78.73 -39.30 8.29
C9 CLA PC . -77.75 -39.61 9.40
MG CLA QC . -70.00 -28.18 3.93
CHA CLA QC . -67.43 -25.93 3.63
CHB CLA QC . -69.39 -28.37 7.28
CHC CLA QC . -72.62 -30.28 4.19
CHD CLA QC . -70.57 -27.95 0.45
NA CLA QC . -68.63 -27.27 5.23
C1A CLA QC . -67.65 -26.35 4.91
C2A CLA QC . -66.87 -25.89 6.13
C3A CLA QC . -67.40 -26.82 7.24
C4A CLA QC . -68.57 -27.52 6.57
CMA CLA QC . -66.29 -27.75 7.63
CAA CLA QC . -67.26 -24.47 6.47
CBA CLA QC . -66.14 -23.68 7.09
CGA CLA QC . -66.12 -23.87 8.57
O1A CLA QC . -65.38 -24.59 9.22
O2A CLA QC . -67.06 -23.17 9.24
NB CLA QC . -70.85 -29.16 5.46
C1B CLA QC . -70.46 -29.10 6.75
C2B CLA QC . -71.33 -29.99 7.57
C3B CLA QC . -72.26 -30.53 6.69
C4B CLA QC . -71.95 -29.99 5.35
CMB CLA QC . -71.14 -30.12 9.01
CAB CLA QC . -73.37 -31.41 6.87
CBB CLA QC . -74.24 -31.41 7.87
NC CLA QC . -71.36 -28.95 2.56
C1C CLA QC . -72.37 -29.80 2.88
C2C CLA QC . -73.12 -30.15 1.69
C3C CLA QC . -72.58 -29.45 0.62
C4C CLA QC . -71.46 -28.71 1.19
CMC CLA QC . -74.25 -31.06 1.65
CAC CLA QC . -73.00 -29.47 -0.79
CBC CLA QC . -74.28 -28.82 -1.25
ND CLA QC . -69.25 -27.18 2.37
C1D CLA QC . -69.53 -27.23 0.98
C2D CLA QC . -68.56 -26.40 0.27
C3D CLA QC . -67.75 -25.88 1.24
C4D CLA QC . -68.20 -26.40 2.52
CMD CLA QC . -68.52 -26.18 -1.16
CAD CLA QC . -66.63 -25.04 1.50
OBD CLA QC . -66.04 -24.37 0.71
CBD CLA QC . -66.34 -25.08 3.02
CGD CLA QC . -64.99 -25.62 3.39
O1D CLA QC . -64.18 -25.12 4.16
O2D CLA QC . -64.69 -26.81 2.86
CED CLA QC . -63.46 -27.43 3.17
C1 CLA QC . -67.29 -23.59 10.59
C2 CLA QC . -68.59 -23.04 11.02
C3 CLA QC . -69.07 -23.10 12.27
C4 CLA QC . -68.33 -23.75 13.38
C5 CLA QC . -70.40 -22.52 12.59
C6 CLA QC . -70.51 -21.04 12.29
C7 CLA QC . -69.52 -20.23 13.09
C8 CLA QC . -70.15 -18.99 13.69
C9 CLA QC . -70.27 -17.92 12.64
C10 CLA QC . -69.32 -18.51 14.85
C11 CLA QC . -70.15 -18.20 16.07
C12 CLA QC . -70.41 -19.40 16.93
C13 CLA QC . -69.93 -19.15 18.36
C14 CLA QC . -70.58 -17.90 18.91
C15 CLA QC . -68.43 -19.09 18.40
C16 CLA QC . -67.79 -19.89 19.50
C17 CLA QC . -66.32 -19.56 19.49
C18 CLA QC . -65.53 -20.20 20.62
C19 CLA QC . -65.68 -21.70 20.57
C20 CLA QC . -64.08 -19.84 20.43
MG CLA RC . -66.92 -32.68 24.46
CHA CLA RC . -64.21 -33.37 26.48
CHB CLA RC . -65.23 -30.08 23.12
CHC CLA RC . -69.54 -32.14 22.30
CHD CLA RC . -68.65 -35.39 25.90
NA CLA RC . -65.03 -31.86 24.79
C1A CLA RC . -64.03 -32.30 25.66
C2A CLA RC . -62.79 -31.44 25.56
C3A CLA RC . -63.24 -30.31 24.62
C4A CLA RC . -64.59 -30.77 24.13
CMA CLA RC . -63.33 -29.05 25.43
CAA CLA RC . -61.60 -32.13 24.90
CBA CLA RC . -61.96 -32.92 23.66
CGA CLA RC . -60.99 -34.01 23.41
O1A CLA RC . -59.76 -33.97 23.41
O2A CLA RC . -61.60 -35.20 23.15
NB CLA RC . -67.31 -31.37 22.99
C1B CLA RC . -66.48 -30.40 22.58
C2B CLA RC . -67.10 -29.65 21.47
C3B CLA RC . -68.32 -30.22 21.24
C4B CLA RC . -68.47 -31.32 22.22
CMB CLA RC . -66.43 -28.53 20.84
CAB CLA RC . -69.38 -29.94 20.30
CBB CLA RC . -69.79 -28.78 19.80
NC CLA RC . -68.78 -33.60 24.17
C1C CLA RC . -69.68 -33.21 23.23
C2C CLA RC . -70.83 -34.09 23.26
C3C CLA RC . -70.59 -34.99 24.29
C4C CLA RC . -69.30 -34.68 24.86
CMC CLA RC . -71.99 -34.01 22.37
CAC CLA RC . -71.46 -36.10 24.69
CBC CLA RC . -72.50 -35.67 25.68
ND CLA RC . -66.61 -34.03 25.93
C1D CLA RC . -67.38 -35.11 26.39
C2D CLA RC . -66.61 -35.82 27.44
C3D CLA RC . -65.40 -35.19 27.52
C4D CLA RC . -65.43 -34.10 26.54
CMD CLA RC . -67.09 -36.97 28.19
CAD CLA RC . -64.10 -35.14 28.16
OBD CLA RC . -63.62 -35.80 29.06
CBD CLA RC . -63.30 -34.02 27.49
CGD CLA RC . -62.77 -33.07 28.52
O1D CLA RC . -61.66 -33.03 29.00
O2D CLA RC . -63.67 -32.14 28.92
CED CLA RC . -63.26 -31.20 29.90
C1 CLA RC . -61.35 -35.82 21.88
C2 CLA RC . -62.14 -37.08 21.82
C3 CLA RC . -61.73 -38.23 22.34
C4 CLA RC . -60.43 -38.39 23.02
C5 CLA RC . -62.57 -39.45 22.24
MG CLA SC . -77.45 -36.20 26.29
CHA CLA SC . -77.87 -38.93 28.41
CHB CLA SC . -75.35 -38.05 24.38
CHC CLA SC . -77.25 -33.59 24.13
CHD CLA SC . -79.56 -34.34 28.39
NA CLA SC . -76.75 -38.17 26.39
C1A CLA SC . -77.08 -39.16 27.32
C2A CLA SC . -76.37 -40.46 27.01
C3A CLA SC . -75.41 -40.07 25.89
C4A CLA SC . -75.88 -38.68 25.48
CMA CLA SC . -74.01 -40.07 26.41
CAA CLA SC . -77.35 -41.52 26.51
CBA CLA SC . -78.47 -40.99 25.63
CGA CLA SC . -79.64 -41.92 25.64
O1A CLA SC . -80.17 -42.46 26.60
O2A CLA SC . -80.13 -42.19 24.39
NB CLA SC . -76.43 -35.85 24.59
C1B CLA SC . -75.69 -36.76 23.93
C2B CLA SC . -75.22 -36.20 22.64
C3B CLA SC . -75.75 -34.93 22.56
C4B CLA SC . -76.53 -34.70 23.81
CMB CLA SC . -74.39 -37.00 21.73
CAB CLA SC . -75.69 -33.91 21.55
CBB CLA SC . -75.82 -34.10 20.24
NC CLA SC . -78.26 -34.29 26.27
C1C CLA SC . -78.06 -33.39 25.28
C2C CLA SC . -78.83 -32.19 25.55
C3C CLA SC . -79.48 -32.41 26.77
C4C CLA SC . -79.10 -33.73 27.21
CMC CLA SC . -78.90 -31.03 24.67
CAC CLA SC . -80.46 -31.57 27.48
CBC CLA SC . -81.86 -31.83 27.00
ND CLA SC . -78.51 -36.50 28.00
C1D CLA SC . -79.29 -35.62 28.79
C2D CLA SC . -79.74 -36.33 30.01
C3D CLA SC . -79.21 -37.60 29.90
C4D CLA SC . -78.46 -37.65 28.64
CMD CLA SC . -80.56 -35.74 31.07
CAD CLA SC . -79.09 -38.90 30.54
OBD CLA SC . -79.53 -39.29 31.61
CBD CLA SC . -78.24 -39.78 29.60
CGD CLA SC . -77.09 -40.43 30.33
O1D CLA SC . -75.88 -40.21 30.29
O2D CLA SC . -77.52 -41.41 31.17
CED CLA SC . -76.57 -42.02 32.03
C1 CLA SC . -81.21 -41.39 23.88
C2 CLA SC . -81.83 -42.20 22.81
C3 CLA SC . -82.48 -41.70 21.73
C4 CLA SC . -82.65 -40.26 21.48
MG CLA TC . -87.16 -24.22 26.48
CHA CLA TC . -88.30 -22.80 29.44
CHB CLA TC . -86.48 -27.08 28.15
CHC CLA TC . -86.19 -25.65 23.52
CHD CLA TC . -87.81 -21.19 24.84
NA CLA TC . -87.40 -24.83 28.47
C1A CLA TC . -87.91 -24.10 29.55
C2A CLA TC . -87.94 -24.95 30.82
C3A CLA TC . -87.21 -26.23 30.39
C4A CLA TC . -87.04 -26.07 28.90
CMA CLA TC . -85.91 -26.39 31.13
CAA CLA TC . -89.36 -25.35 31.18
CBA CLA TC . -90.29 -25.62 30.00
CGA CLA TC . -91.50 -26.39 30.40
O1A CLA TC . -92.17 -26.29 31.44
O2A CLA TC . -91.90 -27.30 29.46
NB CLA TC . -86.43 -26.01 25.94
C1B CLA TC . -86.26 -27.06 26.78
C2B CLA TC . -85.81 -28.25 26.02
C3B CLA TC . -85.73 -27.87 24.71
C4B CLA TC . -86.13 -26.44 24.63
CMB CLA TC . -85.57 -29.54 26.67
CAB CLA TC . -85.36 -28.69 23.58
CBB CLA TC . -86.18 -29.41 22.83
NC CLA TC . -87.02 -23.52 24.54
C1C CLA TC . -86.60 -24.29 23.48
C2C CLA TC . -86.69 -23.49 22.27
C3C CLA TC . -87.11 -22.22 22.64
C4C CLA TC . -87.31 -22.25 24.07
CMC CLA TC . -86.38 -23.97 20.93
CAC CLA TC . -87.37 -21.08 21.76
CBC CLA TC . -88.75 -21.10 21.18
ND CLA TC . -87.91 -22.40 26.95
C1D CLA TC . -88.10 -21.24 26.18
C2D CLA TC . -88.61 -20.17 27.06
C3D CLA TC . -88.70 -20.71 28.32
C4D CLA TC . -88.24 -22.10 28.20
CMD CLA TC . -88.94 -18.83 26.61
CAD CLA TC . -89.06 -20.49 29.71
OBD CLA TC . -89.51 -19.49 30.25
CBD CLA TC . -88.77 -21.81 30.46
CGD CLA TC . -87.73 -21.63 31.53
O1D CLA TC . -86.52 -21.83 31.44
O2D CLA TC . -88.20 -21.23 32.73
CED CLA TC . -87.32 -21.26 33.84
MG CLA UC . -80.18 -16.48 24.13
CHA CLA UC . -77.63 -14.22 24.65
CHB CLA UC . -79.89 -17.55 27.32
CHC CLA UC . -82.82 -18.56 23.57
CHD CLA UC . -80.48 -15.29 20.81
NA CLA UC . -78.94 -15.95 25.72
C1A CLA UC . -77.96 -14.96 25.75
C2A CLA UC . -77.31 -14.88 27.12
C3A CLA UC . -77.87 -16.10 27.84
C4A CLA UC . -79.00 -16.57 26.93
CMA CLA UC . -76.82 -17.15 28.06
CAA CLA UC . -77.77 -13.60 27.81
CBA CLA UC . -78.02 -13.80 29.28
CGA CLA UC . -78.81 -12.70 29.90
O1A CLA UC . -78.58 -12.10 30.96
O2A CLA UC . -79.93 -12.38 29.21
NB CLA UC . -81.19 -17.80 25.24
C1B CLA UC . -80.92 -18.08 26.53
C2B CLA UC . -81.85 -19.14 26.98
C3B CLA UC . -82.68 -19.44 25.93
C4B CLA UC . -82.26 -18.60 24.81
CMB CLA UC . -81.76 -19.67 28.32
CAB CLA UC . -83.76 -20.37 25.83
CBB CLA UC . -84.90 -20.24 26.50
NC CLA UC . -81.39 -16.87 22.47
C1C CLA UC . -82.40 -17.77 22.47
C2C CLA UC . -83.06 -17.78 21.18
C3C CLA UC . -82.43 -16.82 20.40
C4C CLA UC . -81.38 -16.27 21.22
CMC CLA UC . -84.21 -18.62 20.85
CAC CLA UC . -82.75 -16.35 19.04
CBC CLA UC . -82.52 -17.26 17.88
ND CLA UC . -79.26 -15.16 22.93
C1D CLA UC . -79.48 -14.77 21.59
C2D CLA UC . -78.49 -13.74 21.21
C3D CLA UC . -77.76 -13.53 22.35
C4D CLA UC . -78.28 -14.40 23.39
CMD CLA UC . -78.37 -13.12 19.89
CAD CLA UC . -76.67 -12.79 22.91
OBD CLA UC . -75.95 -11.99 22.37
CBD CLA UC . -76.56 -13.17 24.40
CGD CLA UC . -75.21 -13.76 24.69
O1D CLA UC . -74.95 -14.95 24.84
O2D CLA UC . -74.16 -12.91 24.75
CED CLA UC . -73.01 -13.34 25.49
C1 CLA UC . -81.11 -12.13 30.00
C2 CLA UC . -82.28 -12.43 29.16
C3 CLA UC . -82.73 -11.64 28.19
C4 CLA UC . -82.10 -10.34 27.85
C5 CLA UC . -83.93 -12.02 27.38
C6 CLA UC . -83.65 -12.28 25.92
C7 CLA UC . -83.07 -13.67 25.75
C8 CLA UC . -82.61 -14.03 24.34
C9 CLA UC . -81.87 -12.89 23.68
C10 CLA UC . -83.70 -14.55 23.40
C11 CLA UC . -84.86 -15.23 24.08
C12 CLA UC . -86.12 -14.41 23.84
C13 CLA UC . -87.38 -15.21 24.10
C14 CLA UC . -87.53 -15.44 25.59
C15 CLA UC . -87.36 -16.53 23.35
C16 CLA UC . -88.21 -16.47 22.10
C17 CLA UC . -87.36 -16.26 20.86
C18 CLA UC . -88.15 -16.54 19.59
C19 CLA UC . -87.70 -15.61 18.47
C20 CLA UC . -87.97 -17.97 19.15
MG CLA VC . -71.81 -20.15 21.22
CHA CLA VC . -69.39 -20.40 23.66
CHB CLA VC . -73.01 -17.36 22.74
CHC CLA VC . -74.08 -19.85 18.73
CHD CLA VC . -70.58 -23.12 19.75
NA CLA VC . -71.26 -19.08 22.92
C1A CLA VC . -70.23 -19.34 23.81
C2A CLA VC . -70.17 -18.27 24.90
C3A CLA VC . -71.50 -17.52 24.72
C4A CLA VC . -71.95 -17.98 23.34
CMA CLA VC . -72.51 -17.90 25.78
CAA CLA VC . -68.95 -17.37 24.68
CBA CLA VC . -69.13 -15.97 24.13
CGA CLA VC . -69.39 -16.00 22.67
O1A CLA VC . -69.36 -16.98 21.95
O2A CLA VC . -69.71 -14.80 22.13
NB CLA VC . -73.32 -18.87 20.84
C1B CLA VC . -73.56 -17.72 21.51
C2B CLA VC . -74.55 -16.91 20.76
C3B CLA VC . -74.87 -17.59 19.63
C4B CLA VC . -74.09 -18.86 19.66
CMB CLA VC . -75.04 -15.61 21.20
CAB CLA VC . -75.79 -17.15 18.62
CBB CLA VC . -76.69 -17.82 17.90
NC CLA VC . -72.25 -21.30 19.55
C1C CLA VC . -73.24 -20.99 18.68
C2C CLA VC . -73.31 -21.97 17.64
C3C CLA VC . -72.32 -22.91 17.91
C4C CLA VC . -71.66 -22.49 19.12
CMC CLA VC . -74.25 -21.93 16.53
CAC CLA VC . -72.02 -24.10 17.10
CBC CLA VC . -71.01 -23.81 16.03
ND CLA VC . -70.31 -21.46 21.53
C1D CLA VC . -69.93 -22.66 20.87
C2D CLA VC . -68.77 -23.24 21.56
C3D CLA VC . -68.52 -22.42 22.63
C4D CLA VC . -69.51 -21.33 22.58
CMD CLA VC . -68.10 -24.45 21.09
CAD CLA VC . -67.66 -22.12 23.77
OBD CLA VC . -66.62 -22.66 24.11
CBD CLA VC . -68.27 -20.92 24.52
CGD CLA VC . -68.90 -21.24 25.84
O1D CLA VC . -70.01 -21.70 26.05
O2D CLA VC . -68.12 -20.95 26.89
CED CLA VC . -68.70 -21.06 28.17
C1 CLA VC . -71.10 -14.48 21.86
C2 CLA VC . -71.37 -14.52 20.40
C3 CLA VC . -72.21 -13.69 19.76
C4 CLA VC . -72.92 -12.58 20.44
C5 CLA VC . -72.41 -13.76 18.29
C6 CLA VC . -73.54 -14.62 17.79
C7 CLA VC . -73.67 -14.49 16.29
C8 CLA VC . -74.30 -15.69 15.59
C9 CLA VC . -73.21 -16.43 14.86
C10 CLA VC . -75.33 -15.26 14.56
C11 CLA VC . -76.60 -16.07 14.59
C12 CLA VC . -77.84 -15.21 14.38
C13 CLA VC . -79.11 -16.00 14.66
C14 CLA VC . -79.97 -16.14 13.42
C15 CLA VC . -79.93 -15.42 15.79
C16 CLA VC . -80.32 -13.99 15.51
C17 CLA VC . -80.88 -13.35 16.76
C18 CLA VC . -81.37 -11.93 16.55
C19 CLA VC . -81.70 -11.27 17.88
C20 CLA VC . -80.33 -11.10 15.87
MG CLA WC . -82.80 -17.61 7.37
CHA CLA WC . -84.36 -16.28 4.55
CHB CLA WC . -79.78 -17.11 5.97
CHC CLA WC . -81.38 -18.55 10.32
CHD CLA WC . -85.98 -18.04 8.83
NA CLA WC . -82.20 -16.85 5.52
C1A CLA WC . -83.00 -16.32 4.50
C2A CLA WC . -82.15 -15.87 3.33
C3A CLA WC . -80.75 -16.37 3.70
C4A CLA WC . -80.88 -16.80 5.17
CMA CLA WC . -80.38 -17.49 2.75
CAA CLA WC . -82.16 -14.35 3.22
CBA CLA WC . -81.95 -13.64 4.53
CGA CLA WC . -82.43 -12.24 4.54
O1A CLA WC . -82.88 -11.57 3.62
O2A CLA WC . -82.32 -11.65 5.76
NB CLA WC . -80.92 -17.88 8.01
C1B CLA WC . -79.82 -17.51 7.32
C2B CLA WC . -78.64 -17.58 8.20
C3B CLA WC . -79.05 -17.99 9.45
C4B CLA WC . -80.54 -18.16 9.33
CMB CLA WC . -77.32 -17.24 7.74
CAB CLA WC . -78.27 -18.18 10.65
CBB CLA WC . -78.28 -19.20 11.54
NC CLA WC . -83.56 -18.24 9.21
C1C CLA WC . -82.79 -18.61 10.26
C2C CLA WC . -83.61 -19.02 11.37
C3C CLA WC . -84.92 -18.83 10.97
C4C CLA WC . -84.87 -18.35 9.61
CMC CLA WC . -83.10 -19.49 12.66
CAC CLA WC . -86.13 -19.11 11.75
CBC CLA WC . -86.67 -20.48 11.44
ND CLA WC . -84.73 -17.32 6.85
C1D CLA WC . -85.93 -17.57 7.54
C2D CLA WC . -87.06 -17.22 6.68
C3D CLA WC . -86.52 -16.72 5.52
C4D CLA WC . -85.07 -16.79 5.68
CMD CLA WC . -88.45 -17.38 7.05
CAD CLA WC . -86.80 -16.18 4.21
OBD CLA WC . -87.86 -15.99 3.66
CBD CLA WC . -85.43 -15.89 3.56
CGD CLA WC . -85.25 -16.71 2.31
O1D CLA WC . -85.48 -17.90 2.17
O2D CLA WC . -84.73 -16.02 1.27
CED CLA WC . -84.55 -16.68 0.03
C1 CLA WC . -81.74 -10.34 5.68
C2 CLA WC . -80.98 -10.10 6.93
C3 CLA WC . -81.09 -8.96 7.63
C4 CLA WC . -81.97 -7.85 7.21
C5 CLA WC . -80.31 -8.75 8.87
C6 CLA WC . -81.15 -8.27 10.03
C7 CLA WC . -81.92 -9.41 10.66
C8 CLA WC . -82.18 -9.18 12.15
C9 CLA WC . -80.88 -8.95 12.88
C10 CLA WC . -82.93 -10.37 12.75
C11 CLA WC . -84.19 -9.92 13.43
C12 CLA WC . -85.42 -10.65 12.93
C13 CLA WC . -86.57 -10.68 13.92
C14 CLA WC . -86.78 -9.34 14.60
C15 CLA WC . -86.41 -11.80 14.95
C16 CLA WC . -87.61 -11.90 15.88
C17 CLA WC . -88.88 -12.33 15.19
C18 CLA WC . -90.10 -12.04 16.05
C19 CLA WC . -90.78 -10.74 15.66
C20 CLA WC . -91.10 -13.17 16.03
MG CLA XC . -84.21 -33.91 8.26
CHA CLA XC . -84.52 -33.19 4.90
CHB CLA XC . -87.37 -35.12 8.30
CHC CLA XC . -83.88 -34.65 11.58
CHD CLA XC . -80.96 -32.56 8.24
NA CLA XC . -85.70 -34.10 6.80
C1A CLA XC . -85.63 -33.76 5.46
C2A CLA XC . -86.97 -34.07 4.77
C3A CLA XC . -87.87 -34.55 5.94
C4A CLA XC . -86.92 -34.61 7.11
CMA CLA XC . -88.95 -33.56 6.26
CAA CLA XC . -86.90 -35.13 3.69
CBA CLA XC . -86.99 -36.54 4.20
CGA CLA XC . -85.64 -37.13 4.27
O1A CLA XC . -84.87 -37.37 3.35
O2A CLA XC . -85.24 -37.41 5.55
NB CLA XC . -85.40 -34.72 9.67
C1B CLA XC . -86.64 -35.22 9.48
C2B CLA XC . -87.14 -35.86 10.73
C3B CLA XC . -86.14 -35.72 11.66
C4B CLA XC . -85.04 -34.99 11.00
CMB CLA XC . -88.45 -36.47 10.87
CAB CLA XC . -86.09 -36.14 13.04
CBB CLA XC . -86.06 -35.37 14.12
NC CLA XC . -82.71 -33.62 9.65
C1C CLA XC . -82.80 -33.99 10.96
C2C CLA XC . -81.59 -33.70 11.67
C3C CLA XC . -80.75 -33.10 10.72
C4C CLA XC . -81.47 -33.05 9.47
CMC CLA XC . -81.45 -34.02 13.09
CAC CLA XC . -79.39 -32.61 10.93
CBC CLA XC . -79.57 -31.32 11.68
ND CLA XC . -82.98 -33.02 6.93
C1D CLA XC . -81.66 -32.54 7.04
C2D CLA XC . -81.23 -32.04 5.73
C3D CLA XC . -82.29 -32.24 4.88
C4D CLA XC . -83.36 -32.87 5.67
CMD CLA XC . -79.95 -31.44 5.43
CAD CLA XC . -82.79 -32.07 3.54
OBD CLA XC . -82.27 -31.53 2.57
CBD CLA XC . -84.21 -32.72 3.50
CGD CLA XC . -85.23 -31.78 2.92
O1D CLA XC . -85.66 -31.78 1.77
O2D CLA XC . -85.71 -30.86 3.78
CED CLA XC . -86.21 -29.65 3.23
MG CLA YC . -92.55 -22.41 4.45
CHA CLA YC . -93.86 -24.47 1.99
CHB CLA YC . -94.54 -19.87 3.39
CHC CLA YC . -91.22 -20.43 6.90
CHD CLA YC . -90.45 -25.04 5.45
NA CLA YC . -94.00 -22.24 2.95
C1A CLA YC . -94.42 -23.22 2.05
C2A CLA YC . -95.51 -22.67 1.13
C3A CLA YC . -95.66 -21.20 1.57
C4A CLA YC . -94.68 -21.08 2.74
CMA CLA YC . -95.37 -20.27 0.43
CAA CLA YC . -96.85 -23.37 1.33
CBA CLA YC . -97.43 -23.15 2.72
CGA CLA YC . -98.91 -23.38 2.79
O1A CLA YC . -99.63 -23.37 3.79
O2A CLA YC . -99.48 -23.62 1.57
NB CLA YC . -92.83 -20.50 5.05
C1B CLA YC . -93.67 -19.63 4.48
C2B CLA YC . -93.58 -18.31 5.17
C3B CLA YC . -92.64 -18.47 6.17
C4B CLA YC . -92.15 -19.86 6.10
CMB CLA YC . -94.38 -17.16 4.77
CAB CLA YC . -92.14 -17.56 7.17
CBB CLA YC . -91.87 -16.27 7.05
NC CLA YC . -91.10 -22.69 5.91
C1C CLA YC . -90.72 -21.75 6.82
C2C CLA YC . -89.71 -22.30 7.69
C3C CLA YC . -89.49 -23.61 7.29
C4C CLA YC . -90.38 -23.85 6.17
CMC CLA YC . -89.07 -21.54 8.78
CAC CLA YC . -88.59 -24.61 7.84
CBC CLA YC . -89.31 -25.60 8.74
ND CLA YC . -92.19 -24.32 3.91
C1D CLA YC . -91.28 -25.28 4.39
C2D CLA YC . -91.37 -26.49 3.57
C3D CLA YC . -92.30 -26.23 2.60
C4D CLA YC . -92.80 -24.86 2.87
CMD CLA YC . -90.55 -27.69 3.78
CAD CLA YC . -92.99 -26.71 1.43
OBD CLA YC . -92.83 -27.74 0.79
CBD CLA YC . -94.04 -25.64 1.05
CGD CLA YC . -94.00 -25.24 -0.40
O1D CLA YC . -94.86 -25.49 -1.25
O2D CLA YC . -92.91 -24.54 -0.79
CED CLA YC . -92.78 -24.31 -2.19
MG CLA ZC . -92.89 -12.45 0.57
CHA CLA ZC . -93.24 -15.40 -1.21
CHB CLA ZC . -94.41 -10.77 -1.95
CHC CLA ZC . -92.75 -9.63 2.46
CHD CLA ZC . -91.37 -14.28 3.19
NA CLA ZC . -93.67 -13.02 -1.28
C1A CLA ZC . -93.74 -14.30 -1.84
C2A CLA ZC . -94.39 -14.25 -3.23
C3A CLA ZC . -94.51 -12.74 -3.50
C4A CLA ZC . -94.20 -12.11 -2.15
CMA CLA ZC . -93.56 -12.27 -4.56
CAA CLA ZC . -95.75 -14.93 -3.28
CBA CLA ZC . -96.61 -14.67 -2.05
CGA CLA ZC . -96.63 -15.90 -1.18
O1A CLA ZC . -97.08 -17.00 -1.45
O2A CLA ZC . -96.04 -15.70 0.03
NB CLA ZC . -93.39 -10.53 0.26
C1B CLA ZC . -94.15 -10.09 -0.76
C2B CLA ZC . -94.73 -8.77 -0.43
C3B CLA ZC . -94.28 -8.43 0.82
C4B CLA ZC . -93.40 -9.55 1.28
CMB CLA ZC . -95.59 -8.10 -1.41
CAB CLA ZC . -94.50 -7.28 1.68
CBB CLA ZC . -95.12 -6.13 1.43
NC CLA ZC . -92.09 -12.02 2.45
C1C CLA ZC . -92.11 -10.78 3.01
C2C CLA ZC . -91.45 -10.83 4.31
C3C CLA ZC . -91.13 -12.17 4.56
C4C CLA ZC . -91.55 -12.91 3.37
CMC CLA ZC . -91.23 -9.69 5.18
CAC CLA ZC . -90.48 -12.71 5.75
CBC CLA ZC . -89.05 -13.16 5.60
ND CLA ZC . -92.35 -14.36 0.95
C1D CLA ZC . -91.76 -14.98 2.08
C2D CLA ZC . -91.57 -16.41 1.82
C3D CLA ZC . -92.12 -16.62 0.56
C4D CLA ZC . -92.61 -15.33 0.09
CMD CLA ZC . -90.94 -17.36 2.72
CAD CLA ZC . -92.35 -17.56 -0.49
OBD CLA ZC . -91.97 -18.69 -0.63
CBD CLA ZC . -93.17 -16.85 -1.60
CGD CLA ZC . -92.58 -17.07 -2.94
O1D CLA ZC . -91.75 -16.37 -3.52
O2D CLA ZC . -93.03 -18.17 -3.57
CED CLA ZC . -92.23 -18.72 -4.62
C1 CLA ZC . -96.83 -15.15 1.10
C2 CLA ZC . -95.95 -14.20 1.85
C3 CLA ZC . -96.18 -13.87 3.13
C4 CLA ZC . -97.32 -14.42 3.90
C5 CLA ZC . -95.28 -12.91 3.84
C6 CLA ZC . -96.01 -11.96 4.76
C7 CLA ZC . -95.25 -10.68 4.95
C8 CLA ZC . -96.15 -9.45 4.92
C9 CLA ZC . -96.86 -9.35 3.59
C10 CLA ZC . -95.37 -8.17 5.21
MG CLA AD . -83.27 -7.39 -0.99
CHA CLA AD . -83.90 -10.59 0.14
CHB CLA AD . -86.25 -6.37 0.31
CHC CLA AD . -82.45 -4.22 -1.83
CHD CLA AD . -80.20 -8.53 -2.30
NA CLA AD . -84.80 -8.35 0.04
C1A CLA AD . -84.87 -9.68 0.44
C2A CLA AD . -86.13 -9.95 1.23
C3A CLA AD . -86.91 -8.66 1.10
C4A CLA AD . -85.93 -7.69 0.46
CMA CLA AD . -88.10 -8.94 0.26
CAA CLA AD . -85.75 -10.06 2.67
CBA CLA AD . -86.86 -10.59 3.53
CGA CLA AD . -86.21 -11.40 4.60
O1A CLA AD . -85.61 -12.47 4.46
O2A CLA AD . -86.34 -10.83 5.83
NB CLA AD . -84.21 -5.63 -0.85
C1B CLA AD . -85.40 -5.40 -0.27
C2B CLA AD . -85.71 -3.95 -0.30
C3B CLA AD . -84.63 -3.34 -0.90
C4B CLA AD . -83.66 -4.40 -1.24
CMB CLA AD . -86.94 -3.43 0.30
CAB CLA AD . -84.29 -1.98 -1.20
CBB CLA AD . -85.09 -0.92 -1.33
NC CLA AD . -81.64 -6.54 -1.97
C1C CLA AD . -81.50 -5.21 -2.20
C2C CLA AD . -80.21 -4.94 -2.85
C3C CLA AD . -79.60 -6.18 -2.98
C4C CLA AD . -80.50 -7.17 -2.41
CMC CLA AD . -79.65 -3.66 -3.25
CAC CLA AD . -78.27 -6.45 -3.53
CBC CLA AD . -78.40 -6.88 -4.97
ND CLA AD . -82.25 -9.12 -1.13
C1D CLA AD . -81.00 -9.46 -1.70
C2D CLA AD . -80.76 -10.91 -1.51
C3D CLA AD . -81.86 -11.40 -0.84
C4D CLA AD . -82.74 -10.25 -0.62
CMD CLA AD . -79.56 -11.62 -1.92
CAD CLA AD . -82.50 -12.56 -0.25
OBD CLA AD . -82.16 -13.73 -0.24
CBD CLA AD . -83.82 -12.07 0.39
CGD CLA AD . -85.00 -12.78 -0.19
O1D CLA AD . -85.78 -13.54 0.38
O2D CLA AD . -85.24 -12.52 -1.50
CED CLA AD . -86.32 -13.22 -2.11
C1 CLA AD . -85.45 -11.25 6.89
C2 CLA AD . -86.06 -12.44 7.52
C3 CLA AD . -86.76 -12.44 8.65
C4 CLA AD . -87.02 -11.21 9.42
C5 CLA AD . -87.31 -13.73 9.16
C6 CLA AD . -88.67 -13.64 9.82
C7 CLA AD . -89.30 -15.02 9.82
C8 CLA AD . -89.67 -15.57 11.20
C9 CLA AD . -88.68 -15.15 12.26
C10 CLA AD . -89.78 -17.09 11.16
C11 CLA AD . -90.09 -17.70 12.50
C12 CLA AD . -90.24 -19.21 12.43
C13 CLA AD . -90.17 -19.88 13.80
C14 CLA AD . -89.04 -19.33 14.64
C15 CLA AD . -90.00 -21.40 13.67
C16 CLA AD . -90.22 -22.10 14.99
C17 CLA AD . -89.05 -22.95 15.43
C18 CLA AD . -89.38 -23.77 16.67
C19 CLA AD . -89.72 -22.89 17.84
C20 CLA AD . -90.51 -24.72 16.39
MG CLA BD . -76.41 -16.82 1.91
CHA CLA BD . -74.09 -18.91 3.39
CHB CLA BD . -75.95 -14.53 4.37
CHC CLA BD . -78.68 -14.79 0.40
CHD CLA BD . -76.85 -19.20 -0.63
NA CLA BD . -75.15 -16.73 3.57
C1A CLA BD . -74.24 -17.70 4.03
C2A CLA BD . -73.51 -17.17 5.29
C3A CLA BD . -74.01 -15.72 5.39
C4A CLA BD . -75.12 -15.63 4.37
CMA CLA BD . -74.43 -15.22 6.74
CAA CLA BD . -71.99 -17.17 5.08
CBA CLA BD . -71.08 -16.54 6.09
CGA CLA BD . -71.45 -16.81 7.51
O1A CLA BD . -71.87 -17.87 8.02
O2A CLA BD . -71.30 -15.67 8.28
NB CLA BD . -77.19 -15.02 2.34
C1B CLA BD . -76.97 -14.30 3.45
C2B CLA BD . -77.90 -13.13 3.50
C3B CLA BD . -78.67 -13.19 2.36
C4B CLA BD . -78.20 -14.38 1.60
CMB CLA BD . -77.84 -12.17 4.59
CAB CLA BD . -79.66 -12.35 1.75
CBB CLA BD . -80.10 -11.16 2.14
NC CLA BD . -77.54 -16.97 0.18
C1C CLA BD . -78.35 -16.00 -0.27
C2C CLA BD . -78.92 -16.39 -1.54
C3C CLA BD . -78.47 -17.66 -1.83
C4C CLA BD . -77.58 -18.01 -0.74
CMC CLA BD . -79.82 -15.54 -2.30
CAC CLA BD . -78.77 -18.46 -3.04
CBC CLA BD . -77.67 -18.55 -4.06
ND CLA BD . -75.62 -18.59 1.38
C1D CLA BD . -75.95 -19.48 0.34
C2D CLA BD . -75.18 -20.72 0.52
C3D CLA BD . -74.46 -20.56 1.66
C4D CLA BD . -74.76 -19.22 2.17
CMD CLA BD . -75.25 -21.88 -0.36
CAD CLA BD . -73.51 -21.16 2.56
OBD CLA BD . -72.94 -22.24 2.45
CBD CLA BD . -73.29 -20.16 3.71
CGD CLA BD . -73.69 -20.67 5.06
O1D CLA BD . -73.01 -21.20 5.91
O2D CLA BD . -75.00 -20.46 5.31
CED CLA BD . -75.50 -20.70 6.61
C1 CLA BD . -71.53 -15.71 9.70
C2 CLA BD . -72.67 -14.83 10.00
C3 CLA BD . -73.77 -15.27 10.64
C4 CLA BD . -73.93 -16.67 11.06
C5 CLA BD . -74.91 -14.36 10.95
C6 CLA BD . -76.04 -14.53 9.96
C7 CLA BD . -77.26 -13.71 10.28
C8 CLA BD . -78.03 -13.48 8.99
C9 CLA BD . -77.35 -12.37 8.24
C10 CLA BD . -79.47 -13.09 9.25
C11 CLA BD . -80.37 -14.29 9.39
C12 CLA BD . -81.54 -13.93 10.28
C13 CLA BD . -82.81 -14.62 9.86
C14 CLA BD . -83.11 -14.31 8.41
C15 CLA BD . -83.97 -14.18 10.73
C16 CLA BD . -84.57 -15.31 11.51
C17 CLA BD . -83.86 -15.57 12.80
C18 CLA BD . -84.74 -15.27 13.99
C19 CLA BD . -85.75 -16.37 14.25
C20 CLA BD . -83.88 -15.08 15.22
MG CLA CD . -70.49 -1.25 10.63
CHA CLA CD . -71.21 -1.76 13.98
CHB CLA CD . -73.78 -1.50 9.91
CHC CLA CD . -69.85 -0.29 7.40
CHD CLA CD . -67.07 -1.01 11.42
NA CLA CD . -72.19 -1.59 11.77
C1A CLA CD . -72.28 -1.75 13.14
C2A CLA CD . -73.74 -1.90 13.54
C3A CLA CD . -74.48 -2.13 12.22
C4A CLA CD . -73.44 -1.67 11.22
CMA CLA CD . -74.84 -3.58 12.06
CAA CLA CD . -74.18 -0.53 14.00
CBA CLA CD . -75.67 -0.45 14.23
CGA CLA CD . -75.97 0.85 14.89
O1A CLA CD . -75.16 1.59 15.46
O2A CLA CD . -77.26 1.25 14.86
NB CLA CD . -71.60 -0.99 8.96
C1B CLA CD . -72.93 -1.10 8.89
C2B CLA CD . -73.46 -0.65 7.58
C3B CLA CD . -72.35 -0.31 6.84
C4B CLA CD . -71.16 -0.53 7.71
CMB CLA CD . -74.88 -0.68 7.31
CAB CLA CD . -72.25 0.18 5.50
CBB CLA CD . -72.91 -0.27 4.43
NC CLA CD . -68.75 -0.78 9.59
C1C CLA CD . -68.74 -0.41 8.28
C2C CLA CD . -67.39 -0.11 7.87
C3C CLA CD . -66.59 -0.30 9.00
C4C CLA CD . -67.46 -0.73 10.08
CMC CLA CD . -67.09 0.38 6.52
CAC CLA CD . -65.15 -0.08 9.17
CBC CLA CD . -64.30 -0.95 8.32
ND CLA CD . -69.33 -1.39 12.29
C1D CLA CD . -67.93 -1.29 12.46
C2D CLA CD . -67.64 -1.56 13.88
C3D CLA CD . -68.86 -1.73 14.50
C4D CLA CD . -69.88 -1.62 13.47
CMD CLA CD . -66.30 -1.61 14.46
CAD CLA CD . -69.54 -2.04 15.74
OBD CLA CD . -69.08 -2.40 16.82
CBD CLA CD . -71.06 -2.01 15.47
CGD CLA CD . -71.67 -3.30 15.98
O1D CLA CD . -71.87 -3.65 17.13
O2D CLA CD . -72.01 -4.17 15.01
CED CLA CD . -72.71 -5.35 15.35
C1 CLA CD . -77.58 2.55 15.39
C2 CLA CD . -78.91 2.45 16.01
C3 CLA CD . -80.00 3.13 15.59
C4 CLA CD . -79.97 4.07 14.45
C5 CLA CD . -81.30 2.94 16.28
C6 CLA CD . -81.52 1.49 16.63
C7 CLA CD . -82.99 1.12 16.56
C8 CLA CD . -83.12 -0.34 16.18
C9 CLA CD . -82.67 -0.52 14.74
C10 CLA CD . -84.52 -0.86 16.35
C11 CLA CD . -85.05 -0.82 17.75
C12 CLA CD . -86.43 -0.21 17.81
C13 CLA CD . -87.54 -1.25 17.78
C14 CLA CD . -88.16 -1.33 16.40
C15 CLA CD . -88.61 -0.93 18.81
C16 CLA CD . -89.91 -1.68 18.62
C17 CLA CD . -91.05 -0.97 19.32
C18 CLA CD . -92.37 -1.72 19.24
C19 CLA CD . -92.24 -3.20 19.51
C20 CLA CD . -93.34 -1.12 20.24
MG CLA DD . -76.53 -5.62 21.52
CHA CLA DD . -76.07 -4.54 18.30
CHB CLA DD . -78.71 -8.01 20.44
CHC CLA DD . -76.80 -6.79 24.72
CHD CLA DD . -74.15 -3.22 22.58
NA CLA DD . -77.29 -6.16 19.65
C1A CLA DD . -76.94 -5.60 18.42
C2A CLA DD . -77.72 -6.30 17.29
C3A CLA DD . -78.61 -7.32 18.04
C4A CLA DD . -78.18 -7.17 19.49
CMA CLA DD . -80.06 -7.03 17.88
CAA CLA DD . -76.88 -7.01 16.25
CBA CLA DD . -77.62 -7.13 14.93
CGA CLA DD . -76.82 -7.90 13.93
O1A CLA DD . -75.65 -8.22 14.00
O2A CLA DD . -77.51 -8.27 12.81
NB CLA DD . -77.61 -7.08 22.42
C1B CLA DD . -78.40 -7.98 21.80
C2B CLA DD . -78.91 -8.97 22.78
C3B CLA DD . -78.38 -8.63 24.01
C4B CLA DD . -77.54 -7.43 23.78
CMB CLA DD . -79.79 -10.05 22.36
CAB CLA DD . -78.48 -9.19 25.33
CBB CLA DD . -78.82 -10.43 25.69
NC CLA DD . -75.66 -5.07 23.32
C1C CLA DD . -75.91 -5.71 24.50
C2C CLA DD . -75.10 -5.09 25.53
C3C CLA DD . -74.36 -4.09 24.94
C4C CLA DD . -74.70 -4.09 23.55
CMC CLA DD . -75.07 -5.50 26.91
CAC CLA DD . -73.40 -3.19 25.61
CBC CLA DD . -73.97 -1.81 25.84
ND CLA DD . -75.38 -4.17 20.71
C1D CLA DD . -74.44 -3.26 21.26
C2D CLA DD . -73.94 -2.37 20.20
C3D CLA DD . -74.56 -2.80 19.06
C4D CLA DD . -75.42 -3.94 19.42
CMD CLA DD . -72.99 -1.28 20.37
CAD CLA DD . -74.73 -2.58 17.65
OBD CLA DD . -74.26 -1.67 17.00
CBD CLA DD . -75.62 -3.73 17.11
CGD CLA DD . -76.80 -3.27 16.30
O1D CLA DD . -76.96 -3.40 15.10
O2D CLA DD . -77.77 -2.67 17.01
CED CLA DD . -78.55 -1.70 16.32
C1 CLA DD . -76.85 -9.20 11.90
C2 CLA DD . -76.67 -8.49 10.61
C3 CLA DD . -75.80 -8.85 9.65
C4 CLA DD . -74.89 -10.02 9.77
C5 CLA DD . -75.71 -8.06 8.41
C6 CLA DD . -75.83 -8.89 7.15
C7 CLA DD . -75.39 -8.06 5.97
C8 CLA DD . -75.96 -8.55 4.64
C9 CLA DD . -75.00 -8.23 3.52
C10 CLA DD . -77.37 -8.01 4.33
C11 CLA DD . -77.74 -6.69 4.96
C12 CLA DD . -79.01 -6.14 4.39
C13 CLA DD . -79.45 -4.86 5.09
C14 CLA DD . -80.95 -4.81 5.20
C15 CLA DD . -78.92 -3.63 4.37
C16 CLA DD . -79.30 -2.34 5.08
C17 CLA DD . -78.74 -1.12 4.40
C18 CLA DD . -78.15 -0.08 5.35
C19 CLA DD . -77.63 1.10 4.58
C20 CLA DD . -79.19 0.40 6.33
MG CLA ED . -54.45 -10.06 17.64
CHA CLA ED . -53.68 -13.12 18.94
CHB CLA ED . -54.79 -8.79 20.76
CHC CLA ED . -54.97 -7.00 16.26
CHD CLA ED . -54.25 -11.45 14.40
NA CLA ED . -54.29 -10.87 19.54
C1A CLA ED . -53.94 -12.17 19.89
C2A CLA ED . -53.92 -12.33 21.41
C3A CLA ED . -54.62 -11.03 21.90
C4A CLA ED . -54.54 -10.14 20.67
CMA CLA ED . -56.06 -11.25 22.28
CAA CLA ED . -52.47 -12.40 21.89
CBA CLA ED . -52.09 -11.33 22.89
CGA CLA ED . -51.15 -10.26 22.39
O1A CLA ED . -50.25 -9.70 23.02
O2A CLA ED . -51.33 -9.85 21.11
NB CLA ED . -54.84 -8.24 18.38
C1B CLA ED . -54.80 -7.90 19.68
C2B CLA ED . -54.80 -6.43 19.80
C3B CLA ED . -54.86 -5.91 18.53
C4B CLA ED . -54.90 -7.07 17.61
CMB CLA ED . -54.77 -5.77 21.08
CAB CLA ED . -54.90 -4.57 18.02
CBB CLA ED . -54.05 -3.57 18.23
NC CLA ED . -54.61 -9.35 15.68
C1C CLA ED . -54.86 -8.07 15.33
C2C CLA ED . -54.95 -7.94 13.88
C3C CLA ED . -54.72 -9.21 13.36
C4C CLA ED . -54.53 -10.08 14.49
CMC CLA ED . -55.22 -6.71 13.17
CAC CLA ED . -54.72 -9.63 11.94
CBC CLA ED . -53.37 -9.78 11.31
ND CLA ED . -54.10 -11.85 16.80
C1D CLA ED . -54.04 -12.29 15.46
C2D CLA ED . -53.65 -13.68 15.41
C3D CLA ED . -53.49 -14.05 16.73
C4D CLA ED . -53.79 -12.87 17.54
CMD CLA ED . -53.44 -14.48 14.22
CAD CLA ED . -53.12 -15.10 17.60
OBD CLA ED . -52.73 -16.21 17.29
CBD CLA ED . -53.32 -14.58 19.04
CGD CLA ED . -54.45 -15.34 19.65
O1D CLA ED . -55.62 -15.28 19.33
O2D CLA ED . -54.10 -16.18 20.64
CED CLA ED . -55.04 -17.16 21.06
C1 CLA ED . -51.21 -8.43 20.93
C2 CLA ED . -51.31 -8.18 19.49
C3 CLA ED . -50.26 -7.80 18.75
C4 CLA ED . -48.93 -7.59 19.34
C5 CLA ED . -50.40 -7.58 17.30
C6 CLA ED . -51.06 -8.73 16.57
C7 CLA ED . -50.18 -9.96 16.60
C8 CLA ED . -50.81 -11.06 15.77
C9 CLA ED . -50.33 -12.42 16.20
C10 CLA ED . -50.59 -10.75 14.30
C11 CLA ED . -49.22 -11.14 13.80
C12 CLA ED . -49.26 -11.30 12.30
C13 CLA ED . -48.26 -12.35 11.83
C14 CLA ED . -47.11 -11.68 11.12
C15 CLA ED . -48.96 -13.40 10.98
C16 CLA ED . -48.04 -14.16 10.06
C17 CLA ED . -47.47 -15.42 10.66
C18 CLA ED . -46.33 -16.03 9.87
C19 CLA ED . -46.01 -17.41 10.39
C20 CLA ED . -46.66 -16.14 8.40
MG CLA FD . -61.92 -15.18 17.79
CHA CLA FD . -62.38 -16.34 21.03
CHB CLA FD . -58.57 -15.45 18.17
CHC CLA FD . -61.56 -14.23 14.54
CHD CLA FD . -65.43 -14.93 17.45
NA CLA FD . -60.70 -15.76 19.39
C1A CLA FD . -61.08 -16.24 20.65
C2A CLA FD . -59.85 -16.56 21.51
C3A CLA FD . -58.69 -16.04 20.65
C4A CLA FD . -59.33 -15.72 19.30
CMA CLA FD . -58.13 -14.86 21.39
CAA CLA FD . -59.70 -18.03 21.86
CBA CLA FD . -58.90 -18.86 20.88
CGA CLA FD . -59.76 -19.54 19.87
O1A CLA FD . -60.57 -19.04 19.11
O2A CLA FD . -59.56 -20.89 19.83
NB CLA FD . -60.35 -14.90 16.58
C1B CLA FD . -59.06 -15.13 16.89
C2B CLA FD . -58.24 -14.92 15.68
C3B CLA FD . -59.09 -14.57 14.66
C4B CLA FD . -60.44 -14.52 15.24
CMB CLA FD . -56.79 -15.07 15.70
CAB CLA FD . -58.96 -14.18 13.29
CBB CLA FD . -58.01 -14.52 12.42
NC CLA FD . -63.26 -14.64 16.28
C1C CLA FD . -62.90 -14.28 15.02
C2C CLA FD . -64.08 -14.00 14.22
C3C CLA FD . -65.18 -14.20 15.04
C4C CLA FD . -64.65 -14.61 16.34
CMC CLA FD . -64.10 -13.60 12.81
CAC CLA FD . -66.59 -14.08 14.71
CBC CLA FD . -67.20 -15.41 14.33
ND CLA FD . -63.57 -15.46 18.93
C1D CLA FD . -64.94 -15.36 18.66
C2D CLA FD . -65.69 -15.74 19.86
C3D CLA FD . -64.75 -16.11 20.79
C4D CLA FD . -63.45 -15.94 20.16
CMD CLA FD . -67.13 -15.74 19.97
CAD CLA FD . -64.56 -16.56 22.13
OBD CLA FD . -65.40 -16.77 22.98
CBD CLA FD . -63.04 -16.78 22.32
CGD CLA FD . -62.45 -16.02 23.48
O1D CLA FD . -62.48 -14.83 23.68
O2D CLA FD . -61.81 -16.78 24.40
CED CLA FD . -61.38 -16.16 25.61
C1 CLA FD . -59.85 -21.56 18.58
C2 CLA FD . -61.11 -22.29 18.79
C3 CLA FD . -61.58 -23.31 18.07
C4 CLA FD . -60.90 -23.89 16.89
C5 CLA FD . -62.88 -23.91 18.49
C6 CLA FD . -63.77 -24.36 17.37
C7 CLA FD . -65.08 -24.89 17.89
C8 CLA FD . -66.12 -24.88 16.78
C9 CLA FD . -66.75 -23.52 16.74
C10 CLA FD . -67.18 -25.93 16.99
C11 CLA FD . -66.75 -27.33 16.60
C12 CLA FD . -67.95 -28.14 16.19
C13 CLA FD . -67.81 -29.64 16.29
C14 CLA FD . -66.60 -30.13 15.51
C15 CLA FD . -69.05 -30.30 15.74
C16 CLA FD . -69.77 -31.25 16.67
C17 CLA FD . -69.06 -32.56 16.84
C18 CLA FD . -69.85 -33.80 16.42
C19 CLA FD . -69.12 -35.08 16.80
C20 CLA FD . -71.24 -33.84 16.98
MG CLA GD . -59.07 -10.47 -0.45
CHA CLA GD . -57.49 -9.82 -3.44
CHB CLA GD . -59.34 -13.75 -1.29
CHC CLA GD . -60.30 -11.14 2.67
CHD CLA GD . -58.76 -7.09 0.39
NA CLA GD . -58.52 -11.59 -2.12
C1A CLA GD . -57.80 -11.14 -3.23
C2A CLA GD . -57.56 -12.28 -4.19
C3A CLA GD . -58.29 -13.48 -3.57
C4A CLA GD . -58.73 -12.93 -2.21
CMA CLA GD . -59.43 -13.89 -4.46
CAA CLA GD . -56.09 -12.63 -4.29
CBA CLA GD . -55.29 -12.45 -3.02
CGA CLA GD . -53.86 -12.49 -3.39
O1A CLA GD . -53.32 -13.19 -4.24
O2A CLA GD . -53.09 -11.64 -2.65
NB CLA GD . -59.70 -12.11 0.52
C1B CLA GD . -59.78 -13.33 -0.03
C2B CLA GD . -60.43 -14.21 0.94
C3B CLA GD . -60.72 -13.54 2.08
C4B CLA GD . -60.25 -12.16 1.80
CMB CLA GD . -60.59 -15.56 0.58
CAB CLA GD . -61.31 -13.97 3.33
CBB CLA GD . -62.31 -14.81 3.55
NC CLA GD . -59.46 -9.30 1.22
C1C CLA GD . -59.89 -9.81 2.40
C2C CLA GD . -59.93 -8.78 3.40
C3C CLA GD . -59.52 -7.62 2.78
C4C CLA GD . -59.24 -7.96 1.39
CMC CLA GD . -60.29 -9.00 4.80
CAC CLA GD . -59.32 -6.30 3.39
CBC CLA GD . -57.91 -6.10 3.90
ND CLA GD . -58.45 -8.79 -1.34
C1D CLA GD . -58.40 -7.47 -0.88
C2D CLA GD . -57.89 -6.64 -1.99
C3D CLA GD . -57.53 -7.48 -3.00
C4D CLA GD . -57.86 -8.82 -2.52
CMD CLA GD . -57.75 -5.21 -2.01
CAD CLA GD . -57.01 -7.58 -4.34
OBD CLA GD . -56.75 -6.72 -5.15
CBD CLA GD . -56.84 -9.09 -4.60
CGD CLA GD . -57.25 -9.53 -5.97
O1D CLA GD . -56.53 -10.06 -6.81
O2D CLA GD . -58.55 -9.33 -6.28
CED CLA GD . -58.83 -9.25 -7.67
C1 CLA GD . -51.75 -12.08 -2.41
C2 CLA GD . -51.49 -11.86 -0.97
C3 CLA GD . -50.38 -11.30 -0.45
C4 CLA GD . -49.25 -10.85 -1.27
C5 CLA GD . -50.27 -11.16 1.01
C6 CLA GD . -49.98 -9.75 1.49
C7 CLA GD . -49.46 -9.84 2.90
C8 CLA GD . -50.11 -8.83 3.83
C9 CLA GD . -49.64 -7.43 3.49
C10 CLA GD . -49.81 -9.18 5.29
C11 CLA GD . -48.39 -8.88 5.68
C12 CLA GD . -48.23 -8.74 7.18
C13 CLA GD . -46.79 -8.86 7.62
C14 CLA GD . -46.21 -10.20 7.22
C15 CLA GD . -46.66 -8.64 9.12
C16 CLA GD . -45.24 -8.76 9.63
C17 CLA GD . -45.09 -7.98 10.92
C18 CLA GD . -43.91 -8.38 11.78
C19 CLA GD . -42.67 -7.60 11.41
C20 CLA GD . -44.24 -8.14 13.23
MG CLA HD . -82.20 4.61 -2.89
CHA CLA HD . -84.72 4.05 -5.21
CHB CLA HD . -82.56 7.94 -3.32
CHC CLA HD . -79.79 5.11 -0.52
CHD CLA HD . -81.64 1.14 -2.72
NA CLA HD . -83.47 5.78 -4.07
C1A CLA HD . -84.46 5.37 -4.96
C2A CLA HD . -85.13 6.57 -5.62
C3A CLA HD . -84.26 7.75 -5.16
C4A CLA HD . -83.38 7.13 -4.08
CMA CLA HD . -83.43 8.25 -6.31
CAA CLA HD . -86.55 6.81 -5.15
CBA CLA HD . -86.80 6.35 -3.74
CGA CLA HD . -87.54 7.37 -2.95
O1A CLA HD . -87.73 8.54 -3.22
O2A CLA HD . -88.05 6.86 -1.79
NB CLA HD . -81.32 6.23 -2.09
C1B CLA HD . -81.68 7.50 -2.34
C2B CLA HD . -80.95 8.41 -1.42
C3B CLA HD . -80.16 7.62 -0.62
C4B CLA HD . -80.38 6.22 -1.04
CMB CLA HD . -81.11 9.85 -1.47
CAB CLA HD . -79.27 8.00 0.44
CBB CLA HD . -79.56 8.73 1.51
NC CLA HD . -80.96 3.33 -1.80
C1C CLA HD . -80.07 3.76 -0.87
C2C CLA HD . -79.40 2.61 -0.28
C3C CLA HD . -79.89 1.48 -0.92
C4C CLA HD . -80.87 1.95 -1.88
CMC CLA HD . -78.39 2.70 0.78
CAC CLA HD . -79.53 0.08 -0.66
CBC CLA HD . -80.42 -0.53 0.41
ND CLA HD . -83.03 2.94 -3.66
C1D CLA HD . -82.64 1.59 -3.57
C2D CLA HD . -83.51 0.81 -4.45
C3D CLA HD . -84.38 1.69 -5.03
C4D CLA HD . -83.99 3.01 -4.57
CMD CLA HD . -83.43 -0.63 -4.56
CAD CLA HD . -85.49 1.86 -5.94
OBD CLA HD . -86.21 1.01 -6.45
CBD CLA HD . -85.67 3.38 -6.18
CGD CLA HD . -85.38 3.73 -7.61
O1D CLA HD . -86.11 4.32 -8.40
O2D CLA HD . -84.16 3.33 -8.04
CED CLA HD . -83.57 3.94 -9.19
C1 CLA HD . -88.23 7.80 -0.71
C2 CLA HD . -87.96 7.07 0.54
C3 CLA HD . -88.88 6.33 1.16
C4 CLA HD . -90.25 6.20 0.64
C5 CLA HD . -88.58 5.60 2.42
C6 CLA HD . -89.03 4.15 2.38
C7 CLA HD . -88.55 3.40 3.61
C8 CLA HD . -87.07 3.07 3.52
C9 CLA HD . -86.68 2.00 4.51
MG CLA ID . -82.18 14.51 0.13
CHA CLA ID . -83.31 13.40 -2.98
CHB CLA ID . -80.88 17.26 -1.34
CHC CLA ID . -81.03 15.53 3.19
CHD CLA ID . -83.54 11.62 1.59
NA CLA ID . -82.12 15.19 -1.84
C1A CLA ID . -82.64 14.60 -3.00
C2A CLA ID . -82.35 15.46 -4.24
C3A CLA ID . -81.49 16.60 -3.68
C4A CLA ID . -81.49 16.35 -2.17
CMA CLA ID . -80.08 16.55 -4.23
CAA CLA ID . -83.57 16.03 -4.92
CBA CLA ID . -84.13 17.27 -4.26
CGA CLA ID . -85.26 16.90 -3.36
O1A CLA ID . -85.22 16.14 -2.40
O2A CLA ID . -86.44 17.50 -3.68
NB CLA ID . -81.14 16.09 0.80
C1B CLA ID . -80.78 17.15 0.05
C2B CLA ID . -80.19 18.19 0.90
C3B CLA ID . -80.23 17.72 2.20
C4B CLA ID . -80.82 16.37 2.13
CMB CLA ID . -79.74 19.44 0.30
CAB CLA ID . -79.78 18.27 3.46
CBB CLA ID . -79.64 19.54 3.81
NC CLA ID . -82.28 13.71 2.05
C1C CLA ID . -81.72 14.28 3.15
C2C CLA ID . -81.95 13.44 4.31
C3C CLA ID . -82.69 12.34 3.87
C4C CLA ID . -82.88 12.51 2.44
CMC CLA ID . -81.49 13.74 5.66
CAC CLA ID . -83.14 11.20 4.69
CBC CLA ID . -84.61 11.22 4.98
ND CLA ID . -83.24 12.90 -0.47
C1D CLA ID . -83.72 11.78 0.24
C2D CLA ID . -84.40 10.87 -0.70
C3D CLA ID . -84.28 11.45 -1.94
C4D CLA ID . -83.53 12.70 -1.75
CMD CLA ID . -85.03 9.63 -0.31
CAD CLA ID . -84.59 11.34 -3.34
OBD CLA ID . -85.23 10.47 -3.91
CBD CLA ID . -83.95 12.55 -4.05
CGD CLA ID . -82.98 12.09 -5.11
O1D CLA ID . -82.05 11.29 -5.00
O2D CLA ID . -83.18 12.65 -6.33
CED CLA ID . -82.94 11.80 -7.45
C1 CLA ID . -86.92 18.53 -2.79
C2 CLA ID . -87.73 17.89 -1.72
C3 CLA ID . -87.94 18.44 -0.51
C4 CLA ID . -88.74 17.75 0.52
C5 CLA ID . -87.37 19.78 -0.17
C6 CLA ID . -88.30 20.65 0.64
C7 CLA ID . -87.56 21.87 1.17
C8 CLA ID . -88.48 23.07 1.36
C9 CLA ID . -88.86 23.65 0.01
C10 CLA ID . -87.81 24.14 2.21
C11 CLA ID . -88.79 24.80 3.15
C12 CLA ID . -88.65 24.27 4.56
C13 CLA ID . -88.15 25.34 5.51
C14 CLA ID . -87.46 24.75 6.72
C15 CLA ID . -89.28 26.27 5.95
MG CLA JD . -68.27 28.20 19.66
CHA CLA JD . -69.23 30.61 21.94
CHB CLA JD . -71.47 27.18 19.36
CHC CLA JD . -67.28 26.14 17.15
CHD CLA JD . -64.91 29.17 20.16
NA CLA JD . -70.06 28.82 20.52
C1A CLA JD . -70.27 29.88 21.40
C2A CLA JD . -71.74 29.99 21.73
C3A CLA JD . -72.36 28.73 21.13
C4A CLA JD . -71.25 28.22 20.24
CMA CLA JD . -72.71 27.78 22.24
CAA CLA JD . -72.26 31.10 20.86
CBA CLA JD . -72.73 32.33 21.60
CGA CLA JD . -73.10 33.33 20.55
O1A CLA JD . -72.36 34.10 19.96
O2A CLA JD . -74.43 33.30 20.25
NB CLA JD . -69.22 26.96 18.41
C1B CLA JD . -70.51 26.58 18.53
C2B CLA JD . -70.79 25.43 17.63
C3B CLA JD . -69.61 25.14 16.99
C4B CLA JD . -68.59 26.09 17.49
CMB CLA JD . -72.08 24.75 17.55
CAB CLA JD . -69.30 24.12 16.05
CBB CLA JD . -69.86 23.99 14.85
NC CLA JD . -66.42 27.74 18.82
C1C CLA JD . -66.26 26.89 17.78
C2C CLA JD . -64.87 26.86 17.37
C3C CLA JD . -64.18 27.68 18.25
C4C CLA JD . -65.16 28.24 19.15
CMC CLA JD . -64.35 26.07 16.28
CAC CLA JD . -62.75 27.98 18.22
CBC CLA JD . -62.41 29.29 17.55
ND CLA JD . -67.24 29.45 20.87
C1D CLA JD . -65.85 29.73 20.98
C2D CLA JD . -65.66 30.72 22.05
C3D CLA JD . -66.93 31.13 22.41
C4D CLA JD . -67.87 30.31 21.64
CMD CLA JD . -64.37 31.19 22.51
CAD CLA JD . -67.69 31.95 23.30
OBD CLA JD . -67.30 32.69 24.19
CBD CLA JD . -69.20 31.73 22.96
CGD CLA JD . -70.01 31.43 24.17
O1D CLA JD . -70.91 32.12 24.64
O2D CLA JD . -69.70 30.27 24.80
CED CLA JD . -70.68 29.70 25.65
C1 CLA JD . -75.10 34.55 19.98
C2 CLA JD . -75.18 34.68 18.50
C3 CLA JD . -76.21 35.26 17.87
C4 CLA JD . -77.38 35.81 18.58
C5 CLA JD . -76.20 35.35 16.37
C6 CLA JD . -76.73 36.67 15.83
C7 CLA JD . -76.65 36.71 14.32
C8 CLA JD . -77.61 37.71 13.69
C9 CLA JD . -77.39 39.10 14.27
C10 CLA JD . -79.06 37.29 13.89
C11 CLA JD . -79.96 37.81 12.79
C12 CLA JD . -81.42 37.54 13.09
C13 CLA JD . -82.16 36.92 11.92
MG CLA KD . -83.88 -3.27 23.50
CHA CLA KD . -84.74 -6.08 25.42
CHB CLA KD . -80.91 -4.67 22.77
CHC CLA KD . -83.19 -0.62 21.46
CHD CLA KD . -86.80 -1.70 24.59
NA CLA KD . -83.02 -5.09 23.99
C1A CLA KD . -83.54 -6.16 24.76
C2A CLA KD . -82.52 -7.28 24.83
C3A CLA KD . -81.24 -6.59 24.35
C4A CLA KD . -81.75 -5.39 23.59
CMA CLA KD . -80.43 -6.15 25.54
CAA CLA KD . -82.74 -8.36 23.78
CBA CLA KD . -84.05 -9.09 23.72
CGA CLA KD . -84.15 -9.67 22.35
O1A CLA KD . -83.50 -9.33 21.36
O2A CLA KD . -85.07 -10.69 22.28
NB CLA KD . -82.33 -2.75 22.33
C1B CLA KD . -81.23 -3.49 22.10
C2B CLA KD . -80.38 -2.83 21.08
C3B CLA KD . -81.03 -1.67 20.71
C4B CLA KD . -82.26 -1.61 21.52
CMB CLA KD . -79.11 -3.41 20.67
CAB CLA KD . -80.73 -0.62 19.79
CBB CLA KD . -79.55 -0.10 19.51
NC CLA KD . -84.84 -1.48 23.08
C1C CLA KD . -84.40 -0.55 22.19
C2C CLA KD . -85.35 0.53 22.09
C3C CLA KD . -86.36 0.26 23.02
C4C CLA KD . -86.03 -1.01 23.63
CMC CLA KD . -85.19 1.67 21.20
CAC CLA KD . -87.56 1.04 23.27
CBC CLA KD . -88.74 0.50 22.50
ND CLA KD . -85.46 -3.74 24.67
C1D CLA KD . -86.55 -2.95 25.09
C2D CLA KD . -87.34 -3.73 26.06
C3D CLA KD . -86.73 -4.95 26.18
C4D CLA KD . -85.53 -4.89 25.34
CMD CLA KD . -88.56 -3.24 26.70
CAD CLA KD . -86.74 -6.26 26.83
OBD CLA KD . -87.60 -6.77 27.53
CBD CLA KD . -85.43 -6.98 26.42
CGD CLA KD . -84.64 -7.30 27.67
O1D CLA KD . -84.92 -8.05 28.61
O2D CLA KD . -83.49 -6.63 27.76
CED CLA KD . -83.55 -5.52 28.63
C1 CLA KD . -85.75 -11.05 21.05
C2 CLA KD . -86.44 -9.83 20.54
C3 CLA KD . -87.65 -9.79 19.98
C4 CLA KD . -88.50 -10.98 19.81
C5 CLA KD . -88.17 -8.47 19.51
C6 CLA KD . -89.64 -8.24 19.79
C7 CLA KD . -89.98 -6.77 19.68
C8 CLA KD . -89.46 -6.12 18.40
C9 CLA KD . -90.36 -6.41 17.24
MG CLA LD . -91.02 -6.78 24.87
CHA CLA LD . -92.07 -9.91 25.95
CHB CLA LD . -88.03 -8.07 23.98
CHC CLA LD . -90.15 -3.74 23.53
CHD CLA LD . -94.10 -5.42 25.90
NA CLA LD . -90.18 -8.70 25.01
C1A CLA LD . -90.77 -9.87 25.47
C2A CLA LD . -89.75 -11.03 25.43
C3A CLA LD . -88.46 -10.34 24.92
C4A CLA LD . -88.91 -8.93 24.61
CMA CLA LD . -87.32 -10.34 25.90
CAA CLA LD . -90.11 -12.24 24.59
CBA CLA LD . -90.76 -11.88 23.28
CGA CLA LD . -90.98 -13.16 22.56
O1A CLA LD . -91.20 -14.27 23.07
O2A CLA LD . -90.94 -13.05 21.20
NB CLA LD . -89.36 -6.02 24.02
C1B CLA LD . -88.31 -6.75 23.62
C2B CLA LD . -87.47 -5.99 22.68
C3B CLA LD . -88.06 -4.75 22.54
C4B CLA LD . -89.27 -4.76 23.40
CMB CLA LD . -86.28 -6.59 22.11
CAB CLA LD . -87.75 -3.57 21.77
CBB CLA LD . -86.65 -3.26 21.11
NC CLA LD . -91.94 -4.92 24.78
C1C CLA LD . -91.39 -3.82 24.20
C2C CLA LD . -92.31 -2.69 24.29
C3C CLA LD . -93.43 -3.16 24.96
C4C CLA LD . -93.19 -4.56 25.28
CMC CLA LD . -92.04 -1.36 23.75
CAC CLA LD . -94.63 -2.40 25.28
CBC CLA LD . -95.62 -2.51 24.15
ND CLA LD . -92.72 -7.44 25.71
C1D CLA LD . -93.90 -6.77 26.12
C2D CLA LD . -94.84 -7.76 26.67
C3D CLA LD . -94.22 -8.98 26.56
C4D CLA LD . -92.88 -8.73 26.01
CMD CLA LD . -96.18 -7.45 27.14
CAD CLA LD . -94.33 -10.41 26.78
OBD CLA LD . -95.31 -11.06 27.09
CBD CLA LD . -92.94 -11.03 26.48
CGD CLA LD . -92.34 -11.68 27.68
O1D CLA LD . -91.82 -11.13 28.64
O2D CLA LD . -92.37 -13.04 27.67
CED CLA LD . -93.10 -13.66 28.70
MG CLA MD . -98.31 -9.94 23.98
CHA CLA MD . -99.66 -13.13 24.17
CHB CLA MD . -95.29 -11.25 23.19
CHC CLA MD . -97.06 -6.75 23.70
CHD CLA MD . -101.46 -8.62 24.87
NA CLA MD . -97.61 -11.89 23.72
C1A CLA MD . -98.32 -13.08 23.85
C2A CLA MD . -97.41 -14.27 23.56
C3A CLA MD . -96.01 -13.65 23.45
C4A CLA MD . -96.31 -12.15 23.44
CMA CLA MD . -95.12 -14.04 24.60
CAA CLA MD . -97.77 -14.94 22.25
CBA CLA MD . -96.95 -16.18 22.01
CGA CLA MD . -97.35 -17.27 22.96
O1A CLA MD . -98.48 -17.58 23.34
O2A CLA MD . -96.30 -18.02 23.41
NB CLA MD . -96.50 -9.14 23.59
C1B CLA MD . -95.43 -9.85 23.16
C2B CLA MD . -94.38 -8.92 22.67
C3B CLA MD . -94.87 -7.65 22.81
C4B CLA MD . -96.23 -7.77 23.41
CMB CLA MD . -93.11 -9.35 22.13
CAB CLA MD . -94.21 -6.41 22.47
CBB CLA MD . -94.61 -5.52 21.56
NC CLA MD . -99.11 -8.04 24.27
C1C CLA MD . -98.41 -6.87 24.13
C2C CLA MD . -99.29 -5.75 24.43
C3C CLA MD . -100.54 -6.28 24.74
C4C CLA MD . -100.42 -7.71 24.64
CMC CLA MD . -98.89 -4.35 24.40
CAC CLA MD . -101.74 -5.55 25.13
CBC CLA MD . -101.89 -5.47 26.63
ND CLA MD . -100.17 -10.62 24.36
C1D CLA MD . -101.37 -9.98 24.73
C2D CLA MD . -102.42 -10.98 24.94
C3D CLA MD . -101.82 -12.20 24.75
C4D CLA MD . -100.41 -11.93 24.41
CMD CLA MD . -103.79 -10.66 25.31
CAD CLA MD . -102.00 -13.64 24.74
OBD CLA MD . -103.02 -14.29 24.93
CBD CLA MD . -100.61 -14.27 24.42
CGD CLA MD . -100.13 -15.10 25.56
O1D CLA MD . -99.22 -15.92 25.59
O2D CLA MD . -100.80 -14.88 26.72
CED CLA MD . -100.95 -15.98 27.62
MG CLA ND . -71.94 2.05 21.77
CHA CLA ND . -75.12 2.31 23.01
CHB CLA ND . -73.17 2.14 18.62
CHC CLA ND . -68.77 1.63 20.61
CHD CLA ND . -70.73 1.90 25.09
NA CLA ND . -73.86 2.25 20.97
C1A CLA ND . -75.07 2.37 21.65
C2A CLA ND . -76.24 2.48 20.68
C3A CLA ND . -75.56 2.36 19.31
C4A CLA ND . -74.09 2.28 19.63
CMA CLA ND . -75.98 1.08 18.64
CAA CLA ND . -77.05 3.77 20.73
CBA CLA ND . -78.40 3.52 20.08
CGA CLA ND . -79.36 4.63 20.29
O1A CLA ND . -79.30 5.53 21.12
O2A CLA ND . -80.44 4.59 19.47
NB CLA ND . -71.11 1.95 19.95
C1B CLA ND . -71.79 1.98 18.78
C2B CLA ND . -70.85 1.75 17.66
C3B CLA ND . -69.62 1.61 18.21
C4B CLA ND . -69.76 1.72 19.68
CMB CLA ND . -71.26 1.71 16.26
CAB CLA ND . -68.38 1.36 17.52
CBB CLA ND . -67.68 0.26 17.58
NC CLA ND . -70.08 1.86 22.69
C1C CLA ND . -68.92 1.72 22.02
C2C CLA ND . -67.81 1.58 22.95
C3C CLA ND . -68.37 1.64 24.23
C4C CLA ND . -69.80 1.84 24.05
CMC CLA ND . -66.42 1.35 22.57
CAC CLA ND . -67.71 1.49 25.53
CBC CLA ND . -66.85 2.62 25.98
ND CLA ND . -72.68 2.15 23.64
C1D CLA ND . -72.08 2.04 24.91
C2D CLA ND . -73.13 2.03 25.94
C3D CLA ND . -74.30 2.10 25.26
C4D CLA ND . -73.97 2.19 23.83
CMD CLA ND . -72.89 1.89 27.36
CAD CLA ND . -75.74 2.10 25.35
OBD CLA ND . -76.43 1.94 26.31
CBD CLA ND . -76.30 2.28 23.94
CGD CLA ND . -77.18 1.12 23.56
O1D CLA ND . -78.34 1.17 23.18
O2D CLA ND . -76.60 -0.10 23.63
CED CLA ND . -77.09 -1.09 22.75
C1 CLA ND . -81.51 5.48 19.83
C2 CLA ND . -82.75 5.08 19.13
C3 CLA ND . -83.95 5.11 19.73
C4 CLA ND . -84.13 5.50 21.14
C5 CLA ND . -85.19 4.70 19.02
C6 CLA ND . -85.11 4.73 17.51
C7 CLA ND . -86.43 4.29 16.94
C8 CLA ND . -86.37 3.96 15.46
C9 CLA ND . -85.93 5.17 14.68
C10 CLA ND . -87.74 3.48 15.00
C11 CLA ND . -87.69 2.75 13.67
C12 CLA ND . -87.42 1.27 13.86
C13 CLA ND . -87.71 0.46 12.60
C14 CLA ND . -89.01 -0.29 12.75
C15 CLA ND . -86.58 -0.53 12.32
MG CLA OD . -77.28 11.67 16.90
CHA CLA OD . -77.13 9.50 19.60
CHB CLA OD . -75.85 9.32 14.95
CHC CLA OD . -77.45 13.83 14.27
CHD CLA OD . -78.63 14.12 19.04
NA CLA OD . -76.61 9.73 17.24
C1A CLA OD . -76.59 9.01 18.45
C2A CLA OD . -76.07 7.61 18.22
C3A CLA OD . -75.51 7.66 16.79
C4A CLA OD . -76.02 9.00 16.27
CMA CLA OD . -74.02 7.67 16.85
CAA CLA OD . -77.23 6.58 18.23
CBA CLA OD . -78.37 6.71 17.25
CGA CLA OD . -79.34 7.83 17.50
O1A CLA OD . -79.97 8.07 18.52
O2A CLA OD . -79.41 8.73 16.48
NB CLA OD . -76.77 11.57 14.96
C1B CLA OD . -76.21 10.52 14.34
C2B CLA OD . -75.94 10.83 12.93
C3B CLA OD . -76.39 12.11 12.72
C4B CLA OD . -76.93 12.59 14.02
CMB CLA OD . -75.30 9.85 12.05
CAB CLA OD . -76.41 12.93 11.55
CBB CLA OD . -76.71 12.57 10.32
NC CLA OD . -77.91 13.64 16.70
C1C CLA OD . -77.89 14.33 15.53
C2C CLA OD . -78.41 15.66 15.75
C3C CLA OD . -78.72 15.77 17.09
C4C CLA OD . -78.39 14.49 17.69
CMC CLA OD . -78.56 16.67 14.70
CAC CLA OD . -79.26 16.93 17.81
CBC CLA OD . -78.21 17.66 18.64
ND CLA OD . -77.78 11.85 18.85
C1D CLA OD . -78.35 12.91 19.59
C2D CLA OD . -78.63 12.42 20.96
C3D CLA OD . -78.21 11.12 20.99
C4D CLA OD . -77.67 10.82 19.67
CMD CLA OD . -79.24 13.18 22.03
CAD CLA OD . -78.12 9.93 21.78
OBD CLA OD . -78.61 9.68 22.85
CBD CLA OD . -77.32 8.88 20.97
CGD CLA OD . -76.02 8.55 21.64
O1D CLA OD . -75.19 9.33 22.09
O2D CLA OD . -75.74 7.23 21.75
CED CLA OD . -74.65 6.86 22.60
C1 CLA OD . -80.30 9.85 16.67
C2 CLA OD . -80.23 10.78 15.51
C3 CLA OD . -81.19 11.69 15.29
C4 CLA OD . -82.37 11.85 16.17
C5 CLA OD . -81.13 12.61 14.13
C6 CLA OD . -80.70 11.91 12.87
C7 CLA OD . -80.26 12.95 11.86
C8 CLA OD . -81.42 13.73 11.27
C9 CLA OD . -82.38 12.79 10.58
C10 CLA OD . -80.89 14.74 10.28
C11 CLA OD . -81.57 16.08 10.39
C12 CLA OD . -81.56 16.65 11.78
C13 CLA OD . -81.74 18.15 11.70
C14 CLA OD . -80.44 18.79 11.31
C15 CLA OD . -82.23 18.77 13.00
C16 CLA OD . -83.17 19.91 12.71
C17 CLA OD . -83.81 20.44 13.97
C18 CLA OD . -85.19 21.02 13.69
C19 CLA OD . -86.23 19.92 13.59
C20 CLA OD . -85.60 21.98 14.78
MG CLA PD . -76.54 6.17 7.92
CHA CLA PD . -75.89 4.85 11.07
CHB CLA PD . -74.66 3.73 6.52
CHC CLA PD . -77.11 7.58 4.88
CHD CLA PD . -78.37 8.76 9.47
NA CLA PD . -75.47 4.55 8.70
C1A CLA PD . -75.30 4.17 10.03
C2A CLA PD . -74.42 2.93 10.12
C3A CLA PD . -73.96 2.69 8.67
C4A CLA PD . -74.75 3.72 7.88
CMA CLA PD . -72.49 2.92 8.46
CAA CLA PD . -75.16 1.69 10.61
CBA CLA PD . -76.50 1.49 9.92
CGA CLA PD . -77.37 0.62 10.76
O1A CLA PD . -77.66 0.78 11.94
O2A CLA PD . -77.90 -0.46 10.11
NB CLA PD . -75.89 5.79 6.05
C1B CLA PD . -75.29 4.64 5.68
C2B CLA PD . -75.35 4.48 4.20
C3B CLA PD . -76.03 5.56 3.71
C4B CLA PD . -76.40 6.41 4.88
CMB CLA PD . -74.79 3.36 3.47
CAB CLA PD . -76.37 5.79 2.33
CBB CLA PD . -76.29 6.93 1.65
NC CLA PD . -77.56 7.87 7.28
C1C CLA PD . -77.65 8.26 5.99
C2C CLA PD . -78.40 9.51 5.91
C3C CLA PD . -78.77 9.84 7.21
C4C CLA PD . -78.21 8.81 8.07
CMC CLA PD . -78.73 10.21 4.68
CAC CLA PD . -79.53 10.99 7.68
CBC CLA PD . -80.99 10.72 7.81
ND CLA PD . -77.16 6.65 9.79
C1D CLA PD . -77.89 7.76 10.28
C2D CLA PD . -78.01 7.65 11.75
C3D CLA PD . -77.27 6.54 12.11
C4D CLA PD . -76.73 5.98 10.85
CMD CLA PD . -78.75 8.57 12.60
CAD CLA PD . -76.81 5.69 13.19
OBD CLA PD . -77.07 5.70 14.37
CBD CLA PD . -75.83 4.67 12.56
CGD CLA PD . -74.44 4.91 13.08
O1D CLA PD . -73.58 5.63 12.59
O2D CLA PD . -74.13 4.22 14.19
CED CLA PD . -73.00 4.67 14.93
C1 CLA PD . -79.34 -0.48 9.98
C2 CLA PD . -79.95 -1.24 11.10
MG CLA QD . -30.96 -7.70 -6.58
CHA CLA QD . -29.10 -10.60 -6.80
CHB CLA QD . -33.66 -9.52 -5.64
CHC CLA QD . -32.66 -4.79 -6.12
CHD CLA QD . -28.02 -5.87 -7.20
NA CLA QD . -31.32 -9.74 -6.32
C1A CLA QD . -30.40 -10.80 -6.43
C2A CLA QD . -31.05 -12.12 -6.05
C3A CLA QD . -32.52 -11.74 -5.80
C4A CLA QD . -32.52 -10.22 -5.92
CMA CLA QD . -33.46 -12.39 -6.76
CAA CLA QD . -30.47 -12.71 -4.75
CBA CLA QD . -30.45 -11.71 -3.60
CGA CLA QD . -29.08 -11.49 -3.04
O1A CLA QD . -28.00 -11.61 -3.62
O2A CLA QD . -29.09 -11.08 -1.74
NB CLA QD . -32.83 -7.25 -6.03
C1B CLA QD . -33.79 -8.13 -5.71
C2B CLA QD . -35.03 -7.43 -5.36
C3B CLA QD . -34.78 -6.09 -5.50
C4B CLA QD . -33.36 -5.96 -5.94
CMB CLA QD . -36.22 -8.16 -4.93
CAB CLA QD . -35.64 -4.96 -5.27
CBB CLA QD . -35.95 -4.01 -6.15
NC CLA QD . -30.44 -5.68 -6.70
C1C CLA QD . -31.29 -4.65 -6.45
C2C CLA QD . -30.57 -3.39 -6.57
C3C CLA QD . -29.26 -3.71 -6.86
C4C CLA QD . -29.19 -5.16 -6.93
CMC CLA QD . -31.12 -2.05 -6.37
CAC CLA QD . -28.09 -2.84 -7.04
CBC CLA QD . -27.93 -2.25 -8.41
ND CLA QD . -29.04 -8.07 -7.06
C1D CLA QD . -27.93 -7.24 -7.28
C2D CLA QD . -26.75 -8.07 -7.51
C3D CLA QD . -27.14 -9.36 -7.37
C4D CLA QD . -28.56 -9.31 -7.06
CMD CLA QD . -25.41 -7.59 -7.78
CAD CLA QD . -26.70 -10.72 -7.34
OBD CLA QD . -25.59 -11.19 -7.49
CBD CLA QD . -27.96 -11.55 -7.00
CGD CLA QD . -28.33 -12.54 -8.08
O1D CLA QD . -29.24 -12.46 -8.91
O2D CLA QD . -27.58 -13.64 -8.11
CED CLA QD . -27.59 -14.43 -9.29
C1 CLA QD . -27.83 -10.62 -1.18
C2 CLA QD . -28.08 -10.05 0.17
C3 CLA QD . -27.69 -8.81 0.52
C4 CLA QD . -27.00 -7.91 -0.43
C5 CLA QD . -27.96 -8.25 1.87
C6 CLA QD . -26.72 -7.81 2.63
C7 CLA QD . -26.16 -8.95 3.43
C8 CLA QD . -25.16 -8.52 4.50
C9 CLA QD . -24.05 -7.68 3.92
C10 CLA QD . -24.55 -9.71 5.22
C11 CLA QD . -25.60 -10.49 5.97
C12 CLA QD . -24.95 -11.53 6.87
C13 CLA QD . -25.96 -12.33 7.67
C14 CLA QD . -25.27 -13.24 8.66
C15 CLA QD . -26.87 -13.11 6.71
C16 CLA QD . -27.74 -14.17 7.32
C17 CLA QD . -28.54 -14.82 6.21
C18 CLA QD . -29.92 -15.28 6.66
C19 CLA QD . -30.77 -15.63 5.44
C20 CLA QD . -29.79 -16.51 7.52
MG CLA RD . -39.71 -3.31 5.27
CHA CLA RD . -42.02 -5.51 3.96
CHB CLA RD . -40.68 -4.17 8.43
CHC CLA RD . -37.49 -1.11 6.50
CHD CLA RD . -38.82 -2.33 2.00
NA CLA RD . -41.08 -4.66 6.04
C1A CLA RD . -41.96 -5.47 5.32
C2A CLA RD . -42.77 -6.31 6.28
C3A CLA RD . -42.49 -5.72 7.66
C4A CLA RD . -41.30 -4.81 7.38
CMA CLA RD . -43.66 -4.91 8.17
CAA CLA RD . -42.02 -7.62 6.26
CBA CLA RD . -42.89 -8.85 6.29
CGA CLA RD . -42.34 -9.78 7.32
O1A CLA RD . -42.21 -9.59 8.53
O2A CLA RD . -41.98 -11.00 6.84
NB CLA RD . -39.20 -2.73 7.13
C1B CLA RD . -39.62 -3.25 8.30
C2B CLA RD . -38.87 -2.66 9.43
C3B CLA RD . -37.97 -1.78 8.89
C4B CLA RD . -38.19 -1.80 7.42
CMB CLA RD . -39.07 -3.00 10.82
CAB CLA RD . -36.98 -0.96 9.52
CBB CLA RD . -36.88 0.37 9.44
NC CLA RD . -38.39 -1.95 4.40
C1C CLA RD . -37.58 -1.17 5.10
C2C CLA RD . -36.74 -0.36 4.25
C3C CLA RD . -37.11 -0.72 2.96
C4C CLA RD . -38.15 -1.72 3.07
CMC CLA RD . -35.73 0.57 4.75
CAC CLA RD . -36.51 -0.29 1.70
CBC CLA RD . -36.91 1.08 1.32
ND CLA RD . -40.21 -3.80 3.38
C1D CLA RD . -39.79 -3.31 2.13
C2D CLA RD . -40.55 -3.99 1.07
C3D CLA RD . -41.42 -4.83 1.72
C4D CLA RD . -41.18 -4.67 3.15
CMD CLA RD . -40.40 -3.77 -0.36
CAD CLA RD . -42.47 -5.79 1.57
OBD CLA RD . -42.98 -6.21 0.55
CBD CLA RD . -42.92 -6.21 2.98
CGD CLA RD . -44.32 -5.78 3.21
O1D CLA RD . -44.70 -4.67 3.56
O2D CLA RD . -45.26 -6.73 3.01
CED CLA RD . -46.33 -6.33 2.15
C1 CLA RD . -41.07 -11.09 5.73
C2 CLA RD . -39.67 -10.82 6.15
C3 CLA RD . -38.67 -11.69 5.91
C4 CLA RD . -38.88 -12.98 5.22
C5 CLA RD . -37.27 -11.39 6.33
C6 CLA RD . -36.39 -11.06 5.15
C7 CLA RD . -35.28 -12.07 4.99
C8 CLA RD . -33.98 -11.44 4.49
C9 CLA RD . -33.90 -11.50 2.98
C10 CLA RD . -32.80 -12.16 5.11
C11 CLA RD . -31.53 -11.37 4.91
C12 CLA RD . -31.58 -10.03 5.61
C13 CLA RD . -30.18 -9.48 5.84
C14 CLA RD . -29.40 -10.44 6.71
C15 CLA RD . -30.22 -8.13 6.53
C16 CLA RD . -28.88 -7.44 6.49
C17 CLA RD . -28.88 -6.12 5.75
C18 CLA RD . -28.91 -4.92 6.69
C19 CLA RD . -27.60 -4.19 6.64
C20 CLA RD . -30.03 -3.99 6.31
C1 PQN SD . -40.32 3.99 -2.31
O1 PQN SD . -40.74 4.69 -1.39
C2 PQN SD . -39.01 3.30 -2.22
C2M PQN SD . -38.18 3.48 -0.99
C3 PQN SD . -38.54 2.47 -3.35
C4 PQN SD . -39.40 2.33 -4.56
O4 PQN SD . -39.02 1.64 -5.50
C5 PQN SD . -40.71 3.02 -4.63
C6 PQN SD . -41.55 2.93 -5.73
C7 PQN SD . -42.77 3.60 -5.73
C8 PQN SD . -43.19 4.38 -4.67
C9 PQN SD . -42.38 4.49 -3.55
C10 PQN SD . -41.16 3.84 -3.50
C11 PQN SD . -37.21 1.78 -3.28
C12 PQN SD . -37.37 0.40 -2.71
C13 PQN SD . -37.12 -0.69 -3.44
C14 PQN SD . -36.64 -0.60 -4.85
C15 PQN SD . -37.31 -2.05 -2.83
C16 PQN SD . -36.14 -2.41 -1.95
C17 PQN SD . -36.55 -3.51 -0.97
C18 PQN SD . -35.35 -4.37 -0.59
C19 PQN SD . -34.56 -4.79 -1.82
C20 PQN SD . -35.84 -5.62 0.11
C21 PQN SD . -36.67 -5.32 1.35
C22 PQN SD . -37.38 -6.59 1.77
C23 PQN SD . -38.33 -6.40 2.95
C24 PQN SD . -37.63 -5.70 4.10
C25 PQN SD . -38.87 -7.76 3.34
C26 PQN SD . -39.74 -8.30 2.22
C27 PQN SD . -39.59 -9.80 2.08
C28 PQN SD . -40.94 -10.50 2.13
C29 PQN SD . -41.79 -10.11 0.93
C30 PQN SD . -40.78 -12.00 2.21
C1 BCR TD . -81.18 -36.03 23.58
C2 BCR TD . -80.16 -36.94 24.21
C3 BCR TD . -79.68 -37.94 23.22
C4 BCR TD . -78.97 -37.25 22.09
C5 BCR TD . -79.70 -36.05 21.62
C6 BCR TD . -80.72 -35.48 22.27
C7 BCR TD . -81.41 -34.29 21.76
C8 BCR TD . -82.44 -34.34 20.90
C9 BCR TD . -82.99 -33.17 20.25
C10 BCR TD . -83.20 -33.20 18.93
C11 BCR TD . -83.71 -32.08 18.18
C33 BCR TD . -79.19 -35.56 20.33
C31 BCR TD . -81.46 -34.93 24.58
C32 BCR TD . -82.43 -36.86 23.40
C34 BCR TD . -83.39 -32.03 21.08
C12 BCR TD . -84.06 -32.26 16.91
C13 BCR TD . -85.09 -31.49 16.26
C14 BCR TD . -85.41 -31.76 14.98
C15 BCR TD . -86.49 -31.14 14.28
C16 BCR TD . -86.68 -31.37 12.97
C17 BCR TD . -87.52 -30.49 12.22
C18 BCR TD . -88.14 -30.82 11.08
C19 BCR TD . -88.95 -29.84 10.38
C20 BCR TD . -89.71 -30.16 9.33
C21 BCR TD . -90.46 -29.14 8.67
C22 BCR TD . -91.32 -29.34 7.65
C23 BCR TD . -92.09 -28.22 7.13
C24 BCR TD . -93.41 -28.15 7.25
C25 BCR TD . -94.34 -27.41 6.40
C26 BCR TD . -94.59 -26.10 6.59
C27 BCR TD . -95.52 -25.29 5.78
C28 BCR TD . -95.87 -25.96 4.49
C29 BCR TD . -96.20 -27.40 4.75
C30 BCR TD . -95.07 -28.19 5.34
C35 BCR TD . -85.57 -30.25 16.89
C36 BCR TD . -87.98 -32.14 10.46
C37 BCR TD . -91.61 -30.70 7.17
C38 BCR TD . -93.93 -25.27 7.61
C39 BCR TD . -94.16 -28.71 4.24
C40 BCR TD . -95.72 -29.43 5.95
C1 BCR UD . -73.30 -40.82 12.79
C2 BCR UD . -73.54 -42.30 12.50
C3 BCR UD . -74.24 -42.54 11.20
C4 BCR UD . -73.58 -41.78 10.09
C5 BCR UD . -73.71 -40.35 10.42
C6 BCR UD . -73.59 -39.88 11.66
C7 BCR UD . -73.77 -38.46 11.98
C8 BCR UD . -72.78 -37.57 11.94
C9 BCR UD . -73.00 -36.15 12.14
C10 BCR UD . -72.03 -35.29 11.82
C11 BCR UD . -72.12 -33.87 12.00
C33 BCR UD . -74.03 -39.50 9.26
C31 BCR UD . -74.11 -40.47 14.02
C32 BCR UD . -71.83 -40.74 13.18
C34 BCR UD . -74.15 -35.75 12.96
C12 BCR UD . -71.03 -33.16 11.77
C13 BCR UD . -70.77 -31.84 12.31
C14 BCR UD . -69.52 -31.38 12.22
C15 BCR UD . -69.15 -29.99 12.18
C16 BCR UD . -67.88 -29.63 12.04
C17 BCR UD . -67.46 -28.32 12.47
C18 BCR UD . -66.32 -27.72 12.16
C19 BCR UD . -66.02 -26.44 12.80
C20 BCR UD . -65.01 -25.64 12.46
C21 BCR UD . -64.60 -24.57 13.34
C22 BCR UD . -63.93 -23.45 13.02
C23 BCR UD . -63.88 -22.36 13.98
C24 BCR UD . -63.59 -21.09 13.65
C25 BCR UD . -63.45 -19.94 14.56
C26 BCR UD . -64.48 -19.34 15.15
C27 BCR UD . -64.38 -18.20 16.08
C28 BCR UD . -63.05 -18.26 16.79
C29 BCR UD . -61.99 -18.24 15.72
C30 BCR UD . -62.06 -19.44 14.78
C35 BCR UD . -71.79 -31.18 13.14
C36 BCR UD . -65.33 -28.30 11.25
C37 BCR UD . -63.06 -23.38 11.84
C38 BCR UD . -65.89 -19.73 15.00
C39 BCR UD . -61.14 -20.52 15.28
C40 BCR UD . -61.44 -18.95 13.48
C1 BCR VD . -77.00 -41.62 20.29
C2 BCR VD . -77.79 -42.03 19.06
C3 BCR VD . -77.08 -41.60 17.82
C4 BCR VD . -75.76 -42.33 17.73
C5 BCR VD . -75.03 -42.35 19.01
C6 BCR VD . -75.57 -42.02 20.19
C7 BCR VD . -74.80 -42.06 21.46
C8 BCR VD . -74.05 -41.06 21.89
C9 BCR VD . -72.97 -41.24 22.85
C10 BCR VD . -71.89 -40.45 22.78
C11 BCR VD . -71.61 -39.51 21.72
C33 BCR VD . -73.63 -42.77 18.85
C31 BCR VD . -77.67 -42.29 21.47
C32 BCR VD . -77.13 -40.13 20.41
C34 BCR VD . -73.01 -42.44 23.69
C12 BCR VD . -70.67 -38.59 21.92
C13 BCR VD . -70.27 -37.59 20.96
C14 BCR VD . -69.39 -36.67 21.36
C15 BCR VD . -68.59 -35.85 20.49
C16 BCR VD . -67.77 -34.93 21.01
C17 BCR VD . -66.91 -34.21 20.11
C18 BCR VD . -65.98 -33.32 20.45
C19 BCR VD . -65.51 -32.45 19.38
C20 BCR VD . -64.67 -31.44 19.58
C21 BCR VD . -64.12 -30.73 18.46
C22 BCR VD . -63.32 -29.67 18.56
C23 BCR VD . -62.93 -29.27 19.91
C24 BCR VD . -61.90 -28.44 20.14
C25 BCR VD . -61.35 -28.04 21.43
C26 BCR VD . -60.57 -28.84 22.17
C27 BCR VD . -59.96 -28.51 23.48
C28 BCR VD . -60.05 -27.04 23.83
C29 BCR VD . -61.37 -26.47 23.40
C30 BCR VD . -61.65 -26.65 21.92
C35 BCR VD . -71.15 -37.33 19.81
C36 BCR VD . -65.07 -33.57 21.58
C37 BCR VD . -63.25 -28.70 17.47
C38 BCR VD . -60.17 -30.21 21.81
C39 BCR VD . -60.87 -25.66 21.10
C40 BCR VD . -63.11 -26.25 21.79
C1 BCR WD . -93.59 -10.33 10.04
C2 BCR WD . -94.14 -11.38 10.97
C3 BCR WD . -93.16 -12.51 11.09
C4 BCR WD . -91.91 -12.01 11.75
C5 BCR WD . -91.44 -10.73 11.16
C6 BCR WD . -92.17 -9.96 10.37
C7 BCR WD . -91.67 -8.69 9.81
C8 BCR WD . -91.03 -8.64 8.64
C9 BCR WD . -90.39 -7.46 8.10
C10 BCR WD . -89.17 -7.63 7.56
C11 BCR WD . -88.62 -6.80 6.53
C33 BCR WD . -90.05 -10.41 11.54
C31 BCR WD . -93.76 -10.87 8.63
C32 BCR WD . -94.47 -9.11 10.19
C34 BCR WD . -91.28 -6.37 7.69
C12 BCR WD . -87.53 -7.22 5.88
C13 BCR WD . -86.85 -6.50 4.84
C14 BCR WD . -85.61 -6.88 4.49
C15 BCR WD . -84.81 -6.26 3.48
C16 BCR WD . -83.62 -6.76 3.11
C17 BCR WD . -82.81 -5.97 2.21
C18 BCR WD . -81.64 -6.32 1.68
C19 BCR WD . -80.79 -5.29 1.10
C20 BCR WD . -79.52 -5.51 0.77
C21 BCR WD . -78.60 -4.41 0.53
C22 BCR WD . -77.27 -4.54 0.56
C23 BCR WD . -76.41 -3.63 -0.18
C24 BCR WD . -76.65 -2.34 -0.38
C25 BCR WD . -75.67 -1.29 -0.71
C26 BCR WD . -75.34 -1.04 -1.97
C27 BCR WD . -74.40 0.03 -2.39
C28 BCR WD . -74.64 1.23 -1.50
C29 BCR WD . -74.48 0.85 -0.05
C30 BCR WD . -75.09 -0.47 0.39
C35 BCR WD . -87.40 -5.22 4.37
C36 BCR WD . -81.12 -7.69 1.80
C37 BCR WD . -76.62 -5.63 1.31
C38 BCR WD . -75.86 -1.79 -3.12
C39 BCR WD . -76.11 -0.26 1.48
C40 BCR WD . -73.93 -1.20 1.06
C1 BCR XD . -84.23 -6.21 17.12
C2 BCR XD . -84.65 -6.33 18.56
C3 BCR XD . -84.24 -5.16 19.41
C4 BCR XD . -82.80 -4.79 19.22
C5 BCR XD . -82.59 -4.49 17.80
C6 BCR XD . -83.21 -5.14 16.82
C7 BCR XD . -83.01 -4.83 15.41
C8 BCR XD . -82.00 -5.32 14.70
C9 BCR XD . -81.75 -4.91 13.35
C10 BCR XD . -80.50 -4.96 12.88
C11 BCR XD . -80.18 -4.93 11.48
C33 BCR XD . -81.61 -3.41 17.59
C31 BCR XD . -85.49 -5.98 16.32
C32 BCR XD . -83.68 -7.58 16.79
C34 BCR XD . -82.91 -4.83 12.45
C12 BCR XD . -78.92 -4.72 11.11
C13 BCR XD . -78.53 -4.46 9.75
C14 BCR XD . -77.23 -4.39 9.47
C15 BCR XD . -76.66 -3.96 8.23
C16 BCR XD . -75.46 -4.41 7.87
C17 BCR XD . -75.26 -4.50 6.47
C18 BCR XD . -74.12 -4.19 5.84
C19 BCR XD . -74.08 -4.41 4.42
C20 BCR XD . -73.02 -4.12 3.66
C21 BCR XD . -72.80 -4.93 2.49
C22 BCR XD . -71.82 -4.73 1.60
C23 BCR XD . -72.14 -4.84 0.19
C24 BCR XD . -71.25 -4.93 -0.79
C25 BCR XD . -71.54 -5.07 -2.21
C26 BCR XD . -71.35 -4.06 -3.06
C27 BCR XD . -71.61 -4.07 -4.52
C28 BCR XD . -72.30 -5.32 -5.00
C29 BCR XD . -71.86 -6.53 -4.22
C30 BCR XD . -72.03 -6.39 -2.72
C35 BCR XD . -79.54 -4.03 8.78
C36 BCR XD . -72.90 -3.94 6.58
C37 BCR XD . -70.41 -4.66 2.03
C38 BCR XD . -70.87 -2.74 -2.64
C39 BCR XD . -71.35 -7.55 -2.01
C40 BCR XD . -73.53 -6.58 -2.53
C1 BCR YD . -38.94 -10.02 18.24
C2 BCR YD . -39.06 -9.99 19.76
C3 BCR YD . -39.34 -8.59 20.22
C4 BCR YD . -40.67 -8.16 19.71
C5 BCR YD . -40.82 -8.43 18.25
C6 BCR YD . -40.04 -9.27 17.56
C7 BCR YD . -40.22 -9.52 16.11
C8 BCR YD . -39.68 -8.72 15.18
C9 BCR YD . -39.75 -8.89 13.75
C10 BCR YD . -39.04 -8.04 13.00
C11 BCR YD . -38.84 -8.04 11.57
C33 BCR YD . -41.93 -7.68 17.66
C31 BCR YD . -38.96 -11.48 17.87
C32 BCR YD . -37.57 -9.46 17.91
C34 BCR YD . -40.41 -10.09 13.20
C12 BCR YD . -38.24 -6.96 11.05
C13 BCR YD . -37.87 -6.78 9.66
C14 BCR YD . -37.15 -5.69 9.33
C15 BCR YD . -36.67 -5.39 8.00
C16 BCR YD . -35.84 -4.36 7.80
C17 BCR YD . -35.50 -3.97 6.46
C18 BCR YD . -34.54 -3.10 6.12
C19 BCR YD . -34.35 -2.79 4.72
C20 BCR YD . -33.32 -2.07 4.25
C21 BCR YD . -33.29 -1.77 2.85
C22 BCR YD . -32.59 -0.80 2.27
C23 BCR YD . -32.89 -0.44 0.91
C24 BCR YD . -32.04 0.20 0.10
C25 BCR YD . -32.35 0.67 -1.25
C26 BCR YD . -32.33 -0.11 -2.33
C27 BCR YD . -32.61 0.31 -3.72
C28 BCR YD . -33.30 1.65 -3.78
C29 BCR YD . -32.62 2.60 -2.82
C30 BCR YD . -32.64 2.13 -1.38
C35 BCR YD . -38.70 -7.42 8.63
C36 BCR YD . -33.90 -2.25 7.13
C37 BCR YD . -31.46 -0.14 2.97
C38 BCR YD . -32.00 -1.55 -2.31
C39 BCR YD . -33.92 2.54 -0.69
C40 BCR YD . -31.51 2.92 -0.73
C1 LMG ZD . -52.69 -7.40 -10.14
O1 LMG ZD . -52.36 -6.82 -8.94
C2 LMG ZD . -54.08 -6.82 -10.50
O2 LMG ZD . -54.98 -7.41 -9.64
C3 LMG ZD . -54.37 -7.32 -11.93
O3 LMG ZD . -55.62 -6.80 -12.25
C4 LMG ZD . -53.31 -6.78 -12.89
O4 LMG ZD . -53.31 -5.40 -12.80
C5 LMG ZD . -51.93 -7.28 -12.37
O5 LMG ZD . -49.98 -7.70 -13.56
C6 LMG ZD . -50.83 -6.66 -13.24
O6 LMG ZD . -51.72 -6.90 -11.02
C7 LMG ZD . -51.12 -7.20 -8.44
C8 LMG ZD . -50.77 -6.05 -7.48
C9 LMG ZD . -51.90 -5.83 -6.45
O7 LMG ZD . -49.63 -6.43 -6.79
C10 LMG ZD . -48.70 -5.49 -6.52
O9 LMG ZD . -48.80 -4.40 -7.05
C11 LMG ZD . -47.47 -6.07 -5.95
C12 LMG ZD . -47.55 -6.07 -4.47
C13 LMG ZD . -46.50 -6.96 -3.94
C14 LMG ZD . -46.67 -7.02 -2.46
C15 LMG ZD . -45.44 -7.65 -1.94
C16 LMG ZD . -45.75 -9.07 -1.57
C17 LMG ZD . -45.44 -9.18 -0.12
C18 LMG ZD . -45.42 -10.62 0.23
C19 LMG ZD . -46.08 -10.75 1.54
C20 LMG ZD . -45.02 -11.22 2.48
C21 LMG ZD . -45.30 -12.64 2.80
C22 LMG ZD . -45.73 -12.64 4.23
C23 LMG ZD . -47.18 -12.99 4.25
C24 LMG ZD . -47.32 -14.00 5.33
C25 LMG ZD . -48.22 -13.41 6.34
C26 LMG ZD . -49.59 -13.89 6.03
C27 LMG ZD . -49.89 -15.00 7.00
O8 LMG ZD . -51.65 -6.65 -5.33
C28 LMG ZD . -52.51 -6.54 -4.30
O10 LMG ZD . -53.10 -5.48 -4.15
C29 LMG ZD . -52.92 -7.82 -3.67
C30 LMG ZD . -53.96 -7.54 -2.60
C31 LMG ZD . -53.23 -7.15 -1.34
C32 LMG ZD . -53.89 -5.92 -0.81
C33 LMG ZD . -53.80 -6.00 0.69
C34 LMG ZD . -52.69 -5.09 1.13
C35 LMG ZD . -52.51 -5.36 2.59
C36 LMG ZD . -53.23 -4.28 3.31
C37 LMG ZD . -52.54 -4.07 4.61
C38 LMG ZD . -53.02 -5.18 5.48
C39 LMG ZD . -51.88 -5.86 6.20
C40 LMG ZD . -52.51 -6.25 7.50
C41 LMG ZD . -51.44 -6.52 8.50
C42 LMG ZD . -52.21 -6.60 9.78
C43 LMG ZD . -51.33 -6.12 10.90
C44 LMG ZD . -50.63 -7.33 11.46
C45 LMG ZD . -49.93 -6.95 12.73
FE1 SF4 AE . -46.30 6.25 -25.16
FE2 SF4 AE . -46.38 6.10 -27.80
FE3 SF4 AE . -48.63 6.19 -26.49
FE4 SF4 AE . -47.02 4.00 -26.37
S1 SF4 AE . -48.12 4.75 -28.21
S2 SF4 AE . -48.07 5.03 -24.60
S3 SF4 AE . -44.99 4.89 -26.44
S4 SF4 AE . -47.18 7.84 -26.57
FE1 SF4 BE . -56.66 11.10 -31.45
FE2 SF4 BE . -54.74 10.05 -32.90
FE3 SF4 BE . -55.98 12.26 -33.77
FE4 SF4 BE . -57.25 9.89 -33.74
S1 SF4 BE . -55.42 10.40 -35.02
S2 SF4 BE . -58.08 11.89 -32.98
S3 SF4 BE . -56.45 8.88 -31.93
S4 SF4 BE . -54.68 12.12 -31.97
O1 LHG CE . -89.20 11.34 -13.78
C1 LHG CE . -88.90 12.70 -14.03
C2 LHG CE . -87.41 12.88 -13.95
O2 LHG CE . -86.75 11.68 -14.30
C3 LHG CE . -86.91 13.29 -12.57
O3 LHG CE . -86.50 12.03 -12.07
P LHG CE . -87.40 11.17 -11.03
O4 LHG CE . -88.59 12.02 -10.70
O5 LHG CE . -87.27 9.77 -11.51
O6 LHG CE . -86.41 11.39 -9.73
C4 LHG CE . -86.52 12.53 -8.93
C5 LHG CE . -87.24 12.04 -7.67
C6 LHG CE . -86.85 10.60 -7.32
O7 LHG CE . -86.81 12.87 -6.61
C7 LHG CE . -87.67 13.88 -6.28
O9 LHG CE . -88.26 14.55 -7.11
C8 LHG CE . -87.36 14.35 -4.93
C9 LHG CE . -87.97 13.42 -3.93
C10 LHG CE . -87.31 13.64 -2.60
O8 LHG CE . -87.60 10.28 -6.15
C23 LHG CE . -88.90 9.90 -6.30
O10 LHG CE . -89.21 9.23 -7.27
C24 LHG CE . -89.99 10.66 -5.56
C11 LHG CE . -88.38 13.22 -1.66
C12 LHG CE . -87.75 12.45 -0.56
C13 LHG CE . -88.02 13.14 0.74
C14 LHG CE . -87.59 12.28 1.89
C15 LHG CE . -88.39 12.76 3.08
C16 LHG CE . -88.27 11.75 4.16
C25 LHG CE . -90.77 9.89 -4.52
C26 LHG CE . -90.53 10.30 -3.08
C27 LHG CE . -91.93 10.51 -2.56
C28 LHG CE . -92.33 9.64 -1.40
C29 LHG CE . -91.55 10.15 -0.20
C30 LHG CE . -92.04 9.69 1.15
C31 LHG CE . -92.45 10.76 2.12
C32 LHG CE . -93.71 10.46 2.91
C33 LHG CE . -93.40 10.64 4.39
C34 LHG CE . -92.89 11.99 4.79
C35 LHG CE . -93.92 12.74 5.60
C36 LHG CE . -93.20 13.44 6.74
C37 LHG CE . -94.11 14.53 7.23
C38 LHG CE . -93.65 15.19 8.50
MG CLA DE . -74.46 24.15 11.18
CHA CLA DE . -74.10 22.94 7.91
CHB CLA DE . -71.61 25.91 10.84
CHC CLA DE . -74.96 25.43 14.30
CHD CLA DE . -77.45 22.38 11.37
NA CLA DE . -73.07 24.35 9.63
C1A CLA DE . -73.10 23.77 8.35
C2A CLA DE . -71.90 24.23 7.51
C3A CLA DE . -71.08 25.03 8.54
C4A CLA DE . -71.97 25.12 9.78
CMA CLA DE . -69.79 24.33 8.88
CAA CLA DE . -72.33 25.16 6.37
CBA CLA DE . -73.30 26.23 6.85
CGA CLA DE . -74.03 27.04 5.83
O1A CLA DE . -74.91 27.86 6.05
O2A CLA DE . -73.64 26.85 4.53
NB CLA DE . -73.47 25.43 12.37
C1B CLA DE . -72.33 26.06 12.01
C2B CLA DE . -71.88 26.94 13.11
C3B CLA DE . -72.80 26.85 14.11
C4B CLA DE . -73.83 25.85 13.66
CMB CLA DE . -70.69 27.76 13.05
CAB CLA DE . -72.67 27.58 15.34
CBB CLA DE . -73.51 27.74 16.36
NC CLA DE . -75.94 23.88 12.61
C1C CLA DE . -75.94 24.50 13.83
C2C CLA DE . -77.14 24.09 14.56
C3C CLA DE . -77.86 23.24 13.72
C4C CLA DE . -77.08 23.11 12.50
CMC CLA DE . -77.49 24.55 15.89
CAC CLA DE . -79.14 22.56 14.04
CBC CLA DE . -80.34 22.82 13.15
ND CLA DE . -75.52 22.87 10.01
C1D CLA DE . -76.79 22.27 10.19
C2D CLA DE . -77.21 21.57 8.97
C3D CLA DE . -76.16 21.70 8.10
C4D CLA DE . -75.18 22.57 8.77
CMD CLA DE . -78.48 20.86 8.83
CAD CLA DE . -75.68 21.44 6.76
OBD CLA DE . -76.19 20.78 5.86
CBD CLA DE . -74.34 22.18 6.63
CGD CLA DE . -73.27 21.15 6.53
O1D CLA DE . -72.44 20.82 7.39
O2D CLA DE . -73.24 20.49 5.36
CED CLA DE . -72.75 19.17 5.45
C1 CLA DE . -74.13 27.80 3.56
C2 CLA DE . -75.40 27.31 2.98
C3 CLA DE . -75.48 26.33 2.07
C4 CLA DE . -74.30 25.62 1.53
C5 CLA DE . -76.79 25.87 1.54
C6 CLA DE . -77.83 25.73 2.63
C7 CLA DE . -77.61 24.51 3.49
C8 CLA DE . -78.57 24.55 4.68
C9 CLA DE . -77.91 24.03 5.93
C10 CLA DE . -79.83 23.74 4.40
C11 CLA DE . -81.08 24.54 4.69
C12 CLA DE . -82.25 24.01 3.90
C13 CLA DE . -83.45 23.53 4.74
C14 CLA DE . -83.60 24.26 6.07
C15 CLA DE . -83.44 22.02 4.89
C16 CLA DE . -82.66 21.50 6.08
C17 CLA DE . -82.45 20.01 5.99
C18 CLA DE . -81.92 19.42 7.30
C19 CLA DE . -82.98 19.52 8.38
C20 CLA DE . -81.54 17.98 7.10
C1 BCR EE . -76.35 30.62 15.24
C2 BCR EE . -76.63 31.00 16.67
C3 BCR EE . -75.45 30.60 17.52
C4 BCR EE . -74.23 31.38 17.10
C5 BCR EE . -74.07 31.42 15.63
C6 BCR EE . -75.01 31.06 14.76
C7 BCR EE . -74.79 31.13 13.31
C8 BCR EE . -74.27 30.13 12.60
C9 BCR EE . -73.98 30.24 11.19
C10 BCR EE . -72.94 29.57 10.67
C11 BCR EE . -72.65 29.51 9.27
C33 BCR EE . -72.73 31.88 15.22
C31 BCR EE . -77.43 31.23 14.39
C32 BCR EE . -76.53 29.11 15.18
C34 BCR EE . -74.87 31.06 10.35
C12 BCR EE . -71.38 29.34 8.91
C13 BCR EE . -70.92 28.96 7.61
C14 BCR EE . -69.76 28.31 7.50
C15 BCR EE . -69.28 27.70 6.29
C16 BCR EE . -68.12 27.06 6.31
C17 BCR EE . -67.69 26.35 5.15
C18 BCR EE . -66.57 25.63 5.06
C19 BCR EE . -66.33 24.86 3.86
C20 BCR EE . -65.61 23.74 3.88
C21 BCR EE . -65.41 22.98 2.69
C22 BCR EE . -64.57 21.95 2.61
C23 BCR EE . -64.89 20.91 1.66
C24 BCR EE . -63.96 20.33 0.91
C25 BCR EE . -64.22 19.39 -0.17
C26 BCR EE . -64.49 19.81 -1.41
C27 BCR EE . -64.72 18.94 -2.57
C28 BCR EE . -64.04 17.61 -2.38
C29 BCR EE . -64.41 17.04 -1.04
C30 BCR EE . -64.08 17.93 0.14
C35 BCR EE . -71.56 29.55 6.41
C36 BCR EE . -65.86 25.21 6.29
C37 BCR EE . -63.62 21.64 3.69
C38 BCR EE . -64.60 21.23 -1.80
C39 BCR EE . -62.67 17.68 0.66
C40 BCR EE . -65.01 17.45 1.23
MG CLA FE . -73.37 35.04 6.42
CHA CLA FE . -76.12 36.82 5.31
CHB CLA FE . -74.36 35.51 9.63
CHC CLA FE . -70.72 33.13 7.45
CHD CLA FE . -72.40 34.55 3.06
NA CLA FE . -74.98 36.05 7.31
C1A CLA FE . -76.04 36.72 6.69
C2A CLA FE . -77.00 37.30 7.73
C3A CLA FE . -76.32 36.97 9.07
C4A CLA FE . -75.13 36.11 8.66
CMA CLA FE . -75.90 38.20 9.82
CAA CLA FE . -78.38 36.67 7.69
CBA CLA FE . -79.34 37.34 8.67
CGA CLA FE . -79.64 38.74 8.24
O1A CLA FE . -79.37 39.30 7.17
O2A CLA FE . -80.28 39.48 9.19
NB CLA FE . -72.64 34.50 8.20
C1B CLA FE . -73.24 34.69 9.39
C2B CLA FE . -72.53 33.93 10.45
C3B CLA FE . -71.51 33.26 9.84
C4B CLA FE . -71.55 33.61 8.40
CMB CLA FE . -72.97 33.96 11.84
CAB CLA FE . -70.51 32.36 10.36
CBB CLA FE . -69.70 32.59 11.39
NC CLA FE . -71.84 34.04 5.43
C1C CLA FE . -70.86 33.33 6.05
C2C CLA FE . -69.96 32.76 5.06
C3C CLA FE . -70.44 33.15 3.83
C4C CLA FE . -71.61 33.96 4.07
CMC CLA FE . -68.80 31.93 5.36
CAC CLA FE . -69.87 32.81 2.52
CBC CLA FE . -69.01 33.90 1.95
ND CLA FE . -74.04 35.52 4.58
C1D CLA FE . -73.55 35.27 3.28
C2D CLA FE . -74.44 35.89 2.29
C3D CLA FE . -75.45 36.48 3.02
C4D CLA FE . -75.16 36.23 4.43
CMD CLA FE . -74.26 35.83 0.85
CAD CLA FE . -76.68 37.23 2.95
OBD CLA FE . -77.31 37.58 1.98
CBD CLA FE . -77.12 37.51 4.42
CGD CLA FE . -77.21 38.98 4.68
O1D CLA FE . -76.45 39.66 5.38
O2D CLA FE . -78.27 39.57 4.08
CED CLA FE . -78.54 40.94 4.39
C1 BCR GE . -81.11 24.47 -0.82
C2 BCR GE . -80.62 25.90 -0.84
C3 BCR GE . -80.95 26.58 0.46
C4 BCR GE . -82.45 26.62 0.65
C5 BCR GE . -83.10 25.33 0.34
C6 BCR GE . -82.51 24.32 -0.31
C7 BCR GE . -83.19 23.06 -0.59
C8 BCR GE . -83.19 22.04 0.28
C9 BCR GE . -83.68 20.71 0.02
C10 BCR GE . -83.72 19.84 1.04
C11 BCR GE . -84.19 18.48 0.96
C33 BCR GE . -84.47 25.26 0.85
C31 BCR GE . -80.09 23.69 -0.03
C32 BCR GE . -81.07 24.02 -2.26
C34 BCR GE . -83.83 20.28 -1.38
C12 BCR GE . -84.20 17.72 2.06
C13 BCR GE . -84.75 16.38 2.08
C14 BCR GE . -84.79 15.68 3.21
C15 BCR GE . -85.12 16.15 4.52
C16 BCR GE . -84.96 15.31 5.55
C17 BCR GE . -85.23 15.75 6.89
C18 BCR GE . -85.51 14.95 7.92
C19 BCR GE . -85.64 15.54 9.23
C20 BCR GE . -85.45 14.83 10.35
C21 BCR GE . -85.59 15.50 11.61
C22 BCR GE . -85.32 14.98 12.81
C23 BCR GE . -85.08 15.88 13.91
C24 BCR GE . -85.23 15.56 15.20
C25 BCR GE . -85.14 16.46 16.33
C26 BCR GE . -86.17 17.25 16.70
C27 BCR GE . -86.20 18.19 17.84
C28 BCR GE . -84.99 18.10 18.72
C29 BCR GE . -83.76 17.77 17.92
C30 BCR GE . -83.89 16.48 17.15
C35 BCR GE . -85.33 15.82 0.85
C36 BCR GE . -85.27 13.50 7.84
C37 BCR GE . -85.18 13.52 13.01
C38 BCR GE . -87.47 17.30 16.00
C39 BCR GE . -83.84 15.28 18.08
C40 BCR GE . -82.61 16.38 16.32
MG CLA HE . -66.95 48.69 16.55
CHA CLA HE . -67.58 50.88 19.16
CHB CLA HE . -70.28 48.19 16.14
CHC CLA HE . -66.26 46.66 13.86
CHD CLA HE . -63.49 49.26 16.98
NA CLA HE . -68.64 49.42 17.52
C1A CLA HE . -68.70 50.35 18.57
C2A CLA HE . -70.16 50.59 18.95
C3A CLA HE . -70.96 49.66 18.02
C4A CLA HE . -69.89 49.04 17.15
CMA CLA HE . -71.71 48.58 18.76
CAA CLA HE . -70.59 52.01 18.60
CBA CLA HE . -71.85 52.41 19.36
CGA CLA HE . -72.34 53.75 18.91
O1A CLA HE . -73.30 54.39 19.35
O2A CLA HE . -71.60 54.29 17.89
NB CLA HE . -68.05 47.64 15.24
C1B CLA HE . -69.41 47.54 15.26
C2B CLA HE . -69.86 46.63 14.18
C3B CLA HE . -68.74 46.19 13.53
C4B CLA HE . -67.57 46.84 14.19
CMB CLA HE . -71.27 46.31 13.95
CAB CLA HE . -68.61 45.31 12.41
CBB CLA HE . -69.09 45.56 11.19
NC CLA HE . -65.19 48.05 15.62
C1C CLA HE . -65.14 47.22 14.53
C2C CLA HE . -63.76 47.00 14.13
C3C CLA HE . -62.97 47.72 15.02
C4C CLA HE . -63.88 48.39 15.94
CMC CLA HE . -63.35 46.16 13.01
CAC CLA HE . -61.51 47.79 15.03
CBC CLA HE . -61.01 49.01 14.28
ND CLA HE . -65.75 49.73 17.80
C1D CLA HE . -64.35 49.91 17.84
C2D CLA HE . -64.01 50.82 18.94
C3D CLA HE . -65.22 51.19 19.50
C4D CLA HE . -66.27 50.51 18.74
CMD CLA HE . -62.65 51.21 19.32
CAD CLA HE . -65.85 51.97 20.55
OBD CLA HE . -65.34 52.56 21.47
CBD CLA HE . -67.38 51.86 20.29
CGD CLA HE . -68.18 51.52 21.52
O1D CLA HE . -69.36 51.76 21.74
O2D CLA HE . -67.46 50.89 22.49
CED CLA HE . -67.64 51.35 23.83
MG CLA IE . -85.73 35.76 21.46
CHA CLA IE . -87.15 36.71 24.48
CHB CLA IE . -87.91 33.17 21.26
CHC CLA IE . -84.30 34.88 18.47
CHD CLA IE . -83.42 38.41 21.77
NA CLA IE . -87.28 35.07 22.68
C1A CLA IE . -87.73 35.60 23.91
C2A CLA IE . -88.88 34.77 24.46
C3A CLA IE . -88.96 33.57 23.50
C4A CLA IE . -88.00 33.96 22.38
CMA CLA IE . -88.53 32.31 24.20
CAA CLA IE . -90.20 35.52 24.38
NB CLA IE . -85.98 34.24 20.16
C1B CLA IE . -87.03 33.39 20.18
C2B CLA IE . -87.13 32.67 18.88
C3B CLA IE . -86.12 33.15 18.08
C4B CLA IE . -85.37 34.16 18.88
CMB CLA IE . -88.19 31.70 18.61
CAB CLA IE . -85.75 32.84 16.73
CBB CLA IE . -85.55 31.61 16.23
NC CLA IE . -84.15 36.52 20.34
C1C CLA IE . -83.73 36.00 19.14
C2C CLA IE . -82.58 36.76 18.64
C3C CLA IE . -82.33 37.76 19.58
C4C CLA IE . -83.32 37.60 20.63
CMC CLA IE . -81.87 36.49 17.41
CAC CLA IE . -81.27 38.78 19.52
CBC CLA IE . -81.77 40.12 19.04
ND CLA IE . -85.40 37.30 22.71
C1D CLA IE . -84.38 38.29 22.75
C2D CLA IE . -84.55 39.11 23.97
C3D CLA IE . -85.60 38.55 24.66
C4D CLA IE . -86.07 37.42 23.85
CMD CLA IE . -83.71 40.25 24.31
CAD CLA IE . -86.44 38.63 25.84
OBD CLA IE . -86.44 39.46 26.74
CBD CLA IE . -87.40 37.40 25.80
C1 BCR JE . -67.91 31.07 15.99
C2 BCR JE . -68.97 30.31 16.78
C3 BCR JE . -69.61 31.07 17.90
C4 BCR JE . -68.65 31.94 18.66
C5 BCR JE . -67.94 32.82 17.71
C6 BCR JE . -67.58 32.44 16.50
C7 BCR JE . -66.90 33.34 15.56
C8 BCR JE . -65.58 33.51 15.50
C9 BCR JE . -64.97 34.70 14.96
C10 BCR JE . -63.66 34.72 14.74
C11 BCR JE . -62.97 35.81 14.11
C33 BCR JE . -67.66 34.16 18.26
C31 BCR JE . -68.41 31.15 14.57
C32 BCR JE . -66.68 30.20 16.02
C34 BCR JE . -65.86 35.74 14.40
C12 BCR JE . -61.69 35.65 13.76
C13 BCR JE . -60.70 36.70 13.67
C14 BCR JE . -59.43 36.35 13.48
C15 BCR JE . -58.43 37.16 12.83
C16 BCR JE . -57.20 36.65 12.66
C17 BCR JE . -56.16 37.46 12.09
C18 BCR JE . -54.85 37.21 12.09
C19 BCR JE . -54.00 38.06 11.28
C20 BCR JE . -52.71 38.27 11.55
C21 BCR JE . -51.93 38.88 10.50
C22 BCR JE . -50.66 39.29 10.57
C23 BCR JE . -50.20 40.15 9.49
C24 BCR JE . -49.06 40.87 9.51
C25 BCR JE . -48.56 41.78 8.48
C26 BCR JE . -48.99 43.04 8.36
C27 BCR JE . -48.53 44.03 7.37
C28 BCR JE . -47.15 43.70 6.89
C29 BCR JE . -47.12 42.25 6.46
C30 BCR JE . -47.51 41.26 7.55
C35 BCR JE . -61.14 38.10 13.54
C36 BCR JE . -54.31 35.94 12.58
C37 BCR JE . -49.65 38.52 11.33
C38 BCR JE . -50.02 43.65 9.25
C39 BCR JE . -46.28 40.83 8.35
C40 BCR JE . -47.95 40.02 6.78
C1 BCR KE . -62.97 44.13 21.32
C2 BCR KE . -62.89 44.43 22.80
C3 BCR KE . -61.72 45.31 23.10
C4 BCR KE . -61.84 46.62 22.37
C5 BCR KE . -62.24 46.45 20.97
C6 BCR KE . -62.73 45.32 20.45
C7 BCR KE . -63.16 45.22 19.06
C8 BCR KE . -62.38 44.77 18.07
C9 BCR KE . -62.90 43.99 16.97
C10 BCR KE . -62.03 43.27 16.25
C11 BCR KE . -62.28 42.86 14.90
C33 BCR KE . -62.03 47.65 20.14
C31 BCR KE . -64.33 43.54 21.03
C32 BCR KE . -61.98 43.02 21.07
C34 BCR KE . -64.22 44.36 16.44
C12 BCR KE . -61.37 42.13 14.27
C13 BCR KE . -61.46 41.75 12.88
C14 BCR KE . -60.34 41.39 12.25
C15 BCR KE . -60.27 41.11 10.84
C16 BCR KE . -59.16 40.58 10.33
C17 BCR KE . -59.06 40.47 8.90
C18 BCR KE . -57.96 40.12 8.23
C19 BCR KE . -58.02 40.03 6.79
C20 BCR KE . -56.95 39.75 6.05
C21 BCR KE . -57.03 39.86 4.62
C22 BCR KE . -56.01 40.16 3.81
C23 BCR KE . -56.30 40.64 2.48
C24 BCR KE . -55.53 40.31 1.43
C25 BCR KE . -55.64 40.84 0.07
C26 BCR KE . -54.81 41.77 -0.37
C27 BCR KE . -54.82 42.35 -1.72
C28 BCR KE . -55.21 41.29 -2.72
C29 BCR KE . -56.48 40.59 -2.32
C30 BCR KE . -56.71 40.31 -0.83
C35 BCR KE . -62.77 41.49 12.28
C36 BCR KE . -56.66 40.00 8.91
C37 BCR KE . -54.65 40.34 4.36
C38 BCR KE . -53.73 42.34 0.45
C39 BCR KE . -56.90 38.82 -0.58
C40 BCR KE . -58.06 40.95 -0.56
C1 BCR LE . -73.85 16.96 16.27
C2 BCR LE . -73.22 16.19 15.14
C3 BCR LE . -74.21 16.01 14.03
C4 BCR LE . -74.60 17.36 13.48
C5 BCR LE . -74.98 18.29 14.55
C6 BCR LE . -74.64 18.16 15.84
C7 BCR LE . -75.05 19.11 16.88
C8 BCR LE . -74.47 20.29 17.13
C9 BCR LE . -74.85 21.11 18.27
C10 BCR LE . -74.95 22.43 18.15
C11 BCR LE . -75.30 23.28 19.26
C33 BCR LE . -75.76 19.44 14.03
C31 BCR LE . -72.70 17.29 17.21
C32 BCR LE . -74.76 16.00 17.00
C34 BCR LE . -75.53 20.42 19.37
C12 BCR LE . -75.44 24.60 19.10
C13 BCR LE . -75.75 25.49 20.19
C14 BCR LE . -75.88 26.80 19.96
C15 BCR LE . -76.27 27.76 20.96
C16 BCR LE . -76.47 29.05 20.63
C17 BCR LE . -77.05 29.96 21.58
C18 BCR LE . -77.91 30.94 21.29
C19 BCR LE . -78.24 31.92 22.30
C20 BCR LE . -78.89 33.06 22.04
C21 BCR LE . -79.27 33.91 23.14
C22 BCR LE . -79.93 35.08 23.04
C23 BCR LE . -80.45 35.68 24.25
C24 BCR LE . -80.97 36.90 24.32
C25 BCR LE . -80.89 37.81 25.46
C26 BCR LE . -81.77 37.78 26.47
C27 BCR LE . -81.78 38.66 27.66
C28 BCR LE . -80.52 39.49 27.77
C29 BCR LE . -80.10 39.97 26.41
C30 BCR LE . -79.80 38.83 25.46
C35 BCR LE . -75.72 25.00 21.58
C36 BCR LE . -78.48 31.11 19.95
C37 BCR LE . -80.03 35.80 21.76
C38 BCR LE . -82.90 36.84 26.54
C39 BCR LE . -78.46 38.20 25.81
C40 BCR LE . -79.64 39.48 24.09
MG CLA ME . -1.99 60.96 4.42
CHA CLA ME . 1.44 61.19 4.96
CHB CLA ME . -1.66 62.77 1.57
CHC CLA ME . -5.33 60.54 3.85
CHD CLA ME . -2.28 59.10 7.42
NA CLA ME . -0.35 61.82 3.44
C1A CLA ME . 1.00 61.78 3.80
C2A CLA ME . 1.86 62.53 2.78
C3A CLA ME . 0.82 63.14 1.83
C4A CLA ME . -0.50 62.51 2.27
CMA CLA ME . 0.79 64.63 1.97
CAA CLA ME . 2.77 61.54 2.02
CBA CLA ME . 2.25 61.13 0.66
CGA CLA ME . 2.56 59.70 0.34
O1A CLA ME . 2.27 58.68 0.95
O2A CLA ME . 3.26 59.58 -0.83
NB CLA ME . -3.25 61.53 2.97
C1B CLA ME . -2.94 62.28 1.89
C2B CLA ME . -4.16 62.54 1.09
C3B CLA ME . -5.20 61.91 1.73
C4B CLA ME . -4.63 61.25 2.93
CMB CLA ME . -4.16 63.33 -0.14
CAB CLA ME . -6.59 61.82 1.38
CBB CLA ME . -7.56 62.50 1.98
NC CLA ME . -3.52 60.00 5.46
C1C CLA ME . -4.81 59.95 5.03
C2C CLA ME . -5.61 59.20 5.99
C3C CLA ME . -4.75 58.79 7.01
C4C CLA ME . -3.43 59.29 6.66
CMC CLA ME . -7.05 58.97 5.87
CAC CLA ME . -5.10 58.02 8.21
CBC CLA ME . -4.85 56.55 8.05
ND CLA ME . -0.77 60.29 5.87
C1D CLA ME . -1.03 59.55 7.07
C2D CLA ME . 0.24 59.42 7.82
C3D CLA ME . 1.19 60.04 7.05
C4D CLA ME . 0.53 60.56 5.86
CMD CLA ME . 0.38 58.76 9.10
CAD CLA ME . 2.59 60.40 6.98
OBD CLA ME . 3.45 60.23 7.82
CBD CLA ME . 2.80 61.12 5.62
MG CLA NE . 1.13 43.13 9.58
CHA CLA NE . -0.92 41.91 12.07
CHB CLA NE . 3.86 42.49 11.49
CHC CLA NE . 3.11 44.46 7.11
CHD CLA NE . -1.74 43.84 7.65
NA CLA NE . 1.39 42.29 11.47
C1A CLA NE . 0.42 41.83 12.37
C2A CLA NE . 1.08 41.30 13.66
C3A CLA NE . 2.59 41.44 13.37
C4A CLA NE . 2.63 42.12 12.01
CMA CLA NE . 3.32 42.25 14.40
CAA CLA NE . 0.80 39.86 14.03
CBA CLA NE . 0.60 38.91 12.87
CGA CLA NE . 0.77 37.51 13.37
O1A CLA NE . 1.68 37.07 14.06
O2A CLA NE . -0.24 36.66 12.98
NB CLA NE . 3.09 43.45 9.35
C1B CLA NE . 4.05 43.12 10.25
C2B CLA NE . 5.39 43.49 9.75
C3B CLA NE . 5.19 44.05 8.51
C4B CLA NE . 3.73 44.02 8.23
CMB CLA NE . 6.60 43.23 10.52
CAB CLA NE . 6.14 44.56 7.55
CBB CLA NE . 7.09 45.46 7.80
NC CLA NE . 0.75 43.96 7.71
C1C CLA NE . 1.71 44.43 6.86
C2C CLA NE . 1.09 44.94 5.65
C3C CLA NE . -0.28 44.78 5.80
C4C CLA NE . -0.48 44.16 7.10
CMC CLA NE . 1.81 45.51 4.53
CAC CLA NE . -1.33 45.17 4.85
CBC CLA NE . -1.77 44.03 3.98
ND CLA NE . -0.86 42.84 9.70
C1D CLA NE . -1.93 43.21 8.85
C2D CLA NE . -3.21 42.86 9.49
C3D CLA NE . -2.88 42.37 10.73
C4D CLA NE . -1.41 42.40 10.82
CMD CLA NE . -4.52 43.05 8.88
CAD CLA NE . -3.37 41.81 11.97
OBD CLA NE . -4.52 41.54 12.30
CBD CLA NE . -2.14 41.58 12.90
CGD CLA NE . -2.14 42.44 14.12
O1D CLA NE . -1.81 43.61 14.21
O2D CLA NE . -2.56 41.80 15.25
CED CLA NE . -2.43 42.51 16.48
C1 CLA NE . 0.09 35.27 13.06
C2 CLA NE . -0.93 34.48 12.33
C3 CLA NE . -0.77 33.16 12.21
C4 CLA NE . -1.72 32.29 11.50
C1 BCR OE . -6.56 52.71 5.82
C2 BCR OE . -6.25 52.32 7.23
C3 BCR OE . -7.46 52.48 8.09
C4 BCR OE . -7.92 53.90 8.10
C5 BCR OE . -7.98 54.48 6.75
C6 BCR OE . -7.34 53.98 5.68
C7 BCR OE . -7.45 54.55 4.34
C8 BCR OE . -6.76 55.62 3.90
C9 BCR OE . -6.52 55.87 2.49
C10 BCR OE . -5.98 57.04 2.14
C11 BCR OE . -5.37 57.28 0.86
C33 BCR OE . -8.79 55.71 6.71
C31 BCR OE . -7.37 51.56 5.24
C32 BCR OE . -5.22 52.76 5.12
C34 BCR OE . -6.69 54.75 1.55
C12 BCR OE . -4.91 58.50 0.60
C13 BCR OE . -4.35 58.89 -0.67
C14 BCR OE . -3.35 59.77 -0.68
C15 BCR OE . -2.84 60.39 -1.88
C16 BCR OE . -1.74 61.15 -1.82
C17 BCR OE . -1.32 61.81 -3.01
C18 BCR OE . -0.16 62.47 -3.19
C19 BCR OE . 0.21 62.85 -4.54
C20 BCR OE . 1.22 63.68 -4.80
C21 BCR OE . 1.41 64.15 -6.14
C22 BCR OE . 2.37 65.01 -6.52
C23 BCR OE . 2.21 65.76 -7.75
C24 BCR OE . 2.96 66.82 -8.05
C25 BCR OE . 3.32 67.30 -9.39
C26 BCR OE . 2.51 68.11 -10.10
C27 BCR OE . 2.80 68.66 -11.44
C28 BCR OE . 4.28 68.75 -11.67
C29 BCR OE . 4.92 67.42 -11.34
C30 BCR OE . 4.67 66.92 -9.93
C35 BCR OE . -5.07 58.55 -1.92
C36 BCR OE . 0.60 63.01 -2.06
C37 BCR OE . 3.67 65.05 -5.82
C38 BCR OE . 1.18 68.55 -9.63
C39 BCR OE . 5.73 67.42 -8.98
C40 BCR OE . 4.87 65.41 -10.03
C1 BCR PE . -43.77 -20.95 13.35
C2 BCR PE . -43.82 -21.97 14.47
C3 BCR PE . -44.35 -23.26 13.96
C4 BCR PE . -43.42 -23.81 12.92
C5 BCR PE . -42.99 -22.80 11.93
C6 BCR PE . -43.11 -21.47 12.10
C7 BCR PE . -42.70 -20.48 11.11
C8 BCR PE . -41.42 -20.09 10.94
C9 BCR PE . -41.01 -18.84 10.35
C10 BCR PE . -39.71 -18.58 10.34
C11 BCR PE . -39.13 -17.32 9.93
C33 BCR PE . -42.41 -23.41 10.72
C31 BCR PE . -43.10 -19.74 13.95
C32 BCR PE . -45.18 -20.58 12.99
C34 BCR PE . -41.98 -18.10 9.52
C12 BCR PE . -37.81 -17.20 9.92
C13 BCR PE . -37.06 -16.11 9.33
C14 BCR PE . -35.89 -15.82 9.91
C15 BCR PE . -34.84 -15.04 9.33
C16 BCR PE . -33.57 -15.30 9.65
C17 BCR PE . -32.59 -14.26 9.50
C18 BCR PE . -31.43 -14.16 10.16
C19 BCR PE . -30.65 -12.95 9.95
C20 BCR PE . -29.44 -12.72 10.45
C21 BCR PE . -28.81 -11.45 10.19
C22 BCR PE . -27.84 -10.89 10.92
C23 BCR PE . -27.60 -9.47 10.77
C24 BCR PE . -26.46 -8.86 11.12
C25 BCR PE . -26.16 -7.44 10.93
C26 BCR PE . -25.84 -6.92 9.73
C27 BCR PE . -25.53 -5.52 9.48
C28 BCR PE . -26.31 -4.64 10.41
C29 BCR PE . -26.09 -5.06 11.84
C30 BCR PE . -26.15 -6.55 12.15
C35 BCR PE . -37.77 -15.11 8.51
C36 BCR PE . -30.85 -15.27 10.92
C37 BCR PE . -26.94 -11.67 11.79
C38 BCR PE . -25.77 -7.68 8.47
C39 BCR PE . -27.30 -6.85 13.10
C40 BCR PE . -24.89 -6.79 12.97
C1 BCR QE . -25.20 -15.93 13.87
C2 BCR QE . -25.22 -17.33 14.44
C3 BCR QE . -24.86 -18.33 13.37
C4 BCR QE . -23.50 -18.06 12.78
C5 BCR QE . -23.14 -16.63 12.73
C6 BCR QE . -23.89 -15.63 13.21
C7 BCR QE . -23.46 -14.24 13.18
C8 BCR QE . -23.66 -13.41 12.16
C9 BCR QE . -23.09 -12.08 12.12
C10 BCR QE . -23.01 -11.49 10.93
C11 BCR QE . -22.70 -10.10 10.75
C33 BCR QE . -21.83 -16.39 12.10
C31 BCR QE . -25.41 -15.02 15.04
C32 BCR QE . -26.38 -15.78 12.91
C34 BCR QE . -23.15 -11.28 13.35
C12 BCR QE . -21.98 -9.78 9.67
C13 BCR QE . -21.91 -8.47 9.10
C14 BCR QE . -21.42 -8.38 7.86
C15 BCR QE . -21.04 -7.15 7.24
C16 BCR QE . -20.72 -7.11 5.96
C17 BCR QE . -20.05 -5.90 5.58
C18 BCR QE . -19.65 -5.55 4.37
C19 BCR QE . -19.04 -4.25 4.24
C20 BCR QE . -18.92 -3.62 3.07
C21 BCR QE . -17.76 -2.80 2.86
C22 BCR QE . -17.35 -2.27 1.71
C23 BCR QE . -17.03 -3.17 0.61
C24 BCR QE . -16.31 -2.78 -0.45
C25 BCR QE . -15.63 -3.65 -1.41
C26 BCR QE . -14.40 -4.12 -1.20
C27 BCR QE . -13.62 -5.00 -2.10
C28 BCR QE . -14.52 -5.67 -3.11
C29 BCR QE . -15.45 -4.66 -3.70
C30 BCR QE . -16.35 -3.99 -2.68
C35 BCR QE . -21.96 -7.28 9.97
C36 BCR QE . -20.14 -6.24 3.17
C37 BCR QE . -16.75 -0.94 1.68
C38 BCR QE . -13.60 -3.83 0.00
C39 BCR QE . -17.58 -4.85 -2.44
C40 BCR QE . -16.84 -2.72 -3.37
MG CLA RE . -1.42 -11.92 -1.91
CHA CLA RE . -0.33 -15.12 -1.13
CHB CLA RE . -3.11 -11.82 0.98
CHC CLA RE . -2.48 -8.75 -2.72
CHD CLA RE . 0.57 -12.01 -4.79
NA CLA RE . -1.67 -13.28 -0.34
C1A CLA RE . -1.13 -14.55 -0.18
C2A CLA RE . -1.58 -15.15 1.15
C3A CLA RE . -2.46 -14.07 1.78
C4A CLA RE . -2.41 -12.96 0.75
CMA CLA RE . -3.85 -14.51 2.07
CAA CLA RE . -0.40 -15.30 2.10
CBA CLA RE . -0.48 -16.63 2.80
CGA CLA RE . 0.72 -16.72 3.66
O1A CLA RE . 1.68 -17.49 3.59
O2A CLA RE . 0.68 -15.76 4.63
NB CLA RE . -2.60 -10.55 -1.05
C1B CLA RE . -3.17 -10.71 0.14
C2B CLA RE . -3.93 -9.51 0.50
C3B CLA RE . -3.79 -8.62 -0.51
C4B CLA RE . -2.91 -9.27 -1.54
CMB CLA RE . -4.68 -9.35 1.72
CAB CLA RE . -4.36 -7.30 -0.50
CBB CLA RE . -4.88 -6.70 -1.54
NC CLA RE . -1.06 -10.64 -3.50
C1C CLA RE . -1.61 -9.40 -3.65
C2C CLA RE . -1.11 -8.80 -4.87
C3C CLA RE . -0.23 -9.71 -5.43
C4C CLA RE . -0.18 -10.85 -4.55
CMC CLA RE . -1.49 -7.48 -5.38
CAC CLA RE . 0.60 -9.57 -6.63
CBC CLA RE . 1.93 -8.98 -6.23
ND CLA RE . -0.21 -13.24 -2.86
C1D CLA RE . 0.58 -13.14 -4.02
C2D CLA RE . 1.30 -14.41 -4.24
C3D CLA RE . 0.93 -15.22 -3.20
C4D CLA RE . 0.04 -14.43 -2.33
CMD CLA RE . 2.18 -14.73 -5.37
CAD CLA RE . 1.07 -16.52 -2.59
OBD CLA RE . 1.59 -17.52 -3.03
CBD CLA RE . 0.38 -16.46 -1.22
CGD CLA RE . -0.52 -17.64 -1.01
O1D CLA RE . -0.30 -18.63 -0.32
O2D CLA RE . -1.69 -17.60 -1.70
CED CLA RE . -2.52 -18.74 -1.62
C1 CLA RE . 1.77 -15.63 5.56
C2 CLA RE . 1.53 -16.63 6.63
C3 CLA RE . 1.44 -16.31 7.94
C4 CLA RE . 1.57 -14.92 8.43
C5 CLA RE . 1.20 -17.36 8.96
C6 CLA RE . 1.71 -18.72 8.55
MG CLA SE . -13.02 -8.13 -0.42
CHA CLA SE . -10.03 -8.77 -2.07
CHB CLA SE . -11.34 -6.53 2.03
CHC CLA SE . -16.01 -7.39 1.06
CHD CLA SE . -14.64 -9.93 -2.90
NA CLA SE . -11.02 -7.71 -0.10
C1A CLA SE . -9.93 -8.02 -0.93
C2A CLA SE . -8.66 -7.46 -0.36
C3A CLA SE . -9.07 -6.97 1.02
C4A CLA SE . -10.59 -7.04 1.00
CMA CLA SE . -8.49 -7.90 2.06
CAA CLA SE . -8.31 -6.25 -1.26
CBA CLA SE . -9.45 -5.31 -1.66
CGA CLA SE . -9.20 -4.26 -2.69
O1A CLA SE . -8.32 -4.19 -3.52
O2A CLA SE . -10.12 -3.25 -2.66
NB CLA SE . -13.57 -7.16 1.25
C1B CLA SE . -12.73 -6.59 2.12
C2B CLA SE . -13.49 -6.03 3.26
C3B CLA SE . -14.81 -6.26 3.02
C4B CLA SE . -14.89 -6.99 1.72
CMB CLA SE . -12.82 -5.33 4.35
CAB CLA SE . -15.94 -5.90 3.82
CBB CLA SE . -16.46 -6.74 4.71
NC CLA SE . -15.01 -8.52 -0.89
C1C CLA SE . -16.08 -8.07 -0.20
C2C CLA SE . -17.30 -8.47 -0.90
C3C CLA SE . -16.89 -9.26 -1.97
C4C CLA SE . -15.45 -9.27 -1.96
CMC CLA SE . -18.66 -8.14 -0.51
CAC CLA SE . -17.72 -9.86 -3.02
CBC CLA SE . -17.72 -9.11 -4.33
ND CLA SE . -12.55 -9.04 -2.15
C1D CLA SE . -13.29 -9.90 -2.98
C2D CLA SE . -12.41 -10.58 -3.95
C3D CLA SE . -11.17 -10.09 -3.70
C4D CLA SE . -11.29 -9.20 -2.55
CMD CLA SE . -12.80 -11.54 -4.97
CAD CLA SE . -9.79 -10.15 -4.08
OBD CLA SE . -9.30 -10.62 -5.09
CBD CLA SE . -8.99 -9.43 -2.95
CGD CLA SE . -8.29 -10.53 -2.20
O1D CLA SE . -8.83 -11.51 -1.73
O2D CLA SE . -6.95 -10.39 -2.06
CED CLA SE . -6.30 -11.39 -1.29
C1 CLA SE . -10.64 -2.77 -3.93
C2 CLA SE . -11.78 -1.87 -3.62
C3 CLA SE . -12.66 -1.39 -4.51
C4 CLA SE . -12.62 -1.70 -5.96
C5 CLA SE . -13.78 -0.50 -4.09
C6 CLA SE . -13.69 0.88 -4.70
C7 CLA SE . -12.79 1.77 -3.86
C8 CLA SE . -12.60 3.18 -4.37
C9 CLA SE . -12.48 3.24 -5.87
C10 CLA SE . -11.37 3.80 -3.74
C11 CLA SE . -11.64 5.23 -3.34
C12 CLA SE . -10.90 6.19 -4.23
C13 CLA SE . -10.28 7.30 -3.42
C14 CLA SE . -9.92 8.48 -4.29
C15 CLA SE . -9.05 6.82 -2.67
MG CLA TE . -8.35 -6.45 11.97
CHA CLA TE . -5.33 -7.80 13.00
CHB CLA TE . -9.52 -6.70 15.14
CHC CLA TE . -11.17 -4.76 11.01
CHD CLA TE . -7.09 -6.20 8.73
NA CLA TE . -7.55 -7.18 13.75
C1A CLA TE . -6.26 -7.67 13.98
C2A CLA TE . -6.11 -8.08 15.44
C3A CLA TE . -7.54 -8.01 15.97
C4A CLA TE . -8.27 -7.22 14.90
CMA CLA TE . -8.08 -9.39 16.11
CAA CLA TE . -5.25 -7.09 16.21
CBA CLA TE . -4.83 -7.67 17.53
CGA CLA TE . -3.35 -7.93 17.51
O1A CLA TE . -2.43 -7.13 17.43
O2A CLA TE . -3.06 -9.26 17.54
NB CLA TE . -10.04 -5.86 12.90
C1B CLA TE . -10.31 -6.00 14.21
C2B CLA TE . -11.59 -5.34 14.54
C3B CLA TE . -12.07 -4.79 13.38
C4B CLA TE . -11.08 -5.12 12.33
CMB CLA TE . -12.11 -5.35 15.91
CAB CLA TE . -13.25 -4.00 13.08
CBB CLA TE . -14.46 -4.08 13.63
NC CLA TE . -9.03 -5.69 10.16
C1C CLA TE . -10.23 -5.05 9.99
C2C CLA TE . -10.38 -4.64 8.62
C3C CLA TE . -9.22 -5.02 7.96
C4C CLA TE . -8.37 -5.67 8.95
CMC CLA TE . -11.55 -3.93 8.09
CAC CLA TE . -8.93 -4.79 6.54
CBC CLA TE . -9.05 -6.02 5.67
ND CLA TE . -6.66 -6.97 10.99
C1D CLA TE . -6.25 -6.79 9.65
C2D CLA TE . -4.87 -7.34 9.49
C3D CLA TE . -4.49 -7.74 10.75
C4D CLA TE . -5.62 -7.47 11.64
CMD CLA TE . -4.10 -7.39 8.27
CAD CLA TE . -3.46 -8.35 11.51
OBD CLA TE . -2.42 -8.86 11.16
CBD CLA TE . -3.92 -8.32 13.00
CGD CLA TE . -3.78 -9.65 13.65
O1D CLA TE . -2.85 -10.10 14.31
O2D CLA TE . -4.86 -10.44 13.49
CED CLA TE . -4.60 -11.83 13.55
C1 BCR UE . -41.86 -16.04 -0.30
C2 BCR UE . -43.13 -16.66 -0.83
C3 BCR UE . -42.92 -17.48 -2.07
C4 BCR UE . -42.27 -16.64 -3.13
C5 BCR UE . -41.03 -16.02 -2.62
C6 BCR UE . -40.80 -15.75 -1.33
C7 BCR UE . -39.57 -15.12 -0.85
C8 BCR UE . -38.41 -15.76 -0.67
C9 BCR UE . -37.17 -15.10 -0.34
C10 BCR UE . -36.01 -15.48 -0.91
C11 BCR UE . -34.76 -14.77 -0.75
C33 BCR UE . -40.07 -15.76 -3.71
C31 BCR UE . -41.39 -16.95 0.81
C32 BCR UE . -42.29 -14.74 0.34
C34 BCR UE . -37.20 -14.05 0.70
C12 BCR UE . -33.64 -15.25 -1.28
C13 BCR UE . -32.31 -14.79 -0.97
C14 BCR UE . -31.29 -15.19 -1.76
C15 BCR UE . -29.91 -14.85 -1.57
C16 BCR UE . -28.97 -15.30 -2.41
C17 BCR UE . -27.63 -14.81 -2.27
C18 BCR UE . -26.65 -14.76 -3.18
C19 BCR UE . -25.41 -14.13 -2.78
C20 BCR UE . -24.38 -13.96 -3.61
C21 BCR UE . -23.12 -13.49 -3.10
C22 BCR UE . -21.96 -13.52 -3.76
C23 BCR UE . -20.75 -13.67 -2.98
C24 BCR UE . -19.61 -12.98 -3.14
C25 BCR UE . -18.28 -13.25 -2.55
C26 BCR UE . -17.21 -13.39 -3.34
C27 BCR UE . -15.84 -13.64 -2.90
C28 BCR UE . -15.57 -13.00 -1.57
C29 BCR UE . -16.67 -13.27 -0.58
C30 BCR UE . -18.10 -13.28 -1.06
C35 BCR UE . -32.04 -14.23 0.36
C36 BCR UE . -26.66 -15.64 -4.36
C37 BCR UE . -21.89 -13.90 -5.18
C38 BCR UE . -17.30 -13.33 -4.81
C39 BCR UE . -18.88 -12.16 -0.39
C40 BCR UE . -18.60 -14.58 -0.46
C1 BCR VE . -49.08 -23.31 3.41
C2 BCR VE . -49.36 -22.49 2.18
C3 BCR VE . -49.33 -23.34 0.94
C4 BCR VE . -50.34 -24.45 1.01
C5 BCR VE . -50.53 -25.00 2.37
C6 BCR VE . -49.95 -24.53 3.48
C7 BCR VE . -50.20 -25.14 4.79
C8 BCR VE . -49.38 -26.01 5.37
C9 BCR VE . -49.47 -26.43 6.75
C10 BCR VE . -48.36 -26.85 7.36
C11 BCR VE . -48.34 -27.73 8.50
C33 BCR VE . -51.39 -26.19 2.39
C31 BCR VE . -49.29 -22.42 4.61
C32 BCR VE . -47.61 -23.70 3.38
C34 BCR VE . -50.81 -26.79 7.27
C12 BCR VE . -47.18 -28.18 8.96
C13 BCR VE . -47.00 -29.16 10.00
C14 BCR VE . -45.79 -29.27 10.53
C15 BCR VE . -45.42 -30.23 11.54
C16 BCR VE . -44.14 -30.62 11.61
C17 BCR VE . -43.66 -31.36 12.72
C18 BCR VE . -42.37 -31.61 12.98
C19 BCR VE . -42.05 -32.69 13.89
C20 BCR VE . -40.80 -33.09 14.10
C21 BCR VE . -40.62 -34.23 14.96
C22 BCR VE . -39.47 -34.76 15.35
C23 BCR VE . -39.54 -36.08 15.94
C24 BCR VE . -38.53 -36.67 16.60
C25 BCR VE . -38.60 -37.94 17.33
C26 BCR VE . -38.48 -39.13 16.72
C27 BCR VE . -38.53 -40.46 17.36
C28 BCR VE . -38.38 -40.39 18.86
C29 BCR VE . -39.17 -39.23 19.40
C30 BCR VE . -38.76 -37.90 18.82
C35 BCR VE . -48.15 -29.82 10.64
C36 BCR VE . -41.33 -30.62 12.67
C37 BCR VE . -38.31 -33.89 15.66
C38 BCR VE . -38.30 -39.29 15.26
C39 BCR VE . -37.47 -37.41 19.45
C40 BCR VE . -39.84 -36.93 19.31
MG CL0 WE . 51.42 -9.21 8.63
CHA CL0 WE . 52.02 -12.60 7.67
CHB CL0 WE . 50.37 -8.70 5.39
CHC CL0 WE . 50.22 -6.24 9.68
CHD CL0 WE . 52.02 -10.14 12.04
NA CL0 WE . 51.20 -10.48 6.76
C1A CL0 WE . 51.54 -11.71 6.56
C2A CL0 WE . 51.50 -12.14 5.10
C3A CL0 WE . 51.03 -10.84 4.46
C4A CL0 WE . 50.83 -9.94 5.62
CMA CL0 WE . 52.19 -10.26 3.68
CAA CL0 WE . 50.49 -13.25 4.80
CBA CL0 WE . 50.21 -13.48 3.31
CGA CL0 WE . 48.97 -14.31 3.12
O1A CL0 WE . 48.03 -14.01 2.40
O2A CL0 WE . 48.76 -15.49 3.69
NB CL0 WE . 50.39 -7.71 7.67
C1B CL0 WE . 50.14 -7.62 6.36
C2B CL0 WE . 49.59 -6.30 5.96
C3B CL0 WE . 49.57 -5.58 7.23
C4B CL0 WE . 50.07 -6.54 8.24
CMB CL0 WE . 49.17 -5.81 4.61
CAB CL0 WE . 49.08 -4.20 7.48
CBB CL0 WE . 49.44 -3.22 6.69
NC CL0 WE . 51.10 -8.36 10.58
C1C CL0 WE . 50.72 -7.10 10.77
C2C CL0 WE . 50.83 -6.59 12.16
C3C CL0 WE . 51.35 -7.77 12.85
C4C CL0 WE . 51.47 -8.80 11.78
CMC CL0 WE . 50.50 -5.23 12.71
CAC CL0 WE . 51.69 -7.93 14.30
CBC CL0 WE . 53.16 -7.66 14.51
ND CL0 WE . 51.82 -10.89 9.73
C1D CL0 WE . 52.17 -11.16 11.00
C2D CL0 WE . 52.72 -12.53 11.22
C3D CL0 WE . 52.63 -13.04 9.85
C4D CL0 WE . 52.13 -12.08 9.06
CMD CL0 WE . 53.24 -13.36 12.36
CAD CL0 WE . 52.93 -14.27 9.07
OBD CL0 WE . 53.61 -15.28 9.49
CBD CL0 WE . 52.43 -14.06 7.68
CGD CL0 WE . 51.26 -15.00 7.50
O1D CL0 WE . 50.23 -14.83 8.12
O2D CL0 WE . 51.35 -16.15 6.61
CED CL0 WE . 50.16 -16.87 6.29
C1 CL0 WE . 47.31 -16.09 3.96
C2 CL0 WE . 46.51 -15.68 5.18
C3 CL0 WE . 46.15 -16.55 6.15
C4 CL0 WE . 46.55 -17.99 6.10
C5 CL0 WE . 45.35 -16.07 7.34
C6 CL0 WE . 46.20 -16.18 8.59
C7 CL0 WE . 45.57 -15.49 9.81
C8 CL0 WE . 44.14 -15.92 10.11
C9 CL0 WE . 43.55 -15.05 11.21
C10 CL0 WE . 44.12 -17.40 10.52
C11 CL0 WE . 42.70 -17.89 10.75
C12 CL0 WE . 42.65 -19.41 10.59
C13 CL0 WE . 41.23 -19.97 10.68
C14 CL0 WE . 41.28 -21.44 11.08
C15 CL0 WE . 40.45 -19.73 9.39
C16 CL0 WE . 40.85 -20.67 8.27
C17 CL0 WE . 40.28 -20.24 6.92
C18 CL0 WE . 41.13 -20.74 5.76
C19 CL0 WE . 40.29 -21.46 4.71
C20 CL0 WE . 41.89 -19.58 5.13
MG CLA XE . 71.83 -15.98 -16.92
CHA CLA XE . 70.78 -12.73 -17.45
CHB CLA XE . 70.88 -15.77 -13.68
CHC CLA XE . 72.85 -19.22 -16.48
CHD CLA XE . 72.82 -16.16 -20.30
NA CLA XE . 70.93 -14.49 -15.78
C1A CLA XE . 70.57 -13.20 -16.19
C2A CLA XE . 69.93 -12.45 -15.03
C3A CLA XE . 70.10 -13.40 -13.83
C4A CLA XE . 70.65 -14.67 -14.46
CMA CLA XE . 71.09 -12.83 -12.86
CAA CLA XE . 68.44 -12.32 -15.28
CBA CLA XE . 67.75 -11.63 -14.13
CGA CLA XE . 68.14 -10.19 -14.14
O1A CLA XE . 67.89 -9.34 -14.99
O2A CLA XE . 68.88 -9.85 -13.04
NB CLA XE . 71.86 -17.26 -15.37
C1B CLA XE . 71.42 -16.98 -14.12
C2B CLA XE . 71.63 -18.17 -13.25
C3B CLA XE . 72.18 -19.15 -14.04
C4B CLA XE . 72.33 -18.59 -15.40
CMB CLA XE . 71.25 -18.15 -11.84
CAB CLA XE . 72.58 -20.50 -13.77
CBB CLA XE . 73.19 -20.98 -12.68
NC CLA XE . 72.67 -17.42 -18.17
C1C CLA XE . 73.00 -18.67 -17.78
C2C CLA XE . 73.59 -19.39 -18.90
C3C CLA XE . 73.58 -18.53 -19.98
C4C CLA XE . 72.99 -17.30 -19.52
CMC CLA XE . 74.09 -20.75 -18.84
CAC CLA XE . 74.09 -18.79 -21.33
CBC CLA XE . 75.52 -18.35 -21.45
ND CLA XE . 71.77 -14.81 -18.55
C1D CLA XE . 72.26 -14.99 -19.88
C2D CLA XE . 72.07 -13.76 -20.63
C3D CLA XE . 71.52 -12.85 -19.75
C4D CLA XE . 71.35 -13.56 -18.47
CMD CLA XE . 72.45 -13.58 -22.02
CAD CLA XE . 71.03 -11.51 -19.58
OBD CLA XE . 70.97 -10.61 -20.39
CBD CLA XE . 70.57 -11.37 -18.11
CGD CLA XE . 71.29 -10.21 -17.48
O1D CLA XE . 71.30 -9.05 -17.87
O2D CLA XE . 71.99 -10.48 -16.35
CED CLA XE . 72.84 -9.47 -15.85
C1 CLA XE . 69.47 -8.53 -13.04
C2 CLA XE . 70.91 -8.69 -12.75
C3 CLA XE . 71.44 -8.81 -11.51
C4 CLA XE . 70.61 -8.80 -10.29
C5 CLA XE . 72.91 -8.96 -11.36
C6 CLA XE . 73.28 -10.04 -10.37
C7 CLA XE . 74.59 -10.70 -10.75
C8 CLA XE . 74.87 -11.89 -9.87
C9 CLA XE . 73.77 -12.93 -9.98
C10 CLA XE . 75.01 -11.48 -8.40
C11 CLA XE . 76.37 -10.87 -8.13
C12 CLA XE . 76.62 -10.81 -6.65
C13 CLA XE . 76.86 -9.38 -6.18
C14 CLA XE . 77.54 -9.34 -4.83
C15 CLA XE . 75.54 -8.63 -6.11
C16 CLA XE . 74.60 -9.23 -5.09
C17 CLA XE . 73.97 -8.14 -4.25
C18 CLA XE . 72.48 -8.30 -3.96
C19 CLA XE . 71.86 -6.93 -3.81
C20 CLA XE . 71.71 -9.08 -4.99
MG CLA YE . 71.44 -25.28 -15.74
CHA CLA YE . 72.34 -25.72 -19.04
CHB CLA YE . 72.42 -28.46 -15.06
CHC CLA YE . 70.50 -24.83 -12.47
CHD CLA YE . 70.12 -22.12 -16.55
NA CLA YE . 72.27 -26.81 -16.88
C1A CLA YE . 72.59 -26.81 -18.24
C2A CLA YE . 73.16 -28.16 -18.68
C3A CLA YE . 73.03 -29.01 -17.42
C4A CLA YE . 72.56 -28.03 -16.35
CMA CLA YE . 72.00 -30.07 -17.64
CAA CLA YE . 74.61 -28.15 -19.16
CBA CLA YE . 75.59 -27.99 -18.02
CGA CLA YE . 76.98 -28.00 -18.53
O1A CLA YE . 77.37 -27.72 -19.66
O2A CLA YE . 77.89 -28.37 -17.60
NB CLA YE . 71.45 -26.43 -14.08
C1B CLA YE . 71.96 -27.68 -13.99
C2B CLA YE . 71.92 -28.15 -12.59
C3B CLA YE . 71.37 -27.13 -11.83
C4B CLA YE . 71.07 -26.02 -12.79
CMB CLA YE . 72.41 -29.48 -12.24
CAB CLA YE . 71.08 -27.02 -10.43
CBB CLA YE . 70.73 -27.96 -9.56
NC CLA YE . 70.51 -23.73 -14.69
C1C CLA YE . 70.23 -23.75 -13.35
C2C CLA YE . 69.58 -22.51 -12.98
C3C CLA YE . 69.45 -21.75 -14.14
C4C CLA YE . 70.04 -22.53 -15.22
CMC CLA YE . 69.14 -22.17 -11.62
CAC CLA YE . 68.84 -20.43 -14.28
CBC CLA YE . 67.38 -20.56 -14.63
ND CLA YE . 71.35 -24.09 -17.36
C1D CLA YE . 70.74 -22.83 -17.56
C2D CLA YE . 70.89 -22.47 -18.98
C3D CLA YE . 71.54 -23.52 -19.58
C4D CLA YE . 71.75 -24.53 -18.54
CMD CLA YE . 70.44 -21.21 -19.58
CAD CLA YE . 72.08 -24.04 -20.81
OBD CLA YE . 72.20 -23.51 -21.89
CBD CLA YE . 72.52 -25.50 -20.53
CGD CLA YE . 71.75 -26.51 -21.33
O1D CLA YE . 71.05 -27.43 -20.92
O2D CLA YE . 71.89 -26.38 -22.66
CED CLA YE . 71.48 -27.49 -23.45
C1 CLA YE . 78.59 -27.35 -16.87
C2 CLA YE . 79.76 -28.00 -16.25
C3 CLA YE . 80.24 -27.73 -15.03
C4 CLA YE . 81.42 -28.43 -14.48
C5 CLA YE . 79.62 -26.72 -14.14
C6 CLA YE . 80.49 -25.49 -13.95
C7 CLA YE . 79.85 -24.50 -12.99
C8 CLA YE . 80.71 -23.27 -12.78
C9 CLA YE . 80.38 -22.22 -13.83
MG CLA ZE . 64.83 -34.30 -13.05
CHA CLA ZE . 64.15 -36.58 -10.51
CHB CLA ZE . 67.12 -32.77 -11.09
CHC CLA ZE . 65.49 -32.17 -15.62
CHD CLA ZE . 62.41 -35.93 -15.02
NA CLA ZE . 65.51 -34.66 -11.12
C1A CLA ZE . 65.11 -35.65 -10.23
C2A CLA ZE . 65.90 -35.58 -8.96
C3A CLA ZE . 66.60 -34.23 -9.08
C4A CLA ZE . 66.44 -33.86 -10.55
CMA CLA ZE . 65.82 -33.30 -8.23
CAA CLA ZE . 66.98 -36.65 -9.04
CBA CLA ZE . 67.23 -37.25 -7.68
CGA CLA ZE . 68.20 -36.37 -6.99
O1A CLA ZE . 68.94 -35.53 -7.50
O2A CLA ZE . 68.29 -36.53 -5.63
NB CLA ZE . 66.12 -32.78 -13.33
C1B CLA ZE . 66.99 -32.30 -12.41
C2B CLA ZE . 67.76 -31.17 -13.00
C3B CLA ZE . 67.30 -31.00 -14.28
C4B CLA ZE . 66.24 -32.02 -14.49
CMB CLA ZE . 68.75 -30.43 -12.22
CAB CLA ZE . 67.63 -30.05 -15.31
CBB CLA ZE . 68.84 -29.60 -15.65
NC CLA ZE . 64.04 -34.06 -14.96
C1C CLA ZE . 64.45 -33.10 -15.84
C2C CLA ZE . 63.65 -33.21 -17.05
C3C CLA ZE . 62.80 -34.27 -16.88
C4C CLA ZE . 63.06 -34.82 -15.57
CMC CLA ZE . 63.75 -32.35 -18.20
CAC CLA ZE . 61.78 -34.71 -17.83
CBC CLA ZE . 60.43 -34.10 -17.61
ND CLA ZE . 63.50 -35.81 -12.86
C1D CLA ZE . 62.61 -36.42 -13.77
C2D CLA ZE . 61.98 -37.57 -13.13
C3D CLA ZE . 62.47 -37.64 -11.85
C4D CLA ZE . 63.44 -36.55 -11.75
CMD CLA ZE . 61.00 -38.46 -13.74
CAD CLA ZE . 62.47 -38.34 -10.59
OBD CLA ZE . 61.77 -39.26 -10.20
CBD CLA ZE . 63.58 -37.72 -9.71
CGD CLA ZE . 63.07 -37.31 -8.36
O1D CLA ZE . 63.73 -37.19 -7.32
O2D CLA ZE . 61.74 -37.03 -8.29
CED CLA ZE . 61.27 -36.28 -7.18
C1 CLA ZE . 67.15 -36.89 -4.81
C2 CLA ZE . 67.78 -37.46 -3.60
C3 CLA ZE . 68.29 -36.74 -2.59
C4 CLA ZE . 68.25 -35.26 -2.58
C5 CLA ZE . 68.92 -37.41 -1.43
C6 CLA ZE . 70.33 -37.86 -1.73
C7 CLA ZE . 71.33 -36.89 -1.14
C8 CLA ZE . 72.73 -37.46 -1.13
C9 CLA ZE . 73.21 -37.71 -2.54
C10 CLA ZE . 72.77 -38.77 -0.34
C11 CLA ZE . 73.43 -38.61 1.00
C12 CLA ZE . 74.69 -39.44 1.10
C13 CLA ZE . 74.50 -40.64 2.00
C14 CLA ZE . 74.19 -40.23 3.42
C15 CLA ZE . 75.73 -41.53 2.00
C16 CLA ZE . 75.51 -42.75 1.13
C17 CLA ZE . 76.48 -42.81 -0.02
C18 CLA ZE . 77.47 -43.94 0.14
C19 CLA ZE . 76.77 -45.28 0.30
C20 CLA ZE . 78.40 -43.98 -1.06
MG CLA AF . 66.71 -29.16 -5.46
CHA CLA AF . 67.01 -27.24 -8.34
CHB CLA AF . 64.00 -30.69 -6.74
CHC CLA AF . 66.70 -31.23 -2.75
CHD CLA AF . 69.53 -27.50 -4.16
NA CLA AF . 65.67 -28.96 -7.27
C1A CLA AF . 65.97 -28.14 -8.35
C2A CLA AF . 64.93 -28.33 -9.46
C3A CLA AF . 63.87 -29.21 -8.79
C4A CLA AF . 64.56 -29.69 -7.51
CMA CLA AF . 62.65 -28.38 -8.49
CAA CLA AF . 65.47 -29.11 -10.64
CBA CLA AF . 65.69 -28.23 -11.86
CGA CLA AF . 64.49 -28.19 -12.74
O1A CLA AF . 64.43 -28.41 -13.95
O2A CLA AF . 63.34 -27.84 -12.10
NB CLA AF . 65.57 -30.70 -4.86
C1B CLA AF . 64.52 -31.21 -5.54
C2B CLA AF . 63.98 -32.38 -4.80
C3B CLA AF . 64.75 -32.51 -3.67
C4B CLA AF . 65.77 -31.45 -3.70
CMB CLA AF . 62.83 -33.13 -5.28
CAB CLA AF . 64.71 -33.43 -2.57
CBB CLA AF . 64.61 -34.76 -2.66
NC CLA AF . 67.86 -29.28 -3.74
C1C CLA AF . 67.66 -30.18 -2.75
C2C CLA AF . 68.62 -29.97 -1.69
C3C CLA AF . 69.44 -28.95 -2.11
C4C CLA AF . 68.97 -28.52 -3.40
CMC CLA AF . 68.70 -30.71 -0.45
CAC CLA AF . 70.54 -28.35 -1.37
CBC CLA AF . 70.03 -27.15 -0.61
ND CLA AF . 67.94 -27.65 -6.00
C1D CLA AF . 69.09 -27.09 -5.38
C2D CLA AF . 69.63 -26.04 -6.22
C3D CLA AF . 68.88 -26.05 -7.36
C4D CLA AF . 67.85 -27.09 -7.20
CMD CLA AF . 70.77 -25.21 -5.85
CAD CLA AF . 68.64 -25.42 -8.63
OBD CLA AF . 69.18 -24.44 -9.11
CBD CLA AF . 67.54 -26.23 -9.35
CGD CLA AF . 66.54 -25.31 -9.96
O1D CLA AF . 65.58 -24.72 -9.44
O2D CLA AF . 66.81 -25.13 -11.27
CED CLA AF . 66.03 -24.20 -12.02
C1 CLA AF . 62.71 -26.59 -12.43
C2 CLA AF . 61.61 -26.44 -11.45
C3 CLA AF . 61.20 -25.29 -10.90
C4 CLA AF . 61.81 -23.98 -11.24
C5 CLA AF . 60.09 -25.31 -9.93
C6 CLA AF . 60.28 -24.39 -8.73
C7 CLA AF . 60.37 -25.20 -7.45
C8 CLA AF . 60.31 -24.35 -6.19
C9 CLA AF . 61.26 -23.18 -6.28
C10 CLA AF . 60.68 -25.11 -4.92
C11 CLA AF . 60.18 -26.53 -4.84
C12 CLA AF . 60.75 -27.25 -3.63
C13 CLA AF . 62.12 -27.85 -3.90
C14 CLA AF . 62.20 -29.31 -3.50
C15 CLA AF . 63.25 -27.12 -3.22
C16 CLA AF . 64.37 -26.87 -4.19
C17 CLA AF . 65.64 -26.39 -3.52
C18 CLA AF . 66.11 -25.03 -3.99
C19 CLA AF . 65.79 -24.75 -5.44
C20 CLA AF . 65.49 -23.96 -3.12
MG CLA BF . 81.25 -22.14 3.53
CHA CLA BF . 82.66 -19.46 5.20
CHB CLA BF . 78.27 -20.50 3.45
CHC CLA BF . 79.89 -24.81 1.88
CHD CLA BF . 84.34 -23.82 3.69
NA CLA BF . 80.60 -20.27 4.19
C1A CLA BF . 81.36 -19.29 4.85
C2A CLA BF . 80.50 -18.05 5.12
C3A CLA BF . 79.09 -18.45 4.63
C4A CLA BF . 79.32 -19.84 4.03
CMA CLA BF . 78.13 -18.50 5.78
CAA CLA BF . 80.94 -16.86 4.28
CBA CLA BF . 81.27 -17.25 2.84
CGA CLA BF . 81.54 -16.03 2.03
O1A CLA BF . 81.42 -14.85 2.36
O2A CLA BF . 81.94 -16.31 0.76
NB CLA BF . 79.43 -22.57 2.79
C1B CLA BF . 78.34 -21.78 2.89
C2B CLA BF . 77.17 -22.47 2.34
C3B CLA BF . 77.60 -23.69 1.88
C4B CLA BF . 79.06 -23.78 2.17
CMB CLA BF . 75.84 -21.88 2.30
CAB CLA BF . 76.84 -24.75 1.29
CBB CLA BF . 76.97 -25.20 0.04
NC CLA BF . 82.00 -23.97 2.88
C1C CLA BF . 81.27 -24.90 2.19
C2C CLA BF . 82.11 -26.03 1.84
C3C CLA BF . 83.36 -25.78 2.39
C4C CLA BF . 83.28 -24.48 3.04
CMC CLA BF . 81.70 -27.20 1.07
CAC CLA BF . 84.56 -26.62 2.29
CBC CLA BF . 85.38 -26.28 1.08
ND CLA BF . 83.10 -21.78 4.23
C1D CLA BF . 84.28 -22.57 4.24
C2D CLA BF . 85.33 -21.82 4.94
C3D CLA BF . 84.77 -20.63 5.35
C4D CLA BF . 83.38 -20.66 4.88
CMD CLA BF . 86.70 -22.30 5.13
CAD CLA BF . 84.98 -19.37 6.03
OBD CLA BF . 85.97 -18.93 6.59
CBD CLA BF . 83.64 -18.60 5.97
CGD CLA BF . 83.17 -18.26 7.36
O1D CLA BF . 83.59 -17.38 8.11
O2D CLA BF . 82.17 -19.04 7.82
CED CLA BF . 81.72 -18.85 9.16
C1 CLA BF . 82.49 -15.22 -0.02
C2 CLA BF . 81.95 -15.44 -1.39
C3 CLA BF . 82.55 -15.08 -2.52
C4 CLA BF . 83.86 -14.38 -2.54
C5 CLA BF . 81.86 -15.38 -3.81
C6 CLA BF . 82.67 -15.24 -5.08
C7 CLA BF . 81.71 -15.19 -6.25
C8 CLA BF . 82.34 -15.62 -7.56
C9 CLA BF . 82.89 -14.41 -8.30
C10 CLA BF . 81.31 -16.31 -8.44
C11 CLA BF . 81.96 -17.03 -9.61
C12 CLA BF . 80.97 -17.27 -10.73
C13 CLA BF . 81.62 -17.46 -12.10
C14 CLA BF . 81.94 -18.92 -12.36
C15 CLA BF . 82.87 -16.60 -12.31
MG CLA CF . 71.92 -18.73 7.48
CHA CLA CF . 71.58 -22.10 8.23
CHB CLA CF . 74.14 -19.49 5.05
CHC CLA CF . 71.99 -15.41 6.60
CHD CLA CF . 69.64 -18.01 10.05
NA CLA CF . 72.72 -20.51 6.78
C1A CLA CF . 72.43 -21.80 7.20
C2A CLA CF . 73.19 -22.79 6.36
C3A CLA CF . 74.21 -21.94 5.60
C4A CLA CF . 73.64 -20.54 5.78
CMA CLA CF . 75.54 -22.02 6.26
CAA CLA CF . 72.13 -23.33 5.40
CBA CLA CF . 72.44 -23.28 3.93
CGA CLA CF . 71.59 -22.27 3.23
O1A CLA CF . 71.71 -21.06 3.17
O2A CLA CF . 70.54 -22.83 2.58
NB CLA CF . 72.83 -17.67 6.05
C1B CLA CF . 73.74 -18.16 5.18
C2B CLA CF . 74.35 -17.06 4.39
C3B CLA CF . 73.76 -15.91 4.82
C4B CLA CF . 72.79 -16.27 5.90
CMB CLA CF . 75.38 -17.30 3.39
CAB CLA CF . 74.01 -14.57 4.40
CBB CLA CF . 73.23 -13.86 3.59
NC CLA CF . 71.00 -17.01 8.22
C1C CLA CF . 71.15 -15.76 7.69
C2C CLA CF . 70.31 -14.84 8.43
C3C CLA CF . 69.68 -15.58 9.43
C4C CLA CF . 70.11 -16.94 9.28
CMC CLA CF . 70.15 -13.42 8.21
CAC CLA CF . 68.75 -15.07 10.44
CBC CLA CF . 69.50 -14.79 11.72
ND CLA CF . 70.92 -19.74 8.92
C1D CLA CF . 69.98 -19.32 9.88
C2D CLA CF . 69.50 -20.49 10.65
C3D CLA CF . 70.11 -21.57 10.07
C4D CLA CF . 70.95 -21.06 8.97
CMD CLA CF . 68.57 -20.47 11.76
CAD CLA CF . 70.26 -23.00 10.10
OBD CLA CF . 69.79 -23.80 10.88
CBD CLA CF . 71.14 -23.39 8.89
CGD CLA CF . 72.27 -24.30 9.28
O1D CLA CF . 72.26 -25.52 9.29
O2D CLA CF . 73.41 -23.70 9.65
CED CLA CF . 74.61 -24.35 9.24
C1 CLA CF . 70.66 -23.03 1.17
C2 CLA CF . 69.74 -22.06 0.53
C3 CLA CF . 69.34 -22.17 -0.75
C4 CLA CF . 69.77 -23.27 -1.64
C5 CLA CF . 68.43 -21.17 -1.36
C6 CLA CF . 69.12 -19.83 -1.48
C7 CLA CF . 68.88 -19.23 -2.84
C8 CLA CF . 70.14 -18.63 -3.44
C9 CLA CF . 71.13 -19.73 -3.71
C10 CLA CF . 70.73 -17.56 -2.53
C11 CLA CF . 70.88 -16.22 -3.23
C12 CLA CF . 72.03 -16.18 -4.22
C13 CLA CF . 72.30 -14.80 -4.79
C14 CLA CF . 72.97 -13.90 -3.77
C15 CLA CF . 71.03 -14.13 -5.29
C16 CLA CF . 71.25 -13.40 -6.59
C17 CLA CF . 71.11 -14.32 -7.77
C18 CLA CF . 69.80 -14.15 -8.52
C19 CLA CF . 69.54 -12.72 -8.89
C20 CLA CF . 69.85 -14.97 -9.78
MG CLA DF . 75.62 -9.28 5.69
CHA CLA DF . 77.40 -12.26 5.86
CHB CLA DF . 78.06 -7.90 3.83
CHC CLA DF . 73.81 -6.38 5.61
CHD CLA DF . 73.21 -10.64 7.88
NA CLA DF . 77.42 -10.00 4.94
C1A CLA DF . 77.97 -11.29 5.09
C2A CLA DF . 79.31 -11.36 4.35
C3A CLA DF . 79.46 -9.99 3.71
C4A CLA DF . 78.22 -9.23 4.17
CMA CLA DF . 80.72 -9.34 4.18
CAA CLA DF . 79.42 -12.41 3.25
CBA CLA DF . 78.21 -12.60 2.38
CGA CLA DF . 78.04 -14.07 2.21
O1A CLA DF . 77.81 -14.90 3.08
O2A CLA DF . 78.19 -14.52 0.93
NB CLA DF . 75.86 -7.49 4.80
C1B CLA DF . 76.98 -7.08 4.21
C2B CLA DF . 76.93 -5.59 4.02
C3B CLA DF . 75.73 -5.18 4.54
C4B CLA DF . 75.02 -6.38 5.03
CMB CLA DF . 78.01 -4.84 3.41
CAB CLA DF . 75.12 -3.88 4.66
CBB CLA DF . 74.81 -3.08 3.64
NC CLA DF . 73.79 -8.67 6.51
C1C CLA DF . 73.21 -7.48 6.28
C2C CLA DF . 71.92 -7.40 6.92
C3C CLA DF . 71.78 -8.56 7.66
C4C CLA DF . 72.96 -9.35 7.40
CMC CLA DF . 71.02 -6.25 6.82
CAC CLA DF . 70.62 -8.94 8.50
CBC CLA DF . 69.51 -9.57 7.71
ND CLA DF . 75.29 -11.03 6.62
C1D CLA DF . 74.30 -11.43 7.54
C2D CLA DF . 74.60 -12.77 8.01
C3D CLA DF . 75.75 -13.18 7.37
C4D CLA DF . 76.16 -12.03 6.54
CMD CLA DF . 73.76 -13.46 8.95
CAD CLA DF . 76.73 -14.21 7.21
OBD CLA DF . 76.76 -15.34 7.68
CBD CLA DF . 77.84 -13.64 6.28
CGD CLA DF . 79.16 -13.59 6.98
O1D CLA DF . 79.52 -12.83 7.88
O2D CLA DF . 80.06 -14.52 6.57
CED CLA DF . 80.78 -15.19 7.60
C1 CLA DF . 77.83 -15.90 0.71
C2 CLA DF . 78.69 -16.50 -0.34
C3 CLA DF . 78.77 -17.82 -0.57
C4 CLA DF . 78.00 -18.83 0.19
C5 CLA DF . 79.66 -18.36 -1.63
C6 CLA DF . 79.16 -17.94 -3.00
C7 CLA DF . 78.73 -19.15 -3.80
C8 CLA DF . 79.87 -19.67 -4.67
C9 CLA DF . 80.26 -18.61 -5.69
C10 CLA DF . 79.53 -20.97 -5.39
C11 CLA DF . 78.10 -21.05 -5.89
C12 CLA DF . 78.00 -21.33 -7.36
C13 CLA DF . 78.75 -22.58 -7.79
C14 CLA DF . 78.81 -22.66 -9.30
C15 CLA DF . 78.12 -23.85 -7.22
C16 CLA DF . 78.96 -25.08 -7.51
C17 CLA DF . 78.13 -26.17 -8.16
C18 CLA DF . 78.94 -27.19 -8.96
C19 CLA DF . 78.04 -27.97 -9.89
C20 CLA DF . 80.04 -26.54 -9.78
MG CLA EF . 78.36 -45.78 -13.84
CHA CLA EF . 79.68 -47.71 -16.43
CHB CLA EF . 75.27 -46.91 -14.55
CHC CLA EF . 77.16 -44.00 -11.17
CHD CLA EF . 81.59 -44.57 -13.17
NA CLA EF . 77.62 -47.10 -15.28
C1A CLA EF . 78.33 -47.82 -16.25
C2A CLA EF . 77.37 -48.68 -17.08
C3A CLA EF . 75.98 -48.24 -16.57
C4A CLA EF . 76.29 -47.36 -15.37
CMA CLA EF . 75.25 -47.47 -17.63
CAA CLA EF . 77.60 -50.16 -16.87
CBA CLA EF . 76.82 -50.78 -15.74
CGA CLA EF . 77.68 -51.69 -14.93
O1A CLA EF . 77.32 -52.58 -14.15
O2A CLA EF . 79.02 -51.47 -15.11
NB CLA EF . 76.56 -45.52 -13.00
C1B CLA EF . 75.40 -46.07 -13.44
C2B CLA EF . 74.28 -45.66 -12.55
C3B CLA EF . 74.82 -44.82 -11.60
C4B CLA EF . 76.27 -44.72 -11.88
CMB CLA EF . 72.91 -46.10 -12.80
CAB CLA EF . 74.24 -44.10 -10.51
CBB CLA EF . 73.33 -44.53 -9.64
NC CLA EF . 79.22 -44.50 -12.45
C1C CLA EF . 78.54 -43.88 -11.44
C2C CLA EF . 79.47 -43.11 -10.62
C3C CLA EF . 80.72 -43.28 -11.20
C4C CLA EF . 80.55 -44.14 -12.34
CMC CLA EF . 79.10 -42.35 -9.43
CAC CLA EF . 81.99 -42.75 -10.73
CBC CLA EF . 82.37 -41.48 -11.42
ND CLA EF . 80.21 -45.98 -14.64
C1D CLA EF . 81.45 -45.42 -14.24
C2D CLA EF . 82.50 -45.91 -15.15
C3D CLA EF . 81.88 -46.78 -16.01
C4D CLA EF . 80.46 -46.80 -15.64
CMD CLA EF . 83.89 -45.52 -15.08
CAD CLA EF . 82.03 -47.65 -17.16
OBD CLA EF . 83.01 -47.85 -17.85
CBD CLA EF . 80.67 -48.33 -17.40
CGD CLA EF . 80.23 -48.11 -18.81
O1D CLA EF . 80.37 -47.11 -19.49
O2D CLA EF . 79.61 -49.18 -19.38
CED CLA EF . 79.64 -49.28 -20.80
MG CLA FF . 78.17 -30.55 -20.75
CHA CLA FF . 75.68 -29.98 -23.09
CHB CLA FF . 80.39 -28.82 -22.67
CHC CLA FF . 80.50 -30.80 -18.24
CHD CLA FF . 75.86 -32.34 -18.80
NA CLA FF . 78.05 -29.61 -22.60
C1A CLA FF . 76.91 -29.45 -23.40
C2A CLA FF . 77.26 -28.66 -24.65
C3A CLA FF . 78.79 -28.51 -24.58
C4A CLA FF . 79.13 -29.01 -23.18
CMA CLA FF . 79.45 -29.31 -25.65
CAA CLA FF . 76.60 -27.28 -24.58
CBA CLA FF . 76.83 -26.50 -23.30
CGA CLA FF . 75.77 -25.48 -23.05
O1A CLA FF . 75.05 -24.87 -23.86
O2A CLA FF . 75.61 -25.27 -21.70
NB CLA FF . 80.08 -29.95 -20.50
C1B CLA FF . 80.80 -29.25 -21.40
C2B CLA FF . 82.14 -28.95 -20.85
C3B CLA FF . 82.20 -29.50 -19.60
C4B CLA FF . 80.88 -30.15 -19.37
CMB CLA FF . 83.15 -28.20 -21.59
CAB CLA FF . 83.25 -29.49 -18.64
CBB CLA FF . 84.04 -30.53 -18.37
NC CLA FF . 78.18 -31.46 -18.88
C1C CLA FF . 79.24 -31.42 -18.02
C2C CLA FF . 78.87 -32.08 -16.78
C3C CLA FF . 77.57 -32.53 -16.93
C4C CLA FF . 77.13 -32.14 -18.26
CMC CLA FF . 79.74 -32.18 -15.60
CAC CLA FF . 76.73 -33.22 -15.94
CBC CLA FF . 75.99 -32.24 -15.06
ND CLA FF . 76.26 -31.17 -20.92
C1D CLA FF . 75.44 -31.89 -20.02
C2D CLA FF . 74.10 -32.02 -20.62
C3D CLA FF . 74.12 -31.28 -21.78
C4D CLA FF . 75.49 -30.76 -21.91
CMD CLA FF . 73.00 -32.74 -20.00
CAD CLA FF . 73.37 -30.86 -22.94
OBD CLA FF . 72.22 -31.11 -23.26
CBD CLA FF . 74.32 -29.94 -23.77
CGD CLA FF . 74.34 -30.28 -25.23
O1D CLA FF . 74.87 -31.23 -25.81
O2D CLA FF . 73.68 -29.37 -25.99
CED CLA FF . 72.78 -29.86 -26.97
C1 CLA FF . 76.35 -24.25 -20.98
C2 CLA FF . 75.77 -24.21 -19.61
C3 CLA FF . 76.26 -23.60 -18.51
C4 CLA FF . 77.51 -22.83 -18.50
C5 CLA FF . 75.49 -23.69 -17.24
C6 CLA FF . 76.22 -24.23 -16.03
C7 CLA FF . 75.21 -24.40 -14.91
C8 CLA FF . 75.70 -25.33 -13.80
C9 CLA FF . 75.93 -26.71 -14.34
C10 CLA FF . 74.66 -25.44 -12.69
C11 CLA FF . 74.92 -24.50 -11.54
C12 CLA FF . 74.06 -24.84 -10.36
C13 CLA FF . 74.58 -24.12 -9.13
C14 CLA FF . 74.06 -24.71 -7.84
C15 CLA FF . 74.21 -22.65 -9.23
C16 CLA FF . 72.74 -22.40 -9.01
C17 CLA FF . 72.41 -20.93 -9.17
C18 CLA FF . 71.93 -20.29 -7.87
C19 CLA FF . 73.07 -20.06 -6.91
C20 CLA FF . 71.26 -18.97 -8.16
MG CLA GF . 73.26 -55.58 -11.09
CHA CLA GF . 72.68 -54.33 -14.26
CHB CLA GF . 71.61 -58.42 -11.92
CHC CLA GF . 73.88 -56.78 -7.96
CHD CLA GF . 75.00 -52.62 -10.29
NA CLA GF . 72.30 -56.25 -12.83
C1A CLA GF . 72.18 -55.57 -14.05
C2A CLA GF . 71.42 -56.44 -15.06
C3A CLA GF . 70.98 -57.67 -14.23
C4A CLA GF . 71.68 -57.46 -12.89
CMA CLA GF . 69.49 -57.69 -14.05
CAA CLA GF . 72.28 -56.90 -16.23
CBA CLA GF . 73.51 -57.70 -15.86
CGA CLA GF . 74.71 -56.82 -15.64
O1A CLA GF . 75.37 -56.16 -16.44
O2A CLA GF . 75.04 -56.79 -14.31
NB CLA GF . 72.82 -57.30 -10.11
C1B CLA GF . 72.17 -58.34 -10.65
C2B CLA GF . 72.10 -59.44 -9.67
C3B CLA GF . 72.72 -59.03 -8.53
C4B CLA GF . 73.19 -57.62 -8.80
CMB CLA GF . 71.46 -60.71 -9.98
CAB CLA GF . 72.85 -59.82 -7.32
CBB CLA GF . 73.69 -59.70 -6.30
NC CLA GF . 74.25 -54.83 -9.43
C1C CLA GF . 74.38 -55.49 -8.25
C2C CLA GF . 75.14 -54.69 -7.30
C3C CLA GF . 75.48 -53.49 -7.97
C4C CLA GF . 74.91 -53.60 -9.30
CMC CLA GF . 75.46 -55.13 -5.95
CAC CLA GF . 76.30 -52.37 -7.49
CBC CLA GF . 75.67 -51.50 -6.43
ND CLA GF . 73.73 -53.84 -11.99
C1D CLA GF . 74.43 -52.70 -11.53
C2D CLA GF . 74.46 -51.70 -12.62
C3D CLA GF . 73.80 -52.26 -13.68
C4D CLA GF . 73.36 -53.60 -13.24
CMD CLA GF . 75.08 -50.39 -12.50
CAD CLA GF . 73.35 -52.09 -15.04
OBD CLA GF . 73.47 -51.14 -15.79
CBD CLA GF . 72.63 -53.40 -15.45
CGD CLA GF . 71.22 -53.15 -15.85
O1D CLA GF . 70.19 -53.53 -15.31
O2D CLA GF . 71.09 -52.41 -16.97
CED CLA GF . 69.96 -52.70 -17.78
C1 CLA GF . 76.06 -55.90 -13.82
C2 CLA GF . 76.49 -56.55 -12.56
C3 CLA GF . 77.46 -56.14 -11.75
C4 CLA GF . 78.26 -54.91 -12.01
C5 CLA GF . 77.77 -56.92 -10.54
C6 CLA GF . 78.03 -56.09 -9.30
C7 CLA GF . 79.37 -56.48 -8.72
C8 CLA GF . 79.33 -57.00 -7.27
C9 CLA GF . 78.07 -57.79 -6.95
C10 CLA GF . 79.52 -55.83 -6.30
C11 CLA GF . 79.48 -56.26 -4.85
C12 CLA GF . 80.30 -55.35 -3.96
C13 CLA GF . 79.79 -53.92 -4.01
C14 CLA GF . 80.75 -53.00 -3.30
MG CLA HF . 70.14 -46.04 -10.24
CHA CLA HF . 69.09 -42.77 -10.44
CHB CLA HF . 71.13 -45.49 -7.03
CHC CLA HF . 71.05 -49.30 -10.06
CHD CLA HF . 69.04 -46.54 -13.55
NA CLA HF . 70.11 -44.38 -8.96
C1A CLA HF . 69.59 -43.11 -9.21
C2A CLA HF . 69.77 -42.20 -8.00
C3A CLA HF . 70.59 -43.05 -7.03
C4A CLA HF . 70.60 -44.42 -7.69
CMA CLA HF . 71.97 -42.47 -6.95
CAA CLA HF . 68.46 -41.83 -7.33
CBA CLA HF . 68.63 -40.56 -6.53
CGA CLA HF . 68.66 -40.88 -5.07
O1A CLA HF . 67.82 -41.48 -4.41
O2A CLA HF . 69.77 -40.43 -4.44
NB CLA HF . 70.89 -47.21 -8.79
C1B CLA HF . 71.25 -46.78 -7.56
C2B CLA HF . 71.89 -47.88 -6.82
C3B CLA HF . 71.90 -48.98 -7.64
C4B CLA HF . 71.27 -48.55 -8.93
CMB CLA HF . 72.41 -47.70 -5.47
CAB CLA HF . 72.46 -50.27 -7.32
CBB CLA HF . 72.24 -51.49 -7.82
NC CLA HF . 70.05 -47.64 -11.58
C1C CLA HF . 70.47 -48.89 -11.29
C2C CLA HF . 70.28 -49.76 -12.43
C3C CLA HF . 69.69 -48.99 -13.42
C4C CLA HF . 69.55 -47.65 -12.88
CMC CLA HF . 70.63 -51.16 -12.49
CAC CLA HF . 69.30 -49.44 -14.76
CBC CLA HF . 67.91 -50.00 -14.87
ND CLA HF . 69.34 -44.95 -11.73
C1D CLA HF . 68.91 -45.29 -13.03
C2D CLA HF . 68.41 -44.08 -13.70
C3D CLA HF . 68.53 -43.07 -12.76
C4D CLA HF . 69.06 -43.67 -11.54
CMD CLA HF . 67.97 -44.03 -15.07
CAD CLA HF . 68.35 -41.66 -12.50
OBD CLA HF . 68.08 -40.77 -13.28
CBD CLA HF . 68.60 -41.46 -10.99
CGD CLA HF . 69.66 -40.44 -10.74
O1D CLA HF . 69.72 -39.61 -9.84
O2D CLA HF . 70.70 -40.51 -11.61
CED CLA HF . 71.96 -40.23 -11.04
C1 CLA HF . 70.26 -41.24 -3.34
C2 CLA HF . 71.73 -41.29 -3.54
C3 CLA HF . 72.55 -41.96 -2.73
C4 CLA HF . 72.06 -42.72 -1.56
C5 CLA HF . 74.01 -41.99 -2.97
C6 CLA HF . 74.51 -43.39 -3.22
C7 CLA HF . 75.86 -43.36 -3.89
C8 CLA HF . 76.06 -44.52 -4.85
C9 CLA HF . 75.16 -44.35 -6.07
C10 CLA HF . 75.76 -45.84 -4.18
C11 CLA HF . 77.02 -46.64 -3.94
C12 CLA HF . 76.76 -48.11 -3.70
C13 CLA HF . 78.06 -48.80 -3.30
C14 CLA HF . 78.16 -50.16 -3.96
C15 CLA HF . 78.18 -48.96 -1.80
MG CLA IF . 79.54 -46.02 9.39
CHA CLA IF . 81.69 -43.81 11.03
CHB CLA IF . 77.87 -43.41 8.07
CHC CLA IF . 77.48 -48.24 7.78
CHD CLA IF . 81.31 -48.70 10.80
NA CLA IF . 79.75 -43.94 9.56
C1A CLA IF . 80.72 -43.22 10.27
C2A CLA IF . 80.48 -41.71 10.09
C3A CLA IF . 79.18 -41.65 9.27
C4A CLA IF . 78.90 -43.09 8.91
CMA CLA IF . 78.08 -41.11 10.13
CAA CLA IF . 81.59 -40.98 9.34
CBA CLA IF . 81.85 -41.52 7.96
CGA CLA IF . 83.21 -41.08 7.52
O1A CLA IF . 84.15 -40.72 8.22
O2A CLA IF . 83.38 -41.09 6.17
NB CLA IF . 78.00 -45.86 8.12
C1B CLA IF . 77.46 -44.70 7.70
C2B CLA IF . 76.31 -44.98 6.80
C3B CLA IF . 76.19 -46.34 6.70
C4B CLA IF . 77.26 -46.92 7.57
CMB CLA IF . 75.53 -43.88 6.22
CAB CLA IF . 75.26 -47.20 6.03
CBB CLA IF . 74.67 -47.04 4.84
NC CLA IF . 79.41 -48.09 9.34
C1C CLA IF . 78.48 -48.79 8.63
C2C CLA IF . 78.66 -50.22 8.82
C3C CLA IF . 79.77 -50.36 9.65
C4C CLA IF . 80.23 -49.02 9.97
CMC CLA IF . 77.85 -51.27 8.22
CAC CLA IF . 80.34 -51.62 10.14
CBC CLA IF . 79.83 -51.97 11.50
ND CLA IF . 81.05 -46.27 10.71
C1D CLA IF . 81.69 -47.44 11.20
C2D CLA IF . 82.81 -47.05 12.06
C3D CLA IF . 82.85 -45.67 12.05
C4D CLA IF . 81.74 -45.24 11.18
CMD CLA IF . 83.67 -47.99 12.77
CAD CLA IF . 83.53 -44.49 12.51
OBD CLA IF . 84.53 -44.38 13.20
CBD CLA IF . 82.81 -43.27 11.88
CGD CLA IF . 82.29 -42.34 12.93
O1D CLA IF . 82.61 -41.18 13.15
O2D CLA IF . 81.33 -42.89 13.70
CED CLA IF . 80.53 -41.99 14.47
C1 CLA IF . 84.72 -40.96 5.68
C2 CLA IF . 84.79 -41.84 4.50
C3 CLA IF . 85.30 -43.08 4.52
C4 CLA IF . 85.91 -43.67 5.72
C5 CLA IF . 85.31 -43.91 3.29
C6 CLA IF . 84.34 -45.06 3.39
C7 CLA IF . 83.21 -44.91 2.40
C8 CLA IF . 82.50 -46.23 2.12
C9 CLA IF . 81.53 -46.06 0.97
MG CLA JF . 77.42 -57.67 12.64
CHA CLA JF . 79.80 -59.26 14.58
CHB CLA JF . 79.87 -56.54 10.57
CHC CLA JF . 75.05 -56.15 10.72
CHD CLA JF . 74.92 -58.76 14.87
NA CLA JF . 79.50 -57.88 12.60
C1A CLA JF . 80.31 -58.62 13.48
C2A CLA JF . 81.78 -58.49 13.07
C3A CLA JF . 81.75 -57.51 11.89
C4A CLA JF . 80.27 -57.30 11.65
CMA CLA JF . 82.41 -56.21 12.25
CAA CLA JF . 82.41 -59.80 12.60
CBA CLA JF . 81.49 -60.58 11.71
CGA CLA JF . 82.06 -61.94 11.49
O1A CLA JF . 82.57 -62.71 12.32
O2A CLA JF . 82.00 -62.35 10.18
NB CLA JF . 77.45 -56.55 10.98
C1B CLA JF . 78.55 -56.24 10.25
C2B CLA JF . 78.16 -55.46 9.05
C3B CLA JF . 76.78 -55.33 9.08
C4B CLA JF . 76.33 -56.03 10.31
CMB CLA JF . 79.17 -55.00 8.10
CAB CLA JF . 75.82 -54.70 8.23
CBB CLA JF . 75.91 -54.46 6.92
NC CLA JF . 75.36 -57.50 12.78
C1C CLA JF . 74.59 -56.85 11.87
C2C CLA JF . 73.19 -56.95 12.23
C3C CLA JF . 73.14 -57.66 13.42
C4C CLA JF . 74.51 -58.01 13.76
CMC CLA JF . 72.13 -56.38 11.41
CAC CLA JF . 71.94 -58.04 14.19
CBC CLA JF . 71.28 -59.29 13.65
ND CLA JF . 77.30 -58.75 14.34
C1D CLA JF . 76.22 -59.13 15.15
C2D CLA JF . 76.71 -59.92 16.29
C3D CLA JF . 78.08 -59.99 16.13
C4D CLA JF . 78.41 -59.25 14.91
CMD CLA JF . 75.85 -60.48 17.34
CAD CLA JF . 79.34 -60.46 16.68
OBD CLA JF . 79.55 -61.05 17.72
CBD CLA JF . 80.45 -60.05 15.68
CGD CLA JF . 81.55 -59.25 16.30
O1D CLA JF . 82.76 -59.39 16.17
O2D CLA JF . 81.12 -58.22 17.07
CED CLA JF . 81.89 -57.02 17.01
MG CLA KF . 87.68 -46.57 10.86
CHA CLA KF . 89.88 -44.16 12.04
CHB CLA KF . 85.83 -44.18 9.32
CHC CLA KF . 85.48 -48.99 9.83
CHD CLA KF . 89.69 -49.08 12.33
NA CLA KF . 87.86 -44.50 10.72
C1A CLA KF . 88.84 -43.67 11.28
C2A CLA KF . 88.58 -42.20 10.90
C3A CLA KF . 87.29 -42.26 10.06
C4A CLA KF . 86.95 -43.75 10.02
CMA CLA KF . 86.20 -41.46 10.74
CAA CLA KF . 89.65 -41.55 10.07
CBA CLA KF . 89.81 -42.19 8.71
CGA CLA KF . 91.09 -41.71 8.12
O1A CLA KF . 91.70 -40.67 8.35
O2A CLA KF . 91.63 -42.59 7.22
NB CLA KF . 86.02 -46.60 9.72
C1B CLA KF . 85.39 -45.50 9.24
C2B CLA KF . 84.07 -45.90 8.67
C3B CLA KF . 83.96 -47.26 8.81
C4B CLA KF . 85.19 -47.71 9.50
CMB CLA KF . 83.15 -44.95 8.05
CAB CLA KF . 82.87 -48.16 8.52
CBB CLA KF . 81.96 -48.48 9.47
NC CLA KF . 87.62 -48.65 11.04
C1C CLA KF . 86.62 -49.44 10.53
C2C CLA KF . 86.86 -50.83 10.84
C3C CLA KF . 88.07 -50.87 11.55
C4C CLA KF . 88.53 -49.49 11.67
CMC CLA KF . 85.98 -51.92 10.44
CAC CLA KF . 88.74 -52.05 12.07
CBC CLA KF . 88.15 -52.48 13.39
ND CLA KF . 89.35 -46.67 11.99
C1D CLA KF . 90.10 -47.76 12.49
C2D CLA KF . 91.27 -47.24 13.22
C3D CLA KF . 91.20 -45.87 13.13
C4D CLA KF . 90.01 -45.56 12.32
CMD CLA KF . 92.27 -48.06 13.90
CAD CLA KF . 91.83 -44.62 13.49
OBD CLA KF . 92.80 -44.41 14.20
CBD CLA KF . 91.04 -43.50 12.76
CGD CLA KF . 90.55 -42.46 13.73
O1D CLA KF . 89.38 -42.16 13.98
O2D CLA KF . 91.53 -41.82 14.42
CED CLA KF . 91.15 -41.02 15.54
MG CLA LF . 62.30 -59.34 14.36
CHA CLA LF . 60.91 -59.51 17.52
CHB CLA LF . 65.27 -60.40 15.62
CHC CLA LF . 63.59 -59.39 11.17
CHD CLA LF . 59.17 -58.44 13.07
NA CLA LF . 62.96 -59.84 16.28
C1A CLA LF . 62.23 -59.88 17.45
C2A CLA LF . 63.07 -60.37 18.62
C3A CLA LF . 64.46 -60.53 18.01
C4A CLA LF . 64.24 -60.26 16.52
CMA CLA LF . 65.43 -59.62 18.69
CAA CLA LF . 62.62 -61.76 19.10
CBA CLA LF . 62.56 -62.84 18.03
CGA CLA LF . 61.19 -62.94 17.42
O1A CLA LF . 60.11 -63.09 17.97
O2A CLA LF . 61.21 -62.84 16.05
NB CLA LF . 64.08 -59.80 13.56
C1B CLA LF . 65.18 -60.18 14.25
C2B CLA LF . 66.30 -60.38 13.31
C3B CLA LF . 65.83 -60.09 12.07
C4B CLA LF . 64.42 -59.71 12.20
CMB CLA LF . 67.62 -60.81 13.76
CAB CLA LF . 66.47 -60.12 10.79
CBB CLA LF . 66.90 -61.19 10.17
NC CLA LF . 61.53 -58.93 12.48
C1C CLA LF . 62.23 -59.03 11.32
C2C CLA LF . 61.36 -58.75 10.20
C3C CLA LF . 60.11 -58.50 10.72
C4C CLA LF . 60.23 -58.63 12.16
CMC CLA LF . 61.70 -58.78 8.79
CAC CLA LF . 58.90 -58.27 9.94
CBC CLA LF . 58.41 -56.86 9.96
ND CLA LF . 60.47 -58.89 15.08
C1D CLA LF . 59.27 -58.53 14.43
C2D CLA LF . 58.23 -58.34 15.45
C3D CLA LF . 58.81 -58.69 16.66
C4D CLA LF . 60.19 -59.06 16.36
CMD CLA LF . 56.88 -57.87 15.20
CAD CLA LF . 58.62 -58.81 18.08
OBD CLA LF . 57.64 -58.53 18.75
CBD CLA LF . 59.92 -59.41 18.66
CGD CLA LF . 60.42 -58.59 19.81
O1D CLA LF . 61.45 -57.92 19.87
O2D CLA LF . 59.62 -58.62 20.90
CED CLA LF . 60.13 -58.10 22.13
C1 CLA LF . 60.01 -62.43 15.36
C2 CLA LF . 60.46 -62.20 13.97
C3 CLA LF . 59.79 -62.49 12.84
C4 CLA LF . 58.45 -63.11 12.85
C5 CLA LF . 60.42 -62.19 11.53
C6 CLA LF . 59.73 -62.79 10.32
C7 CLA LF . 60.56 -62.58 9.08
C8 CLA LF . 59.79 -62.97 7.84
C9 CLA LF . 60.20 -64.34 7.36
C10 CLA LF . 60.03 -61.97 6.72
C11 CLA LF . 58.78 -61.15 6.48
C12 CLA LF . 58.35 -61.21 5.03
C13 CLA LF . 57.10 -60.38 4.83
C14 CLA LF . 56.70 -60.41 3.38
MG CLA MF . 59.01 -49.15 12.40
CHA CLA MF . 58.63 -45.82 13.12
CHB CLA MF . 60.55 -49.62 15.40
CHC CLA MF . 59.32 -52.48 11.63
CHD CLA MF . 57.32 -48.65 9.33
NA CLA MF . 59.55 -47.88 13.97
C1A CLA MF . 59.29 -46.53 14.10
C2A CLA MF . 59.86 -45.99 15.41
C3A CLA MF . 60.61 -47.18 16.01
C4A CLA MF . 60.22 -48.33 15.08
CMA CLA MF . 62.08 -46.86 16.01
CAA CLA MF . 58.86 -45.50 16.46
CBA CLA MF . 57.52 -46.17 16.40
CGA CLA MF . 57.45 -47.41 17.22
O1A CLA MF . 58.02 -47.68 18.27
O2A CLA MF . 56.60 -48.32 16.65
NB CLA MF . 59.77 -50.75 13.35
C1B CLA MF . 60.28 -50.75 14.60
C2B CLA MF . 60.65 -52.13 14.98
C3B CLA MF . 60.31 -52.93 13.93
C4B CLA MF . 59.76 -52.07 12.85
CMB CLA MF . 61.26 -52.45 16.25
CAB CLA MF . 60.46 -54.33 13.77
CBB CLA MF . 59.44 -55.16 13.91
NC CLA MF . 58.47 -50.33 10.76
C1C CLA MF . 58.74 -51.65 10.63
C2C CLA MF . 58.25 -52.13 9.35
C3C CLA MF . 57.63 -51.07 8.72
C4C CLA MF . 57.77 -49.94 9.61
CMC CLA MF . 58.37 -53.46 8.82
CAC CLA MF . 56.98 -51.08 7.42
CBC CLA MF . 55.53 -51.51 7.52
ND CLA MF . 58.27 -47.61 11.34
C1D CLA MF . 57.52 -47.57 10.14
C2D CLA MF . 57.09 -46.19 9.92
C3D CLA MF . 57.51 -45.47 11.00
C4D CLA MF . 58.20 -46.42 11.90
CMD CLA MF . 56.38 -45.76 8.72
CAD CLA MF . 57.58 -44.18 11.62
OBD CLA MF . 57.24 -43.10 11.17
CBD CLA MF . 58.17 -44.39 13.04
CGD CLA MF . 59.18 -43.36 13.45
O1D CLA MF . 59.26 -42.83 14.55
O2D CLA MF . 60.09 -42.96 12.53
CED CLA MF . 60.57 -41.64 12.74
C1 CLA MF . 57.08 -49.62 16.35
C2 CLA MF . 56.68 -49.99 14.97
C3 CLA MF . 55.45 -50.32 14.57
C4 CLA MF . 54.28 -50.37 15.47
C5 CLA MF . 55.21 -50.68 13.14
C6 CLA MF . 54.86 -52.15 13.02
C7 CLA MF . 54.76 -52.60 11.59
C8 CLA MF . 54.80 -54.12 11.49
C9 CLA MF . 56.15 -54.61 11.96
C10 CLA MF . 54.45 -54.59 10.08
C11 CLA MF . 54.71 -56.07 9.90
C12 CLA MF . 53.65 -56.79 9.10
C13 CLA MF . 53.84 -56.58 7.61
C14 CLA MF . 52.55 -56.85 6.85
C15 CLA MF . 54.95 -57.47 7.06
MG CLA NF . 65.70 -44.51 7.92
CHA CLA NF . 67.40 -42.52 10.18
CHB CLA NF . 62.89 -44.19 9.78
CHC CLA NF . 64.02 -46.39 5.62
CHD CLA NF . 68.62 -44.69 5.95
NA CLA NF . 65.25 -43.55 9.71
C1A CLA NF . 66.10 -42.77 10.51
C2A CLA NF . 65.34 -42.22 11.71
C3A CLA NF . 63.99 -42.96 11.66
C4A CLA NF . 64.03 -43.62 10.29
CMA CLA NF . 63.92 -43.91 12.82
CAA CLA NF . 65.09 -40.71 11.55
CBA CLA NF . 63.69 -40.26 11.13
CGA CLA NF . 63.58 -40.32 9.67
O1A CLA NF . 64.48 -40.60 8.88
O2A CLA NF . 62.36 -40.01 9.16
NB CLA NF . 63.82 -45.18 7.74
C1B CLA NF . 62.80 -44.85 8.55
C2B CLA NF . 61.53 -45.37 8.03
C3B CLA NF . 61.83 -46.01 6.85
C4B CLA NF . 63.29 -45.90 6.66
CMB CLA NF . 60.29 -45.15 8.77
CAB CLA NF . 61.03 -46.72 5.87
CBB CLA NF . 59.78 -47.16 5.98
NC CLA NF . 66.25 -45.42 6.14
C1C CLA NF . 65.41 -46.16 5.39
C2C CLA NF . 66.10 -46.66 4.22
C3C CLA NF . 67.39 -46.15 4.29
C4C CLA NF . 67.48 -45.38 5.51
CMC CLA NF . 65.43 -47.50 3.24
CAC CLA NF . 68.47 -46.34 3.31
CBC CLA NF . 68.29 -45.44 2.12
ND CLA NF . 67.61 -43.85 8.02
C1D CLA NF . 68.69 -43.95 7.12
C2D CLA NF . 69.82 -43.18 7.67
C3D CLA NF . 69.40 -42.66 8.86
C4D CLA NF . 68.00 -43.08 9.02
CMD CLA NF . 71.11 -43.04 7.03
CAD CLA NF . 69.73 -41.81 9.98
OBD CLA NF . 70.76 -41.20 10.22
CBD CLA NF . 68.48 -41.74 10.88
CGD CLA NF . 68.75 -42.35 12.20
O1D CLA NF . 68.42 -43.47 12.56
O2D CLA NF . 69.41 -41.59 13.11
CED CLA NF . 69.08 -41.80 14.48
C1 CLA NF . 61.26 -40.92 9.24
C2 CLA NF . 61.03 -41.56 7.91
C3 CLA NF . 59.78 -41.88 7.51
C4 CLA NF . 58.60 -41.61 8.35
C5 CLA NF . 59.45 -42.53 6.22
C6 CLA NF . 60.61 -42.89 5.31
C7 CLA NF . 60.02 -43.69 4.17
C8 CLA NF . 61.04 -44.28 3.22
C9 CLA NF . 61.93 -43.19 2.68
C10 CLA NF . 60.34 -44.97 2.08
C11 CLA NF . 59.80 -46.31 2.51
C12 CLA NF . 58.57 -46.74 1.75
C13 CLA NF . 57.75 -47.73 2.56
C14 CLA NF . 57.66 -49.06 1.87
C15 CLA NF . 56.34 -47.21 2.73
C16 CLA NF . 55.87 -47.29 4.17
C17 CLA NF . 54.61 -46.48 4.34
C18 CLA NF . 54.82 -45.37 5.35
C19 CLA NF . 55.46 -44.16 4.71
C20 CLA NF . 53.52 -44.98 6.03
MG CLA OF . 69.13 -61.94 -5.58
CHA CLA OF . 67.82 -61.95 -8.81
CHB CLA OF . 68.37 -65.21 -5.25
CHC CLA OF . 70.36 -61.85 -2.36
CHD CLA OF . 69.95 -58.55 -5.96
NA CLA OF . 68.26 -63.34 -6.86
C1A CLA OF . 67.79 -63.15 -8.17
C2A CLA OF . 67.23 -64.47 -8.71
C3A CLA OF . 67.35 -65.45 -7.52
C4A CLA OF . 68.06 -64.62 -6.45
CMA CLA OF . 66.02 -65.90 -7.00
CAA CLA OF . 68.02 -65.01 -9.91
CBA CLA OF . 69.22 -65.84 -9.52
CGA CLA OF . 70.48 -65.33 -10.17
O1A CLA OF . 70.69 -65.13 -11.37
O2A CLA OF . 71.49 -65.09 -9.28
NB CLA OF . 69.35 -63.28 -4.10
C1B CLA OF . 69.01 -64.59 -4.17
C2B CLA OF . 69.38 -65.27 -2.90
C3B CLA OF . 69.94 -64.33 -2.08
C4B CLA OF . 69.91 -63.05 -2.82
CMB CLA OF . 69.12 -66.69 -2.69
CAB CLA OF . 70.47 -64.41 -0.75
CBB CLA OF . 69.88 -64.97 0.32
NC CLA OF . 69.96 -60.46 -4.38
C1C CLA OF . 70.37 -60.64 -3.09
C2C CLA OF . 70.86 -59.39 -2.54
C3C CLA OF . 70.81 -58.47 -3.58
C4C CLA OF . 70.25 -59.14 -4.72
CMC CLA OF . 71.33 -59.22 -1.17
CAC CLA OF . 71.21 -57.05 -3.51
CBC CLA OF . 72.69 -56.88 -3.77
ND CLA OF . 68.92 -60.51 -6.99
C1D CLA OF . 69.31 -59.16 -7.02
C2D CLA OF . 68.93 -58.58 -8.32
C3D CLA OF . 68.31 -59.58 -9.02
C4D CLA OF . 68.35 -60.78 -8.16
CMD CLA OF . 69.15 -57.20 -8.72
CAD CLA OF . 67.67 -59.95 -10.25
OBD CLA OF . 67.38 -59.25 -11.22
CBD CLA OF . 67.38 -61.46 -10.17
CGD CLA OF . 65.93 -61.76 -10.43
O1D CLA OF . 65.40 -62.08 -11.50
O2D CLA OF . 65.14 -61.63 -9.34
CED CLA OF . 63.74 -61.42 -9.58
C1 CLA OF . 71.22 -64.03 -8.35
C2 CLA OF . 72.35 -63.80 -7.41
C3 CLA OF . 72.63 -64.56 -6.35
C4 CLA OF . 71.86 -65.77 -6.01
C5 CLA OF . 73.77 -64.22 -5.47
C6 CLA OF . 73.28 -63.53 -4.21
C7 CLA OF . 74.29 -63.71 -3.08
C8 CLA OF . 74.89 -62.38 -2.64
C9 CLA OF . 74.08 -61.80 -1.51
MG CLA PF . 56.14 -51.62 -4.28
CHA CLA PF . 53.82 -52.35 -6.75
CHB CLA PF . 56.84 -48.71 -5.83
CHC CLA PF . 58.12 -50.71 -1.61
CHD CLA PF . 55.30 -54.61 -2.66
NA CLA PF . 55.48 -50.72 -6.04
C1A CLA PF . 54.47 -51.16 -6.90
C2A CLA PF . 54.27 -50.18 -8.04
C3A CLA PF . 55.42 -49.19 -7.85
C4A CLA PF . 55.96 -49.53 -6.46
CMA CLA PF . 56.45 -49.47 -8.89
CAA CLA PF . 52.92 -49.48 -7.91
CBA CLA PF . 52.62 -48.94 -6.52
CGA CLA PF . 51.18 -49.03 -6.18
O1A CLA PF . 50.37 -49.92 -6.41
O2A CLA PF . 50.74 -47.95 -5.49
NB CLA PF . 57.32 -50.05 -3.83
C1B CLA PF . 57.40 -48.93 -4.58
C2B CLA PF . 58.19 -47.92 -3.87
C3B CLA PF . 58.57 -48.45 -2.66
C4B CLA PF . 58.00 -49.82 -2.62
CMB CLA PF . 58.38 -46.63 -4.51
CAB CLA PF . 59.33 -47.90 -1.57
CBB CLA PF . 60.27 -46.97 -1.60
NC CLA PF . 56.67 -52.53 -2.49
C1C CLA PF . 57.49 -52.00 -1.55
C2C CLA PF . 57.62 -52.91 -0.43
C3C CLA PF . 56.81 -54.00 -0.71
C4C CLA PF . 56.20 -53.76 -2.00
CMC CLA PF . 58.43 -52.66 0.75
CAC CLA PF . 56.61 -55.19 0.14
CBC CLA PF . 55.30 -55.20 0.88
ND CLA PF . 54.94 -53.20 -4.62
C1D CLA PF . 54.69 -54.36 -3.87
C2D CLA PF . 53.72 -55.19 -4.61
C3D CLA PF . 53.35 -54.46 -5.71
C4D CLA PF . 54.12 -53.23 -5.66
CMD CLA PF . 53.27 -56.51 -4.19
CAD CLA PF . 52.55 -54.43 -6.91
OBD CLA PF . 51.83 -55.27 -7.39
CBD CLA PF . 52.76 -53.05 -7.57
CGD CLA PF . 53.06 -53.13 -9.05
O1D CLA PF . 54.14 -52.98 -9.60
O2D CLA PF . 51.99 -53.40 -9.83
CED CLA PF . 51.84 -52.66 -11.04
C1 CLA PF . 50.28 -48.15 -4.15
C2 CLA PF . 50.03 -46.77 -3.68
C3 CLA PF . 49.82 -46.40 -2.41
C4 CLA PF . 49.60 -44.97 -2.10
C5 CLA PF . 49.80 -47.38 -1.30
C6 CLA PF . 50.23 -46.80 0.02
C7 CLA PF . 49.75 -47.70 1.14
C8 CLA PF . 50.73 -47.78 2.29
C9 CLA PF . 52.11 -48.13 1.77
C10 CLA PF . 50.26 -48.86 3.25
C11 CLA PF . 50.16 -48.36 4.68
C12 CLA PF . 51.50 -48.28 5.37
C13 CLA PF . 51.69 -49.35 6.45
C14 CLA PF . 52.78 -48.90 7.40
C15 CLA PF . 52.03 -50.73 5.88
C16 CLA PF . 53.14 -50.65 4.85
C17 CLA PF . 53.38 -51.95 4.13
C18 CLA PF . 54.85 -52.09 3.77
C19 CLA PF . 55.37 -53.46 4.14
C20 CLA PF . 55.08 -51.76 2.32
MG CLA QF . 54.22 -63.08 -6.74
CHA CLA QF . 54.82 -65.37 -9.27
CHB CLA QF . 50.90 -63.29 -7.36
CHC CLA QF . 53.65 -60.69 -4.34
CHD CLA QF . 57.68 -62.64 -6.37
NA CLA QF . 53.07 -64.22 -8.07
C1A CLA QF . 53.50 -65.14 -9.03
C2A CLA QF . 52.29 -65.70 -9.79
C3A CLA QF . 51.09 -64.97 -9.21
C4A CLA QF . 51.71 -64.11 -8.12
CMA CLA QF . 50.39 -64.23 -10.30
CAA CLA QF . 52.07 -67.18 -9.61
CBA CLA QF . 51.08 -67.59 -8.52
CGA CLA QF . 51.62 -67.40 -7.15
O1A CLA QF . 52.78 -67.19 -6.81
O2A CLA QF . 50.68 -67.47 -6.17
NB CLA QF . 52.59 -62.18 -5.99
C1B CLA QF . 51.32 -62.43 -6.36
C2B CLA QF . 50.40 -61.61 -5.57
C3B CLA QF . 51.17 -60.86 -4.70
C4B CLA QF . 52.58 -61.21 -4.97
CMB CLA QF . 48.95 -61.68 -5.79
CAB CLA QF . 50.82 -59.90 -3.70
CBB CLA QF . 50.06 -58.83 -3.90
NC CLA QF . 55.45 -61.93 -5.52
C1C CLA QF . 55.01 -61.04 -4.58
C2C CLA QF . 56.15 -60.45 -3.90
C3C CLA QF . 57.28 -60.97 -4.51
C4C CLA QF . 56.84 -61.90 -5.52
CMC CLA QF . 56.06 -59.47 -2.82
CAC CLA QF . 58.68 -60.70 -4.16
CBC CLA QF . 59.23 -61.78 -3.26
ND CLA QF . 55.90 -63.89 -7.48
C1D CLA QF . 57.27 -63.57 -7.29
C2D CLA QF . 58.09 -64.35 -8.21
C3D CLA QF . 57.21 -65.08 -8.97
C4D CLA QF . 55.85 -64.73 -8.51
CMD CLA QF . 59.54 -64.30 -8.27
CAD CLA QF . 57.07 -66.02 -10.05
OBD CLA QF . 57.92 -66.58 -10.71
CBD CLA QF . 55.54 -66.21 -10.30
CGD CLA QF . 55.20 -65.86 -11.72
O1D CLA QF . 55.37 -66.57 -12.71
O2D CLA QF . 54.68 -64.62 -11.92
CED CLA QF . 54.37 -64.22 -13.26
MG CLA RF . 45.80 -58.16 -7.38
CHA CLA RF . 47.31 -60.41 -9.51
CHB CLA RF . 42.76 -59.27 -8.40
CHC CLA RF . 44.36 -55.92 -5.28
CHD CLA RF . 49.00 -56.88 -6.55
NA CLA RF . 45.17 -59.63 -8.72
C1A CLA RF . 45.95 -60.48 -9.50
C2A CLA RF . 45.08 -61.40 -10.36
C3A CLA RF . 43.67 -60.88 -10.10
C4A CLA RF . 43.86 -59.86 -8.98
CMA CLA RF . 43.22 -60.29 -11.40
CAA CLA RF . 45.17 -62.88 -9.96
CBA CLA RF . 44.27 -63.28 -8.82
CGA CLA RF . 44.97 -63.06 -7.52
O1A CLA RF . 46.00 -63.59 -7.15
O2A CLA RF . 44.34 -62.16 -6.68
NB CLA RF . 43.90 -57.68 -6.93
C1B CLA RF . 42.80 -58.30 -7.39
C2B CLA RF . 41.60 -57.78 -6.69
C3B CLA RF . 42.04 -56.85 -5.80
C4B CLA RF . 43.51 -56.75 -5.95
CMB CLA RF . 40.23 -58.23 -6.93
CAB CLA RF . 41.24 -56.04 -4.91
CBB CLA RF . 41.40 -55.94 -3.59
NC CLA RF . 46.55 -56.67 -6.14
C1C CLA RF . 45.77 -55.88 -5.35
C2C CLA RF . 46.61 -54.96 -4.60
C3C CLA RF . 47.92 -55.20 -4.99
C4C CLA RF . 47.87 -56.28 -5.95
CMC CLA RF . 46.09 -53.96 -3.66
CAC CLA RF . 49.12 -54.49 -4.54
CBC CLA RF . 49.84 -55.23 -3.46
ND CLA RF . 47.73 -58.54 -7.83
C1D CLA RF . 48.96 -57.96 -7.41
C2D CLA RF . 50.06 -58.66 -8.10
C3D CLA RF . 49.48 -59.57 -8.94
C4D CLA RF . 48.03 -59.45 -8.74
CMD CLA RF . 51.49 -58.42 -7.93
CAD CLA RF . 49.70 -60.58 -9.94
OBD CLA RF . 50.73 -60.96 -10.45
CBD CLA RF . 48.32 -61.14 -10.33
CGD CLA RF . 48.06 -60.89 -11.79
O1D CLA RF . 47.81 -59.81 -12.30
O2D CLA RF . 48.11 -61.98 -12.59
CED CLA RF . 47.89 -61.78 -14.00
C1 CLA RF . 45.23 -61.38 -5.85
C2 CLA RF . 44.51 -60.75 -4.72
C3 CLA RF . 45.13 -59.93 -3.84
C4 CLA RF . 46.56 -59.60 -3.96
C5 CLA RF . 44.42 -59.31 -2.69
C6 CLA RF . 44.90 -57.92 -2.33
C7 CLA RF . 45.48 -57.84 -0.94
C8 CLA RF . 46.83 -57.14 -0.94
C9 CLA RF . 46.79 -55.91 -0.05
MG CLA SF . 44.48 -47.62 -10.08
CHA CLA SF . 47.20 -49.63 -9.27
CHB CLA SF . 42.49 -49.58 -8.17
CHC CLA SF . 41.81 -45.65 -10.91
CHD CLA SF . 46.53 -45.70 -12.17
NA CLA SF . 44.83 -49.31 -8.89
C1A CLA SF . 46.03 -49.99 -8.66
C2A CLA SF . 45.83 -51.17 -7.71
C3A CLA SF . 44.31 -51.13 -7.42
C4A CLA SF . 43.82 -49.91 -8.19
CMA CLA SF . 43.66 -52.41 -7.86
CAA CLA SF . 46.55 -51.02 -6.39
CBA CLA SF . 46.32 -49.68 -5.75
CGA CLA SF . 46.77 -49.69 -4.32
O1A CLA SF . 47.66 -50.35 -3.80
O2A CLA SF . 46.06 -48.83 -3.53
NB CLA SF . 42.53 -47.60 -9.62
C1B CLA SF . 41.90 -48.51 -8.85
C2B CLA SF . 40.44 -48.24 -8.84
C3B CLA SF . 40.24 -47.12 -9.63
C4B CLA SF . 41.57 -46.71 -10.12
CMB CLA SF . 39.54 -49.09 -8.07
CAB CLA SF . 39.07 -46.34 -9.98
CBB CLA SF . 37.81 -46.72 -10.02
NC CLA SF . 44.25 -45.94 -11.28
C1C CLA SF . 43.08 -45.27 -11.44
C2C CLA SF . 43.25 -44.12 -12.30
C3C CLA SF . 44.58 -44.16 -12.72
C4C CLA SF . 45.19 -45.30 -12.06
CMC CLA SF . 42.15 -43.20 -12.60
CAC CLA SF . 45.30 -43.22 -13.58
CBC CLA SF . 44.83 -43.27 -15.01
ND CLA SF . 46.43 -47.58 -10.58
C1D CLA SF . 47.13 -46.76 -11.51
C2D CLA SF . 48.52 -47.24 -11.59
C3D CLA SF . 48.60 -48.32 -10.74
C4D CLA SF . 47.27 -48.51 -10.17
CMD CLA SF . 49.57 -46.66 -12.41
CAD CLA SF . 49.45 -49.37 -10.22
OBD CLA SF . 50.63 -49.58 -10.43
CBD CLA SF . 48.58 -50.24 -9.28
CGD CLA SF . 48.52 -51.66 -9.73
O1D CLA SF . 48.06 -52.11 -10.77
O2D CLA SF . 49.05 -52.52 -8.83
CED CLA SF . 48.46 -53.81 -8.74
MG CLA TF . 56.75 -45.84 -9.50
CHA CLA TF . 59.91 -45.14 -8.31
CHB CLA TF . 55.36 -44.18 -6.92
CHC CLA TF . 53.68 -46.95 -10.51
CHD CLA TF . 58.20 -47.53 -12.25
NA CLA TF . 57.55 -44.74 -7.91
C1A CLA TF . 58.89 -44.58 -7.55
C2A CLA TF . 58.97 -43.68 -6.29
C3A CLA TF . 57.52 -43.21 -6.09
C4A CLA TF . 56.74 -44.11 -7.04
CMA CLA TF . 56.98 -43.26 -4.69
CAA CLA TF . 59.81 -42.43 -6.52
CBA CLA TF . 60.18 -41.63 -5.31
CGA CLA TF . 61.18 -40.61 -5.72
O1A CLA TF . 61.02 -39.58 -6.37
O2A CLA TF . 62.44 -40.92 -5.31
NB CLA TF . 54.87 -45.57 -8.88
C1B CLA TF . 54.51 -44.95 -7.73
C2B CLA TF . 53.06 -45.15 -7.47
C3B CLA TF . 52.58 -45.94 -8.51
C4B CLA TF . 53.73 -46.20 -9.40
CMB CLA TF . 52.39 -44.59 -6.30
CAB CLA TF . 51.31 -46.50 -8.84
CBB CLA TF . 50.09 -46.16 -8.45
NC CLA TF . 56.07 -46.99 -11.11
C1C CLA TF . 54.77 -47.31 -11.32
C2C CLA TF . 54.65 -48.17 -12.49
C3C CLA TF . 55.93 -48.29 -13.00
C4C CLA TF . 56.81 -47.54 -12.13
CMC CLA TF . 53.38 -48.75 -12.95
CAC CLA TF . 56.36 -49.07 -14.16
CBC CLA TF . 56.18 -48.36 -15.48
ND CLA TF . 58.59 -46.21 -10.21
C1D CLA TF . 59.04 -46.92 -11.35
C2D CLA TF . 60.51 -46.93 -11.37
C3D CLA TF . 60.89 -46.35 -10.19
C4D CLA TF . 59.67 -45.88 -9.51
CMD CLA TF . 61.32 -47.56 -12.40
CAD CLA TF . 61.99 -45.91 -9.40
OBD CLA TF . 63.18 -46.05 -9.59
CBD CLA TF . 61.42 -45.18 -8.16
CGD CLA TF . 61.92 -45.83 -6.92
O1D CLA TF . 63.01 -45.66 -6.39
O2D CLA TF . 61.08 -46.70 -6.31
CED CLA TF . 61.65 -47.90 -5.78
C1 CLA TF . 63.55 -40.20 -5.87
C2 CLA TF . 63.93 -40.92 -7.11
C3 CLA TF . 64.61 -42.08 -7.15
C4 CLA TF . 65.05 -42.79 -5.93
C5 CLA TF . 64.94 -42.73 -8.44
C6 CLA TF . 64.39 -42.05 -9.68
C7 CLA TF . 64.70 -42.92 -10.88
C8 CLA TF . 64.17 -42.39 -12.21
C9 CLA TF . 64.36 -40.89 -12.34
C10 CLA TF . 62.72 -42.80 -12.41
C11 CLA TF . 62.31 -42.84 -13.87
C12 CLA TF . 62.02 -44.23 -14.37
C13 CLA TF . 62.34 -44.35 -15.85
C14 CLA TF . 63.81 -44.17 -16.07
C15 CLA TF . 61.60 -43.32 -16.67
C16 CLA TF . 60.79 -43.97 -17.76
C17 CLA TF . 61.60 -44.22 -19.02
C18 CLA TF . 61.61 -43.04 -19.96
C19 CLA TF . 62.20 -43.45 -21.29
C20 CLA TF . 60.23 -42.46 -20.17
MG CLA UF . 47.05 -34.97 0.78
CHA CLA UF . 47.44 -35.56 4.14
CHB CLA UF . 45.85 -38.15 0.37
CHC CLA UF . 46.24 -34.19 -2.40
CHD CLA UF . 48.27 -31.68 1.26
NA CLA UF . 46.72 -36.59 2.05
C1A CLA UF . 46.93 -36.62 3.43
C2A CLA UF . 46.51 -37.95 4.00
C3A CLA UF . 46.38 -38.84 2.75
C4A CLA UF . 46.26 -37.80 1.63
CMA CLA UF . 47.64 -39.63 2.61
CAA CLA UF . 45.13 -37.68 4.58
CBA CLA UF . 44.36 -38.89 5.02
CGA CLA UF . 43.21 -38.54 5.90
O1A CLA UF . 43.06 -37.58 6.64
O2A CLA UF . 42.19 -39.41 5.83
NB CLA UF . 46.21 -35.99 -0.74
C1B CLA UF . 45.76 -37.27 -0.71
C2B CLA UF . 45.20 -37.61 -2.03
C3B CLA UF . 45.30 -36.50 -2.83
C4B CLA UF . 45.95 -35.46 -2.01
CMB CLA UF . 44.65 -38.93 -2.36
CAB CLA UF . 44.90 -36.29 -4.19
CBB CLA UF . 43.71 -36.47 -4.76
NC CLA UF . 47.29 -33.25 -0.38
C1C CLA UF . 46.88 -33.17 -1.67
C2C CLA UF . 47.11 -31.82 -2.18
C3C CLA UF . 47.70 -31.11 -1.15
C4C CLA UF . 47.81 -32.01 -0.02
CMC CLA UF . 46.77 -31.33 -3.50
CAC CLA UF . 48.10 -29.70 -1.19
CBC CLA UF . 49.54 -29.63 -1.62
ND CLA UF . 47.80 -33.86 2.28
C1D CLA UF . 48.28 -32.53 2.35
C2D CLA UF . 48.69 -32.27 3.74
C3D CLA UF . 48.39 -33.39 4.45
C4D CLA UF . 47.83 -34.34 3.50
CMD CLA UF . 49.24 -31.03 4.24
CAD CLA UF . 48.39 -33.99 5.76
OBD CLA UF . 48.72 -33.49 6.82
CBD CLA UF . 47.85 -35.43 5.58
CGD CLA UF . 48.96 -36.40 5.85
O1D CLA UF . 49.55 -37.10 5.03
O2D CLA UF . 49.34 -36.48 7.14
CED CLA UF . 50.50 -37.23 7.44
C1 CLA UF . 41.56 -39.80 7.07
C2 CLA UF . 40.45 -40.69 6.69
C3 CLA UF . 40.27 -41.91 7.19
C4 CLA UF . 41.19 -42.50 8.18
C5 CLA UF . 39.10 -42.74 6.76
C6 CLA UF . 37.81 -41.93 6.73
C7 CLA UF . 36.64 -42.75 6.23
C8 CLA UF . 35.35 -41.96 6.14
C9 CLA UF . 34.50 -42.43 4.96
MG CLA VF . 50.62 -42.12 10.66
CHA CLA VF . 48.81 -41.20 7.86
CHB CLA VF . 51.41 -45.07 9.20
CHC CLA VF . 52.37 -42.97 13.45
CHD CLA VF . 49.74 -39.08 12.17
NA CLA VF . 50.21 -42.95 8.79
C1A CLA VF . 49.46 -42.39 7.76
C2A CLA VF . 49.41 -43.35 6.56
C3A CLA VF . 50.14 -44.61 7.08
C4A CLA VF . 50.66 -44.19 8.45
CMA CLA VF . 49.17 -45.75 7.23
CAA CLA VF . 50.14 -42.84 5.34
CBA CLA VF . 49.63 -43.56 4.12
CGA CLA VF . 50.25 -43.05 2.85
O1A CLA VF . 49.78 -42.25 2.06
O2A CLA VF . 51.49 -43.57 2.57
NB CLA VF . 51.61 -43.76 11.24
C1B CLA VF . 51.92 -44.82 10.48
C2B CLA VF . 52.90 -45.69 11.19
C3B CLA VF . 53.16 -45.09 12.39
C4B CLA VF . 52.36 -43.85 12.42
CMB CLA VF . 53.38 -46.92 10.57
CAB CLA VF . 54.02 -45.39 13.51
CBB CLA VF . 54.90 -46.37 13.67
NC CLA VF . 50.99 -41.17 12.47
C1C CLA VF . 51.73 -41.70 13.47
C2C CLA VF . 51.76 -40.78 14.59
C3C CLA VF . 51.03 -39.66 14.21
C4C CLA VF . 50.57 -39.92 12.88
CMC CLA VF . 52.45 -41.02 15.83
CAC CLA VF . 50.77 -38.43 14.97
CBC CLA VF . 49.45 -38.31 15.68
ND CLA VF . 49.66 -40.44 10.14
C1D CLA VF . 49.30 -39.31 10.90
C2D CLA VF . 48.35 -38.48 10.15
C3D CLA VF . 48.13 -39.18 8.99
C4D CLA VF . 48.94 -40.39 9.03
CMD CLA VF . 47.80 -37.23 10.64
CAD CLA VF . 47.41 -39.19 7.75
OBD CLA VF . 46.61 -38.37 7.37
CBD CLA VF . 47.81 -40.48 6.98
CGD CLA VF . 46.60 -41.29 6.64
O1D CLA VF . 45.56 -41.41 7.28
O2D CLA VF . 46.71 -41.97 5.48
CED CLA VF . 45.53 -42.50 4.91
C1 CLA VF . 52.15 -43.01 1.42
C2 CLA VF . 53.41 -43.74 1.18
C3 CLA VF . 54.25 -43.45 0.17
C4 CLA VF . 54.00 -42.34 -0.79
C5 CLA VF . 55.50 -44.22 -0.04
C6 CLA VF . 55.50 -45.01 -1.33
C7 CLA VF . 54.58 -46.21 -1.21
C8 CLA VF . 54.65 -47.15 -2.39
C9 CLA VF . 54.43 -46.41 -3.69
C10 CLA VF . 53.59 -48.21 -2.24
C11 CLA VF . 54.16 -49.61 -2.18
C12 CLA VF . 53.53 -50.40 -1.06
C13 CLA VF . 53.06 -51.75 -1.51
C14 CLA VF . 52.03 -51.64 -2.62
C15 CLA VF . 52.51 -52.55 -0.34
C16 CLA VF . 51.98 -53.90 -0.74
C17 CLA VF . 51.33 -54.63 0.43
C18 CLA VF . 50.92 -56.06 0.07
C19 CLA VF . 52.12 -56.90 -0.30
C20 CLA VF . 50.23 -56.70 1.26
MG CLA WF . 63.52 -24.20 4.94
CHA CLA WF . 66.84 -25.06 5.59
CHB CLA WF . 62.89 -24.16 8.25
CHC CLA WF . 60.38 -23.09 4.27
CHD CLA WF . 64.19 -24.43 1.51
NA CLA WF . 64.68 -24.63 6.62
C1A CLA WF . 66.03 -24.97 6.70
C2A CLA WF . 66.44 -25.19 8.16
C3A CLA WF . 65.10 -25.19 8.91
C4A CLA WF . 64.14 -24.63 7.87
CMA CLA WF . 64.73 -26.56 9.41
CAA CLA WF . 67.34 -24.11 8.72
CBA CLA WF . 66.86 -22.68 8.63
CGA CLA WF . 67.36 -22.11 7.35
O1A CLA WF . 68.50 -22.12 6.91
O2A CLA WF . 66.34 -21.58 6.62
NB CLA WF . 61.92 -23.76 6.05
C1B CLA WF . 61.93 -23.63 7.38
C2B CLA WF . 60.77 -22.83 7.84
C3B CLA WF . 60.04 -22.51 6.72
C4B CLA WF . 60.76 -23.11 5.57
CMB CLA WF . 60.59 -22.59 9.27
CAB CLA WF . 58.81 -21.78 6.52
CBB CLA WF . 58.08 -21.04 7.37
NC CLA WF . 62.43 -23.91 3.19
C1C CLA WF . 61.14 -23.52 3.13
C2C CLA WF . 60.70 -23.46 1.75
C3C CLA WF . 61.81 -23.81 0.98
C4C CLA WF . 62.89 -24.10 1.89
CMC CLA WF . 59.38 -23.07 1.28
CAC CLA WF . 61.89 -23.94 -0.49
CBC CLA WF . 62.46 -22.72 -1.16
ND CLA WF . 65.08 -24.72 3.77
C1D CLA WF . 65.23 -24.68 2.37
C2D CLA WF . 66.63 -24.96 2.02
C3D CLA WF . 67.30 -25.06 3.23
C4D CLA WF . 66.29 -24.91 4.27
CMD CLA WF . 67.15 -25.02 0.67
CAD CLA WF . 68.56 -25.30 3.87
OBD CLA WF . 69.64 -25.50 3.35
CBD CLA WF . 68.33 -25.25 5.40
CGD CLA WF . 68.88 -26.45 6.11
O1D CLA WF . 68.27 -27.46 6.40
O2D CLA WF . 70.19 -26.36 6.43
CED CLA WF . 70.81 -27.48 7.04
C1 CLA WF . 66.55 -21.41 5.21
C2 CLA WF . 66.53 -19.95 5.00
C3 CLA WF . 67.64 -19.25 4.75
C4 CLA WF . 68.98 -19.88 4.65
C5 CLA WF . 67.56 -17.79 4.55
C6 CLA WF . 68.72 -17.06 5.19
C7 CLA WF . 69.54 -16.25 4.20
C8 CLA WF . 69.47 -16.67 2.73
C9 CLA WF . 70.81 -17.14 2.22
C10 CLA WF . 68.96 -15.51 1.92
C11 CLA WF . 69.84 -14.30 2.08
C12 CLA WF . 69.07 -13.05 2.42
C13 CLA WF . 70.00 -12.14 3.18
C14 CLA WF . 70.05 -12.55 4.63
C15 CLA WF . 69.63 -10.67 3.07
C16 CLA WF . 70.82 -9.83 3.49
C17 CLA WF . 72.00 -10.11 2.58
C18 CLA WF . 73.20 -9.23 2.92
C19 CLA WF . 74.46 -9.94 2.45
C20 CLA WF . 73.05 -7.91 2.20
MG CLA XF . 65.09 -33.14 4.50
CHA CLA XF . 66.30 -34.06 7.61
CHB CLA XF . 66.68 -30.18 4.78
CHC CLA XF . 63.94 -32.30 1.40
CHD CLA XF . 63.41 -36.23 4.29
NA CLA XF . 66.25 -32.27 5.98
C1A CLA XF . 66.67 -32.82 7.19
C2A CLA XF . 67.50 -31.80 7.98
C3A CLA XF . 67.30 -30.52 7.18
C4A CLA XF . 66.71 -31.00 5.87
CMA CLA XF . 66.28 -29.66 7.88
CAA CLA XF . 68.98 -32.14 8.07
CBA CLA XF . 69.50 -32.91 6.89
CGA CLA XF . 70.37 -33.99 7.42
O1A CLA XF . 71.55 -33.94 7.73
O2A CLA XF . 69.69 -35.16 7.56
NB CLA XF . 65.23 -31.52 3.33
C1B CLA XF . 66.08 -30.51 3.56
C2B CLA XF . 66.22 -29.67 2.35
C3B CLA XF . 65.45 -30.25 1.39
C4B CLA XF . 64.79 -31.43 2.01
CMB CLA XF . 67.06 -28.48 2.35
CAB CLA XF . 65.17 -29.88 0.02
CBB CLA XF . 64.88 -28.68 -0.43
NC CLA XF . 63.88 -34.11 3.10
C1C CLA XF . 63.53 -33.57 1.90
C2C CLA XF . 62.66 -34.48 1.20
C3C CLA XF . 62.54 -35.61 1.99
C4C CLA XF . 63.29 -35.36 3.20
CMC CLA XF . 62.10 -34.21 -0.11
CAC CLA XF . 61.77 -36.83 1.70
CBC CLA XF . 62.65 -37.94 1.20
ND CLA XF . 64.88 -34.80 5.61
C1D CLA XF . 64.14 -35.99 5.42
C2D CLA XF . 64.29 -36.84 6.60
C3D CLA XF . 65.11 -36.16 7.46
C4D CLA XF . 65.46 -34.89 6.80
CMD CLA XF . 63.65 -38.15 6.74
CAD CLA XF . 65.77 -36.16 8.73
OBD CLA XF . 65.74 -37.01 9.61
CBD CLA XF . 66.54 -34.83 8.88
CGD CLA XF . 66.07 -34.09 10.10
O1D CLA XF . 64.95 -33.60 10.30
O2D CLA XF . 66.98 -33.92 11.06
CED CLA XF . 66.58 -33.43 12.33
C1 CLA XF . 69.89 -36.15 6.54
C2 CLA XF . 68.89 -37.21 6.76
C3 CLA XF . 69.06 -38.21 7.64
C4 CLA XF . 70.26 -38.35 8.47
C5 CLA XF . 68.02 -39.25 7.80
C6 CLA XF . 67.44 -39.63 6.46
C7 CLA XF . 66.75 -40.96 6.49
C8 CLA XF . 65.79 -41.05 5.32
C9 CLA XF . 64.61 -41.93 5.67
C10 CLA XF . 66.53 -41.51 4.07
C11 CLA XF . 65.64 -41.66 2.87
C12 CLA XF . 66.46 -41.62 1.60
C13 CLA XF . 65.76 -42.26 0.41
C14 CLA XF . 66.82 -42.75 -0.54
C15 CLA XF . 64.89 -41.26 -0.36
C16 CLA XF . 63.41 -41.62 -0.34
C17 CLA XF . 63.12 -42.92 -1.04
C18 CLA XF . 62.07 -42.79 -2.13
C19 CLA XF . 62.32 -43.82 -3.21
C20 CLA XF . 60.69 -42.96 -1.57
MG CLA YF . 58.66 -28.16 -13.00
CHA CLA YF . 58.21 -26.68 -16.08
CHB CLA YF . 61.31 -29.87 -14.22
CHC CLA YF . 59.29 -29.37 -9.84
CHD CLA YF . 55.93 -26.33 -11.75
NA CLA YF . 59.58 -28.27 -14.88
C1A CLA YF . 59.28 -27.54 -16.02
C2A CLA YF . 60.24 -27.90 -17.16
C3A CLA YF . 61.11 -29.01 -16.55
C4A CLA YF . 60.66 -29.07 -15.10
CMA CLA YF . 60.84 -30.30 -17.26
CAA CLA YF . 61.17 -26.76 -17.54
CBA CLA YF . 61.91 -26.19 -16.36
CGA CLA YF . 62.83 -25.08 -16.75
O1A CLA YF . 63.08 -24.66 -17.87
O2A CLA YF . 63.43 -24.51 -15.66
NB CLA YF . 60.04 -29.35 -12.17
C1B CLA YF . 60.96 -30.01 -12.88
C2B CLA YF . 61.63 -30.99 -12.03
C3B CLA YF . 61.11 -30.91 -10.77
C4B CLA YF . 60.06 -29.85 -10.85
CMB CLA YF . 62.65 -31.77 -12.65
CAB CLA YF . 61.41 -31.61 -9.55
CBB CLA YF . 62.02 -32.79 -9.40
NC CLA YF . 57.76 -27.89 -11.13
C1C CLA YF . 58.22 -28.45 -9.98
C2C CLA YF . 57.45 -27.96 -8.88
C3C CLA YF . 56.45 -27.13 -9.40
C4C CLA YF . 56.67 -27.09 -10.83
CMC CLA YF . 57.75 -28.39 -7.51
CAC CLA YF . 55.41 -26.39 -8.67
CBC CLA YF . 55.96 -25.14 -8.02
ND CLA YF . 57.25 -26.92 -13.72
C1D CLA YF . 56.17 -26.26 -13.10
C2D CLA YF . 55.46 -25.47 -14.11
C3D CLA YF . 56.23 -25.54 -15.26
C4D CLA YF . 57.34 -26.46 -14.97
CMD CLA YF . 54.24 -24.73 -13.80
CAD CLA YF . 56.36 -25.17 -16.64
OBD CLA YF . 55.67 -24.45 -17.34
CBD CLA YF . 57.66 -25.81 -17.18
CGD CLA YF . 57.47 -26.51 -18.48
O1D CLA YF . 57.56 -26.04 -19.61
O2D CLA YF . 57.17 -27.82 -18.37
CED CLA YF . 57.37 -28.64 -19.51
C1 CLA YF . 63.30 -23.09 -15.57
C2 CLA YF . 63.58 -22.67 -14.18
C3 CLA YF . 63.72 -21.37 -13.85
C4 CLA YF . 63.60 -20.29 -14.85
C5 CLA YF . 63.98 -20.96 -12.45
C6 CLA YF . 62.80 -20.23 -11.84
C7 CLA YF . 63.20 -19.61 -10.52
C8 CLA YF . 62.20 -19.90 -9.40
C9 CLA YF . 60.77 -19.72 -9.85
C10 CLA YF . 62.47 -18.98 -8.23
C11 CLA YF . 63.08 -19.76 -7.09
C12 CLA YF . 63.24 -18.91 -5.85
C13 CLA YF . 64.18 -19.57 -4.85
C14 CLA YF . 63.67 -20.92 -4.45
C15 CLA YF . 64.36 -18.73 -3.59
C16 CLA YF . 64.72 -17.30 -3.90
C17 CLA YF . 66.16 -17.16 -4.32
C18 CLA YF . 66.44 -15.87 -5.09
C19 CLA YF . 66.73 -14.72 -4.15
C20 CLA YF . 67.63 -16.10 -5.99
MG CLA ZF . 34.24 -41.74 -11.01
CHA CLA ZF . 33.44 -44.20 -13.31
CHB CLA ZF . 31.01 -40.75 -10.99
CHC CLA ZF . 35.08 -39.37 -8.71
CHD CLA ZF . 37.62 -42.62 -11.31
NA CLA ZF . 32.52 -42.42 -11.98
C1A CLA ZF . 32.38 -43.47 -12.87
C2A CLA ZF . 30.95 -43.62 -13.34
C3A CLA ZF . 30.27 -42.37 -12.78
C4A CLA ZF . 31.31 -41.81 -11.82
CMA CLA ZF . 29.98 -41.44 -13.91
CAA CLA ZF . 30.27 -44.87 -12.80
CBA CLA ZF . 30.60 -45.15 -11.36
CGA CLA ZF . 29.47 -45.81 -10.68
O1A CLA ZF . 28.28 -45.80 -10.95
O2A CLA ZF . 29.87 -46.52 -9.59
NB CLA ZF . 33.23 -40.34 -10.03
C1B CLA ZF . 31.90 -40.13 -10.11
C2B CLA ZF . 31.50 -39.12 -9.12
C3B CLA ZF . 32.64 -38.73 -8.48
C4B CLA ZF . 33.77 -39.50 -9.05
CMB CLA ZF . 30.14 -38.65 -8.97
CAB CLA ZF . 32.82 -37.78 -7.43
CBB CLA ZF . 32.54 -38.04 -6.17
NC CLA ZF . 36.04 -41.11 -10.17
C1C CLA ZF . 36.16 -40.12 -9.25
C2C CLA ZF . 37.55 -39.92 -8.89
C3C CLA ZF . 38.27 -40.85 -9.63
C4C CLA ZF . 37.31 -41.59 -10.42
CMC CLA ZF . 38.05 -38.92 -7.95
CAC CLA ZF . 39.72 -41.03 -9.62
CBC CLA ZF . 40.40 -40.14 -10.63
ND CLA ZF . 35.34 -43.11 -12.02
C1D CLA ZF . 36.72 -43.34 -12.05
C2D CLA ZF . 36.99 -44.41 -13.02
C3D CLA ZF . 35.77 -44.75 -13.53
C4D CLA ZF . 34.77 -43.92 -12.88
CMD CLA ZF . 38.31 -44.93 -13.34
CAD CLA ZF . 35.08 -45.58 -14.47
OBD CLA ZF . 35.54 -46.35 -15.29
CBD CLA ZF . 33.57 -45.26 -14.36
CGD CLA ZF . 33.12 -44.84 -15.72
O1D CLA ZF . 32.34 -45.44 -16.45
O2D CLA ZF . 33.65 -43.68 -16.17
CED CLA ZF . 33.38 -43.30 -17.51
C1 CLA ZF . 29.05 -46.40 -8.42
C2 CLA ZF . 30.00 -46.33 -7.29
C3 CLA ZF . 29.63 -46.52 -6.02
C4 CLA ZF . 28.23 -46.85 -5.65
C5 CLA ZF . 30.63 -46.43 -4.94
C6 CLA ZF . 30.14 -45.68 -3.72
C7 CLA ZF . 30.75 -44.29 -3.64
C8 CLA ZF . 31.69 -44.12 -2.44
C9 CLA ZF . 30.90 -44.00 -1.17
MG CLA AG . 26.05 -37.61 -6.87
CHA CLA AG . 25.91 -39.26 -9.92
CHB CLA AG . 24.21 -35.10 -8.16
CHC CLA AG . 26.29 -35.96 -3.87
CHD CLA AG . 28.09 -40.15 -5.64
NA CLA AG . 25.19 -37.27 -8.75
C1A CLA AG . 25.22 -38.08 -9.90
C2A CLA AG . 24.44 -37.41 -11.05
C3A CLA AG . 23.98 -36.09 -10.44
C4A CLA AG . 24.48 -36.14 -9.01
CMA CLA AG . 24.59 -34.95 -11.21
CAA CLA AG . 23.22 -38.07 -11.67
CBA CLA AG . 22.61 -39.26 -10.96
CGA CLA AG . 21.85 -38.89 -9.74
O1A CLA AG . 21.63 -37.79 -9.25
O2A CLA AG . 21.37 -39.98 -9.12
NB CLA AG . 25.29 -35.91 -6.12
C1B CLA AG . 24.61 -35.00 -6.83
C2B CLA AG . 24.34 -33.82 -6.00
C3B CLA AG . 24.93 -34.04 -4.78
C4B CLA AG . 25.57 -35.36 -4.85
CMB CLA AG . 23.61 -32.69 -6.55
CAB CLA AG . 25.07 -33.19 -3.63
CBB CLA AG . 24.13 -32.42 -3.07
NC CLA AG . 27.00 -38.00 -5.06
C1C CLA AG . 26.96 -37.21 -3.96
C2C CLA AG . 27.72 -37.82 -2.88
C3C CLA AG . 28.24 -39.00 -3.39
C4C CLA AG . 27.78 -39.11 -4.76
CMC CLA AG . 27.89 -37.27 -1.55
CAC CLA AG . 29.03 -39.99 -2.66
CBC CLA AG . 30.50 -39.93 -2.90
ND CLA AG . 26.88 -39.30 -7.56
C1D CLA AG . 27.72 -40.25 -6.94
C2D CLA AG . 28.02 -41.33 -7.90
C3D CLA AG . 27.31 -41.01 -9.04
C4D CLA AG . 26.62 -39.75 -8.78
CMD CLA AG . 28.85 -42.48 -7.63
CAD CLA AG . 26.97 -41.42 -10.38
OBD CLA AG . 27.24 -42.46 -10.95
CBD CLA AG . 26.12 -40.29 -11.00
CGD CLA AG . 26.78 -39.76 -12.22
O1D CLA AG . 27.85 -39.15 -12.29
O2D CLA AG . 26.10 -40.02 -13.36
CED CLA AG . 26.75 -39.72 -14.59
C1 CLA AG . 19.95 -40.22 -9.19
C2 CLA AG . 19.38 -40.12 -7.82
C3 CLA AG . 19.67 -40.84 -6.71
C4 CLA AG . 20.67 -41.93 -6.62
C5 CLA AG . 18.91 -40.53 -5.48
C6 CLA AG . 19.58 -40.89 -4.18
C7 CLA AG . 18.65 -40.54 -3.04
C8 CLA AG . 18.61 -41.64 -2.01
C9 CLA AG . 19.97 -41.79 -1.38
C10 CLA AG . 18.17 -42.92 -2.71
C11 CLA AG . 17.46 -43.88 -1.79
C12 CLA AG . 18.24 -45.18 -1.65
C13 CLA AG . 17.39 -46.36 -2.09
C14 CLA AG . 17.16 -46.31 -3.58
C15 CLA AG . 16.08 -46.40 -1.29
C16 CLA AG . 14.93 -47.11 -1.97
C17 CLA AG . 13.66 -47.03 -1.13
C18 CLA AG . 13.39 -48.24 -0.26
C19 CLA AG . 13.86 -49.56 -0.85
C20 CLA AG . 13.94 -48.06 1.15
MG CLA BG . 23.89 -27.92 6.35
CHA CLA BG . 24.26 -27.45 2.97
CHB CLA BG . 23.59 -24.55 6.77
CHC CLA BG . 23.47 -28.40 9.67
CHD CLA BG . 24.46 -31.36 5.91
NA CLA BG . 23.91 -26.28 5.06
C1A CLA BG . 24.08 -26.29 3.68
C2A CLA BG . 24.08 -24.85 3.12
C3A CLA BG . 24.04 -23.99 4.39
C4A CLA BG . 23.82 -24.99 5.50
CMA CLA BG . 25.36 -23.30 4.59
CAA CLA BG . 22.91 -24.50 2.20
CBA CLA BG . 23.09 -23.13 1.59
CGA CLA BG . 23.89 -23.18 0.33
O1A CLA BG . 24.56 -24.11 -0.10
O2A CLA BG . 23.86 -22.02 -0.39
NB CLA BG . 23.59 -26.70 7.92
C1B CLA BG . 23.39 -25.37 7.88
C2B CLA BG . 22.87 -24.89 9.17
C3B CLA BG . 22.84 -25.99 10.01
C4B CLA BG . 23.32 -27.14 9.22
CMB CLA BG . 22.60 -23.48 9.42
CAB CLA BG . 22.50 -26.16 11.40
CBB CLA BG . 21.66 -25.47 12.15
NC CLA BG . 23.97 -29.59 7.58
C1C CLA BG . 23.79 -29.55 8.92
C2C CLA BG . 23.90 -30.88 9.47
C3C CLA BG . 24.19 -31.73 8.40
C4C CLA BG . 24.25 -30.90 7.21
CMC CLA BG . 23.75 -31.25 10.86
CAC CLA BG . 24.39 -33.17 8.48
CBC CLA BG . 25.84 -33.51 8.65
ND CLA BG . 24.26 -29.18 4.83
C1D CLA BG . 24.43 -30.58 4.78
C2D CLA BG . 24.62 -30.97 3.37
C3D CLA BG . 24.56 -29.82 2.63
C4D CLA BG . 24.35 -28.73 3.59
CMD CLA BG . 24.79 -32.36 2.93
CAD CLA BG . 24.59 -29.24 1.32
OBD CLA BG . 24.64 -29.74 0.23
CBD CLA BG . 24.48 -27.69 1.51
CGD CLA BG . 25.67 -26.96 0.99
O1D CLA BG . 26.62 -26.50 1.62
O2D CLA BG . 25.65 -26.83 -0.35
CED CLA BG . 26.89 -26.62 -1.00
C1 CLA BG . 24.57 -22.00 -1.64
C2 CLA BG . 24.75 -20.59 -2.02
C3 CLA BG . 25.60 -20.22 -2.99
C4 CLA BG . 26.41 -21.19 -3.76
C5 CLA BG . 25.77 -18.79 -3.37
C6 CLA BG . 25.06 -17.75 -2.54
C7 CLA BG . 25.17 -16.46 -3.32
C8 CLA BG . 24.44 -15.24 -2.75
C9 CLA BG . 24.61 -15.10 -1.26
C10 CLA BG . 22.98 -15.28 -3.13
C11 CLA BG . 22.83 -15.26 -4.63
C12 CLA BG . 21.40 -15.05 -5.03
C13 CLA BG . 21.28 -14.44 -6.41
C14 CLA BG . 21.66 -15.46 -7.46
C15 CLA BG . 22.13 -13.19 -6.56
C16 CLA BG . 21.31 -11.98 -6.97
C17 CLA BG . 21.12 -11.92 -8.46
C18 CLA BG . 20.59 -10.57 -8.91
C19 CLA BG . 21.75 -9.65 -9.21
C20 CLA BG . 19.66 -10.69 -10.10
MG CLA CG . 24.69 -19.58 12.42
CHA CLA CG . 22.14 -19.38 14.76
CHB CLA CG . 24.54 -22.98 12.57
CHC CLA CG . 27.09 -19.76 10.00
CHD CLA CG . 24.76 -16.07 12.24
NA CLA CG . 23.52 -20.93 13.49
C1A CLA CG . 22.48 -20.66 14.38
C2A CLA CG . 21.87 -21.94 14.93
C3A CLA CG . 22.81 -23.02 14.38
C4A CLA CG . 23.68 -22.27 13.38
CMA CLA CG . 23.63 -23.56 15.48
CAA CLA CG . 20.44 -22.18 14.43
CBA CLA CG . 20.25 -22.27 12.93
CGA CLA CG . 18.88 -22.73 12.54
O1A CLA CG . 17.78 -22.32 12.90
O2A CLA CG . 18.87 -23.73 11.63
NB CLA CG . 25.68 -21.09 11.52
C1B CLA CG . 25.40 -22.40 11.65
C2B CLA CG . 26.16 -23.18 10.64
C3B CLA CG . 26.88 -22.29 9.89
C4B CLA CG . 26.60 -20.94 10.46
CMB CLA CG . 26.04 -24.63 10.54
CAB CLA CG . 27.77 -22.57 8.79
CBB CLA CG . 27.78 -22.03 7.57
NC CLA CG . 25.77 -18.16 11.34
C1C CLA CG . 26.70 -18.47 10.40
C2C CLA CG . 27.22 -17.28 9.78
C3C CLA CG . 26.56 -16.21 10.38
C4C CLA CG . 25.64 -16.78 11.37
CMC CLA CG . 28.18 -17.29 8.69
CAC CLA CG . 26.67 -14.81 9.94
CBC CLA CG . 27.19 -13.80 10.90
ND CLA CG . 23.70 -18.03 13.25
C1D CLA CG . 23.85 -16.62 13.11
C2D CLA CG . 22.90 -15.98 14.05
C3D CLA CG . 22.29 -16.99 14.75
C4D CLA CG . 22.80 -18.24 14.20
CMD CLA CG . 22.66 -14.56 14.25
CAD CLA CG . 21.32 -17.31 15.78
OBD CLA CG . 20.73 -16.54 16.51
CBD CLA CG . 21.20 -18.86 15.81
CGD CLA CG . 21.58 -19.40 17.17
O1D CLA CG . 20.96 -19.34 18.21
O2D CLA CG . 22.77 -20.01 17.31
CED CLA CG . 22.87 -21.05 18.28
C1 CLA CG . 18.34 -23.40 10.34
C2 CLA CG . 18.68 -24.50 9.41
C3 CLA CG . 17.86 -24.96 8.46
C4 CLA CG . 16.50 -24.41 8.26
C5 CLA CG . 18.24 -26.06 7.54
C6 CLA CG . 19.64 -26.60 7.77
C7 CLA CG . 20.05 -27.59 6.70
C8 CLA CG . 19.84 -29.06 7.05
C9 CLA CG . 20.02 -29.37 8.53
C10 CLA CG . 20.79 -29.93 6.27
C11 CLA CG . 20.06 -30.95 5.44
C12 CLA CG . 20.96 -31.60 4.43
C13 CLA CG . 20.72 -33.11 4.46
C14 CLA CG . 21.73 -33.79 5.36
C15 CLA CG . 20.72 -33.75 3.08
C16 CLA CG . 19.62 -34.77 3.06
C17 CLA CG . 19.58 -35.66 1.86
C18 CLA CG . 18.32 -36.52 1.88
C19 CLA CG . 18.29 -37.40 0.65
C20 CLA CG . 18.33 -37.41 3.10
MG CLA DG . 45.85 -47.76 13.83
CHA CLA DG . 48.27 -49.64 15.39
CHB CLA DG . 48.27 -45.63 12.68
CHC CLA DG . 43.44 -46.03 12.13
CHD CLA DG . 43.37 -49.83 15.20
NA CLA DG . 47.93 -47.68 14.03
C1A CLA DG . 48.76 -48.58 14.69
C2A CLA DG . 50.22 -48.12 14.58
C3A CLA DG . 50.13 -46.74 13.91
C4A CLA DG . 48.68 -46.67 13.47
CMA CLA DG . 50.39 -45.68 14.92
CAA CLA DG . 51.08 -49.03 13.73
CBA CLA DG . 50.36 -49.49 12.49
CGA CLA DG . 50.71 -50.91 12.26
O1A CLA DG . 51.03 -51.74 13.10
O2A CLA DG . 50.65 -51.30 10.95
NB CLA DG . 45.86 -46.14 12.65
C1B CLA DG . 46.95 -45.44 12.26
C2B CLA DG . 46.54 -44.39 11.31
C3B CLA DG . 45.19 -44.51 11.16
C4B CLA DG . 44.73 -45.61 12.00
CMB CLA DG . 47.47 -43.48 10.68
CAB CLA DG . 44.30 -43.75 10.35
CBB CLA DG . 43.96 -42.51 10.60
NC CLA DG . 43.77 -47.90 13.72
C1C CLA DG . 42.98 -47.10 12.95
C2C CLA DG . 41.60 -47.49 13.06
C3C CLA DG . 41.58 -48.58 13.93
C4C CLA DG . 42.95 -48.82 14.34
CMC CLA DG . 40.49 -46.86 12.35
CAC CLA DG . 40.41 -49.38 14.30
CBC CLA DG . 40.31 -50.55 13.36
ND CLA DG . 45.76 -49.35 15.05
C1D CLA DG . 44.68 -50.10 15.55
C2D CLA DG . 45.19 -51.15 16.44
C3D CLA DG . 46.57 -51.04 16.39
C4D CLA DG . 46.87 -49.90 15.51
CMD CLA DG . 44.36 -52.11 17.17
CAD CLA DG . 47.83 -51.54 16.88
OBD CLA DG . 48.04 -52.46 17.66
CBD CLA DG . 48.95 -50.68 16.24
CGD CLA DG . 49.81 -50.07 17.30
O1D CLA DG . 49.52 -49.15 18.06
O2D CLA DG . 51.04 -50.62 17.40
CED CLA DG . 51.63 -50.56 18.68
C1 CLA DG . 50.67 -52.72 10.71
C2 CLA DG . 49.33 -53.07 10.18
C3 CLA DG . 48.91 -54.33 10.02
C4 CLA DG . 49.74 -55.50 10.36
C5 CLA DG . 47.55 -54.60 9.48
C6 CLA DG . 46.70 -55.43 10.41
C7 CLA DG . 45.36 -55.79 9.79
C8 CLA DG . 44.18 -55.27 10.60
C9 CLA DG . 42.87 -55.74 10.03
MG CLA EG . 48.14 -57.16 16.46
CHA CLA EG . 51.44 -58.13 16.84
CHB CLA EG . 49.15 -54.48 14.63
CHC CLA EG . 44.85 -56.26 16.06
CHD CLA EG . 47.16 -59.83 18.53
NA CLA EG . 50.01 -56.45 15.83
C1A CLA EG . 51.27 -57.01 16.08
C2A CLA EG . 52.37 -56.18 15.43
C3A CLA EG . 51.62 -54.98 14.84
C4A CLA EG . 50.15 -55.32 15.09
CMA CLA EG . 52.06 -53.73 15.54
CAA CLA EG . 53.12 -56.93 14.33
CBA CLA EG . 52.33 -57.12 13.06
CGA CLA EG . 51.77 -58.50 12.95
O1A CLA EG . 51.18 -59.15 13.81
O2A CLA EG . 51.94 -59.04 11.72
NB CLA EG . 47.19 -55.61 15.60
C1B CLA EG . 47.77 -54.69 14.80
C2B CLA EG . 46.74 -53.88 14.12
C3B CLA EG . 45.51 -54.37 14.51
C4B CLA EG . 45.80 -55.49 15.46
CMB CLA EG . 47.14 -52.82 13.20
CAB CLA EG . 44.16 -54.04 14.14
CBB CLA EG . 43.67 -52.92 13.64
NC CLA EG . 46.33 -57.93 17.15
C1C CLA EG . 45.11 -57.42 16.86
C2C CLA EG . 44.07 -58.21 17.51
C3C CLA EG . 44.73 -59.19 18.24
C4C CLA EG . 46.15 -59.01 18.00
CMC CLA EG . 42.63 -57.95 17.41
CAC CLA EG . 44.11 -60.23 19.08
CBC CLA EG . 44.00 -61.55 18.37
ND CLA EG . 49.02 -58.74 17.35
C1D CLA EG . 48.50 -59.71 18.24
C2D CLA EG . 49.62 -60.54 18.74
C3D CLA EG . 50.76 -60.01 18.20
C4D CLA EG . 50.33 -58.85 17.39
CMD CLA EG . 49.46 -61.69 19.61
CAD CLA EG . 52.20 -60.09 18.12
OBD CLA EG . 52.96 -60.94 18.55
CBD CLA EG . 52.68 -58.84 17.35
CGD CLA EG . 53.45 -57.93 18.24
O1D CLA EG . 53.27 -57.74 19.43
O2D CLA EG . 54.46 -57.26 17.64
CED CLA EG . 55.05 -56.20 18.39
MG CLA FG . 45.80 -34.83 12.37
CHA CLA FG . 44.74 -37.62 14.03
CHB CLA FG . 44.35 -35.94 9.53
CHC CLA FG . 46.94 -32.07 10.77
CHD CLA FG . 47.25 -33.62 15.38
NA CLA FG . 44.68 -36.53 11.90
C1A CLA FG . 44.34 -37.58 12.72
C2A CLA FG . 43.53 -38.62 11.96
C3A CLA FG . 43.51 -38.09 10.52
C4A CLA FG . 44.21 -36.75 10.64
CMA CLA FG . 44.27 -39.01 9.61
CAA CLA FG . 42.10 -38.86 12.43
CBA CLA FG . 41.61 -40.21 11.95
CGA CLA FG . 40.24 -40.46 12.46
O1A CLA FG . 39.36 -39.64 12.65
O2A CLA FG . 39.94 -41.75 12.71
NB CLA FG . 45.65 -34.12 10.50
C1B CLA FG . 45.02 -34.71 9.47
C2B CLA FG . 45.14 -33.87 8.25
C3B CLA FG . 45.89 -32.77 8.63
C4B CLA FG . 46.21 -32.93 10.05
CMB CLA FG . 44.58 -34.23 6.95
CAB CLA FG . 46.41 -31.60 7.98
CBB CLA FG . 46.23 -31.16 6.73
NC CLA FG . 46.91 -33.18 12.97
C1C CLA FG . 47.29 -32.18 12.13
C2C CLA FG . 48.07 -31.21 12.84
C3C CLA FG . 48.11 -31.60 14.16
C4C CLA FG . 47.36 -32.84 14.24
CMC CLA FG . 48.68 -30.02 12.24
CAC CLA FG . 48.74 -30.90 15.30
CBC CLA FG . 50.18 -31.18 15.47
ND CLA FG . 46.01 -35.43 14.28
C1D CLA FG . 46.63 -34.84 15.40
C2D CLA FG . 46.53 -35.78 16.51
C3D CLA FG . 45.85 -36.87 16.03
C4D CLA FG . 45.51 -36.58 14.64
CMD CLA FG . 47.11 -35.54 17.82
CAD CLA FG . 45.37 -38.18 16.31
OBD CLA FG . 45.58 -38.84 17.28
CBD CLA FG . 44.57 -38.67 15.09
CGD CLA FG . 45.11 -39.97 14.57
O1D CLA FG . 44.48 -40.98 14.32
O2D CLA FG . 46.44 -40.00 14.34
CED CLA FG . 46.88 -40.88 13.31
C1 CLA FG . 39.73 -42.65 11.61
C2 CLA FG . 38.27 -42.78 11.46
C3 CLA FG . 37.65 -43.75 10.78
C4 CLA FG . 38.32 -44.84 10.03
C5 CLA FG . 36.17 -43.76 10.70
C6 CLA FG . 35.68 -42.60 9.87
MG CLA GG . 34.67 -35.32 8.89
CHA CLA GG . 37.07 -36.24 11.20
CHB CLA GG . 37.11 -34.89 6.56
CHC CLA GG . 32.27 -34.62 6.59
CHD CLA GG . 32.21 -35.62 11.38
NA CLA GG . 36.75 -35.55 8.90
C1A CLA GG . 37.58 -35.94 9.96
C2A CLA GG . 39.01 -36.05 9.49
C3A CLA GG . 39.00 -35.48 8.07
C4A CLA GG . 37.51 -35.31 7.79
CMA CLA GG . 39.76 -34.19 7.97
CAA CLA GG . 39.41 -37.54 9.39
CBA CLA GG . 38.44 -38.48 8.69
CGA CLA GG . 37.30 -39.07 9.48
O1A CLA GG . 37.28 -39.56 10.60
O2A CLA GG . 36.12 -39.01 8.81
NB CLA GG . 34.69 -34.89 6.94
C1B CLA GG . 35.78 -34.70 6.17
C2B CLA GG . 35.37 -34.28 4.82
C3B CLA GG . 33.99 -34.23 4.83
C4B CLA GG . 33.56 -34.60 6.18
CMB CLA GG . 36.35 -34.01 3.79
CAB CLA GG . 33.01 -33.86 3.86
CBB CLA GG . 33.09 -33.92 2.54
NC CLA GG . 32.61 -35.12 8.99
C1C CLA GG . 31.81 -34.84 7.92
C2C CLA GG . 30.43 -34.83 8.33
C3C CLA GG . 30.40 -35.06 9.69
C4C CLA GG . 31.78 -35.25 10.10
CMC CLA GG . 29.30 -34.59 7.43
CAC CLA GG . 29.21 -35.13 10.55
CBC CLA GG . 28.65 -36.52 10.66
ND CLA GG . 34.59 -35.75 10.85
C1D CLA GG . 33.51 -35.89 11.74
C2D CLA GG . 34.00 -36.34 13.04
C3D CLA GG . 35.36 -36.50 12.89
C4D CLA GG . 35.68 -36.12 11.50
CMD CLA GG . 33.14 -36.60 14.18
CAD CLA GG . 36.60 -36.90 13.51
OBD CLA GG . 36.80 -37.36 14.61
CBD CLA GG . 37.73 -36.75 12.46
CGD CLA GG . 39.00 -36.03 12.85
O1D CLA GG . 40.12 -36.22 12.35
O2D CLA GG . 38.97 -35.10 13.82
CED CLA GG . 40.23 -34.69 14.35
C1 CLA GG . 34.90 -38.92 9.55
C2 CLA GG . 33.85 -38.95 8.51
C3 CLA GG . 32.53 -38.99 8.74
C4 CLA GG . 31.91 -38.98 10.07
C5 CLA GG . 31.55 -39.02 7.64
C6 CLA GG . 32.07 -38.35 6.40
C7 CLA GG . 30.93 -37.94 5.52
C8 CLA GG . 30.54 -39.06 4.56
C9 CLA GG . 31.68 -39.30 3.60
C10 CLA GG . 29.24 -38.78 3.80
C11 CLA GG . 28.84 -37.32 3.61
C12 CLA GG . 27.63 -36.96 4.45
C13 CLA GG . 26.64 -36.06 3.73
C14 CLA GG . 25.48 -35.75 4.65
C15 CLA GG . 26.13 -36.72 2.45
C16 CLA GG . 25.71 -35.66 1.44
C17 CLA GG . 24.30 -35.84 0.98
C18 CLA GG . 24.26 -36.44 -0.41
C19 CLA GG . 23.94 -37.91 -0.35
C20 CLA GG . 23.28 -35.74 -1.31
MG CLA HG . 37.27 -36.57 -0.75
CHA CLA HG . 39.38 -37.01 1.97
CHB CLA HG . 39.95 -36.07 -2.76
CHC CLA HG . 35.13 -36.17 -3.36
CHD CLA HG . 34.51 -37.12 1.40
NA CLA HG . 39.33 -36.54 -0.42
C1A CLA HG . 40.02 -36.77 0.78
C2A CLA HG . 41.53 -36.63 0.56
C3A CLA HG . 41.65 -36.34 -0.94
C4A CLA HG . 40.21 -36.30 -1.42
CMA CLA HG . 42.34 -35.02 -1.11
CAA CLA HG . 42.34 -37.88 0.85
CBA CLA HG . 41.62 -39.11 0.38
CGA CLA HG . 42.27 -40.31 0.93
O1A CLA HG . 42.65 -40.53 2.08
O2A CLA HG . 42.43 -41.27 -0.01
NB CLA HG . 37.50 -36.11 -2.69
C1B CLA HG . 38.67 -36.02 -3.35
C2B CLA HG . 38.43 -35.88 -4.79
C3B CLA HG . 37.09 -35.91 -5.00
C4B CLA HG . 36.46 -36.06 -3.65
CMB CLA HG . 39.50 -35.78 -5.78
CAB CLA HG . 36.43 -35.84 -6.28
CBB CLA HG . 35.22 -35.40 -6.62
NC CLA HG . 35.19 -36.65 -0.95
C1C CLA HG . 34.53 -36.46 -2.11
C2C CLA HG . 33.10 -36.64 -1.89
C3C CLA HG . 32.93 -36.87 -0.54
C4C CLA HG . 34.26 -36.87 0.05
CMC CLA HG . 32.08 -36.61 -2.94
CAC CLA HG . 31.69 -37.16 0.19
CBC CLA HG . 30.91 -35.96 0.65
ND CLA HG . 36.95 -37.06 1.19
C1D CLA HG . 35.76 -37.24 1.93
C2D CLA HG . 36.11 -37.47 3.33
C3D CLA HG . 37.47 -37.36 3.40
C4D CLA HG . 37.95 -37.10 2.04
CMD CLA HG . 35.13 -37.73 4.37
CAD CLA HG . 38.63 -37.43 4.26
OBD CLA HG . 38.69 -37.62 5.45
CBD CLA HG . 39.88 -37.15 3.38
CGD CLA HG . 40.60 -35.94 3.88
O1D CLA HG . 40.15 -35.02 4.54
O2D CLA HG . 41.91 -35.90 3.59
CED CLA HG . 42.58 -34.67 3.72
C1 CLA HG . 43.72 -41.89 -0.07
C2 CLA HG . 43.88 -42.41 -1.46
C3 CLA HG . 43.32 -43.53 -1.93
C4 CLA HG . 42.45 -44.38 -1.09
C5 CLA HG . 43.54 -44.00 -3.32
C6 CLA HG . 44.22 -43.01 -4.25
C7 CLA HG . 43.20 -42.12 -4.92
C8 CLA HG . 43.32 -42.02 -6.44
C9 CLA HG . 42.65 -43.20 -7.13
C10 CLA HG . 44.76 -41.86 -6.88
C11 CLA HG . 45.20 -40.42 -6.86
C12 CLA HG . 44.50 -39.59 -7.92
C13 CLA HG . 45.20 -39.58 -9.28
C14 CLA HG . 46.71 -39.66 -9.19
C15 CLA HG . 44.82 -38.31 -10.01
C16 CLA HG . 44.98 -38.46 -11.51
C17 CLA HG . 43.69 -38.84 -12.16
C18 CLA HG . 43.77 -38.71 -13.66
C19 CLA HG . 44.15 -37.30 -14.07
C20 CLA HG . 44.85 -39.63 -14.18
MG CLA IG . 67.59 4.17 -18.02
CHA CLA IG . 65.17 6.54 -17.29
CHB CLA IG . 69.69 6.65 -19.02
CHC CLA IG . 70.00 1.84 -18.57
CHD CLA IG . 65.34 1.64 -17.06
NA CLA IG . 67.43 6.25 -18.14
C1A CLA IG . 66.33 7.06 -17.79
C2A CLA IG . 66.67 8.53 -18.01
C3A CLA IG . 68.02 8.50 -18.76
C4A CLA IG . 68.43 7.03 -18.63
CMA CLA IG . 67.84 8.88 -20.19
CAA CLA IG . 66.85 9.31 -16.71
CBA CLA IG . 67.97 8.88 -15.77
CGA CLA IG . 67.54 7.71 -14.93
O1A CLA IG . 66.41 7.44 -14.53
O2A CLA IG . 68.52 6.81 -14.65
NB CLA IG . 69.48 4.23 -18.70
C1B CLA IG . 70.17 5.35 -18.97
C2B CLA IG . 71.59 5.03 -19.23
C3B CLA IG . 71.70 3.67 -19.09
C4B CLA IG . 70.34 3.13 -18.78
CMB CLA IG . 72.57 6.05 -19.55
CAB CLA IG . 72.83 2.82 -19.26
CBB CLA IG . 73.56 2.74 -20.37
NC CLA IG . 67.63 2.10 -17.90
C1C CLA IG . 68.72 1.34 -18.20
C2C CLA IG . 68.42 -0.05 -17.99
C3C CLA IG . 67.10 -0.11 -17.53
C4C CLA IG . 66.61 1.25 -17.49
CMC CLA IG . 69.38 -1.13 -18.19
CAC CLA IG . 66.35 -1.31 -17.15
CBC CLA IG . 66.43 -1.52 -15.67
ND CLA IG . 65.68 4.04 -17.40
C1D CLA IG . 64.89 2.94 -16.99
C2D CLA IG . 63.59 3.43 -16.51
C3D CLA IG . 63.65 4.80 -16.62
C4D CLA IG . 64.96 5.13 -17.16
CMD CLA IG . 62.52 2.55 -16.03
CAD CLA IG . 62.93 6.05 -16.45
OBD CLA IG . 61.76 6.24 -16.14
CBD CLA IG . 63.89 7.20 -16.80
CGD CLA IG . 63.30 8.12 -17.81
O1D CLA IG . 62.72 7.81 -18.86
O2D CLA IG . 63.41 9.43 -17.51
CED CLA IG . 63.06 10.40 -18.49
C1 CLA IG . 68.20 5.79 -13.69
C2 CLA IG . 68.09 4.48 -14.37
C3 CLA IG . 67.97 3.35 -13.66
C4 CLA IG . 67.92 3.29 -12.19
C5 CLA IG . 67.88 2.04 -14.34
C6 CLA IG . 69.05 1.13 -14.06
C7 CLA IG . 70.35 1.72 -14.53
C8 CLA IG . 71.46 0.67 -14.62
C9 CLA IG . 71.85 0.20 -13.24
C10 CLA IG . 72.67 1.25 -15.32
C11 CLA IG . 73.08 0.42 -16.52
C12 CLA IG . 74.57 0.18 -16.55
C13 CLA IG . 75.02 -0.28 -17.92
C14 CLA IG . 74.42 -1.61 -18.29
C15 CLA IG . 76.54 -0.36 -18.00
C16 CLA IG . 77.01 -0.49 -19.43
C17 CLA IG . 78.52 -0.41 -19.53
C18 CLA IG . 79.05 -0.88 -20.86
C19 CLA IG . 80.47 -0.39 -21.06
C20 CLA IG . 79.04 -2.38 -20.91
MG CLA JG . 62.66 -10.45 -8.35
CHA CLA JG . 62.26 -13.32 -10.24
CHB CLA JG . 63.22 -12.35 -5.59
CHC CLA JG . 63.07 -7.59 -6.55
CHD CLA JG . 61.70 -8.53 -11.15
NA CLA JG . 62.74 -12.50 -8.01
C1A CLA JG . 62.55 -13.53 -8.93
C2A CLA JG . 62.74 -14.89 -8.25
C3A CLA JG . 62.88 -14.53 -6.76
C4A CLA JG . 62.98 -13.01 -6.77
CMA CLA JG . 61.65 -14.97 -6.04
CAA CLA JG . 64.00 -15.61 -8.70
CBA CLA JG . 65.30 -14.82 -8.54
CGA CLA JG . 65.62 -14.00 -9.74
O1A CLA JG . 65.67 -14.33 -10.91
O2A CLA JG . 65.83 -12.69 -9.45
NB CLA JG . 63.10 -10.04 -6.44
C1B CLA JG . 63.30 -10.95 -5.46
C2B CLA JG . 63.57 -10.27 -4.18
C3B CLA JG . 63.53 -8.93 -4.43
C4B CLA JG . 63.23 -8.75 -5.87
CMB CLA JG . 63.82 -10.99 -2.94
CAB CLA JG . 63.74 -7.87 -3.48
CBB CLA JG . 62.91 -6.86 -3.22
NC CLA JG . 62.47 -8.42 -8.80
C1C CLA JG . 62.72 -7.42 -7.91
C2C CLA JG . 62.56 -6.15 -8.57
C3C CLA JG . 62.10 -6.40 -9.85
C4C CLA JG . 62.04 -7.85 -9.98
CMC CLA JG . 62.82 -4.86 -7.93
CAC CLA JG . 61.81 -5.43 -10.91
CBC CLA JG . 60.36 -5.05 -11.03
ND CLA JG . 62.16 -10.77 -10.29
C1D CLA JG . 61.74 -9.89 -11.31
C2D CLA JG . 61.46 -10.69 -12.51
C3D CLA JG . 61.72 -12.00 -12.18
C4D CLA JG . 62.08 -12.01 -10.77
CMD CLA JG . 61.05 -10.14 -13.80
CAD CLA JG . 61.72 -13.37 -12.63
OBD CLA JG . 61.51 -13.81 -13.74
CBD CLA JG . 61.97 -14.25 -11.39
CGD CLA JG . 60.81 -15.16 -11.14
O1D CLA JG . 59.95 -15.05 -10.28
O2D CLA JG . 60.72 -16.21 -11.98
CED CLA JG . 59.47 -16.89 -12.05
C1 CLA JG . 65.69 -11.73 -10.51
C2 CLA JG . 65.80 -10.42 -9.83
C3 CLA JG . 65.60 -9.24 -10.43
C4 CLA JG . 65.26 -9.13 -11.86
C5 CLA JG . 65.74 -7.96 -9.67
C6 CLA JG . 66.69 -6.97 -10.28
C7 CLA JG . 66.61 -5.66 -9.51
C8 CLA JG . 67.70 -4.69 -9.91
C9 CLA JG . 67.66 -4.38 -11.39
C10 CLA JG . 69.07 -5.27 -9.57
C11 CLA JG . 70.00 -4.22 -9.01
C12 CLA JG . 71.35 -4.82 -8.67
C13 CLA JG . 72.05 -4.04 -7.57
C14 CLA JG . 72.13 -2.57 -7.88
C15 CLA JG . 73.45 -4.56 -7.34
C16 CLA JG . 73.95 -4.14 -5.97
C17 CLA JG . 75.27 -3.43 -6.07
C18 CLA JG . 76.31 -4.11 -5.20
C19 CLA JG . 77.68 -3.53 -5.51
C20 CLA JG . 76.01 -3.84 -3.75
MG CLA KG . 36.13 -54.91 -8.09
CHA CLA KG . 32.79 -55.89 -8.27
CHB CLA KG . 35.35 -52.55 -5.82
CHC CLA KG . 39.45 -54.15 -7.83
CHD CLA KG . 36.88 -57.31 -10.54
NA CLA KG . 34.33 -54.33 -7.20
C1A CLA KG . 33.06 -54.87 -7.39
C2A CLA KG . 32.05 -54.13 -6.51
C3A CLA KG . 32.87 -53.02 -5.83
C4A CLA KG . 34.29 -53.31 -6.29
CMA CLA KG . 32.39 -51.64 -6.17
CAA CLA KG . 31.47 -55.08 -5.47
CBA CLA KG . 31.43 -54.58 -4.04
CGA CLA KG . 32.52 -55.16 -3.19
O1A CLA KG . 31.88 -56.22 -3.22
O2A CLA KG . 33.18 -56.07 -2.42
NB CLA KG . 37.19 -53.55 -7.08
C1B CLA KG . 36.70 -52.70 -6.14
C2B CLA KG . 37.82 -52.00 -5.46
C3B CLA KG . 38.97 -52.48 -6.03
C4B CLA KG . 38.58 -53.45 -7.05
CMB CLA KG . 37.59 -51.04 -4.39
CAB CLA KG . 40.37 -52.20 -5.77
CBB CLA KG . 40.95 -51.08 -5.38
NC CLA KG . 37.84 -55.60 -9.04
C1C CLA KG . 39.09 -55.16 -8.76
C2C CLA KG . 40.06 -55.88 -9.56
C3C CLA KG . 39.35 -56.78 -10.35
C4C CLA KG . 37.94 -56.59 -10.00
CMC CLA KG . 41.50 -55.66 -9.50
CAC CLA KG . 39.88 -57.74 -11.30
CBC CLA KG . 39.82 -59.17 -10.80
ND CLA KG . 35.14 -56.32 -9.16
C1D CLA KG . 35.57 -57.22 -10.15
C2D CLA KG . 34.43 -58.00 -10.66
C3D CLA KG . 33.34 -57.54 -9.95
C4D CLA KG . 33.83 -56.48 -9.04
CMD CLA KG . 34.51 -59.03 -11.68
CAD CLA KG . 31.92 -57.64 -9.78
OBD CLA KG . 31.11 -58.34 -10.38
CBD CLA KG . 31.53 -56.63 -8.68
CGD CLA KG . 30.41 -55.71 -9.07
O1D CLA KG . 29.45 -55.36 -8.39
O2D CLA KG . 30.49 -55.23 -10.34
CED CLA KG . 29.32 -54.65 -10.92
C1 PQN LG . 54.29 -5.70 -13.76
O1 PQN LG . 53.74 -5.57 -12.66
C2 PQN LG . 55.52 -4.93 -14.03
C2M PQN LG . 56.07 -3.99 -13.00
C3 PQN LG . 56.18 -5.06 -15.34
C4 PQN LG . 55.66 -6.00 -16.35
O4 PQN LG . 56.22 -6.11 -17.43
C5 PQN LG . 54.44 -6.79 -16.08
C6 PQN LG . 53.93 -7.65 -17.02
C7 PQN LG . 52.78 -8.37 -16.74
C8 PQN LG . 52.13 -8.24 -15.52
C9 PQN LG . 52.61 -7.38 -14.54
C10 PQN LG . 53.76 -6.64 -14.77
C11 PQN LG . 57.44 -4.29 -15.63
C12 PQN LG . 58.56 -5.12 -15.06
C13 PQN LG . 59.62 -5.53 -15.77
C14 PQN LG . 59.77 -5.16 -17.21
C15 PQN LG . 60.65 -6.37 -15.08
C16 PQN LG . 62.05 -6.04 -15.53
C17 PQN LG . 62.79 -5.31 -14.43
C18 PQN LG . 64.24 -5.75 -14.37
C19 PQN LG . 64.91 -5.15 -13.14
C20 PQN LG . 64.95 -5.30 -15.65
C21 PQN LG . 66.44 -5.56 -15.52
C22 PQN LG . 67.22 -5.16 -16.76
C23 PQN LG . 68.54 -4.52 -16.36
C24 PQN LG . 69.43 -4.25 -17.56
C25 PQN LG . 69.29 -5.40 -15.36
C26 PQN LG . 70.60 -4.72 -15.00
C27 PQN LG . 71.23 -5.35 -13.76
C28 PQN LG . 72.70 -4.96 -13.68
C29 PQN LG . 73.25 -5.25 -12.29
C30 PQN LG . 73.50 -5.70 -14.74
FE1 SF4 MG . 45.15 -10.65 -21.13
FE2 SF4 MG . 43.04 -12.22 -20.77
FE3 SF4 MG . 44.39 -12.27 -23.00
FE4 SF4 MG . 42.97 -10.17 -22.35
S1 SF4 MG . 42.10 -12.21 -22.81
S2 SF4 MG . 45.09 -10.15 -23.29
S3 SF4 MG . 43.18 -10.02 -20.16
S4 SF4 MG . 45.18 -12.92 -21.04
C1 BCR NG . 74.92 -60.43 9.64
C2 BCR NG . 76.24 -60.10 10.29
C3 BCR NG . 77.34 -60.19 9.28
C4 BCR NG . 77.15 -59.17 8.20
C5 BCR NG . 75.73 -59.01 7.81
C6 BCR NG . 74.70 -59.58 8.44
C7 BCR NG . 73.31 -59.38 8.02
C8 BCR NG . 72.67 -60.13 7.12
C9 BCR NG . 71.29 -59.88 6.73
C10 BCR NG . 70.93 -60.02 5.45
C11 BCR NG . 69.60 -60.33 5.01
C33 BCR NG . 75.56 -58.14 6.63
C31 BCR NG . 73.84 -60.23 10.67
C32 BCR NG . 74.94 -61.90 9.26
C34 BCR NG . 70.29 -59.81 7.81
C12 BCR NG . 69.42 -60.66 3.72
C13 BCR NG . 68.12 -60.96 3.16
C14 BCR NG . 68.04 -61.67 2.03
C15 BCR NG . 66.79 -62.11 1.47
C16 BCR NG . 66.75 -62.77 0.31
C17 BCR NG . 65.45 -63.18 -0.15
C18 BCR NG . 65.12 -63.58 -1.38
C19 BCR NG . 63.75 -63.98 -1.61
C20 BCR NG . 63.34 -64.41 -2.80
C21 BCR NG . 62.00 -64.94 -2.92
C22 BCR NG . 61.42 -65.25 -4.07
C23 BCR NG . 60.13 -65.92 -4.01
C24 BCR NG . 59.34 -66.05 -5.09
C25 BCR NG . 58.13 -66.85 -5.22
C26 BCR NG . 56.94 -66.45 -4.74
C27 BCR NG . 55.68 -67.20 -4.85
C28 BCR NG . 55.73 -68.14 -6.02
C29 BCR NG . 56.98 -68.95 -5.95
C30 BCR NG . 58.25 -68.14 -5.98
C35 BCR NG . 66.91 -60.38 3.77
C36 BCR NG . 66.12 -64.08 -2.32
C37 BCR NG . 62.13 -65.16 -5.36
C38 BCR NG . 56.71 -65.19 -4.00
C39 BCR NG . 58.69 -67.85 -7.39
C40 BCR NG . 59.31 -69.07 -5.41
C1 BCR OG . 79.72 -39.94 3.02
C2 BCR OG . 79.16 -38.63 2.54
C3 BCR OG . 78.78 -37.72 3.66
C4 BCR OG . 77.79 -38.38 4.57
C5 BCR OG . 78.20 -39.74 4.95
C6 BCR OG . 79.06 -40.50 4.25
C7 BCR OG . 79.47 -41.85 4.68
C8 BCR OG . 78.79 -42.98 4.46
C9 BCR OG . 79.29 -44.30 4.74
C10 BCR OG . 78.62 -45.37 4.30
C11 BCR OG . 79.02 -46.73 4.51
C33 BCR OG . 77.55 -40.20 6.19
C31 BCR OG . 81.19 -39.74 3.27
C32 BCR OG . 79.59 -40.86 1.82
C34 BCR OG . 80.64 -44.43 5.33
C12 BCR OG . 78.27 -47.71 4.00
C13 BCR OG . 78.44 -49.11 4.27
C14 BCR OG . 77.56 -49.97 3.75
C15 BCR OG . 77.56 -51.39 3.99
C16 BCR OG . 76.77 -52.19 3.26
C17 BCR OG . 76.74 -53.60 3.57
C18 BCR OG . 75.75 -54.43 3.25
C19 BCR OG . 75.96 -55.85 3.33
C20 BCR OG . 75.05 -56.73 2.90
C21 BCR OG . 75.36 -58.14 2.98
C22 BCR OG . 74.48 -59.14 2.88
C23 BCR OG . 74.91 -60.46 3.33
C24 BCR OG . 74.52 -61.60 2.75
C25 BCR OG . 74.82 -62.95 3.19
C26 BCR OG . 74.00 -63.62 4.01
C27 BCR OG . 74.19 -64.99 4.50
C28 BCR OG . 74.93 -65.79 3.46
C29 BCR OG . 76.21 -65.07 3.14
C30 BCR OG . 76.05 -63.63 2.67
C35 BCR OG . 79.66 -49.58 4.94
C36 BCR OG . 74.52 -53.95 2.62
C37 BCR OG . 73.21 -58.99 2.16
C38 BCR OG . 72.75 -63.03 4.55
C39 BCR OG . 76.07 -63.55 1.16
C40 BCR OG . 77.35 -62.96 3.13
C1 BCR PG . 76.80 -57.84 -0.97
C2 BCR PG . 77.19 -59.20 -0.41
C3 BCR PG . 78.59 -59.22 0.14
C4 BCR PG . 78.72 -58.14 1.18
C5 BCR PG . 78.45 -56.84 0.56
C6 BCR PG . 77.57 -56.66 -0.42
C7 BCR PG . 77.33 -55.36 -1.05
C8 BCR PG . 76.49 -54.45 -0.55
C9 BCR PG . 76.27 -53.14 -1.13
C10 BCR PG . 75.90 -52.15 -0.33
C11 BCR PG . 75.25 -50.94 -0.78
C33 BCR PG . 79.26 -55.74 1.13
C31 BCR PG . 75.31 -57.74 -0.72
C32 BCR PG . 77.01 -57.91 -2.46
C34 BCR PG . 76.03 -53.08 -2.58
C12 BCR PG . 75.11 -49.93 0.06
C13 BCR PG . 74.37 -48.73 -0.25
C14 BCR PG . 74.12 -47.86 0.73
C15 BCR PG . 73.13 -46.83 0.64
C16 BCR PG . 72.90 -46.05 1.71
C17 BCR PG . 72.23 -44.80 1.48
C18 BCR PG . 72.04 -43.84 2.39
C19 BCR PG . 71.29 -42.68 1.98
C20 BCR PG . 70.83 -41.79 2.86
C21 BCR PG . 70.51 -40.47 2.41
C22 BCR PG . 70.26 -39.42 3.20
C23 BCR PG . 69.95 -38.16 2.57
C24 BCR PG . 69.07 -37.26 3.06
C25 BCR PG . 68.35 -36.26 2.27
C26 BCR PG . 67.22 -36.56 1.62
C27 BCR PG . 66.41 -35.64 0.79
C28 BCR PG . 66.86 -34.21 0.89
C29 BCR PG . 68.34 -34.11 1.04
C30 BCR PG . 68.87 -34.86 2.24
C35 BCR PG . 73.64 -48.65 -1.53
C36 BCR PG . 72.85 -43.75 3.62
C37 BCR PG . 70.69 -39.46 4.61
C38 BCR PG . 66.60 -37.90 1.58
C39 BCR PG . 68.50 -34.15 3.52
C40 BCR PG . 70.37 -34.73 2.11
C1 BCR QG . 49.53 -41.98 -15.18
C2 BCR QG . 50.25 -41.28 -16.29
C3 BCR QG . 49.78 -39.86 -16.36
C4 BCR QG . 50.09 -39.09 -15.10
C5 BCR QG . 49.96 -39.94 -13.89
C6 BCR QG . 49.69 -41.25 -13.89
C7 BCR QG . 49.63 -42.04 -12.66
C8 BCR QG . 48.53 -42.25 -11.94
C9 BCR QG . 48.58 -42.67 -10.56
C10 BCR QG . 47.47 -43.13 -9.97
C11 BCR QG . 47.42 -43.95 -8.80
C33 BCR QG . 50.16 -39.16 -12.65
C31 BCR QG . 49.99 -43.42 -15.09
C32 BCR QG . 48.10 -42.03 -15.65
C34 BCR QG . 49.90 -42.86 -9.93
C12 BCR QG . 46.29 -44.61 -8.52
C13 BCR QG . 46.07 -45.40 -7.34
C14 BCR QG . 44.87 -45.98 -7.20
C15 BCR QG . 44.25 -46.36 -5.95
C16 BCR QG . 42.98 -46.76 -5.93
C17 BCR QG . 42.54 -47.59 -4.83
C18 BCR QG . 41.27 -47.72 -4.41
C19 BCR QG . 41.03 -48.42 -3.16
C20 BCR QG . 40.02 -48.08 -2.34
C21 BCR QG . 39.20 -49.12 -1.77
C22 BCR QG . 38.77 -49.20 -0.50
C23 BCR QG . 37.38 -49.53 -0.25
C24 BCR QG . 36.40 -49.17 -1.10
C25 BCR QG . 34.94 -49.30 -0.93
C26 BCR QG . 34.23 -48.41 -0.23
C27 BCR QG . 32.76 -48.44 -0.03
C28 BCR QG . 32.08 -49.22 -1.12
C29 BCR QG . 32.78 -50.55 -1.24
C30 BCR QG . 34.25 -50.45 -1.61
C35 BCR QG . 46.97 -45.24 -6.19
C36 BCR QG . 40.16 -47.01 -5.04
C37 BCR QG . 39.74 -49.36 0.60
C38 BCR QG . 34.80 -47.23 0.47
C39 BCR QG . 34.93 -51.79 -1.41
C40 BCR QG . 34.20 -50.25 -3.12
C1 BCR RG . 46.21 -34.19 -8.24
C2 BCR RG . 45.92 -33.53 -9.56
C3 BCR RG . 45.91 -34.54 -10.66
C4 BCR RG . 47.25 -35.20 -10.77
C5 BCR RG . 47.86 -35.54 -9.46
C6 BCR RG . 47.39 -35.11 -8.29
C7 BCR RG . 48.03 -35.48 -7.02
C8 BCR RG . 47.70 -36.58 -6.35
C9 BCR RG . 48.27 -37.04 -5.11
C10 BCR RG . 47.87 -38.23 -4.65
C11 BCR RG . 48.20 -38.74 -3.34
C33 BCR RG . 49.03 -36.43 -9.58
C31 BCR RG . 44.94 -34.91 -7.85
C32 BCR RG . 46.46 -33.08 -7.25
C34 BCR RG . 49.02 -36.08 -4.28
C12 BCR RG . 48.03 -40.04 -3.09
C13 BCR RG . 48.17 -40.68 -1.81
C14 BCR RG . 47.46 -41.78 -1.57
C15 BCR RG . 47.43 -42.45 -0.29
C16 BCR RG . 46.86 -43.65 -0.18
C17 BCR RG . 47.14 -44.41 1.00
C18 BCR RG . 46.55 -45.55 1.36
C19 BCR RG . 46.66 -45.91 2.75
C20 BCR RG . 46.13 -47.03 3.23
C21 BCR RG . 46.24 -47.31 4.64
C22 BCR RG . 45.76 -48.40 5.23
C23 BCR RG . 45.84 -48.52 6.66
C24 BCR RG . 45.90 -49.69 7.29
C25 BCR RG . 45.56 -49.93 8.68
C26 BCR RG . 46.41 -49.70 9.69
C27 BCR RG . 46.16 -49.91 11.12
C28 BCR RG . 44.69 -50.14 11.41
C29 BCR RG . 44.10 -51.03 10.37
C30 BCR RG . 44.19 -50.47 8.97
C35 BCR RG . 49.13 -40.18 -0.81
C36 BCR RG . 45.57 -46.26 0.52
C37 BCR RG . 45.27 -49.55 4.43
C38 BCR RG . 47.78 -49.17 9.50
C39 BCR RG . 43.10 -49.45 8.74
C40 BCR RG . 43.87 -51.66 8.06
C1 BCR SG . 63.12 -18.31 2.97
C2 BCR SG . 62.72 -19.68 3.44
C3 BCR SG . 62.78 -20.60 2.25
C4 BCR SG . 64.21 -20.76 1.84
C5 BCR SG . 64.86 -19.45 1.69
C6 BCR SG . 64.37 -18.30 2.17
C7 BCR SG . 65.08 -17.03 2.00
C8 BCR SG . 64.80 -16.16 1.03
C9 BCR SG . 65.80 -15.47 0.24
C10 BCR SG . 65.78 -14.14 0.17
C11 BCR SG . 64.77 -13.26 0.74
C33 BCR SG . 66.11 -19.50 0.92
C31 BCR SG . 63.27 -17.47 4.22
C32 BCR SG . 61.94 -17.85 2.13
C34 BCR SG . 66.56 -16.25 -0.74
C12 BCR SG . 65.06 -11.97 0.85
C13 BCR SG . 64.13 -10.90 1.09
C14 BCR SG . 64.56 -9.65 0.82
C15 BCR SG . 63.75 -8.47 0.88
C16 BCR SG . 64.27 -7.26 0.65
C17 BCR SG . 63.45 -6.12 0.94
C18 BCR SG . 63.72 -4.85 0.62
C19 BCR SG . 64.98 -4.56 -0.02
C20 BCR SG . 65.49 -3.32 -0.03
C21 BCR SG . 66.59 -3.02 -0.90
C22 BCR SG . 67.03 -1.79 -1.18
C23 BCR SG . 67.97 -1.64 -2.26
C24 BCR SG . 69.04 -0.85 -2.23
C25 BCR SG . 69.98 -0.62 -3.32
C26 BCR SG . 69.89 0.47 -4.07
C27 BCR SG . 70.81 0.78 -5.19
C28 BCR SG . 72.20 0.34 -4.82
C29 BCR SG . 72.21 -1.11 -4.41
C30 BCR SG . 71.06 -1.62 -3.56
C35 BCR SG . 62.96 -11.12 1.96
C36 BCR SG . 62.99 -3.72 1.22
C37 BCR SG . 66.26 -0.60 -0.78
C38 BCR SG . 68.86 1.49 -3.90
C39 BCR SG . 71.55 -2.19 -2.24
C40 BCR SG . 70.55 -2.82 -4.35
O1 LHG TG . 57.75 -19.53 -26.22
C1 LHG TG . 58.85 -19.34 -25.34
C2 LHG TG . 58.32 -19.46 -23.96
O2 LHG TG . 57.66 -20.68 -23.78
C3 LHG TG . 57.30 -18.41 -23.64
O3 LHG TG . 57.34 -18.44 -22.24
P LHG TG . 56.22 -17.70 -21.39
O4 LHG TG . 56.61 -16.27 -21.31
O5 LHG TG . 54.97 -18.39 -21.77
O6 LHG TG . 56.75 -18.28 -19.97
C4 LHG TG . 57.95 -17.81 -19.49
C5 LHG TG . 57.80 -17.92 -17.99
C6 LHG TG . 57.09 -19.19 -17.60
O7 LHG TG . 59.10 -18.01 -17.50
C7 LHG TG . 59.43 -17.09 -16.58
O9 LHG TG . 58.62 -16.58 -15.85
C8 LHG TG . 60.77 -16.62 -16.84
C9 LHG TG . 61.52 -16.52 -15.56
C10 LHG TG . 62.96 -16.74 -15.83
O8 LHG TG . 58.00 -19.88 -16.79
C23 LHG TG . 57.90 -21.21 -16.77
O10 LHG TG . 56.81 -21.70 -16.61
C24 LHG TG . 59.12 -22.08 -16.65
C11 LHG TG . 63.55 -16.37 -14.52
C12 LHG TG . 64.96 -16.01 -14.71
C13 LHG TG . 65.62 -16.34 -13.43
C14 LHG TG . 67.06 -16.63 -13.60
C15 LHG TG . 67.63 -16.73 -12.21
C16 LHG TG . 67.04 -17.89 -11.48
C17 LHG TG . 67.59 -17.99 -10.09
C18 LHG TG . 67.06 -19.30 -9.62
C19 LHG TG . 67.44 -19.64 -8.22
C20 LHG TG . 67.11 -21.10 -8.19
C21 LHG TG . 67.25 -21.61 -6.80
C22 LHG TG . 68.72 -21.75 -6.52
C25 LHG TG . 59.70 -22.18 -15.27
C26 LHG TG . 58.86 -22.90 -14.23
C27 LHG TG . 58.52 -21.78 -13.28
C28 LHG TG . 57.47 -22.07 -12.24
C29 LHG TG . 57.27 -20.74 -11.50
C30 LHG TG . 56.16 -20.67 -10.50
C31 LHG TG . 56.49 -21.17 -9.12
C32 LHG TG . 57.40 -20.26 -8.31
C33 LHG TG . 57.87 -21.06 -7.13
C34 LHG TG . 58.00 -20.28 -5.84
C35 LHG TG . 59.42 -19.95 -5.52
C36 LHG TG . 59.46 -19.06 -4.31
C37 LHG TG . 59.09 -19.88 -3.13
C38 LHG TG . 59.78 -19.45 -1.87
O1 LHG UG . 40.13 -50.67 -13.14
C1 LHG UG . 40.29 -50.32 -11.82
C2 LHG UG . 40.09 -51.61 -11.02
O2 LHG UG . 41.09 -52.48 -11.27
C3 LHG UG . 38.76 -52.18 -11.47
O3 LHG UG . 37.97 -52.27 -10.37
P LHG UG . 36.38 -52.01 -10.74
O4 LHG UG . 35.65 -53.02 -9.93
O5 LHG UG . 36.25 -51.89 -12.17
O6 LHG UG . 35.99 -50.54 -10.15
C4 LHG UG . 35.91 -50.52 -8.79
C5 LHG UG . 35.43 -49.14 -8.41
C6 LHG UG . 34.23 -48.77 -9.30
O7 LHG UG . 35.05 -49.06 -7.06
C7 LHG UG . 35.66 -48.11 -6.32
O9 LHG UG . 36.73 -47.67 -6.65
C8 LHG UG . 34.94 -47.64 -5.10
C9 LHG UG . 35.95 -46.87 -4.23
C10 LHG UG . 35.38 -45.55 -3.70
O8 LHG UG . 33.78 -47.49 -8.99
C23 LHG UG . 34.29 -46.44 -9.68
O10 LHG UG . 35.17 -46.63 -10.50
C24 LHG UG . 33.72 -45.10 -9.34
C11 LHG UG . 36.52 -44.55 -3.43
C12 LHG UG . 36.70 -44.30 -1.93
C13 LHG UG . 37.84 -45.14 -1.37
C14 LHG UG . 39.10 -44.30 -1.17
C15 LHG UG . 40.19 -45.12 -0.49
C16 LHG UG . 40.41 -44.69 0.96
C17 LHG UG . 41.65 -45.37 1.55
C18 LHG UG . 42.57 -44.35 2.21
C19 LHG UG . 43.08 -44.86 3.55
C20 LHG UG . 41.99 -44.82 4.61
C21 LHG UG . 42.54 -45.27 5.98
C22 LHG UG . 41.43 -45.30 7.00
C25 LHG UG . 34.84 -44.23 -8.83
C26 LHG UG . 34.45 -43.50 -7.57
C27 LHG UG . 33.04 -42.99 -7.67
C28 LHG UG . 32.81 -41.88 -6.66
C29 LHG UG . 33.76 -42.01 -5.50
C30 LHG UG . 33.38 -41.07 -4.41
C31 LHG UG . 34.38 -39.92 -4.31
C32 LHG UG . 34.63 -39.56 -2.87
C33 LHG UG . 36.00 -40.03 -2.47
C34 LHG UG . 36.94 -39.91 -3.65
C35 LHG UG . 38.23 -39.31 -3.22
C36 LHG UG . 39.37 -40.28 -3.45
C37 LHG UG . 40.64 -39.53 -3.73
C38 LHG UG . 41.02 -39.63 -5.19
MG CLA VG . 65.18 25.57 -6.35
CHA CLA VG . 65.14 25.94 -2.90
CHB CLA VG . 68.22 27.02 -6.50
CHC CLA VG . 65.16 25.15 -9.76
CHD CLA VG . 61.92 24.27 -6.20
NA CLA VG . 66.47 26.34 -4.91
C1A CLA VG . 66.29 26.38 -3.51
C2A CLA VG . 67.49 27.05 -2.83
C3A CLA VG . 68.35 27.52 -4.03
C4A CLA VG . 67.66 26.91 -5.23
CMA CLA VG . 68.39 29.02 -4.13
CAA CLA VG . 68.25 26.10 -1.91
CBA CLA VG . 69.61 25.70 -2.42
CGA CLA VG . 70.66 26.45 -1.68
O1A CLA VG . 70.52 27.11 -0.65
O2A CLA VG . 71.89 26.37 -2.25
NB CLA VG . 66.44 26.04 -7.85
C1B CLA VG . 67.68 26.55 -7.70
C2B CLA VG . 68.39 26.56 -9.00
C3B CLA VG . 67.53 26.03 -9.92
C4B CLA VG . 66.27 25.70 -9.21
CMB CLA VG . 69.76 27.04 -9.19
CAB CLA VG . 67.71 25.81 -11.33
CBB CLA VG . 67.20 26.57 -12.30
NC CLA VG . 63.80 24.82 -7.71
C1C CLA VG . 64.00 24.73 -9.07
C2C CLA VG . 62.82 24.16 -9.70
C3C CLA VG . 61.90 23.93 -8.69
C4C CLA VG . 62.52 24.35 -7.45
CMC CLA VG . 62.68 23.92 -11.13
CAC CLA VG . 60.54 23.38 -8.83
CBC CLA VG . 60.43 21.93 -8.45
ND CLA VG . 63.85 25.06 -4.93
C1D CLA VG . 62.52 24.61 -5.01
C2D CLA VG . 61.94 24.54 -3.67
C3D CLA VG . 62.92 24.99 -2.82
C4D CLA VG . 64.08 25.35 -3.66
CMD CLA VG . 60.59 24.06 -3.38
CAD CLA VG . 63.27 25.28 -1.45
OBD CLA VG . 62.65 25.04 -0.43
CBD CLA VG . 64.66 25.98 -1.48
CGD CLA VG . 64.51 27.40 -1.02
O1D CLA VG . 64.46 28.40 -1.72
O2D CLA VG . 64.45 27.54 0.33
CED CLA VG . 64.21 28.85 0.85
C1 CLA VG . 72.52 27.62 -2.60
C2 CLA VG . 72.21 27.88 -4.02
C3 CLA VG . 72.64 27.09 -5.01
C4 CLA VG . 72.33 27.36 -6.43
O6 SQD WG . 55.09 30.22 -25.19
C44 SQD WG . 56.15 30.54 -24.32
C45 SQD WG . 56.21 29.63 -23.09
C46 SQD WG . 55.42 30.29 -21.96
O47 SQD WG . 55.85 28.29 -23.37
C7 SQD WG . 56.51 27.20 -22.74
O49 SQD WG . 57.69 27.29 -22.45
C8 SQD WG . 55.70 26.10 -22.07
C9 SQD WG . 56.60 25.33 -21.11
C10 SQD WG . 55.77 24.82 -19.93
C11 SQD WG . 56.39 23.54 -19.36
C12 SQD WG . 57.65 23.84 -18.57
C13 SQD WG . 58.20 22.53 -18.00
C14 SQD WG . 57.19 21.88 -17.07
C15 SQD WG . 57.92 21.27 -15.88
C16 SQD WG . 56.91 20.67 -14.91
C17 SQD WG . 57.52 20.67 -13.51
C18 SQD WG . 56.42 20.53 -12.45
C19 SQD WG . 57.02 20.90 -11.12
C20 SQD WG . 55.97 21.43 -10.18
C21 SQD WG . 56.68 22.08 -9.01
C22 SQD WG . 55.87 21.91 -7.76
O48 SQD WG . 55.38 29.45 -20.83
C23 SQD WG . 55.90 29.93 -19.60
O10 SQD WG . 56.62 30.92 -19.62
C24 SQD WG . 55.19 29.56 -18.31
C25 SQD WG . 55.57 30.53 -17.21
C26 SQD WG . 54.41 30.68 -16.22
C27 SQD WG . 54.70 31.89 -15.33
C28 SQD WG . 53.76 31.89 -14.12
C29 SQD WG . 54.11 33.11 -13.27
C30 SQD WG . 53.51 33.00 -11.87
C31 SQD WG . 54.32 33.86 -10.90
C32 SQD WG . 54.38 35.31 -11.37
C33 SQD WG . 55.42 36.09 -10.54
C34 SQD WG . 54.97 36.10 -9.08
C35 SQD WG . 55.12 37.49 -8.51
C36 SQD WG . 56.57 37.89 -8.52
C37 SQD WG . 56.76 39.13 -7.70
C38 SQD WG . 58.19 39.59 -7.77
C1 SQD WG . 55.46 30.11 -26.55
C2 SQD WG . 54.38 30.24 -27.58
O2 SQD WG . 53.37 29.34 -27.37
C3 SQD WG . 55.01 29.95 -28.91
O3 SQD WG . 54.08 30.20 -29.90
C4 SQD WG . 56.27 30.70 -29.24
O4 SQD WG . 56.96 29.99 -30.18
C5 SQD WG . 57.16 30.90 -28.05
C6 SQD WG . 57.95 32.16 -28.22
O5 SQD WG . 56.48 31.03 -26.82
S SQD WG . 59.41 32.02 -27.23
O7 SQD WG . 59.11 31.86 -25.83
O8 SQD WG . 60.25 30.92 -27.70
O9 SQD WG . 60.13 33.27 -27.19
O6 SQD XG . 1.76 20.35 -15.02
C44 SQD XG . 2.86 21.09 -14.55
C45 SQD XG . 2.46 21.91 -13.34
C46 SQD XG . 2.54 21.07 -12.08
O47 SQD XG . 3.32 23.00 -13.21
C7 SQD XG . 2.90 24.32 -13.45
O49 SQD XG . 2.19 24.52 -14.41
C8 SQD XG . 3.79 25.44 -12.94
C9 SQD XG . 3.29 25.89 -11.57
C10 SQD XG . 3.76 24.91 -10.50
C11 SQD XG . 4.82 25.61 -9.64
C12 SQD XG . 4.59 25.30 -8.17
C13 SQD XG . 5.67 26.02 -7.35
C14 SQD XG . 6.03 25.20 -6.12
C15 SQD XG . 5.86 26.06 -4.87
C16 SQD XG . 7.16 26.78 -4.58
C17 SQD XG . 7.21 27.19 -3.11
C18 SQD XG . 8.09 28.44 -2.97
C19 SQD XG . 8.78 28.48 -1.61
C20 SQD XG . 10.19 29.03 -1.77
C21 SQD XG . 10.64 29.63 -0.46
C22 SQD XG . 11.41 28.61 0.35
O48 SQD XG . 1.71 21.65 -11.09
C23 SQD XG . 1.65 21.00 -9.84
O10 SQD XG . 2.05 19.85 -9.77
C24 SQD XG . 0.83 21.59 -8.70
C25 SQD XG . 1.41 21.14 -7.37
C26 SQD XG . 2.75 21.84 -7.13
C27 SQD XG . 3.02 22.00 -5.63
C28 SQD XG . 4.01 20.92 -5.15
C29 SQD XG . 5.30 21.56 -4.63
C30 SQD XG . 5.87 20.64 -3.54
C31 SQD XG . 7.13 21.28 -2.93
C32 SQD XG . 7.02 21.28 -1.40
C33 SQD XG . 7.78 22.50 -0.87
C34 SQD XG . 7.45 22.72 0.60
C35 SQD XG . 7.66 24.18 0.94
C36 SQD XG . 8.84 24.36 1.86
C37 SQD XG . 10.02 24.85 1.07
C38 SQD XG . 11.14 25.22 2.01
C1 SQD XG . 2.08 19.26 -15.85
C2 SQD XG . 1.20 18.06 -15.71
O2 SQD XG . 1.10 17.68 -14.40
C3 SQD XG . 1.85 16.95 -16.50
O3 SQD XG . 0.98 15.90 -16.57
C4 SQD XG . 2.31 17.30 -17.89
O4 SQD XG . 3.38 16.51 -18.20
C5 SQD XG . 2.71 18.75 -18.07
C6 SQD XG . 2.32 19.20 -19.44
O5 SQD XG . 2.10 19.65 -17.18
S SQD XG . 3.19 20.67 -19.89
O7 SQD XG . 4.53 20.70 -19.39
O8 SQD XG . 3.19 20.78 -21.35
O9 SQD XG . 2.67 21.86 -19.30
MG CLA YG . 53.97 -0.39 -7.88
CHA CLA YG . 54.94 1.91 -10.25
CHB CLA YG . 57.05 -0.29 -6.53
CHC CLA YG . 52.84 -2.29 -5.33
CHD CLA YG . 50.87 -0.63 -9.46
NA CLA YG . 55.71 0.63 -8.35
C1A CLA YG . 55.90 1.57 -9.34
C2A CLA YG . 57.33 2.09 -9.29
C3A CLA YG . 58.03 1.06 -8.39
C4A CLA YG . 56.86 0.45 -7.67
CMA CLA YG . 58.75 0.03 -9.23
CAA CLA YG . 57.26 3.44 -8.60
CBA CLA YG . 58.54 4.23 -8.61
CGA CLA YG . 59.38 3.85 -7.43
O1A CLA YG . 59.04 3.82 -6.26
O2A CLA YG . 60.65 3.47 -7.75
NB CLA YG . 54.79 -1.16 -6.22
C1B CLA YG . 56.05 -0.94 -5.82
C2B CLA YG . 56.28 -1.53 -4.50
C3B CLA YG . 55.08 -2.11 -4.12
C4B CLA YG . 54.12 -1.88 -5.23
CMB CLA YG . 57.60 -1.40 -3.91
CAB CLA YG . 54.68 -2.84 -2.94
CBB CLA YG . 55.32 -2.90 -1.77
NC CLA YG . 52.18 -1.36 -7.51
C1C CLA YG . 51.94 -2.11 -6.39
C2C CLA YG . 50.58 -2.61 -6.44
C3C CLA YG . 50.02 -2.13 -7.61
C4C CLA YG . 51.03 -1.34 -8.27
CMC CLA YG . 49.96 -3.44 -5.45
CAC CLA YG . 48.64 -2.37 -8.09
CBC CLA YG . 48.59 -3.32 -9.27
ND CLA YG . 53.09 0.31 -9.54
C1D CLA YG . 51.80 0.15 -10.06
C2D CLA YG . 51.66 0.93 -11.28
C3D CLA YG . 52.83 1.67 -11.40
C4D CLA YG . 53.67 1.25 -10.28
CMD CLA YG . 50.45 0.91 -12.10
CAD CLA YG . 53.63 2.59 -12.21
OBD CLA YG . 53.40 3.10 -13.29
CBD CLA YG . 54.93 2.87 -11.43
CGD CLA YG . 56.13 2.70 -12.28
O1D CLA YG . 56.60 1.67 -12.74
O2D CLA YG . 56.79 3.85 -12.52
CED CLA YG . 57.78 3.85 -13.53
C1 CLA YG . 61.49 2.91 -6.72
C2 CLA YG . 61.35 1.43 -6.79
C3 CLA YG . 61.01 0.69 -5.73
C4 CLA YG . 60.71 1.28 -4.42
C5 CLA YG . 60.88 -0.80 -5.84
C6 CLA YG . 62.13 -1.56 -6.22
C7 CLA YG . 63.36 -1.15 -5.46
C8 CLA YG . 64.22 -2.34 -5.10
C9 CLA YG . 64.32 -2.40 -3.61
C10 CLA YG . 65.57 -2.27 -5.80
C11 CLA YG . 66.65 -3.14 -5.20
C12 CLA YG . 66.55 -4.62 -5.53
C13 CLA YG . 67.69 -5.39 -4.85
C14 CLA YG . 68.80 -5.71 -5.82
C15 CLA YG . 67.19 -6.68 -4.20
C16 CLA YG . 66.79 -7.67 -5.27
C17 CLA YG . 67.12 -9.10 -4.91
C18 CLA YG . 67.08 -9.93 -6.16
C19 CLA YG . 68.30 -9.68 -7.01
C20 CLA YG . 66.93 -11.40 -5.85
MG CLA ZG . 42.09 -15.71 3.17
CHA CLA ZG . 42.49 -13.04 5.26
CHB CLA ZG . 39.57 -16.82 5.17
CHC CLA ZG . 41.38 -18.07 0.87
CHD CLA ZG . 44.81 -14.64 1.23
NA CLA ZG . 41.23 -15.04 4.96
C1A CLA ZG . 41.55 -13.90 5.70
C2A CLA ZG . 40.68 -13.79 6.96
C3A CLA ZG . 40.00 -15.18 7.01
C4A CLA ZG . 40.26 -15.73 5.62
CMA CLA ZG . 40.54 -16.06 8.11
CAA CLA ZG . 39.64 -12.72 6.83
CBA CLA ZG . 39.15 -12.11 8.12
CGA CLA ZG . 37.91 -12.79 8.58
O1A CLA ZG . 37.31 -13.71 8.01
O2A CLA ZG . 37.46 -12.35 9.78
NB CLA ZG . 40.81 -17.26 3.09
C1B CLA ZG . 39.74 -17.38 3.91
C2B CLA ZG . 38.70 -18.15 3.25
C3B CLA ZG . 39.19 -18.51 2.03
C4B CLA ZG . 40.53 -17.91 1.91
CMB CLA ZG . 37.46 -18.43 3.94
CAB CLA ZG . 38.67 -19.27 0.93
CBB CLA ZG . 37.55 -19.98 0.82
NC CLA ZG . 43.02 -16.33 1.41
C1C CLA ZG . 42.59 -17.37 0.66
C2C CLA ZG . 43.51 -17.57 -0.46
C3C CLA ZG . 44.45 -16.57 -0.38
C4C CLA ZG . 44.14 -15.79 0.82
CMC CLA ZG . 43.40 -18.63 -1.44
CAC CLA ZG . 45.64 -16.42 -1.23
CBC CLA ZG . 46.79 -17.19 -0.63
ND CLA ZG . 43.40 -14.19 3.17
C1D CLA ZG . 44.45 -13.85 2.30
C2D CLA ZG . 44.97 -12.54 2.70
C3D CLA ZG . 44.22 -12.17 3.79
C4D CLA ZG . 43.29 -13.25 4.08
CMD CLA ZG . 45.99 -11.80 1.99
CAD CLA ZG . 43.89 -11.12 4.72
OBD CLA ZG . 44.13 -9.94 4.65
CBD CLA ZG . 42.97 -11.73 5.80
CGD CLA ZG . 43.64 -12.00 7.09
O1D CLA ZG . 43.85 -13.10 7.61
O2D CLA ZG . 44.08 -10.92 7.74
CED CLA ZG . 44.12 -11.01 9.15
C1 CLA ZG . 36.21 -12.84 10.29
C2 CLA ZG . 35.06 -12.22 9.56
C3 CLA ZG . 34.09 -11.53 10.15
C4 CLA ZG . 34.08 -11.29 11.60
C5 CLA ZG . 32.95 -10.96 9.36
C6 CLA ZG . 32.16 -11.98 8.56
C7 CLA ZG . 30.91 -11.38 7.96
C8 CLA ZG . 29.87 -12.36 7.44
C9 CLA ZG . 30.42 -13.43 6.52
C10 CLA ZG . 28.78 -11.64 6.67
C11 CLA ZG . 28.02 -10.68 7.55
C12 CLA ZG . 26.66 -10.43 6.98
C13 CLA ZG . 25.99 -9.21 7.57
C14 CLA ZG . 25.62 -9.47 9.02
C15 CLA ZG . 24.80 -8.77 6.74
C16 CLA ZG . 23.83 -7.85 7.47
C17 CLA ZG . 22.89 -7.13 6.54
C18 CLA ZG . 21.76 -6.50 7.33
C19 CLA ZG . 22.18 -5.24 8.07
C20 CLA ZG . 20.59 -6.21 6.43
MG CLA AH . 22.28 -24.54 -7.46
CHA CLA AH . 24.72 -26.88 -6.73
CHB CLA AH . 19.94 -26.98 -7.32
CHC CLA AH . 19.88 -22.16 -7.90
CHD CLA AH . 24.77 -22.11 -7.72
NA CLA AH . 22.34 -26.58 -7.08
C1A CLA AH . 23.45 -27.37 -6.76
C2A CLA AH . 23.05 -28.82 -6.58
C3A CLA AH . 21.59 -28.83 -7.04
C4A CLA AH . 21.23 -27.36 -7.12
CMA CLA AH . 21.54 -29.45 -8.40
CAA CLA AH . 23.18 -29.35 -5.17
CBA CLA AH . 22.46 -28.51 -4.15
CGA CLA AH . 23.46 -27.88 -3.26
O1A CLA AH . 23.88 -28.31 -2.20
O2A CLA AH . 23.95 -26.69 -3.73
NB CLA AH . 20.28 -24.56 -7.68
C1B CLA AH . 19.53 -25.64 -7.46
C2B CLA AH . 18.13 -25.26 -7.42
C3B CLA AH . 18.03 -23.92 -7.57
C4B CLA AH . 19.44 -23.44 -7.73
CMB CLA AH . 17.08 -26.23 -7.20
CAB CLA AH . 16.79 -23.18 -7.55
CBB CLA AH . 16.51 -21.91 -7.86
NC CLA AH . 22.33 -22.49 -7.80
C1C CLA AH . 21.22 -21.71 -7.94
C2C CLA AH . 21.63 -20.34 -8.09
C3C CLA AH . 23.02 -20.32 -8.07
C4C CLA AH . 23.45 -21.68 -7.89
CMC CLA AH . 20.71 -19.21 -8.20
CAC CLA AH . 23.89 -19.15 -8.12
CBC CLA AH . 24.17 -18.71 -6.71
ND CLA AH . 24.28 -24.41 -7.17
C1D CLA AH . 25.19 -23.36 -7.35
C2D CLA AH . 26.56 -23.87 -7.16
C3D CLA AH . 26.44 -25.22 -6.95
C4D CLA AH . 25.00 -25.51 -6.97
CMD CLA AH . 27.78 -23.07 -7.24
CAD CLA AH . 27.11 -26.47 -6.69
OBD CLA AH . 28.31 -26.66 -6.57
CBD CLA AH . 26.04 -27.58 -6.60
CGD CLA AH . 26.21 -28.60 -7.67
O1D CLA AH . 25.64 -28.65 -8.75
O2D CLA AH . 27.11 -29.59 -7.43
CED CLA AH . 26.70 -30.95 -7.55
C1 CLA AH . 23.65 -25.43 -3.08
C2 CLA AH . 22.22 -25.33 -2.68
C3 CLA AH . 21.39 -24.40 -3.16
C4 CLA AH . 21.88 -23.41 -4.15
C5 CLA AH . 19.95 -24.33 -2.73
C6 CLA AH . 19.04 -23.67 -3.76
C7 CLA AH . 17.56 -23.67 -3.41
C8 CLA AH . 17.16 -22.69 -2.33
C9 CLA AH . 16.35 -23.43 -1.29
C10 CLA AH . 16.46 -21.47 -2.95
C11 CLA AH . 15.15 -21.01 -2.36
C12 CLA AH . 15.27 -19.92 -1.31
C13 CLA AH . 15.14 -18.51 -1.86
C14 CLA AH . 16.51 -17.90 -2.01
C15 CLA AH . 14.29 -17.60 -0.98
C16 CLA AH . 13.80 -16.39 -1.76
C17 CLA AH . 14.37 -15.10 -1.20
C18 CLA AH . 13.78 -13.81 -1.75
C19 CLA AH . 13.42 -13.84 -3.20
C20 CLA AH . 12.62 -13.38 -0.89
MG CLA BH . 53.41 -1.03 0.29
CHA CLA BH . 53.67 -3.21 2.95
CHB CLA BH . 56.38 0.29 1.13
CHC CLA BH . 53.35 0.76 -2.63
CHD CLA BH . 50.26 -2.36 -0.47
NA CLA BH . 54.74 -1.35 1.87
C1A CLA BH . 54.68 -2.29 2.89
C2A CLA BH . 55.87 -2.13 3.85
C3A CLA BH . 56.53 -0.81 3.37
C4A CLA BH . 55.85 -0.57 2.04
CMA CLA BH . 56.36 0.31 4.35
CAA CLA BH . 56.84 -3.29 3.90
CBA CLA BH . 58.26 -2.87 3.67
CGA CLA BH . 58.96 -2.52 4.93
O1A CLA BH . 58.54 -2.54 6.08
O2A CLA BH . 60.24 -2.10 4.68
NB CLA BH . 54.59 0.36 -0.53
C1B CLA BH . 55.85 0.58 -0.13
C2B CLA BH . 56.66 1.14 -1.22
C3B CLA BH . 55.82 1.28 -2.30
C4B CLA BH . 54.48 0.80 -1.87
CMB CLA BH . 58.07 1.45 -0.99
CAB CLA BH . 56.00 1.79 -3.63
CBB CLA BH . 57.08 2.26 -4.22
NC CLA BH . 52.00 -0.76 -1.22
C1C CLA BH . 52.17 0.05 -2.32
C2C CLA BH . 50.98 -0.01 -3.14
C3C CLA BH . 50.09 -0.87 -2.51
C4C CLA BH . 50.74 -1.35 -1.30
CMC CLA BH . 50.75 0.71 -4.39
CAC CLA BH . 48.73 -1.20 -2.94
CBC CLA BH . 47.68 -0.42 -2.18
ND CLA BH . 52.15 -2.39 1.07
C1D CLA BH . 50.91 -2.89 0.63
C2D CLA BH . 50.54 -4.05 1.44
C3D CLA BH . 51.60 -4.25 2.28
C4D CLA BH . 52.55 -3.17 2.05
CMD CLA BH . 49.36 -4.91 1.24
CAD CLA BH . 52.19 -5.12 3.28
OBD CLA BH . 51.89 -6.25 3.58
CBD CLA BH . 53.47 -4.43 3.82
CGD CLA BH . 53.54 -4.19 5.29
O1D CLA BH . 54.52 -4.33 6.02
O2D CLA BH . 52.39 -3.77 5.87
CED CLA BH . 52.43 -3.63 7.29
C1 CLA BH . 61.25 -3.08 4.42
C2 CLA BH . 62.11 -3.07 5.61
C3 CLA BH . 63.24 -3.74 5.76
C4 CLA BH . 63.97 -3.64 7.02
C5 CLA BH . 63.83 -4.59 4.68
C6 CLA BH . 65.29 -4.91 4.82
C7 CLA BH . 65.48 -6.38 4.52
C8 CLA BH . 66.92 -6.82 4.35
C9 CLA BH . 67.52 -7.07 5.70
C10 CLA BH . 67.74 -5.80 3.57
C11 CLA BH . 67.51 -6.01 2.10
C12 CLA BH . 68.66 -5.56 1.25
C13 CLA BH . 69.25 -6.71 0.44
C14 CLA BH . 70.22 -6.13 -0.56
C15 CLA BH . 68.21 -7.55 -0.28
C16 CLA BH . 68.51 -9.03 -0.14
C17 CLA BH . 69.09 -9.61 -1.41
C18 CLA BH . 69.17 -11.13 -1.35
C19 CLA BH . 68.21 -11.75 -2.33
C20 CLA BH . 70.58 -11.60 -1.61
MG CLA CH . 46.25 -6.12 9.06
CHA CLA CH . 45.66 -2.93 7.89
CHB CLA CH . 45.77 -7.35 5.93
CHC CLA CH . 47.38 -9.13 10.15
CHD CLA CH . 46.72 -4.82 12.26
NA CLA CH . 45.66 -5.27 7.25
C1A CLA CH . 45.53 -3.92 6.96
C2A CLA CH . 45.10 -3.75 5.51
C3A CLA CH . 44.75 -5.18 5.07
C4A CLA CH . 45.44 -6.02 6.13
CMA CLA CH . 43.25 -5.32 5.12
CAA CLA CH . 46.22 -3.19 4.65
CBA CLA CH . 45.67 -2.96 3.29
CGA CLA CH . 46.72 -2.39 2.41
O1A CLA CH . 46.96 -2.67 1.25
O2A CLA CH . 47.41 -1.39 3.02
NB CLA CH . 46.43 -7.94 8.21
C1B CLA CH . 46.39 -8.18 6.89
C2B CLA CH . 47.07 -9.48 6.61
C3B CLA CH . 47.51 -9.95 7.80
C4B CLA CH . 47.09 -9.00 8.83
CMB CLA CH . 47.26 -10.08 5.28
CAB CLA CH . 48.24 -11.12 8.15
CBB CLA CH . 47.73 -12.33 8.24
NC CLA CH . 46.85 -6.87 10.91
C1C CLA CH . 47.26 -8.14 11.14
C2C CLA CH . 47.63 -8.31 12.54
C3C CLA CH . 47.44 -7.08 13.13
C4C CLA CH . 46.96 -6.18 12.10
CMC CLA CH . 48.11 -9.51 13.20
CAC CLA CH . 47.66 -6.79 14.54
CBC CLA CH . 46.37 -6.91 15.30
ND CLA CH . 46.06 -4.33 9.97
C1D CLA CH . 46.31 -3.95 11.29
C2D CLA CH . 46.14 -2.51 11.43
C3D CLA CH . 45.97 -2.06 10.14
C4D CLA CH . 45.90 -3.23 9.27
CMD CLA CH . 46.31 -1.82 12.69
CAD CLA CH . 45.71 -0.91 9.31
OBD CLA CH . 45.61 0.25 9.63
CBD CLA CH . 45.63 -1.41 7.84
CGD CLA CH . 44.49 -0.80 7.12
O1D CLA CH . 43.40 -0.48 7.58
O2D CLA CH . 44.69 -0.53 5.83
CED CLA CH . 44.08 0.65 5.34
C1 CLA CH . 48.50 -0.81 2.27
C2 CLA CH . 49.64 -1.03 3.18
C3 CLA CH . 50.01 -0.16 4.13
C4 CLA CH . 49.33 1.12 4.33
C5 CLA CH . 51.17 -0.52 4.99
C6 CLA CH . 51.90 0.63 5.64
C7 CLA CH . 52.72 0.09 6.79
C8 CLA CH . 53.89 1.01 7.08
C9 CLA CH . 54.84 0.33 8.04
C10 CLA CH . 53.41 2.33 7.65
C11 CLA CH . 54.39 3.44 7.48
C12 CLA CH . 54.50 3.89 6.04
C13 CLA CH . 55.29 5.17 5.96
C14 CLA CH . 54.50 6.31 6.55
C15 CLA CH . 55.65 5.49 4.52
C16 CLA CH . 56.69 4.54 3.97
C17 CLA CH . 56.68 4.67 2.47
C18 CLA CH . 57.78 4.02 1.66
C19 CLA CH . 58.47 5.00 0.75
C20 CLA CH . 58.73 3.13 2.42
MG CLA DH . 38.64 -18.10 -3.20
CHA CLA DH . 37.25 -20.99 -4.43
CHB CLA DH . 35.99 -17.68 -1.13
CHC CLA DH . 40.34 -15.59 -1.62
CHD CLA DH . 41.02 -18.18 -5.72
NA CLA DH . 36.91 -19.20 -2.86
C1A CLA DH . 36.53 -20.40 -3.44
C2A CLA DH . 35.19 -20.83 -2.89
C3A CLA DH . 34.68 -19.57 -2.15
C4A CLA DH . 35.96 -18.75 -1.99
CMA CLA DH . 33.60 -18.87 -2.91
CAA CLA DH . 35.46 -21.96 -1.91
CBA CLA DH . 34.32 -22.94 -1.82
CGA CLA DH . 33.19 -22.28 -1.12
O1A CLA DH . 32.06 -22.05 -1.53
O2A CLA DH . 33.52 -21.86 0.12
NB CLA DH . 38.24 -16.86 -1.68
C1B CLA DH . 37.13 -16.88 -0.95
C2B CLA DH . 37.25 -15.95 0.17
C3B CLA DH . 38.48 -15.36 0.04
C4B CLA DH . 39.14 -15.95 -1.13
CMB CLA DH . 36.17 -15.78 1.13
CAB CLA DH . 39.16 -14.39 0.82
CBB CLA DH . 39.26 -14.43 2.13
NC CLA DH . 40.37 -17.05 -3.62
C1C CLA DH . 40.90 -16.10 -2.83
C2C CLA DH . 42.13 -15.64 -3.42
C3C CLA DH . 42.29 -16.30 -4.62
C4C CLA DH . 41.18 -17.20 -4.73
CMC CLA DH . 42.97 -14.63 -2.85
CAC CLA DH . 43.40 -16.05 -5.56
CBC CLA DH . 44.35 -17.18 -5.77
ND CLA DH . 39.07 -19.27 -4.78
C1D CLA DH . 40.08 -19.18 -5.75
C2D CLA DH . 39.94 -20.32 -6.67
C3D CLA DH . 38.94 -21.11 -6.15
C4D CLA DH . 38.40 -20.37 -5.00
CMD CLA DH . 40.83 -20.52 -7.80
CAD CLA DH . 38.12 -22.27 -6.35
OBD CLA DH . 38.19 -23.12 -7.20
CBD CLA DH . 37.05 -22.25 -5.22
CGD CLA DH . 35.69 -22.48 -5.76
O1D CLA DH . 34.89 -21.70 -6.24
O2D CLA DH . 35.36 -23.78 -5.67
CED CLA DH . 34.03 -24.13 -5.36
C1 CLA DH . 32.38 -21.61 0.96
C2 CLA DH . 32.25 -20.13 1.00
C3 CLA DH . 32.92 -19.38 1.88
C4 CLA DH . 33.81 -19.99 2.88
C5 CLA DH . 32.75 -17.91 1.87
C6 CLA DH . 32.24 -17.38 3.20
C7 CLA DH . 30.84 -17.86 3.49
C8 CLA DH . 30.22 -17.13 4.68
C9 CLA DH . 30.96 -17.51 5.93
C10 CLA DH . 28.76 -17.54 4.81
C11 CLA DH . 27.84 -16.57 4.11
C12 CLA DH . 27.59 -15.33 4.93
C13 CLA DH . 26.14 -14.85 4.94
C14 CLA DH . 25.16 -16.00 5.05
C15 CLA DH . 25.79 -13.99 3.75
C16 CLA DH . 25.05 -12.76 4.22
C17 CLA DH . 24.57 -11.94 3.04
C18 CLA DH . 23.79 -10.71 3.47
C19 CLA DH . 23.87 -9.65 2.39
C20 CLA DH . 22.34 -11.04 3.70
MG CLA EH . 26.49 14.93 -12.60
CHA CLA EH . 28.08 17.65 -11.18
CHB CLA EH . 25.11 14.10 -9.61
CHC CLA EH . 25.04 12.20 -14.06
CHD CLA EH . 27.96 15.77 -15.68
NA CLA EH . 26.60 15.76 -10.70
C1A CLA EH . 27.31 16.91 -10.30
C2A CLA EH . 27.05 17.17 -8.82
C3A CLA EH . 26.25 15.94 -8.38
C4A CLA EH . 25.93 15.21 -9.65
CMA CLA EH . 27.06 15.04 -7.50
CAA CLA EH . 26.21 18.43 -8.64
CBA CLA EH . 24.89 18.31 -7.88
CGA CLA EH . 25.06 18.23 -6.39
O1A CLA EH . 24.51 17.46 -5.61
O2A CLA EH . 25.92 19.14 -5.86
NB CLA EH . 25.21 13.51 -11.98
C1B CLA EH . 24.82 13.28 -10.71
C2B CLA EH . 24.09 11.99 -10.62
C3B CLA EH . 24.09 11.46 -11.89
C4B CLA EH . 24.80 12.42 -12.76
CMB CLA EH . 23.56 11.44 -9.37
CAB CLA EH . 23.61 10.22 -12.46
CBB CLA EH . 22.56 9.49 -12.12
NC CLA EH . 26.52 14.12 -14.53
C1C CLA EH . 25.89 12.98 -14.89
C2C CLA EH . 26.15 12.67 -16.27
C3C CLA EH . 26.96 13.69 -16.75
C4C CLA EH . 27.18 14.60 -15.65
CMC CLA EH . 25.67 11.48 -16.97
CAC CLA EH . 27.53 13.78 -18.10
CBC CLA EH . 28.97 13.33 -18.18
ND CLA EH . 27.83 16.26 -13.28
C1D CLA EH . 28.24 16.54 -14.59
C2D CLA EH . 29.08 17.75 -14.58
C3D CLA EH . 29.13 18.18 -13.28
C4D CLA EH . 28.27 17.25 -12.52
CMD CLA EH . 29.74 18.32 -15.73
CAD CLA EH . 29.69 19.18 -12.40
OBD CLA EH . 30.62 20.02 -12.64
CBD CLA EH . 28.91 18.94 -11.07
CGD CLA EH . 29.77 18.98 -9.85
O1D CLA EH . 30.17 19.99 -9.26
O2D CLA EH . 30.16 17.80 -9.34
CED CLA EH . 31.57 17.60 -9.26
C1 CLA EH . 26.95 18.68 -4.96
C2 CLA EH . 28.19 19.30 -5.50
C3 CLA EH . 28.80 20.40 -5.02
C4 CLA EH . 28.30 21.12 -3.83
C5 CLA EH . 30.03 20.93 -5.66
C6 CLA EH . 29.87 22.31 -6.26
C7 CLA EH . 28.86 22.40 -7.40
C8 CLA EH . 29.10 23.64 -8.26
C9 CLA EH . 29.04 24.88 -7.40
C10 CLA EH . 28.06 23.80 -9.36
C11 CLA EH . 28.18 22.78 -10.44
C12 CLA EH . 27.02 22.82 -11.41
C13 CLA EH . 27.46 22.33 -12.77
C14 CLA EH . 28.60 23.19 -13.27
C15 CLA EH . 26.36 22.29 -13.81
C16 CLA EH . 26.19 20.86 -14.28
C17 CLA EH . 26.15 20.70 -15.78
C18 CLA EH . 24.79 21.00 -16.38
C19 CLA EH . 24.90 21.48 -17.80
C20 CLA EH . 23.87 19.80 -16.36
MG CLA FH . 26.96 11.37 -3.89
CHA CLA FH . 25.99 8.81 -5.98
CHB CLA FH . 29.19 12.40 -6.19
CHC CLA FH . 27.80 13.92 -1.80
CHD CLA FH . 24.72 10.15 -1.46
NA CLA FH . 27.48 10.69 -5.79
C1A CLA FH . 26.95 9.61 -6.49
C2A CLA FH . 27.65 9.46 -7.83
C3A CLA FH . 28.81 10.47 -7.75
C4A CLA FH . 28.48 11.27 -6.50
CMA CLA FH . 30.11 9.74 -7.57
CAA CLA FH . 26.76 9.80 -9.00
CBA CLA FH . 27.57 9.60 -10.25
CGA CLA FH . 27.10 8.44 -11.05
O1A CLA FH . 26.13 8.41 -11.76
O2A CLA FH . 27.87 7.31 -10.93
NB CLA FH . 28.25 12.89 -3.98
C1B CLA FH . 29.03 13.18 -5.04
C2B CLA FH . 29.77 14.44 -4.77
C3B CLA FH . 29.38 14.88 -3.52
C4B CLA FH . 28.42 13.87 -3.01
CMB CLA FH . 30.71 14.97 -5.73
CAB CLA FH . 29.75 16.00 -2.71
CBB CLA FH . 29.93 17.26 -3.11
NC CLA FH . 26.35 11.92 -1.97
C1C CLA FH . 26.83 13.01 -1.30
C2C CLA FH . 26.21 13.07 0.01
C3C CLA FH . 25.35 12.00 0.12
C4C CLA FH . 25.45 11.30 -1.13
CMC CLA FH . 26.49 14.11 1.00
CAC CLA FH . 24.49 11.61 1.24
CBC CLA FH . 25.12 10.57 2.15
ND CLA FH . 25.62 9.88 -3.71
C1D CLA FH . 24.77 9.49 -2.66
C2D CLA FH . 24.03 8.29 -3.06
C3D CLA FH . 24.46 7.98 -4.33
C4D CLA FH . 25.45 8.99 -4.68
CMD CLA FH . 23.06 7.56 -2.26
CAD CLA FH . 24.38 7.05 -5.42
OBD CLA FH . 23.76 6.01 -5.54
CBD CLA FH . 25.33 7.58 -6.52
CGD CLA FH . 26.32 6.51 -6.82
O1D CLA FH . 27.29 6.15 -6.16
O2D CLA FH . 26.07 5.87 -7.97
CED CLA FH . 27.13 5.11 -8.48
C1 CLA FH . 29.29 7.42 -11.17
C2 CLA FH . 29.93 6.78 -10.00
C3 CLA FH . 30.90 5.88 -10.02
C4 CLA FH . 31.51 5.37 -11.26
C5 CLA FH . 31.42 5.34 -8.73
C6 CLA FH . 32.66 6.02 -8.21
C7 CLA FH . 32.43 6.89 -6.99
C8 CLA FH . 32.80 6.24 -5.67
C9 CLA FH . 31.57 5.61 -5.03
C10 CLA FH . 33.43 7.20 -4.65
C11 CLA FH . 32.96 8.62 -4.73
C12 CLA FH . 32.79 9.32 -3.39
C13 CLA FH . 31.72 10.39 -3.57
C14 CLA FH . 31.92 11.58 -2.67
C15 CLA FH . 30.32 9.77 -3.53
C16 CLA FH . 29.64 9.77 -2.20
C17 CLA FH . 29.44 8.38 -1.67
C18 CLA FH . 28.03 7.88 -1.91
C19 CLA FH . 28.11 6.81 -2.95
C20 CLA FH . 27.45 7.33 -0.64
MG CLA GH . 15.63 6.92 9.85
CHA CLA GH . 15.13 4.39 12.16
CHB CLA GH . 18.69 5.67 9.14
CHC CLA GH . 16.03 9.34 7.52
CHD CLA GH . 12.64 8.40 10.88
NA CLA GH . 16.70 5.24 10.53
C1A CLA GH . 16.34 4.34 11.52
C2A CLA GH . 17.44 3.29 11.70
C3A CLA GH . 18.61 3.86 10.90
C4A CLA GH . 17.96 4.99 10.10
CMA CLA GH . 19.68 4.39 11.81
CAA CLA GH . 17.02 1.93 11.15
CBA CLA GH . 16.58 1.87 9.71
CGA CLA GH . 15.10 2.13 9.59
O1A CLA GH . 14.20 1.55 10.18
O2A CLA GH . 14.81 3.18 8.79
NB CLA GH . 17.12 7.46 8.61
C1B CLA GH . 18.21 6.71 8.36
C2B CLA GH . 18.87 7.16 7.11
C3B CLA GH . 18.11 8.20 6.62
C4B CLA GH . 16.98 8.37 7.56
CMB CLA GH . 20.10 6.53 6.63
CAB CLA GH . 18.18 9.02 5.45
CBB CLA GH . 19.26 9.42 4.80
NC CLA GH . 14.55 8.62 9.35
C1C CLA GH . 14.95 9.51 8.41
C2C CLA GH . 14.03 10.61 8.36
C3C CLA GH . 13.03 10.34 9.29
C4C CLA GH . 13.37 9.08 9.91
CMC CLA GH . 14.18 11.79 7.51
CAC CLA GH . 11.93 11.26 9.62
CBC CLA GH . 10.56 10.79 9.26
ND CLA GH . 14.14 6.50 11.13
C1D CLA GH . 12.95 7.19 11.46
C2D CLA GH . 12.22 6.42 12.47
C3D CLA GH . 13.00 5.34 12.74
C4D CLA GH . 14.20 5.45 11.93
CMD CLA GH . 10.91 6.76 13.04
CAD CLA GH . 13.12 4.15 13.53
OBD CLA GH . 12.30 3.68 14.30
CBD CLA GH . 14.52 3.53 13.25
CGD CLA GH . 15.43 3.56 14.45
O1D CLA GH . 15.85 4.56 15.03
O2D CLA GH . 15.87 2.37 14.90
CED CLA GH . 16.92 2.36 15.86
C1 CLA GH . 13.50 3.74 8.94
C2 CLA GH . 13.35 4.88 8.00
C3 CLA GH . 12.28 5.69 7.98
C4 CLA GH . 11.13 5.47 8.90
C5 CLA GH . 12.17 6.84 7.05
C6 CLA GH . 13.37 7.01 6.15
C7 CLA GH . 13.06 7.99 5.04
C8 CLA GH . 14.35 8.49 4.38
C9 CLA GH . 14.25 9.99 4.22
C10 CLA GH . 14.59 7.76 3.06
C11 CLA GH . 15.55 8.46 2.13
C12 CLA GH . 16.91 7.81 2.17
C13 CLA GH . 17.67 7.96 0.86
C14 CLA GH . 17.64 9.39 0.33
C15 CLA GH . 17.12 7.01 -0.18
C16 CLA GH . 17.38 5.58 0.21
C17 CLA GH . 16.76 4.60 -0.77
C18 CLA GH . 17.80 3.83 -1.58
C19 CLA GH . 18.79 3.14 -0.67
C20 CLA GH . 17.12 2.78 -2.43
MG CLA HH . 25.16 4.56 12.00
CHA CLA HH . 25.87 7.92 12.10
CHB CLA HH . 22.59 5.14 9.83
CHC CLA HH . 24.83 1.21 11.55
CHD CLA HH . 28.03 3.96 13.89
NA CLA HH . 24.30 6.27 11.20
C1A CLA HH . 24.75 7.58 11.38
C2A CLA HH . 23.94 8.48 10.49
C3A CLA HH . 22.72 7.65 10.09
C4A CLA HH . 23.21 6.23 10.38
CMA CLA HH . 21.48 8.02 10.86
CAA CLA HH . 24.78 8.79 9.22
CBA CLA HH . 25.52 7.72 8.40
CGA CLA HH . 26.73 7.04 9.02
O1A CLA HH . 27.69 7.53 9.57
O2A CLA HH . 26.66 5.68 9.04
NB CLA HH . 23.96 3.40 10.89
C1B CLA HH . 22.97 3.81 10.06
C2B CLA HH . 22.33 2.63 9.44
C3B CLA HH . 22.97 1.53 9.92
C4B CLA HH . 23.98 2.00 10.86
CMB CLA HH . 21.22 2.72 8.51
CAB CLA HH . 22.77 0.14 9.69
CBB CLA HH . 23.37 -0.58 8.76
NC CLA HH . 26.15 2.90 12.73
C1C CLA HH . 25.83 1.62 12.45
C2C CLA HH . 26.76 0.72 13.08
C3C CLA HH . 27.68 1.50 13.74
C4C CLA HH . 27.28 2.87 13.51
CMC CLA HH . 26.75 -0.72 12.93
CAC CLA HH . 28.85 1.10 14.53
CBC CLA HH . 30.03 0.87 13.64
ND CLA HH . 26.47 5.65 13.08
C1D CLA HH . 27.69 5.25 13.64
C2D CLA HH . 28.51 6.42 13.94
C3D CLA HH . 27.81 7.48 13.46
C4D CLA HH . 26.58 6.95 12.86
CMD CLA HH . 29.84 6.35 14.52
CAD CLA HH . 27.82 8.90 13.24
OBD CLA HH . 28.57 9.73 13.71
CBD CLA HH . 26.67 9.21 12.27
CGD CLA HH . 25.88 10.38 12.79
O1D CLA HH . 26.26 11.54 12.85
O2D CLA HH . 24.63 10.11 13.20
CED CLA HH . 23.91 11.15 13.85
C1 CLA HH . 27.75 5.00 9.70
C2 CLA HH . 27.48 3.56 9.55
C3 CLA HH . 28.36 2.61 9.91
C4 CLA HH . 29.68 2.93 10.48
C5 CLA HH . 28.05 1.17 9.74
C6 CLA HH . 28.75 0.52 8.56
C7 CLA HH . 28.04 0.83 7.27
C8 CLA HH . 26.57 0.44 7.33
C9 CLA HH . 26.32 -0.74 6.42
C10 CLA HH . 25.66 1.63 7.00
C11 CLA HH . 25.52 1.92 5.52
C12 CLA HH . 25.47 3.41 5.23
C13 CLA HH . 24.21 4.05 5.76
C14 CLA HH . 22.98 3.42 5.15
C15 CLA HH . 24.19 5.55 5.53
C16 CLA HH . 24.27 5.89 4.07
C17 CLA HH . 23.29 7.00 3.72
C18 CLA HH . 22.79 6.85 2.29
C19 CLA HH . 21.75 7.90 1.93
C20 CLA HH . 23.96 6.89 1.34
MG CLA IH . 23.94 -5.76 13.78
CHA CLA IH . 22.41 -2.65 13.56
CHB CLA IH . 21.49 -7.07 11.84
CHC CLA IH . 25.62 -8.74 13.77
CHD CLA IH . 26.43 -4.38 15.81
NA CLA IH . 22.20 -4.99 12.91
C1A CLA IH . 21.75 -3.67 12.91
C2A CLA IH . 20.45 -3.56 12.13
C3A CLA IH . 20.05 -5.02 11.90
C4A CLA IH . 21.32 -5.76 12.22
CMA CLA IH . 18.92 -5.45 12.79
CAA CLA IH . 20.75 -2.95 10.79
CBA CLA IH . 19.86 -1.76 10.56
CGA CLA IH . 19.08 -1.85 9.30
O1A CLA IH . 17.94 -2.29 9.14
O2A CLA IH . 19.77 -1.39 8.22
NB CLA IH . 23.62 -7.57 12.97
C1B CLA IH . 22.61 -7.86 12.16
C2B CLA IH . 22.79 -9.22 11.66
C3B CLA IH . 23.94 -9.73 12.18
C4B CLA IH . 24.49 -8.67 13.04
CMB CLA IH . 21.82 -9.75 10.76
CAB CLA IH . 24.59 -11.01 12.05
CBB CLA IH . 24.01 -12.20 11.97
NC CLA IH . 25.69 -6.45 14.68
C1C CLA IH . 26.19 -7.70 14.55
C2C CLA IH . 27.41 -7.85 15.31
C3C CLA IH . 27.65 -6.62 15.87
C4C CLA IH . 26.58 -5.73 15.49
CMC CLA IH . 28.22 -9.04 15.41
CAC CLA IH . 28.81 -6.35 16.73
CBC CLA IH . 28.47 -6.38 18.19
ND CLA IH . 24.31 -3.99 14.63
C1D CLA IH . 25.40 -3.56 15.43
C2D CLA IH . 25.23 -2.13 15.72
C3D CLA IH . 24.14 -1.74 14.99
C4D CLA IH . 23.59 -2.92 14.33
CMD CLA IH . 26.12 -1.31 16.52
CAD CLA IH . 23.28 -0.63 14.67
OBD CLA IH . 23.35 0.52 15.04
CBD CLA IH . 22.18 -1.16 13.71
CGD CLA IH . 20.85 -0.75 14.28
O1D CLA IH . 20.45 -0.90 15.41
O2D CLA IH . 20.04 -0.10 13.41
CED CLA IH . 18.65 -0.18 13.69
C1 CLA IH . 19.36 -1.86 6.93
C2 CLA IH . 20.56 -2.44 6.27
C3 CLA IH . 21.55 -1.71 5.73
C4 CLA IH . 21.55 -0.23 5.70
C5 CLA IH . 22.71 -2.37 5.09
C6 CLA IH . 22.95 -1.83 3.69
C7 CLA IH . 24.33 -2.18 3.20
C8 CLA IH . 24.27 -2.93 1.87
C9 CLA IH . 25.61 -3.59 1.63
C10 CLA IH . 23.94 -1.99 0.71
C11 CLA IH . 23.18 -2.71 -0.37
C12 CLA IH . 22.34 -1.77 -1.21
C13 CLA IH . 21.99 -2.34 -2.57
C14 CLA IH . 21.94 -1.23 -3.60
C15 CLA IH . 20.66 -3.07 -2.54
C16 CLA IH . 19.52 -2.12 -2.28
C17 CLA IH . 18.17 -2.81 -2.34
C18 CLA IH . 17.19 -2.12 -1.41
C19 CLA IH . 16.46 -1.00 -2.10
C20 CLA IH . 16.24 -3.14 -0.82
MG CLA JH . 17.80 -12.32 11.58
CHA CLA JH . 17.34 -14.76 13.98
CHB CLA JH . 15.41 -10.45 13.10
CHC CLA JH . 18.44 -9.87 9.30
CHD CLA JH . 20.43 -14.24 10.23
NA CLA JH . 16.59 -12.59 13.26
C1A CLA JH . 16.55 -13.66 14.15
C2A CLA JH . 15.52 -13.42 15.25
C3A CLA JH . 14.74 -12.20 14.75
C4A CLA JH . 15.65 -11.68 13.64
CMA CLA JH . 13.38 -12.60 14.24
CAA CLA JH . 16.20 -12.85 16.47
CBA CLA JH . 16.62 -13.84 17.53
CGA CLA JH . 15.57 -14.10 18.56
O1A CLA JH . 15.72 -14.28 19.77
O2A CLA JH . 14.32 -14.18 18.04
NB CLA JH . 17.06 -10.48 11.25
C1B CLA JH . 16.15 -9.88 12.05
C2B CLA JH . 15.97 -8.50 11.60
C3B CLA JH . 16.81 -8.30 10.54
C4B CLA JH . 17.53 -9.59 10.27
CMB CLA JH . 15.04 -7.58 12.24
CAB CLA JH . 16.92 -7.10 9.78
CBB CLA JH . 18.04 -6.46 9.48
NC CLA JH . 19.14 -12.13 9.99
C1C CLA JH . 19.20 -11.07 9.13
C2C CLA JH . 20.22 -11.30 8.11
C3C CLA JH . 20.84 -12.49 8.47
C4C CLA JH . 20.16 -13.00 9.64
CMC CLA JH . 20.54 -10.38 7.03
CAC CLA JH . 21.94 -13.17 7.80
CBC CLA JH . 23.25 -12.83 8.45
ND CLA JH . 18.67 -14.11 11.91
C1D CLA JH . 19.75 -14.79 11.28
C2D CLA JH . 19.90 -16.12 11.90
C3D CLA JH . 18.96 -16.18 12.90
C4D CLA JH . 18.28 -14.88 12.91
CMD CLA JH . 20.80 -17.16 11.47
CAD CLA JH . 18.35 -16.98 13.92
OBD CLA JH . 18.44 -18.17 14.12
CBD CLA JH . 17.39 -16.08 14.73
CGD CLA JH . 16.03 -16.73 14.82
O1D CLA JH . 15.53 -17.30 15.77
O2D CLA JH . 15.29 -16.68 13.69
CED CLA JH . 14.51 -17.83 13.35
C1 CLA JH . 13.64 -15.45 18.15
C2 CLA JH . 12.35 -15.28 17.41
C3 CLA JH . 11.73 -16.23 16.70
C4 CLA JH . 12.27 -17.60 16.56
C5 CLA JH . 10.45 -15.93 16.01
C6 CLA JH . 10.58 -15.92 14.51
C7 CLA JH . 9.85 -14.75 13.87
C8 CLA JH . 8.73 -15.11 12.88
C9 CLA JH . 8.99 -16.43 12.21
C10 CLA JH . 8.51 -14.00 11.86
C11 CLA JH . 7.73 -14.40 10.63
C12 CLA JH . 8.25 -13.77 9.34
C13 CLA JH . 8.02 -14.63 8.10
C14 CLA JH . 9.06 -14.40 7.02
C15 CLA JH . 6.64 -14.38 7.51
MG CLA KH . 13.17 26.68 -12.02
CHA CLA KH . 11.44 28.03 -14.72
CHB CLA KH . 16.07 26.98 -13.74
CHC CLA KH . 14.85 25.59 -9.24
CHD CLA KH . 10.12 26.32 -10.32
NA CLA KH . 13.65 27.39 -13.92
C1A CLA KH . 12.79 27.94 -14.88
C2A CLA KH . 13.58 28.35 -16.12
C3A CLA KH . 14.96 27.75 -15.85
C4A CLA KH . 14.92 27.38 -14.39
CMA CLA KH . 15.10 26.51 -16.67
CAA CLA KH . 13.68 29.87 -16.27
CBA CLA KH . 13.81 30.61 -14.96
CGA CLA KH . 14.05 32.07 -15.19
O1A CLA KH . 14.56 32.61 -16.17
O2A CLA KH . 13.62 32.83 -14.16
NB CLA KH . 15.10 26.28 -11.60
C1B CLA KH . 16.14 26.58 -12.40
C2B CLA KH . 17.41 26.38 -11.67
C3B CLA KH . 17.08 25.98 -10.40
C4B CLA KH . 15.59 25.93 -10.33
CMB CLA KH . 18.71 26.61 -12.29
CAB CLA KH . 17.93 25.70 -9.28
CBB CLA KH . 18.75 24.66 -9.20
NC CLA KH . 12.58 26.03 -10.14
C1C CLA KH . 13.44 25.62 -9.15
C2C CLA KH . 12.68 25.27 -7.97
C3C CLA KH . 11.35 25.49 -8.29
C4C CLA KH . 11.29 25.96 -9.65
CMC CLA KH . 13.27 24.82 -6.70
CAC CLA KH . 10.17 25.33 -7.44
CBC CLA KH . 9.71 23.92 -7.40
ND CLA KH . 11.22 27.08 -12.36
C1D CLA KH . 10.06 26.86 -11.58
C2D CLA KH . 8.87 27.29 -12.35
C3D CLA KH . 9.35 27.75 -13.55
C4D CLA KH . 10.81 27.58 -13.51
CMD CLA KH . 7.50 27.24 -11.88
CAD CLA KH . 9.02 28.32 -14.84
OBD CLA KH . 7.93 28.63 -15.28
CBD CLA KH . 10.34 28.49 -15.64
CGD CLA KH . 10.27 27.78 -16.96
O1D CLA KH . 9.60 28.06 -17.95
O2D CLA KH . 11.07 26.69 -17.09
CED CLA KH . 11.64 26.42 -18.38
C1 CLA KH . 14.42 33.94 -13.71
C2 CLA KH . 14.25 33.91 -12.24
C3 CLA KH . 14.57 34.94 -11.45
C4 CLA KH . 15.13 36.20 -12.01
C5 CLA KH . 14.40 34.87 -9.98
C6 CLA KH . 12.97 35.10 -9.52
C7 CLA KH . 12.47 33.90 -8.73
C8 CLA KH . 11.98 34.25 -7.34
C9 CLA KH . 12.27 33.12 -6.36
MG CLA LH . 18.63 35.85 -12.53
CHA CLA LH . 18.22 34.24 -15.57
CHB CLA LH . 19.66 38.65 -14.17
CHC CLA LH . 19.09 37.41 -9.51
CHD CLA LH . 17.59 32.93 -10.89
NA CLA LH . 18.88 36.34 -14.55
C1A CLA LH . 18.63 35.55 -15.68
C2A CLA LH . 18.97 36.30 -16.97
C3A CLA LH . 19.48 37.66 -16.46
C4A CLA LH . 19.33 37.56 -14.95
CMA CLA LH . 20.91 37.89 -16.86
CAA CLA LH . 17.80 36.51 -17.92
CBA CLA LH . 17.14 37.86 -17.82
CGA CLA LH . 16.07 37.79 -16.80
O1A CLA LH . 15.52 36.79 -16.32
O2A CLA LH . 15.65 39.03 -16.37
NB CLA LH . 19.21 37.69 -11.95
C1B CLA LH . 19.60 38.69 -12.78
C2B CLA LH . 20.04 39.86 -12.02
C3B CLA LH . 19.89 39.54 -10.69
C4B CLA LH . 19.39 38.13 -10.62
CMB CLA LH . 20.50 41.08 -12.66
CAB CLA LH . 20.24 40.37 -9.57
CBB CLA LH . 19.40 40.88 -8.67
NC CLA LH . 18.36 35.27 -10.56
C1C CLA LH . 18.60 36.07 -9.48
C2C CLA LH . 18.26 35.33 -8.27
C3C CLA LH . 17.84 34.06 -8.65
C4C CLA LH . 17.91 34.04 -10.10
CMC CLA LH . 18.39 35.93 -6.94
CAC CLA LH . 17.30 32.93 -7.87
CBC CLA LH . 18.11 32.27 -6.78
ND CLA LH . 18.05 33.99 -13.04
C1D CLA LH . 17.66 32.88 -12.26
C2D CLA LH . 17.39 31.75 -13.15
C3D CLA LH . 17.59 32.22 -14.44
C4D CLA LH . 17.99 33.62 -14.31
CMD CLA LH . 17.01 30.41 -12.71
CAD CLA LH . 17.61 31.89 -15.84
OBD CLA LH . 17.42 30.82 -16.40
CBD CLA LH . 17.98 33.18 -16.61
CGD CLA LH . 19.20 32.98 -17.46
O1D CLA LH . 20.37 33.27 -17.18
O2D CLA LH . 18.98 32.43 -18.67
CED CLA LH . 20.11 31.96 -19.41
C1 CLA LH . 16.57 39.82 -15.60
C2 CLA LH . 15.99 39.86 -14.24
C3 CLA LH . 16.20 40.87 -13.38
C4 CLA LH . 17.02 42.06 -13.72
C5 CLA LH . 15.56 40.83 -12.04
C6 CLA LH . 16.53 40.72 -10.89
C7 CLA LH . 16.08 39.62 -9.95
C8 CLA LH . 15.88 40.12 -8.53
C9 CLA LH . 15.56 38.95 -7.61
MG CLA MH . 22.10 27.06 -11.02
CHA CLA MH . 22.98 23.76 -10.73
CHB CLA MH . 22.16 27.36 -7.65
CHC CLA MH . 21.30 30.36 -11.37
CHD CLA MH . 21.96 26.69 -14.52
NA CLA MH . 22.56 25.76 -9.47
C1A CLA MH . 22.95 24.42 -9.55
C2A CLA MH . 23.21 23.84 -8.17
C3A CLA MH . 22.88 24.99 -7.22
C4A CLA MH . 22.55 26.14 -8.16
CMA CLA MH . 21.72 24.64 -6.35
CAA CLA MH . 24.67 23.47 -7.99
CBA CLA MH . 24.89 22.24 -7.15
CGA CLA MH . 24.94 22.63 -5.71
O1A CLA MH . 24.31 22.14 -4.78
O2A CLA MH . 25.79 23.65 -5.42
NB CLA MH . 21.74 28.56 -9.74
C1B CLA MH . 21.82 28.48 -8.41
C2B CLA MH . 21.49 29.78 -7.81
C3B CLA MH . 21.25 30.65 -8.85
C4B CLA MH . 21.43 29.88 -10.10
CMB CLA MH . 21.50 29.95 -6.37
CAB CLA MH . 20.95 32.05 -8.92
CBB CLA MH . 21.34 33.01 -8.08
NC CLA MH . 21.75 28.31 -12.67
C1C CLA MH . 21.49 29.64 -12.58
C2C CLA MH . 21.34 30.20 -13.91
C3C CLA MH . 21.49 29.16 -14.81
C4C CLA MH . 21.76 27.98 -14.02
CMC CLA MH . 21.04 31.58 -14.22
CAC CLA MH . 21.40 29.27 -16.27
CBC CLA MH . 22.63 29.67 -17.03
ND CLA MH . 22.51 25.64 -12.38
C1D CLA MH . 22.34 25.60 -13.78
C2D CLA MH . 22.52 24.22 -14.24
C3D CLA MH . 22.73 23.48 -13.10
C4D CLA MH . 22.72 24.41 -11.98
CMD CLA MH . 22.41 23.79 -15.62
CAD CLA MH . 22.93 22.18 -12.56
OBD CLA MH . 22.96 21.15 -13.18
CBD CLA MH . 23.10 22.29 -11.03
CGD CLA MH . 22.11 21.49 -10.25
O1D CLA MH . 22.33 20.85 -9.22
O2D CLA MH . 20.86 21.49 -10.74
CED CLA MH . 19.80 21.17 -9.85
C1 CLA MH . 25.94 23.99 -4.04
C2 CLA MH . 27.20 24.75 -3.89
C3 CLA MH . 27.43 25.63 -2.90
C4 CLA MH . 26.46 25.91 -1.84
C5 CLA MH . 28.71 26.36 -2.79
C6 CLA MH . 29.87 25.56 -3.34
C7 CLA MH . 30.38 24.60 -2.30
C8 CLA MH . 31.73 25.03 -1.78
C9 CLA MH . 32.82 24.51 -2.69
C10 CLA MH . 31.96 24.43 -0.42
C11 CLA MH . 32.76 25.38 0.42
C12 CLA MH . 31.87 26.37 1.14
C13 CLA MH . 31.82 26.13 2.63
C14 CLA MH . 33.20 25.91 3.22
C15 CLA MH . 30.91 24.98 3.00
C16 CLA MH . 30.61 24.99 4.47
C17 CLA MH . 30.44 23.58 4.96
C18 CLA MH . 29.34 23.42 5.98
C19 CLA MH . 28.03 23.88 5.38
C20 CLA MH . 29.19 21.96 6.34
MG CLA NH . 19.49 30.73 9.82
CHA CLA NH . 17.87 29.18 12.45
CHB CLA NH . 20.88 27.77 8.94
CHC CLA NH . 20.83 32.24 7.05
CHD CLA NH . 17.98 33.77 10.76
NA CLA NH . 19.39 28.80 10.60
C1A CLA NH . 18.62 28.35 11.68
C2A CLA NH . 18.82 26.85 11.88
C3A CLA NH . 19.97 26.53 10.92
C4A CLA NH . 20.09 27.78 10.05
CMA CLA NH . 21.22 26.33 11.71
CAA CLA NH . 17.57 26.08 11.50
CBA CLA NH . 16.89 26.57 10.22
CGA CLA NH . 15.49 26.12 10.13
O1A CLA NH . 15.04 24.97 10.24
O2A CLA NH . 14.61 27.12 9.88
NB CLA NH . 20.63 30.12 8.29
C1B CLA NH . 21.07 28.86 8.09
C2B CLA NH . 21.83 28.80 6.82
C3B CLA NH . 21.82 30.06 6.28
C4B CLA NH . 21.08 30.92 7.22
CMB CLA NH . 22.43 27.56 6.33
CAB CLA NH . 22.38 30.59 5.08
CBB CLA NH . 23.63 30.40 4.65
NC CLA NH . 19.46 32.68 9.08
C1C CLA NH . 20.09 33.08 7.94
C2C CLA NH . 19.82 34.49 7.71
C3C CLA NH . 18.99 34.90 8.75
C4C CLA NH . 18.77 33.76 9.61
CMC CLA NH . 20.31 35.26 6.57
CAC CLA NH . 18.39 36.23 8.92
CBC CLA NH . 19.28 37.12 9.72
ND CLA NH . 18.32 31.41 11.32
C1D CLA NH . 17.76 32.69 11.57
C2D CLA NH . 16.95 32.59 12.79
C3D CLA NH . 16.98 31.28 13.18
C4D CLA NH . 17.81 30.58 12.22
CMD CLA NH . 16.26 33.68 13.43
CAD CLA NH . 16.55 30.32 14.17
OBD CLA NH . 15.95 30.47 15.21
CBD CLA NH . 17.02 28.95 13.68
CGD CLA NH . 17.79 28.26 14.76
O1D CLA NH . 17.46 27.25 15.37
O2D CLA NH . 18.95 28.87 15.06
CED CLA NH . 19.78 28.19 16.00
C1 CLA NH . 13.56 26.81 8.96
C2 CLA NH . 13.08 28.08 8.37
C3 CLA NH . 12.02 28.75 8.84
C4 CLA NH . 11.23 28.27 10.00
C5 CLA NH . 11.58 30.02 8.22
MG CLA OH . 21.21 42.16 9.08
CHA CLA OH . 19.14 44.11 11.04
CHB CLA OH . 18.48 40.74 7.64
CHC CLA OH . 23.28 40.39 7.00
CHD CLA OH . 23.99 43.69 10.57
NA CLA OH . 19.16 42.40 9.33
C1A CLA OH . 18.48 43.30 10.16
C2A CLA OH . 16.97 43.15 9.99
C3A CLA OH . 16.84 41.95 9.06
C4A CLA OH . 18.26 41.68 8.61
CMA CLA OH . 16.29 40.75 9.78
CAA CLA OH . 16.35 44.37 9.33
CBA CLA OH . 17.17 44.93 8.19
CGA CLA OH . 16.74 46.32 7.86
O1A CLA OH . 16.62 47.29 8.61
O2A CLA OH . 16.47 46.48 6.52
NB CLA OH . 20.95 40.81 7.61
C1B CLA OH . 19.75 40.37 7.18
C2B CLA OH . 19.94 39.36 6.12
C3B CLA OH . 21.29 39.26 5.93
C4B CLA OH . 21.96 40.18 6.89
CMB CLA OH . 18.81 38.71 5.48
CAB CLA OH . 22.01 38.45 4.99
CBB CLA OH . 21.85 38.50 3.68
NC CLA OH . 23.28 42.05 8.85
C1C CLA OH . 23.91 41.27 7.94
C2C CLA OH . 25.34 41.48 8.01
C3C CLA OH . 25.55 42.44 9.01
C4C CLA OH . 24.24 42.79 9.52
CMC CLA OH . 26.32 40.80 7.16
CAC CLA OH . 26.80 43.04 9.46
CBC CLA OH . 27.19 44.21 8.58
ND CLA OH . 21.56 43.54 10.51
C1D CLA OH . 22.76 44.04 11.06
C2D CLA OH . 22.43 44.96 12.16
C3D CLA OH . 21.04 45.03 12.20
C4D CLA OH . 20.56 44.14 11.14
CMD CLA OH . 23.42 45.63 12.98
CAD CLA OH . 19.88 45.59 12.84
OBD CLA OH . 19.82 46.37 13.79
CBD CLA OH . 18.64 45.03 12.13
CGD CLA OH . 17.73 44.31 13.09
O1D CLA OH . 17.43 43.12 13.13
O2D CLA OH . 17.18 45.11 14.03
CED CLA OH . 16.13 44.55 14.83
C1 CLA OH . 17.44 47.14 5.70
C2 CLA OH . 16.94 47.08 4.31
C3 CLA OH . 17.69 47.34 3.23
C4 CLA OH . 19.11 47.73 3.32
MG CLA PH . 36.20 45.04 6.50
CHA CLA PH . 38.27 46.00 9.11
CHB CLA PH . 33.51 46.11 8.25
CHC CLA PH . 34.18 44.09 3.88
CHD CLA PH . 39.02 43.95 4.73
NA CLA PH . 35.96 45.92 8.38
C1A CLA PH . 36.94 46.27 9.31
C2A CLA PH . 36.31 46.92 10.54
C3A CLA PH . 34.80 46.86 10.25
C4A CLA PH . 34.73 46.27 8.85
CMA CLA PH . 34.08 46.05 11.27
CAA CLA PH . 36.67 48.39 10.69
CBA CLA PH . 36.71 49.10 9.36
CGA CLA PH . 37.02 50.55 9.53
O1A CLA PH . 37.77 51.08 10.35
O2A CLA PH . 36.35 51.33 8.63
NB CLA PH . 34.23 45.06 6.15
C1B CLA PH . 33.30 45.57 6.97
C2B CLA PH . 31.96 45.52 6.34
C3B CLA PH . 32.14 44.96 5.09
C4B CLA PH . 33.60 44.64 4.97
CMB CLA PH . 30.79 46.03 7.04
CAB CLA PH . 31.24 44.65 4.02
CBB CLA PH . 30.15 45.33 3.65
NC CLA PH . 36.55 44.16 4.65
C1C CLA PH . 35.59 43.87 3.73
C2C CLA PH . 36.20 43.28 2.55
C3C CLA PH . 37.57 43.24 2.79
C4C CLA PH . 37.77 43.80 4.12
CMC CLA PH . 35.48 42.86 1.35
CAC CLA PH . 38.61 42.75 1.89
CBC CLA PH . 39.29 43.85 1.13
ND CLA PH . 38.19 44.96 6.79
C1D CLA PH . 39.24 44.48 5.97
C2D CLA PH . 40.52 44.64 6.69
C3D CLA PH . 40.19 45.19 7.92
C4D CLA PH . 38.74 45.38 7.91
CMD CLA PH . 41.82 44.25 6.18
CAD CLA PH . 40.70 45.65 9.18
OBD CLA PH . 41.85 45.64 9.63
CBD CLA PH . 39.49 46.23 9.96
CGD CLA PH . 39.30 45.66 11.33
O1D CLA PH . 38.50 44.79 11.69
O2D CLA PH . 40.10 46.21 12.28
CED CLA PH . 39.71 46.04 13.64
MG CLA QH . 39.76 34.74 5.72
CHA CLA QH . 40.64 31.58 6.79
CHB CLA QH . 39.10 35.61 8.93
CHC CLA QH . 38.97 37.88 4.63
CHD CLA QH . 40.40 33.77 2.40
NA CLA QH . 39.88 33.74 7.53
C1A CLA QH . 40.27 32.43 7.78
C2A CLA QH . 40.25 32.15 9.26
C3A CLA QH . 39.56 33.36 9.88
C4A CLA QH . 39.53 34.33 8.72
CMA CLA QH . 38.16 33.03 10.31
CAA CLA QH . 41.69 32.13 9.75
CBA CLA QH . 41.78 32.42 11.21
CGA CLA QH . 43.13 32.95 11.59
O1A CLA QH . 43.82 32.63 12.56
O2A CLA QH . 43.59 33.90 10.74
NB CLA QH . 39.22 36.44 6.62
C1B CLA QH . 38.98 36.59 7.94
C2B CLA QH . 38.49 37.95 8.21
C3B CLA QH . 38.44 38.61 7.01
C4B CLA QH . 38.89 37.65 5.97
CMB CLA QH . 38.09 38.35 9.54
CAB CLA QH . 38.01 39.94 6.74
CBB CLA QH . 38.80 40.91 6.32
NC CLA QH . 39.68 35.65 3.83
C1C CLA QH . 39.34 36.94 3.62
C2C CLA QH . 39.43 37.26 2.21
C3C CLA QH . 39.84 36.09 1.56
C4C CLA QH . 39.99 35.09 2.60
CMC CLA QH . 39.14 38.57 1.62
CAC CLA QH . 40.11 35.91 0.13
CBC CLA QH . 39.00 35.23 -0.63
ND CLA QH . 40.34 33.08 4.75
C1D CLA QH . 40.57 32.83 3.38
C2D CLA QH . 40.98 31.44 3.24
C3D CLA QH . 41.03 30.91 4.50
C4D CLA QH . 40.63 31.98 5.41
CMD CLA QH . 41.26 30.82 1.95
CAD CLA QH . 41.27 29.75 5.30
OBD CLA QH . 41.52 28.62 4.95
CBD CLA QH . 41.06 30.13 6.79
CGD CLA QH . 40.01 29.26 7.40
O1D CLA QH . 38.79 29.33 7.24
O2D CLA QH . 40.47 28.29 8.23
CED CLA QH . 39.58 27.22 8.55
C1 CLA QH . 44.65 34.75 11.23
C2 CLA QH . 44.85 35.81 10.21
C3 CLA QH . 45.56 35.64 9.08
C4 CLA QH . 46.22 34.35 8.75
C5 CLA QH . 45.72 36.75 8.11
C6 CLA QH . 45.18 36.40 6.74
C7 CLA QH . 43.67 36.31 6.77
C8 CLA QH . 43.07 35.83 5.46
C9 CLA QH . 43.44 34.39 5.25
C10 CLA QH . 43.53 36.65 4.27
C11 CLA QH . 42.92 38.02 4.27
C12 CLA QH . 43.94 39.02 3.74
C13 CLA QH . 43.39 40.42 3.71
C14 CLA QH . 42.98 40.86 5.11
C15 CLA QH . 42.23 40.56 2.74
C16 CLA QH . 42.71 41.13 1.42
C17 CLA QH . 42.87 40.06 0.36
C18 CLA QH . 42.74 40.62 -1.04
C19 CLA QH . 42.95 39.52 -2.07
C20 CLA QH . 41.37 41.24 -1.26
MG CLA RH . 32.40 28.84 4.89
CHA CLA RH . 31.52 27.36 7.88
CHB CLA RH . 35.63 28.90 5.91
CHC CLA RH . 33.29 30.14 1.90
CHD CLA RH . 29.03 28.76 3.88
NA CLA RH . 33.39 28.23 6.63
C1A CLA RH . 32.86 27.63 7.76
C2A CLA RH . 33.96 27.33 8.76
C3A CLA RH . 35.16 28.11 8.22
C4A CLA RH . 34.72 28.41 6.80
CMA CLA RH . 35.42 29.39 8.97
CAA CLA RH . 34.24 25.82 8.73
CBA CLA RH . 35.63 25.34 8.31
CGA CLA RH . 35.74 25.16 6.83
O1A CLA RH . 34.87 25.30 6.00
O2A CLA RH . 36.99 24.85 6.38
NB CLA RH . 34.12 29.47 4.08
C1B CLA RH . 35.34 29.28 4.61
C2B CLA RH . 36.39 29.64 3.63
C3B CLA RH . 35.74 30.01 2.47
C4B CLA RH . 34.29 29.90 2.76
CMB CLA RH . 37.80 29.52 3.99
CAB CLA RH . 36.20 30.44 1.18
CBB CLA RH . 37.34 31.07 0.87
NC CLA RH . 31.33 29.41 3.22
C1C CLA RH . 31.90 29.93 2.10
C2C CLA RH . 30.90 30.19 1.11
C3C CLA RH . 29.70 29.78 1.66
C4C CLA RH . 29.98 29.29 2.99
CMC CLA RH . 31.15 30.73 -0.21
CAC CLA RH . 28.39 29.81 1.04
CBC CLA RH . 28.06 28.48 0.42
ND CLA RH . 30.64 28.20 5.64
C1D CLA RH . 29.33 28.23 5.11
C2D CLA RH . 28.43 27.63 6.10
C3D CLA RH . 29.21 27.28 7.18
C4D CLA RH . 30.58 27.67 6.84
CMD CLA RH . 27.01 27.42 5.92
CAD CLA RH . 29.26 26.67 8.49
OBD CLA RH . 28.38 26.12 9.13
CBD CLA RH . 30.71 26.79 9.01
CGD CLA RH . 30.78 27.75 10.14
O1D CLA RH . 30.84 28.98 10.08
O2D CLA RH . 30.80 27.19 11.36
CED CLA RH . 30.81 28.04 12.51
C1 CLA RH . 37.72 25.82 5.61
C2 CLA RH . 37.48 25.62 4.18
C3 CLA RH . 38.41 25.82 3.24
C4 CLA RH . 39.79 26.22 3.55
C5 CLA RH . 38.13 25.61 1.80
C6 CLA RH . 37.87 26.86 1.00
C7 CLA RH . 37.05 26.46 -0.21
C8 CLA RH . 36.53 27.62 -1.03
C9 CLA RH . 35.24 27.24 -1.69
C10 CLA RH . 37.51 28.07 -2.09
C11 CLA RH . 37.31 29.51 -2.42
C12 CLA RH . 38.28 30.02 -3.48
C13 CLA RH . 38.29 31.53 -3.45
C14 CLA RH . 38.59 32.15 -4.79
C15 CLA RH . 39.27 32.02 -2.40
C16 CLA RH . 40.73 31.91 -2.79
C17 CLA RH . 41.57 32.23 -1.59
C18 CLA RH . 43.05 32.42 -1.90
C19 CLA RH . 43.70 33.33 -0.88
C20 CLA RH . 43.77 31.09 -1.88
MG CLA SH . 37.53 33.89 -11.08
CHA CLA SH . 38.93 34.13 -14.23
CHB CLA SH . 36.48 30.74 -11.73
CHC CLA SH . 36.49 33.64 -7.85
CHD CLA SH . 38.60 37.21 -10.44
NA CLA SH . 37.68 32.65 -12.74
C1A CLA SH . 38.33 32.93 -13.96
C2A CLA SH . 38.21 31.73 -14.90
C3A CLA SH . 37.28 30.76 -14.14
C4A CLA SH . 37.13 31.40 -12.76
CMA CLA SH . 35.98 30.59 -14.88
CAA CLA SH . 39.58 31.07 -15.07
CBA CLA SH . 40.40 31.00 -13.78
CGA CLA SH . 41.76 30.41 -13.97
O1A CLA SH . 42.54 30.57 -14.90
O2A CLA SH . 42.14 29.60 -12.96
NB CLA SH . 36.61 32.46 -9.99
C1B CLA SH . 36.29 31.23 -10.43
C2B CLA SH . 35.71 30.46 -9.30
C3B CLA SH . 35.70 31.24 -8.18
C4B CLA SH . 36.29 32.54 -8.62
CMB CLA SH . 35.24 29.10 -9.48
CAB CLA SH . 35.27 30.92 -6.82
CBB CLA SH . 34.54 31.65 -5.95
NC CLA SH . 37.51 35.20 -9.48
C1C CLA SH . 37.03 34.87 -8.27
C2C CLA SH . 37.19 35.99 -7.36
C3C CLA SH . 37.79 37.02 -8.06
C4C CLA SH . 37.99 36.50 -9.41
CMC CLA SH . 36.74 35.89 -5.99
CAC CLA SH . 38.17 38.37 -7.59
CBC CLA SH . 37.19 39.46 -7.95
ND CLA SH . 38.48 35.38 -12.07
C1D CLA SH . 38.85 36.69 -11.68
C2D CLA SH . 39.52 37.35 -12.81
C3D CLA SH . 39.60 36.41 -13.81
C4D CLA SH . 38.95 35.19 -13.30
CMD CLA SH . 40.01 38.73 -12.81
CAD CLA SH . 40.04 36.14 -15.15
OBD CLA SH . 40.62 36.85 -15.94
CBD CLA SH . 39.63 34.67 -15.45
CGD CLA SH . 38.74 34.62 -16.64
O1D CLA SH . 37.74 35.31 -16.87
O2D CLA SH . 39.09 33.68 -17.55
CED CLA SH . 38.11 33.26 -18.50
C1 CLA SH . 43.52 29.67 -12.51
C2 CLA SH . 43.53 29.08 -11.16
C3 CLA SH . 44.64 28.77 -10.48
C4 CLA SH . 46.00 28.98 -11.04
C5 CLA SH . 44.54 28.18 -9.12
C6 CLA SH . 45.33 28.95 -8.06
C7 CLA SH . 44.71 30.29 -7.74
C8 CLA SH . 45.29 30.94 -6.50
C9 CLA SH . 45.23 30.01 -5.31
C10 CLA SH . 44.55 32.23 -6.17
C11 CLA SH . 45.45 33.26 -5.54
C12 CLA SH . 45.48 34.56 -6.34
C13 CLA SH . 46.20 35.67 -5.59
C14 CLA SH . 47.66 35.34 -5.40
C15 CLA SH . 45.54 35.98 -4.25
C16 CLA SH . 45.94 37.35 -3.74
C17 CLA SH . 45.62 38.46 -4.72
C18 CLA SH . 46.08 39.82 -4.22
C19 CLA SH . 47.57 40.01 -4.42
C20 CLA SH . 45.34 40.94 -4.90
MG CLA TH . 23.82 42.79 -10.12
CHA CLA TH . 24.05 42.12 -13.52
CHB CLA TH . 24.07 46.10 -10.74
CHC CLA TH . 23.62 43.37 -6.74
CHD CLA TH . 23.65 39.34 -9.49
NA CLA TH . 24.03 43.91 -11.86
C1A CLA TH . 24.10 43.46 -13.19
C2A CLA TH . 24.23 44.65 -14.15
C3A CLA TH . 24.35 45.87 -13.21
C4A CLA TH . 24.13 45.27 -11.83
CMA CLA TH . 25.69 46.53 -13.31
CAA CLA TH . 23.04 44.82 -15.09
CBA CLA TH . 22.01 45.80 -14.62
CGA CLA TH . 20.84 45.09 -14.03
O1A CLA TH . 19.96 44.45 -14.61
O2A CLA TH . 20.76 45.19 -12.67
NB CLA TH . 23.85 44.42 -8.95
C1B CLA TH . 23.89 45.70 -9.41
C2B CLA TH . 23.73 46.63 -8.26
C3B CLA TH . 23.61 45.88 -7.13
C4B CLA TH . 23.69 44.45 -7.55
CMB CLA TH . 23.74 48.09 -8.42
CAB CLA TH . 23.42 46.29 -5.76
CBB CLA TH . 24.30 46.18 -4.78
NC CLA TH . 23.67 41.57 -8.43
C1C CLA TH . 23.62 42.02 -7.14
C2C CLA TH . 23.54 40.90 -6.22
C3C CLA TH . 23.51 39.75 -7.01
C4C CLA TH . 23.61 40.18 -8.38
CMC CLA TH . 23.46 41.00 -4.77
CAC CLA TH . 23.43 38.36 -6.56
CBC CLA TH . 22.03 37.81 -6.63
ND CLA TH . 23.84 41.09 -11.18
C1D CLA TH . 23.77 39.73 -10.79
C2D CLA TH . 23.80 38.89 -11.99
C3D CLA TH . 23.90 39.74 -13.06
C4D CLA TH . 23.94 41.11 -12.51
CMD CLA TH . 23.73 37.43 -11.95
CAD CLA TH . 23.98 39.86 -14.50
OBD CLA TH . 23.95 38.99 -15.35
CBD CLA TH . 24.10 41.37 -14.83
CGD CLA TH . 25.31 41.69 -15.64
O1D CLA TH . 25.35 42.10 -16.80
O2D CLA TH . 26.49 41.46 -15.01
CED CLA TH . 27.69 41.85 -15.67
MG CLA UH . 37.21 44.09 -16.67
CHA CLA UH . 35.52 45.55 -19.34
CHB CLA UH . 40.13 44.36 -18.37
CHC CLA UH . 38.80 42.50 -14.08
CHD CLA UH . 34.12 43.62 -15.03
NA CLA UH . 37.72 44.90 -18.53
C1A CLA UH . 36.88 45.47 -19.50
C2A CLA UH . 37.68 45.91 -20.72
C3A CLA UH . 39.12 45.46 -20.38
C4A CLA UH . 39.01 44.88 -18.98
CMA CLA UH . 39.61 44.44 -21.35
CAA CLA UH . 37.69 47.41 -20.94
CBA CLA UH . 38.07 48.16 -19.69
CGA CLA UH . 38.28 49.62 -19.97
O1A CLA UH . 38.72 50.49 -19.21
O2A CLA UH . 37.93 49.98 -21.24
NB CLA UH . 39.09 43.53 -16.30
C1B CLA UH . 40.16 43.77 -17.10
C2B CLA UH . 41.40 43.28 -16.46
C3B CLA UH . 41.03 42.75 -15.24
C4B CLA UH . 39.57 42.91 -15.12
CMB CLA UH . 42.71 43.39 -17.10
CAB CLA UH . 41.80 42.15 -14.18
CBB CLA UH . 42.71 41.19 -14.31
NC CLA UH . 36.57 43.25 -14.87
C1C CLA UH . 37.39 42.66 -13.95
C2C CLA UH . 36.62 42.19 -12.82
C3C CLA UH . 35.29 42.50 -13.09
C4C CLA UH . 35.27 43.17 -14.38
CMC CLA UH . 37.15 41.52 -11.64
CAC CLA UH . 34.13 42.25 -12.23
CBC CLA UH . 33.76 43.49 -11.45
ND CLA UH . 35.27 44.57 -16.99
C1D CLA UH . 34.10 44.26 -16.25
C2D CLA UH . 32.93 44.71 -17.01
C3D CLA UH . 33.41 45.22 -18.20
C4D CLA UH . 34.88 45.08 -18.15
CMD CLA UH . 31.56 44.56 -16.52
CAD CLA UH . 33.08 45.82 -19.47
OBD CLA UH . 31.98 46.12 -19.93
CBD CLA UH . 34.40 46.00 -20.25
CGD CLA UH . 34.39 45.22 -21.53
O1D CLA UH . 34.02 45.60 -22.64
O2D CLA UH . 34.87 43.96 -21.41
CED CLA UH . 35.04 43.19 -22.61
MG CLA VH . 45.39 38.80 -20.45
CHA CLA VH . 42.76 40.08 -22.32
CHB CLA VH . 47.30 38.66 -23.24
CHC CLA VH . 48.03 37.77 -18.54
CHD CLA VH . 43.38 39.04 -17.56
NA CLA VH . 45.04 39.27 -22.46
C1A CLA VH . 43.90 39.81 -23.04
C2A CLA VH . 44.10 40.00 -24.55
C3A CLA VH . 45.46 39.32 -24.81
C4A CLA VH . 45.99 39.07 -23.41
CMA CLA VH . 45.36 38.04 -25.60
CAA CLA VH . 44.15 41.47 -24.93
CBA CLA VH . 45.02 42.31 -24.03
CGA CLA VH . 44.19 43.16 -23.12
O1A CLA VH . 43.52 44.16 -23.41
O2A CLA VH . 44.20 42.72 -21.84
NB CLA VH . 47.27 38.21 -20.83
C1B CLA VH . 47.90 38.40 -22.01
C2B CLA VH . 49.37 38.31 -21.84
C3B CLA VH . 49.59 38.06 -20.51
C4B CLA VH . 48.25 37.99 -19.86
CMB CLA VH . 50.29 38.48 -22.97
CAB CLA VH . 50.79 37.87 -19.74
CBB CLA VH . 51.96 38.49 -19.87
NC CLA VH . 45.62 38.40 -18.43
C1C CLA VH . 46.78 37.94 -17.87
C2C CLA VH . 46.60 37.74 -16.44
C3C CLA VH . 45.30 38.17 -16.14
C4C CLA VH . 44.70 38.58 -17.40
CMC CLA VH . 47.63 37.25 -15.53
CAC CLA VH . 44.67 38.18 -14.81
CBC CLA VH . 43.78 36.99 -14.56
ND CLA VH . 43.52 39.41 -19.98
C1D CLA VH . 42.81 39.42 -18.75
C2D CLA VH . 41.44 39.91 -19.00
C3D CLA VH . 41.37 40.19 -20.35
C4D CLA VH . 42.69 39.86 -20.91
CMD CLA VH . 40.43 40.04 -17.97
CAD CLA VH . 40.54 40.65 -21.44
OBD CLA VH . 39.37 41.00 -21.46
CBD CLA VH . 41.40 40.60 -22.73
CGD CLA VH . 40.76 39.74 -23.77
O1D CLA VH . 41.18 38.67 -24.20
O2D CLA VH . 39.59 40.23 -24.27
CED CLA VH . 39.30 39.95 -25.64
C1 CLA VH . 45.08 43.38 -20.91
C2 CLA VH . 45.46 42.39 -19.87
C3 CLA VH . 46.03 42.74 -18.71
C4 CLA VH . 46.34 44.14 -18.36
C5 CLA VH . 46.38 41.68 -17.71
C6 CLA VH . 47.70 41.92 -16.99
C7 CLA VH . 48.83 41.17 -17.66
C8 CLA VH . 50.16 41.42 -16.95
C9 CLA VH . 51.27 41.60 -17.96
C10 CLA VH . 50.51 40.27 -16.00
MG CLA WH . 45.65 27.85 -19.58
CHA CLA WH . 43.26 30.15 -18.61
CHB CLA WH . 48.08 30.18 -19.09
CHC CLA WH . 47.98 25.47 -20.19
CHD CLA WH . 43.08 25.50 -20.11
NA CLA WH . 45.64 29.84 -18.95
C1A CLA WH . 44.55 30.61 -18.58
C2A CLA WH . 45.00 31.99 -18.13
C3A CLA WH . 46.47 32.03 -18.52
C4A CLA WH . 46.78 30.58 -18.85
CMA CLA WH . 46.63 32.94 -19.68
CAA CLA WH . 44.96 31.95 -16.63
CBA CLA WH . 45.21 33.30 -15.99
CGA CLA WH . 44.23 33.51 -14.89
O1A CLA WH . 43.00 33.46 -14.94
O2A CLA WH . 44.83 33.80 -13.69
NB CLA WH . 47.65 27.85 -19.72
C1B CLA WH . 48.47 28.88 -19.41
C2B CLA WH . 49.88 28.44 -19.46
C3B CLA WH . 49.85 27.09 -19.78
C4B CLA WH . 48.44 26.71 -19.92
CMB CLA WH . 50.96 29.35 -19.14
CAB CLA WH . 50.87 26.07 -19.93
CBB CLA WH . 52.19 26.18 -19.97
NC CLA WH . 45.53 25.84 -20.13
C1C CLA WH . 46.61 25.05 -20.31
C2C CLA WH . 46.19 23.68 -20.59
C3C CLA WH . 44.80 23.70 -20.61
C4C CLA WH . 44.39 25.06 -20.30
CMC CLA WH . 47.05 22.52 -20.78
CAC CLA WH . 43.93 22.54 -20.83
CBC CLA WH . 43.18 22.56 -22.14
ND CLA WH . 43.64 27.77 -19.43
C1D CLA WH . 42.71 26.74 -19.67
C2D CLA WH . 41.34 27.25 -19.42
C3D CLA WH . 41.49 28.56 -19.03
C4D CLA WH . 42.94 28.84 -19.05
CMD CLA WH . 40.13 26.45 -19.56
CAD CLA WH . 40.83 29.77 -18.59
OBD CLA WH . 39.63 29.98 -18.43
CBD CLA WH . 41.94 30.82 -18.32
CGD CLA WH . 41.80 32.10 -19.10
O1D CLA WH . 41.76 33.24 -18.64
O2D CLA WH . 41.71 31.95 -20.44
CED CLA WH . 41.39 33.10 -21.21
C1 CLA WH . 44.20 33.35 -12.48
C2 CLA WH . 43.38 34.48 -11.95
C3 CLA WH . 43.82 35.37 -11.04
C4 CLA WH . 45.20 35.30 -10.50
C5 CLA WH . 42.93 36.45 -10.57
C6 CLA WH . 43.59 37.68 -9.97
C7 CLA WH . 42.75 38.90 -10.29
C8 CLA WH . 42.75 39.99 -9.25
C9 CLA WH . 42.57 39.42 -7.85
C10 CLA WH . 41.63 40.97 -9.57
C11 CLA WH . 41.42 42.03 -8.50
C12 CLA WH . 39.96 42.10 -8.08
C13 CLA WH . 39.81 42.69 -6.67
C14 CLA WH . 40.64 41.94 -5.66
C15 CLA WH . 38.34 42.70 -6.24
C16 CLA WH . 38.08 43.80 -5.23
C17 CLA WH . 36.89 43.50 -4.33
C18 CLA WH . 36.43 44.72 -3.55
C19 CLA WH . 37.54 45.31 -2.71
C20 CLA WH . 35.87 45.77 -4.48
MG CLA XH . 34.74 26.94 -14.85
CHA CLA XH . 32.13 26.26 -12.72
CHB CLA XH . 36.93 26.04 -12.45
CHC CLA XH . 37.30 27.73 -16.95
CHD CLA XH . 32.43 27.95 -17.31
NA CLA XH . 34.54 26.17 -12.92
C1A CLA XH . 33.36 25.94 -12.19
C2A CLA XH . 33.70 25.33 -10.82
C3A CLA XH . 35.22 25.07 -10.92
C4A CLA XH . 35.61 25.80 -12.19
CMA CLA XH . 35.99 25.55 -9.73
CAA CLA XH . 32.96 24.02 -10.59
CBA CLA XH . 33.29 23.10 -9.44
CGA CLA XH . 33.23 23.78 -8.12
O1A CLA XH . 32.89 24.93 -7.85
O2A CLA XH . 33.64 22.92 -7.14
NB CLA XH . 36.74 26.95 -14.70
C1B CLA XH . 37.45 26.63 -13.60
C2B CLA XH . 38.89 26.92 -13.80
C3B CLA XH . 38.99 27.37 -15.09
C4B CLA XH . 37.62 27.36 -15.69
CMB CLA XH . 39.88 26.61 -12.75
CAB CLA XH . 40.11 27.72 -15.93
CBB CLA XH . 41.41 27.56 -15.75
NC CLA XH . 34.84 27.66 -16.81
C1C CLA XH . 35.99 27.86 -17.49
C2C CLA XH . 35.69 28.30 -18.84
C3C CLA XH . 34.31 28.43 -18.92
C4C CLA XH . 33.79 28.01 -17.64
CMC CLA XH . 36.67 28.58 -19.86
CAC CLA XH . 33.53 28.85 -20.08
CBC CLA XH . 33.05 27.68 -20.90
ND CLA XH . 32.75 26.93 -15.11
C1D CLA XH . 31.93 27.45 -16.14
C2D CLA XH . 30.54 27.39 -15.71
C3D CLA XH . 30.56 26.97 -14.41
C4D CLA XH . 31.96 26.70 -14.07
CMD CLA XH . 29.41 27.77 -16.53
CAD CLA XH . 29.76 26.63 -13.28
OBD CLA XH . 28.54 26.60 -13.17
CBD CLA XH . 30.73 26.27 -12.15
CGD CLA XH . 30.65 27.21 -11.00
O1D CLA XH . 29.82 27.19 -10.09
O2D CLA XH . 31.61 28.16 -10.96
CED CLA XH . 31.53 29.14 -9.93
C1 CLA XH . 34.15 23.48 -5.92
C2 CLA XH . 35.49 24.04 -6.20
C3 CLA XH . 35.81 25.31 -5.93
C4 CLA XH . 34.86 26.27 -5.34
C5 CLA XH . 37.20 25.78 -6.26
C6 CLA XH . 37.42 27.26 -6.18
C7 CLA XH . 38.85 27.55 -6.54
C8 CLA XH . 38.88 28.47 -7.74
C9 CLA XH . 38.98 27.67 -9.01
C10 CLA XH . 40.07 29.39 -7.65
C11 CLA XH . 39.83 30.64 -8.44
C12 CLA XH . 40.66 31.77 -7.87
C13 CLA XH . 40.48 33.05 -8.64
C14 CLA XH . 40.73 32.81 -10.11
C15 CLA XH . 41.45 34.08 -8.11
C16 CLA XH . 40.79 35.27 -7.46
C17 CLA XH . 40.70 35.13 -5.96
C18 CLA XH . 41.54 36.15 -5.22
C19 CLA XH . 40.85 37.49 -5.11
C20 CLA XH . 41.82 35.64 -3.83
MG CLA YH . 47.02 16.62 -5.08
CHA CLA YH . 47.30 18.10 -1.99
CHB CLA YH . 48.16 19.50 -6.55
CHC CLA YH . 47.26 14.99 -8.02
CHD CLA YH . 45.89 13.67 -3.52
NA CLA YH . 47.58 18.49 -4.37
C1A CLA YH . 47.67 18.88 -3.05
C2A CLA YH . 48.19 20.29 -3.00
C3A CLA YH . 48.05 20.82 -4.42
C4A CLA YH . 47.97 19.52 -5.19
CMA CLA YH . 46.84 21.69 -4.56
CAA CLA YH . 49.66 20.03 -2.87
CBA CLA YH . 50.50 21.26 -3.16
CGA CLA YH . 51.83 21.04 -2.52
O1A CLA YH . 52.23 20.05 -1.96
O2A CLA YH . 52.66 22.13 -2.61
NB CLA YH . 47.57 17.16 -6.94
C1B CLA YH . 48.07 18.36 -7.34
C2B CLA YH . 48.48 18.30 -8.76
C3B CLA YH . 48.23 17.02 -9.19
C4B CLA YH . 47.65 16.29 -8.03
CMB CLA YH . 49.04 19.46 -9.43
CAB CLA YH . 48.44 16.36 -10.45
CBB CLA YH . 48.41 16.86 -11.68
NC CLA YH . 46.55 14.69 -5.67
C1C CLA YH . 46.73 14.25 -6.93
C2C CLA YH . 46.37 12.85 -7.03
C3C CLA YH . 45.99 12.45 -5.74
C4C CLA YH . 46.13 13.62 -4.90
CMC CLA YH . 46.46 12.13 -8.30
CAC CLA YH . 45.60 11.13 -5.25
CBC CLA YH . 44.32 10.59 -5.82
ND CLA YH . 46.55 16.00 -3.22
C1D CLA YH . 46.10 14.76 -2.71
C2D CLA YH . 45.92 14.88 -1.25
C3D CLA YH . 46.36 16.15 -0.92
C4D CLA YH . 46.77 16.79 -2.18
CMD CLA YH . 45.41 13.82 -0.37
CAD CLA YH . 46.55 17.14 0.13
OBD CLA YH . 46.25 17.11 1.31
CBD CLA YH . 47.21 18.38 -0.51
CGD CLA YH . 46.41 19.59 -0.16
O1D CLA YH . 46.38 20.14 0.94
O2D CLA YH . 45.66 20.15 -1.14
CED CLA YH . 45.16 21.46 -0.97
C1 CLA YH . 54.06 21.87 -2.37
C2 CLA YH . 54.73 23.17 -2.12
C3 CLA YH . 55.64 23.69 -2.96
C4 CLA YH . 56.07 23.01 -4.20
C5 CLA YH . 56.29 25.00 -2.68
C6 CLA YH . 55.35 25.99 -2.02
C7 CLA YH . 55.53 27.36 -2.63
C8 CLA YH . 54.18 27.93 -3.05
C9 CLA YH . 53.73 27.29 -4.34
C10 CLA YH . 54.24 29.45 -3.21
C11 CLA YH . 54.84 30.15 -2.01
C12 CLA YH . 55.98 31.07 -2.39
C13 CLA YH . 55.53 32.51 -2.50
C14 CLA YH . 55.31 32.92 -3.95
C15 CLA YH . 56.53 33.46 -1.85
C16 CLA YH . 56.02 34.88 -1.92
C17 CLA YH . 56.91 35.85 -1.19
C18 CLA YH . 57.56 36.83 -2.15
C19 CLA YH . 56.68 38.04 -2.37
C20 CLA YH . 58.91 37.25 -1.58
MG CLA ZH . 47.45 26.22 3.82
CHA CLA ZH . 47.77 24.64 0.77
CHB CLA ZH . 46.16 28.95 2.30
CHC CLA ZH . 47.09 27.70 6.89
CHD CLA ZH . 48.69 23.33 5.40
NA CLA ZH . 47.05 26.70 1.84
C1A CLA ZH . 47.22 25.90 0.71
C2A CLA ZH . 46.79 26.66 -0.55
C3A CLA ZH . 46.29 28.01 -0.01
C4A CLA ZH . 46.51 27.90 1.49
CMA CLA ZH . 47.02 29.15 -0.64
CAA CLA ZH . 45.63 26.03 -1.28
CBA CLA ZH . 45.87 26.12 -2.76
CGA CLA ZH . 44.62 25.75 -3.47
O1A CLA ZH . 43.73 25.02 -3.07
O2A CLA ZH . 44.50 26.31 -4.71
NB CLA ZH . 46.84 28.02 4.46
C1B CLA ZH . 46.28 28.98 3.70
C2B CLA ZH . 45.74 30.06 4.55
C3B CLA ZH . 46.00 29.71 5.85
C4B CLA ZH . 46.71 28.41 5.81
CMB CLA ZH . 45.04 31.21 3.97
CAB CLA ZH . 45.73 30.32 7.14
CBB CLA ZH . 44.75 31.15 7.48
NC CLA ZH . 47.82 25.62 5.78
C1C CLA ZH . 47.59 26.38 6.88
C2C CLA ZH . 47.92 25.63 8.06
C3C CLA ZH . 48.40 24.39 7.66
C4C CLA ZH . 48.33 24.39 6.21
CMC CLA ZH . 47.72 26.15 9.41
CAC CLA ZH . 48.84 23.28 8.50
CBC CLA ZH . 50.34 23.05 8.55
ND CLA ZH . 48.04 24.38 3.29
C1D CLA ZH . 48.57 23.30 4.04
C2D CLA ZH . 48.95 22.22 3.13
C3D CLA ZH . 48.66 22.69 1.88
C4D CLA ZH . 48.10 24.03 2.02
CMD CLA ZH . 49.52 20.96 3.57
CAD CLA ZH . 48.67 22.38 0.49
OBD CLA ZH . 49.03 21.35 -0.04
CBD CLA ZH . 48.12 23.61 -0.27
CGD CLA ZH . 49.09 24.12 -1.29
O1D CLA ZH . 48.96 24.13 -2.51
O2D CLA ZH . 50.22 24.61 -0.74
CED CLA ZH . 51.25 24.99 -1.63
C1 CLA ZH . 43.24 26.13 -5.39
C2 CLA ZH . 43.49 25.22 -6.54
C3 CLA ZH . 42.52 24.49 -7.11
C4 CLA ZH . 41.12 24.53 -6.61
C5 CLA ZH . 42.82 23.58 -8.24
C6 CLA ZH . 42.51 24.19 -9.59
C7 CLA ZH . 42.86 23.18 -10.65
C8 CLA ZH . 42.43 23.61 -12.03
C9 CLA ZH . 42.00 22.39 -12.81
C10 CLA ZH . 43.50 24.42 -12.78
C11 CLA ZH . 44.93 24.14 -12.41
C12 CLA ZH . 45.85 25.14 -13.09
C13 CLA ZH . 47.32 24.81 -12.90
C14 CLA ZH . 48.14 26.05 -13.11
C15 CLA ZH . 47.80 23.69 -13.79
C16 CLA ZH . 48.48 22.64 -12.96
C17 CLA ZH . 49.69 22.03 -13.63
C18 CLA ZH . 50.52 21.23 -12.64
C19 CLA ZH . 51.66 20.50 -13.33
C20 CLA ZH . 51.13 22.14 -11.61
MG CLA AI . 33.13 8.35 5.84
CHA CLA AI . 30.29 9.51 7.43
CHB CLA AI . 34.85 8.68 8.70
CHC CLA AI . 35.84 7.12 4.21
CHD CLA AI . 31.27 8.15 2.84
NA CLA AI . 32.63 9.02 7.76
C1A CLA AI . 31.40 9.49 8.22
C2A CLA AI . 31.49 9.86 9.70
C3A CLA AI . 33.00 9.78 9.98
C4A CLA AI . 33.56 9.10 8.74
CMA CLA AI . 33.55 11.17 10.15
CAA CLA AI . 30.75 8.82 10.54
CBA CLA AI . 31.44 8.46 11.82
CGA CLA AI . 32.06 7.10 11.74
O1A CLA AI . 32.66 6.49 12.62
O2A CLA AI . 31.96 6.49 10.51
NB CLA AI . 35.04 8.01 6.35
C1B CLA AI . 35.50 8.06 7.61
C2B CLA AI . 36.82 7.42 7.68
C3B CLA AI . 37.12 6.98 6.41
C4B CLA AI . 35.96 7.35 5.55
CMB CLA AI . 37.55 7.35 8.95
CAB CLA AI . 38.27 6.30 5.90
CBB CLA AI . 38.82 5.21 6.39
NC CLA AI . 33.49 7.79 3.87
C1C CLA AI . 34.69 7.36 3.42
C2C CLA AI . 34.61 7.09 2.00
C3C CLA AI . 33.30 7.36 1.61
C4C CLA AI . 32.61 7.81 2.79
CMC CLA AI . 35.71 6.60 1.17
CAC CLA AI . 32.75 7.26 0.26
CBC CLA AI . 31.96 6.00 0.05
ND CLA AI . 31.25 8.70 5.21
C1D CLA AI . 30.62 8.52 3.97
C2D CLA AI . 29.20 8.81 4.10
C3D CLA AI . 29.02 9.20 5.41
C4D CLA AI . 30.33 9.14 6.06
CMD CLA AI . 28.23 8.68 3.04
CAD CLA AI . 28.07 9.62 6.38
OBD CLA AI . 26.86 9.77 6.28
CBD CLA AI . 28.84 9.87 7.68
CGD CLA AI . 28.63 11.28 8.09
O1D CLA AI . 28.95 12.26 7.43
O2D CLA AI . 27.99 11.47 9.27
CED CLA AI . 27.38 12.75 9.43
C1 CLA AI . 32.77 5.31 10.34
C2 CLA AI . 33.26 5.26 8.95
C3 CLA AI . 33.36 4.10 8.29
C4 CLA AI . 33.02 2.80 8.91
C5 CLA AI . 33.85 4.05 6.89
C6 CLA AI . 33.02 4.84 5.92
C7 CLA AI . 31.64 4.23 5.83
C8 CLA AI . 30.69 5.06 4.98
C9 CLA AI . 29.54 5.53 5.83
C10 CLA AI . 30.19 4.22 3.82
C11 CLA AI . 29.37 5.03 2.84
C12 CLA AI . 28.00 4.40 2.66
C13 CLA AI . 28.06 3.18 1.75
C14 CLA AI . 28.58 3.56 0.39
C15 CLA AI . 26.68 2.54 1.65
C16 CLA AI . 25.66 3.51 1.10
C17 CLA AI . 24.25 3.11 1.46
C18 CLA AI . 23.45 2.69 0.24
C19 CLA AI . 22.64 1.46 0.58
C20 CLA AI . 22.50 3.78 -0.18
MG CLA BI . 31.87 17.15 4.30
CHA CLA BI . 31.48 18.81 7.31
CHB CLA BI . 30.21 14.51 5.52
CHC CLA BI . 32.09 15.70 1.25
CHD CLA BI . 33.56 19.99 3.04
NA CLA BI . 31.04 16.72 6.16
C1A CLA BI . 30.94 17.55 7.27
C2A CLA BI . 30.22 16.83 8.40
C3A CLA BI . 30.07 15.39 7.87
C4A CLA BI . 30.45 15.53 6.41
CMA CLA BI . 31.02 14.49 8.61
CAA CLA BI . 28.86 17.47 8.72
CBA CLA BI . 27.67 16.99 7.92
CGA CLA BI . 27.27 17.95 6.87
O1A CLA BI . 27.97 18.45 5.98
O2A CLA BI . 25.96 18.28 6.93
NB CLA BI . 31.30 15.39 3.54
C1B CLA BI . 30.53 14.50 4.18
C2B CLA BI . 30.12 13.43 3.24
C3B CLA BI . 30.67 13.77 2.01
C4B CLA BI . 31.43 15.02 2.21
CMB CLA BI . 29.29 12.32 3.69
CAB CLA BI . 30.66 13.20 0.70
CBB CLA BI . 29.95 12.18 0.27
NC CLA BI . 32.72 17.74 2.48
C1C CLA BI . 32.69 16.98 1.36
C2C CLA BI . 33.36 17.69 0.29
C3C CLA BI . 33.76 18.91 0.78
C4C CLA BI . 33.35 18.93 2.17
CMC CLA BI . 33.50 17.15 -1.06
CAC CLA BI . 34.46 19.98 0.05
CBC CLA BI . 33.48 21.07 -0.36
ND CLA BI . 32.48 18.95 4.97
C1D CLA BI . 33.14 20.02 4.34
C2D CLA BI . 33.32 21.10 5.29
C3D CLA BI . 32.72 20.68 6.44
C4D CLA BI . 32.20 19.34 6.20
CMD CLA BI . 33.95 22.37 4.98
CAD CLA BI . 32.40 21.01 7.80
OBD CLA BI . 32.67 22.02 8.41
CBD CLA BI . 31.58 19.84 8.39
CGD CLA BI . 32.21 19.24 9.60
O1D CLA BI . 33.31 18.73 9.68
O2D CLA BI . 31.42 19.25 10.71
CED CLA BI . 31.87 18.57 11.87
C1 CLA BI . 25.27 18.61 5.72
C2 CLA BI . 25.24 20.08 5.58
C3 CLA BI . 24.52 20.78 4.68
C4 CLA BI . 23.63 20.13 3.69
C5 CLA BI . 24.58 22.26 4.67
C6 CLA BI . 24.43 22.94 3.31
C7 CLA BI . 24.52 24.45 3.46
C8 CLA BI . 25.03 25.12 2.19
C9 CLA BI . 26.53 24.97 2.08
C10 CLA BI . 24.66 26.59 2.13
C11 CLA BI . 23.17 26.81 2.06
C12 CLA BI . 22.85 28.24 1.71
C13 CLA BI . 21.38 28.63 1.78
C14 CLA BI . 20.47 27.56 1.22
C15 CLA BI . 21.12 29.90 1.00
C16 CLA BI . 20.66 31.05 1.87
C17 CLA BI . 19.18 31.31 1.74
C18 CLA BI . 18.85 32.55 0.94
C19 CLA BI . 17.36 32.74 0.78
C20 CLA BI . 19.38 33.78 1.63
MG CLA CI . 32.31 8.50 -12.82
CHA CLA CI . 31.76 6.25 -15.39
CHB CLA CI . 29.45 10.06 -13.60
CHC CLA CI . 32.74 10.52 -10.06
CHD CLA CI . 35.27 6.80 -12.00
NA CLA CI . 30.85 8.20 -14.28
C1A CLA CI . 30.77 7.17 -15.22
C2A CLA CI . 29.50 7.31 -16.03
C3A CLA CI . 28.87 8.62 -15.57
C4A CLA CI . 29.76 8.99 -14.38
CMA CLA CI . 28.99 9.63 -16.68
CAA CLA CI . 28.53 6.17 -15.73
CBA CLA CI . 28.50 5.74 -14.28
CGA CLA CI . 27.77 4.46 -14.14
O1A CLA CI . 26.85 4.03 -14.82
O2A CLA CI . 28.20 3.70 -13.09
NB CLA CI . 31.29 9.99 -11.97
C1B CLA CI . 30.20 10.52 -12.50
C2B CLA CI . 29.86 11.74 -11.77
C3B CLA CI . 30.77 11.91 -10.76
C4B CLA CI . 31.70 10.79 -10.88
CMB CLA CI . 28.69 12.47 -12.17
CAB CLA CI . 30.90 12.89 -9.71
CBB CLA CI . 30.44 14.14 -9.68
NC CLA CI . 33.75 8.63 -11.32
C1C CLA CI . 33.69 9.50 -10.27
C2C CLA CI . 34.75 9.24 -9.35
C3C CLA CI . 35.51 8.22 -9.89
C4C CLA CI . 34.88 7.85 -11.14
CMC CLA CI . 34.86 9.99 -8.09
CAC CLA CI . 36.68 7.56 -9.29
CBC CLA CI . 36.29 6.42 -8.39
ND CLA CI . 33.40 6.99 -13.57
C1D CLA CI . 34.59 6.41 -13.12
C2D CLA CI . 34.92 5.34 -14.06
C3D CLA CI . 33.89 5.23 -14.95
C4D CLA CI . 32.94 6.28 -14.58
CMD CLA CI . 36.12 4.56 -13.98
CAD CLA CI . 33.38 4.55 -16.10
OBD CLA CI . 33.89 3.65 -16.75
CBD CLA CI . 31.96 5.13 -16.37
CGD CLA CI . 31.68 5.56 -17.77
O1D CLA CI . 30.65 5.37 -18.40
O2D CLA CI . 32.65 6.23 -18.42
CED CLA CI . 32.66 6.09 -19.84
C1 CLA CI . 27.27 2.71 -12.61
C2 CLA CI . 27.31 2.66 -11.13
C3 CLA CI . 27.53 1.51 -10.45
C4 CLA CI . 27.77 0.22 -11.09
C5 CLA CI . 27.55 1.49 -8.97
C6 CLA CI . 28.86 0.99 -8.41
C7 CLA CI . 28.88 1.27 -6.94
C8 CLA CI . 30.27 1.33 -6.33
C9 CLA CI . 31.05 0.09 -6.72
C10 CLA CI . 30.19 1.43 -4.82
C11 CLA CI . 29.43 0.25 -4.27
C12 CLA CI . 30.12 -0.39 -3.08
C13 CLA CI . 29.21 -0.76 -1.90
C14 CLA CI . 27.80 -0.23 -2.00
C15 CLA CI . 29.87 -0.26 -0.62
C16 CLA CI . 29.06 -0.60 0.59
C17 CLA CI . 29.24 -2.04 1.00
C18 CLA CI . 28.98 -2.23 2.49
C19 CLA CI . 29.29 -3.65 2.92
C20 CLA CI . 29.81 -1.27 3.31
MG CLA DI . 55.63 20.80 -21.28
CHA CLA DI . 55.98 22.80 -24.10
CHB CLA DI . 58.70 19.50 -21.83
CHC CLA DI . 55.33 19.03 -18.35
CHD CLA DI . 52.36 22.01 -20.87
NA CLA DI . 57.08 21.10 -22.74
C1A CLA DI . 57.06 22.00 -23.82
C2A CLA DI . 58.34 21.88 -24.65
C3A CLA DI . 59.00 20.63 -24.07
C4A CLA DI . 58.24 20.39 -22.77
CMA CLA DI . 58.81 19.47 -24.99
CAA CLA DI . 59.27 23.07 -24.49
CBA CLA DI . 59.23 23.67 -23.10
CGA CLA DI . 60.41 24.55 -22.84
O1A CLA DI . 61.50 24.58 -23.41
O2A CLA DI . 60.19 25.41 -21.81
NB CLA DI . 56.79 19.50 -20.29
C1B CLA DI . 58.05 19.18 -20.64
C2B CLA DI . 58.65 18.37 -19.57
C3B CLA DI . 57.72 18.23 -18.58
C4B CLA DI . 56.50 18.94 -19.03
CMB CLA DI . 60.01 17.85 -19.67
CAB CLA DI . 57.82 17.53 -17.35
CBB CLA DI . 58.69 17.76 -16.37
NC CLA DI . 54.11 20.57 -19.87
C1C CLA DI . 54.20 19.80 -18.75
C2C CLA DI . 52.95 19.87 -18.01
C3C CLA DI . 52.09 20.70 -18.72
C4C CLA DI . 52.83 21.12 -19.90
CMC CLA DI . 52.68 19.19 -16.74
CAC CLA DI . 50.71 21.06 -18.37
CBC CLA DI . 50.54 22.42 -17.73
ND CLA DI . 54.41 22.08 -22.22
C1D CLA DI . 53.08 22.47 -21.95
C2D CLA DI . 52.67 23.43 -22.98
C3D CLA DI . 53.75 23.62 -23.81
C4D CLA DI . 54.81 22.74 -23.31
CMD CLA DI . 51.35 24.05 -23.02
CAD CLA DI . 54.26 24.29 -24.99
OBD CLA DI . 53.72 25.09 -25.73
CBD CLA DI . 55.71 23.77 -25.22
CGD CLA DI . 55.87 23.16 -26.58
O1D CLA DI . 56.74 23.40 -27.41
O2D CLA DI . 54.93 22.23 -26.88
CED CLA DI . 55.26 21.23 -27.84
C1 CLA DI . 61.25 25.53 -20.84
C2 CLA DI . 60.66 26.29 -19.71
C3 CLA DI . 61.17 26.28 -18.47
C4 CLA DI . 62.40 25.53 -18.12
C5 CLA DI . 60.55 27.05 -17.36
C6 CLA DI . 59.33 27.86 -17.77
C7 CLA DI . 58.49 28.18 -16.55
C8 CLA DI . 57.37 27.16 -16.35
C9 CLA DI . 56.91 27.13 -14.91
MG CLA EI . 64.69 17.04 -18.74
CHA CLA EI . 63.93 17.91 -21.99
CHB CLA EI . 66.28 14.27 -19.86
CHC CLA EI . 65.46 16.22 -15.50
CHD CLA EI . 62.86 19.81 -17.60
NA CLA EI . 65.03 16.24 -20.63
C1A CLA EI . 64.67 16.77 -21.87
C2A CLA EI . 65.12 15.85 -23.01
C3A CLA EI . 65.69 14.62 -22.26
C4A CLA EI . 65.69 15.06 -20.81
CMA CLA EI . 64.81 13.41 -22.48
CAA CLA EI . 66.21 16.49 -23.87
CBA CLA EI . 67.27 17.19 -23.06
CGA CLA EI . 68.10 18.03 -23.96
O1A CLA EI . 67.73 18.69 -24.93
O2A CLA EI . 69.44 18.06 -23.66
NB CLA EI . 65.62 15.50 -17.84
C1B CLA EI . 66.31 14.54 -18.49
C2B CLA EI . 67.12 13.75 -17.53
C3B CLA EI . 66.89 14.30 -16.29
C4B CLA EI . 65.92 15.40 -16.47
CMB CLA EI . 67.97 12.64 -17.96
CAB CLA EI . 67.40 13.94 -14.99
CBB CLA EI . 68.68 13.79 -14.64
NC CLA EI . 64.27 17.90 -16.89
C1C CLA EI . 64.70 17.41 -15.69
C2C CLA EI . 64.24 18.25 -14.62
C3C CLA EI . 63.47 19.25 -15.20
C4C CLA EI . 63.48 19.02 -16.64
CMC CLA EI . 64.56 18.03 -13.22
CAC CLA EI . 62.78 20.36 -14.52
CBC CLA EI . 63.56 21.64 -14.60
ND CLA EI . 63.73 18.61 -19.54
C1D CLA EI . 62.97 19.65 -18.96
C2D CLA EI . 62.35 20.45 -20.04
C3D CLA EI . 62.71 19.85 -21.21
C4D CLA EI . 63.54 18.68 -20.85
CMD CLA EI . 61.54 21.65 -19.83
CAD CLA EI . 62.59 19.86 -22.66
OBD CLA EI . 62.02 20.66 -23.37
CBD CLA EI . 63.34 18.61 -23.19
CGD CLA EI . 62.43 17.68 -23.94
O1D CLA EI . 61.49 17.02 -23.52
O2D CLA EI . 62.71 17.58 -25.27
CED CLA EI . 61.67 17.13 -26.11
C1 CLA EI . 69.88 18.16 -22.28
C2 CLA EI . 70.03 19.58 -21.90
C3 CLA EI . 70.72 19.98 -20.82
C4 CLA EI . 70.84 21.41 -20.46
C5 CLA EI . 71.41 19.00 -19.94
C6 CLA EI . 72.75 19.47 -19.40
C7 CLA EI . 73.64 18.29 -19.07
C8 CLA EI . 75.10 18.61 -19.33
C9 CLA EI . 75.53 18.03 -20.66
C10 CLA EI . 75.99 18.07 -18.22
C11 CLA EI . 77.23 18.92 -18.05
C12 CLA EI . 77.37 19.43 -16.63
C13 CLA EI . 78.04 18.40 -15.71
C14 CLA EI . 77.08 17.91 -14.66
C15 CLA EI . 79.28 19.00 -15.05
MG CLA FI . 71.27 8.30 -6.19
CHA CLA FI . 69.68 7.85 -9.28
CHB CLA FI . 71.47 4.96 -5.84
CHC CLA FI . 73.02 8.81 -3.32
CHD CLA FI . 71.08 11.75 -6.75
NA CLA FI . 70.63 6.69 -7.36
C1A CLA FI . 70.00 6.70 -8.62
C2A CLA FI . 69.76 5.28 -9.12
C3A CLA FI . 70.13 4.42 -7.90
C4A CLA FI . 70.81 5.40 -6.95
CMA CLA FI . 68.89 3.85 -7.26
CAA CLA FI . 70.66 4.89 -10.30
CBA CLA FI . 72.07 5.43 -10.12
CGA CLA FI . 73.01 5.32 -11.26
O1A CLA FI . 74.21 5.60 -11.25
O2A CLA FI . 72.45 4.85 -12.42
NB CLA FI . 72.08 7.10 -4.80
C1B CLA FI . 72.10 5.75 -4.87
C2B CLA FI . 72.87 5.20 -3.75
C3B CLA FI . 73.34 6.25 -3.03
C4B CLA FI . 72.82 7.51 -3.68
CMB CLA FI . 73.08 3.78 -3.54
CAB CLA FI . 74.13 6.07 -1.84
CBB CLA FI . 74.84 6.96 -1.15
NC CLA FI . 71.89 10.00 -5.18
C1C CLA FI . 72.59 9.98 -4.02
C2C CLA FI . 72.85 11.36 -3.60
C3C CLA FI . 72.32 12.19 -4.59
C4C CLA FI . 71.71 11.33 -5.58
CMC CLA FI . 73.57 11.75 -2.40
CAC CLA FI . 72.32 13.66 -4.62
CBC CLA FI . 73.20 14.29 -5.67
ND CLA FI . 70.53 9.56 -7.60
C1D CLA FI . 70.53 10.96 -7.71
C2D CLA FI . 69.90 11.38 -8.96
C3D CLA FI . 69.52 10.23 -9.59
C4D CLA FI . 69.94 9.12 -8.71
CMD CLA FI . 69.74 12.76 -9.40
CAD CLA FI . 68.92 9.67 -10.76
OBD CLA FI . 68.47 10.22 -11.75
CBD CLA FI . 68.95 8.15 -10.56
CGD CLA FI . 67.52 7.81 -10.37
O1D CLA FI . 66.94 7.64 -9.30
O2D CLA FI . 66.82 7.74 -11.51
CED CLA FI . 65.55 7.17 -11.41
C1 CLA FI . 73.36 4.74 -13.53
C2 CLA FI . 73.23 6.00 -14.29
C3 CLA FI . 72.33 6.14 -15.28
C4 CLA FI . 71.43 5.04 -15.69
C5 CLA FI . 72.17 7.41 -16.05
C6 CLA FI . 72.85 8.58 -15.38
C7 CLA FI . 71.91 9.36 -14.48
C8 CLA FI . 72.69 9.99 -13.35
C9 CLA FI . 72.16 9.50 -12.04
C10 CLA FI . 72.63 11.51 -13.40
C11 CLA FI . 73.60 12.09 -14.41
C12 CLA FI . 73.07 13.40 -14.95
C13 CLA FI . 73.93 14.64 -14.70
C14 CLA FI . 75.00 14.45 -13.64
C15 CLA FI . 73.05 15.81 -14.32
C16 CLA FI . 72.28 15.53 -13.04
C17 CLA FI . 70.93 16.22 -13.01
C18 CLA FI . 70.34 16.25 -11.62
C19 CLA FI . 70.97 17.33 -10.77
C20 CLA FI . 68.84 16.44 -11.67
MG CLA GI . 53.07 31.81 3.99
CHA CLA GI . 51.20 34.23 5.62
CHB CLA GI . 50.43 29.72 4.06
CHC CLA GI . 54.83 29.61 2.05
CHD CLA GI . 55.92 33.86 4.26
NA CLA GI . 51.14 31.99 4.71
C1A CLA GI . 50.52 33.08 5.31
C2A CLA GI . 49.08 32.72 5.66
C3A CLA GI . 49.09 31.21 5.56
C4A CLA GI . 50.27 30.95 4.66
CMA CLA GI . 49.33 30.61 6.92
CAA CLA GI . 48.20 33.11 4.49
CBA CLA GI . 47.85 34.56 4.28
CGA CLA GI . 47.22 34.66 2.93
O1A CLA GI . 46.77 33.72 2.26
O2A CLA GI . 47.14 35.92 2.43
NB CLA GI . 52.69 30.00 3.20
C1B CLA GI . 51.53 29.34 3.28
C2B CLA GI . 51.58 28.09 2.48
C3B CLA GI . 52.83 28.05 1.91
C4B CLA GI . 53.55 29.26 2.36
CMB CLA GI . 50.45 27.17 2.42
CAB CLA GI . 53.44 27.08 1.04
CBB CLA GI . 53.41 25.76 1.17
NC CLA GI . 55.04 31.75 3.31
C1C CLA GI . 55.53 30.76 2.51
C2C CLA GI . 56.90 31.04 2.16
C3C CLA GI . 57.23 32.23 2.81
C4C CLA GI . 56.05 32.67 3.53
CMC CLA GI . 57.72 30.19 1.30
CAC CLA GI . 58.52 32.94 2.75
CBC CLA GI . 58.51 33.99 1.68
ND CLA GI . 53.53 33.61 4.75
C1D CLA GI . 54.75 34.32 4.83
C2D CLA GI . 54.52 35.57 5.56
C3D CLA GI . 53.17 35.61 5.83
C4D CLA GI . 52.60 34.35 5.35
CMD CLA GI . 55.57 36.55 5.84
CAD CLA GI . 52.10 36.35 6.47
OBD CLA GI . 52.13 37.45 7.00
CBD CLA GI . 50.81 35.49 6.38
CGD CLA GI . 50.25 35.32 7.76
O1D CLA GI . 49.80 36.18 8.52
O2D CLA GI . 50.25 34.05 8.21
CED CLA GI . 51.30 33.70 9.09
C1 CLA GI . 46.59 36.07 1.10
C2 CLA GI . 47.75 36.22 0.18
C3 CLA GI . 48.06 37.36 -0.45
C4 CLA GI . 47.25 38.59 -0.30
C5 CLA GI . 49.24 37.43 -1.35
C6 CLA GI . 50.38 38.24 -0.77
C7 CLA GI . 51.73 37.56 -0.93
C8 CLA GI . 51.93 36.89 -2.28
C9 CLA GI . 52.71 37.78 -3.23
MG CLA HI . 53.25 40.00 3.56
CHA CLA HI . 51.12 42.60 4.44
CHB CLA HI . 50.61 37.89 3.41
CHC CLA HI . 55.33 37.53 2.40
CHD CLA HI . 55.99 42.20 3.80
NA CLA HI . 51.20 40.24 3.91
C1A CLA HI . 50.49 41.40 4.23
C2A CLA HI . 49.00 41.09 4.40
C3A CLA HI . 48.90 39.56 4.15
C4A CLA HI . 50.33 39.19 3.78
CMA CLA HI . 48.41 38.77 5.32
CAA CLA HI . 48.07 41.84 3.45
CBA CLA HI . 48.26 41.52 1.99
CGA CLA HI . 47.21 42.25 1.19
O1A CLA HI . 46.04 42.44 1.47
O2A CLA HI . 47.68 42.75 0.01
NB CLA HI . 53.03 38.06 3.08
C1B CLA HI . 51.85 37.40 3.02
C2B CLA HI . 52.05 36.07 2.41
C3B CLA HI . 53.38 35.96 2.11
C4B CLA HI . 54.02 37.24 2.53
CMB CLA HI . 50.89 35.19 2.22
CAB CLA HI . 54.18 34.93 1.49
CBB CLA HI . 53.78 33.91 0.71
NC CLA HI . 55.30 39.88 3.21
C1C CLA HI . 55.95 38.78 2.73
C2C CLA HI . 57.36 39.06 2.57
C3C CLA HI . 57.54 40.37 2.98
C4C CLA HI . 56.24 40.89 3.37
CMC CLA HI . 58.35 38.12 2.07
CAC CLA HI . 58.79 41.14 2.97
CBC CLA HI . 58.92 41.91 1.68
ND CLA HI . 53.56 41.94 3.99
C1D CLA HI . 54.74 42.71 4.08
C2D CLA HI . 54.38 44.08 4.49
C3D CLA HI . 53.01 44.10 4.61
C4D CLA HI . 52.54 42.74 4.31
CMD CLA HI . 55.32 45.17 4.67
CAD CLA HI . 51.85 44.90 4.91
OBD CLA HI . 51.77 46.10 5.17
CBD CLA HI . 50.62 43.97 4.85
CGD CLA HI . 49.88 43.93 6.15
O1D CLA HI . 50.24 43.43 7.21
O2D CLA HI . 48.67 44.54 6.09
CED CLA HI . 48.39 45.49 7.12
MG CLA II . 53.60 47.54 1.23
CHA CLA II . 51.33 50.15 1.15
CHB CLA II . 51.05 45.32 1.30
CHC CLA II . 55.89 44.99 1.12
CHD CLA II . 56.23 49.89 1.23
NA CLA II . 51.52 47.73 1.24
C1A CLA II . 50.76 48.90 1.19
C2A CLA II . 49.26 48.57 1.24
C3A CLA II . 49.24 47.04 1.49
C4A CLA II . 50.70 46.64 1.33
CMA CLA II . 48.69 46.70 2.85
CAA CLA II . 48.61 48.85 -0.11
CBA CLA II . 47.18 48.36 -0.16
CGA CLA II . 46.28 49.37 0.48
O1A CLA II . 46.48 50.55 0.71
O2A CLA II . 45.07 48.84 0.85
NB CLA II . 53.50 45.53 1.30
C1B CLA II . 52.36 44.82 1.17
C2B CLA II . 52.67 43.40 0.85
C3B CLA II . 54.03 43.30 0.79
C4B CLA II . 54.57 44.65 1.07
CMB CLA II . 51.63 42.39 0.66
CAB CLA II . 54.87 42.17 0.52
CBB CLA II . 54.85 41.41 -0.58
NC CLA II . 55.68 47.46 1.21
C1C CLA II . 56.42 46.31 1.20
C2C CLA II . 57.83 46.62 1.21
C3C CLA II . 57.94 48.01 1.21
C4C CLA II . 56.58 48.53 1.22
CMC CLA II . 58.92 45.65 1.20
CAC CLA II . 59.18 48.79 1.24
CBC CLA II . 59.59 49.21 -0.15
ND CLA II . 53.81 49.53 1.15
C1D CLA II . 54.95 50.38 1.18
C2D CLA II . 54.51 51.79 1.17
C3D CLA II . 53.13 51.75 1.12
C4D CLA II . 52.75 50.33 1.12
CMD CLA II . 55.40 52.93 1.19
CAD CLA II . 51.92 52.54 1.10
OBD CLA II . 51.77 53.76 1.06
CBD CLA II . 50.73 51.54 1.12
CGD CLA II . 49.85 51.76 2.32
O1D CLA II . 48.67 51.45 2.46
O2D CLA II . 50.48 52.37 3.36
CED CLA II . 49.70 53.30 4.10
MG CLA JI . 52.11 18.80 5.04
CHA CLA JI . 53.98 21.67 5.49
CHB CLA JI . 52.25 19.26 1.72
CHC CLA JI . 50.21 15.98 4.65
CHD CLA JI . 51.87 18.44 8.54
NA CLA JI . 53.03 20.24 3.82
C1A CLA JI . 53.79 21.35 4.18
C2A CLA JI . 54.24 22.13 2.94
C3A CLA JI . 53.61 21.35 1.78
C4A CLA JI . 52.93 20.18 2.47
CMA CLA JI . 52.54 22.17 1.12
CAA CLA JI . 55.74 22.25 2.72
CBA CLA JI . 56.05 23.38 1.75
CGA CLA JI . 57.52 23.62 1.69
O1A CLA JI . 58.38 23.25 2.47
O2A CLA JI . 57.92 24.36 0.62
NB CLA JI . 51.37 17.79 3.47
C1B CLA JI . 51.54 18.16 2.18
C2B CLA JI . 50.79 17.22 1.32
C3B CLA JI . 50.20 16.29 2.12
C4B CLA JI . 50.58 16.63 3.52
CMB CLA JI . 50.74 17.30 -0.13
CAB CLA JI . 49.40 15.19 1.69
CBB CLA JI . 48.22 14.79 2.15
NC CLA JI . 51.25 17.44 6.36
C1C CLA JI . 50.53 16.34 5.99
C2C CLA JI . 50.06 15.64 7.17
C3C CLA JI . 50.53 16.35 8.27
C4C CLA JI . 51.27 17.47 7.74
CMC CLA JI . 49.23 14.42 7.09
CAC CLA JI . 50.30 16.18 9.72
CBC CLA JI . 50.79 14.95 10.40
ND CLA JI . 52.82 19.71 6.68
C1D CLA JI . 52.60 19.51 8.05
C2D CLA JI . 53.22 20.60 8.81
C3D CLA JI . 53.74 21.45 7.88
C4D CLA JI . 53.47 20.86 6.56
CMD CLA JI . 53.17 20.72 10.27
CAD CLA JI . 54.45 22.67 7.66
OBD CLA JI . 54.83 23.47 8.47
CBD CLA JI . 54.61 22.88 6.14
CGD CLA JI . 53.91 24.12 5.69
O1D CLA JI . 54.41 25.18 5.33
O2D CLA JI . 52.57 24.02 5.70
CED CLA JI . 51.79 25.15 5.30
C1 CLA JI . 59.24 24.94 0.70
C2 CLA JI . 59.32 26.06 -0.29
C3 CLA JI . 59.93 27.22 -0.01
C4 CLA JI . 60.56 27.48 1.29
C5 CLA JI . 60.02 28.33 -1.00
C6 CLA JI . 59.74 27.96 -2.45
C7 CLA JI . 60.02 29.12 -3.37
C8 CLA JI . 59.25 28.99 -4.68
C9 CLA JI . 59.66 27.73 -5.40
C10 CLA JI . 59.45 30.21 -5.57
C11 CLA JI . 58.50 30.21 -6.76
C12 CLA JI . 57.10 30.65 -6.39
C13 CLA JI . 56.21 30.82 -7.61
C14 CLA JI . 55.64 32.22 -7.69
C15 CLA JI . 55.07 29.81 -7.62
MG CLA KI . 62.29 17.71 -1.15
CHA CLA KI . 60.72 19.17 1.57
CHB CLA KI . 59.31 17.14 -2.59
CHC CLA KI . 63.90 16.23 -3.78
CHD CLA KI . 65.38 18.26 0.43
NA CLA KI . 60.33 18.13 -0.58
C1A CLA KI . 59.88 18.69 0.61
C2A CLA KI . 58.37 18.85 0.58
C3A CLA KI . 57.97 18.07 -0.68
C4A CLA KI . 59.28 17.76 -1.36
CMA CLA KI . 57.26 16.83 -0.24
CAA CLA KI . 57.93 20.31 0.38
CBA CLA KI . 58.42 21.04 -0.88
CGA CLA KI . 59.86 21.46 -0.83
O1A CLA KI . 60.45 22.00 0.10
O2A CLA KI . 60.58 21.10 -1.92
NB CLA KI . 61.72 16.87 -2.88
C1B CLA KI . 60.44 16.76 -3.31
C2B CLA KI . 60.40 16.11 -4.63
C3B CLA KI . 61.71 15.86 -4.97
C4B CLA KI . 62.56 16.33 -3.84
CMB CLA KI . 59.15 15.85 -5.32
CAB CLA KI . 62.30 15.22 -6.12
CBB CLA KI . 61.91 15.23 -7.38
NC CLA KI . 64.29 17.32 -1.58
C1C CLA KI . 64.72 16.68 -2.70
C2C CLA KI . 66.16 16.54 -2.66
C3C CLA KI . 66.58 17.13 -1.47
C4C CLA KI . 65.38 17.60 -0.79
CMC CLA KI . 66.96 15.92 -3.71
CAC CLA KI . 67.94 17.23 -0.94
CBC CLA KI . 68.23 16.17 0.09
ND CLA KI . 62.97 18.52 0.56
C1D CLA KI . 64.27 18.72 1.08
C2D CLA KI . 64.19 19.47 2.35
C3D CLA KI . 62.85 19.65 2.57
C4D CLA KI . 62.13 19.06 1.44
CMD CLA KI . 65.32 19.88 3.16
CAD CLA KI . 61.87 20.27 3.43
OBD CLA KI . 62.02 20.98 4.40
CBD CLA KI . 60.48 19.90 2.87
CGD CLA KI . 59.67 19.13 3.85
O1D CLA KI . 60.06 18.24 4.62
O2D CLA KI . 58.36 19.46 3.92
CED CLA KI . 57.63 19.00 5.05
C1 CLA KI . 62.01 21.10 -1.74
C2 CLA KI . 62.65 20.55 -2.95
C3 CLA KI . 63.87 20.92 -3.32
C4 CLA KI . 64.69 21.89 -2.57
C5 CLA KI . 64.51 20.37 -4.54
C6 CLA KI . 63.50 20.15 -5.63
C7 CLA KI . 63.92 18.94 -6.43
C8 CLA KI . 65.04 19.26 -7.40
C9 CLA KI . 64.66 20.39 -8.32
C10 CLA KI . 65.41 18.03 -8.22
C11 CLA KI . 66.90 17.96 -8.47
C12 CLA KI . 67.68 17.99 -7.19
C13 CLA KI . 69.13 17.59 -7.42
C14 CLA KI . 69.27 16.10 -7.57
C15 CLA KI . 70.00 18.07 -6.27
C16 CLA KI . 71.46 17.74 -6.48
C17 CLA KI . 72.28 18.25 -5.33
C18 CLA KI . 73.53 19.00 -5.77
C19 CLA KI . 73.22 20.05 -6.80
C20 CLA KI . 74.19 19.64 -4.57
MG CLA LI . 56.09 17.75 -9.50
CHA CLA LI . 54.94 18.40 -6.30
CHB CLA LI . 52.96 16.89 -10.44
CHC CLA LI . 57.29 16.95 -12.60
CHD CLA LI . 59.35 18.48 -8.42
NA CLA LI . 54.25 17.67 -8.51
C1A CLA LI . 53.97 17.96 -7.18
C2A CLA LI . 52.48 17.73 -6.88
C3A CLA LI . 51.94 17.14 -8.19
C4A CLA LI . 53.12 17.24 -9.13
CMA CLA LI . 51.49 15.71 -8.01
CAA CLA LI . 51.72 19.00 -6.53
CBA CLA LI . 52.08 20.17 -7.41
CGA CLA LI . 51.89 21.43 -6.63
O1A CLA LI . 52.54 21.84 -5.68
O2A CLA LI . 50.83 22.18 -7.05
NB CLA LI . 55.29 16.96 -11.17
C1B CLA LI . 53.97 16.90 -11.40
C2B CLA LI . 53.71 16.71 -12.84
C3B CLA LI . 54.92 16.72 -13.46
C4B CLA LI . 55.95 16.89 -12.41
CMB CLA LI . 52.36 16.58 -13.39
CAB CLA LI . 55.21 16.61 -14.85
CBB CLA LI . 55.85 15.59 -15.41
NC CLA LI . 57.99 17.74 -10.35
C1C CLA LI . 58.25 17.37 -11.63
C2C CLA LI . 59.68 17.45 -11.89
C3C CLA LI . 60.26 17.87 -10.70
C4C CLA LI . 59.18 18.03 -9.73
CMC CLA LI . 60.31 17.16 -13.17
CAC CLA LI . 61.68 18.11 -10.43
CBC CLA LI . 62.06 19.50 -10.84
ND CLA LI . 56.98 18.47 -7.83
C1D CLA LI . 58.33 18.71 -7.52
C2D CLA LI . 58.41 19.19 -6.13
C3D CLA LI . 57.15 19.08 -5.62
C4D CLA LI . 56.30 18.57 -6.70
CMD CLA LI . 59.62 19.67 -5.49
CAD CLA LI . 56.29 19.30 -4.48
OBD CLA LI . 56.53 19.81 -3.39
CBD CLA LI . 54.91 18.75 -4.84
CGD CLA LI . 54.60 17.54 -4.04
O1D CLA LI . 55.02 16.41 -4.21
O2D CLA LI . 53.77 17.73 -2.98
CED CLA LI . 53.91 16.82 -1.90
C1 CLA LI . 51.09 23.24 -7.99
C2 CLA LI . 51.50 24.45 -7.23
MG CLA MI . 21.29 -18.13 -11.47
CHA CLA MI . 17.86 -18.39 -11.16
CHB CLA MI . 21.07 -14.75 -11.08
CHC CLA MI . 24.69 -17.96 -11.62
CHD CLA MI . 21.50 -21.63 -11.34
NA CLA MI . 19.70 -16.79 -11.22
C1A CLA MI . 18.35 -17.10 -11.11
C2A CLA MI . 17.54 -15.83 -10.83
C3A CLA MI . 18.58 -14.70 -10.88
C4A CLA MI . 19.90 -15.44 -11.07
CMA CLA MI . 18.27 -13.73 -11.99
CAA CLA MI . 16.96 -15.84 -9.42
CBA CLA MI . 17.97 -15.96 -8.30
CGA CLA MI . 17.67 -17.11 -7.40
O1A CLA MI . 17.08 -18.15 -7.65
O2A CLA MI . 18.15 -16.94 -6.13
NB CLA MI . 22.63 -16.63 -11.44
C1B CLA MI . 22.35 -15.33 -11.24
C2B CLA MI . 23.59 -14.54 -11.27
C3B CLA MI . 24.62 -15.42 -11.42
C4B CLA MI . 24.02 -16.78 -11.54
CMB CLA MI . 23.60 -13.10 -11.08
CAB CLA MI . 26.02 -15.13 -11.41
CBB CLA MI . 26.88 -15.39 -12.39
NC CLA MI . 22.82 -19.56 -11.54
C1C CLA MI . 24.14 -19.27 -11.60
C2C CLA MI . 24.91 -20.50 -11.57
C3C CLA MI . 24.01 -21.53 -11.46
C4C CLA MI . 22.70 -20.93 -11.44
CMC CLA MI . 26.38 -20.58 -11.59
CAC CLA MI . 24.29 -22.96 -11.35
CBC CLA MI . 24.41 -23.68 -12.66
ND CLA MI . 20.01 -19.69 -11.38
C1D CLA MI . 20.25 -21.07 -11.31
C2D CLA MI . 18.97 -21.78 -11.21
C3D CLA MI . 18.01 -20.79 -11.22
C4D CLA MI . 18.72 -19.51 -11.26
CMD CLA MI . 18.80 -23.23 -11.15
CAD CLA MI . 16.60 -20.51 -11.11
OBD CLA MI . 15.67 -21.29 -11.00
CBD CLA MI . 16.46 -18.97 -11.08
CGD CLA MI . 15.62 -18.44 -12.22
O1D CLA MI . 16.01 -17.91 -13.25
O2D CLA MI . 14.29 -18.60 -12.04
CED CLA MI . 13.43 -18.53 -13.17
C1 CLA MI . 18.40 -18.16 -5.40
C2 CLA MI . 19.27 -17.84 -4.22
C3 CLA MI . 20.06 -18.74 -3.62
C4 CLA MI . 20.16 -20.14 -4.10
C5 CLA MI . 20.90 -18.36 -2.45
C6 CLA MI . 20.85 -19.33 -1.29
C7 CLA MI . 19.58 -19.23 -0.48
C8 CLA MI . 19.68 -20.06 0.80
C9 CLA MI . 19.93 -21.51 0.47
C10 CLA MI . 18.44 -19.97 1.67
C11 CLA MI . 18.16 -18.58 2.20
C12 CLA MI . 17.18 -18.58 3.35
C13 CLA MI . 16.88 -17.15 3.81
C14 CLA MI . 16.04 -17.15 5.06
C15 CLA MI . 16.22 -16.33 2.72
C16 CLA MI . 16.15 -14.87 3.09
C17 CLA MI . 16.18 -13.99 1.87
C18 CLA MI . 15.86 -12.52 2.15
C19 CLA MI . 15.53 -11.74 0.89
C20 CLA MI . 14.66 -12.41 3.05
MG CLA NI . 30.81 -10.10 -2.32
CHA CLA NI . 29.79 -7.35 -4.14
CHB CLA NI . 31.04 -8.20 0.50
CHC CLA NI . 32.06 -12.79 -0.66
CHD CLA NI . 30.77 -11.96 -5.29
NA CLA NI . 30.44 -8.09 -1.91
C1A CLA NI . 30.02 -7.10 -2.80
C2A CLA NI . 29.89 -5.75 -2.08
C3A CLA NI . 30.29 -6.08 -0.62
C4A CLA NI . 30.62 -7.56 -0.65
CMA CLA NI . 31.50 -5.27 -0.27
CAA CLA NI . 28.56 -5.05 -2.11
CBA CLA NI . 27.44 -5.91 -1.60
CGA CLA NI . 26.14 -5.38 -2.09
O1A CLA NI . 25.89 -4.30 -2.63
O2A CLA NI . 25.12 -6.26 -1.91
NB CLA NI . 31.58 -10.38 -0.48
C1B CLA NI . 31.39 -9.56 0.58
C2B CLA NI . 31.62 -10.29 1.84
C3B CLA NI . 31.91 -11.59 1.51
C4B CLA NI . 31.88 -11.66 0.03
CMB CLA NI . 31.46 -9.73 3.16
CAB CLA NI . 32.15 -12.72 2.36
CBB CLA NI . 33.27 -13.44 2.45
NC CLA NI . 31.25 -12.05 -2.85
C1C CLA NI . 31.74 -12.99 -2.01
C2C CLA NI . 31.95 -14.23 -2.68
C3C CLA NI . 31.61 -13.99 -4.03
C4C CLA NI . 31.19 -12.61 -4.11
CMC CLA NI . 32.44 -15.38 -1.89
CAC CLA NI . 31.55 -14.77 -5.25
CBC CLA NI . 32.43 -15.96 -5.39
ND CLA NI . 30.15 -9.87 -4.23
C1D CLA NI . 30.31 -10.69 -5.37
C2D CLA NI . 29.87 -9.97 -6.57
C3D CLA NI . 29.58 -8.70 -6.14
C4D CLA NI . 29.86 -8.66 -4.70
CMD CLA NI . 29.79 -10.56 -7.90
CAD CLA NI . 29.14 -7.40 -6.54
OBD CLA NI . 28.67 -7.02 -7.60
CBD CLA NI . 29.40 -6.48 -5.32
CGD CLA NI . 30.44 -5.47 -5.67
O1D CLA NI . 31.65 -5.67 -5.72
O2D CLA NI . 29.96 -4.25 -5.98
CED CLA NI . 30.54 -3.59 -7.10
C1 CLA NI . 24.35 -6.14 -0.70
C2 CLA NI . 23.70 -7.45 -0.51
C3 CLA NI . 22.60 -7.84 -1.17
C4 CLA NI . 21.91 -6.99 -2.16
C5 CLA NI . 22.06 -9.20 -0.88
C6 CLA NI . 20.91 -9.65 -1.76
C7 CLA NI . 20.78 -11.16 -1.74
C8 CLA NI . 19.43 -11.67 -1.25
C9 CLA NI . 19.12 -11.15 0.14
C10 CLA NI . 19.39 -13.19 -1.24
C11 CLA NI . 20.38 -13.75 -0.24
C12 CLA NI . 19.80 -14.93 0.51
C13 CLA NI . 20.74 -15.51 1.55
C14 CLA NI . 21.34 -14.44 2.43
C15 CLA NI . 21.83 -16.34 0.91
C16 CLA NI . 22.81 -16.89 1.93
C17 CLA NI . 23.51 -18.12 1.40
C18 CLA NI . 24.89 -18.26 2.01
C19 CLA NI . 25.16 -19.71 2.26
C20 CLA NI . 25.96 -17.68 1.10
C1 PQN OI . 36.40 -14.60 -9.76
O1 PQN OI . 37.23 -14.38 -8.90
C2 PQN OI . 35.23 -15.43 -9.41
C2M PQN OI . 35.08 -15.94 -8.01
C3 PQN OI . 34.21 -15.72 -10.43
C4 PQN OI . 34.37 -15.18 -11.80
O4 PQN OI . 33.53 -15.43 -12.64
C5 PQN OI . 35.55 -14.37 -12.16
C6 PQN OI . 35.72 -13.88 -13.44
C7 PQN OI . 36.85 -13.13 -13.75
C8 PQN OI . 37.81 -12.86 -12.79
C9 PQN OI . 37.68 -13.33 -11.48
C10 PQN OI . 36.58 -14.09 -11.13
C11 PQN OI . 33.01 -16.54 -10.06
C12 PQN OI . 32.03 -15.58 -9.42
C13 PQN OI . 30.81 -15.40 -9.92
C14 PQN OI . 30.37 -16.12 -11.15
C15 PQN OI . 29.92 -14.42 -9.24
C16 PQN OI . 28.71 -15.10 -8.62
C17 PQN OI . 27.96 -14.06 -7.80
C18 PQN OI . 26.89 -14.68 -6.93
C19 PQN OI . 25.94 -15.54 -7.76
C20 PQN OI . 26.12 -13.56 -6.24
C21 PQN OI . 27.05 -12.59 -5.54
C22 PQN OI . 26.27 -11.80 -4.52
C23 PQN OI . 26.75 -10.37 -4.45
C24 PQN OI . 26.98 -9.95 -3.00
C25 PQN OI . 25.73 -9.47 -5.13
C26 PQN OI . 26.26 -8.07 -5.23
C27 PQN OI . 25.25 -7.03 -4.77
C28 PQN OI . 24.34 -6.63 -5.92
C29 PQN OI . 23.59 -7.84 -6.46
C30 PQN OI . 23.39 -5.54 -5.46
C1 BCR PI . 23.01 44.48 5.32
C2 BCR PI . 21.97 44.25 6.40
C3 BCR PI . 20.60 44.22 5.78
C4 BCR PI . 20.49 43.10 4.78
C5 BCR PI . 21.70 42.95 3.94
C6 BCR PI . 22.86 43.57 4.16
C7 BCR PI . 24.05 43.37 3.31
C8 BCR PI . 24.31 44.08 2.22
C9 BCR PI . 25.57 43.99 1.50
C10 BCR PI . 25.55 44.14 0.17
C11 BCR PI . 26.67 43.87 -0.71
C33 BCR PI . 21.50 42.03 2.81
C31 BCR PI . 24.36 44.30 5.98
C32 BCR PI . 22.88 45.93 4.90
C34 BCR PI . 26.82 43.92 2.26
C12 BCR PI . 26.54 44.17 -2.00
C13 BCR PI . 27.63 44.23 -2.96
C14 BCR PI . 27.37 44.71 -4.18
C15 BCR PI . 28.36 44.92 -5.20
C16 BCR PI . 28.02 44.89 -6.50
C17 BCR PI . 29.02 45.16 -7.48
C18 BCR PI . 28.79 45.56 -8.73
C19 BCR PI . 29.88 45.74 -9.66
C20 BCR PI . 29.72 46.20 -10.90
C21 BCR PI . 30.87 46.42 -11.75
C22 BCR PI . 30.81 46.84 -13.02
C23 BCR PI . 32.05 46.97 -13.78
C24 BCR PI . 32.60 48.14 -14.12
C25 BCR PI . 33.46 48.43 -15.27
C26 BCR PI . 34.78 48.16 -15.27
C27 BCR PI . 35.71 48.44 -16.38
C28 BCR PI . 34.99 48.72 -17.67
C29 BCR PI . 33.84 49.64 -17.43
C30 BCR PI . 32.82 49.10 -16.43
C35 BCR PI . 28.91 43.58 -2.67
C36 BCR PI . 27.42 45.91 -9.18
C37 BCR PI . 29.60 47.52 -13.53
C38 BCR PI . 35.50 47.52 -14.16
C39 BCR PI . 31.82 48.20 -17.13
C40 BCR PI . 32.02 50.32 -15.99
C1 BCR QI . 18.95 38.51 -0.48
C2 BCR QI . 20.13 39.37 -0.09
C3 BCR QI . 20.21 40.60 -0.95
C4 BCR QI . 20.33 40.24 -2.40
C5 BCR QI . 19.43 39.14 -2.81
C6 BCR QI . 18.80 38.31 -1.96
C7 BCR QI . 17.89 37.24 -2.41
C8 BCR QI . 18.29 36.04 -2.87
C9 BCR QI . 17.39 35.12 -3.52
C10 BCR QI . 17.68 33.81 -3.53
C11 BCR QI . 18.98 33.21 -3.37
C33 BCR QI . 19.31 39.06 -4.28
C31 BCR QI . 17.73 39.17 0.09
C32 BCR QI . 19.16 37.21 0.28
C34 BCR QI . 16.05 35.61 -3.86
C12 BCR QI . 19.05 31.87 -3.30
C13 BCR QI . 20.19 31.11 -2.85
C14 BCR QI . 20.18 29.78 -3.02
C15 BCR QI . 21.17 28.88 -2.45
C16 BCR QI . 21.27 27.61 -2.86
C17 BCR QI . 22.04 26.73 -2.03
C18 BCR QI . 22.14 25.39 -2.10
C19 BCR QI . 23.10 24.73 -1.24
C20 BCR QI . 23.30 23.41 -1.22
C21 BCR QI . 24.56 22.92 -0.76
C22 BCR QI . 24.96 21.63 -0.74
C23 BCR QI . 25.89 21.18 0.28
C24 BCR QI . 26.90 20.34 0.02
C25 BCR QI . 27.96 19.95 0.94
C26 BCR QI . 29.02 20.73 1.20
C27 BCR QI . 30.12 20.39 2.11
C28 BCR QI . 29.60 19.46 3.18
C29 BCR QI . 29.01 18.27 2.50
C30 BCR QI . 27.86 18.58 1.55
C35 BCR QI . 21.45 31.83 -2.57
C36 BCR QI . 21.08 24.57 -2.71
C37 BCR QI . 24.35 20.63 -1.64
C38 BCR QI . 29.24 22.07 0.64
C39 BCR QI . 26.54 18.33 2.24
C40 BCR QI . 27.96 17.51 0.48
C1 BCR RI . 15.38 42.89 3.61
C2 BCR RI . 15.36 43.97 2.53
C3 BCR RI . 14.18 43.97 1.61
C4 BCR RI . 13.55 42.62 1.38
C5 BCR RI . 13.31 41.96 2.67
C6 BCR RI . 14.13 42.07 3.71
C7 BCR RI . 13.85 41.42 5.00
C8 BCR RI . 14.27 40.20 5.31
C9 BCR RI . 14.25 39.66 6.65
C10 BCR RI . 14.79 38.47 6.87
C11 BCR RI . 15.16 37.51 5.85
C33 BCR RI . 12.06 41.18 2.71
C31 BCR RI . 15.65 43.61 4.91
C32 BCR RI . 16.58 42.01 3.32
C34 BCR RI . 13.27 40.24 7.59
C12 BCR RI . 15.64 36.35 6.28
C13 BCR RI . 16.05 35.24 5.46
C14 BCR RI . 16.45 34.12 6.07
C15 BCR RI . 16.90 32.94 5.39
C16 BCR RI . 17.26 31.88 6.11
C17 BCR RI . 17.72 30.71 5.42
C18 BCR RI . 18.00 29.55 6.00
C19 BCR RI . 18.49 28.49 5.13
C20 BCR RI . 18.87 27.30 5.56
C21 BCR RI . 19.28 26.30 4.60
C22 BCR RI . 19.80 25.12 4.91
C23 BCR RI . 20.07 24.81 6.31
C24 BCR RI . 20.38 23.59 6.76
C25 BCR RI . 20.76 23.22 8.12
C26 BCR RI . 19.88 23.07 9.11
C27 BCR RI . 20.18 22.69 10.51
C28 BCR RI . 21.57 22.14 10.68
C29 BCR RI . 22.53 22.93 9.85
C30 BCR RI . 22.20 22.93 8.39
C35 BCR RI . 16.22 35.43 4.00
C36 BCR RI . 17.42 29.20 7.30
C37 BCR RI . 20.11 24.12 3.86
C38 BCR RI . 18.44 23.28 8.98
C39 BCR RI . 22.54 21.59 7.77
C40 BCR RI . 23.16 23.93 7.77
C1 BCR SI . 48.76 40.44 -11.51
C2 BCR SI . 48.34 41.58 -10.62
C3 BCR SI . 47.19 41.14 -9.77
C4 BCR SI . 47.64 40.05 -8.83
C5 BCR SI . 48.44 39.02 -9.54
C6 BCR SI . 48.95 39.15 -10.76
C7 BCR SI . 49.74 38.10 -11.40
C8 BCR SI . 49.20 37.17 -12.17
C9 BCR SI . 49.92 36.05 -12.72
C10 BCR SI . 49.24 34.91 -12.89
C11 BCR SI . 49.49 33.93 -13.90
C33 BCR SI . 48.60 37.77 -8.75
C31 BCR SI . 47.72 40.34 -12.60
C32 BCR SI . 50.08 40.84 -12.14
C34 BCR SI . 51.16 36.31 -13.48
C12 BCR SI . 48.63 32.92 -14.00
C13 BCR SI . 48.78 31.80 -14.90
C14 BCR SI . 47.92 30.79 -14.78
C15 BCR SI . 47.95 29.61 -15.60
C16 BCR SI . 46.94 28.76 -15.60
C17 BCR SI . 47.14 27.58 -16.41
C18 BCR SI . 46.30 26.55 -16.48
C19 BCR SI . 46.81 25.26 -16.88
C20 BCR SI . 46.00 24.22 -17.09
C21 BCR SI . 46.49 22.86 -17.06
C22 BCR SI . 45.76 21.85 -16.55
C23 BCR SI . 46.07 20.48 -16.86
C24 BCR SI . 47.25 20.06 -17.28
C25 BCR SI . 47.65 18.67 -17.51
C26 BCR SI . 47.45 18.07 -18.67
C27 BCR SI . 47.85 16.69 -18.97
C28 BCR SI . 49.18 16.43 -18.31
C29 BCR SI . 49.08 16.69 -16.82
C30 BCR SI . 48.30 17.93 -16.38
C35 BCR SI . 49.96 31.69 -15.78
C36 BCR SI . 44.86 26.74 -16.31
C37 BCR SI . 44.83 22.08 -15.44
C38 BCR SI . 46.81 18.73 -19.83
C39 BCR SI . 49.17 18.85 -15.55
C40 BCR SI . 47.27 17.38 -15.41
C1 BCR TI . 49.47 32.16 -2.10
C2 BCR TI . 49.68 32.85 -0.76
C3 BCR TI . 50.65 32.14 0.15
C4 BCR TI . 50.32 30.68 0.26
C5 BCR TI . 50.34 30.08 -1.08
C6 BCR TI . 49.94 30.73 -2.18
C7 BCR TI . 50.00 30.12 -3.51
C8 BCR TI . 49.03 29.34 -4.01
C9 BCR TI . 49.18 28.63 -5.25
C10 BCR TI . 48.54 27.46 -5.40
C11 BCR TI . 48.47 26.75 -6.65
C33 BCR TI . 50.82 28.70 -1.08
C31 BCR TI . 50.20 32.99 -3.12
C32 BCR TI . 48.00 32.30 -2.37
C34 BCR TI . 49.72 29.36 -6.40
C12 BCR TI . 47.84 25.58 -6.69
C13 BCR TI . 47.69 24.80 -7.89
C14 BCR TI . 47.01 23.65 -7.83
C15 BCR TI . 46.90 22.77 -8.96
C16 BCR TI . 45.96 21.82 -9.04
C17 BCR TI . 45.92 21.10 -10.28
C18 BCR TI . 45.36 19.91 -10.48
C19 BCR TI . 45.16 19.49 -11.84
C20 BCR TI . 44.36 18.51 -12.21
C21 BCR TI . 44.27 18.22 -13.62
C22 BCR TI . 43.41 17.39 -14.19
C23 BCR TI . 43.32 17.37 -15.64
C24 BCR TI . 42.46 16.58 -16.29
C25 BCR TI . 42.27 16.52 -17.73
C26 BCR TI . 42.89 15.62 -18.48
C27 BCR TI . 42.79 15.45 -19.95
C28 BCR TI . 41.98 16.53 -20.61
C29 BCR TI . 40.87 17.03 -19.73
C30 BCR TI . 41.33 17.49 -18.36
C35 BCR TI . 48.04 25.39 -9.18
C36 BCR TI . 44.57 19.27 -9.42
C37 BCR TI . 42.73 16.32 -13.42
C38 BCR TI . 43.84 14.63 -17.92
C39 BCR TI . 40.13 17.73 -17.45
C40 BCR TI . 41.98 18.83 -18.62
C1 BCR UI . 26.41 -4.65 10.50
C2 BCR UI . 26.83 -4.19 11.87
C3 BCR UI . 28.26 -4.60 12.14
C4 BCR UI . 29.18 -3.93 11.17
C5 BCR UI . 28.69 -4.02 9.78
C6 BCR UI . 27.44 -4.36 9.44
C7 BCR UI . 27.01 -4.43 8.04
C8 BCR UI . 27.15 -5.55 7.32
C9 BCR UI . 27.08 -5.64 5.87
C10 BCR UI . 27.55 -6.77 5.34
C11 BCR UI . 27.45 -7.21 3.97
C33 BCR UI . 29.74 -3.71 8.79
C31 BCR UI . 25.07 -4.01 10.20
C32 BCR UI . 26.18 -6.14 10.65
C34 BCR UI . 26.03 -4.88 5.20
C12 BCR UI . 27.87 -8.44 3.69
C13 BCR UI . 27.82 -9.07 2.38
C14 BCR UI . 27.72 -10.41 2.34
C15 BCR UI . 27.87 -11.20 1.14
C16 BCR UI . 28.27 -12.48 1.22
C17 BCR UI . 28.37 -13.23 0.00
C18 BCR UI . 28.80 -14.50 -0.14
C19 BCR UI . 28.81 -15.10 -1.45
C20 BCR UI . 29.02 -16.41 -1.63
C21 BCR UI . 29.25 -16.90 -2.97
C22 BCR UI . 29.32 -18.18 -3.37
C23 BCR UI . 29.76 -18.42 -4.74
C24 BCR UI . 29.61 -19.55 -5.43
C25 BCR UI . 29.96 -19.71 -6.84
C26 BCR UI . 29.11 -19.39 -7.83
C27 BCR UI . 29.39 -19.51 -9.27
C28 BCR UI . 30.83 -19.75 -9.58
C29 BCR UI . 31.41 -20.72 -8.60
C30 BCR UI . 31.31 -20.25 -7.17
C35 BCR UI . 27.48 -8.26 1.21
C36 BCR UI . 29.34 -15.26 0.98
C37 BCR UI . 29.41 -19.29 -2.40
C38 BCR UI . 27.76 -18.85 -7.60
C39 BCR UI . 32.41 -19.27 -6.89
C40 BCR UI . 31.62 -21.48 -6.33
C1 LMG VI . 30.77 -0.58 -20.51
O1 LMG VI . 31.42 -0.98 -19.37
C2 LMG VI . 31.78 0.35 -21.19
O2 LMG VI . 31.78 1.52 -20.45
C3 LMG VI . 31.18 0.66 -22.57
O3 LMG VI . 32.14 1.44 -23.20
C4 LMG VI . 31.01 -0.65 -23.37
O4 LMG VI . 32.25 -1.24 -23.52
C5 LMG VI . 30.16 -1.63 -22.51
O5 LMG VI . 28.86 -3.45 -23.17
C6 LMG VI . 30.17 -3.01 -23.18
O6 LMG VI . 30.72 -1.77 -21.22
C7 LMG VI . 30.59 -1.43 -18.37
C8 LMG VI . 31.48 -2.33 -17.54
C9 LMG VI . 32.40 -1.45 -16.71
O7 LMG VI . 30.67 -3.00 -16.64
C10 LMG VI . 31.14 -4.12 -16.07
O9 LMG VI . 32.01 -4.75 -16.65
C11 LMG VI . 30.13 -4.70 -15.17
C12 LMG VI . 30.39 -4.31 -13.76
C13 LMG VI . 29.25 -4.73 -12.92
C14 LMG VI . 29.66 -4.52 -11.53
C15 LMG VI . 28.47 -4.70 -10.67
C16 LMG VI . 28.11 -3.40 -10.07
C17 LMG VI . 27.24 -3.74 -8.90
C18 LMG VI . 26.33 -2.57 -8.66
C19 LMG VI . 26.70 -2.00 -7.32
C20 LMG VI . 25.79 -2.65 -6.35
C21 LMG VI . 24.76 -1.65 -6.00
C22 LMG VI . 25.39 -0.77 -4.98
C23 LMG VI . 24.78 0.57 -5.23
C24 LMG VI . 25.11 1.39 -4.02
C25 LMG VI . 26.29 2.23 -4.36
C26 LMG VI . 25.93 3.65 -4.04
C27 LMG VI . 25.89 3.80 -2.56
O8 LMG VI . 31.60 -0.67 -15.86
C28 LMG VI . 32.24 0.15 -15.01
O10 LMG VI . 33.46 0.18 -15.04
C29 LMG VI . 31.39 1.16 -14.32
C30 LMG VI . 32.25 2.21 -13.67
C31 LMG VI . 32.43 1.83 -12.22
C32 LMG VI . 33.74 2.39 -11.77
C33 LMG VI . 33.79 2.27 -10.27
C34 LMG VI . 34.47 1.00 -9.91
C35 LMG VI . 34.39 0.85 -8.41
C36 LMG VI . 35.43 1.73 -7.80
C37 LMG VI . 35.65 1.25 -6.40
C38 LMG VI . 35.11 2.38 -5.58
C39 LMG VI . 33.94 1.91 -4.78
C40 LMG VI . 34.08 2.73 -3.54
C41 LMG VI . 33.55 1.94 -2.38
C42 LMG VI . 33.53 2.97 -1.30
C43 LMG VI . 33.91 2.35 0.01
C44 LMG VI . 32.66 2.10 0.78
C45 LMG VI . 33.01 2.09 2.23
FE1 SF4 WI . 37.99 -15.43 -33.65
FE2 SF4 WI . 37.67 -15.81 -36.27
FE3 SF4 WI . 38.92 -13.69 -35.43
FE4 SF4 WI . 36.27 -14.00 -35.07
S1 SF4 WI . 37.30 -13.76 -37.08
S2 SF4 WI . 37.77 -13.22 -33.52
S3 SF4 WI . 36.09 -16.18 -34.68
S4 SF4 WI . 39.66 -15.76 -35.18
FE1 SF4 XI . 45.58 -9.92 -42.65
FE2 SF4 XI . 44.23 -12.08 -43.39
FE3 SF4 XI . 46.67 -11.67 -44.37
FE4 SF4 XI . 44.59 -10.12 -45.07
S1 SF4 XI . 44.81 -12.34 -45.55
S2 SF4 XI . 46.70 -9.40 -44.51
S3 SF4 XI . 43.37 -9.97 -43.23
S4 SF4 XI . 46.19 -12.10 -42.25
MG CLA YI . 67.95 -3.21 -20.97
CHA CLA YI . 71.35 -2.81 -21.42
CHB CLA YI . 68.42 -6.53 -20.51
CHC CLA YI . 64.69 -3.44 -19.97
CHD CLA YI . 67.54 0.27 -21.45
NA CLA YI . 69.61 -4.46 -21.06
C1A CLA YI . 70.95 -4.11 -21.22
C2A CLA YI . 71.85 -5.35 -21.20
C3A CLA YI . 70.84 -6.52 -21.19
C4A CLA YI . 69.52 -5.81 -20.90
CMA CLA YI . 70.85 -7.24 -22.51
CAA CLA YI . 72.65 -5.43 -19.92
CBA CLA YI . 74.00 -6.05 -20.16
CGA CLA YI . 74.77 -5.99 -18.88
O1A CLA YI . 74.36 -6.16 -17.74
O2A CLA YI . 76.10 -5.74 -19.06
NB CLA YI . 66.76 -4.72 -20.38
C1B CLA YI . 67.16 -6.00 -20.21
C2B CLA YI . 66.03 -6.80 -19.67
C3B CLA YI . 64.97 -5.95 -19.51
C4B CLA YI . 65.42 -4.60 -19.96
CMB CLA YI . 66.15 -8.22 -19.39
CAB CLA YI . 63.67 -6.24 -19.00
CBB CLA YI . 62.52 -6.07 -19.64
NC CLA YI . 66.38 -1.84 -20.83
C1C CLA YI . 65.12 -2.15 -20.40
C2C CLA YI . 64.31 -0.95 -20.36
C3C CLA YI . 65.11 0.10 -20.80
C4C CLA YI . 66.41 -0.47 -21.09
CMC CLA YI . 62.92 -0.89 -19.93
CAC CLA YI . 64.75 1.52 -20.90
CBC CLA YI . 64.45 1.97 -22.30
ND CLA YI . 69.09 -1.63 -21.50
C1D CLA YI . 68.80 -0.26 -21.62
C2D CLA YI . 70.03 0.48 -21.89
C3D CLA YI . 71.05 -0.43 -21.78
C4D CLA YI . 70.41 -1.74 -21.53
CMD CLA YI . 70.09 1.92 -22.13
CAD CLA YI . 72.47 -0.68 -21.87
OBD CLA YI . 73.37 0.09 -22.10
CBD CLA YI . 72.69 -2.19 -21.59
CGD CLA YI . 73.44 -2.83 -22.70
O1D CLA YI . 72.97 -3.39 -23.69
O2D CLA YI . 74.78 -2.72 -22.57
CED CLA YI . 75.57 -3.59 -23.38
C1 CLA YI . 76.95 -6.05 -17.95
C2 CLA YI . 77.94 -4.94 -17.82
C3 CLA YI . 78.67 -4.73 -16.71
C4 CLA YI . 78.53 -5.58 -15.51
C5 CLA YI . 79.65 -3.62 -16.61
C6 CLA YI . 80.75 -3.71 -17.65
C7 CLA YI . 81.59 -4.97 -17.49
C8 CLA YI . 83.08 -4.75 -17.75
C9 CLA YI . 83.32 -3.93 -19.00
C10 CLA YI . 83.78 -6.10 -17.90
C11 CLA YI . 83.97 -6.82 -16.58
C12 CLA YI . 84.81 -8.06 -16.75
C13 CLA YI . 85.87 -8.16 -15.67
C14 CLA YI . 86.90 -7.07 -15.78
C1 BCR ZI . 78.61 7.59 -2.67
C2 BCR ZI . 79.15 8.01 -1.32
C3 BCR ZI . 78.27 7.49 -0.23
C4 BCR ZI . 78.28 5.99 -0.23
C5 BCR ZI . 78.10 5.45 -1.59
C6 BCR ZI . 78.22 6.16 -2.72
C7 BCR ZI . 78.05 5.58 -4.04
C8 BCR ZI . 76.86 5.47 -4.65
C9 BCR ZI . 76.70 4.98 -5.99
C10 BCR ZI . 75.58 4.35 -6.33
C11 BCR ZI . 75.33 3.73 -7.60
C33 BCR ZI . 77.76 4.01 -1.58
C31 BCR ZI . 79.68 7.89 -3.69
C32 BCR ZI . 77.44 8.52 -2.93
C34 BCR ZI . 77.69 5.40 -7.00
C12 BCR ZI . 74.33 2.87 -7.64
C13 BCR ZI . 73.65 2.41 -8.82
C14 BCR ZI . 72.45 1.86 -8.63
C15 BCR ZI . 71.85 0.88 -9.51
C16 BCR ZI . 70.65 0.41 -9.17
C17 BCR ZI . 69.76 -0.11 -10.18
C18 BCR ZI . 68.53 -0.53 -9.95
C19 BCR ZI . 67.53 -0.37 -11.00
C20 BCR ZI . 66.25 -0.64 -10.80
C21 BCR ZI . 65.39 -0.88 -11.93
C22 BCR ZI . 64.09 -1.19 -11.87
C23 BCR ZI . 63.22 -0.70 -12.93
C24 BCR ZI . 62.10 -1.32 -13.32
C25 BCR ZI . 61.15 -0.92 -14.36
C26 BCR ZI . 61.37 -1.15 -15.67
C27 BCR ZI . 60.47 -0.81 -16.78
C28 BCR ZI . 59.05 -0.55 -16.31
C29 BCR ZI . 59.08 0.29 -15.07
C30 BCR ZI . 59.85 -0.32 -13.92
C35 BCR ZI . 74.40 2.25 -10.08
C36 BCR ZI . 68.04 -0.79 -8.59
C37 BCR ZI . 63.48 -1.67 -10.62
C38 BCR ZI . 62.60 -1.76 -16.20
C39 BCR ZI . 59.02 -1.37 -13.21
C40 BCR ZI . 60.03 0.83 -12.94
MG CLA AJ . 79.81 1.08 -10.67
CHA CLA AJ . 82.47 2.41 -12.45
CHB CLA AJ . 81.09 2.36 -7.81
CHC CLA AJ . 77.07 -0.11 -9.01
CHD CLA AJ . 78.53 -0.25 -13.68
NA CLA AJ . 81.53 2.18 -10.23
C1A CLA AJ . 82.52 2.64 -11.10
C2A CLA AJ . 83.60 3.42 -10.34
C3A CLA AJ . 83.19 3.24 -8.86
C4A CLA AJ . 81.84 2.55 -8.95
CMA CLA AJ . 84.19 2.43 -8.09
CAA CLA AJ . 83.62 4.89 -10.68
CBA CLA AJ . 84.69 5.66 -9.94
CGA CLA AJ . 86.04 5.28 -10.45
O1A CLA AJ . 86.47 5.37 -11.59
O2A CLA AJ . 86.86 4.77 -9.49
NB CLA AJ . 79.24 1.03 -8.76
C1B CLA AJ . 79.83 1.73 -7.76
C2B CLA AJ . 78.96 1.75 -6.56
C3B CLA AJ . 77.83 1.04 -6.90
C4B CLA AJ . 77.98 0.60 -8.30
CMB CLA AJ . 79.36 2.45 -5.36
CAB CLA AJ . 76.63 0.74 -6.16
CBB CLA AJ . 76.55 0.34 -4.90
NC CLA AJ . 78.13 -0.01 -11.25
C1C CLA AJ . 77.14 -0.41 -10.39
C2C CLA AJ . 76.12 -1.14 -11.11
C3C CLA AJ . 76.52 -1.16 -12.45
C4C CLA AJ . 77.79 -0.46 -12.51
CMC CLA AJ . 74.91 -1.68 -10.52
CAC CLA AJ . 75.80 -1.76 -13.58
CBC CLA AJ . 76.26 -3.14 -13.95
ND CLA AJ . 80.29 1.09 -12.63
C1D CLA AJ . 79.69 0.48 -13.76
C2D CLA AJ . 80.51 0.77 -14.94
C3D CLA AJ . 81.56 1.53 -14.50
C4D CLA AJ . 81.40 1.68 -13.05
CMD CLA AJ . 80.19 0.32 -16.29
CAD CLA AJ . 82.76 2.22 -14.88
OBD CLA AJ . 83.24 2.40 -15.99
CBD CLA AJ . 83.41 2.75 -13.58
CGD CLA AJ . 84.76 2.13 -13.32
O1D CLA AJ . 85.08 1.40 -12.39
O2D CLA AJ . 85.71 2.44 -14.24
CED CLA AJ . 86.99 2.78 -13.71
C1 BCR BJ . 73.14 10.95 -19.41
C2 BCR BJ . 74.24 9.95 -19.24
C3 BCR BJ . 75.03 10.23 -18.00
C4 BCR BJ . 75.68 11.59 -18.09
C5 BCR BJ . 74.72 12.62 -18.53
C6 BCR BJ . 73.54 12.36 -19.11
C7 BCR BJ . 72.63 13.43 -19.54
C8 BCR BJ . 71.72 13.98 -18.71
C9 BCR BJ . 70.91 15.13 -19.06
C10 BCR BJ . 70.54 15.97 -18.08
C11 BCR BJ . 69.27 16.66 -18.09
C33 BCR BJ . 75.19 13.98 -18.24
C31 BCR BJ . 72.01 10.46 -18.52
C32 BCR BJ . 72.68 10.85 -20.84
C34 BCR BJ . 70.14 15.03 -20.31
C12 BCR BJ . 69.05 17.71 -17.30
C13 BCR BJ . 67.96 18.63 -17.52
C14 BCR BJ . 67.46 19.32 -16.49
C15 BCR BJ . 68.00 19.36 -15.17
C16 BCR BJ . 67.40 20.10 -14.24
C17 BCR BJ . 68.11 20.46 -13.03
C18 BCR BJ . 67.59 21.10 -11.99
C19 BCR BJ . 68.40 21.23 -10.79
C20 BCR BJ . 67.97 21.86 -9.71
C21 BCR BJ . 68.86 21.99 -8.58
C22 BCR BJ . 68.47 22.12 -7.30
C23 BCR BJ . 69.47 21.87 -6.27
C24 BCR BJ . 69.44 22.48 -5.09
C25 BCR BJ . 70.23 22.13 -3.91
C26 BCR BJ . 71.50 22.55 -3.75
C27 BCR BJ . 72.38 22.26 -2.59
C28 BCR BJ . 71.59 21.86 -1.39
C29 BCR BJ . 70.54 20.85 -1.77
C30 BCR BJ . 69.56 21.34 -2.82
C35 BCR BJ . 67.56 18.95 -18.90
C36 BCR BJ . 66.19 21.53 -11.94
C37 BCR BJ . 67.20 22.74 -6.92
C38 BCR BJ . 72.24 23.35 -4.74
C39 BCR BJ . 68.47 22.19 -2.19
C40 BCR BJ . 68.87 20.08 -3.31
MG CLA CJ . 73.45 2.92 3.59
CHA CLA CJ . 76.32 3.08 5.48
CHB CLA CJ . 74.01 6.05 2.46
CHC CLA CJ . 70.85 2.51 1.42
CHD CLA CJ . 72.83 -0.30 4.91
NA CLA CJ . 74.93 4.33 3.94
C1A CLA CJ . 76.07 4.19 4.73
C2A CLA CJ . 76.90 5.46 4.65
C3A CLA CJ . 75.99 6.46 3.92
C4A CLA CJ . 74.91 5.56 3.36
CMA CLA CJ . 75.43 7.44 4.90
CAA CLA CJ . 78.00 5.18 3.65
CBA CLA CJ . 79.37 4.96 4.21
CGA CLA CJ . 80.29 4.76 3.05
O1A CLA CJ . 80.79 3.72 2.64
O2A CLA CJ . 80.55 5.93 2.40
NB CLA CJ . 72.68 4.02 2.11
C1B CLA CJ . 72.94 5.33 1.91
C2B CLA CJ . 71.89 5.93 1.04
C3B CLA CJ . 71.02 4.94 0.75
C4B CLA CJ . 71.49 3.71 1.42
CMB CLA CJ . 71.85 7.33 0.67
CAB CLA CJ . 69.82 4.99 -0.04
CBB CLA CJ . 69.78 5.03 -1.37
NC CLA CJ . 72.07 1.40 3.27
C1C CLA CJ . 71.11 1.44 2.31
C2C CLA CJ . 70.39 0.19 2.30
C3C CLA CJ . 70.92 -0.60 3.31
C4C CLA CJ . 71.99 0.17 3.89
CMC CLA CJ . 69.29 -0.09 1.38
CAC CLA CJ . 70.52 -1.96 3.70
CBC CLA CJ . 71.22 -3.04 2.91
ND CLA CJ . 74.21 1.72 5.03
C1D CLA CJ . 73.88 0.41 5.44
C2D CLA CJ . 74.82 -0.01 6.49
C3D CLA CJ . 75.79 0.97 6.54
C4D CLA CJ . 75.38 2.00 5.58
CMD CLA CJ . 74.70 -1.27 7.22
CAD CLA CJ . 76.98 1.45 7.20
OBD CLA CJ . 77.57 0.99 8.17
CBD CLA CJ . 77.43 2.73 6.45
CGD CLA CJ . 77.75 3.85 7.39
O1D CLA CJ . 78.78 4.49 7.46
O2D CLA CJ . 76.74 4.18 8.24
CED CLA CJ . 76.32 5.54 8.27
C1 CLA CJ . 81.88 6.16 1.89
C2 CLA CJ . 81.86 5.75 0.47
C3 CLA CJ . 82.77 6.15 -0.44
C4 CLA CJ . 83.89 7.05 -0.11
C5 CLA CJ . 82.64 5.68 -1.84
C6 CLA CJ . 83.97 5.29 -2.47
C7 CLA CJ . 83.74 4.73 -3.86
C8 CLA CJ . 84.99 4.83 -4.73
C9 CLA CJ . 86.10 4.00 -4.11
C10 CLA CJ . 85.43 6.28 -4.86
C11 CLA CJ . 86.03 6.56 -6.21
C12 CLA CJ . 86.51 7.99 -6.33
C13 CLA CJ . 86.09 8.61 -7.66
MG CLA DJ . 90.46 -8.43 0.42
CHA CLA DJ . 93.04 -8.32 2.73
CHB CLA DJ . 91.40 -5.40 -0.78
CHC CLA DJ . 88.00 -8.68 -1.96
CHD CLA DJ . 89.48 -11.55 1.73
NA CLA DJ . 91.98 -7.10 0.92
C1A CLA DJ . 92.97 -7.22 1.91
C2A CLA DJ . 93.88 -6.01 1.91
C3A CLA DJ . 93.23 -5.05 0.88
C4A CLA DJ . 92.12 -5.90 0.28
CMA CLA DJ . 92.68 -3.82 1.54
CAA CLA DJ . 95.25 -6.37 1.35
CBA CLA DJ . 96.38 -5.80 2.16
CGA CLA DJ . 97.67 -6.42 1.76
O1A CLA DJ . 98.71 -6.55 2.42
O2A CLA DJ . 97.66 -6.89 0.48
NB CLA DJ . 89.83 -7.27 -1.08
C1B CLA DJ . 90.34 -6.06 -1.42
C2B CLA DJ . 89.59 -5.49 -2.56
C3B CLA DJ . 88.62 -6.42 -2.91
C4B CLA DJ . 88.76 -7.56 -1.97
CMB CLA DJ . 89.90 -4.19 -3.15
CAB CLA DJ . 87.62 -6.38 -3.94
CBB CLA DJ . 87.87 -6.35 -5.24
NC CLA DJ . 89.01 -9.86 -0.02
C1C CLA DJ . 88.11 -9.77 -1.04
C2C CLA DJ . 87.25 -10.94 -1.07
C3C CLA DJ . 87.66 -11.75 -0.01
C4C CLA DJ . 88.76 -11.06 0.64
CMC CLA DJ . 86.18 -11.17 -2.03
CAC CLA DJ . 87.09 -13.04 0.40
CBC CLA DJ . 87.84 -14.23 -0.16
ND CLA DJ . 91.05 -9.67 1.90
C1D CLA DJ . 90.55 -10.93 2.33
C2D CLA DJ . 91.37 -11.39 3.46
C3D CLA DJ . 92.35 -10.44 3.65
C4D CLA DJ . 92.10 -9.39 2.65
CMD CLA DJ . 91.14 -12.65 4.18
CAD CLA DJ . 93.48 -10.04 4.45
OBD CLA DJ . 94.00 -10.62 5.40
CBD CLA DJ . 93.97 -8.68 3.88
CGD CLA DJ . 94.04 -7.62 4.93
O1D CLA DJ . 94.65 -6.55 4.89
O2D CLA DJ . 93.32 -7.88 6.04
CED CLA DJ . 94.00 -7.80 7.29
MG CLA EJ . 88.17 14.92 0.81
CHA CLA EJ . 89.92 16.42 3.41
CHB CLA EJ . 86.72 17.89 0.07
CHC CLA EJ . 86.46 13.38 -1.72
CHD CLA EJ . 89.59 11.82 1.72
NA CLA EJ . 88.33 16.84 1.62
C1A CLA EJ . 89.12 17.26 2.69
C2A CLA EJ . 88.92 18.76 2.94
C3A CLA EJ . 87.78 19.13 1.98
C4A CLA EJ . 87.60 17.89 1.13
CMA CLA EJ . 86.52 19.46 2.73
CAA CLA EJ . 90.16 19.56 2.55
NB CLA EJ . 86.78 15.50 -0.52
C1B CLA EJ . 86.44 16.79 -0.76
C2B CLA EJ . 85.67 16.89 -2.03
C3B CLA EJ . 85.59 15.62 -2.54
C4B CLA EJ . 86.30 14.72 -1.59
CMB CLA EJ . 85.16 18.14 -2.58
CAB CLA EJ . 84.99 15.16 -3.74
CBB CLA EJ . 83.78 14.59 -3.80
NC CLA EJ . 88.06 12.96 0.13
C1C CLA EJ . 87.29 12.56 -0.92
C2C CLA EJ . 87.43 11.12 -1.13
C3C CLA EJ . 88.33 10.67 -0.16
C4C CLA EJ . 88.71 11.83 0.63
CMC CLA EJ . 86.75 10.35 -2.17
CAC CLA EJ . 88.78 9.29 0.04
CBC CLA EJ . 90.09 9.04 -0.66
ND CLA EJ . 89.54 14.24 2.13
C1D CLA EJ . 89.99 12.92 2.43
C2D CLA EJ . 90.92 12.98 3.58
C3D CLA EJ . 90.94 14.30 3.99
C4D CLA EJ . 90.04 15.04 3.08
CMD CLA EJ . 91.62 11.83 4.13
CAD CLA EJ . 91.48 15.27 4.92
OBD CLA EJ . 92.33 15.11 5.79
CBD CLA EJ . 90.78 16.63 4.64
C1 BCR FJ . 74.99 0.06 -0.17
C2 BCR FJ . 74.83 1.53 0.18
C3 BCR FJ . 75.86 2.10 1.10
C4 BCR FJ . 76.32 1.14 2.15
C5 BCR FJ . 76.78 -0.10 1.50
C6 BCR FJ . 76.19 -0.62 0.43
C7 BCR FJ . 76.68 -1.83 -0.22
C8 BCR FJ . 76.26 -3.05 0.12
C9 BCR FJ . 76.90 -4.27 -0.35
C10 BCR FJ . 76.26 -5.43 -0.18
C11 BCR FJ . 76.89 -6.73 -0.24
C33 BCR FJ . 77.97 -0.70 2.12
C31 BCR FJ . 75.02 -0.02 -1.67
C32 BCR FJ . 73.71 -0.61 0.31
C34 BCR FJ . 78.32 -4.19 -0.72
C12 BCR FJ . 76.13 -7.81 -0.24
C13 BCR FJ . 76.61 -9.15 -0.46
C14 BCR FJ . 75.74 -10.07 -0.90
C15 BCR FJ . 75.96 -11.50 -0.78
C16 BCR FJ . 74.91 -12.32 -0.71
C17 BCR FJ . 75.18 -13.73 -0.64
C18 BCR FJ . 74.28 -14.69 -0.39
C19 BCR FJ . 74.60 -16.02 -0.85
C20 BCR FJ . 73.95 -17.12 -0.49
C21 BCR FJ . 74.20 -18.31 -1.25
C22 BCR FJ . 73.88 -19.57 -0.91
C23 BCR FJ . 74.18 -20.59 -1.90
C24 BCR FJ . 74.44 -21.88 -1.61
C25 BCR FJ . 75.10 -22.86 -2.48
C26 BCR FJ . 76.42 -22.97 -2.53
C27 BCR FJ . 77.17 -23.94 -3.36
C28 BCR FJ . 76.34 -25.17 -3.57
C29 BCR FJ . 75.00 -24.77 -4.12
C30 BCR FJ . 74.22 -23.77 -3.28
C35 BCR FJ . 77.98 -9.52 -0.08
C36 BCR FJ . 72.91 -14.38 0.01
C37 BCR FJ . 72.99 -19.86 0.22
C38 BCR FJ . 77.36 -22.13 -1.76
C39 BCR FJ . 73.24 -24.48 -2.37
C40 BCR FJ . 73.39 -23.02 -4.31
C1 BCR GJ . 85.23 -8.70 6.30
C2 BCR GJ . 85.64 -8.55 7.75
C3 BCR GJ . 85.83 -9.91 8.36
C4 BCR GJ . 86.96 -10.62 7.69
C5 BCR GJ . 86.89 -10.50 6.21
C6 BCR GJ . 86.10 -9.65 5.56
C7 BCR GJ . 86.10 -9.57 4.10
C8 BCR GJ . 85.22 -10.21 3.33
C9 BCR GJ . 84.69 -9.64 2.11
C10 BCR GJ . 83.54 -10.11 1.63
C11 BCR GJ . 83.16 -10.08 0.24
C33 BCR GJ . 87.78 -11.44 5.51
C31 BCR GJ . 85.26 -7.33 5.67
C32 BCR GJ . 83.79 -9.12 6.32
C34 BCR GJ . 85.60 -8.88 1.25
C12 BCR GJ . 82.04 -10.69 -0.12
C13 BCR GJ . 81.56 -10.80 -1.47
C14 BCR GJ . 80.49 -11.57 -1.70
C15 BCR GJ . 79.89 -11.77 -2.98
C16 BCR GJ . 79.08 -12.82 -3.18
C17 BCR GJ . 78.72 -13.14 -4.53
C18 BCR GJ . 77.77 -13.99 -4.91
C19 BCR GJ . 77.62 -14.26 -6.32
C20 BCR GJ . 76.95 -15.31 -6.79
C21 BCR GJ . 76.99 -15.58 -8.21
C22 BCR GJ . 76.47 -16.65 -8.82
C23 BCR GJ . 76.77 -16.86 -10.23
C24 BCR GJ . 75.90 -17.42 -11.07
C25 BCR GJ . 76.19 -18.13 -12.30
C26 BCR GJ . 76.40 -19.45 -12.32
C27 BCR GJ . 76.68 -20.26 -13.52
C28 BCR GJ . 75.99 -19.66 -14.72
C29 BCR GJ . 76.35 -18.21 -14.84
C30 BCR GJ . 76.17 -17.36 -13.58
C35 BCR GJ . 82.05 -9.86 -2.50
C36 BCR GJ . 77.15 -14.91 -3.94
C37 BCR GJ . 75.35 -17.40 -8.21
C38 BCR GJ . 76.41 -20.29 -11.11
C39 BCR GJ . 74.90 -16.55 -13.64
C40 BCR GJ . 77.32 -16.37 -13.67
C1 BCR HJ . 65.37 12.17 -0.87
C2 BCR HJ . 64.17 12.00 -1.77
C3 BCR HJ . 64.41 12.60 -3.12
C4 BCR HJ . 65.59 11.90 -3.73
C5 BCR HJ . 66.77 12.03 -2.87
C6 BCR HJ . 66.70 12.13 -1.54
C7 BCR HJ . 67.89 12.32 -0.71
C8 BCR HJ . 68.70 11.35 -0.26
C9 BCR HJ . 69.81 11.65 0.61
C10 BCR HJ . 70.94 10.93 0.56
C11 BCR HJ . 71.88 10.91 1.65
C33 BCR HJ . 68.04 12.03 -3.63
C31 BCR HJ . 65.20 11.09 0.17
C32 BCR HJ . 65.21 13.51 -0.19
C34 BCR HJ . 69.76 12.90 1.37
C12 BCR HJ . 73.18 10.67 1.43
C13 BCR HJ . 74.17 10.49 2.46
C14 BCR HJ . 75.38 10.05 2.12
C15 BCR HJ . 76.58 10.26 2.90
C16 BCR HJ . 77.76 9.83 2.45
C17 BCR HJ . 78.96 10.14 3.17
C18 BCR HJ . 80.20 10.21 2.65
C19 BCR HJ . 81.34 10.12 3.52
C20 BCR HJ . 82.60 10.16 3.08
C21 BCR HJ . 83.66 10.45 4.01
C22 BCR HJ . 84.96 10.30 3.77
C23 BCR HJ . 85.90 10.59 4.85
C24 BCR HJ . 87.23 10.58 4.67
C25 BCR HJ . 88.23 10.44 5.73
C26 BCR HJ . 88.73 11.51 6.36
C27 BCR HJ . 89.75 11.49 7.44
C28 BCR HJ . 90.03 10.09 7.95
C29 BCR HJ . 90.04 9.12 6.80
C30 BCR HJ . 88.71 9.07 6.06
C35 BCR HJ . 73.91 11.04 3.80
C36 BCR HJ . 80.44 10.37 1.20
C37 BCR HJ . 85.48 10.11 2.40
C38 BCR HJ . 88.32 12.89 6.07
C39 BCR HJ . 87.70 8.28 6.87
C40 BCR HJ . 88.99 8.26 4.80
MG CLA IJ . 70.16 -72.71 5.22
CHA CLA IJ . 68.87 -75.66 6.54
CHB CLA IJ . 71.36 -74.42 2.55
CHC CLA IJ . 71.32 -69.75 3.95
CHD CLA IJ . 68.88 -70.98 8.03
NA CLA IJ . 70.11 -74.72 4.66
C1A CLA IJ . 69.50 -75.80 5.33
C2A CLA IJ . 69.72 -77.10 4.56
C3A CLA IJ . 70.60 -76.67 3.37
C4A CLA IJ . 70.70 -75.15 3.52
CMA CLA IJ . 71.96 -77.32 3.43
CAA CLA IJ . 68.43 -77.71 4.03
CBA CLA IJ . 67.77 -76.89 2.96
CGA CLA IJ . 66.46 -77.50 2.58
O1A CLA IJ . 65.45 -77.60 3.26
O2A CLA IJ . 66.44 -77.98 1.31
NB CLA IJ . 71.17 -72.18 3.57
C1B CLA IJ . 71.54 -73.02 2.58
C2B CLA IJ . 72.20 -72.25 1.49
C3B CLA IJ . 72.19 -70.94 1.88
C4B CLA IJ . 71.54 -70.87 3.21
CMB CLA IJ . 72.72 -72.87 0.27
CAB CLA IJ . 72.68 -69.77 1.20
CBB CLA IJ . 73.77 -69.08 1.54
NC CLA IJ . 70.11 -70.73 5.87
C1C CLA IJ . 70.65 -69.69 5.20
C2C CLA IJ . 70.46 -68.45 5.95
C3C CLA IJ . 69.74 -68.79 7.09
C4C CLA IJ . 69.53 -70.22 7.04
CMC CLA IJ . 70.93 -67.14 5.54
CAC CLA IJ . 69.30 -67.90 8.17
CBC CLA IJ . 67.86 -67.48 8.02
ND CLA IJ . 69.12 -73.13 6.90
C1D CLA IJ . 68.68 -72.33 7.98
C2D CLA IJ . 68.04 -73.18 8.98
C3D CLA IJ . 68.08 -74.46 8.49
C4D CLA IJ . 68.76 -74.39 7.18
CMD CLA IJ . 67.51 -72.72 10.26
CAD CLA IJ . 67.78 -75.84 8.74
OBD CLA IJ . 67.28 -76.32 9.74
CBD CLA IJ . 68.22 -76.65 7.49
MG CLA JJ . 53.71 -65.87 11.41
CHA CLA JJ . 53.96 -63.05 13.38
CHB CLA JJ . 52.12 -67.50 13.92
CHC CLA JJ . 53.56 -68.67 9.44
CHD CLA JJ . 55.36 -64.15 8.79
NA CLA JJ . 53.12 -65.32 13.34
C1A CLA JJ . 53.30 -64.09 13.98
C2A CLA JJ . 52.71 -64.14 15.40
C3A CLA JJ . 52.07 -65.54 15.47
C4A CLA JJ . 52.46 -66.19 14.14
CMA CLA JJ . 52.55 -66.36 16.64
CAA CLA JJ . 51.63 -63.12 15.75
CBA CLA JJ . 50.70 -62.82 14.60
CGA CLA JJ . 49.53 -62.02 15.09
O1A CLA JJ . 48.94 -62.11 16.15
O2A CLA JJ . 49.08 -61.10 14.18
NB CLA JJ . 53.01 -67.74 11.64
C1B CLA JJ . 52.39 -68.22 12.74
C2B CLA JJ . 52.03 -69.64 12.55
C3B CLA JJ . 52.43 -69.98 11.27
C4B CLA JJ . 53.05 -68.77 10.69
CMB CLA JJ . 51.33 -70.44 13.55
CAB CLA JJ . 52.28 -71.23 10.58
CBB CLA JJ . 53.26 -72.10 10.28
NC CLA JJ . 54.33 -66.30 9.47
C1C CLA JJ . 54.15 -67.51 8.87
C2C CLA JJ . 54.67 -67.48 7.52
C3C CLA JJ . 55.20 -66.21 7.32
C4C CLA JJ . 54.96 -65.48 8.56
CMC CLA JJ . 54.64 -68.61 6.61
CAC CLA JJ . 55.85 -65.70 6.11
CBC CLA JJ . 54.88 -65.17 5.09
ND CLA JJ . 54.42 -64.02 11.06
C1D CLA JJ . 55.11 -63.46 9.96
C2D CLA JJ . 55.50 -62.08 10.30
C3D CLA JJ . 55.09 -61.89 11.60
C4D CLA JJ . 54.44 -63.13 12.03
CMD CLA JJ . 56.21 -61.17 9.41
CAD CLA JJ . 55.05 -60.95 12.69
OBD CLA JJ . 55.44 -59.80 12.74
CBD CLA JJ . 54.36 -61.68 13.88
CGD CLA JJ . 55.28 -61.83 15.04
O1D CLA JJ . 56.16 -62.68 15.18
O2D CLA JJ . 55.10 -60.94 16.05
CED CLA JJ . 56.00 -61.01 17.13
C1 CLA JJ . 47.65 -61.02 14.06
C2 CLA JJ . 47.29 -59.63 13.73
C3 CLA JJ . 46.07 -59.33 13.27
C4 CLA JJ . 45.66 -57.95 12.92
C1 BCR KJ . 65.06 -64.56 5.56
C2 BCR KJ . 64.82 -64.20 7.01
C3 BCR KJ . 65.69 -63.06 7.43
C4 BCR KJ . 67.14 -63.45 7.29
C5 BCR KJ . 67.43 -64.05 5.97
C6 BCR KJ . 66.50 -64.58 5.16
C7 BCR KJ . 66.83 -65.14 3.84
C8 BCR KJ . 67.34 -66.37 3.63
C9 BCR KJ . 67.32 -67.00 2.33
C10 BCR KJ . 67.92 -68.19 2.16
C11 BCR KJ . 67.99 -68.88 0.90
C33 BCR KJ . 68.87 -63.99 5.65
C31 BCR KJ . 64.30 -63.54 4.74
C32 BCR KJ . 64.38 -65.90 5.38
C34 BCR KJ . 66.66 -66.31 1.22
C12 BCR KJ . 68.92 -69.82 0.72
C13 BCR KJ . 68.91 -70.77 -0.36
C14 BCR KJ . 69.10 -72.06 -0.08
C15 BCR KJ . 69.30 -73.09 -1.07
C16 BCR KJ . 69.53 -74.35 -0.69
C17 BCR KJ . 69.56 -75.37 -1.70
C18 BCR KJ . 69.69 -76.68 -1.49
C19 BCR KJ . 69.85 -77.55 -2.63
C20 BCR KJ . 70.32 -78.79 -2.52
C21 BCR KJ . 70.35 -79.63 -3.69
C22 BCR KJ . 71.00 -80.79 -3.80
C23 BCR KJ . 70.80 -81.57 -5.02
C24 BCR KJ . 71.48 -82.68 -5.31
C25 BCR KJ . 71.60 -83.33 -6.61
C26 BCR KJ . 72.57 -82.98 -7.47
C27 BCR KJ . 72.79 -83.59 -8.79
C28 BCR KJ . 72.30 -85.02 -8.81
C29 BCR KJ . 70.88 -85.05 -8.31
C30 BCR KJ . 70.65 -84.44 -6.94
C35 BCR KJ . 68.96 -70.30 -1.75
C36 BCR KJ . 69.86 -77.22 -0.14
C37 BCR KJ . 72.05 -81.19 -2.86
C38 BCR KJ . 73.55 -81.92 -7.21
C39 BCR KJ . 70.73 -85.49 -5.85
C40 BCR KJ . 69.19 -83.99 -6.99
C1 BCR LJ . 18.14 3.28 4.58
C2 BCR LJ . 17.41 4.23 5.50
C3 BCR LJ . 16.28 4.90 4.78
C4 BCR LJ . 15.29 3.85 4.37
C5 BCR LJ . 15.93 2.77 3.60
C6 BCR LJ . 17.23 2.45 3.69
C7 BCR LJ . 17.84 1.38 2.90
C8 BCR LJ . 17.81 0.10 3.32
C9 BCR LJ . 18.38 -1.03 2.61
C10 BCR LJ . 17.86 -2.23 2.87
C11 BCR LJ . 18.25 -3.46 2.24
C33 BCR LJ . 14.98 2.05 2.73
C31 BCR LJ . 19.02 2.48 5.51
C32 BCR LJ . 19.03 4.10 3.69
C34 BCR LJ . 19.35 -0.78 1.54
C12 BCR LJ . 18.41 -4.51 3.03
C13 BCR LJ . 18.80 -5.82 2.60
C14 BCR LJ . 18.57 -6.83 3.44
C15 BCR LJ . 18.85 -8.21 3.17
C16 BCR LJ . 18.03 -9.16 3.65
C17 BCR LJ . 18.56 -10.48 3.84
C18 BCR LJ . 18.10 -11.36 4.73
C19 BCR LJ . 18.60 -12.71 4.65
C20 BCR LJ . 18.77 -13.51 5.69
C21 BCR LJ . 19.42 -14.77 5.47
C22 BCR LJ . 19.55 -15.73 6.38
C23 BCR LJ . 20.77 -16.51 6.41
C24 BCR LJ . 20.91 -17.72 6.98
C25 BCR LJ . 21.97 -18.68 6.74
C26 BCR LJ . 22.02 -19.46 5.64
C27 BCR LJ . 23.06 -20.46 5.35
C28 BCR LJ . 24.36 -20.01 5.96
C29 BCR LJ . 24.16 -19.80 7.42
C30 BCR LJ . 23.04 -18.84 7.81
C35 BCR LJ . 19.77 -5.95 1.49
C36 BCR LJ . 17.10 -10.99 5.74
C37 BCR LJ . 18.61 -15.78 7.51
C38 BCR LJ . 21.03 -19.43 4.55
C39 BCR LJ . 23.63 -17.51 8.26
C40 BCR LJ . 22.47 -19.48 9.06
C1 BCR MJ . 14.26 -14.87 9.96
C2 BCR MJ . 13.12 -14.07 10.57
C3 BCR MJ . 11.91 -14.19 9.69
C4 BCR MJ . 11.46 -15.63 9.60
C5 BCR MJ . 12.59 -16.59 9.63
C6 BCR MJ . 13.87 -16.29 9.77
C7 BCR MJ . 14.93 -17.30 9.85
C8 BCR MJ . 15.62 -17.73 8.79
C9 BCR MJ . 16.68 -18.71 8.87
C10 BCR MJ . 16.91 -19.48 7.82
C11 BCR MJ . 17.99 -20.41 7.66
C33 BCR MJ . 12.13 -17.98 9.49
C31 BCR MJ . 15.40 -14.76 10.95
C32 BCR MJ . 14.70 -14.21 8.66
C34 BCR MJ . 17.63 -18.65 10.00
C12 BCR MJ . 17.89 -21.29 6.65
C13 BCR MJ . 18.90 -22.20 6.21
C14 BCR MJ . 18.75 -22.84 5.05
C15 BCR MJ . 19.42 -24.08 4.75
C16 BCR MJ . 19.37 -24.57 3.53
C17 BCR MJ . 19.86 -25.91 3.27
C18 BCR MJ . 19.89 -26.52 2.08
C19 BCR MJ . 20.65 -27.74 2.00
C20 BCR MJ . 20.67 -28.50 0.91
C21 BCR MJ . 21.21 -29.83 0.99
C22 BCR MJ . 21.24 -30.72 -0.01
C23 BCR MJ . 20.14 -30.72 -0.96
C24 BCR MJ . 19.95 -31.68 -1.88
C25 BCR MJ . 18.72 -31.98 -2.62
C26 BCR MJ . 17.76 -32.76 -2.12
C27 BCR MJ . 16.49 -33.13 -2.78
C28 BCR MJ . 16.12 -32.13 -3.84
C29 BCR MJ . 17.31 -31.90 -4.72
C30 BCR MJ . 18.56 -31.41 -4.00
C35 BCR MJ . 20.16 -22.33 6.94
C36 BCR MJ . 18.85 -26.26 1.06
C37 BCR MJ . 22.06 -31.94 0.10
C38 BCR MJ . 17.82 -33.39 -0.77
C39 BCR MJ . 18.58 -29.90 -4.00
C40 BCR MJ . 19.70 -31.86 -4.90
O1 LHG NJ . 8.39 1.12 -21.44
C1 LHG NJ . 8.66 1.60 -20.13
C2 LHG NJ . 8.77 0.41 -19.20
O2 LHG NJ . 9.39 -0.68 -19.83
C3 LHG NJ . 7.44 -0.10 -18.72
O3 LHG NJ . 7.74 -0.29 -17.37
P LHG NJ . 7.01 0.53 -16.21
O4 LHG NJ . 6.70 -0.47 -15.15
O5 LHG NJ . 6.20 1.56 -16.92
O6 LHG NJ . 8.37 1.25 -15.64
C4 LHG NJ . 8.28 2.39 -14.85
C5 LHG NJ . 8.61 1.87 -13.46
C6 LHG NJ . 7.33 1.49 -12.67
O7 LHG NJ . 9.46 0.74 -13.63
C7 LHG NJ . 10.77 0.99 -13.37
O9 LHG NJ . 11.14 2.02 -12.86
C8 LHG NJ . 11.61 -0.25 -13.47
C9 LHG NJ . 13.05 0.10 -13.77
C10 LHG NJ . 13.86 0.17 -12.50
O8 LHG NJ . 7.72 0.43 -11.78
C23 LHG NJ . 7.94 0.76 -10.48
O10 LHG NJ . 7.85 1.91 -10.17
C24 LHG NJ . 8.76 -0.13 -9.59
C11 LHG NJ . 15.29 0.01 -12.97
C12 LHG NJ . 16.24 0.19 -11.82
C13 LHG NJ . 16.77 1.60 -11.79
C14 LHG NJ . 16.93 2.13 -10.39
C15 LHG NJ . 18.28 1.70 -9.92
C16 LHG NJ . 18.92 2.79 -9.12
C17 LHG NJ . 18.50 2.75 -7.68
C18 LHG NJ . 19.51 1.84 -7.03
C19 LHG NJ . 20.76 2.51 -6.57
C20 LHG NJ . 20.38 3.10 -5.22
C21 LHG NJ . 20.69 4.57 -5.21
C22 LHG NJ . 20.77 5.02 -3.76
C25 LHG NJ . 10.00 0.50 -9.04
C26 LHG NJ . 10.95 -0.43 -8.30
C27 LHG NJ . 12.30 0.17 -8.54
C28 LHG NJ . 13.45 -0.75 -8.40
C29 LHG NJ . 14.55 0.06 -7.78
C30 LHG NJ . 14.62 -0.01 -6.30
C31 LHG NJ . 15.88 0.54 -5.71
C32 LHG NJ . 15.84 0.69 -4.22
C1 BCR OJ . -5.28 -23.81 5.06
C2 BCR OJ . -6.27 -24.85 5.56
C3 BCR OJ . -5.61 -25.78 6.54
C4 BCR OJ . -5.16 -24.99 7.74
C5 BCR OJ . -4.43 -23.77 7.37
C6 BCR OJ . -4.48 -23.19 6.16
C7 BCR OJ . -3.70 -21.98 5.85
C8 BCR OJ . -4.11 -20.73 6.13
C9 BCR OJ . -3.29 -19.56 5.90
C10 BCR OJ . -3.89 -18.37 5.83
C11 BCR OJ . -3.18 -17.12 5.80
C33 BCR OJ . -3.64 -23.23 8.50
C31 BCR OJ . -6.09 -22.85 4.22
C32 BCR OJ . -4.35 -24.51 4.10
C34 BCR OJ . -1.84 -19.71 5.77
C12 BCR OJ . -3.86 -15.96 5.74
C13 BCR OJ . -3.25 -14.65 5.72
C14 BCR OJ . -4.05 -13.60 5.48
C15 BCR OJ . -3.70 -12.22 5.44
C16 BCR OJ . -4.65 -11.30 5.25
C17 BCR OJ . -4.32 -9.91 5.24
C18 BCR OJ . -5.21 -8.91 5.14
C19 BCR OJ . -4.71 -7.59 4.81
C20 BCR OJ . -5.42 -6.69 4.14
C21 BCR OJ . -4.76 -5.43 3.86
C22 BCR OJ . -5.35 -4.30 3.46
C23 BCR OJ . -4.48 -3.18 3.18
C24 BCR OJ . -4.82 -2.17 2.37
C25 BCR OJ . -3.99 -1.02 2.00
C26 BCR OJ . -3.15 -1.06 0.95
C27 BCR OJ . -2.30 0.03 0.48
C28 BCR OJ . -2.88 1.37 0.86
C29 BCR OJ . -3.21 1.37 2.33
C30 BCR OJ . -4.15 0.26 2.78
C35 BCR OJ . -1.95 -14.44 6.37
C36 BCR OJ . -6.66 -9.14 5.15
C37 BCR OJ . -6.68 -4.35 2.82
C38 BCR OJ . -2.97 -2.27 0.12
C39 BCR OJ . -5.59 0.70 2.69
C40 BCR OJ . -3.84 0.11 4.26
O6 SQD PJ . 1.96 -12.04 -11.92
C44 SQD PJ . 1.62 -11.06 -10.98
C45 SQD PJ . 2.62 -10.82 -9.84
C46 SQD PJ . 3.05 -12.12 -9.15
O47 SQD PJ . 3.72 -10.04 -10.19
C7 SQD PJ . 4.03 -8.85 -9.51
O49 SQD PJ . 3.12 -8.11 -9.22
C8 SQD PJ . 5.39 -8.23 -9.81
C9 SQD PJ . 5.67 -7.09 -8.84
C10 SQD PJ . 6.23 -7.69 -7.57
C11 SQD PJ . 6.52 -6.53 -6.63
C12 SQD PJ . 5.93 -6.82 -5.27
C13 SQD PJ . 5.43 -5.49 -4.74
C14 SQD PJ . 5.56 -5.44 -3.22
C15 SQD PJ . 4.28 -4.85 -2.67
C16 SQD PJ . 4.51 -4.40 -1.23
C17 SQD PJ . 5.02 -2.96 -1.24
C18 SQD PJ . 6.35 -2.87 -0.47
C19 SQD PJ . 6.48 -1.51 0.22
C20 SQD PJ . 6.21 -1.64 1.70
C21 SQD PJ . 7.32 -0.96 2.47
C22 SQD PJ . 6.74 0.01 3.47
O48 SQD PJ . 4.35 -11.94 -8.62
C23 SQD PJ . 4.64 -12.35 -7.30
O10 SQD PJ . 4.99 -13.51 -7.15
C24 SQD PJ . 5.21 -11.34 -6.34
C25 SQD PJ . 4.91 -11.78 -4.92
C26 SQD PJ . 5.96 -11.19 -3.97
C27 SQD PJ . 5.37 -10.07 -3.12
C28 SQD PJ . 6.32 -9.74 -1.97
C29 SQD PJ . 5.80 -8.52 -1.20
C30 SQD PJ . 6.20 -8.62 0.28
C31 SQD PJ . 5.70 -7.38 1.03
C32 SQD PJ . 4.17 -7.35 1.05
C33 SQD PJ . 3.67 -6.37 2.11
C34 SQD PJ . 3.89 -6.99 3.49
C35 SQD PJ . 3.04 -6.29 4.53
C36 SQD PJ . 3.54 -6.64 5.91
C37 SQD PJ . 4.61 -5.67 6.36
C38 SQD PJ . 3.99 -4.51 7.08
C1 SQD PJ . 2.91 -11.66 -12.90
C2 SQD PJ . 3.13 -12.49 -14.13
O2 SQD PJ . 3.04 -13.83 -13.89
C3 SQD PJ . 4.53 -12.12 -14.53
O3 SQD PJ . 4.81 -12.71 -15.73
C4 SQD PJ . 4.80 -10.64 -14.71
O4 SQD PJ . 6.14 -10.42 -14.51
C5 SQD PJ . 3.99 -9.74 -13.81
C6 SQD PJ . 3.67 -8.52 -14.63
O5 SQD PJ . 2.81 -10.31 -13.28
S SQD PJ . 3.03 -7.17 -13.66
O7 SQD PJ . 3.37 -5.90 -14.23
O8 SQD PJ . 3.43 -7.20 -12.26
O9 SQD PJ . 1.61 -7.08 -13.74
MG CLA QJ . 4.99 -40.54 0.76
CHA CLA QJ . 1.84 -39.63 1.96
CHB CLA QJ . 6.43 -38.55 3.05
CHC CLA QJ . 8.04 -41.47 -0.42
CHD CLA QJ . 3.42 -42.80 -1.43
NA CLA QJ . 4.23 -39.28 2.24
C1A CLA QJ . 2.90 -39.04 2.62
C2A CLA QJ . 2.84 -38.08 3.80
C3A CLA QJ . 4.30 -37.72 4.07
C4A CLA QJ . 5.06 -38.56 3.06
CMA CLA QJ . 4.59 -36.26 3.95
CAA CLA QJ . 2.38 -38.85 5.02
CBA CLA QJ . 1.52 -38.02 5.94
CGA CLA QJ . 1.42 -38.68 7.27
O1A CLA QJ . 1.05 -38.19 8.35
O2A CLA QJ . 1.80 -39.99 7.26
NB CLA QJ . 6.89 -40.10 1.23
C1B CLA QJ . 7.26 -39.24 2.18
C2B CLA QJ . 8.72 -39.08 2.19
C3B CLA QJ . 9.23 -39.90 1.20
C4B CLA QJ . 8.05 -40.53 0.56
CMB CLA QJ . 9.33 -38.17 3.17
CAB CLA QJ . 10.58 -40.15 0.78
CBB CLA QJ . 11.69 -40.15 1.52
NC CLA QJ . 5.61 -41.89 -0.71
C1C CLA QJ . 6.91 -42.11 -1.01
C2C CLA QJ . 7.00 -43.15 -2.01
C3C CLA QJ . 5.70 -43.56 -2.30
C4C CLA QJ . 4.83 -42.77 -1.46
CMC CLA QJ . 8.25 -43.65 -2.57
CAC CLA QJ . 5.36 -44.69 -3.21
CBC CLA QJ . 4.44 -44.45 -4.38
ND CLA QJ . 3.10 -41.05 0.24
C1D CLA QJ . 2.61 -42.01 -0.68
C2D CLA QJ . 1.14 -41.99 -0.65
C3D CLA QJ . 0.80 -41.07 0.31
C4D CLA QJ . 2.05 -40.55 0.88
CMD CLA QJ . 0.30 -42.79 -1.53
CAD CLA QJ . -0.29 -40.41 0.99
OBD CLA QJ . -1.48 -40.44 0.75
CBD CLA QJ . 0.34 -39.58 2.13
CGD CLA QJ . -0.24 -38.19 2.26
O1D CLA QJ . -0.55 -37.64 3.30
O2D CLA QJ . -0.45 -37.54 1.09
CED CLA QJ . -1.50 -36.57 1.08
MG CLA RJ . 13.83 -31.88 -0.96
CHA CLA RJ . 11.65 -34.48 -1.74
CHB CLA RJ . 14.74 -33.52 1.85
CHC CLA RJ . 16.02 -29.36 -0.29
CHD CLA RJ . 12.62 -30.15 -3.71
NA CLA RJ . 13.30 -33.72 -0.13
C1A CLA RJ . 12.41 -34.68 -0.64
C2A CLA RJ . 12.33 -35.89 0.28
C3A CLA RJ . 13.24 -35.50 1.45
C4A CLA RJ . 13.83 -34.16 1.04
CMA CLA RJ . 12.42 -35.42 2.71
CAA CLA RJ . 12.86 -37.13 -0.41
CBA CLA RJ . 14.37 -37.15 -0.53
CGA CLA RJ . 14.85 -37.51 -1.90
O1A CLA RJ . 14.41 -38.32 -2.69
O2A CLA RJ . 15.96 -36.81 -2.26
NB CLA RJ . 15.12 -31.50 0.53
C1B CLA RJ . 15.35 -32.29 1.59
C2B CLA RJ . 16.36 -31.69 2.49
C3B CLA RJ . 16.72 -30.52 1.90
C4B CLA RJ . 15.94 -30.36 0.64
CMB CLA RJ . 16.82 -32.36 3.70
CAB CLA RJ . 17.71 -29.58 2.37
CBB CLA RJ . 17.56 -28.80 3.44
NC CLA RJ . 14.31 -30.09 -1.90
C1C CLA RJ . 15.28 -29.25 -1.51
C2C CLA RJ . 15.41 -28.18 -2.48
C3C CLA RJ . 14.40 -28.35 -3.42
C4C CLA RJ . 13.71 -29.57 -3.03
CMC CLA RJ . 16.42 -27.13 -2.39
CAC CLA RJ . 14.14 -27.55 -4.64
CBC CLA RJ . 14.44 -28.29 -5.93
ND CLA RJ . 12.55 -32.22 -2.48
C1D CLA RJ . 12.03 -31.35 -3.46
C2D CLA RJ . 10.89 -31.98 -4.16
C3D CLA RJ . 10.77 -33.21 -3.57
C4D CLA RJ . 11.77 -33.29 -2.51
CMD CLA RJ . 10.10 -31.42 -5.26
CAD CLA RJ . 10.00 -34.45 -3.55
OBD CLA RJ . 9.13 -34.84 -4.29
CBD CLA RJ . 10.47 -35.24 -2.30
CGD CLA RJ . 9.42 -35.28 -1.25
O1D CLA RJ . 8.91 -34.30 -0.74
O2D CLA RJ . 8.99 -36.50 -0.80
CED CLA RJ . 7.84 -36.50 0.03
C1 CLA RJ . 16.76 -37.44 -3.28
C2 CLA RJ . 18.06 -36.73 -3.36
C3 CLA RJ . 18.70 -36.50 -4.53
C4 CLA RJ . 18.16 -36.93 -5.84
C5 CLA RJ . 20.00 -35.78 -4.56
C6 CLA RJ . 21.09 -36.56 -5.26
C7 CLA RJ . 21.67 -37.57 -4.30
C8 CLA RJ . 22.88 -38.33 -4.81
C9 CLA RJ . 22.74 -38.75 -6.25
C10 CLA RJ . 23.08 -39.56 -3.94
C11 CLA RJ . 24.54 -39.91 -3.75
C12 CLA RJ . 24.85 -41.26 -4.32
C13 CLA RJ . 25.80 -42.08 -3.46
C14 CLA RJ . 25.91 -43.50 -3.97
C15 CLA RJ . 25.41 -42.09 -1.98
MG CLA SJ . 15.04 -34.16 12.36
CHA CLA SJ . 12.61 -35.87 14.13
CHB CLA SJ . 15.90 -32.44 15.16
CHC CLA SJ . 17.59 -32.69 10.62
CHD CLA SJ . 14.20 -36.05 9.52
NA CLA SJ . 14.34 -34.16 14.32
C1A CLA SJ . 13.34 -34.98 14.85
C2A CLA SJ . 13.19 -34.69 16.33
C3A CLA SJ . 14.08 -33.46 16.56
C4A CLA SJ . 14.86 -33.35 15.28
CMA CLA SJ . 13.26 -32.23 16.75
CAA CLA SJ . 13.76 -35.85 17.11
CBA CLA SJ . 13.78 -35.57 18.60
CGA CLA SJ . 12.43 -35.11 19.03
O1A CLA SJ . 11.33 -35.48 18.64
O2A CLA SJ . 12.48 -34.15 20.00
NB CLA SJ . 16.47 -32.82 12.80
C1B CLA SJ . 16.67 -32.22 14.00
C2B CLA SJ . 17.82 -31.30 13.91
C3B CLA SJ . 18.30 -31.37 12.62
C4B CLA SJ . 17.45 -32.35 11.91
CMB CLA SJ . 18.29 -30.53 15.06
CAB CLA SJ . 19.40 -30.76 11.92
CBB CLA SJ . 20.02 -29.62 12.13
NC CLA SJ . 15.72 -34.31 10.39
C1C CLA SJ . 16.77 -33.60 9.89
C2C CLA SJ . 16.99 -33.96 8.51
C3C CLA SJ . 16.05 -34.92 8.19
C4C CLA SJ . 15.25 -35.13 9.38
CMC CLA SJ . 18.03 -33.39 7.67
CAC CLA SJ . 15.92 -35.60 6.89
CBC CLA SJ . 14.73 -35.12 6.10
ND CLA SJ . 13.67 -35.54 11.84
C1D CLA SJ . 13.47 -36.27 10.65
C2D CLA SJ . 12.34 -37.19 10.85
C3D CLA SJ . 11.96 -37.04 12.15
C4D CLA SJ . 12.84 -36.04 12.74
CMD CLA SJ . 11.77 -38.07 9.86
CAD CLA SJ . 11.02 -37.46 13.15
OBD CLA SJ . 10.01 -38.14 13.05
CBD CLA SJ . 11.48 -36.83 14.48
CGD CLA SJ . 10.29 -36.16 15.07
O1D CLA SJ . 9.66 -36.42 16.10
O2D CLA SJ . 9.87 -35.12 14.34
CED CLA SJ . 9.54 -33.96 15.06
C1 BCR TJ . 19.83 -3.49 -7.82
C2 BCR TJ . 19.65 -2.13 -8.48
C3 BCR TJ . 18.71 -2.14 -9.65
C4 BCR TJ . 19.04 -3.23 -10.62
C5 BCR TJ . 19.09 -4.54 -9.93
C6 BCR TJ . 19.42 -4.68 -8.64
C7 BCR TJ . 19.48 -6.00 -7.98
C8 BCR TJ . 18.44 -6.66 -7.47
C9 BCR TJ . 18.56 -7.98 -6.89
C10 BCR TJ . 17.58 -8.87 -7.11
C11 BCR TJ . 17.68 -10.25 -6.68
C33 BCR TJ . 18.70 -5.65 -10.81
C31 BCR TJ . 19.12 -3.38 -6.49
C32 BCR TJ . 21.31 -3.58 -7.54
C34 BCR TJ . 19.49 -8.15 -5.78
C12 BCR TJ . 16.62 -11.04 -6.77
C13 BCR TJ . 16.57 -12.36 -6.17
C14 BCR TJ . 15.54 -13.16 -6.49
C15 BCR TJ . 15.52 -14.56 -6.12
C16 BCR TJ . 14.45 -15.31 -6.36
C17 BCR TJ . 14.52 -16.72 -6.06
C18 BCR TJ . 13.73 -17.67 -6.59
C19 BCR TJ . 13.81 -18.99 -5.98
C20 BCR TJ . 13.24 -20.07 -6.50
C21 BCR TJ . 13.11 -21.24 -5.69
C22 BCR TJ . 12.52 -22.39 -6.04
C23 BCR TJ . 12.63 -23.52 -5.14
C24 BCR TJ . 11.85 -24.62 -5.18
C25 BCR TJ . 11.30 -25.53 -4.16
C26 BCR TJ . 10.64 -26.60 -4.59
C27 BCR TJ . 9.98 -27.63 -3.77
C28 BCR TJ . 10.52 -27.63 -2.36
C29 BCR TJ . 10.60 -26.24 -1.84
C30 BCR TJ . 11.41 -25.26 -2.67
C35 BCR TJ . 17.35 -12.60 -4.95
C36 BCR TJ . 13.18 -17.56 -7.94
C37 BCR TJ . 12.05 -22.62 -7.41
C38 BCR TJ . 10.48 -26.92 -6.02
C39 BCR TJ . 12.83 -25.23 -2.11
C40 BCR TJ . 10.78 -23.95 -2.27
C1 BCR UJ . -2.78 -30.48 6.84
C2 BCR UJ . -3.14 -29.02 6.96
C3 BCR UJ . -4.03 -28.79 8.14
C4 BCR UJ . -3.29 -29.15 9.39
C5 BCR UJ . -2.69 -30.51 9.29
C6 BCR UJ . -2.43 -31.13 8.14
C7 BCR UJ . -1.83 -32.49 8.11
C8 BCR UJ . -0.51 -32.69 8.17
C9 BCR UJ . 0.15 -33.97 8.22
C10 BCR UJ . 1.47 -33.98 8.10
C11 BCR UJ . 2.29 -35.17 8.14
C33 BCR UJ . -2.40 -31.08 10.61
C31 BCR UJ . -1.70 -30.49 5.77
C32 BCR UJ . -3.99 -31.18 6.25
C34 BCR UJ . -0.67 -35.21 8.29
C12 BCR UJ . 3.58 -35.02 7.90
C13 BCR UJ . 4.56 -36.07 8.09
C14 BCR UJ . 5.74 -35.94 7.48
C15 BCR UJ . 6.85 -36.82 7.65
C16 BCR UJ . 7.92 -36.60 6.91
C17 BCR UJ . 9.02 -37.51 6.95
C18 BCR UJ . 10.27 -37.24 6.57
C19 BCR UJ . 11.14 -38.38 6.36
C20 BCR UJ . 12.29 -38.31 5.70
C21 BCR UJ . 13.06 -39.52 5.58
C22 BCR UJ . 14.13 -39.67 4.80
C23 BCR UJ . 14.66 -41.01 4.57
C24 BCR UJ . 15.63 -41.21 3.69
C25 BCR UJ . 16.48 -42.40 3.51
C26 BCR UJ . 16.13 -43.37 2.68
C27 BCR UJ . 16.93 -44.59 2.42
C28 BCR UJ . 18.39 -44.29 2.58
C29 BCR UJ . 18.63 -43.67 3.92
C30 BCR UJ . 17.79 -42.42 4.23
C35 BCR UJ . 4.36 -37.05 9.16
C36 BCR UJ . 10.63 -35.95 5.98
C37 BCR UJ . 14.95 -38.51 4.40
C38 BCR UJ . 14.87 -43.38 1.93
C39 BCR UJ . 18.56 -41.16 3.87
C40 BCR UJ . 17.65 -42.42 5.75
MG CLA VJ . 20.30 5.01 -11.48
CHA CLA VJ . 18.21 4.25 -14.14
CHB CLA VJ . 19.00 8.12 -11.34
CHC CLA VJ . 22.06 5.55 -8.60
CHD CLA VJ . 21.58 1.76 -11.64
NA CLA VJ . 18.86 6.01 -12.60
C1A CLA VJ . 18.09 5.52 -13.65
C2A CLA VJ . 17.10 6.58 -14.14
C3A CLA VJ . 17.58 7.84 -13.42
C4A CLA VJ . 18.53 7.31 -12.36
CMA CLA VJ . 18.20 8.72 -14.43
CAA CLA VJ . 15.67 6.26 -13.71
CBA CLA VJ . 15.53 5.71 -12.30
CGA CLA VJ . 14.37 4.78 -12.13
O1A CLA VJ . 13.94 3.94 -12.90
O2A CLA VJ . 13.75 4.89 -10.92
NB CLA VJ . 20.54 6.57 -10.23
C1B CLA VJ . 19.87 7.72 -10.30
C2B CLA VJ . 20.13 8.55 -9.09
C3B CLA VJ . 21.00 7.85 -8.31
C4B CLA VJ . 21.25 6.55 -9.01
CMB CLA VJ . 19.52 9.87 -8.92
CAB CLA VJ . 21.58 8.16 -7.02
CBB CLA VJ . 22.05 9.31 -6.57
NC CLA VJ . 21.68 3.88 -10.39
C1C CLA VJ . 22.29 4.31 -9.26
C2C CLA VJ . 23.16 3.26 -8.75
C3C CLA VJ . 23.00 2.17 -9.58
C4C CLA VJ . 22.08 2.58 -10.62
CMC CLA VJ . 23.97 3.35 -7.54
CAC CLA VJ . 23.68 0.88 -9.48
CBC CLA VJ . 22.83 -0.26 -8.98
ND CLA VJ . 20.10 3.40 -12.66
C1D CLA VJ . 20.66 2.10 -12.58
C2D CLA VJ . 20.06 1.27 -13.62
C3D CLA VJ . 19.12 2.04 -14.27
C4D CLA VJ . 19.19 3.36 -13.62
CMD CLA VJ . 20.35 -0.14 -13.86
CAD CLA VJ . 18.11 2.09 -15.30
OBD CLA VJ . 17.73 1.22 -16.07
CBD CLA VJ . 17.49 3.51 -15.24
CGD CLA VJ . 17.57 4.21 -16.55
O1D CLA VJ . 18.21 5.22 -16.85
O2D CLA VJ . 16.79 3.65 -17.51
CED CLA VJ . 16.31 4.48 -18.56
C1 CLA VJ . 13.06 3.71 -10.47
C2 CLA VJ . 13.12 3.64 -8.98
C3 CLA VJ . 12.04 3.77 -8.20
C4 CLA VJ . 10.68 4.02 -8.73
C5 CLA VJ . 12.18 3.67 -6.73
C6 CLA VJ . 11.66 4.89 -5.98
C7 CLA VJ . 11.04 4.46 -4.68
C8 CLA VJ . 11.22 5.49 -3.57
C9 CLA VJ . 10.96 4.86 -2.21
C10 CLA VJ . 10.27 6.65 -3.73
C1 BCR WJ . 16.90 6.81 -6.40
C2 BCR WJ . 17.48 6.54 -7.77
C3 BCR WJ . 16.44 6.78 -8.82
C4 BCR WJ . 16.02 8.23 -8.82
C5 BCR WJ . 15.87 8.76 -7.45
C6 BCR WJ . 16.23 8.14 -6.33
C7 BCR WJ . 16.09 8.76 -5.03
C8 BCR WJ . 15.08 8.49 -4.20
C9 BCR WJ . 14.78 9.29 -3.03
C10 BCR WJ . 14.10 8.68 -2.05
C11 BCR WJ . 13.47 9.31 -0.93
C33 BCR WJ . 15.23 10.10 -7.41
C31 BCR WJ . 18.04 6.74 -5.42
C32 BCR WJ . 15.92 5.68 -6.11
C34 BCR WJ . 15.00 10.74 -3.09
C12 BCR WJ . 12.58 8.59 -0.25
C13 BCR WJ . 11.88 8.98 0.94
C14 BCR WJ . 11.04 8.09 1.44
C15 BCR WJ . 10.16 8.34 2.56
C16 BCR WJ . 9.23 7.46 2.91
C17 BCR WJ . 8.41 7.81 4.05
C18 BCR WJ . 7.70 6.98 4.82
C19 BCR WJ . 6.81 7.56 5.81
C20 BCR WJ . 6.10 6.84 6.67
C21 BCR WJ . 4.87 7.38 7.19
C22 BCR WJ . 4.07 6.80 8.09
C23 BCR WJ . 2.98 7.59 8.65
C24 BCR WJ . 2.01 7.04 9.40
C25 BCR WJ . 0.82 7.70 9.94
C26 BCR WJ . -0.29 7.90 9.20
C27 BCR WJ . -1.54 8.54 9.65
C28 BCR WJ . -1.61 8.67 11.14
C29 BCR WJ . -0.29 9.10 11.68
C30 BCR WJ . 0.82 8.12 11.38
C35 BCR WJ . 11.64 10.41 1.19
C36 BCR WJ . 8.04 5.55 4.97
C37 BCR WJ . 4.09 5.35 8.32
C38 BCR WJ . -0.41 7.51 7.78
C39 BCR WJ . 0.69 6.88 12.24
C40 BCR WJ . 2.10 8.81 11.81
#